data_7WBX
#
_entry.id   7WBX
#
_cell.length_a   1.00
_cell.length_b   1.00
_cell.length_c   1.00
_cell.angle_alpha   90.00
_cell.angle_beta   90.00
_cell.angle_gamma   90.00
#
_symmetry.space_group_name_H-M   'P 1'
#
loop_
_entity.id
_entity.type
_entity.pdbx_description
1 polymer 'DNA-directed RNA polymerase subunit'
2 polymer 'DNA-directed RNA polymerase subunit beta'
3 polymer 'RNA polymerase II third largest subunit B44, part of central core'
4 polymer 'RNA polymerase II subunit B32'
5 polymer 'DNA-directed RNA polymerases I, II, and III subunit RPABC1'
6 polymer 'RNA polymerase subunit ABC23, common to RNA polymerases I, II, and III'
7 polymer 'RNA polymerase II subunit'
8 polymer 'DNA-directed RNA polymerases I, II, and III subunit RPABC3'
9 polymer 'DNA-directed RNA polymerase subunit'
10 polymer 'RNA polymerase subunit ABC10-beta, common to RNA polymerases I, II, and III'
11 polymer 'RNA polymerase II subunit B12.5'
12 polymer 'RNA polymerase subunit ABC10-alpha'
13 polymer 'Transcription elongation factor 1 homolog'
14 polymer 'DNA (198-MER)'
15 polymer "RNA (5'-R(P*UP*CP*GP*UP*UP*GP*UP*UP*UP*UP*UP*UP*UP*CP*UP*G)-3')"
16 polymer 'DNA (198-MER)'
17 polymer 'Transcription elongation factor SPT4'
18 polymer 'Transcription elongation factor SPT5'
19 polymer 'Histone H3.3'
20 polymer 'Histone H4'
21 polymer 'Histone H2A type 1-B/E'
22 polymer 'Histone H2B type 1-J'
23 non-polymer 'ZINC ION'
24 non-polymer 'MAGNESIUM ION'
#
loop_
_entity_poly.entity_id
_entity_poly.type
_entity_poly.pdbx_seq_one_letter_code
_entity_poly.pdbx_strand_id
1 'polypeptide(L)'
;MSQFPYSSAPLRSVKEVQFGLLSPEEIRAISVVKIEYPEIMDESRQRPREGGLNDPKLGSIDRNFKCQTCGEGMAECPGH
FGHMELAKPVFHIGFIPKIKKVCECICMNCGKLLLDETNPTMAQAIRIRDPKKRFNAVWQLCKTKMVCEADAPVDEYSEQ
KVVSRGGCGNTQPVVRKDGMKLWGTWKKSGFSDRDAQPERKLLTPGEILNVFKHISPEDCFRLGFNEDYARPEWMIITVL
PVPPPQVRPSIAMDETTQGQDDLTHKLSDILKANINVQKLEMDGSPQHIINEVEQLLQFHVATYMDNDIAGQPQALQKSG
RPVKAIRARLKGKEGRLRGNLMGKRVDFSARTVISGDPNLELDQVGVPISIAKTLSYPETVTQYNIHRLTEYVRNGPNEH
PGAKYVIRDNGDRIDLRYHKRAGDIVLQYGWKVERHLMDDDPVLFNRQPSLHKMSMMAHRVKVMPYSTFRLNLSVTSPYN
ADFDGDEMNLHVPQSEETRAELSQLCAVPLQIVSPQSNKPVMGIVQDTLCGVRKMTLRDTFIEYEQVMNMLFWVPSWDGV
VPQPAILKPKPLWTGKQLLSIAIPSGIHLQRTDGGNSLLSPKDNGMLIVDGKVMFGVVDKKTVGSGGGGLIHTVMREKGP
KICAELFGNIQKVVNYWLLHNGFSIGIGDAIADASTMKEITHAISSAKEQVQEIIYKAQHNELELKPGMTLRESFEGEVS
RTLNDARDSAGRSAEMNLKDLNNVKQMVSAGSKGSFINIAQMSACVGQQMVEGKRIAFGFADRSLPHFTKDDFSPESKGF
VENSYLRGLTPQEFFFHAMAGREGLIDTAVKTAETGYIQRRLVKALEDIMVHYDGTTRNSLGDIIQFLYGEDGLDGTQVE
RQTIDTIPGSDKAFHKRYYVDLMDEKNSIKPDVIEYAADILGDVELQKELNSEYEQLVSDRKFLREIVFVNGDHNWPLPV
NLRRIIQNAQQIFHLDRAKASDLTIPEIIHGVRDLCKKLFVLRGENELIKEAQQNATSLFQCLVRARLATRRILEEFRLN
RDAFEWVLGTIEAQFQRSLVHPGEMVGVIAAQSIGEPATQMTLNTFHYAGVSSKNVTLGVPRLKEILNVAKNIKTPALTV
YLDREIALDIEKAKVIQSSIEYTTLKNVTSATEIYYDPDPTSTVIEEDFDTVEAYFSIPDEKVEETIDKQSPWLLRLELD
RARMLDKQLTMNQVADKISEVFSDDLFVMWSEDNADKLIIRCRVIRDPKAMDEELEAEEDQMLKRIEAHMLDLIALRGIP
GISKVYMVKHKVSVPDESGEYKNEELWALETDGINLAEVMAVPGVDSSRTYSNSFVEILSVLGIEATRSSLYKEILNVIA
FDGSYVNYRHMALLVDVMTSRGYLMAITRHGINRADTGALMRCSFEETVEILFEAGAAAELDDCRGVSENVMLGQLAPMG
TGAFDVMIDEKLLTSLPADYAPTMPLFKGKATQGSATPYDNNAQYDDEFNHDDVADVMFSPMAETGSGDDRSGGLTEYAG
IQSPYQPTSPGLSATSPGFAPTSPGFAPTSPRYSPTSPGYSPTSPSYSPTSPSYSPTSPSYSPTSPSYSPTSPSYSPTSP
SYSPTSPSYSPTSPSYSPTSPSYSPTSPQYSPTSPQYSPTSPQYSPTSPQYSPTSPQYSPTSPQYSPTSPQYSPTSPQYS
PTSPQYSPTSPQYSPTSPQYSPTSPQYSPTSPQYSPTSPQYSPASPQYSPSRHSPNGESKEGE
;
A
2 'polypeptide(L)'
;MSYDPYSIDDTITTEDCWTVISAFFEEKGLVSQQLDSFDEFMETSIQDLVWEEPRLILDQPAQHTNEKDNINKRYEIRFG
KIYLSRPTMTEADGTTHAMFPQEARLRNLTYSSPVYLDMEKSMFTSIDDEGNPNATLDWQQVHEPIKDGVEEGNKVHIGK
VPIMLRSKFCSLRTLDEVDLYKMKECPYDMGGYFVINGSEKVLIAQERSAANIVQVFKKAAPSPISHVAEIRSALEKGSR
LISTMQIKLYGREDKGTGRTIKATLPYVKQDIPIVIVFRALGVVPDGEILQHICYDENDWQMLEMLKPCIEEGFVIQDKE
VALDFIGRRGSAALGIRREKRIQYAKDILQKELLPHITQEEGFETRKTFFLGYMVNRLLLCALERKDQDDRDHFGKKRLD
LAGPLLANLFRILFRKLTREIYRYMQRCIETDRDFNLNLAVKSTTITSGLKYSLATGNWGEQKKAMSSRAGVSQVLNRYT
YSSTLSHLRRTNTPIGRDGKLAKPRQLHNTHWGLVCPAETPEGQACGLVKNLSLLSGISIGSPSEPIINFLEEWGMEPLE
DYDPAQHTKSTRIFVNGVWTGIHRDPSMLVSTMRDLRRSGAISPEVSIIRDIREREFKIFTDVGRVYRPLFIVEDDESKD
NKGELRITKEHIRKIQQGYDDDAMNDDSEEQEQDVYGWSSLVTSGVIEYVDGEEEETIMIAMTPEDLQTRSLEQKEIDLN
DTAKRIKPEMSTSSHHTFTHCEIHPSMILGVAASIIPFPDHNQSPRNTYQSAMGKQAMGVFLTNYNVRMDTMANILYYPQ
KPLAKTQAMEYLKFRELPAGQNAIVAIACYSGYNQEDSMIMNQSSIDRGLFRSLFFRSYMDQEKRFGISIVEEFEKPTRA
TTLRLKHGTYEKLDEDGLIAPGVRVSGDDIIIGKTTPIPPDTEELGQRTKYHTKRDASTPLRSTENGIVDQVLLTTNQEG
LKFVKVRMRTTKVPQIGDKFASRHGQKGTIGVTYRHEDMPFSAEGIVPDLIINPHAIPSRMTVAHLIECLLSKVGSIRGY
EGDATPFTDLTVDAVSNLLRDNGYQSRGFEVMYNGHTGKKLMAQVFFGPTYYQRLRHMVDDKIHARARGPVQVLTRQPVE
GRSRDGGLRFGEMERDCMIAHGAAGFLKERLMEASDAFRVHVCGICGLMSVIANLKKNQFECRSCKNKTNIYQLHIPYAA
KLLFQELMAMNIAPRLYTERSGVSMRS
;
B
3 'polypeptide(L)'
;MSKEPKVNIINAQDDEVELMLSDVNLSLANSLRRTMLAEVPTLAIDLVEIKMNTSVLADEFISHRLGLIPLVSEDVEEMK
YSRDCTCEDYCDECSVVLELSARHEGEEGTTDVYSSSLIKVSGPGNLNVGEPVRRDDYDQGILLCKLRNHQELNIRCIAK
KGIAKEHAKWSPCSAIAFEYDPHNKLKHTDFWFEVDAKKEWPDSKYATWEEPPKPGEVFDYKAKPNRFYMTVETTGSLKA
NQVFSRGIKTLQEKLANVLFELENSRPANTTAYGGATAYGGQTVYGRETSYGGNTNYGDYNAPY
;
C
4 'polypeptide(L)'
;MNVSTSTVGARRRRAKQQVDDEENATLLRLGPEFALKQYDHDGNEHDLIALSLSESRLLIREALKARSRARNGGVDIESS
NGEIDDDELAKVTSGAVANGVVKKTLDYLNTFARFKDEETCTAVDQLLHNSSDCSVLHPFEIAQLSSLGCEDVDEAITLI
PSLAAKKEVNLQRILDELNRLEDPYK
;
D
5 'polypeptide(L)'
;MEDNNRIISRLWRSFRTVKEMAADRGYFISQEEMDQSLEEFRSKICDSMGNPQRKLMSFLANPTPEALEKYSDLGTLWVE
FCDEPSVGIKTMRNFCLRIQEKNFSTGIFIYQNNITPSANKMIPTVSPAIIETFQESDLVVNITHHELVPKHIRLSDGEK
SQLLQRYKLKESQLPRIQREDPVARYLGLKRGQVVKIIRRSETSGRYASYRICL
;
E
6 'polypeptide(L)'
;MSEDEAFNEQTENFENFEDEHFSDDNFEDRSTQPEDYAVGVTADGRQIINGDGIQEVNGTIKAHRKRSNKELAILKEERT
TTPYLTKYERARILGTRALQISMNAPVLVDIEGETDPLQIAMKELSQRKIPLVIRRYLPDGSYEDWGCDELIVDN
;
F
7 'polypeptide(L)'
;MFFLKDLSLILTLHPSYFGPQMNQYLREKLLTDVEGTCTGQFGYIVTVLDGMNIDVGKGRIIPGSGSAEFEVKYRAVVWK
PFKGEVVDAIVSNVSPIGFFADVGPLNVFVSTRLIPDNLVYNPSNSPPAYMSNDELITKGSKVRLKVVGTRTDVNEIYAI
GSIKEDFLGAI
;
G
8 'polypeptide(L)'
;MSSALFDDIFTVQTVDNGRYNKVSRIIGISTTNSAIKLTLDINNEMFPVSQDDSLTVTLANSLSLDGEDESANFSKSWRP
PKPTDKSLADDYDYVMFGTVYKFEEGDEDKIKVYVSFGGLLMCLEGGYKSLASLKQDNLYILIRR
;
H
9 'polypeptide(L)'
;MASFRFCLECNNMLYPKEDKENQRLLYSCRNCDYTELAEDPKVYRHELITNIGETAGIVDDIGQDPTLPRSDKECPECHS
RDCVFFQSQQRRKDTNMTLFYVCLNCKKTFRDESE
;
I
10 'polypeptide(L)' MIIPVRCFSCGKVVGDKWDAYLRLLEEGKQEGDALDELKLKRYCCRRMVLTHVDLIEKFLRYNPLEKKDFDS J
11 'polypeptide(L)'
;MNAPDRFELFILPDDVPKLKITPDSRVPNCIIIKFEREDHTLANLLREELALYPDVTFVAYKVEHPLFANFVMRLQTEEG
TRPKQALERACASIINKLKTLDHKFNEEWNIKNFSLND
;
K
12 'polypeptide(L)' MSREGFVAPSGTDLAAAASGVAPNKHYGVKYTCGACAHNFSLNKSDPVRCKECGHRVIYKARTKRMIQFDAR L
13 'polypeptide(L)'
;GPGMGKRKSSARKPAPKIKQKLETQFTCLFCNHDNSVVCTLDKKNSIGLLECKKCNLSFQAPINSLSQPIDIYSDWIDAC
EAVAEENADVNGDNFIENDGADREQDDDYDDEF
;
M
14 'polydeoxyribonucleotide'
;(DG)(DC)(DT)(DT)(DA)(DC)(DG)(DT)(DC)(DA)(DG)(DT)(DC)(DT)(DG)(DG)(DC)(DC)(DA)(DT)
(DC)(DT)(DT)(DT)(DG)(DT)(DG)(DT)(DT)(DT)(DG)(DG)(DT)(DG)(DT)(DG)(DT)(DT)(DT)(DG)
(DG)(DG)(DT)(DG)(DG)(DT)(DG)(DG)(DC)(DC)(DG)(DT)(DT)(DT)(DT)(DC)(DG)(DT)(DT)(DG)
(DT)(DT)(DT)(DT)(DT)(DT)(DT)(DC)(DT)(DG)(DT)(DC)(DT)(DC)(DG)(DT)(DG)(DC)(DC)(DT)
(DG)(DG)(DT)(DG)(DT)(DC)(DT)(DT)(DG)(DG)(DG)(DT)(DG)(DT)(DA)(DA)(DT)(DC)(DC)(DC)
(DC)(DT)(DT)(DG)(DG)(DC)(DG)(DG)(DT)(DT)(DA)(DA)(DA)(DA)(DC)(DG)(DC)(DG)(DG)(DG)
(DG)(DG)(DA)(DC)(DA)(DG)(DC)(DG)(DC)(DG)(DT)(DA)(DC)(DG)(DT)(DG)(DC)(DG)(DT)(DT)
(DT)(DA)(DA)(DG)(DC)(DG)(DG)(DT)(DG)(DC)(DT)(DA)(DG)(DA)(DG)(DC)(DT)(DG)(DT)(DC)
(DT)(DA)(DC)(DG)(DA)(DC)(DC)(DA)(DA)(DT)(DT)(DG)(DA)(DG)(DC)(DG)(DG)(DC)(DC)(DT)
(DC)(DG)(DG)(DC)(DA)(DC)(DC)(DG)(DG)(DG)(DA)(DT)(DT)(DC)(DT)(DG)(DA)(DT)
;
N
15 'polyribonucleotide' UCGUUGUUUUUUUCUG P
16 'polydeoxyribonucleotide'
;(DA)(DT)(DC)(DA)(DG)(DA)(DA)(DT)(DC)(DC)(DC)(DG)(DG)(DT)(DG)(DC)(DC)(DG)(DA)(DG)
(DG)(DC)(DC)(DG)(DC)(DT)(DC)(DA)(DA)(DT)(DT)(DG)(DG)(DT)(DC)(DG)(DT)(DA)(DG)(DA)
(DC)(DA)(DG)(DC)(DT)(DC)(DT)(DA)(DG)(DC)(DA)(DC)(DC)(DG)(DC)(DT)(DT)(DA)(DA)(DA)
(DC)(DG)(DC)(DA)(DC)(DG)(DT)(DA)(DC)(DG)(DC)(DG)(DC)(DT)(DG)(DT)(DC)(DC)(DC)(DC)
(DC)(DG)(DC)(DG)(DT)(DT)(DT)(DT)(DA)(DA)(DC)(DC)(DG)(DC)(DC)(DA)(DA)(DG)(DG)(DG)
(DG)(DA)(DT)(DT)(DA)(DC)(DA)(DC)(DC)(DC)(DA)(DA)(DG)(DA)(DC)(DA)(DC)(DC)(DA)(DG)
(DG)(DC)(DA)(DC)(DG)(DA)(DG)(DC)(DC)(DA)(DG)(DA)(DA)(DA)(DA)(DA)(DA)(DA)(DC)(DA)
(DA)(DC)(DG)(DA)(DA)(DA)(DA)(DC)(DG)(DG)(DC)(DC)(DA)(DC)(DC)(DA)(DC)(DC)(DC)(DA)
(DA)(DA)(DC)(DA)(DC)(DA)(DC)(DC)(DA)(DA)(DA)(DC)(DA)(DC)(DA)(DA)(DG)(DA)(DG)(DC)
(DT)(DA)(DA)(DT)(DT)(DG)(DA)(DC)(DT)(DG)(DA)(DC)(DG)(DT)(DA)(DA)(DG)(DC)
;
T
17 'polypeptide(L)'
;MRERACMLCGIVLPGRVFMQNGCPNCDSVLNLRDSDQATVNECTSSSFEGLVAVGDNEHSWVAKWLRVDRFQPGLYAVRV
DGRLPSDIVAALEQYGVYYRPRDGSVID
;
V
18 'polypeptide(L)'
;GPGMSETHKNQLDKVSTVSPDGPSEAVKEHSLQSKDLSKNDGQFIVPLDRNVIEQEEHKQVKSSAQAHNTTGDAADNEIE
DGVPSEDVEFDKFKEDDYDEDDEVEEEGDIRSRKRRRHNQFLDVEAEVDDEEDDDDDDDDVELKHDFIQDDHIQHETQNE
GFIAGHVDDDRLHRKLDQSREKIADQDAQELADEFKQRYGRSASSKYMGSASTTAPQRLLIPTVDDPGIWGVKVRLGKEK
DVVRQILKKKLAREGTKNPLEIYSAFQRDSFKGHVYIEARKAEAINDALKGNVNVFSNNSKFLVGIVEYKDLLRPVKSSD
VKLTRGSYVRVKNGKFKGDLAQVDEVLENGLEARLKLVPRLDYGKDLSHLSTSSSVDSTKNRRKFYTSKFRPAQRLFSEA
EARVHEPTIRRDRDGFVTYGGEEYYEGFLYKTFRLQNLIVNSINPTLNELSLFQSNEESTTIDLSTIADSLKETAKNLVS
FQPGDNVEIINGELNHLTGTVSSVNQSTIVSVRLHSDDDTINSETVEIPTSDLRKIFNVGDHVRVIHGKHTDDTGLIVEV
NGDKVEFISNQTKRTVIVFSNYLIKSTDSTVSINESGRFELHDLVQVNSDLVGIVIRAQKDSFDVLCSDGKLLSLPPVSI
YSKLNLNPNQQIAIDSNGVEVKVGDTVREFTGERRQGTILHVYRNFLFLRSREIVENQGVFVTSSNRVKTITSKSNGTGG
QISGPDLSRMNPSRVIPPPSIPVANQRMTGRDPTLNKTVKIRQGGYKGKIGIVKEANGDRFRVELHNPNKTIPIPCSFLL
IESTHGWVPYEDFVASDRRGGNIPRHEISGHVQQPQHGRAPAWGSGGKTPAWGSGGKTPAWGSGGSGGKTPAWGSGGKTP
TWGSGAKTPAWGSGSKTPAWSGLDEEDRRDF
;
W
19 'polypeptide(L)'
;GSHMARTKQTARKSTGGKAPRKQLATKAARKSAPSTGGVKKPHRYRPGTVALREIRRYQKSTELLIRKLPFQRLVREIAQ
DFKTDLRFQSAAIGALQEASEAYLVGLFEDTNLCAIHAKRVTIMPKDIQLARRIRGERA
;
a,e
20 'polypeptide(L)'
;GSHMSGRGKGGKGLGKGGAKRHRKVLRDNIQGITKPAIRRLARRGGVKRISGLIYEETRGVLKVFLENVIRDAVTYTEHA
KRKTVTAMDVVYALKRQGRTLYGFGG
;
b,f
21 'polypeptide(L)'
;GSHMSGRGKQGGKARAKAKTRSSRAGLQFPVGRVHRLLRKGNYSERVGAGAPVYLAAVLEYLTAEILELAGNAARDNKKT
RIIPRHLQLAIRNDEELNKLLGRVTIAQGGVLPNIQAVLLPKKTESHHKAKGK
;
c,g
22 'polypeptide(L)'
;GSHMPEPAKSAPAPKKGSKKAVTKAQKKDGKKRKRSRKESYSIYVYKVLKQVHPDTGISSKAMGIMNSFVNDIFERIAGE
ASRLAHYNKRSTITSREIQTAVRLLLPGELAKHAVSEGTKAVTKYTSAK
;
d,h
#
loop_
_chem_comp.id
_chem_comp.type
_chem_comp.name
_chem_comp.formula
C RNA linking CYTIDINE-5'-MONOPHOSPHATE 'C9 H14 N3 O8 P'
DA DNA linking 2'-DEOXYADENOSINE-5'-MONOPHOSPHATE 'C10 H14 N5 O6 P'
DC DNA linking 2'-DEOXYCYTIDINE-5'-MONOPHOSPHATE 'C9 H14 N3 O7 P'
DG DNA linking 2'-DEOXYGUANOSINE-5'-MONOPHOSPHATE 'C10 H14 N5 O7 P'
DT DNA linking THYMIDINE-5'-MONOPHOSPHATE 'C10 H15 N2 O8 P'
G RNA linking GUANOSINE-5'-MONOPHOSPHATE 'C10 H14 N5 O8 P'
MG non-polymer 'MAGNESIUM ION' 'Mg 2'
U RNA linking URIDINE-5'-MONOPHOSPHATE 'C9 H13 N2 O9 P'
ZN non-polymer 'ZINC ION' 'Zn 2'
#
# COMPACT_ATOMS: atom_id res chain seq x y z
N SER A 2 -38.01 -18.74 7.77
CA SER A 2 -38.82 -19.98 7.58
C SER A 2 -37.98 -21.20 7.93
N GLN A 3 -36.83 -21.32 7.25
CA GLN A 3 -35.97 -22.48 7.48
C GLN A 3 -35.45 -22.53 8.91
N PHE A 4 -35.42 -21.40 9.61
CA PHE A 4 -34.97 -21.41 11.00
C PHE A 4 -36.01 -22.08 11.89
N PRO A 5 -35.58 -22.83 12.90
CA PRO A 5 -36.55 -23.37 13.87
C PRO A 5 -37.15 -22.24 14.69
N TYR A 6 -38.36 -22.49 15.19
CA TYR A 6 -39.10 -21.44 15.89
C TYR A 6 -38.35 -21.01 17.15
N SER A 7 -38.51 -19.74 17.48
CA SER A 7 -38.03 -19.19 18.75
C SER A 7 -39.10 -18.31 19.36
N SER A 8 -39.24 -18.37 20.68
CA SER A 8 -40.17 -17.50 21.37
C SER A 8 -39.68 -16.06 21.40
N ALA A 9 -38.37 -15.83 21.35
CA ALA A 9 -37.86 -14.49 21.41
C ALA A 9 -38.33 -13.67 20.21
N PRO A 10 -38.70 -12.41 20.41
CA PRO A 10 -39.11 -11.58 19.28
C PRO A 10 -37.96 -11.35 18.32
N LEU A 11 -38.31 -11.21 17.05
CA LEU A 11 -37.36 -10.94 15.98
C LEU A 11 -37.47 -9.48 15.59
N ARG A 12 -36.31 -8.82 15.47
CA ARG A 12 -36.28 -7.44 15.01
C ARG A 12 -34.98 -7.23 14.24
N SER A 13 -34.80 -6.02 13.73
CA SER A 13 -33.65 -5.68 12.90
C SER A 13 -32.75 -4.71 13.66
N VAL A 14 -31.44 -4.87 13.46
CA VAL A 14 -30.47 -4.06 14.17
C VAL A 14 -30.66 -2.60 13.77
N LYS A 15 -30.34 -1.69 14.70
CA LYS A 15 -30.43 -0.27 14.44
C LYS A 15 -29.19 0.52 14.83
N GLU A 16 -28.41 0.05 15.79
CA GLU A 16 -27.22 0.78 16.22
C GLU A 16 -26.20 -0.21 16.74
N VAL A 17 -24.94 0.05 16.44
CA VAL A 17 -23.82 -0.79 16.86
C VAL A 17 -22.93 0.05 17.74
N GLN A 18 -22.85 -0.31 19.02
CA GLN A 18 -22.04 0.43 19.98
C GLN A 18 -20.73 -0.31 20.21
N PHE A 19 -19.62 0.37 19.94
CA PHE A 19 -18.30 -0.21 20.14
C PHE A 19 -17.83 0.04 21.56
N GLY A 20 -16.66 -0.47 21.88
CA GLY A 20 -16.10 -0.34 23.22
C GLY A 20 -15.37 -1.61 23.62
N LEU A 21 -14.55 -1.50 24.66
CA LEU A 21 -13.75 -2.62 25.10
C LEU A 21 -14.55 -3.47 26.09
N LEU A 22 -13.96 -4.60 26.47
CA LEU A 22 -14.62 -5.59 27.31
C LEU A 22 -14.07 -5.51 28.73
N SER A 23 -14.92 -5.20 29.69
CA SER A 23 -14.50 -5.15 31.07
C SER A 23 -14.14 -6.56 31.56
N PRO A 24 -13.08 -6.70 32.36
CA PRO A 24 -12.71 -8.05 32.80
C PRO A 24 -13.83 -8.76 33.53
N GLU A 25 -14.57 -8.07 34.38
CA GLU A 25 -15.66 -8.71 35.11
C GLU A 25 -16.72 -9.23 34.14
N GLU A 26 -17.04 -8.44 33.12
CA GLU A 26 -17.99 -8.92 32.13
C GLU A 26 -17.45 -10.13 31.38
N ILE A 27 -16.15 -10.11 31.07
CA ILE A 27 -15.53 -11.25 30.42
C ILE A 27 -15.75 -12.50 31.26
N ARG A 28 -15.50 -12.39 32.57
CA ARG A 28 -15.73 -13.52 33.45
C ARG A 28 -17.20 -13.92 33.45
N ALA A 29 -18.09 -12.94 33.47
CA ALA A 29 -19.51 -13.23 33.57
C ALA A 29 -20.00 -14.01 32.35
N ILE A 30 -19.52 -13.66 31.16
CA ILE A 30 -19.99 -14.31 29.95
C ILE A 30 -19.30 -15.64 29.69
N SER A 31 -18.09 -15.84 30.20
CA SER A 31 -17.43 -17.12 30.01
C SER A 31 -18.11 -18.20 30.84
N VAL A 32 -18.18 -19.40 30.28
CA VAL A 32 -18.83 -20.53 30.92
C VAL A 32 -17.85 -21.53 31.50
N VAL A 33 -16.54 -21.32 31.33
CA VAL A 33 -15.56 -22.28 31.82
C VAL A 33 -14.21 -21.58 31.91
N LYS A 34 -13.33 -22.13 32.73
CA LYS A 34 -11.98 -21.62 32.93
C LYS A 34 -11.03 -22.55 32.20
N ILE A 35 -10.21 -21.98 31.32
CA ILE A 35 -9.29 -22.77 30.50
C ILE A 35 -7.92 -22.72 31.15
N GLU A 36 -7.44 -23.87 31.61
CA GLU A 36 -6.19 -23.92 32.37
C GLU A 36 -5.22 -24.99 31.85
N TYR A 37 -5.74 -26.10 31.32
CA TYR A 37 -4.86 -27.20 30.93
C TYR A 37 -4.39 -27.01 29.49
N PRO A 38 -3.09 -26.92 29.22
CA PRO A 38 -2.67 -26.64 27.84
C PRO A 38 -2.89 -27.79 26.88
N GLU A 39 -2.71 -29.04 27.32
CA GLU A 39 -2.92 -30.17 26.42
C GLU A 39 -4.41 -30.24 26.06
N ILE A 40 -4.70 -30.22 24.75
CA ILE A 40 -6.09 -30.18 24.30
C ILE A 40 -6.78 -31.51 24.58
N MET A 41 -6.08 -32.61 24.37
CA MET A 41 -6.70 -33.93 24.31
C MET A 41 -6.56 -34.63 25.66
N ASP A 42 -7.65 -35.24 26.11
CA ASP A 42 -7.69 -35.84 27.44
C ASP A 42 -6.68 -36.98 27.60
N GLU A 43 -6.90 -38.08 26.89
CA GLU A 43 -6.08 -39.27 27.04
C GLU A 43 -5.81 -39.94 25.70
N SER A 44 -5.98 -39.20 24.62
CA SER A 44 -5.84 -39.75 23.26
C SER A 44 -6.80 -40.92 23.05
N ARG A 45 -7.92 -40.89 23.77
CA ARG A 45 -8.94 -41.94 23.67
C ARG A 45 -10.34 -41.33 23.67
N GLN A 46 -10.52 -40.25 22.91
CA GLN A 46 -11.80 -39.56 22.81
C GLN A 46 -12.15 -38.85 24.12
N ARG A 47 -13.33 -38.22 24.14
CA ARG A 47 -13.80 -37.39 25.24
C ARG A 47 -12.70 -36.46 25.71
N PRO A 48 -12.41 -35.40 24.96
CA PRO A 48 -11.33 -34.49 25.36
C PRO A 48 -11.57 -33.92 26.75
N ARG A 49 -10.48 -33.47 27.37
CA ARG A 49 -10.48 -33.16 28.80
C ARG A 49 -11.17 -31.83 29.07
N GLU A 50 -12.10 -31.85 30.03
CA GLU A 50 -12.74 -30.62 30.47
C GLU A 50 -11.74 -29.75 31.21
N GLY A 51 -11.92 -28.44 31.12
CA GLY A 51 -10.93 -27.50 31.56
C GLY A 51 -9.87 -27.20 30.51
N GLY A 52 -9.90 -27.91 29.39
CA GLY A 52 -9.00 -27.67 28.29
C GLY A 52 -9.67 -26.95 27.14
N LEU A 53 -8.88 -26.71 26.09
CA LEU A 53 -9.33 -25.91 24.96
C LEU A 53 -10.53 -26.52 24.24
N ASN A 54 -10.80 -27.80 24.42
CA ASN A 54 -11.86 -28.49 23.69
C ASN A 54 -13.04 -28.79 24.58
N ASP A 55 -13.28 -27.96 25.58
CA ASP A 55 -14.35 -28.23 26.51
C ASP A 55 -15.68 -28.30 25.76
N PRO A 56 -16.45 -29.38 25.92
CA PRO A 56 -17.73 -29.49 25.20
C PRO A 56 -18.73 -28.42 25.58
N LYS A 57 -18.63 -27.81 26.76
CA LYS A 57 -19.54 -26.73 27.08
C LYS A 57 -19.40 -25.57 26.10
N LEU A 58 -18.18 -25.34 25.59
CA LEU A 58 -17.96 -24.23 24.67
C LEU A 58 -18.91 -24.31 23.48
N GLY A 59 -19.21 -25.51 23.01
CA GLY A 59 -20.08 -25.70 21.87
C GLY A 59 -19.64 -26.88 21.03
N SER A 60 -20.58 -27.73 20.63
CA SER A 60 -20.23 -28.93 19.89
C SER A 60 -19.93 -28.58 18.44
N ILE A 61 -18.93 -29.26 17.87
CA ILE A 61 -18.48 -28.98 16.51
C ILE A 61 -18.75 -30.19 15.64
N ASP A 62 -19.11 -31.30 16.25
CA ASP A 62 -19.45 -32.53 15.55
C ASP A 62 -20.96 -32.70 15.49
N ARG A 63 -21.42 -33.44 14.48
CA ARG A 63 -22.85 -33.56 14.25
C ARG A 63 -23.56 -34.27 15.39
N ASN A 64 -23.08 -35.44 15.80
CA ASN A 64 -23.81 -36.28 16.74
C ASN A 64 -23.78 -35.76 18.17
N PHE A 65 -22.93 -34.78 18.47
CA PHE A 65 -22.86 -34.20 19.81
C PHE A 65 -23.66 -32.90 19.83
N LYS A 66 -24.46 -32.72 20.86
CA LYS A 66 -25.18 -31.48 21.07
C LYS A 66 -24.51 -30.68 22.18
N CYS A 67 -24.44 -29.37 21.98
CA CYS A 67 -23.67 -28.52 22.89
C CYS A 67 -24.16 -28.70 24.32
N GLN A 68 -23.22 -28.99 25.21
CA GLN A 68 -23.54 -29.17 26.62
C GLN A 68 -24.12 -27.91 27.24
N THR A 69 -23.89 -26.75 26.64
CA THR A 69 -24.35 -25.48 27.19
C THR A 69 -25.70 -25.08 26.62
N CYS A 70 -25.81 -24.98 25.30
CA CYS A 70 -27.07 -24.57 24.69
C CYS A 70 -27.94 -25.77 24.34
N GLY A 71 -27.35 -26.94 24.14
CA GLY A 71 -28.12 -28.12 23.82
C GLY A 71 -28.50 -28.27 22.37
N GLU A 72 -27.95 -27.44 21.48
CA GLU A 72 -28.24 -27.52 20.06
C GLU A 72 -27.08 -28.19 19.33
N GLY A 73 -27.29 -28.45 18.05
CA GLY A 73 -26.31 -29.07 17.19
C GLY A 73 -25.59 -28.07 16.32
N MET A 74 -25.08 -28.55 15.18
CA MET A 74 -24.35 -27.67 14.29
C MET A 74 -25.22 -26.52 13.82
N ALA A 75 -26.53 -26.73 13.77
CA ALA A 75 -27.41 -25.74 13.18
C ALA A 75 -27.34 -24.42 13.92
N GLU A 76 -27.52 -24.44 15.25
CA GLU A 76 -27.77 -23.23 15.99
C GLU A 76 -26.68 -22.87 16.99
N CYS A 77 -25.93 -23.83 17.48
CA CYS A 77 -24.94 -23.53 18.52
C CYS A 77 -23.92 -22.53 17.99
N PRO A 78 -23.93 -21.28 18.44
CA PRO A 78 -23.03 -20.28 17.89
C PRO A 78 -21.64 -20.25 18.50
N GLY A 79 -21.30 -21.21 19.34
CA GLY A 79 -20.03 -21.15 20.02
C GLY A 79 -20.13 -20.26 21.23
N HIS A 80 -19.63 -20.73 22.37
CA HIS A 80 -19.82 -20.06 23.65
C HIS A 80 -18.46 -19.71 24.23
N PHE A 81 -18.23 -18.42 24.52
CA PHE A 81 -16.90 -18.00 24.92
C PHE A 81 -16.43 -18.70 26.19
N GLY A 82 -15.12 -18.72 26.35
CA GLY A 82 -14.50 -19.12 27.60
C GLY A 82 -13.39 -18.15 27.94
N HIS A 83 -13.26 -17.86 29.23
CA HIS A 83 -12.26 -16.91 29.70
C HIS A 83 -10.99 -17.64 30.10
N MET A 84 -9.97 -16.86 30.41
CA MET A 84 -8.70 -17.42 30.87
C MET A 84 -7.98 -16.31 31.61
N GLU A 85 -7.53 -16.60 32.83
CA GLU A 85 -6.90 -15.59 33.67
C GLU A 85 -5.40 -15.56 33.41
N LEU A 86 -4.87 -14.36 33.18
CA LEU A 86 -3.43 -14.19 33.03
C LEU A 86 -2.81 -13.83 34.37
N ALA A 87 -1.73 -14.53 34.71
CA ALA A 87 -1.05 -14.24 35.96
C ALA A 87 -0.58 -12.79 36.00
N LYS A 88 0.02 -12.31 34.90
CA LYS A 88 0.62 -11.00 34.86
C LYS A 88 -0.12 -10.12 33.85
N PRO A 89 -0.50 -8.89 34.20
CA PRO A 89 -1.08 -8.00 33.21
C PRO A 89 -0.10 -7.73 32.07
N VAL A 90 -0.62 -7.67 30.85
CA VAL A 90 0.19 -7.48 29.66
C VAL A 90 -0.44 -6.40 28.79
N PHE A 91 0.41 -5.75 28.00
CA PHE A 91 -0.08 -4.74 27.07
C PHE A 91 -1.04 -5.37 26.07
N HIS A 92 -1.96 -4.55 25.57
CA HIS A 92 -2.73 -4.90 24.39
C HIS A 92 -2.01 -4.30 23.18
N ILE A 93 -1.63 -5.15 22.24
CA ILE A 93 -0.69 -4.74 21.19
C ILE A 93 -1.21 -3.53 20.43
N GLY A 94 -2.49 -3.54 20.07
CA GLY A 94 -3.01 -2.47 19.22
C GLY A 94 -3.04 -1.10 19.85
N PHE A 95 -2.97 -1.01 21.17
CA PHE A 95 -3.21 0.25 21.88
C PHE A 95 -1.94 0.82 22.48
N ILE A 96 -0.77 0.37 22.03
CA ILE A 96 0.48 0.87 22.60
C ILE A 96 0.61 2.38 22.41
N PRO A 97 0.52 2.93 21.19
CA PRO A 97 0.67 4.38 21.05
C PRO A 97 -0.37 5.18 21.80
N LYS A 98 -1.63 4.71 21.81
CA LYS A 98 -2.66 5.43 22.56
C LYS A 98 -2.38 5.40 24.05
N ILE A 99 -1.92 4.26 24.56
CA ILE A 99 -1.57 4.18 25.97
C ILE A 99 -0.42 5.12 26.27
N LYS A 100 0.56 5.20 25.37
CA LYS A 100 1.67 6.12 25.54
C LYS A 100 1.16 7.56 25.63
N LYS A 101 0.27 7.95 24.72
CA LYS A 101 -0.26 9.31 24.74
C LYS A 101 -1.02 9.58 26.03
N VAL A 102 -1.85 8.62 26.46
CA VAL A 102 -2.61 8.80 27.70
C VAL A 102 -1.67 8.98 28.87
N CYS A 103 -0.62 8.15 28.95
CA CYS A 103 0.34 8.28 30.04
C CYS A 103 1.01 9.65 30.00
N GLU A 104 1.35 10.13 28.81
CA GLU A 104 1.94 11.46 28.69
C GLU A 104 0.99 12.51 29.24
N CYS A 105 -0.30 12.40 28.91
CA CYS A 105 -1.25 13.45 29.26
C CYS A 105 -1.55 13.51 30.75
N ILE A 106 -1.21 12.48 31.52
CA ILE A 106 -1.56 12.41 32.93
C ILE A 106 -0.30 12.21 33.76
N CYS A 107 -0.49 12.26 35.08
CA CYS A 107 0.61 12.13 36.02
C CYS A 107 0.96 10.66 36.24
N MET A 108 2.20 10.43 36.69
CA MET A 108 2.66 9.09 37.00
C MET A 108 2.30 8.65 38.41
N ASN A 109 2.11 9.59 39.33
CA ASN A 109 1.77 9.26 40.71
C ASN A 109 0.36 9.72 41.09
N CYS A 110 0.06 11.01 40.96
CA CYS A 110 -1.29 11.47 41.26
C CYS A 110 -2.29 10.93 40.25
N GLY A 111 -1.82 10.53 39.07
CA GLY A 111 -2.70 9.94 38.08
C GLY A 111 -3.82 10.84 37.62
N LYS A 112 -3.52 12.11 37.36
CA LYS A 112 -4.51 13.06 36.86
C LYS A 112 -3.89 13.86 35.73
N LEU A 113 -4.71 14.70 35.10
CA LEU A 113 -4.25 15.52 34.00
C LEU A 113 -3.13 16.44 34.47
N LEU A 114 -2.14 16.64 33.59
CA LEU A 114 -1.03 17.51 33.94
C LEU A 114 -1.48 18.94 34.17
N LEU A 115 -2.65 19.31 33.67
CA LEU A 115 -3.18 20.65 33.83
C LEU A 115 -4.65 20.57 34.20
N ASP A 116 -5.14 21.65 34.80
CA ASP A 116 -6.53 21.77 35.22
C ASP A 116 -7.30 22.61 34.21
N GLU A 117 -8.57 22.89 34.51
CA GLU A 117 -9.35 23.77 33.65
C GLU A 117 -8.90 25.22 33.72
N THR A 118 -8.03 25.57 34.67
CA THR A 118 -7.57 26.94 34.77
C THR A 118 -7.05 27.46 33.43
N ASN A 119 -6.28 26.66 32.72
CA ASN A 119 -5.76 27.08 31.42
C ASN A 119 -6.93 27.30 30.47
N PRO A 120 -7.01 28.45 29.78
CA PRO A 120 -8.15 28.67 28.89
C PRO A 120 -8.11 27.81 27.65
N THR A 121 -6.91 27.46 27.16
CA THR A 121 -6.82 26.59 25.99
C THR A 121 -7.57 25.29 26.23
N MET A 122 -7.27 24.61 27.34
CA MET A 122 -7.99 23.37 27.64
C MET A 122 -9.43 23.65 28.06
N ALA A 123 -9.67 24.78 28.73
CA ALA A 123 -11.03 25.15 29.07
C ALA A 123 -11.92 25.11 27.83
N GLN A 124 -11.41 25.62 26.71
CA GLN A 124 -12.12 25.51 25.44
C GLN A 124 -12.05 24.10 24.87
N ALA A 125 -10.90 23.42 25.02
CA ALA A 125 -10.75 22.09 24.45
C ALA A 125 -11.81 21.13 24.97
N ILE A 126 -12.18 21.25 26.25
CA ILE A 126 -13.16 20.32 26.81
C ILE A 126 -14.48 20.43 26.08
N ARG A 127 -14.86 21.65 25.67
CA ARG A 127 -16.15 21.86 25.03
C ARG A 127 -16.28 21.09 23.72
N ILE A 128 -15.18 20.69 23.10
CA ILE A 128 -15.25 19.99 21.82
C ILE A 128 -16.03 18.70 22.00
N ARG A 129 -17.11 18.56 21.23
CA ARG A 129 -17.96 17.38 21.36
C ARG A 129 -17.26 16.12 20.86
N ASP A 130 -16.42 16.22 19.85
CA ASP A 130 -15.76 15.04 19.31
C ASP A 130 -14.75 14.50 20.30
N PRO A 131 -14.89 13.25 20.77
CA PRO A 131 -13.86 12.70 21.65
C PRO A 131 -12.47 12.69 21.02
N LYS A 132 -12.37 12.37 19.73
CA LYS A 132 -11.04 12.17 19.13
C LYS A 132 -10.33 13.51 18.95
N LYS A 133 -11.01 14.50 18.38
CA LYS A 133 -10.38 15.81 18.21
C LYS A 133 -10.08 16.45 19.55
N ARG A 134 -10.99 16.28 20.52
CA ARG A 134 -10.74 16.79 21.86
C ARG A 134 -9.50 16.13 22.46
N PHE A 135 -9.35 14.82 22.28
CA PHE A 135 -8.16 14.14 22.77
C PHE A 135 -6.91 14.65 22.07
N ASN A 136 -7.00 14.90 20.77
CA ASN A 136 -5.84 15.43 20.05
C ASN A 136 -5.43 16.77 20.64
N ALA A 137 -6.40 17.67 20.83
CA ALA A 137 -6.08 18.98 21.39
C ALA A 137 -5.52 18.86 22.80
N VAL A 138 -6.12 17.99 23.62
CA VAL A 138 -5.67 17.83 24.99
C VAL A 138 -4.24 17.31 25.02
N TRP A 139 -3.91 16.35 24.14
CA TRP A 139 -2.55 15.86 24.09
C TRP A 139 -1.59 16.93 23.62
N GLN A 140 -1.99 17.73 22.63
CA GLN A 140 -1.16 18.84 22.20
C GLN A 140 -0.87 19.79 23.35
N LEU A 141 -1.88 20.04 24.19
CA LEU A 141 -1.74 21.00 25.27
C LEU A 141 -1.08 20.41 26.51
N CYS A 142 -1.04 19.08 26.64
CA CYS A 142 -0.49 18.45 27.83
C CYS A 142 0.91 17.91 27.63
N LYS A 143 1.25 17.45 26.43
CA LYS A 143 2.59 16.92 26.18
C LYS A 143 3.66 17.99 26.37
N THR A 144 3.28 19.27 26.33
CA THR A 144 4.25 20.33 26.59
C THR A 144 4.70 20.33 28.04
N LYS A 145 3.78 20.19 28.98
CA LYS A 145 4.09 20.26 30.40
C LYS A 145 5.09 19.15 30.75
N MET A 146 6.31 19.54 31.10
CA MET A 146 7.32 18.54 31.44
C MET A 146 7.17 18.02 32.86
N VAL A 147 6.59 18.82 33.75
CA VAL A 147 6.52 18.51 35.18
C VAL A 147 5.08 18.56 35.65
N CYS A 148 4.67 17.55 36.41
CA CYS A 148 3.38 17.58 37.09
C CYS A 148 3.52 18.38 38.38
N GLU A 149 3.00 19.60 38.39
CA GLU A 149 3.17 20.50 39.50
C GLU A 149 2.47 19.98 40.74
N ALA A 150 3.08 20.19 41.90
CA ALA A 150 2.45 19.88 43.17
C ALA A 150 1.53 21.00 43.65
N ASP A 151 1.63 22.20 43.06
CA ASP A 151 0.84 23.34 43.46
C ASP A 151 0.11 23.91 42.25
N ALA A 152 -1.04 24.52 42.51
CA ALA A 152 -1.88 25.00 41.42
C ALA A 152 -1.12 26.00 40.56
N PRO A 153 -1.04 25.80 39.23
CA PRO A 153 -0.40 26.81 38.38
C PRO A 153 -1.29 28.04 38.16
N VAL A 163 -3.68 26.49 47.69
CA VAL A 163 -4.64 25.64 47.01
C VAL A 163 -3.92 24.58 46.19
N SER A 164 -3.44 23.55 46.87
CA SER A 164 -2.73 22.46 46.22
C SER A 164 -3.66 21.74 45.25
N ARG A 165 -3.14 21.39 44.08
CA ARG A 165 -3.91 20.68 43.08
C ARG A 165 -3.95 19.17 43.32
N GLY A 166 -3.28 18.68 44.36
CA GLY A 166 -3.16 17.25 44.57
C GLY A 166 -2.11 16.59 43.70
N GLY A 167 -1.29 17.38 43.01
CA GLY A 167 -0.31 16.82 42.10
C GLY A 167 0.82 16.12 42.85
N CYS A 168 1.62 15.39 42.07
CA CYS A 168 2.72 14.61 42.62
C CYS A 168 4.02 15.39 42.70
N GLY A 169 4.18 16.44 41.89
CA GLY A 169 5.39 17.22 41.88
C GLY A 169 6.53 16.61 41.08
N ASN A 170 6.56 15.29 40.95
CA ASN A 170 7.59 14.63 40.17
C ASN A 170 7.54 15.09 38.71
N THR A 171 8.72 15.34 38.16
CA THR A 171 8.80 15.74 36.76
C THR A 171 8.26 14.64 35.87
N GLN A 172 7.26 14.98 35.07
CA GLN A 172 6.61 13.97 34.25
C GLN A 172 7.61 13.39 33.25
N PRO A 173 7.81 12.07 33.24
CA PRO A 173 8.87 11.51 32.39
C PRO A 173 8.55 11.67 30.92
N VAL A 174 9.60 11.74 30.12
CA VAL A 174 9.49 11.68 28.67
C VAL A 174 9.62 10.22 28.27
N VAL A 175 8.61 9.70 27.59
CA VAL A 175 8.51 8.29 27.27
C VAL A 175 8.66 8.13 25.76
N ARG A 176 9.50 7.19 25.35
CA ARG A 176 9.68 6.86 23.95
C ARG A 176 9.44 5.37 23.75
N LYS A 177 8.48 5.04 22.90
CA LYS A 177 8.12 3.65 22.65
C LYS A 177 9.30 2.88 22.09
N ASP A 178 9.42 1.61 22.49
CA ASP A 178 10.41 0.70 21.92
C ASP A 178 9.72 -0.65 21.71
N GLY A 179 9.23 -0.86 20.49
CA GLY A 179 8.61 -2.12 20.13
C GLY A 179 7.52 -2.53 21.10
N MET A 180 7.78 -3.60 21.84
CA MET A 180 6.82 -4.14 22.81
C MET A 180 6.99 -3.55 24.20
N LYS A 181 7.93 -2.63 24.40
CA LYS A 181 8.30 -2.14 25.72
C LYS A 181 8.28 -0.62 25.74
N LEU A 182 7.96 -0.07 26.91
CA LEU A 182 7.84 1.37 27.10
C LEU A 182 8.91 1.85 28.07
N TRP A 183 9.67 2.86 27.64
CA TRP A 183 10.73 3.45 28.45
C TRP A 183 10.31 4.86 28.84
N GLY A 184 10.29 5.13 30.15
CA GLY A 184 10.01 6.46 30.67
C GLY A 184 11.29 7.09 31.19
N THR A 185 11.53 8.33 30.77
CA THR A 185 12.76 9.05 31.10
C THR A 185 12.44 10.18 32.07
N TRP A 186 13.01 10.09 33.27
CA TRP A 186 12.90 11.16 34.27
C TRP A 186 14.20 11.95 34.33
N LYS A 187 14.06 13.26 34.46
CA LYS A 187 15.19 14.17 34.66
C LYS A 187 15.06 14.72 36.08
N LYS A 188 15.58 13.97 37.05
CA LYS A 188 15.35 14.32 38.44
C LYS A 188 16.11 15.58 38.82
N SER A 189 15.68 16.18 39.92
CA SER A 189 16.29 17.41 40.43
C SER A 189 17.80 17.26 40.56
N ARG A 194 19.88 20.87 39.85
CA ARG A 194 19.86 21.23 38.43
C ARG A 194 19.75 19.99 37.56
N ASP A 195 20.82 19.20 37.52
CA ASP A 195 20.90 18.01 36.69
C ASP A 195 21.17 16.80 37.57
N ALA A 196 20.50 15.69 37.26
CA ALA A 196 20.68 14.43 37.96
C ALA A 196 20.93 13.32 36.95
N GLN A 197 21.06 12.12 37.45
CA GLN A 197 21.18 10.95 36.59
C GLN A 197 19.80 10.59 36.05
N PRO A 198 19.64 10.45 34.73
CA PRO A 198 18.31 10.07 34.21
C PRO A 198 17.96 8.65 34.55
N GLU A 199 17.06 8.46 35.52
CA GLU A 199 16.70 7.13 36.01
C GLU A 199 15.46 6.65 35.27
N ARG A 200 15.65 6.34 33.99
CA ARG A 200 14.59 5.74 33.21
C ARG A 200 14.36 4.30 33.66
N LYS A 201 13.17 3.78 33.34
CA LYS A 201 12.88 2.39 33.64
C LYS A 201 11.72 1.94 32.77
N LEU A 202 11.57 0.61 32.69
CA LEU A 202 10.50 0.03 31.88
C LEU A 202 9.17 0.15 32.61
N LEU A 203 8.25 0.91 32.04
CA LEU A 203 6.92 1.07 32.62
C LEU A 203 6.21 -0.29 32.52
N THR A 204 6.02 -0.94 33.65
CA THR A 204 5.39 -2.24 33.65
C THR A 204 3.89 -2.09 33.41
N PRO A 205 3.28 -3.05 32.69
CA PRO A 205 1.83 -2.94 32.46
C PRO A 205 1.03 -2.85 33.74
N GLY A 206 1.39 -3.62 34.77
CA GLY A 206 0.65 -3.54 36.02
C GLY A 206 0.75 -2.18 36.67
N GLU A 207 1.94 -1.57 36.59
CA GLU A 207 2.11 -0.23 37.13
C GLU A 207 1.15 0.76 36.49
N ILE A 208 1.12 0.80 35.17
CA ILE A 208 0.24 1.73 34.48
C ILE A 208 -1.22 1.40 34.77
N LEU A 209 -1.55 0.11 34.82
CA LEU A 209 -2.90 -0.28 35.17
C LEU A 209 -3.31 0.31 36.52
N ASN A 210 -2.49 0.11 37.53
CA ASN A 210 -2.78 0.68 38.84
C ASN A 210 -2.90 2.19 38.75
N VAL A 211 -2.06 2.82 37.91
CA VAL A 211 -2.16 4.25 37.70
C VAL A 211 -3.53 4.61 37.15
N PHE A 212 -3.99 3.87 36.14
CA PHE A 212 -5.24 4.21 35.47
C PHE A 212 -6.44 3.98 36.37
N LYS A 213 -6.37 3.00 37.28
CA LYS A 213 -7.52 2.69 38.12
C LYS A 213 -7.94 3.87 38.97
N HIS A 214 -7.05 4.84 39.20
CA HIS A 214 -7.32 5.96 40.07
C HIS A 214 -7.90 7.17 39.33
N ILE A 215 -7.98 7.11 38.00
CA ILE A 215 -8.42 8.26 37.22
C ILE A 215 -9.90 8.50 37.47
N SER A 216 -10.26 9.75 37.71
CA SER A 216 -11.66 10.10 37.94
C SER A 216 -12.41 10.17 36.62
N PRO A 217 -13.74 10.06 36.67
CA PRO A 217 -14.53 10.19 35.43
C PRO A 217 -14.33 11.51 34.72
N GLU A 218 -14.04 12.59 35.46
CA GLU A 218 -13.90 13.89 34.82
C GLU A 218 -12.81 13.87 33.76
N ASP A 219 -11.60 13.45 34.14
CA ASP A 219 -10.52 13.38 33.17
C ASP A 219 -10.83 12.35 32.10
N CYS A 220 -11.41 11.21 32.48
CA CYS A 220 -11.82 10.22 31.51
C CYS A 220 -12.59 10.87 30.36
N PHE A 221 -13.72 11.50 30.68
CA PHE A 221 -14.53 12.11 29.63
C PHE A 221 -13.77 13.23 28.94
N ARG A 222 -12.99 14.01 29.69
CA ARG A 222 -12.18 15.04 29.08
C ARG A 222 -11.22 14.47 28.05
N LEU A 223 -10.73 13.25 28.26
CA LEU A 223 -9.79 12.62 27.35
C LEU A 223 -10.47 11.92 26.20
N GLY A 224 -11.79 11.98 26.12
CA GLY A 224 -12.53 11.34 25.05
C GLY A 224 -12.95 9.91 25.33
N PHE A 225 -12.66 9.38 26.51
CA PHE A 225 -12.99 8.01 26.85
C PHE A 225 -14.45 7.96 27.34
N ASN A 226 -14.84 6.83 27.91
CA ASN A 226 -16.20 6.67 28.42
C ASN A 226 -16.17 5.84 29.69
N GLU A 227 -17.06 6.16 30.62
CA GLU A 227 -17.13 5.42 31.86
C GLU A 227 -17.68 4.02 31.64
N ASP A 228 -18.79 3.89 30.91
CA ASP A 228 -19.43 2.60 30.76
C ASP A 228 -18.67 1.68 29.82
N TYR A 229 -18.18 2.20 28.70
CA TYR A 229 -17.74 1.36 27.60
C TYR A 229 -16.24 1.40 27.34
N ALA A 230 -15.64 2.58 27.27
CA ALA A 230 -14.21 2.71 27.01
C ALA A 230 -13.54 3.27 28.26
N ARG A 231 -13.22 2.39 29.20
CA ARG A 231 -12.53 2.76 30.42
C ARG A 231 -11.04 2.46 30.27
N PRO A 232 -10.18 3.48 30.38
CA PRO A 232 -8.81 3.33 29.85
C PRO A 232 -8.05 2.14 30.40
N GLU A 233 -8.18 1.79 31.67
CA GLU A 233 -7.40 0.66 32.17
C GLU A 233 -7.75 -0.63 31.45
N TRP A 234 -8.90 -0.70 30.81
CA TRP A 234 -9.25 -1.89 30.04
C TRP A 234 -8.37 -2.07 28.82
N MET A 235 -7.57 -1.06 28.47
CA MET A 235 -6.61 -1.19 27.38
C MET A 235 -5.41 -2.05 27.75
N ILE A 236 -5.43 -2.69 28.92
CA ILE A 236 -4.37 -3.60 29.36
C ILE A 236 -5.01 -4.94 29.65
N ILE A 237 -4.39 -6.00 29.14
CA ILE A 237 -5.02 -7.31 29.16
C ILE A 237 -4.77 -7.99 30.50
N THR A 238 -5.84 -8.44 31.14
CA THR A 238 -5.78 -9.21 32.37
C THR A 238 -6.38 -10.60 32.21
N VAL A 239 -7.57 -10.71 31.63
CA VAL A 239 -8.20 -11.99 31.34
C VAL A 239 -8.44 -12.05 29.85
N LEU A 240 -7.94 -13.11 29.22
CA LEU A 240 -8.04 -13.27 27.78
C LEU A 240 -9.21 -14.17 27.44
N PRO A 241 -10.24 -13.68 26.75
CA PRO A 241 -11.33 -14.58 26.36
C PRO A 241 -10.86 -15.58 25.33
N VAL A 242 -11.53 -16.73 25.30
CA VAL A 242 -11.15 -17.85 24.44
C VAL A 242 -12.30 -18.11 23.47
N PRO A 243 -12.11 -17.93 22.16
CA PRO A 243 -13.21 -18.16 21.23
C PRO A 243 -13.54 -19.63 21.15
N PRO A 244 -14.80 -19.97 20.85
CA PRO A 244 -15.22 -21.36 20.77
C PRO A 244 -14.51 -22.07 19.62
N PRO A 245 -14.72 -23.37 19.46
CA PRO A 245 -14.11 -24.08 18.32
C PRO A 245 -14.56 -23.55 16.98
N GLN A 246 -15.80 -23.05 16.87
CA GLN A 246 -16.28 -22.55 15.58
C GLN A 246 -15.30 -21.55 14.99
N VAL A 247 -14.87 -20.58 15.79
CA VAL A 247 -13.97 -19.54 15.29
C VAL A 247 -12.66 -20.15 14.83
N ARG A 248 -12.23 -21.25 15.44
CA ARG A 248 -10.97 -21.91 15.10
C ARG A 248 -11.24 -23.39 14.91
N PRO A 249 -11.92 -23.76 13.82
CA PRO A 249 -12.26 -25.16 13.61
C PRO A 249 -11.02 -26.00 13.32
N SER A 250 -11.15 -27.29 13.55
CA SER A 250 -10.05 -28.23 13.37
C SER A 250 -10.02 -28.70 11.92
N ILE A 251 -8.96 -28.35 11.21
CA ILE A 251 -8.82 -28.77 9.82
C ILE A 251 -8.59 -30.28 9.77
N ALA A 252 -8.88 -30.87 8.61
CA ALA A 252 -8.68 -32.29 8.37
C ALA A 252 -7.70 -32.45 7.21
N MET A 253 -6.43 -32.67 7.53
CA MET A 253 -5.42 -32.80 6.48
C MET A 253 -5.77 -33.96 5.55
N ASP A 254 -6.12 -35.12 6.11
CA ASP A 254 -6.53 -36.29 5.32
C ASP A 254 -7.49 -37.12 6.16
N GLU A 255 -8.79 -36.92 5.92
CA GLU A 255 -9.82 -37.76 6.53
C GLU A 255 -9.70 -37.80 8.05
N THR A 256 -9.10 -38.88 8.59
CA THR A 256 -9.09 -39.07 10.03
C THR A 256 -8.20 -38.05 10.73
N THR A 257 -6.99 -37.83 10.22
CA THR A 257 -6.05 -36.95 10.90
C THR A 257 -6.47 -35.50 10.74
N GLN A 258 -6.76 -34.86 11.87
CA GLN A 258 -7.19 -33.47 11.90
C GLN A 258 -6.08 -32.62 12.48
N GLY A 259 -5.71 -31.56 11.77
CA GLY A 259 -4.68 -30.66 12.25
C GLY A 259 -5.24 -29.56 13.11
N GLN A 260 -4.37 -29.00 13.94
CA GLN A 260 -4.74 -27.93 14.86
C GLN A 260 -4.64 -26.59 14.13
N ASP A 261 -5.74 -25.85 14.13
CA ASP A 261 -5.71 -24.51 13.55
C ASP A 261 -4.67 -23.66 14.28
N ASP A 262 -4.07 -22.73 13.54
CA ASP A 262 -3.01 -21.91 14.13
C ASP A 262 -3.46 -21.29 15.44
N LEU A 263 -4.72 -20.86 15.51
CA LEU A 263 -5.21 -20.25 16.74
C LEU A 263 -5.16 -21.25 17.89
N THR A 264 -5.40 -22.52 17.63
CA THR A 264 -5.33 -23.51 18.68
C THR A 264 -3.90 -23.61 19.22
N HIS A 265 -2.92 -23.73 18.32
CA HIS A 265 -1.53 -23.75 18.78
C HIS A 265 -1.19 -22.52 19.57
N LYS A 266 -1.58 -21.35 19.07
CA LYS A 266 -1.20 -20.11 19.74
C LYS A 266 -1.83 -20.00 21.12
N LEU A 267 -3.11 -20.36 21.23
CA LEU A 267 -3.77 -20.33 22.53
C LEU A 267 -3.13 -21.33 23.49
N SER A 268 -2.82 -22.53 23.01
CA SER A 268 -2.19 -23.51 23.90
C SER A 268 -0.82 -23.02 24.34
N ASP A 269 -0.07 -22.39 23.45
CA ASP A 269 1.24 -21.87 23.82
C ASP A 269 1.11 -20.76 24.87
N ILE A 270 0.15 -19.85 24.67
CA ILE A 270 -0.06 -18.80 25.66
C ILE A 270 -0.46 -19.41 26.99
N LEU A 271 -1.28 -20.47 26.96
CA LEU A 271 -1.67 -21.12 28.19
C LEU A 271 -0.46 -21.73 28.90
N LYS A 272 0.41 -22.39 28.14
CA LYS A 272 1.62 -22.95 28.72
C LYS A 272 2.47 -21.85 29.35
N ALA A 273 2.67 -20.75 28.62
CA ALA A 273 3.50 -19.67 29.15
C ALA A 273 2.89 -19.08 30.41
N ASN A 274 1.57 -18.89 30.42
CA ASN A 274 0.91 -18.34 31.59
C ASN A 274 1.07 -19.26 32.79
N ILE A 275 0.92 -20.57 32.58
CA ILE A 275 1.19 -21.50 33.67
C ILE A 275 2.62 -21.36 34.14
N ASN A 276 3.55 -21.19 33.19
CA ASN A 276 4.97 -21.13 33.54
C ASN A 276 5.27 -19.93 34.43
N VAL A 277 4.70 -18.77 34.11
CA VAL A 277 4.88 -17.60 34.96
C VAL A 277 4.32 -17.90 36.35
N GLN A 278 3.18 -18.58 36.42
CA GLN A 278 2.60 -18.93 37.70
C GLN A 278 3.49 -19.87 38.50
N LYS A 279 4.48 -20.49 37.86
CA LYS A 279 5.35 -21.44 38.54
C LYS A 279 6.71 -20.87 38.90
N LEU A 280 7.05 -19.67 38.41
CA LEU A 280 8.33 -19.07 38.79
C LEU A 280 8.30 -18.53 40.21
N GLU A 281 7.20 -17.89 40.60
CA GLU A 281 7.15 -17.25 41.90
C GLU A 281 7.32 -18.24 43.05
N MET A 282 6.87 -19.48 42.88
CA MET A 282 6.97 -20.45 43.96
C MET A 282 8.38 -20.98 44.17
N ASP A 283 9.33 -20.61 43.32
CA ASP A 283 10.69 -21.10 43.44
C ASP A 283 11.65 -19.99 43.02
N GLY A 284 12.92 -20.34 42.85
CA GLY A 284 13.94 -19.37 42.47
C GLY A 284 13.57 -18.62 41.21
N SER A 285 13.31 -17.33 41.37
CA SER A 285 12.90 -16.45 40.28
C SER A 285 13.80 -15.22 40.33
N PRO A 286 15.04 -15.33 39.82
CA PRO A 286 16.07 -14.31 40.07
C PRO A 286 15.93 -13.05 39.23
N GLN A 287 14.69 -12.57 39.07
CA GLN A 287 14.44 -11.27 38.45
C GLN A 287 14.92 -11.20 37.00
N HIS A 288 15.46 -12.29 36.48
CA HIS A 288 15.91 -12.35 35.10
C HIS A 288 15.21 -13.47 34.34
N ILE A 289 14.93 -14.58 35.02
CA ILE A 289 13.98 -15.54 34.49
C ILE A 289 12.60 -14.90 34.41
N ILE A 290 12.23 -14.15 35.45
CA ILE A 290 10.94 -13.47 35.45
C ILE A 290 10.83 -12.55 34.24
N ASN A 291 11.85 -11.73 34.02
CA ASN A 291 11.78 -10.72 32.97
C ASN A 291 11.64 -11.37 31.60
N GLU A 292 12.54 -12.29 31.28
CA GLU A 292 12.50 -12.94 29.97
C GLU A 292 11.21 -13.73 29.79
N VAL A 293 10.78 -14.45 30.81
CA VAL A 293 9.58 -15.27 30.68
C VAL A 293 8.35 -14.41 30.48
N GLU A 294 8.21 -13.33 31.26
CA GLU A 294 7.05 -12.47 31.07
C GLU A 294 7.11 -11.77 29.72
N GLN A 295 8.30 -11.44 29.23
CA GLN A 295 8.40 -10.86 27.90
C GLN A 295 8.00 -11.88 26.85
N LEU A 296 8.33 -13.16 27.09
CA LEU A 296 7.92 -14.21 26.19
C LEU A 296 6.39 -14.32 26.15
N LEU A 297 5.77 -14.26 27.33
CA LEU A 297 4.31 -14.34 27.40
C LEU A 297 3.68 -13.16 26.68
N GLN A 298 4.21 -11.97 26.92
CA GLN A 298 3.74 -10.79 26.19
C GLN A 298 3.87 -11.02 24.69
N PHE A 299 4.95 -11.68 24.27
CA PHE A 299 5.19 -11.87 22.85
C PHE A 299 4.15 -12.79 22.22
N HIS A 300 3.90 -13.93 22.85
CA HIS A 300 2.86 -14.81 22.31
C HIS A 300 1.50 -14.14 22.33
N VAL A 301 1.17 -13.43 23.40
CA VAL A 301 -0.11 -12.74 23.43
C VAL A 301 -0.20 -11.75 22.26
N ALA A 302 0.84 -10.95 22.06
CA ALA A 302 0.80 -9.97 20.97
C ALA A 302 0.67 -10.65 19.62
N THR A 303 1.43 -11.73 19.40
CA THR A 303 1.34 -12.43 18.13
C THR A 303 -0.05 -13.01 17.93
N TYR A 304 -0.62 -13.63 18.96
CA TYR A 304 -1.94 -14.21 18.82
C TYR A 304 -2.98 -13.14 18.53
N MET A 305 -2.64 -11.89 18.84
CA MET A 305 -3.49 -10.74 18.57
C MET A 305 -3.12 -10.05 17.26
N ASP A 306 -1.86 -10.15 16.84
CA ASP A 306 -1.41 -9.60 15.57
C ASP A 306 0.01 -10.08 15.33
N ASN A 307 0.32 -10.50 14.10
CA ASN A 307 1.63 -11.07 13.80
C ASN A 307 2.35 -10.31 12.69
N ASP A 308 2.19 -9.00 12.61
CA ASP A 308 2.85 -8.17 11.61
C ASP A 308 3.40 -6.89 12.22
N ILE A 309 3.96 -7.00 13.41
CA ILE A 309 4.53 -5.85 14.10
C ILE A 309 5.82 -5.44 13.39
N ALA A 310 5.94 -4.15 13.10
CA ALA A 310 7.09 -3.66 12.38
C ALA A 310 8.35 -3.71 13.25
N GLY A 311 9.49 -3.91 12.61
CA GLY A 311 10.77 -3.86 13.27
C GLY A 311 11.07 -5.03 14.19
N GLN A 312 10.25 -6.07 14.16
CA GLN A 312 10.42 -7.23 15.03
C GLN A 312 10.26 -8.48 14.20
N PRO A 313 10.98 -9.54 14.52
CA PRO A 313 10.77 -10.81 13.81
C PRO A 313 9.36 -11.34 14.04
N GLN A 314 9.01 -12.33 13.23
CA GLN A 314 7.65 -12.80 13.11
C GLN A 314 7.52 -14.24 13.61
N ALA A 315 6.55 -14.47 14.49
CA ALA A 315 6.32 -15.82 14.99
C ALA A 315 5.97 -16.76 13.86
N LEU A 316 6.40 -18.00 13.98
CA LEU A 316 6.24 -18.97 12.90
C LEU A 316 5.78 -20.31 13.48
N GLN A 317 5.21 -21.13 12.61
CA GLN A 317 4.97 -22.53 12.94
C GLN A 317 6.23 -23.34 12.67
N LYS A 318 6.23 -24.58 13.16
CA LYS A 318 7.35 -25.47 12.89
C LYS A 318 7.56 -25.68 11.40
N SER A 319 6.53 -25.46 10.60
CA SER A 319 6.68 -25.45 9.15
C SER A 319 7.49 -24.26 8.66
N GLY A 320 7.66 -23.24 9.48
CA GLY A 320 8.31 -22.02 9.07
C GLY A 320 7.36 -20.96 8.54
N ARG A 321 6.14 -21.34 8.18
CA ARG A 321 5.18 -20.36 7.68
C ARG A 321 4.74 -19.42 8.80
N PRO A 322 4.66 -18.12 8.55
CA PRO A 322 4.23 -17.20 9.60
C PRO A 322 2.80 -17.50 10.04
N VAL A 323 2.53 -17.18 11.30
CA VAL A 323 1.25 -17.54 11.90
C VAL A 323 0.14 -16.69 11.31
N LYS A 324 -1.11 -17.11 11.56
CA LYS A 324 -2.30 -16.41 11.08
C LYS A 324 -2.93 -15.67 12.26
N ALA A 325 -2.48 -14.46 12.50
CA ALA A 325 -3.07 -13.64 13.55
C ALA A 325 -4.42 -13.11 13.11
N ILE A 326 -5.25 -12.76 14.10
CA ILE A 326 -6.61 -12.33 13.80
C ILE A 326 -6.60 -11.09 12.91
N ARG A 327 -5.70 -10.14 13.18
CA ARG A 327 -5.62 -8.98 12.31
C ARG A 327 -5.37 -9.39 10.88
N ALA A 328 -4.42 -10.29 10.66
CA ALA A 328 -4.19 -10.79 9.31
C ALA A 328 -5.46 -11.41 8.74
N ARG A 329 -6.21 -12.15 9.55
CA ARG A 329 -7.47 -12.70 9.09
C ARG A 329 -8.37 -11.61 8.55
N LEU A 330 -8.54 -10.53 9.32
CA LEU A 330 -9.55 -9.54 8.95
C LEU A 330 -9.11 -8.69 7.76
N LYS A 331 -7.86 -8.27 7.71
CA LYS A 331 -7.44 -7.35 6.67
C LYS A 331 -7.32 -8.07 5.34
N GLY A 332 -7.04 -7.31 4.29
CA GLY A 332 -6.81 -7.86 2.96
C GLY A 332 -8.10 -8.18 2.24
N LYS A 333 -7.97 -8.39 0.93
CA LYS A 333 -9.12 -8.77 0.12
C LYS A 333 -9.71 -10.08 0.61
N GLU A 334 -8.86 -11.04 0.93
CA GLU A 334 -9.29 -12.32 1.46
C GLU A 334 -9.91 -12.20 2.85
N GLY A 335 -9.67 -11.08 3.54
CA GLY A 335 -10.19 -10.90 4.86
C GLY A 335 -11.70 -10.94 4.89
N ARG A 336 -12.24 -10.87 6.10
CA ARG A 336 -13.68 -11.02 6.26
C ARG A 336 -14.43 -9.90 5.56
N LEU A 337 -14.05 -8.65 5.81
CA LEU A 337 -14.80 -7.54 5.26
C LEU A 337 -14.91 -7.64 3.74
N ARG A 338 -13.80 -7.88 3.06
CA ARG A 338 -13.78 -7.92 1.61
C ARG A 338 -13.84 -9.33 1.06
N GLY A 339 -13.91 -10.35 1.92
CA GLY A 339 -13.87 -11.71 1.46
C GLY A 339 -15.16 -12.48 1.70
N ASN A 340 -15.87 -12.15 2.77
CA ASN A 340 -17.08 -12.87 3.11
C ASN A 340 -18.18 -11.97 3.65
N LEU A 341 -17.99 -10.66 3.70
CA LEU A 341 -19.01 -9.73 4.17
C LEU A 341 -19.59 -8.91 3.03
N MET A 342 -18.75 -8.18 2.29
CA MET A 342 -19.24 -7.48 1.10
C MET A 342 -19.50 -8.46 -0.03
N GLY A 343 -18.50 -9.22 -0.41
CA GLY A 343 -18.63 -10.22 -1.46
C GLY A 343 -18.63 -11.60 -0.83
N LYS A 344 -19.37 -12.50 -1.46
CA LYS A 344 -19.46 -13.87 -0.98
C LYS A 344 -19.96 -14.74 -2.11
N ARG A 345 -19.50 -15.98 -2.13
CA ARG A 345 -19.97 -16.93 -3.13
C ARG A 345 -21.41 -17.26 -2.83
N VAL A 346 -22.27 -17.14 -3.84
CA VAL A 346 -23.71 -17.30 -3.66
C VAL A 346 -24.16 -18.56 -4.37
N ASP A 347 -25.42 -18.91 -4.13
CA ASP A 347 -26.04 -20.07 -4.75
C ASP A 347 -26.95 -19.64 -5.90
N PHE A 348 -27.55 -20.62 -6.56
CA PHE A 348 -28.44 -20.37 -7.67
C PHE A 348 -27.76 -19.47 -8.70
N SER A 349 -26.68 -20.00 -9.29
CA SER A 349 -25.95 -19.28 -10.31
C SER A 349 -25.56 -20.25 -11.40
N ALA A 350 -24.81 -19.74 -12.38
CA ALA A 350 -24.27 -20.59 -13.43
C ALA A 350 -23.28 -19.77 -14.25
N ARG A 351 -22.36 -20.49 -14.87
CA ARG A 351 -21.34 -19.86 -15.70
C ARG A 351 -21.14 -20.73 -16.92
N THR A 352 -21.02 -20.13 -18.09
CA THR A 352 -20.89 -20.90 -19.32
C THR A 352 -20.48 -19.98 -20.45
N VAL A 353 -20.30 -20.58 -21.62
CA VAL A 353 -19.87 -19.83 -22.80
C VAL A 353 -21.07 -19.21 -23.48
N ILE A 354 -20.82 -18.15 -24.24
CA ILE A 354 -21.89 -17.42 -24.90
C ILE A 354 -21.76 -17.57 -26.41
N SER A 355 -22.82 -17.20 -27.11
CA SER A 355 -22.89 -17.33 -28.55
C SER A 355 -23.97 -16.42 -29.09
N GLY A 356 -23.68 -15.77 -30.22
CA GLY A 356 -24.67 -14.93 -30.86
C GLY A 356 -25.82 -15.74 -31.43
N ASP A 357 -26.99 -15.11 -31.47
CA ASP A 357 -28.19 -15.74 -32.03
C ASP A 357 -29.13 -14.63 -32.49
N PRO A 358 -29.14 -14.30 -33.78
CA PRO A 358 -29.97 -13.17 -34.22
C PRO A 358 -31.44 -13.37 -33.98
N ASN A 359 -31.91 -14.60 -33.84
CA ASN A 359 -33.34 -14.88 -33.76
C ASN A 359 -33.88 -14.82 -32.36
N LEU A 360 -33.26 -14.06 -31.46
CA LEU A 360 -33.76 -13.85 -30.11
C LEU A 360 -34.17 -12.40 -29.91
N GLU A 361 -35.35 -12.19 -29.36
CA GLU A 361 -35.76 -10.84 -29.04
C GLU A 361 -34.75 -10.22 -28.08
N LEU A 362 -34.81 -8.89 -27.96
CA LEU A 362 -33.73 -8.16 -27.33
C LEU A 362 -33.52 -8.61 -25.89
N ASP A 363 -34.61 -8.80 -25.14
CA ASP A 363 -34.50 -9.10 -23.72
C ASP A 363 -34.46 -10.59 -23.43
N GLN A 364 -34.44 -11.44 -24.45
CA GLN A 364 -34.43 -12.87 -24.20
C GLN A 364 -33.00 -13.35 -23.97
N VAL A 365 -32.87 -14.64 -23.62
CA VAL A 365 -31.58 -15.25 -23.35
C VAL A 365 -31.73 -16.76 -23.44
N GLY A 366 -30.74 -17.40 -24.04
CA GLY A 366 -30.77 -18.84 -24.19
C GLY A 366 -30.14 -19.55 -23.01
N VAL A 367 -30.88 -20.43 -22.37
CA VAL A 367 -30.40 -21.21 -21.23
C VAL A 367 -30.25 -22.65 -21.67
N PRO A 368 -29.08 -23.24 -21.58
CA PRO A 368 -28.96 -24.68 -21.85
C PRO A 368 -29.88 -25.48 -20.96
N ILE A 369 -30.44 -26.54 -21.54
CA ILE A 369 -31.50 -27.28 -20.86
C ILE A 369 -31.00 -27.86 -19.55
N SER A 370 -29.75 -28.33 -19.51
CA SER A 370 -29.25 -28.93 -18.28
C SER A 370 -29.27 -27.92 -17.14
N ILE A 371 -28.82 -26.70 -17.39
CA ILE A 371 -28.86 -25.69 -16.35
C ILE A 371 -30.29 -25.46 -15.90
N ALA A 372 -31.21 -25.31 -16.85
CA ALA A 372 -32.61 -25.13 -16.49
C ALA A 372 -33.07 -26.25 -15.56
N LYS A 373 -32.71 -27.48 -15.88
CA LYS A 373 -33.09 -28.60 -15.03
C LYS A 373 -32.42 -28.54 -13.68
N THR A 374 -31.24 -27.91 -13.59
CA THR A 374 -30.49 -27.90 -12.35
C THR A 374 -30.95 -26.76 -11.43
N LEU A 375 -30.84 -25.52 -11.90
CA LEU A 375 -31.32 -24.40 -11.12
C LEU A 375 -32.83 -24.55 -10.89
N SER A 376 -33.32 -23.87 -9.86
CA SER A 376 -34.72 -23.95 -9.51
C SER A 376 -35.17 -22.63 -8.91
N TYR A 377 -36.46 -22.34 -9.06
CA TYR A 377 -37.06 -21.13 -8.53
C TYR A 377 -38.27 -21.54 -7.70
N PRO A 378 -38.27 -21.33 -6.38
CA PRO A 378 -39.42 -21.74 -5.60
C PRO A 378 -40.69 -21.05 -6.07
N GLU A 379 -41.79 -21.77 -6.00
CA GLU A 379 -43.09 -21.25 -6.40
C GLU A 379 -44.12 -21.68 -5.36
N THR A 380 -44.99 -20.75 -4.97
CA THR A 380 -46.01 -21.04 -3.99
C THR A 380 -47.24 -21.65 -4.66
N VAL A 381 -47.93 -22.51 -3.92
CA VAL A 381 -49.08 -23.23 -4.45
C VAL A 381 -50.32 -22.38 -4.29
N THR A 382 -51.11 -22.25 -5.36
CA THR A 382 -52.37 -21.52 -5.29
C THR A 382 -53.42 -22.15 -6.18
N GLN A 383 -54.64 -21.63 -6.11
CA GLN A 383 -55.70 -22.09 -6.99
C GLN A 383 -55.38 -21.86 -8.46
N TYR A 384 -54.69 -20.77 -8.79
CA TYR A 384 -54.38 -20.43 -10.17
C TYR A 384 -53.35 -21.37 -10.79
N ASN A 385 -52.60 -22.11 -9.97
CA ASN A 385 -51.50 -22.90 -10.49
C ASN A 385 -51.51 -24.33 -9.99
N ILE A 386 -52.49 -24.70 -9.15
CA ILE A 386 -52.46 -26.01 -8.51
C ILE A 386 -52.37 -27.10 -9.56
N HIS A 387 -53.20 -27.04 -10.58
CA HIS A 387 -53.17 -28.06 -11.62
C HIS A 387 -51.81 -28.06 -12.32
N ARG A 388 -51.33 -26.90 -12.72
CA ARG A 388 -50.09 -26.83 -13.47
C ARG A 388 -48.92 -27.33 -12.63
N LEU A 389 -48.87 -26.92 -11.36
CA LEU A 389 -47.80 -27.37 -10.49
C LEU A 389 -47.87 -28.87 -10.26
N THR A 390 -49.09 -29.41 -10.12
CA THR A 390 -49.22 -30.85 -9.96
C THR A 390 -48.70 -31.58 -11.19
N GLU A 391 -49.01 -31.05 -12.38
CA GLU A 391 -48.44 -31.63 -13.59
C GLU A 391 -46.92 -31.62 -13.52
N TYR A 392 -46.34 -30.49 -13.13
CA TYR A 392 -44.89 -30.42 -13.01
C TYR A 392 -44.37 -31.49 -12.06
N VAL A 393 -45.03 -31.65 -10.92
CA VAL A 393 -44.57 -32.61 -9.93
C VAL A 393 -44.60 -34.01 -10.51
N ARG A 394 -45.70 -34.36 -11.18
CA ARG A 394 -45.79 -35.67 -11.81
C ARG A 394 -44.66 -35.86 -12.82
N ASN A 395 -44.28 -34.79 -13.51
CA ASN A 395 -43.25 -34.89 -14.52
C ASN A 395 -41.92 -35.36 -13.95
N GLY A 396 -41.68 -35.15 -12.66
CA GLY A 396 -40.45 -35.58 -12.04
C GLY A 396 -39.33 -34.59 -12.25
N PRO A 397 -38.23 -34.76 -11.54
CA PRO A 397 -37.12 -33.83 -11.65
C PRO A 397 -36.23 -34.12 -12.85
N ASN A 398 -36.29 -35.34 -13.36
CA ASN A 398 -35.48 -35.71 -14.51
C ASN A 398 -36.12 -35.33 -15.84
N GLU A 399 -37.38 -34.89 -15.83
CA GLU A 399 -38.06 -34.46 -17.04
C GLU A 399 -38.37 -32.96 -16.94
N HIS A 400 -38.11 -32.24 -18.02
CA HIS A 400 -38.40 -30.82 -18.09
C HIS A 400 -39.57 -30.58 -19.03
N PRO A 401 -40.60 -29.83 -18.62
CA PRO A 401 -40.76 -29.16 -17.32
C PRO A 401 -41.02 -30.14 -16.19
N GLY A 402 -40.58 -29.76 -15.00
CA GLY A 402 -40.76 -30.61 -13.82
C GLY A 402 -40.12 -29.94 -12.62
N ALA A 403 -40.41 -30.49 -11.46
CA ALA A 403 -39.98 -29.91 -10.20
C ALA A 403 -38.92 -30.77 -9.56
N LYS A 404 -38.33 -30.25 -8.50
CA LYS A 404 -37.28 -30.93 -7.75
C LYS A 404 -37.66 -31.20 -6.31
N TYR A 405 -38.28 -30.22 -5.64
CA TYR A 405 -38.58 -30.33 -4.22
C TYR A 405 -40.00 -29.88 -3.94
N VAL A 406 -40.54 -30.35 -2.83
CA VAL A 406 -41.79 -29.86 -2.27
C VAL A 406 -41.50 -29.46 -0.83
N ILE A 407 -41.94 -28.27 -0.44
CA ILE A 407 -41.68 -27.73 0.87
C ILE A 407 -43.02 -27.54 1.58
N ARG A 408 -43.15 -28.16 2.74
CA ARG A 408 -44.38 -28.06 3.51
C ARG A 408 -44.51 -26.67 4.12
N ASP A 409 -45.72 -26.39 4.62
CA ASP A 409 -45.96 -25.13 5.31
C ASP A 409 -45.03 -24.93 6.50
N ASN A 410 -44.62 -26.02 7.15
CA ASN A 410 -43.72 -25.96 8.29
C ASN A 410 -42.26 -26.05 7.90
N GLY A 411 -41.95 -26.18 6.61
CA GLY A 411 -40.59 -26.22 6.15
C GLY A 411 -40.05 -27.60 5.86
N ASP A 412 -40.87 -28.65 5.98
CA ASP A 412 -40.40 -29.99 5.64
C ASP A 412 -40.20 -30.11 4.14
N ARG A 413 -39.02 -30.56 3.75
CA ARG A 413 -38.66 -30.73 2.34
C ARG A 413 -38.89 -32.16 1.90
N ILE A 414 -39.17 -32.33 0.61
CA ILE A 414 -39.33 -33.63 0.00
C ILE A 414 -38.40 -33.67 -1.21
N ASP A 415 -37.49 -34.64 -1.23
CA ASP A 415 -36.61 -34.83 -2.37
C ASP A 415 -37.29 -35.79 -3.33
N LEU A 416 -37.80 -35.26 -4.45
CA LEU A 416 -38.53 -36.09 -5.40
C LEU A 416 -37.66 -37.19 -6.00
N ARG A 417 -36.34 -37.07 -5.91
CA ARG A 417 -35.50 -38.15 -6.41
C ARG A 417 -35.73 -39.43 -5.63
N TYR A 418 -35.75 -39.35 -4.30
CA TYR A 418 -35.87 -40.52 -3.45
C TYR A 418 -37.31 -40.83 -3.07
N HIS A 419 -38.26 -40.04 -3.54
CA HIS A 419 -39.68 -40.31 -3.31
C HIS A 419 -40.21 -41.10 -4.50
N LYS A 420 -40.17 -42.42 -4.39
CA LYS A 420 -40.71 -43.30 -5.42
C LYS A 420 -42.23 -43.18 -5.55
N ARG A 421 -42.88 -42.54 -4.58
CA ARG A 421 -44.33 -42.53 -4.47
C ARG A 421 -44.89 -41.16 -4.81
N ALA A 422 -44.29 -40.51 -5.80
CA ALA A 422 -44.74 -39.17 -6.18
C ALA A 422 -46.23 -39.16 -6.54
N GLY A 423 -46.73 -40.25 -7.11
CA GLY A 423 -48.15 -40.35 -7.37
C GLY A 423 -49.00 -40.26 -6.12
N ASP A 424 -48.40 -40.51 -4.95
CA ASP A 424 -49.10 -40.47 -3.68
C ASP A 424 -48.96 -39.12 -2.98
N ILE A 425 -48.81 -38.04 -3.75
CA ILE A 425 -48.61 -36.70 -3.19
C ILE A 425 -49.67 -35.78 -3.77
N VAL A 426 -50.40 -35.09 -2.90
CA VAL A 426 -51.39 -34.09 -3.28
C VAL A 426 -51.02 -32.79 -2.62
N LEU A 427 -50.79 -31.76 -3.44
CA LEU A 427 -50.28 -30.49 -2.93
C LEU A 427 -51.34 -29.79 -2.08
N GLN A 428 -50.85 -28.96 -1.17
CA GLN A 428 -51.71 -28.18 -0.28
C GLN A 428 -51.44 -26.70 -0.51
N TYR A 429 -52.52 -25.93 -0.58
CA TYR A 429 -52.38 -24.49 -0.73
C TYR A 429 -51.41 -23.95 0.31
N GLY A 430 -50.63 -22.96 -0.08
CA GLY A 430 -49.62 -22.38 0.78
C GLY A 430 -48.30 -23.11 0.75
N TRP A 431 -48.23 -24.28 0.14
CA TRP A 431 -46.97 -24.99 0.01
C TRP A 431 -46.14 -24.41 -1.12
N LYS A 432 -44.86 -24.75 -1.13
CA LYS A 432 -43.91 -24.20 -2.07
C LYS A 432 -43.29 -25.32 -2.90
N VAL A 433 -43.21 -25.11 -4.21
CA VAL A 433 -42.65 -26.08 -5.13
C VAL A 433 -41.49 -25.42 -5.86
N GLU A 434 -40.36 -26.13 -5.92
CA GLU A 434 -39.19 -25.64 -6.64
C GLU A 434 -39.25 -26.18 -8.05
N ARG A 435 -39.97 -25.49 -8.93
CA ARG A 435 -40.05 -25.92 -10.30
C ARG A 435 -38.77 -25.58 -11.05
N HIS A 436 -38.57 -26.23 -12.18
CA HIS A 436 -37.43 -25.92 -13.01
C HIS A 436 -37.52 -24.47 -13.50
N LEU A 437 -36.41 -23.99 -14.05
CA LEU A 437 -36.37 -22.66 -14.64
C LEU A 437 -37.10 -22.72 -15.98
N MET A 438 -38.33 -22.24 -16.02
CA MET A 438 -39.15 -22.34 -17.22
C MET A 438 -39.12 -21.03 -18.03
N ASP A 439 -39.74 -21.08 -19.19
CA ASP A 439 -39.77 -19.96 -20.11
C ASP A 439 -40.25 -18.69 -19.41
N ASP A 440 -39.88 -17.54 -20.00
CA ASP A 440 -40.34 -16.23 -19.58
C ASP A 440 -39.91 -15.83 -18.18
N ASP A 441 -39.18 -16.67 -17.49
CA ASP A 441 -38.75 -16.26 -16.17
C ASP A 441 -37.72 -15.13 -16.30
N PRO A 442 -37.71 -14.18 -15.36
CA PRO A 442 -36.68 -13.14 -15.40
C PRO A 442 -35.47 -13.57 -14.58
N VAL A 443 -34.29 -13.50 -15.21
CA VAL A 443 -33.05 -13.89 -14.55
C VAL A 443 -32.00 -12.85 -14.81
N LEU A 444 -31.33 -12.45 -13.74
CA LEU A 444 -30.19 -11.57 -13.83
C LEU A 444 -29.15 -12.15 -14.78
N PHE A 445 -28.21 -11.31 -15.18
CA PHE A 445 -27.21 -11.75 -16.15
C PHE A 445 -26.04 -10.78 -16.08
N ASN A 446 -24.85 -11.29 -15.79
CA ASN A 446 -23.70 -10.44 -15.52
C ASN A 446 -22.49 -10.91 -16.30
N ARG A 447 -21.59 -9.96 -16.56
CA ARG A 447 -20.26 -10.25 -17.07
C ARG A 447 -19.22 -9.63 -16.17
N GLN A 448 -18.21 -10.40 -15.82
CA GLN A 448 -17.12 -9.80 -15.06
C GLN A 448 -16.05 -9.30 -16.01
N PRO A 449 -15.46 -8.12 -15.76
CA PRO A 449 -15.77 -7.17 -14.70
C PRO A 449 -17.02 -6.38 -14.99
N SER A 450 -17.72 -5.91 -13.96
CA SER A 450 -18.94 -5.14 -14.13
C SER A 450 -18.63 -3.67 -13.88
N LEU A 451 -18.14 -3.01 -14.92
CA LEU A 451 -17.72 -1.61 -14.77
C LEU A 451 -18.91 -0.72 -14.41
N HIS A 452 -19.92 -0.67 -15.27
CA HIS A 452 -21.03 0.25 -15.11
C HIS A 452 -22.35 -0.49 -15.13
N LYS A 453 -23.37 0.14 -14.54
CA LYS A 453 -24.62 -0.54 -14.26
C LYS A 453 -25.22 -1.22 -15.47
N MET A 454 -24.83 -0.84 -16.68
CA MET A 454 -25.28 -1.56 -17.85
C MET A 454 -24.58 -2.90 -18.00
N SER A 455 -23.56 -3.17 -17.20
CA SER A 455 -22.82 -4.41 -17.30
C SER A 455 -23.59 -5.61 -16.78
N MET A 456 -24.83 -5.43 -16.34
CA MET A 456 -25.61 -6.53 -15.79
C MET A 456 -27.09 -6.12 -15.78
N MET A 457 -27.91 -6.82 -16.54
CA MET A 457 -29.33 -6.54 -16.63
C MET A 457 -30.11 -7.82 -16.43
N ALA A 458 -31.43 -7.70 -16.44
CA ALA A 458 -32.33 -8.85 -16.28
C ALA A 458 -32.98 -9.20 -17.61
N HIS A 459 -32.82 -10.45 -18.03
CA HIS A 459 -33.34 -10.94 -19.30
C HIS A 459 -34.54 -11.84 -19.04
N ARG A 460 -35.11 -12.36 -20.13
CA ARG A 460 -36.20 -13.31 -20.08
C ARG A 460 -35.72 -14.65 -20.64
N VAL A 461 -35.96 -15.72 -19.90
CA VAL A 461 -35.35 -17.01 -20.21
C VAL A 461 -36.11 -17.66 -21.36
N LYS A 462 -35.38 -18.41 -22.19
CA LYS A 462 -35.96 -19.21 -23.26
C LYS A 462 -35.11 -20.46 -23.41
N VAL A 463 -35.57 -21.56 -22.82
CA VAL A 463 -34.76 -22.77 -22.75
C VAL A 463 -34.48 -23.28 -24.15
N MET A 464 -33.22 -23.59 -24.44
CA MET A 464 -32.81 -24.16 -25.72
C MET A 464 -31.77 -25.24 -25.48
N PRO A 465 -31.60 -26.15 -26.44
CA PRO A 465 -30.61 -27.22 -26.28
C PRO A 465 -29.17 -26.75 -26.41
N TYR A 466 -28.24 -27.69 -26.36
CA TYR A 466 -26.81 -27.38 -26.40
C TYR A 466 -26.39 -26.65 -25.14
N SER A 467 -25.10 -26.36 -25.01
CA SER A 467 -24.56 -25.95 -23.71
C SER A 467 -23.89 -24.58 -23.74
N THR A 468 -24.56 -23.58 -24.33
CA THR A 468 -24.06 -22.23 -24.32
C THR A 468 -25.18 -21.26 -24.09
N PHE A 469 -24.91 -20.21 -23.31
CA PHE A 469 -25.84 -19.09 -23.24
C PHE A 469 -25.86 -18.39 -24.60
N ARG A 470 -27.01 -17.83 -24.94
CA ARG A 470 -27.17 -17.16 -26.22
C ARG A 470 -27.74 -15.77 -25.99
N LEU A 471 -27.28 -14.82 -26.78
CA LEU A 471 -27.66 -13.43 -26.63
C LEU A 471 -28.00 -12.84 -27.98
N ASN A 472 -28.79 -11.77 -27.95
CA ASN A 472 -28.97 -10.98 -29.15
C ASN A 472 -27.71 -10.16 -29.41
N LEU A 473 -27.24 -10.21 -30.64
CA LEU A 473 -25.96 -9.60 -30.95
C LEU A 473 -25.89 -8.15 -30.54
N SER A 474 -27.02 -7.45 -30.51
CA SER A 474 -27.00 -6.04 -30.15
C SER A 474 -26.54 -5.83 -28.71
N VAL A 475 -27.07 -6.63 -27.78
CA VAL A 475 -26.84 -6.35 -26.36
C VAL A 475 -25.42 -6.63 -25.91
N THR A 476 -24.54 -7.09 -26.80
CA THR A 476 -23.15 -7.24 -26.40
C THR A 476 -22.54 -5.89 -26.05
N SER A 477 -22.81 -4.87 -26.87
CA SER A 477 -22.17 -3.57 -26.68
C SER A 477 -22.06 -3.19 -25.21
N PRO A 478 -23.15 -3.08 -24.45
CA PRO A 478 -23.00 -2.74 -23.03
C PRO A 478 -22.15 -3.73 -22.28
N TYR A 479 -22.29 -5.03 -22.55
CA TYR A 479 -21.45 -6.01 -21.89
C TYR A 479 -20.01 -5.93 -22.34
N ASN A 480 -19.73 -5.20 -23.42
CA ASN A 480 -18.39 -5.15 -23.98
C ASN A 480 -17.87 -6.58 -24.17
N ALA A 481 -18.73 -7.44 -24.68
CA ALA A 481 -18.46 -8.86 -24.75
C ALA A 481 -18.37 -9.30 -26.21
N ASP A 482 -17.54 -10.31 -26.44
CA ASP A 482 -17.41 -10.93 -27.75
C ASP A 482 -17.48 -12.44 -27.57
N PHE A 483 -17.88 -13.13 -28.63
CA PHE A 483 -18.11 -14.56 -28.60
C PHE A 483 -16.83 -15.37 -28.78
N ASP A 484 -15.68 -14.79 -28.49
CA ASP A 484 -14.40 -15.47 -28.68
C ASP A 484 -13.99 -16.28 -27.45
N GLY A 485 -14.95 -16.70 -26.63
CA GLY A 485 -14.65 -17.49 -25.45
C GLY A 485 -14.97 -16.80 -24.15
N ASP A 486 -15.65 -15.65 -24.24
CA ASP A 486 -16.05 -14.96 -23.02
C ASP A 486 -17.16 -15.71 -22.30
N GLU A 487 -17.19 -15.54 -20.99
CA GLU A 487 -18.16 -16.20 -20.13
C GLU A 487 -18.95 -15.15 -19.38
N MET A 488 -20.23 -15.43 -19.13
CA MET A 488 -21.05 -14.58 -18.28
C MET A 488 -21.83 -15.42 -17.29
N ASN A 489 -22.17 -14.79 -16.17
CA ASN A 489 -22.81 -15.46 -15.06
C ASN A 489 -24.30 -15.23 -15.13
N LEU A 490 -25.06 -16.08 -14.46
CA LEU A 490 -26.50 -15.96 -14.41
C LEU A 490 -26.99 -16.21 -12.99
N HIS A 491 -27.57 -15.18 -12.38
CA HIS A 491 -28.09 -15.28 -11.02
C HIS A 491 -29.61 -15.29 -11.08
N VAL A 492 -30.21 -16.28 -10.43
CA VAL A 492 -31.65 -16.48 -10.47
C VAL A 492 -32.24 -15.83 -9.23
N PRO A 493 -33.40 -15.18 -9.31
CA PRO A 493 -34.09 -14.79 -8.08
C PRO A 493 -34.65 -16.01 -7.37
N GLN A 494 -35.03 -15.82 -6.11
CA GLN A 494 -35.56 -16.89 -5.29
C GLN A 494 -36.76 -16.42 -4.48
N SER A 495 -37.60 -15.57 -5.04
CA SER A 495 -38.79 -15.09 -4.36
C SER A 495 -39.72 -14.50 -5.41
N GLU A 496 -40.75 -13.81 -4.95
CA GLU A 496 -41.65 -13.10 -5.85
C GLU A 496 -41.34 -11.61 -5.93
N GLU A 497 -41.04 -10.98 -4.79
CA GLU A 497 -40.62 -9.58 -4.84
C GLU A 497 -39.42 -9.43 -5.74
N THR A 498 -38.38 -10.22 -5.50
CA THR A 498 -37.17 -10.12 -6.30
C THR A 498 -37.50 -10.18 -7.79
N ARG A 499 -38.43 -11.04 -8.17
CA ARG A 499 -38.86 -11.07 -9.56
C ARG A 499 -39.45 -9.73 -9.97
N ALA A 500 -40.21 -9.11 -9.07
CA ALA A 500 -40.78 -7.81 -9.39
C ALA A 500 -39.68 -6.77 -9.65
N GLU A 501 -38.71 -6.67 -8.74
CA GLU A 501 -37.63 -5.70 -8.96
C GLU A 501 -36.89 -5.99 -10.25
N LEU A 502 -36.56 -7.26 -10.50
CA LEU A 502 -35.82 -7.58 -11.72
C LEU A 502 -36.61 -7.18 -12.95
N SER A 503 -37.91 -7.46 -12.95
CA SER A 503 -38.74 -7.14 -14.10
C SER A 503 -38.89 -5.64 -14.31
N GLN A 504 -38.93 -4.85 -13.23
CA GLN A 504 -39.31 -3.45 -13.37
C GLN A 504 -38.14 -2.49 -13.39
N LEU A 505 -36.98 -2.86 -12.86
CA LEU A 505 -35.86 -1.95 -12.76
C LEU A 505 -34.67 -2.35 -13.62
N CYS A 506 -34.47 -3.64 -13.84
CA CYS A 506 -33.30 -4.13 -14.55
C CYS A 506 -33.64 -4.81 -15.88
N ALA A 507 -34.85 -4.59 -16.39
CA ALA A 507 -35.19 -5.15 -17.69
C ALA A 507 -34.40 -4.46 -18.78
N VAL A 508 -33.90 -5.25 -19.73
CA VAL A 508 -33.01 -4.71 -20.76
C VAL A 508 -33.62 -3.50 -21.45
N PRO A 509 -34.90 -3.50 -21.84
CA PRO A 509 -35.42 -2.32 -22.54
C PRO A 509 -35.28 -1.04 -21.75
N LEU A 510 -35.35 -1.10 -20.41
CA LEU A 510 -35.28 0.10 -19.61
C LEU A 510 -33.86 0.64 -19.47
N GLN A 511 -32.87 -0.03 -20.06
CA GLN A 511 -31.48 0.40 -19.99
C GLN A 511 -30.96 0.86 -21.35
N ILE A 512 -31.85 1.18 -22.28
CA ILE A 512 -31.41 1.50 -23.63
C ILE A 512 -30.64 2.82 -23.65
N VAL A 513 -31.07 3.78 -22.84
CA VAL A 513 -30.43 5.10 -22.79
C VAL A 513 -29.57 5.16 -21.55
N SER A 514 -28.31 5.54 -21.73
CA SER A 514 -27.36 5.52 -20.63
C SER A 514 -27.29 6.88 -19.95
N PRO A 515 -27.52 6.96 -18.63
CA PRO A 515 -27.40 8.26 -17.96
C PRO A 515 -26.01 8.83 -18.01
N GLN A 516 -24.99 8.03 -18.31
CA GLN A 516 -23.64 8.56 -18.37
C GLN A 516 -23.55 9.70 -19.38
N SER A 517 -24.00 9.46 -20.61
CA SER A 517 -23.95 10.48 -21.65
C SER A 517 -25.31 10.65 -22.33
N ASN A 518 -26.40 10.39 -21.62
CA ASN A 518 -27.75 10.60 -22.12
C ASN A 518 -27.89 10.21 -23.58
N LYS A 519 -27.32 9.08 -23.96
CA LYS A 519 -27.40 8.60 -25.33
C LYS A 519 -27.69 7.12 -25.33
N PRO A 520 -28.25 6.58 -26.41
CA PRO A 520 -28.51 5.15 -26.46
C PRO A 520 -27.21 4.36 -26.32
N VAL A 521 -27.31 3.22 -25.64
CA VAL A 521 -26.12 2.42 -25.40
C VAL A 521 -25.99 1.24 -26.37
N MET A 522 -27.08 0.55 -26.69
CA MET A 522 -27.05 -0.52 -27.68
C MET A 522 -27.51 0.00 -29.03
N GLY A 523 -27.16 -0.75 -30.07
CA GLY A 523 -27.49 -0.34 -31.42
C GLY A 523 -27.28 -1.50 -32.37
N ILE A 524 -27.31 -1.17 -33.65
CA ILE A 524 -27.10 -2.16 -34.70
C ILE A 524 -25.60 -2.30 -34.92
N VAL A 525 -25.10 -3.53 -34.91
CA VAL A 525 -23.67 -3.77 -34.95
C VAL A 525 -23.36 -4.88 -35.94
N GLN A 526 -22.18 -4.77 -36.54
CA GLN A 526 -21.62 -5.84 -37.36
C GLN A 526 -22.49 -6.13 -38.57
N ASP A 527 -22.84 -7.40 -38.78
CA ASP A 527 -23.45 -7.78 -40.04
C ASP A 527 -24.74 -7.02 -40.29
N THR A 528 -25.55 -6.84 -39.27
CA THR A 528 -26.80 -6.12 -39.48
C THR A 528 -26.54 -4.71 -39.97
N LEU A 529 -25.54 -4.03 -39.41
CA LEU A 529 -25.23 -2.68 -39.84
C LEU A 529 -24.70 -2.65 -41.27
N CYS A 530 -23.69 -3.48 -41.56
CA CYS A 530 -23.11 -3.50 -42.89
C CYS A 530 -24.10 -4.03 -43.92
N GLY A 531 -25.19 -4.64 -43.47
CA GLY A 531 -26.20 -5.13 -44.38
C GLY A 531 -27.22 -4.06 -44.65
N VAL A 532 -27.68 -3.39 -43.60
CA VAL A 532 -28.65 -2.32 -43.79
C VAL A 532 -28.04 -1.21 -44.61
N ARG A 533 -26.74 -0.94 -44.46
CA ARG A 533 -26.14 0.11 -45.28
C ARG A 533 -26.30 -0.19 -46.76
N LYS A 534 -26.06 -1.43 -47.17
CA LYS A 534 -26.27 -1.78 -48.57
C LYS A 534 -27.75 -1.81 -48.93
N MET A 535 -28.58 -2.34 -48.03
CA MET A 535 -30.00 -2.54 -48.36
C MET A 535 -30.69 -1.23 -48.69
N THR A 536 -30.24 -0.13 -48.08
CA THR A 536 -30.84 1.17 -48.33
C THR A 536 -30.14 1.94 -49.42
N LEU A 537 -29.15 1.34 -50.07
CA LEU A 537 -28.56 1.99 -51.24
C LEU A 537 -29.64 2.27 -52.27
N ARG A 538 -29.51 3.41 -52.94
CA ARG A 538 -30.59 3.85 -53.82
C ARG A 538 -30.92 2.80 -54.86
N ASP A 539 -29.94 1.99 -55.27
CA ASP A 539 -30.07 1.10 -56.42
C ASP A 539 -30.29 -0.36 -56.02
N THR A 540 -31.06 -0.62 -54.97
CA THR A 540 -31.42 -1.98 -54.58
C THR A 540 -32.92 -2.14 -54.77
N PHE A 541 -33.32 -3.19 -55.48
CA PHE A 541 -34.72 -3.49 -55.69
C PHE A 541 -34.95 -4.96 -55.35
N ILE A 542 -36.19 -5.27 -54.96
CA ILE A 542 -36.54 -6.59 -54.48
C ILE A 542 -37.76 -7.08 -55.25
N GLU A 543 -37.64 -8.27 -55.84
CA GLU A 543 -38.77 -8.83 -56.56
C GLU A 543 -39.90 -9.14 -55.60
N TYR A 544 -41.05 -9.52 -56.16
CA TYR A 544 -42.26 -9.60 -55.36
C TYR A 544 -42.16 -10.70 -54.31
N GLU A 545 -41.81 -11.92 -54.71
CA GLU A 545 -41.86 -13.05 -53.78
C GLU A 545 -40.93 -12.83 -52.59
N GLN A 546 -39.72 -12.33 -52.85
CA GLN A 546 -38.80 -12.05 -51.76
C GLN A 546 -39.43 -11.09 -50.76
N VAL A 547 -40.03 -10.00 -51.25
CA VAL A 547 -40.69 -9.07 -50.35
C VAL A 547 -41.79 -9.77 -49.58
N MET A 548 -42.56 -10.59 -50.28
CA MET A 548 -43.65 -11.33 -49.62
C MET A 548 -43.10 -12.07 -48.42
N ASN A 549 -41.94 -12.71 -48.59
CA ASN A 549 -41.32 -13.37 -47.45
C ASN A 549 -40.92 -12.37 -46.37
N MET A 550 -40.17 -11.34 -46.75
CA MET A 550 -39.61 -10.45 -45.75
C MET A 550 -40.70 -9.85 -44.86
N LEU A 551 -41.76 -9.33 -45.46
CA LEU A 551 -42.85 -8.78 -44.65
C LEU A 551 -43.34 -9.80 -43.65
N PHE A 552 -43.23 -11.09 -43.97
CA PHE A 552 -43.63 -12.10 -42.99
C PHE A 552 -42.59 -12.27 -41.90
N TRP A 553 -41.34 -11.87 -42.15
CA TRP A 553 -40.30 -12.00 -41.13
C TRP A 553 -40.45 -11.00 -40.01
N VAL A 554 -41.15 -9.89 -40.21
CA VAL A 554 -41.31 -8.87 -39.19
C VAL A 554 -42.45 -9.29 -38.26
N PRO A 555 -42.18 -9.62 -36.99
CA PRO A 555 -43.27 -10.03 -36.11
C PRO A 555 -44.36 -8.98 -35.95
N SER A 556 -44.00 -7.71 -35.87
CA SER A 556 -44.97 -6.65 -35.61
C SER A 556 -45.58 -6.11 -36.89
N TRP A 557 -45.55 -6.88 -37.97
CA TRP A 557 -46.07 -6.39 -39.23
C TRP A 557 -47.59 -6.19 -39.15
N ASP A 558 -48.06 -5.08 -39.70
CA ASP A 558 -49.49 -4.80 -39.71
C ASP A 558 -50.27 -5.68 -40.67
N GLY A 559 -49.58 -6.39 -41.56
CA GLY A 559 -50.25 -7.30 -42.47
C GLY A 559 -50.76 -6.66 -43.74
N VAL A 560 -50.21 -5.51 -44.13
CA VAL A 560 -50.65 -4.80 -45.32
C VAL A 560 -49.45 -4.53 -46.20
N VAL A 561 -49.34 -5.26 -47.30
CA VAL A 561 -48.18 -5.10 -48.18
C VAL A 561 -48.22 -3.71 -48.78
N PRO A 562 -47.16 -2.92 -48.67
CA PRO A 562 -47.16 -1.60 -49.29
C PRO A 562 -47.09 -1.70 -50.80
N GLN A 563 -47.60 -0.67 -51.45
CA GLN A 563 -47.57 -0.64 -52.90
C GLN A 563 -46.13 -0.58 -53.38
N PRO A 564 -45.79 -1.31 -54.44
CA PRO A 564 -44.40 -1.31 -54.91
C PRO A 564 -43.97 0.05 -55.41
N ALA A 565 -42.67 0.31 -55.30
CA ALA A 565 -42.13 1.56 -55.81
C ALA A 565 -42.39 1.67 -57.31
N ILE A 566 -42.24 0.58 -58.03
CA ILE A 566 -42.51 0.54 -59.46
C ILE A 566 -43.70 -0.39 -59.68
N LEU A 567 -44.69 0.09 -60.43
CA LEU A 567 -45.85 -0.71 -60.80
C LEU A 567 -45.77 -1.22 -62.23
N LYS A 568 -44.80 -0.75 -63.01
CA LYS A 568 -44.71 -1.14 -64.41
C LYS A 568 -43.29 -0.89 -64.87
N PRO A 569 -42.71 -1.75 -65.71
CA PRO A 569 -43.30 -2.96 -66.29
C PRO A 569 -43.17 -4.19 -65.40
N LYS A 570 -42.57 -4.06 -64.23
CA LYS A 570 -42.44 -5.17 -63.31
C LYS A 570 -42.54 -4.65 -61.88
N PRO A 571 -43.44 -5.19 -61.05
CA PRO A 571 -43.53 -4.72 -59.66
C PRO A 571 -42.18 -4.86 -58.97
N LEU A 572 -41.77 -3.81 -58.26
CA LEU A 572 -40.52 -3.77 -57.54
C LEU A 572 -40.69 -2.99 -56.26
N TRP A 573 -39.86 -3.29 -55.27
CA TRP A 573 -39.83 -2.56 -54.01
C TRP A 573 -38.41 -2.05 -53.78
N THR A 574 -38.31 -0.83 -53.27
CA THR A 574 -37.02 -0.32 -52.85
C THR A 574 -36.81 -0.60 -51.38
N GLY A 575 -35.64 -1.15 -51.06
CA GLY A 575 -35.39 -1.62 -49.72
C GLY A 575 -35.83 -0.64 -48.66
N LYS A 576 -35.67 0.65 -48.92
CA LYS A 576 -36.06 1.65 -47.93
C LYS A 576 -37.50 1.43 -47.49
N GLN A 577 -38.37 1.00 -48.39
CA GLN A 577 -39.75 0.70 -48.01
C GLN A 577 -39.79 -0.41 -46.97
N LEU A 578 -39.05 -1.49 -47.22
CA LEU A 578 -39.03 -2.59 -46.27
C LEU A 578 -38.52 -2.12 -44.93
N LEU A 579 -37.42 -1.36 -44.93
CA LEU A 579 -36.91 -0.85 -43.67
C LEU A 579 -37.96 -0.02 -42.95
N SER A 580 -38.65 0.85 -43.69
CA SER A 580 -39.73 1.63 -43.11
C SER A 580 -40.78 0.74 -42.48
N ILE A 581 -41.00 -0.45 -43.04
CA ILE A 581 -41.94 -1.36 -42.41
C ILE A 581 -41.53 -1.64 -40.98
N ALA A 582 -40.23 -1.82 -40.75
CA ALA A 582 -39.75 -2.08 -39.40
C ALA A 582 -39.99 -0.87 -38.50
N ILE A 583 -39.68 0.33 -38.98
CA ILE A 583 -39.82 1.52 -38.15
C ILE A 583 -41.29 1.74 -37.82
N PRO A 584 -41.67 1.96 -36.57
CA PRO A 584 -43.08 2.14 -36.25
C PRO A 584 -43.64 3.38 -36.90
N SER A 585 -44.95 3.55 -36.74
CA SER A 585 -45.63 4.69 -37.36
C SER A 585 -45.34 5.98 -36.61
N GLY A 586 -45.60 7.09 -37.27
CA GLY A 586 -45.56 8.38 -36.61
C GLY A 586 -44.23 8.72 -35.98
N ILE A 587 -43.13 8.49 -36.69
CA ILE A 587 -41.80 8.83 -36.22
C ILE A 587 -41.22 9.86 -37.16
N HIS A 588 -40.68 10.94 -36.60
CA HIS A 588 -40.09 12.01 -37.38
C HIS A 588 -38.61 12.13 -37.05
N LEU A 589 -37.80 12.23 -38.09
CA LEU A 589 -36.36 12.36 -37.92
C LEU A 589 -35.82 13.04 -39.16
N GLN A 590 -34.73 13.79 -38.97
CA GLN A 590 -34.09 14.45 -40.09
C GLN A 590 -32.70 14.86 -39.68
N ARG A 591 -31.82 14.97 -40.66
CA ARG A 591 -30.43 15.29 -40.40
C ARG A 591 -29.84 15.92 -41.65
N THR A 592 -28.86 16.79 -41.45
CA THR A 592 -28.15 17.45 -42.54
C THR A 592 -26.71 16.96 -42.53
N ASP A 593 -26.21 16.58 -43.70
CA ASP A 593 -24.84 16.08 -43.83
C ASP A 593 -24.12 16.91 -44.89
N GLY A 594 -23.03 17.56 -44.48
CA GLY A 594 -22.20 18.27 -45.42
C GLY A 594 -22.92 19.32 -46.22
N GLY A 595 -23.83 20.07 -45.61
CA GLY A 595 -24.54 21.10 -46.36
C GLY A 595 -25.29 20.55 -47.54
N ASN A 596 -25.89 19.37 -47.40
CA ASN A 596 -26.62 18.77 -48.51
C ASN A 596 -27.90 19.53 -48.79
N SER A 597 -28.27 19.57 -50.07
CA SER A 597 -29.56 20.10 -50.46
C SER A 597 -30.64 19.09 -50.08
N LEU A 598 -31.88 19.39 -50.46
CA LEU A 598 -32.99 18.48 -50.20
C LEU A 598 -33.19 17.46 -51.30
N LEU A 599 -32.41 17.54 -52.37
CA LEU A 599 -32.42 16.48 -53.38
C LEU A 599 -31.41 15.39 -53.08
N SER A 600 -30.54 15.60 -52.11
CA SER A 600 -29.62 14.57 -51.64
C SER A 600 -29.03 13.80 -52.80
N PRO A 601 -28.40 14.47 -53.76
CA PRO A 601 -27.83 13.73 -54.90
C PRO A 601 -26.85 12.66 -54.47
N LYS A 602 -26.03 12.94 -53.46
CA LYS A 602 -25.09 11.94 -52.96
C LYS A 602 -25.75 10.94 -52.02
N ASP A 603 -27.01 11.18 -51.64
CA ASP A 603 -27.79 10.30 -50.79
C ASP A 603 -27.37 10.35 -49.33
N ASN A 604 -26.64 11.36 -48.91
CA ASN A 604 -26.33 11.54 -47.50
C ASN A 604 -27.54 12.18 -46.83
N GLY A 605 -27.40 12.53 -45.55
CA GLY A 605 -28.52 13.08 -44.81
C GLY A 605 -29.63 12.06 -44.66
N MET A 606 -30.57 12.38 -43.78
CA MET A 606 -31.63 11.45 -43.44
C MET A 606 -32.94 12.20 -43.30
N LEU A 607 -34.03 11.47 -43.50
CA LEU A 607 -35.38 12.04 -43.40
C LEU A 607 -36.36 10.91 -43.28
N ILE A 608 -37.16 10.93 -42.21
CA ILE A 608 -38.21 9.95 -42.03
C ILE A 608 -39.48 10.69 -41.66
N VAL A 609 -40.57 10.34 -42.34
CA VAL A 609 -41.85 11.00 -42.16
C VAL A 609 -42.88 9.94 -41.80
N ASP A 610 -43.47 10.07 -40.62
CA ASP A 610 -44.48 9.13 -40.16
C ASP A 610 -43.98 7.70 -40.29
N GLY A 611 -42.72 7.48 -39.89
CA GLY A 611 -42.16 6.15 -39.97
C GLY A 611 -42.01 5.63 -41.38
N LYS A 612 -41.52 6.47 -42.30
CA LYS A 612 -41.24 6.06 -43.66
C LYS A 612 -39.97 6.77 -44.12
N VAL A 613 -39.10 6.04 -44.81
CA VAL A 613 -37.83 6.60 -45.22
C VAL A 613 -38.01 7.35 -46.53
N MET A 614 -37.95 8.68 -46.48
CA MET A 614 -38.00 9.48 -47.68
C MET A 614 -36.73 9.36 -48.51
N PHE A 615 -35.57 9.43 -47.88
CA PHE A 615 -34.33 9.37 -48.64
C PHE A 615 -33.16 9.21 -47.69
N GLY A 616 -32.02 8.85 -48.26
CA GLY A 616 -30.78 8.79 -47.51
C GLY A 616 -30.35 7.38 -47.19
N VAL A 617 -29.05 7.16 -47.14
CA VAL A 617 -28.51 5.86 -46.75
C VAL A 617 -28.62 5.71 -45.24
N VAL A 618 -29.13 4.58 -44.79
CA VAL A 618 -29.17 4.25 -43.37
C VAL A 618 -27.85 3.57 -43.01
N ASP A 619 -27.18 4.07 -41.98
CA ASP A 619 -25.85 3.58 -41.65
C ASP A 619 -25.56 3.93 -40.19
N LYS A 620 -24.29 3.85 -39.81
CA LYS A 620 -23.90 4.10 -38.43
C LYS A 620 -24.50 5.40 -37.90
N LYS A 621 -24.36 6.48 -38.65
CA LYS A 621 -24.72 7.79 -38.14
C LYS A 621 -26.22 7.93 -37.90
N THR A 622 -27.04 6.98 -38.36
CA THR A 622 -28.48 7.06 -38.19
C THR A 622 -28.99 6.03 -37.19
N VAL A 623 -28.69 4.75 -37.40
CA VAL A 623 -29.18 3.70 -36.51
C VAL A 623 -28.19 3.38 -35.40
N GLY A 624 -26.94 3.77 -35.53
CA GLY A 624 -25.95 3.49 -34.51
C GLY A 624 -26.39 4.01 -33.15
N SER A 625 -25.63 3.62 -32.14
CA SER A 625 -25.95 4.00 -30.77
C SER A 625 -25.87 5.51 -30.56
N GLY A 626 -25.24 6.24 -31.47
CA GLY A 626 -25.00 7.65 -31.23
C GLY A 626 -26.29 8.40 -30.92
N GLY A 627 -26.16 9.41 -30.06
CA GLY A 627 -27.32 10.19 -29.69
C GLY A 627 -27.95 10.87 -30.88
N GLY A 628 -29.23 11.20 -30.75
CA GLY A 628 -29.97 11.76 -31.84
C GLY A 628 -30.24 10.78 -32.96
N GLY A 629 -29.90 9.51 -32.79
CA GLY A 629 -30.18 8.50 -33.77
C GLY A 629 -31.60 8.00 -33.67
N LEU A 630 -31.94 7.10 -34.58
CA LEU A 630 -33.30 6.59 -34.63
C LEU A 630 -33.69 5.95 -33.30
N ILE A 631 -32.77 5.20 -32.70
CA ILE A 631 -33.09 4.49 -31.47
C ILE A 631 -33.49 5.48 -30.39
N HIS A 632 -32.72 6.58 -30.27
CA HIS A 632 -33.04 7.58 -29.26
C HIS A 632 -34.45 8.09 -29.46
N THR A 633 -34.82 8.43 -30.69
CA THR A 633 -36.14 8.97 -30.96
C THR A 633 -37.22 7.96 -30.62
N VAL A 634 -37.09 6.74 -31.11
CA VAL A 634 -38.11 5.74 -30.87
C VAL A 634 -38.29 5.53 -29.37
N MET A 635 -37.17 5.42 -28.65
CA MET A 635 -37.26 5.26 -27.20
C MET A 635 -38.02 6.40 -26.56
N ARG A 636 -37.61 7.63 -26.85
CA ARG A 636 -38.23 8.77 -26.17
C ARG A 636 -39.67 8.97 -26.59
N GLU A 637 -40.10 8.38 -27.71
CA GLU A 637 -41.46 8.56 -28.18
C GLU A 637 -42.39 7.45 -27.70
N LYS A 638 -42.11 6.21 -28.06
CA LYS A 638 -43.06 5.13 -27.86
C LYS A 638 -42.80 4.32 -26.60
N GLY A 639 -41.61 4.42 -26.02
CA GLY A 639 -41.30 3.72 -24.79
C GLY A 639 -40.26 2.64 -24.98
N PRO A 640 -40.06 1.81 -23.96
CA PRO A 640 -39.04 0.77 -24.06
C PRO A 640 -39.44 -0.39 -24.96
N LYS A 641 -40.67 -0.89 -24.79
CA LYS A 641 -41.07 -2.12 -25.46
C LYS A 641 -40.99 -1.95 -26.97
N ILE A 642 -41.47 -0.81 -27.47
CA ILE A 642 -41.44 -0.59 -28.90
C ILE A 642 -40.00 -0.52 -29.40
N CYS A 643 -39.10 0.06 -28.59
CA CYS A 643 -37.71 0.12 -29.01
C CYS A 643 -37.10 -1.26 -29.12
N ALA A 644 -37.35 -2.12 -28.14
CA ALA A 644 -36.83 -3.48 -28.24
C ALA A 644 -37.39 -4.18 -29.47
N GLU A 645 -38.69 -4.02 -29.71
CA GLU A 645 -39.28 -4.64 -30.89
C GLU A 645 -38.65 -4.10 -32.16
N LEU A 646 -38.28 -2.82 -32.16
CA LEU A 646 -37.60 -2.25 -33.31
C LEU A 646 -36.26 -2.93 -33.54
N PHE A 647 -35.48 -3.10 -32.48
CA PHE A 647 -34.21 -3.80 -32.61
C PHE A 647 -34.42 -5.15 -33.26
N GLY A 648 -35.34 -5.94 -32.71
CA GLY A 648 -35.57 -7.27 -33.24
C GLY A 648 -36.02 -7.23 -34.70
N ASN A 649 -36.95 -6.33 -35.02
CA ASN A 649 -37.47 -6.27 -36.38
C ASN A 649 -36.36 -5.99 -37.37
N ILE A 650 -35.57 -4.94 -37.10
CA ILE A 650 -34.55 -4.55 -38.05
C ILE A 650 -33.53 -5.67 -38.22
N GLN A 651 -33.10 -6.27 -37.11
CA GLN A 651 -32.16 -7.37 -37.26
C GLN A 651 -32.73 -8.47 -38.13
N LYS A 652 -33.97 -8.88 -37.86
CA LYS A 652 -34.54 -9.97 -38.64
C LYS A 652 -34.54 -9.63 -40.13
N VAL A 653 -35.05 -8.45 -40.48
CA VAL A 653 -35.21 -8.10 -41.88
C VAL A 653 -33.85 -8.06 -42.56
N VAL A 654 -32.91 -7.32 -41.99
CA VAL A 654 -31.63 -7.14 -42.66
C VAL A 654 -30.89 -8.45 -42.74
N ASN A 655 -31.00 -9.29 -41.70
CA ASN A 655 -30.34 -10.58 -41.75
C ASN A 655 -30.88 -11.42 -42.87
N TYR A 656 -32.20 -11.48 -43.02
CA TYR A 656 -32.76 -12.24 -44.14
C TYR A 656 -32.26 -11.70 -45.46
N TRP A 657 -32.30 -10.38 -45.64
CA TRP A 657 -31.91 -9.83 -46.92
C TRP A 657 -30.45 -10.14 -47.22
N LEU A 658 -29.57 -9.98 -46.23
CA LEU A 658 -28.17 -10.27 -46.46
C LEU A 658 -27.96 -11.74 -46.75
N LEU A 659 -28.62 -12.62 -46.00
CA LEU A 659 -28.56 -14.04 -46.31
C LEU A 659 -28.85 -14.29 -47.78
N HIS A 660 -29.90 -13.65 -48.29
CA HIS A 660 -30.27 -13.90 -49.68
C HIS A 660 -29.63 -12.92 -50.65
N ASN A 661 -28.62 -12.18 -50.21
CA ASN A 661 -27.79 -11.39 -51.11
C ASN A 661 -26.32 -11.72 -51.01
N GLY A 662 -25.84 -12.14 -49.85
CA GLY A 662 -24.46 -12.56 -49.74
C GLY A 662 -23.49 -11.39 -49.69
N PHE A 663 -22.45 -11.55 -48.88
CA PHE A 663 -21.45 -10.51 -48.69
C PHE A 663 -20.17 -11.16 -48.19
N SER A 664 -19.04 -10.67 -48.66
CA SER A 664 -17.76 -11.24 -48.25
C SER A 664 -16.62 -10.34 -48.64
N ILE A 665 -15.43 -10.69 -48.18
CA ILE A 665 -14.20 -9.93 -48.40
C ILE A 665 -13.18 -10.86 -49.03
N GLY A 666 -12.23 -10.29 -49.77
CA GLY A 666 -11.21 -11.07 -50.42
C GLY A 666 -9.90 -10.31 -50.49
N ILE A 667 -8.83 -11.05 -50.81
CA ILE A 667 -7.50 -10.45 -50.81
C ILE A 667 -7.45 -9.28 -51.78
N GLY A 668 -8.10 -9.39 -52.94
CA GLY A 668 -8.08 -8.31 -53.89
C GLY A 668 -8.59 -7.01 -53.31
N ASP A 669 -9.46 -7.07 -52.31
CA ASP A 669 -9.99 -5.86 -51.70
C ASP A 669 -8.89 -4.98 -51.13
N ALA A 670 -7.72 -5.55 -50.84
CA ALA A 670 -6.60 -4.81 -50.28
C ALA A 670 -5.57 -4.42 -51.35
N ILE A 671 -5.89 -4.63 -52.63
CA ILE A 671 -4.98 -4.32 -53.73
C ILE A 671 -5.47 -3.07 -54.43
N ALA A 672 -4.53 -2.34 -55.02
CA ALA A 672 -4.83 -1.13 -55.78
C ALA A 672 -4.17 -1.17 -57.16
N ASP A 673 -4.72 -0.40 -58.09
CA ASP A 673 -4.16 -0.32 -59.43
C ASP A 673 -2.70 0.13 -59.38
N ALA A 674 -2.02 0.03 -60.52
CA ALA A 674 -0.60 0.40 -60.58
C ALA A 674 -0.40 1.89 -60.38
N SER A 675 -1.18 2.73 -61.06
CA SER A 675 -1.00 4.17 -60.92
C SER A 675 -1.02 4.59 -59.46
N THR A 676 -1.84 3.93 -58.67
CA THR A 676 -1.98 4.32 -57.27
C THR A 676 -0.70 4.04 -56.51
N MET A 677 -0.08 2.88 -56.72
CA MET A 677 1.20 2.63 -56.07
C MET A 677 2.26 3.58 -56.60
N LYS A 678 2.17 3.97 -57.86
CA LYS A 678 3.09 4.99 -58.34
C LYS A 678 2.94 6.28 -57.54
N GLU A 679 1.70 6.72 -57.35
CA GLU A 679 1.45 7.93 -56.57
C GLU A 679 1.99 7.78 -55.15
N ILE A 680 1.72 6.63 -54.54
CA ILE A 680 2.14 6.40 -53.16
C ILE A 680 3.66 6.42 -53.06
N THR A 681 4.33 5.77 -54.00
CA THR A 681 5.79 5.73 -54.00
C THR A 681 6.36 7.12 -54.17
N HIS A 682 5.79 7.91 -55.08
CA HIS A 682 6.25 9.28 -55.24
C HIS A 682 6.09 10.07 -53.95
N ALA A 683 4.94 9.91 -53.29
CA ALA A 683 4.71 10.62 -52.05
C ALA A 683 5.73 10.21 -51.00
N ILE A 684 5.99 8.92 -50.88
CA ILE A 684 6.94 8.43 -49.88
C ILE A 684 8.33 8.97 -50.16
N SER A 685 8.76 8.93 -51.42
CA SER A 685 10.08 9.44 -51.76
C SER A 685 10.17 10.92 -51.45
N SER A 686 9.13 11.69 -51.78
CA SER A 686 9.15 13.11 -51.49
C SER A 686 9.28 13.35 -50.00
N ALA A 687 8.50 12.62 -49.20
CA ALA A 687 8.59 12.79 -47.75
C ALA A 687 9.99 12.46 -47.25
N LYS A 688 10.57 11.38 -47.77
CA LYS A 688 11.90 10.99 -47.32
C LYS A 688 12.92 12.07 -47.67
N GLU A 689 12.81 12.65 -48.85
CA GLU A 689 13.77 13.68 -49.24
C GLU A 689 13.57 14.95 -48.42
N GLN A 690 12.32 15.26 -48.06
CA GLN A 690 12.08 16.38 -47.15
C GLN A 690 12.76 16.13 -45.82
N VAL A 691 12.63 14.92 -45.29
CA VAL A 691 13.31 14.58 -44.04
C VAL A 691 14.81 14.70 -44.20
N GLN A 692 15.32 14.29 -45.36
CA GLN A 692 16.76 14.38 -45.58
C GLN A 692 17.23 15.83 -45.55
N GLU A 693 16.47 16.72 -46.20
CA GLU A 693 16.81 18.13 -46.16
C GLU A 693 16.74 18.67 -44.74
N ILE A 694 15.73 18.24 -43.99
CA ILE A 694 15.63 18.66 -42.59
C ILE A 694 16.87 18.25 -41.82
N ILE A 695 17.31 17.01 -42.02
CA ILE A 695 18.51 16.54 -41.34
C ILE A 695 19.72 17.36 -41.75
N TYR A 696 19.86 17.62 -43.05
CA TYR A 696 21.02 18.35 -43.52
C TYR A 696 21.07 19.75 -42.89
N LYS A 697 19.93 20.43 -42.85
CA LYS A 697 19.90 21.79 -42.34
C LYS A 697 20.02 21.86 -40.82
N ALA A 698 19.44 20.90 -40.09
CA ALA A 698 19.63 20.88 -38.64
C ALA A 698 21.04 20.48 -38.26
N GLN A 699 21.67 19.63 -39.08
CA GLN A 699 23.06 19.28 -38.85
C GLN A 699 23.96 20.50 -38.98
N HIS A 700 23.65 21.37 -39.94
CA HIS A 700 24.37 22.61 -40.15
C HIS A 700 23.81 23.75 -39.29
N ASN A 701 23.02 23.43 -38.27
CA ASN A 701 22.43 24.42 -37.37
C ASN A 701 21.67 25.50 -38.13
N GLU A 702 21.06 25.15 -39.25
CA GLU A 702 20.26 26.06 -40.03
C GLU A 702 18.76 25.86 -39.82
N LEU A 703 18.38 25.03 -38.86
CA LEU A 703 16.98 24.69 -38.64
C LEU A 703 16.49 25.41 -37.38
N GLU A 704 15.35 26.08 -37.51
CA GLU A 704 14.88 26.97 -36.45
C GLU A 704 14.53 26.20 -35.18
N LEU A 705 14.55 26.90 -34.07
CA LEU A 705 14.26 26.31 -32.76
C LEU A 705 12.83 26.66 -32.37
N LYS A 706 12.02 25.63 -32.18
CA LYS A 706 10.66 25.83 -31.71
C LYS A 706 10.66 26.27 -30.25
N PRO A 707 9.63 26.99 -29.81
CA PRO A 707 9.62 27.47 -28.43
C PRO A 707 9.68 26.32 -27.43
N GLY A 708 10.46 26.52 -26.37
CA GLY A 708 10.53 25.56 -25.29
C GLY A 708 11.07 24.20 -25.68
N MET A 709 11.65 24.06 -26.87
CA MET A 709 12.09 22.76 -27.37
C MET A 709 13.47 22.92 -28.00
N THR A 710 14.40 22.07 -27.58
CA THR A 710 15.78 22.20 -27.97
C THR A 710 15.95 21.75 -29.42
N LEU A 711 17.21 21.72 -29.88
CA LEU A 711 17.48 21.32 -31.25
C LEU A 711 16.99 19.90 -31.52
N ARG A 712 17.38 18.95 -30.67
CA ARG A 712 17.00 17.56 -30.88
C ARG A 712 15.49 17.39 -30.83
N GLU A 713 14.84 18.00 -29.82
CA GLU A 713 13.41 17.80 -29.66
C GLU A 713 12.63 18.40 -30.80
N SER A 714 12.95 19.63 -31.19
CA SER A 714 12.26 20.26 -32.31
C SER A 714 12.49 19.48 -33.59
N PHE A 715 13.73 19.02 -33.80
CA PHE A 715 14.03 18.25 -35.00
C PHE A 715 13.19 16.97 -35.04
N GLU A 716 13.12 16.26 -33.91
CA GLU A 716 12.32 15.05 -33.85
C GLU A 716 10.85 15.34 -34.11
N GLY A 717 10.33 16.40 -33.51
CA GLY A 717 8.93 16.75 -33.73
C GLY A 717 8.66 17.05 -35.19
N GLU A 718 9.57 17.77 -35.84
CA GLU A 718 9.41 18.06 -37.26
C GLU A 718 9.40 16.79 -38.07
N VAL A 719 10.32 15.87 -37.80
CA VAL A 719 10.38 14.62 -38.55
C VAL A 719 9.10 13.81 -38.35
N SER A 720 8.64 13.73 -37.10
CA SER A 720 7.42 12.97 -36.83
C SER A 720 6.24 13.57 -37.58
N ARG A 721 6.12 14.89 -37.55
CA ARG A 721 5.03 15.53 -38.28
C ARG A 721 5.12 15.22 -39.76
N THR A 722 6.32 15.31 -40.33
CA THR A 722 6.48 15.04 -41.75
C THR A 722 6.05 13.63 -42.10
N LEU A 723 6.51 12.65 -41.32
CA LEU A 723 6.22 11.26 -41.68
C LEU A 723 4.74 10.93 -41.48
N ASN A 724 4.14 11.43 -40.40
CA ASN A 724 2.70 11.23 -40.23
C ASN A 724 1.94 11.85 -41.40
N ASP A 725 2.34 13.05 -41.81
CA ASP A 725 1.67 13.70 -42.92
C ASP A 725 1.79 12.87 -44.19
N ALA A 726 2.98 12.34 -44.45
CA ALA A 726 3.19 11.55 -45.65
C ALA A 726 2.32 10.31 -45.65
N ARG A 727 2.24 9.63 -44.50
CA ARG A 727 1.39 8.45 -44.42
C ARG A 727 -0.06 8.83 -44.63
N ASP A 728 -0.49 9.95 -44.06
CA ASP A 728 -1.86 10.39 -44.26
C ASP A 728 -2.15 10.60 -45.73
N SER A 729 -1.22 11.27 -46.43
CA SER A 729 -1.42 11.52 -47.86
C SER A 729 -1.50 10.21 -48.64
N ALA A 730 -0.58 9.28 -48.39
CA ALA A 730 -0.60 8.03 -49.13
C ALA A 730 -1.91 7.30 -48.90
N GLY A 731 -2.36 7.24 -47.64
CA GLY A 731 -3.62 6.59 -47.36
C GLY A 731 -4.79 7.27 -48.02
N ARG A 732 -4.76 8.59 -48.09
CA ARG A 732 -5.88 9.31 -48.70
C ARG A 732 -5.95 8.98 -50.19
N SER A 733 -4.78 8.93 -50.84
CA SER A 733 -4.76 8.58 -52.26
C SER A 733 -5.29 7.16 -52.47
N ALA A 734 -4.77 6.21 -51.69
CA ALA A 734 -5.30 4.86 -51.76
C ALA A 734 -6.81 4.86 -51.55
N GLU A 735 -7.30 5.73 -50.68
CA GLU A 735 -8.74 5.76 -50.42
C GLU A 735 -9.51 6.20 -51.66
N MET A 736 -9.13 7.34 -52.24
CA MET A 736 -9.76 7.73 -53.50
C MET A 736 -9.68 6.65 -54.56
N ASN A 737 -8.60 5.87 -54.62
CA ASN A 737 -8.51 4.87 -55.68
C ASN A 737 -9.64 3.85 -55.59
N LEU A 738 -9.96 3.38 -54.38
CA LEU A 738 -10.86 2.25 -54.24
C LEU A 738 -12.20 2.50 -54.92
N LYS A 739 -12.69 1.49 -55.63
CA LYS A 739 -14.00 1.56 -56.24
C LYS A 739 -15.10 1.39 -55.18
N ASP A 740 -16.29 1.88 -55.52
CA ASP A 740 -17.38 1.89 -54.56
C ASP A 740 -17.84 0.50 -54.17
N LEU A 741 -17.49 -0.53 -54.94
CA LEU A 741 -17.89 -1.90 -54.64
C LEU A 741 -16.86 -2.63 -53.80
N ASN A 742 -15.71 -2.02 -53.54
CA ASN A 742 -14.67 -2.69 -52.77
C ASN A 742 -15.21 -3.07 -51.40
N ASN A 743 -15.02 -4.33 -51.01
CA ASN A 743 -15.61 -4.82 -49.77
C ASN A 743 -15.16 -3.98 -48.59
N VAL A 744 -13.87 -3.72 -48.48
CA VAL A 744 -13.37 -2.95 -47.35
C VAL A 744 -14.00 -1.57 -47.31
N LYS A 745 -14.11 -0.93 -48.48
CA LYS A 745 -14.73 0.39 -48.51
C LYS A 745 -16.17 0.31 -48.05
N GLN A 746 -16.91 -0.72 -48.48
CA GLN A 746 -18.29 -0.86 -48.02
C GLN A 746 -18.34 -0.98 -46.51
N MET A 747 -17.51 -1.87 -45.96
CA MET A 747 -17.63 -2.19 -44.55
C MET A 747 -17.09 -1.08 -43.67
N VAL A 748 -16.26 -0.19 -44.23
CA VAL A 748 -15.85 0.99 -43.48
C VAL A 748 -16.91 2.08 -43.59
N SER A 749 -17.33 2.41 -44.80
CA SER A 749 -18.36 3.43 -44.98
C SER A 749 -19.57 3.13 -44.12
N ALA A 750 -20.00 1.87 -44.09
CA ALA A 750 -21.09 1.52 -43.19
C ALA A 750 -20.70 1.78 -41.74
N GLY A 751 -19.41 1.75 -41.43
CA GLY A 751 -18.95 1.98 -40.09
C GLY A 751 -19.03 0.79 -39.16
N SER A 752 -19.32 -0.40 -39.69
CA SER A 752 -19.44 -1.57 -38.84
C SER A 752 -18.11 -1.92 -38.18
N LYS A 753 -17.01 -1.78 -38.91
CA LYS A 753 -15.70 -2.15 -38.38
C LYS A 753 -14.63 -1.38 -39.13
N GLY A 754 -13.47 -1.26 -38.52
CA GLY A 754 -12.34 -0.63 -39.15
C GLY A 754 -12.54 0.87 -39.31
N SER A 755 -11.59 1.49 -39.98
CA SER A 755 -11.63 2.92 -40.25
C SER A 755 -10.59 3.24 -41.31
N PHE A 756 -10.38 4.53 -41.58
CA PHE A 756 -9.47 4.91 -42.65
C PHE A 756 -8.06 4.42 -42.38
N ILE A 757 -7.57 4.61 -41.16
CA ILE A 757 -6.19 4.24 -40.86
C ILE A 757 -5.97 2.76 -41.13
N ASN A 758 -6.96 1.93 -40.87
CA ASN A 758 -6.83 0.52 -41.21
C ASN A 758 -6.51 0.35 -42.69
N ILE A 759 -7.28 1.02 -43.55
CA ILE A 759 -7.05 0.91 -44.98
C ILE A 759 -5.66 1.41 -45.34
N ALA A 760 -5.28 2.56 -44.77
CA ALA A 760 -3.99 3.13 -45.09
C ALA A 760 -2.87 2.16 -44.75
N GLN A 761 -2.89 1.62 -43.54
CA GLN A 761 -1.85 0.68 -43.16
C GLN A 761 -1.88 -0.56 -44.04
N MET A 762 -3.08 -1.07 -44.34
CA MET A 762 -3.17 -2.32 -45.09
C MET A 762 -2.62 -2.17 -46.49
N SER A 763 -2.94 -1.06 -47.17
CA SER A 763 -2.66 -0.93 -48.59
C SER A 763 -1.49 0.00 -48.89
N ALA A 764 -1.48 1.21 -48.34
CA ALA A 764 -0.50 2.21 -48.73
C ALA A 764 0.81 2.08 -47.95
N CYS A 765 0.74 2.23 -46.63
CA CYS A 765 1.96 2.26 -45.84
C CYS A 765 1.68 2.08 -44.36
N VAL A 766 2.53 1.30 -43.68
CA VAL A 766 2.35 1.07 -42.26
C VAL A 766 2.62 2.34 -41.46
N GLY A 767 3.62 3.10 -41.86
CA GLY A 767 3.92 4.36 -41.20
C GLY A 767 4.96 4.22 -40.12
N GLN A 768 5.27 5.37 -39.51
CA GLN A 768 6.31 5.44 -38.50
C GLN A 768 5.86 4.76 -37.21
N GLN A 769 6.81 4.15 -36.51
CA GLN A 769 6.54 3.44 -35.27
C GLN A 769 6.81 4.36 -34.09
N MET A 770 5.85 4.44 -33.17
CA MET A 770 5.98 5.20 -31.94
C MET A 770 6.23 4.24 -30.79
N VAL A 771 7.26 4.51 -30.00
CA VAL A 771 7.50 3.81 -28.75
C VAL A 771 7.75 4.85 -27.68
N GLU A 772 6.94 4.82 -26.63
CA GLU A 772 7.01 5.83 -25.58
C GLU A 772 6.87 7.24 -26.17
N GLY A 773 6.22 7.35 -27.32
CA GLY A 773 5.99 8.63 -27.95
C GLY A 773 7.14 9.15 -28.79
N LYS A 774 8.26 8.45 -28.85
CA LYS A 774 9.41 8.89 -29.61
C LYS A 774 9.79 7.82 -30.62
N ARG A 775 10.54 8.22 -31.63
CA ARG A 775 11.04 7.26 -32.59
C ARG A 775 11.88 6.21 -31.88
N ILE A 776 12.22 5.15 -32.60
CA ILE A 776 12.95 4.04 -31.99
C ILE A 776 14.29 4.55 -31.48
N ALA A 777 14.59 4.25 -30.22
CA ALA A 777 15.82 4.72 -29.60
C ALA A 777 17.02 3.98 -30.21
N PHE A 778 18.21 4.37 -29.76
CA PHE A 778 19.44 3.71 -30.18
C PHE A 778 19.87 2.76 -29.06
N GLY A 779 19.23 1.59 -29.03
CA GLY A 779 19.63 0.57 -28.07
C GLY A 779 21.09 0.20 -28.21
N PHE A 780 21.55 0.05 -29.45
CA PHE A 780 22.96 -0.19 -29.70
C PHE A 780 23.71 1.14 -29.55
N ALA A 781 25.02 1.10 -29.77
CA ALA A 781 25.85 2.29 -29.65
C ALA A 781 25.58 3.21 -30.84
N ASP A 782 24.78 4.24 -30.62
CA ASP A 782 24.48 5.23 -31.65
C ASP A 782 23.84 4.59 -32.87
N ARG A 783 23.04 3.55 -32.66
CA ARG A 783 22.25 2.99 -33.74
C ARG A 783 21.18 2.09 -33.13
N SER A 784 20.20 1.75 -33.96
CA SER A 784 19.09 0.92 -33.53
C SER A 784 19.39 -0.57 -33.70
N LEU A 785 19.83 -0.96 -34.88
CA LEU A 785 20.16 -2.35 -35.18
C LEU A 785 21.56 -2.40 -35.76
N PRO A 786 22.27 -3.51 -35.58
CA PRO A 786 23.62 -3.61 -36.15
C PRO A 786 23.62 -3.46 -37.64
N HIS A 787 22.52 -3.81 -38.31
CA HIS A 787 22.49 -3.81 -39.76
C HIS A 787 22.62 -2.41 -40.34
N PHE A 788 22.50 -1.37 -39.53
CA PHE A 788 22.71 0.00 -39.99
C PHE A 788 24.12 0.44 -39.63
N THR A 789 24.43 1.68 -40.00
CA THR A 789 25.71 2.29 -39.70
C THR A 789 25.57 3.27 -38.55
N LYS A 790 26.69 3.53 -37.89
CA LYS A 790 26.70 4.49 -36.79
C LYS A 790 26.27 5.87 -37.27
N ASP A 791 25.53 6.55 -36.42
CA ASP A 791 25.11 7.94 -36.67
C ASP A 791 24.32 8.06 -37.97
N ASP A 792 23.17 7.41 -38.00
CA ASP A 792 22.19 7.57 -39.07
C ASP A 792 20.85 7.92 -38.44
N PHE A 793 20.07 8.77 -39.12
CA PHE A 793 18.80 9.23 -38.60
C PHE A 793 17.68 9.09 -39.63
N SER A 794 17.96 8.42 -40.75
CA SER A 794 16.97 8.33 -41.81
C SER A 794 15.73 7.60 -41.33
N PRO A 795 14.57 7.85 -41.95
CA PRO A 795 13.33 7.28 -41.41
C PRO A 795 13.37 5.76 -41.27
N GLU A 796 13.90 5.07 -42.27
CA GLU A 796 14.06 3.63 -42.16
C GLU A 796 15.01 3.25 -41.04
N SER A 797 15.98 4.11 -40.73
CA SER A 797 16.95 3.81 -39.69
C SER A 797 16.40 3.98 -38.29
N LYS A 798 15.17 4.49 -38.15
CA LYS A 798 14.59 4.68 -36.83
C LYS A 798 13.12 4.27 -36.82
N GLY A 799 12.76 3.28 -37.63
CA GLY A 799 11.45 2.66 -37.49
C GLY A 799 10.38 3.26 -38.35
N PHE A 800 10.64 3.44 -39.64
CA PHE A 800 9.63 3.84 -40.60
C PHE A 800 9.33 2.65 -41.49
N VAL A 801 8.22 1.97 -41.22
CA VAL A 801 7.80 0.82 -42.03
C VAL A 801 7.18 1.40 -43.30
N GLU A 802 7.84 1.20 -44.44
CA GLU A 802 7.36 1.79 -45.68
C GLU A 802 6.34 0.89 -46.37
N ASN A 803 6.68 -0.38 -46.54
CA ASN A 803 5.79 -1.29 -47.28
C ASN A 803 4.51 -1.53 -46.51
N SER A 804 3.41 -1.60 -47.24
CA SER A 804 2.14 -1.96 -46.63
C SER A 804 2.12 -3.46 -46.32
N TYR A 805 1.22 -3.84 -45.42
CA TYR A 805 1.12 -5.25 -45.05
C TYR A 805 1.00 -6.15 -46.28
N LEU A 806 0.15 -5.77 -47.23
CA LEU A 806 -0.05 -6.61 -48.40
C LEU A 806 1.27 -6.90 -49.10
N ARG A 807 2.23 -6.00 -49.00
CA ARG A 807 3.53 -6.20 -49.61
C ARG A 807 4.54 -6.82 -48.68
N GLY A 808 4.19 -7.09 -47.44
CA GLY A 808 5.13 -7.68 -46.50
C GLY A 808 6.14 -6.67 -45.99
N LEU A 809 6.88 -7.09 -44.97
CA LEU A 809 7.83 -6.23 -44.28
C LEU A 809 9.23 -6.83 -44.35
N THR A 810 10.23 -5.96 -44.39
CA THR A 810 11.60 -6.42 -44.26
C THR A 810 11.87 -6.78 -42.79
N PRO A 811 12.94 -7.53 -42.52
CA PRO A 811 13.23 -7.91 -41.13
C PRO A 811 13.32 -6.73 -40.17
N GLN A 812 14.03 -5.67 -40.54
CA GLN A 812 14.14 -4.54 -39.62
C GLN A 812 12.77 -3.97 -39.31
N GLU A 813 11.96 -3.74 -40.33
CA GLU A 813 10.64 -3.17 -40.13
C GLU A 813 9.77 -4.12 -39.32
N PHE A 814 9.85 -5.42 -39.59
CA PHE A 814 9.08 -6.38 -38.82
C PHE A 814 9.45 -6.30 -37.35
N PHE A 815 10.75 -6.25 -37.04
CA PHE A 815 11.16 -6.19 -35.65
C PHE A 815 10.68 -4.91 -34.99
N PHE A 816 10.77 -3.78 -35.69
CA PHE A 816 10.30 -2.53 -35.10
C PHE A 816 8.81 -2.58 -34.82
N HIS A 817 8.04 -3.12 -35.76
CA HIS A 817 6.61 -3.27 -35.52
C HIS A 817 6.38 -4.14 -34.30
N ALA A 818 7.18 -5.20 -34.15
CA ALA A 818 7.05 -6.04 -32.97
C ALA A 818 7.30 -5.25 -31.70
N MET A 819 8.31 -4.39 -31.71
CA MET A 819 8.57 -3.55 -30.55
C MET A 819 7.34 -2.71 -30.21
N ALA A 820 6.76 -2.08 -31.23
CA ALA A 820 5.60 -1.24 -30.98
C ALA A 820 4.45 -2.05 -30.39
N GLY A 821 4.17 -3.21 -30.96
CA GLY A 821 3.06 -4.02 -30.47
C GLY A 821 3.30 -4.50 -29.05
N ARG A 822 4.53 -4.91 -28.74
CA ARG A 822 4.84 -5.32 -27.38
C ARG A 822 4.58 -4.18 -26.42
N GLU A 823 5.00 -2.98 -26.78
CA GLU A 823 4.75 -1.84 -25.91
C GLU A 823 3.26 -1.64 -25.71
N GLY A 824 2.48 -1.77 -26.77
CA GLY A 824 1.03 -1.61 -26.64
C GLY A 824 0.43 -2.64 -25.68
N LEU A 825 0.85 -3.89 -25.81
CA LEU A 825 0.36 -4.93 -24.91
C LEU A 825 0.67 -4.57 -23.47
N ILE A 826 1.93 -4.21 -23.19
CA ILE A 826 2.30 -3.82 -21.84
C ILE A 826 1.44 -2.66 -21.37
N ASP A 827 1.16 -1.71 -22.26
CA ASP A 827 0.39 -0.54 -21.89
C ASP A 827 -1.00 -0.95 -21.44
N THR A 828 -1.67 -1.81 -22.20
CA THR A 828 -3.00 -2.25 -21.79
C THR A 828 -2.92 -2.97 -20.45
N ALA A 829 -1.93 -3.85 -20.30
CA ALA A 829 -1.83 -4.65 -19.09
C ALA A 829 -1.68 -3.77 -17.86
N VAL A 830 -0.84 -2.74 -17.95
CA VAL A 830 -0.67 -1.84 -16.81
C VAL A 830 -1.91 -0.99 -16.60
N LYS A 831 -2.46 -0.43 -17.68
CA LYS A 831 -3.54 0.55 -17.55
C LYS A 831 -4.77 -0.06 -16.90
N THR A 832 -5.08 -1.31 -17.22
CA THR A 832 -6.31 -1.90 -16.70
C THR A 832 -6.32 -1.88 -15.18
N ALA A 833 -5.22 -2.27 -14.54
CA ALA A 833 -5.22 -2.37 -13.08
C ALA A 833 -5.39 -1.01 -12.43
N GLU A 834 -4.67 0.00 -12.92
CA GLU A 834 -4.78 1.32 -12.30
C GLU A 834 -6.18 1.89 -12.49
N THR A 835 -6.77 1.71 -13.67
CA THR A 835 -8.14 2.19 -13.86
C THR A 835 -9.09 1.47 -12.92
N GLY A 836 -8.92 0.17 -12.73
CA GLY A 836 -9.76 -0.53 -11.79
C GLY A 836 -9.62 -0.01 -10.39
N TYR A 837 -8.39 0.30 -9.97
CA TYR A 837 -8.19 0.85 -8.64
C TYR A 837 -8.89 2.19 -8.48
N ILE A 838 -8.77 3.05 -9.49
CA ILE A 838 -9.43 4.35 -9.43
C ILE A 838 -10.93 4.14 -9.34
N GLN A 839 -11.47 3.22 -10.11
CA GLN A 839 -12.89 2.93 -10.06
C GLN A 839 -13.30 2.54 -8.65
N ARG A 840 -12.53 1.65 -8.03
CA ARG A 840 -12.89 1.22 -6.69
C ARG A 840 -12.87 2.39 -5.71
N ARG A 841 -11.83 3.21 -5.79
CA ARG A 841 -11.76 4.34 -4.86
C ARG A 841 -12.96 5.27 -5.05
N LEU A 842 -13.27 5.62 -6.30
CA LEU A 842 -14.40 6.49 -6.54
C LEU A 842 -15.68 5.90 -5.97
N VAL A 843 -15.96 4.63 -6.29
CA VAL A 843 -17.20 4.04 -5.82
C VAL A 843 -17.26 4.05 -4.31
N LYS A 844 -16.17 3.67 -3.65
CA LYS A 844 -16.17 3.69 -2.20
C LYS A 844 -16.15 5.10 -1.65
N ALA A 845 -16.04 6.11 -2.50
CA ALA A 845 -16.20 7.48 -2.02
C ALA A 845 -17.66 7.91 -2.06
N LEU A 846 -18.37 7.61 -3.15
CA LEU A 846 -19.69 8.18 -3.42
C LEU A 846 -20.79 7.14 -3.35
N GLU A 847 -20.63 6.12 -2.52
CA GLU A 847 -21.56 5.00 -2.55
C GLU A 847 -22.80 5.25 -1.69
N ASP A 848 -22.84 6.34 -0.94
CA ASP A 848 -23.94 6.59 -0.02
C ASP A 848 -24.74 7.84 -0.37
N ILE A 849 -24.35 8.57 -1.40
CA ILE A 849 -25.11 9.75 -1.79
C ILE A 849 -26.45 9.31 -2.35
N MET A 850 -27.53 9.91 -1.86
CA MET A 850 -28.87 9.49 -2.24
C MET A 850 -29.77 10.71 -2.35
N VAL A 851 -30.52 10.79 -3.46
CA VAL A 851 -31.39 11.93 -3.70
C VAL A 851 -32.65 11.78 -2.87
N HIS A 852 -32.78 12.61 -1.85
CA HIS A 852 -33.87 12.52 -0.90
C HIS A 852 -35.13 13.16 -1.46
N TYR A 853 -36.25 12.94 -0.78
CA TYR A 853 -37.53 13.39 -1.30
C TYR A 853 -37.59 14.91 -1.42
N ASP A 854 -36.89 15.63 -0.56
CA ASP A 854 -36.93 17.08 -0.59
C ASP A 854 -36.26 17.66 -1.81
N GLY A 855 -35.56 16.84 -2.59
CA GLY A 855 -34.77 17.32 -3.70
C GLY A 855 -33.33 17.62 -3.35
N THR A 856 -32.94 17.45 -2.10
CA THR A 856 -31.56 17.62 -1.69
C THR A 856 -30.77 16.36 -1.98
N THR A 857 -29.44 16.47 -1.86
CA THR A 857 -28.53 15.36 -2.12
C THR A 857 -27.62 15.20 -0.90
N ARG A 858 -27.89 14.19 -0.09
CA ARG A 858 -27.21 14.02 1.19
C ARG A 858 -26.59 12.64 1.31
N ASN A 859 -25.43 12.59 1.94
CA ASN A 859 -24.76 11.35 2.24
C ASN A 859 -25.39 10.73 3.48
N SER A 860 -24.73 9.72 4.05
CA SER A 860 -25.34 8.95 5.12
C SER A 860 -25.72 9.84 6.30
N LEU A 861 -24.83 10.73 6.71
CA LEU A 861 -25.06 11.53 7.90
C LEU A 861 -26.21 12.50 7.74
N GLY A 862 -26.70 12.70 6.52
CA GLY A 862 -27.64 13.75 6.26
C GLY A 862 -27.00 15.05 5.82
N ASP A 863 -25.68 15.13 5.82
CA ASP A 863 -25.02 16.31 5.30
C ASP A 863 -25.45 16.56 3.87
N ILE A 864 -25.68 17.82 3.52
CA ILE A 864 -26.19 18.17 2.20
C ILE A 864 -25.01 18.50 1.29
N ILE A 865 -25.00 17.90 0.10
CA ILE A 865 -23.98 18.16 -0.90
C ILE A 865 -24.46 19.15 -1.93
N GLN A 866 -25.62 18.91 -2.52
CA GLN A 866 -26.24 19.82 -3.45
C GLN A 866 -27.70 20.02 -3.06
N PHE A 867 -28.14 21.26 -3.08
CA PHE A 867 -29.52 21.56 -2.75
C PHE A 867 -30.49 21.08 -3.81
N LEU A 868 -30.02 20.82 -5.03
CA LEU A 868 -30.87 20.22 -6.05
C LEU A 868 -29.99 19.43 -6.99
N TYR A 869 -30.25 18.13 -7.10
CA TYR A 869 -29.38 17.25 -7.87
C TYR A 869 -29.13 17.82 -9.25
N GLY A 870 -27.87 18.12 -9.55
CA GLY A 870 -27.55 18.73 -10.81
C GLY A 870 -28.15 20.10 -11.01
N GLU A 871 -28.69 20.69 -9.96
CA GLU A 871 -29.24 22.04 -10.05
C GLU A 871 -30.45 22.08 -10.98
N ASP A 872 -30.98 20.92 -11.37
CA ASP A 872 -32.18 20.88 -12.18
C ASP A 872 -33.18 19.81 -11.77
N GLY A 873 -32.80 18.83 -10.96
CA GLY A 873 -33.69 17.74 -10.65
C GLY A 873 -33.99 16.83 -11.82
N LEU A 874 -33.26 16.96 -12.92
CA LEU A 874 -33.52 16.21 -14.12
C LEU A 874 -32.68 14.95 -14.16
N ASP A 875 -33.33 13.82 -14.37
CA ASP A 875 -32.62 12.55 -14.50
C ASP A 875 -31.75 12.58 -15.75
N GLY A 876 -30.59 11.93 -15.65
CA GLY A 876 -29.61 12.00 -16.71
C GLY A 876 -30.06 11.39 -18.02
N THR A 877 -31.12 10.58 -18.00
CA THR A 877 -31.62 9.94 -19.19
C THR A 877 -32.85 10.62 -19.76
N GLN A 878 -33.04 11.92 -19.50
CA GLN A 878 -34.20 12.64 -19.99
C GLN A 878 -33.83 14.03 -20.50
N VAL A 879 -32.68 14.15 -21.14
CA VAL A 879 -32.23 15.42 -21.70
C VAL A 879 -31.70 15.17 -23.10
N GLU A 880 -31.70 16.23 -23.91
CA GLU A 880 -31.20 16.14 -25.27
C GLU A 880 -30.61 17.48 -25.68
N ARG A 881 -29.67 17.43 -26.62
CA ARG A 881 -29.01 18.64 -27.07
C ARG A 881 -29.94 19.44 -27.96
N GLN A 882 -30.40 20.58 -27.45
CA GLN A 882 -31.27 21.46 -28.21
C GLN A 882 -30.59 22.82 -28.32
N THR A 883 -31.06 23.62 -29.27
CA THR A 883 -30.53 24.95 -29.50
C THR A 883 -31.50 25.99 -28.96
N ILE A 884 -31.02 26.88 -28.11
CA ILE A 884 -31.83 27.98 -27.60
C ILE A 884 -31.81 29.07 -28.66
N ASP A 885 -32.98 29.37 -29.21
CA ASP A 885 -33.07 30.22 -30.39
C ASP A 885 -32.54 31.62 -30.13
N THR A 886 -32.84 32.20 -28.97
CA THR A 886 -32.65 33.64 -28.78
C THR A 886 -31.19 34.03 -28.61
N ILE A 887 -30.31 33.09 -28.29
CA ILE A 887 -28.93 33.45 -27.96
C ILE A 887 -28.20 33.94 -29.20
N PRO A 888 -28.07 33.13 -30.25
CA PRO A 888 -27.33 33.56 -31.42
C PRO A 888 -28.16 34.52 -32.25
N GLY A 889 -27.57 35.01 -33.34
CA GLY A 889 -28.27 35.91 -34.22
C GLY A 889 -28.03 37.37 -33.88
N SER A 890 -27.96 38.19 -34.91
CA SER A 890 -27.71 39.61 -34.74
C SER A 890 -28.93 40.30 -34.13
N ASP A 891 -28.71 41.51 -33.64
CA ASP A 891 -29.82 42.30 -33.12
C ASP A 891 -30.86 42.53 -34.20
N LYS A 892 -30.41 42.86 -35.41
CA LYS A 892 -31.34 43.01 -36.53
C LYS A 892 -32.09 41.72 -36.78
N ALA A 893 -31.37 40.59 -36.84
CA ALA A 893 -32.03 39.32 -37.12
C ALA A 893 -33.02 38.97 -36.01
N PHE A 894 -32.63 39.17 -34.76
CA PHE A 894 -33.54 38.88 -33.66
C PHE A 894 -34.79 39.74 -33.77
N HIS A 895 -34.61 41.03 -34.02
CA HIS A 895 -35.75 41.92 -34.19
C HIS A 895 -36.66 41.42 -35.30
N LYS A 896 -36.08 41.11 -36.46
CA LYS A 896 -36.87 40.67 -37.60
C LYS A 896 -37.60 39.37 -37.32
N ARG A 897 -37.01 38.48 -36.53
CA ARG A 897 -37.57 37.16 -36.30
C ARG A 897 -38.64 37.15 -35.22
N TYR A 898 -38.39 37.80 -34.10
CA TYR A 898 -39.29 37.74 -32.96
C TYR A 898 -40.22 38.94 -32.87
N TYR A 899 -39.76 40.12 -33.26
CA TYR A 899 -40.52 41.33 -33.01
C TYR A 899 -41.75 41.41 -33.90
N VAL A 900 -42.90 41.62 -33.28
CA VAL A 900 -44.14 41.92 -33.98
C VAL A 900 -44.29 43.42 -34.08
N ASP A 901 -45.08 43.86 -35.05
CA ASP A 901 -45.42 45.26 -35.21
C ASP A 901 -46.85 45.34 -35.72
N LEU A 902 -47.61 46.30 -35.19
CA LEU A 902 -48.97 46.52 -35.66
C LEU A 902 -49.11 47.86 -36.39
N MET A 903 -48.33 48.86 -36.00
CA MET A 903 -48.43 50.16 -36.66
C MET A 903 -47.93 50.10 -38.10
N ASP A 904 -46.79 49.45 -38.32
CA ASP A 904 -46.22 49.30 -39.65
C ASP A 904 -46.58 47.93 -40.19
N GLU A 905 -47.53 47.89 -41.13
CA GLU A 905 -47.98 46.62 -41.68
C GLU A 905 -46.90 45.91 -42.47
N LYS A 906 -45.91 46.64 -43.00
CA LYS A 906 -44.80 45.99 -43.65
C LYS A 906 -43.96 45.16 -42.68
N ASN A 907 -44.14 45.36 -41.38
CA ASN A 907 -43.47 44.57 -40.35
C ASN A 907 -44.48 43.95 -39.41
N SER A 908 -45.68 43.67 -39.92
CA SER A 908 -46.75 43.08 -39.12
C SER A 908 -47.02 41.65 -39.57
N ILE A 909 -47.77 40.95 -38.74
CA ILE A 909 -48.12 39.56 -39.03
C ILE A 909 -48.81 39.49 -40.39
N LYS A 910 -48.48 38.47 -41.17
CA LYS A 910 -49.12 38.31 -42.46
C LYS A 910 -50.62 38.07 -42.26
N PRO A 911 -51.48 38.72 -43.05
CA PRO A 911 -52.91 38.64 -42.76
C PRO A 911 -53.53 37.29 -43.10
N ASP A 912 -53.18 36.71 -44.24
CA ASP A 912 -53.82 35.49 -44.69
C ASP A 912 -53.71 34.35 -43.69
N VAL A 913 -52.59 34.24 -42.97
CA VAL A 913 -52.37 33.14 -42.05
C VAL A 913 -53.22 33.23 -40.80
N ILE A 914 -53.92 34.36 -40.60
CA ILE A 914 -54.78 34.55 -39.45
C ILE A 914 -56.12 35.10 -39.93
N GLU A 915 -57.20 34.50 -39.46
CA GLU A 915 -58.53 34.85 -39.96
C GLU A 915 -58.96 36.24 -39.51
N TYR A 916 -58.34 36.78 -38.47
CA TYR A 916 -58.72 38.05 -37.88
C TYR A 916 -57.66 39.12 -38.15
N ALA A 917 -57.08 39.09 -39.34
CA ALA A 917 -55.98 40.00 -39.65
C ALA A 917 -56.43 41.46 -39.55
N ALA A 918 -57.62 41.76 -40.07
CA ALA A 918 -58.11 43.14 -40.03
C ALA A 918 -58.29 43.63 -38.61
N ASP A 919 -58.78 42.77 -37.71
CA ASP A 919 -59.02 43.18 -36.34
C ASP A 919 -57.74 43.64 -35.64
N ILE A 920 -56.65 42.92 -35.83
CA ILE A 920 -55.41 43.23 -35.12
C ILE A 920 -54.89 44.62 -35.47
N LEU A 921 -54.98 45.02 -36.74
CA LEU A 921 -54.29 46.22 -37.19
C LEU A 921 -54.74 47.43 -36.38
N GLY A 922 -53.77 48.30 -36.07
CA GLY A 922 -54.07 49.54 -35.39
C GLY A 922 -54.61 49.39 -33.99
N ASP A 923 -54.36 48.26 -33.34
CA ASP A 923 -54.77 48.07 -31.97
C ASP A 923 -53.66 48.50 -31.01
N VAL A 924 -54.00 48.60 -29.73
CA VAL A 924 -53.07 49.04 -28.70
C VAL A 924 -52.91 48.01 -27.59
N GLU A 925 -54.00 47.45 -27.09
CA GLU A 925 -53.88 46.42 -26.05
C GLU A 925 -53.09 45.23 -26.56
N LEU A 926 -53.39 44.76 -27.77
CA LEU A 926 -52.53 43.78 -28.40
C LEU A 926 -51.10 44.30 -28.45
N GLN A 927 -50.92 45.57 -28.80
CA GLN A 927 -49.58 46.13 -28.90
C GLN A 927 -48.87 46.09 -27.56
N LYS A 928 -49.56 46.45 -26.48
CA LYS A 928 -48.89 46.44 -25.18
C LYS A 928 -48.58 45.02 -24.72
N GLU A 929 -49.50 44.08 -24.93
CA GLU A 929 -49.23 42.69 -24.57
C GLU A 929 -48.01 42.18 -25.31
N LEU A 930 -47.95 42.44 -26.61
CA LEU A 930 -46.85 41.92 -27.42
C LEU A 930 -45.55 42.66 -27.13
N ASN A 931 -45.62 43.94 -26.75
CA ASN A 931 -44.41 44.62 -26.29
C ASN A 931 -43.91 44.00 -25.00
N SER A 932 -44.82 43.61 -24.10
CA SER A 932 -44.41 42.92 -22.89
C SER A 932 -43.72 41.61 -23.24
N GLU A 933 -44.31 40.84 -24.16
CA GLU A 933 -43.70 39.59 -24.58
C GLU A 933 -42.31 39.84 -25.15
N TYR A 934 -42.20 40.82 -26.05
CA TYR A 934 -40.91 41.09 -26.67
C TYR A 934 -39.91 41.55 -25.62
N GLU A 935 -40.35 42.32 -24.63
CA GLU A 935 -39.46 42.72 -23.55
C GLU A 935 -38.97 41.52 -22.77
N GLN A 936 -39.88 40.58 -22.49
CA GLN A 936 -39.47 39.36 -21.80
C GLN A 936 -38.41 38.63 -22.60
N LEU A 937 -38.62 38.53 -23.92
CA LEU A 937 -37.63 37.85 -24.76
C LEU A 937 -36.31 38.58 -24.76
N VAL A 938 -36.33 39.92 -24.83
CA VAL A 938 -35.09 40.68 -24.82
C VAL A 938 -34.36 40.48 -23.51
N SER A 939 -35.10 40.50 -22.41
CA SER A 939 -34.49 40.26 -21.11
C SER A 939 -33.87 38.87 -21.05
N ASP A 940 -34.57 37.87 -21.59
CA ASP A 940 -34.01 36.53 -21.62
C ASP A 940 -32.71 36.50 -22.41
N ARG A 941 -32.71 37.14 -23.59
CA ARG A 941 -31.52 37.11 -24.42
C ARG A 941 -30.36 37.75 -23.71
N LYS A 942 -30.57 38.94 -23.15
CA LYS A 942 -29.50 39.62 -22.43
C LYS A 942 -29.02 38.77 -21.26
N PHE A 943 -29.95 38.22 -20.49
CA PHE A 943 -29.59 37.41 -19.34
C PHE A 943 -28.71 36.25 -19.73
N LEU A 944 -29.15 35.45 -20.70
CA LEU A 944 -28.35 34.30 -21.09
C LEU A 944 -27.00 34.74 -21.64
N ARG A 945 -27.02 35.64 -22.63
CA ARG A 945 -25.83 36.04 -23.34
C ARG A 945 -24.81 36.71 -22.44
N GLU A 946 -25.23 37.25 -21.30
CA GLU A 946 -24.29 37.91 -20.41
C GLU A 946 -23.87 37.04 -19.23
N ILE A 947 -24.81 36.30 -18.65
CA ILE A 947 -24.55 35.53 -17.44
C ILE A 947 -24.15 34.10 -17.76
N VAL A 948 -24.99 33.39 -18.50
CA VAL A 948 -24.89 31.93 -18.51
C VAL A 948 -23.85 31.47 -19.51
N PHE A 949 -24.06 31.75 -20.78
CA PHE A 949 -23.17 31.31 -21.85
C PHE A 949 -22.46 32.54 -22.41
N VAL A 950 -21.28 32.83 -21.87
CA VAL A 950 -20.56 34.00 -22.34
C VAL A 950 -20.01 33.78 -23.75
N ASN A 951 -19.46 32.60 -24.01
CA ASN A 951 -18.87 32.32 -25.31
C ASN A 951 -19.90 32.37 -26.44
N GLY A 952 -21.19 32.20 -26.13
CA GLY A 952 -22.22 32.25 -27.13
C GLY A 952 -22.74 30.90 -27.59
N ASP A 953 -22.15 29.80 -27.14
CA ASP A 953 -22.64 28.49 -27.55
C ASP A 953 -24.11 28.35 -27.16
N HIS A 954 -24.92 27.90 -28.11
CA HIS A 954 -26.37 27.89 -27.94
C HIS A 954 -26.96 26.49 -27.94
N ASN A 955 -26.11 25.47 -27.92
CA ASN A 955 -26.53 24.08 -27.93
C ASN A 955 -26.24 23.49 -26.55
N TRP A 956 -27.27 23.11 -25.82
CA TRP A 956 -27.08 22.59 -24.47
C TRP A 956 -28.12 21.53 -24.16
N PRO A 957 -27.74 20.46 -23.46
CA PRO A 957 -28.72 19.44 -23.07
C PRO A 957 -29.81 20.07 -22.22
N LEU A 958 -31.05 19.67 -22.49
CA LEU A 958 -32.22 20.15 -21.76
C LEU A 958 -33.33 19.14 -21.92
N PRO A 959 -34.28 19.12 -20.98
CA PRO A 959 -35.35 18.13 -21.07
C PRO A 959 -36.35 18.47 -22.16
N VAL A 960 -37.07 17.44 -22.59
CA VAL A 960 -38.23 17.61 -23.46
C VAL A 960 -37.82 18.19 -24.81
N ASN A 961 -37.80 17.37 -25.85
CA ASN A 961 -37.73 17.90 -27.20
C ASN A 961 -38.90 18.84 -27.42
N LEU A 962 -38.65 19.96 -28.07
CA LEU A 962 -39.76 20.82 -28.50
C LEU A 962 -40.02 20.65 -29.98
N ARG A 963 -38.97 20.50 -30.78
CA ARG A 963 -39.15 20.30 -32.20
C ARG A 963 -40.01 19.07 -32.46
N ARG A 964 -39.70 17.96 -31.79
CA ARG A 964 -40.45 16.74 -32.02
C ARG A 964 -41.89 16.89 -31.58
N ILE A 965 -42.12 17.53 -30.44
CA ILE A 965 -43.49 17.72 -29.97
C ILE A 965 -44.28 18.56 -30.98
N ILE A 966 -43.67 19.64 -31.46
CA ILE A 966 -44.37 20.50 -32.41
C ILE A 966 -44.69 19.76 -33.68
N GLN A 967 -43.74 18.96 -34.20
CA GLN A 967 -44.01 18.27 -35.45
C GLN A 967 -44.99 17.12 -35.27
N ASN A 968 -45.00 16.49 -34.09
CA ASN A 968 -46.08 15.55 -33.79
C ASN A 968 -47.42 16.24 -33.82
N ALA A 969 -47.50 17.42 -33.20
CA ALA A 969 -48.74 18.19 -33.28
C ALA A 969 -49.11 18.45 -34.72
N GLN A 970 -48.15 18.90 -35.53
CA GLN A 970 -48.43 19.19 -36.93
C GLN A 970 -48.99 17.98 -37.66
N GLN A 971 -48.32 16.84 -37.53
CA GLN A 971 -48.79 15.65 -38.24
C GLN A 971 -50.17 15.25 -37.75
N ILE A 972 -50.39 15.26 -36.43
CA ILE A 972 -51.62 14.71 -35.88
C ILE A 972 -52.83 15.48 -36.41
N PHE A 973 -52.72 16.80 -36.46
CA PHE A 973 -53.84 17.63 -36.87
C PHE A 973 -53.77 18.06 -38.32
N HIS A 974 -52.84 17.52 -39.11
CA HIS A 974 -52.70 17.88 -40.51
C HIS A 974 -52.73 19.39 -40.69
N LEU A 975 -51.67 20.00 -40.16
CA LEU A 975 -51.53 21.46 -40.16
C LEU A 975 -50.83 21.96 -41.42
N ASP A 976 -50.92 21.22 -42.51
CA ASP A 976 -50.35 21.62 -43.78
C ASP A 976 -51.20 22.74 -44.37
N ARG A 977 -50.98 23.06 -45.64
CA ARG A 977 -51.71 24.11 -46.32
C ARG A 977 -51.42 25.46 -45.68
N ALA A 978 -51.99 26.53 -46.24
CA ALA A 978 -51.87 27.88 -45.69
C ALA A 978 -53.15 28.31 -44.99
N LYS A 979 -53.85 27.36 -44.37
CA LYS A 979 -55.08 27.69 -43.68
C LYS A 979 -54.81 28.75 -42.60
N ALA A 980 -55.66 29.77 -42.58
CA ALA A 980 -55.53 30.81 -41.58
C ALA A 980 -55.88 30.27 -40.20
N SER A 981 -55.07 30.60 -39.21
CA SER A 981 -55.29 30.11 -37.86
C SER A 981 -56.47 30.83 -37.21
N ASP A 982 -57.05 30.19 -36.21
CA ASP A 982 -58.11 30.76 -35.39
C ASP A 982 -57.64 30.91 -33.96
N LEU A 983 -56.40 31.36 -33.77
CA LEU A 983 -55.77 31.41 -32.46
C LEU A 983 -55.42 32.86 -32.15
N THR A 984 -56.16 33.45 -31.21
CA THR A 984 -55.92 34.84 -30.85
C THR A 984 -54.57 35.00 -30.16
N ILE A 985 -53.92 36.13 -30.41
CA ILE A 985 -52.61 36.38 -29.80
C ILE A 985 -52.70 36.33 -28.28
N PRO A 986 -53.64 37.00 -27.63
CA PRO A 986 -53.70 36.92 -26.16
C PRO A 986 -53.80 35.49 -25.67
N GLU A 987 -54.54 34.63 -26.37
CA GLU A 987 -54.54 33.22 -26.02
C GLU A 987 -53.12 32.68 -25.96
N ILE A 988 -52.33 32.97 -26.99
CA ILE A 988 -50.97 32.44 -27.06
C ILE A 988 -50.15 32.95 -25.88
N ILE A 989 -50.16 34.27 -25.67
CA ILE A 989 -49.28 34.84 -24.66
C ILE A 989 -49.68 34.34 -23.28
N HIS A 990 -50.98 34.34 -22.98
CA HIS A 990 -51.43 33.90 -21.67
C HIS A 990 -51.10 32.43 -21.46
N GLY A 991 -51.31 31.58 -22.47
CA GLY A 991 -50.98 30.18 -22.31
C GLY A 991 -49.51 29.96 -22.04
N VAL A 992 -48.64 30.62 -22.80
CA VAL A 992 -47.21 30.46 -22.59
C VAL A 992 -46.84 30.90 -21.17
N ARG A 993 -47.28 32.09 -20.77
CA ARG A 993 -46.91 32.59 -19.46
C ARG A 993 -47.41 31.66 -18.36
N ASP A 994 -48.65 31.17 -18.50
CA ASP A 994 -49.17 30.25 -17.50
C ASP A 994 -48.34 28.98 -17.44
N LEU A 995 -47.93 28.46 -18.60
CA LEU A 995 -47.08 27.28 -18.59
C LEU A 995 -45.80 27.54 -17.83
N CYS A 996 -45.21 28.73 -18.02
CA CYS A 996 -43.98 29.04 -17.31
C CYS A 996 -44.14 28.94 -15.80
N LYS A 997 -45.36 29.08 -15.29
CA LYS A 997 -45.61 29.04 -13.85
C LYS A 997 -46.12 27.69 -13.37
N LYS A 998 -46.22 26.69 -14.24
CA LYS A 998 -46.72 25.38 -13.86
C LYS A 998 -45.68 24.27 -13.94
N LEU A 999 -44.49 24.55 -14.47
CA LEU A 999 -43.44 23.54 -14.55
C LEU A 999 -42.90 23.32 -13.15
N PHE A 1000 -43.60 22.49 -12.38
CA PHE A 1000 -43.26 22.27 -10.99
C PHE A 1000 -41.98 21.44 -10.88
N VAL A 1001 -41.08 21.89 -10.02
CA VAL A 1001 -39.92 21.11 -9.60
C VAL A 1001 -39.95 20.86 -8.10
N LEU A 1002 -40.29 21.87 -7.32
CA LEU A 1002 -40.51 21.75 -5.89
C LEU A 1002 -41.91 22.23 -5.58
N ARG A 1003 -42.65 21.44 -4.81
CA ARG A 1003 -44.04 21.75 -4.50
C ARG A 1003 -44.15 22.25 -3.07
N GLY A 1004 -44.07 23.56 -2.90
CA GLY A 1004 -44.18 24.17 -1.59
C GLY A 1004 -44.37 25.65 -1.73
N GLU A 1005 -44.90 26.25 -0.67
CA GLU A 1005 -45.27 27.66 -0.68
C GLU A 1005 -44.31 28.54 0.09
N ASN A 1006 -43.27 27.97 0.68
CA ASN A 1006 -42.26 28.80 1.32
C ASN A 1006 -41.67 29.78 0.32
N GLU A 1007 -41.43 31.00 0.79
CA GLU A 1007 -40.75 32.00 -0.04
C GLU A 1007 -39.47 31.42 -0.63
N LEU A 1008 -38.68 30.76 0.20
CA LEU A 1008 -37.46 30.13 -0.29
C LEU A 1008 -37.79 29.07 -1.34
N ILE A 1009 -38.84 28.28 -1.11
CA ILE A 1009 -39.20 27.25 -2.07
C ILE A 1009 -39.56 27.88 -3.41
N LYS A 1010 -40.37 28.94 -3.38
CA LYS A 1010 -40.75 29.58 -4.63
C LYS A 1010 -39.54 30.17 -5.34
N GLU A 1011 -38.64 30.81 -4.59
CA GLU A 1011 -37.45 31.37 -5.22
C GLU A 1011 -36.61 30.28 -5.86
N ALA A 1012 -36.41 29.17 -5.15
CA ALA A 1012 -35.61 28.08 -5.71
C ALA A 1012 -36.27 27.49 -6.94
N GLN A 1013 -37.60 27.30 -6.88
CA GLN A 1013 -38.32 26.80 -8.04
C GLN A 1013 -38.12 27.71 -9.24
N GLN A 1014 -38.23 29.02 -9.03
CA GLN A 1014 -38.00 29.96 -10.12
C GLN A 1014 -36.59 29.86 -10.65
N ASN A 1015 -35.62 29.71 -9.75
CA ASN A 1015 -34.23 29.62 -10.20
C ASN A 1015 -34.00 28.36 -11.02
N ALA A 1016 -34.61 27.25 -10.62
CA ALA A 1016 -34.28 25.97 -11.23
C ALA A 1016 -34.65 25.93 -12.71
N THR A 1017 -35.90 26.27 -13.04
CA THR A 1017 -36.40 26.15 -14.40
C THR A 1017 -36.12 27.39 -15.23
N SER A 1018 -35.20 28.24 -14.78
CA SER A 1018 -34.97 29.50 -15.47
C SER A 1018 -34.53 29.26 -16.91
N LEU A 1019 -33.51 28.42 -17.11
CA LEU A 1019 -33.02 28.17 -18.46
C LEU A 1019 -34.08 27.51 -19.33
N PHE A 1020 -34.75 26.49 -18.79
CA PHE A 1020 -35.76 25.80 -19.59
C PHE A 1020 -36.89 26.74 -19.96
N GLN A 1021 -37.32 27.59 -19.03
CA GLN A 1021 -38.35 28.56 -19.35
C GLN A 1021 -37.86 29.52 -20.43
N CYS A 1022 -36.60 29.94 -20.34
CA CYS A 1022 -36.05 30.77 -21.40
C CYS A 1022 -36.18 30.08 -22.74
N LEU A 1023 -35.85 28.79 -22.79
CA LEU A 1023 -35.96 28.06 -24.05
C LEU A 1023 -37.42 28.00 -24.52
N VAL A 1024 -38.34 27.70 -23.61
CA VAL A 1024 -39.74 27.58 -23.99
C VAL A 1024 -40.21 28.88 -24.62
N ARG A 1025 -39.93 30.00 -23.96
CA ARG A 1025 -40.30 31.29 -24.54
C ARG A 1025 -39.62 31.51 -25.87
N ALA A 1026 -38.34 31.15 -25.99
CA ALA A 1026 -37.65 31.32 -27.26
C ALA A 1026 -38.36 30.58 -28.37
N ARG A 1027 -38.93 29.41 -28.07
CA ARG A 1027 -39.60 28.62 -29.10
C ARG A 1027 -41.02 29.12 -29.35
N LEU A 1028 -41.86 29.08 -28.32
CA LEU A 1028 -43.28 29.36 -28.48
C LEU A 1028 -43.55 30.87 -28.53
N ALA A 1029 -42.88 31.54 -29.46
CA ALA A 1029 -43.10 32.94 -29.69
C ALA A 1029 -44.25 33.14 -30.66
N THR A 1030 -44.89 34.30 -30.58
CA THR A 1030 -46.13 34.52 -31.33
C THR A 1030 -45.87 34.44 -32.84
N ARG A 1031 -44.90 35.19 -33.34
CA ARG A 1031 -44.59 35.13 -34.76
C ARG A 1031 -44.32 33.70 -35.18
N ARG A 1032 -43.44 33.02 -34.46
CA ARG A 1032 -43.08 31.65 -34.83
C ARG A 1032 -44.31 30.76 -34.86
N ILE A 1033 -45.11 30.79 -33.79
CA ILE A 1033 -46.27 29.91 -33.74
C ILE A 1033 -47.21 30.19 -34.91
N LEU A 1034 -47.49 31.46 -35.17
CA LEU A 1034 -48.52 31.80 -36.13
C LEU A 1034 -48.05 31.73 -37.57
N GLU A 1035 -46.75 31.69 -37.81
CA GLU A 1035 -46.23 31.63 -39.17
C GLU A 1035 -45.53 30.31 -39.47
N GLU A 1036 -44.50 29.95 -38.72
CA GLU A 1036 -43.70 28.79 -39.06
C GLU A 1036 -44.41 27.49 -38.70
N PHE A 1037 -45.32 27.53 -37.73
CA PHE A 1037 -46.05 26.34 -37.28
C PHE A 1037 -47.53 26.39 -37.63
N ARG A 1038 -48.17 27.53 -37.46
CA ARG A 1038 -49.57 27.69 -37.82
C ARG A 1038 -50.45 26.70 -37.08
N LEU A 1039 -50.29 26.64 -35.76
CA LEU A 1039 -51.12 25.77 -34.95
C LEU A 1039 -52.54 26.32 -34.86
N ASN A 1040 -53.51 25.43 -34.83
CA ASN A 1040 -54.86 25.84 -34.49
C ASN A 1040 -54.95 25.92 -32.97
N ARG A 1041 -56.17 26.06 -32.45
CA ARG A 1041 -56.35 26.12 -31.01
C ARG A 1041 -56.13 24.75 -30.37
N ASP A 1042 -56.71 23.71 -30.96
CA ASP A 1042 -56.54 22.38 -30.40
C ASP A 1042 -55.09 21.96 -30.39
N ALA A 1043 -54.37 22.21 -31.48
CA ALA A 1043 -52.98 21.81 -31.55
C ALA A 1043 -52.15 22.51 -30.48
N PHE A 1044 -52.36 23.81 -30.31
CA PHE A 1044 -51.60 24.54 -29.30
C PHE A 1044 -51.91 24.03 -27.90
N GLU A 1045 -53.18 23.79 -27.61
CA GLU A 1045 -53.54 23.29 -26.28
C GLU A 1045 -52.93 21.92 -26.03
N TRP A 1046 -53.01 21.03 -27.02
CA TRP A 1046 -52.42 19.71 -26.85
C TRP A 1046 -50.91 19.81 -26.69
N VAL A 1047 -50.27 20.76 -27.39
CA VAL A 1047 -48.84 20.95 -27.23
C VAL A 1047 -48.52 21.36 -25.80
N LEU A 1048 -49.29 22.29 -25.24
CA LEU A 1048 -49.05 22.69 -23.86
C LEU A 1048 -49.19 21.51 -22.92
N GLY A 1049 -50.26 20.72 -23.10
CA GLY A 1049 -50.46 19.58 -22.23
C GLY A 1049 -49.31 18.58 -22.32
N THR A 1050 -48.87 18.30 -23.55
CA THR A 1050 -47.76 17.35 -23.73
C THR A 1050 -46.48 17.89 -23.12
N ILE A 1051 -46.21 19.18 -23.29
CA ILE A 1051 -45.01 19.75 -22.68
C ILE A 1051 -45.04 19.57 -21.18
N GLU A 1052 -46.18 19.89 -20.57
CA GLU A 1052 -46.29 19.74 -19.13
C GLU A 1052 -46.03 18.30 -18.70
N ALA A 1053 -46.72 17.36 -19.36
CA ALA A 1053 -46.58 15.96 -18.96
C ALA A 1053 -45.14 15.47 -19.14
N GLN A 1054 -44.54 15.76 -20.29
CA GLN A 1054 -43.18 15.30 -20.54
C GLN A 1054 -42.22 15.87 -19.50
N PHE A 1055 -42.33 17.17 -19.21
CA PHE A 1055 -41.44 17.74 -18.21
C PHE A 1055 -41.64 17.04 -16.87
N GLN A 1056 -42.87 16.89 -16.43
CA GLN A 1056 -43.10 16.26 -15.13
C GLN A 1056 -42.62 14.81 -15.15
N ARG A 1057 -42.47 14.22 -16.33
CA ARG A 1057 -41.94 12.86 -16.41
C ARG A 1057 -40.42 12.84 -16.43
N SER A 1058 -39.78 13.98 -16.62
CA SER A 1058 -38.33 14.02 -16.79
C SER A 1058 -37.60 14.50 -15.55
N LEU A 1059 -38.11 14.17 -14.37
CA LEU A 1059 -37.45 14.55 -13.13
C LEU A 1059 -36.76 13.35 -12.51
N VAL A 1060 -35.77 13.63 -11.67
CA VAL A 1060 -35.07 12.57 -10.95
C VAL A 1060 -36.02 11.96 -9.93
N HIS A 1061 -35.80 10.69 -9.63
CA HIS A 1061 -36.69 9.97 -8.74
C HIS A 1061 -36.12 9.94 -7.34
N PRO A 1062 -36.88 10.31 -6.31
CA PRO A 1062 -36.37 10.19 -4.94
C PRO A 1062 -35.87 8.78 -4.66
N GLY A 1063 -34.71 8.69 -4.04
CA GLY A 1063 -34.07 7.43 -3.74
C GLY A 1063 -33.00 7.01 -4.72
N GLU A 1064 -32.93 7.64 -5.88
CA GLU A 1064 -31.91 7.28 -6.86
C GLU A 1064 -30.52 7.48 -6.28
N MET A 1065 -29.75 6.40 -6.20
CA MET A 1065 -28.40 6.44 -5.66
C MET A 1065 -27.48 7.11 -6.67
N VAL A 1066 -27.74 8.39 -6.91
CA VAL A 1066 -26.99 9.11 -7.93
C VAL A 1066 -25.50 9.06 -7.68
N GLY A 1067 -25.07 8.88 -6.43
CA GLY A 1067 -23.64 8.85 -6.15
C GLY A 1067 -22.94 7.74 -6.91
N VAL A 1068 -23.45 6.52 -6.78
CA VAL A 1068 -22.81 5.39 -7.47
C VAL A 1068 -22.86 5.61 -8.97
N ILE A 1069 -23.97 6.14 -9.47
CA ILE A 1069 -24.10 6.35 -10.91
C ILE A 1069 -23.03 7.31 -11.40
N ALA A 1070 -22.84 8.41 -10.68
CA ALA A 1070 -21.80 9.35 -11.06
C ALA A 1070 -20.43 8.69 -10.98
N ALA A 1071 -20.19 7.91 -9.93
CA ALA A 1071 -18.91 7.23 -9.80
C ALA A 1071 -18.64 6.38 -11.03
N GLN A 1072 -19.59 5.55 -11.43
CA GLN A 1072 -19.36 4.67 -12.55
C GLN A 1072 -19.23 5.45 -13.84
N SER A 1073 -20.09 6.44 -14.06
CA SER A 1073 -20.04 7.20 -15.30
C SER A 1073 -18.73 7.94 -15.44
N ILE A 1074 -18.10 8.36 -14.35
CA ILE A 1074 -16.82 9.04 -14.45
C ILE A 1074 -15.68 8.03 -14.60
N GLY A 1075 -15.71 6.94 -13.85
CA GLY A 1075 -14.62 5.98 -13.92
C GLY A 1075 -14.55 5.28 -15.26
N GLU A 1076 -15.69 4.85 -15.80
CA GLU A 1076 -15.67 4.01 -16.99
C GLU A 1076 -14.92 4.64 -18.15
N PRO A 1077 -15.15 5.90 -18.52
CA PRO A 1077 -14.41 6.44 -19.67
C PRO A 1077 -12.90 6.36 -19.51
N ALA A 1078 -12.39 6.57 -18.29
CA ALA A 1078 -10.96 6.48 -18.09
C ALA A 1078 -10.43 5.12 -18.51
N THR A 1079 -11.19 4.05 -18.26
CA THR A 1079 -10.77 2.72 -18.69
C THR A 1079 -10.50 2.68 -20.19
N GLN A 1080 -11.21 3.47 -20.98
CA GLN A 1080 -11.03 3.51 -22.42
C GLN A 1080 -9.98 4.53 -22.85
N MET A 1081 -9.05 4.86 -21.96
CA MET A 1081 -7.95 5.76 -22.30
C MET A 1081 -6.85 5.64 -21.27
N ASN A 1095 2.15 20.25 -24.39
CA ASN A 1095 3.20 19.66 -23.56
C ASN A 1095 2.64 19.15 -22.25
N VAL A 1096 1.44 19.61 -21.89
CA VAL A 1096 0.82 19.22 -20.64
C VAL A 1096 0.62 17.71 -20.61
N THR A 1097 0.46 17.17 -19.40
CA THR A 1097 0.17 15.76 -19.23
C THR A 1097 -1.34 15.55 -19.10
N LEU A 1098 -1.86 14.62 -19.89
CA LEU A 1098 -3.29 14.34 -19.89
C LEU A 1098 -3.49 12.84 -19.95
N GLY A 1099 -4.64 12.39 -19.47
CA GLY A 1099 -4.92 10.97 -19.38
C GLY A 1099 -4.81 10.46 -17.96
N VAL A 1100 -4.61 9.15 -17.81
CA VAL A 1100 -4.70 8.54 -16.49
C VAL A 1100 -3.81 9.24 -15.48
N PRO A 1101 -2.55 9.56 -15.78
CA PRO A 1101 -1.73 10.23 -14.76
C PRO A 1101 -2.35 11.52 -14.27
N ARG A 1102 -2.92 12.32 -15.17
CA ARG A 1102 -3.53 13.57 -14.75
C ARG A 1102 -4.72 13.31 -13.84
N LEU A 1103 -5.56 12.35 -14.19
CA LEU A 1103 -6.70 12.02 -13.34
C LEU A 1103 -6.24 11.55 -11.97
N LYS A 1104 -5.21 10.71 -11.93
CA LYS A 1104 -4.70 10.25 -10.65
C LYS A 1104 -4.20 11.41 -9.81
N GLU A 1105 -3.48 12.34 -10.43
CA GLU A 1105 -3.03 13.51 -9.70
C GLU A 1105 -4.21 14.29 -9.15
N ILE A 1106 -5.24 14.49 -9.96
CA ILE A 1106 -6.39 15.27 -9.51
C ILE A 1106 -7.06 14.59 -8.32
N LEU A 1107 -7.30 13.29 -8.43
CA LEU A 1107 -8.08 12.62 -7.40
C LEU A 1107 -7.39 12.67 -6.04
N ASN A 1108 -6.08 12.42 -6.02
CA ASN A 1108 -5.37 12.46 -4.75
C ASN A 1108 -5.07 13.88 -4.28
N VAL A 1109 -5.39 14.88 -5.08
CA VAL A 1109 -5.09 16.26 -4.71
C VAL A 1109 -3.60 16.36 -4.47
N ALA A 1110 -2.81 16.01 -5.48
CA ALA A 1110 -1.36 16.15 -5.37
C ALA A 1110 -1.03 17.63 -5.21
N LYS A 1111 -0.17 17.93 -4.23
CA LYS A 1111 0.15 19.33 -3.96
C LYS A 1111 1.06 19.90 -5.04
N ASN A 1112 1.96 19.09 -5.57
CA ASN A 1112 2.96 19.54 -6.54
C ASN A 1112 2.84 18.67 -7.79
N ILE A 1113 1.96 19.07 -8.70
CA ILE A 1113 1.75 18.29 -9.92
C ILE A 1113 3.00 18.37 -10.79
N LYS A 1114 3.07 17.44 -11.75
CA LYS A 1114 4.25 17.35 -12.61
C LYS A 1114 4.32 18.49 -13.61
N THR A 1115 3.18 19.04 -14.03
CA THR A 1115 3.14 20.04 -15.08
C THR A 1115 2.31 21.24 -14.62
N PRO A 1116 2.82 22.03 -13.68
CA PRO A 1116 2.12 23.26 -13.32
C PRO A 1116 2.15 24.25 -14.47
N ALA A 1117 1.10 25.05 -14.57
CA ALA A 1117 1.03 26.06 -15.63
C ALA A 1117 0.03 27.13 -15.25
N LEU A 1118 0.20 28.31 -15.82
CA LEU A 1118 -0.70 29.43 -15.65
C LEU A 1118 -1.24 29.87 -17.00
N THR A 1119 -2.43 30.46 -16.97
CA THR A 1119 -3.10 30.97 -18.17
C THR A 1119 -3.26 32.47 -17.94
N VAL A 1120 -2.26 33.25 -18.33
CA VAL A 1120 -2.24 34.69 -18.07
C VAL A 1120 -2.96 35.38 -19.21
N TYR A 1121 -4.09 36.03 -18.92
CA TYR A 1121 -4.78 36.83 -19.91
C TYR A 1121 -4.44 38.30 -19.71
N LEU A 1122 -4.12 38.97 -20.81
CA LEU A 1122 -3.72 40.36 -20.78
C LEU A 1122 -4.94 41.26 -20.90
N ASP A 1123 -4.71 42.56 -20.70
CA ASP A 1123 -5.78 43.53 -20.81
C ASP A 1123 -6.20 43.68 -22.27
N ARG A 1124 -7.32 44.37 -22.47
CA ARG A 1124 -7.93 44.42 -23.80
C ARG A 1124 -6.94 44.96 -24.84
N GLU A 1125 -6.36 46.13 -24.59
CA GLU A 1125 -5.54 46.76 -25.60
C GLU A 1125 -4.19 46.08 -25.76
N ILE A 1126 -3.70 45.40 -24.73
CA ILE A 1126 -2.41 44.72 -24.80
C ILE A 1126 -2.61 43.41 -25.55
N ALA A 1127 -3.72 42.73 -25.27
CA ALA A 1127 -3.97 41.43 -25.87
C ALA A 1127 -3.96 41.49 -27.39
N LEU A 1128 -4.26 42.65 -27.97
CA LEU A 1128 -4.20 42.83 -29.41
C LEU A 1128 -2.87 43.44 -29.85
N ASP A 1129 -1.92 43.58 -28.93
CA ASP A 1129 -0.60 44.14 -29.23
C ASP A 1129 0.46 43.09 -28.98
N ILE A 1130 1.43 43.00 -29.89
CA ILE A 1130 2.47 41.99 -29.75
C ILE A 1130 3.66 42.54 -28.98
N GLU A 1131 4.08 43.78 -29.26
CA GLU A 1131 5.28 44.29 -28.61
C GLU A 1131 5.05 44.58 -27.14
N LYS A 1132 3.89 45.12 -26.78
CA LYS A 1132 3.57 45.24 -25.36
C LYS A 1132 3.52 43.87 -24.71
N ALA A 1133 3.05 42.87 -25.44
CA ALA A 1133 3.06 41.51 -24.89
C ALA A 1133 4.48 41.04 -24.63
N LYS A 1134 5.40 41.32 -25.55
CA LYS A 1134 6.80 40.96 -25.31
C LYS A 1134 7.34 41.70 -24.10
N VAL A 1135 6.97 42.97 -23.93
CA VAL A 1135 7.42 43.72 -22.77
C VAL A 1135 6.93 43.06 -21.49
N ILE A 1136 5.65 42.69 -21.46
CA ILE A 1136 5.10 42.05 -20.26
C ILE A 1136 5.76 40.70 -20.02
N GLN A 1137 5.98 39.94 -21.09
CA GLN A 1137 6.70 38.68 -20.95
C GLN A 1137 8.05 38.90 -20.30
N SER A 1138 8.83 39.83 -20.85
CA SER A 1138 10.13 40.13 -20.26
C SER A 1138 10.00 40.48 -18.79
N SER A 1139 9.02 41.32 -18.45
CA SER A 1139 8.85 41.70 -17.05
C SER A 1139 8.59 40.48 -16.18
N ILE A 1140 7.69 39.60 -16.62
CA ILE A 1140 7.28 38.46 -15.79
C ILE A 1140 8.41 37.46 -15.66
N GLU A 1141 9.13 37.21 -16.74
CA GLU A 1141 10.12 36.14 -16.75
C GLU A 1141 11.05 36.25 -15.56
N TYR A 1142 11.17 35.16 -14.80
CA TYR A 1142 11.99 35.13 -13.59
C TYR A 1142 13.41 34.79 -14.00
N THR A 1143 14.15 35.79 -14.46
CA THR A 1143 15.51 35.62 -14.92
C THR A 1143 16.46 35.96 -13.78
N THR A 1144 17.45 35.10 -13.56
CA THR A 1144 18.45 35.31 -12.54
C THR A 1144 19.83 35.48 -13.19
N LEU A 1145 20.74 36.06 -12.41
CA LEU A 1145 22.09 36.32 -12.90
C LEU A 1145 22.72 35.09 -13.53
N LYS A 1146 22.52 33.91 -12.94
CA LYS A 1146 23.13 32.71 -13.49
C LYS A 1146 22.70 32.48 -14.93
N ASN A 1147 21.46 32.84 -15.28
CA ASN A 1147 21.04 32.74 -16.66
C ASN A 1147 21.93 33.58 -17.56
N VAL A 1148 22.16 34.83 -17.17
CA VAL A 1148 22.97 35.72 -17.99
C VAL A 1148 24.46 35.54 -17.72
N THR A 1149 24.84 35.17 -16.50
CA THR A 1149 26.24 34.95 -16.19
C THR A 1149 26.80 33.83 -17.06
N SER A 1150 28.04 34.00 -17.50
CA SER A 1150 28.71 33.03 -18.36
C SER A 1150 29.83 32.28 -17.67
N ALA A 1151 30.81 32.99 -17.12
CA ALA A 1151 31.94 32.35 -16.45
C ALA A 1151 32.30 33.14 -15.20
N THR A 1152 32.91 32.44 -14.25
CA THR A 1152 33.30 33.02 -12.97
C THR A 1152 34.73 32.62 -12.66
N GLU A 1153 35.50 33.58 -12.14
CA GLU A 1153 36.90 33.34 -11.80
C GLU A 1153 37.28 34.16 -10.58
N ILE A 1154 37.95 33.53 -9.63
CA ILE A 1154 38.48 34.20 -8.46
C ILE A 1154 39.92 34.57 -8.76
N TYR A 1155 40.18 35.86 -8.96
CA TYR A 1155 41.51 36.38 -9.19
C TYR A 1155 41.94 37.16 -7.97
N TYR A 1156 43.03 36.73 -7.34
CA TYR A 1156 43.67 37.52 -6.29
C TYR A 1156 44.34 38.70 -6.94
N ASP A 1157 43.70 39.86 -6.88
CA ASP A 1157 44.28 41.07 -7.44
C ASP A 1157 45.02 41.79 -6.32
N PRO A 1158 46.35 41.67 -6.25
CA PRO A 1158 47.06 42.17 -5.07
C PRO A 1158 46.83 43.65 -4.81
N ASP A 1159 46.71 44.46 -5.87
CA ASP A 1159 46.59 45.90 -5.70
C ASP A 1159 45.11 46.28 -5.64
N PRO A 1160 44.61 46.81 -4.53
CA PRO A 1160 43.23 47.33 -4.52
C PRO A 1160 43.05 48.55 -5.41
N THR A 1161 44.14 49.17 -5.87
CA THR A 1161 44.06 50.37 -6.69
C THR A 1161 44.12 50.10 -8.19
N SER A 1162 44.79 49.02 -8.60
CA SER A 1162 44.91 48.69 -10.02
C SER A 1162 44.73 47.19 -10.17
N THR A 1163 45.04 46.67 -11.35
CA THR A 1163 44.89 45.26 -11.64
C THR A 1163 46.11 44.73 -12.38
N VAL A 1164 46.38 43.45 -12.18
CA VAL A 1164 47.42 42.74 -12.92
C VAL A 1164 46.80 41.84 -14.00
N ILE A 1165 45.52 42.04 -14.30
CA ILE A 1165 44.81 41.24 -15.29
C ILE A 1165 44.61 42.11 -16.53
N GLU A 1166 45.17 41.67 -17.65
CA GLU A 1166 45.09 42.42 -18.88
C GLU A 1166 43.71 42.35 -19.52
N GLU A 1167 42.85 41.45 -19.04
CA GLU A 1167 41.53 41.29 -19.63
C GLU A 1167 40.69 42.56 -19.46
N ASP A 1168 40.73 43.17 -18.27
CA ASP A 1168 40.02 44.41 -17.98
C ASP A 1168 40.96 45.54 -17.59
N PHE A 1169 42.26 45.40 -17.89
CA PHE A 1169 43.22 46.42 -17.46
C PHE A 1169 42.84 47.79 -17.99
N ASP A 1170 42.62 47.91 -19.29
CA ASP A 1170 42.19 49.18 -19.86
C ASP A 1170 40.83 49.59 -19.31
N THR A 1171 39.92 48.63 -19.18
CA THR A 1171 38.60 48.92 -18.64
C THR A 1171 38.71 49.49 -17.23
N VAL A 1172 39.44 48.80 -16.35
CA VAL A 1172 39.53 49.25 -14.96
C VAL A 1172 40.25 50.60 -14.88
N GLU A 1173 41.30 50.79 -15.69
CA GLU A 1173 42.04 52.04 -15.65
C GLU A 1173 41.17 53.21 -16.10
N ALA A 1174 40.40 53.03 -17.18
CA ALA A 1174 39.46 54.07 -17.59
C ALA A 1174 38.39 54.29 -16.54
N TYR A 1175 37.98 53.23 -15.85
CA TYR A 1175 36.93 53.35 -14.85
C TYR A 1175 37.41 54.13 -13.62
N PHE A 1176 38.69 53.98 -13.25
CA PHE A 1176 39.17 54.56 -12.00
C PHE A 1176 39.01 56.08 -12.00
N SER A 1177 39.34 56.73 -13.11
CA SER A 1177 39.19 58.18 -13.20
C SER A 1177 37.78 58.54 -13.67
N GLN A 1190 42.28 47.73 2.42
CA GLN A 1190 41.34 46.61 2.43
C GLN A 1190 42.02 45.32 1.98
N SER A 1191 41.36 44.20 2.18
CA SER A 1191 41.92 42.92 1.78
C SER A 1191 42.00 42.86 0.25
N PRO A 1192 43.16 42.51 -0.32
CA PRO A 1192 43.31 42.56 -1.78
C PRO A 1192 42.45 41.55 -2.52
N TRP A 1193 41.76 40.65 -1.81
CA TRP A 1193 40.94 39.66 -2.48
C TRP A 1193 39.97 40.32 -3.44
N LEU A 1194 39.90 39.78 -4.66
CA LEU A 1194 39.00 40.25 -5.70
C LEU A 1194 38.21 39.06 -6.23
N LEU A 1195 36.95 39.30 -6.57
CA LEU A 1195 36.11 38.33 -7.25
C LEU A 1195 35.81 38.84 -8.65
N ARG A 1196 35.94 37.96 -9.63
CA ARG A 1196 35.80 38.32 -11.03
C ARG A 1196 34.84 37.35 -11.71
N LEU A 1197 34.02 37.86 -12.61
CA LEU A 1197 32.99 37.07 -13.26
C LEU A 1197 32.76 37.58 -14.68
N GLU A 1198 32.20 36.71 -15.51
CA GLU A 1198 31.93 37.00 -16.90
C GLU A 1198 30.44 36.90 -17.18
N LEU A 1199 29.91 37.85 -17.93
CA LEU A 1199 28.51 37.89 -18.30
C LEU A 1199 28.36 37.68 -19.80
N ASP A 1200 27.34 36.91 -20.17
CA ASP A 1200 27.07 36.61 -21.57
C ASP A 1200 26.28 37.77 -22.17
N ARG A 1201 26.87 38.43 -23.17
CA ARG A 1201 26.18 39.53 -23.84
C ARG A 1201 24.90 39.03 -24.51
N ALA A 1202 24.95 37.84 -25.09
CA ALA A 1202 23.82 37.36 -25.88
C ALA A 1202 22.54 37.27 -25.06
N ARG A 1203 22.58 36.59 -23.93
CA ARG A 1203 21.38 36.45 -23.12
C ARG A 1203 20.94 37.78 -22.52
N MET A 1204 21.90 38.58 -22.04
CA MET A 1204 21.55 39.88 -21.47
C MET A 1204 20.78 40.72 -22.47
N LEU A 1205 21.31 40.82 -23.70
CA LEU A 1205 20.58 41.51 -24.75
C LEU A 1205 19.25 40.82 -25.04
N ASP A 1206 19.21 39.50 -24.95
CA ASP A 1206 17.96 38.78 -25.18
C ASP A 1206 16.91 39.22 -24.17
N LYS A 1207 17.31 39.43 -22.92
CA LYS A 1207 16.43 39.98 -21.90
C LYS A 1207 16.45 41.51 -21.87
N GLN A 1208 17.12 42.13 -22.85
CA GLN A 1208 17.17 43.58 -23.01
C GLN A 1208 17.36 44.29 -21.67
N LEU A 1209 18.32 43.82 -20.89
CA LEU A 1209 18.72 44.49 -19.66
C LEU A 1209 20.21 44.79 -19.75
N THR A 1210 20.58 46.03 -19.48
CA THR A 1210 21.98 46.44 -19.58
C THR A 1210 22.74 45.99 -18.33
N MET A 1211 24.06 45.89 -18.48
CA MET A 1211 24.88 45.39 -17.39
C MET A 1211 24.85 46.32 -16.19
N ASN A 1212 24.51 47.60 -16.41
CA ASN A 1212 24.44 48.53 -15.29
C ASN A 1212 23.34 48.12 -14.31
N GLN A 1213 22.18 47.68 -14.82
CA GLN A 1213 21.12 47.21 -13.93
C GLN A 1213 21.61 46.06 -13.07
N VAL A 1214 22.30 45.09 -13.68
CA VAL A 1214 22.79 43.95 -12.93
C VAL A 1214 23.80 44.39 -11.88
N ALA A 1215 24.74 45.25 -12.27
CA ALA A 1215 25.74 45.73 -11.32
C ALA A 1215 25.08 46.43 -10.15
N ASP A 1216 24.09 47.28 -10.44
CA ASP A 1216 23.35 47.93 -9.37
C ASP A 1216 22.74 46.87 -8.45
N LYS A 1217 21.87 46.03 -8.99
CA LYS A 1217 21.20 45.03 -8.16
C LYS A 1217 22.20 44.31 -7.27
N ILE A 1218 23.35 43.93 -7.83
CA ILE A 1218 24.41 43.31 -7.04
C ILE A 1218 24.82 44.23 -5.90
N SER A 1219 25.01 45.52 -6.19
CA SER A 1219 25.45 46.45 -5.16
C SER A 1219 24.40 46.56 -4.05
N GLU A 1220 23.16 46.84 -4.41
CA GLU A 1220 22.10 47.05 -3.44
C GLU A 1220 21.62 45.77 -2.76
N VAL A 1221 22.10 44.59 -3.16
CA VAL A 1221 21.73 43.38 -2.41
C VAL A 1221 22.64 43.14 -1.21
N PHE A 1222 23.92 43.50 -1.32
CA PHE A 1222 24.88 43.48 -0.21
C PHE A 1222 25.49 44.85 0.03
N SER A 1223 24.71 45.93 -0.15
CA SER A 1223 25.22 47.26 0.10
C SER A 1223 26.50 47.48 -0.70
N ASP A 1224 27.66 47.45 -0.01
CA ASP A 1224 28.94 47.59 -0.69
C ASP A 1224 29.97 46.62 -0.13
N ASP A 1225 29.53 45.44 0.34
CA ASP A 1225 30.48 44.46 0.87
C ASP A 1225 31.58 44.17 -0.13
N LEU A 1226 31.26 44.14 -1.42
CA LEU A 1226 32.24 44.02 -2.48
C LEU A 1226 32.09 45.20 -3.41
N PHE A 1227 33.14 45.98 -3.57
CA PHE A 1227 33.08 47.09 -4.52
C PHE A 1227 32.76 46.57 -5.90
N VAL A 1228 31.79 47.21 -6.55
CA VAL A 1228 31.24 46.75 -7.82
C VAL A 1228 31.75 47.67 -8.93
N MET A 1229 32.36 47.07 -9.95
CA MET A 1229 32.77 47.78 -11.15
C MET A 1229 32.25 47.02 -12.35
N TRP A 1230 31.99 47.73 -13.44
CA TRP A 1230 31.44 47.15 -14.65
C TRP A 1230 32.20 47.65 -15.87
N SER A 1231 32.29 46.79 -16.88
CA SER A 1231 32.96 47.13 -18.12
C SER A 1231 32.02 47.95 -19.00
N GLU A 1232 32.41 48.14 -20.26
CA GLU A 1232 31.65 48.91 -21.23
C GLU A 1232 30.82 47.98 -22.10
N ASP A 1233 29.84 48.58 -22.79
CA ASP A 1233 29.03 47.81 -23.73
C ASP A 1233 29.91 47.19 -24.81
N ASN A 1234 30.84 47.96 -25.37
CA ASN A 1234 31.76 47.44 -26.36
C ASN A 1234 32.75 46.43 -25.79
N ALA A 1235 32.84 46.34 -24.46
CA ALA A 1235 33.84 45.47 -23.86
C ALA A 1235 33.68 44.04 -24.36
N ASP A 1236 34.80 43.44 -24.76
CA ASP A 1236 34.76 42.05 -25.22
C ASP A 1236 34.22 41.13 -24.13
N LYS A 1237 34.48 41.48 -22.87
CA LYS A 1237 33.98 40.73 -21.73
C LYS A 1237 33.24 41.69 -20.81
N LEU A 1238 31.93 41.49 -20.66
CA LEU A 1238 31.17 42.23 -19.66
C LEU A 1238 31.55 41.66 -18.30
N ILE A 1239 32.54 42.29 -17.65
CA ILE A 1239 33.14 41.77 -16.43
C ILE A 1239 32.75 42.68 -15.28
N ILE A 1240 32.39 42.06 -14.15
CA ILE A 1240 32.13 42.78 -12.91
C ILE A 1240 33.22 42.41 -11.92
N ARG A 1241 33.79 43.41 -11.27
CA ARG A 1241 34.80 43.20 -10.24
C ARG A 1241 34.17 43.43 -8.87
N CYS A 1242 34.30 42.43 -8.00
CA CYS A 1242 33.77 42.48 -6.65
C CYS A 1242 34.91 42.25 -5.68
N ARG A 1243 35.14 43.20 -4.78
CA ARG A 1243 36.33 43.21 -3.94
C ARG A 1243 35.93 43.11 -2.47
N VAL A 1244 36.28 42.00 -1.84
CA VAL A 1244 36.11 41.88 -0.40
C VAL A 1244 36.92 42.97 0.27
N ILE A 1245 36.27 43.73 1.14
CA ILE A 1245 36.92 44.88 1.76
C ILE A 1245 37.54 44.48 3.09
N GLU A 1258 40.59 32.97 7.50
CA GLU A 1258 40.42 32.27 6.23
C GLU A 1258 39.50 33.06 5.32
N GLU A 1259 39.92 33.24 4.06
CA GLU A 1259 39.19 34.06 3.11
C GLU A 1259 38.89 33.35 1.79
N ASP A 1260 39.75 32.44 1.34
CA ASP A 1260 39.57 31.82 0.03
C ASP A 1260 38.22 31.13 -0.06
N GLN A 1261 37.92 30.25 0.89
CA GLN A 1261 36.64 29.54 0.86
C GLN A 1261 35.47 30.47 1.03
N MET A 1262 35.63 31.55 1.81
CA MET A 1262 34.56 32.51 1.97
C MET A 1262 34.20 33.15 0.63
N LEU A 1263 35.23 33.48 -0.16
CA LEU A 1263 34.99 34.13 -1.45
C LEU A 1263 34.22 33.20 -2.39
N LYS A 1264 34.59 31.93 -2.45
CA LYS A 1264 33.89 31.00 -3.33
C LYS A 1264 32.48 30.73 -2.83
N ARG A 1265 32.29 30.69 -1.51
CA ARG A 1265 30.95 30.55 -0.96
C ARG A 1265 30.07 31.73 -1.38
N ILE A 1266 30.62 32.95 -1.27
CA ILE A 1266 29.87 34.13 -1.67
C ILE A 1266 29.56 34.08 -3.16
N GLU A 1267 30.50 33.59 -3.96
CA GLU A 1267 30.26 33.47 -5.40
C GLU A 1267 29.13 32.49 -5.69
N ALA A 1268 29.16 31.33 -5.03
CA ALA A 1268 28.08 30.36 -5.21
C ALA A 1268 26.75 30.95 -4.77
N HIS A 1269 26.78 31.78 -3.72
CA HIS A 1269 25.56 32.44 -3.26
C HIS A 1269 25.07 33.45 -4.29
N MET A 1270 25.98 34.25 -4.86
CA MET A 1270 25.60 35.12 -5.98
C MET A 1270 24.94 34.33 -7.09
N LEU A 1271 25.56 33.22 -7.50
CA LEU A 1271 25.05 32.48 -8.64
C LEU A 1271 23.62 32.03 -8.43
N ASP A 1272 23.14 31.97 -7.19
CA ASP A 1272 21.83 31.40 -6.90
C ASP A 1272 20.81 32.41 -6.42
N LEU A 1273 21.09 33.13 -5.33
CA LEU A 1273 20.06 33.86 -4.61
C LEU A 1273 19.67 35.17 -5.28
N ILE A 1274 20.51 35.74 -6.14
CA ILE A 1274 20.25 37.06 -6.71
C ILE A 1274 19.23 36.91 -7.83
N ALA A 1275 18.17 37.71 -7.77
CA ALA A 1275 17.12 37.72 -8.77
C ALA A 1275 17.17 39.02 -9.55
N LEU A 1276 17.39 38.91 -10.87
CA LEU A 1276 17.45 40.10 -11.70
C LEU A 1276 16.06 40.70 -11.92
N ARG A 1277 15.07 39.86 -12.17
CA ARG A 1277 13.75 40.34 -12.52
C ARG A 1277 12.78 39.17 -12.54
N GLY A 1278 11.49 39.48 -12.58
CA GLY A 1278 10.45 38.49 -12.72
C GLY A 1278 9.99 37.96 -11.38
N ILE A 1279 8.80 37.37 -11.41
CA ILE A 1279 8.16 36.81 -10.21
C ILE A 1279 8.85 35.49 -9.89
N PRO A 1280 9.22 35.23 -8.64
CA PRO A 1280 9.82 33.94 -8.32
C PRO A 1280 8.86 32.80 -8.62
N GLY A 1281 9.42 31.69 -9.10
CA GLY A 1281 8.65 30.50 -9.35
C GLY A 1281 8.28 30.27 -10.81
N ILE A 1282 8.43 31.27 -11.66
CA ILE A 1282 8.04 31.17 -13.06
C ILE A 1282 9.29 30.83 -13.86
N SER A 1283 9.41 29.56 -14.27
CA SER A 1283 10.58 29.16 -15.03
C SER A 1283 10.61 29.82 -16.40
N LYS A 1284 9.50 29.77 -17.13
CA LYS A 1284 9.48 30.30 -18.48
C LYS A 1284 8.07 30.79 -18.78
N VAL A 1285 7.97 31.68 -19.76
CA VAL A 1285 6.72 32.26 -20.19
C VAL A 1285 6.58 32.09 -21.69
N TYR A 1286 5.40 31.66 -22.14
CA TYR A 1286 5.14 31.43 -23.55
C TYR A 1286 4.18 32.47 -24.08
N MET A 1287 4.37 32.83 -25.35
CA MET A 1287 3.57 33.82 -26.05
C MET A 1287 2.54 33.07 -26.89
N VAL A 1288 1.31 32.98 -26.39
CA VAL A 1288 0.27 32.18 -27.01
C VAL A 1288 -0.80 33.10 -27.57
N LYS A 1289 -1.35 32.74 -28.72
CA LYS A 1289 -2.44 33.47 -29.36
C LYS A 1289 -3.74 32.69 -29.14
N HIS A 1290 -4.74 33.35 -28.58
CA HIS A 1290 -6.02 32.72 -28.30
C HIS A 1290 -7.08 33.18 -29.30
N LYS A 1291 -8.05 32.30 -29.53
CA LYS A 1291 -9.24 32.59 -30.30
C LYS A 1291 -10.44 32.60 -29.37
N VAL A 1292 -11.23 33.67 -29.43
CA VAL A 1292 -12.36 33.85 -28.53
C VAL A 1292 -13.54 34.39 -29.32
N SER A 1293 -14.73 33.85 -29.05
CA SER A 1293 -15.96 34.40 -29.58
C SER A 1293 -16.28 35.71 -28.88
N VAL A 1294 -16.95 36.62 -29.59
CA VAL A 1294 -17.29 37.92 -29.05
C VAL A 1294 -18.48 38.48 -29.79
N PRO A 1295 -19.49 39.05 -29.11
CA PRO A 1295 -20.56 39.72 -29.84
C PRO A 1295 -20.03 40.91 -30.62
N ASP A 1296 -20.68 41.19 -31.74
CA ASP A 1296 -20.28 42.28 -32.60
C ASP A 1296 -21.26 43.45 -32.43
N GLU A 1297 -20.98 44.56 -33.13
CA GLU A 1297 -21.83 45.73 -32.99
C GLU A 1297 -23.28 45.40 -33.32
N SER A 1298 -23.51 44.62 -34.37
CA SER A 1298 -24.85 44.18 -34.73
C SER A 1298 -25.39 43.11 -33.80
N GLY A 1299 -24.66 42.77 -32.74
CA GLY A 1299 -25.02 41.68 -31.87
C GLY A 1299 -24.52 40.33 -32.33
N GLU A 1300 -24.05 40.23 -33.57
CA GLU A 1300 -23.57 38.96 -34.07
C GLU A 1300 -22.23 38.61 -33.44
N TYR A 1301 -21.91 37.32 -33.47
CA TYR A 1301 -20.71 36.80 -32.84
C TYR A 1301 -19.60 36.66 -33.87
N LYS A 1302 -18.43 37.17 -33.54
CA LYS A 1302 -17.28 37.11 -34.43
C LYS A 1302 -16.07 36.63 -33.65
N ASN A 1303 -15.37 35.66 -34.20
CA ASN A 1303 -14.12 35.25 -33.61
C ASN A 1303 -13.17 36.44 -33.53
N GLU A 1304 -12.15 36.32 -32.70
CA GLU A 1304 -11.23 37.43 -32.48
C GLU A 1304 -9.91 36.87 -32.00
N GLU A 1305 -8.90 36.90 -32.87
CA GLU A 1305 -7.56 36.48 -32.47
C GLU A 1305 -7.05 37.41 -31.38
N LEU A 1306 -6.61 36.82 -30.27
CA LEU A 1306 -6.11 37.58 -29.15
C LEU A 1306 -4.80 36.95 -28.68
N TRP A 1307 -3.92 37.78 -28.16
CA TRP A 1307 -2.68 37.30 -27.59
C TRP A 1307 -2.87 37.03 -26.10
N ALA A 1308 -2.14 36.03 -25.60
CA ALA A 1308 -2.19 35.71 -24.19
C ALA A 1308 -0.90 35.01 -23.80
N LEU A 1309 -0.64 34.95 -22.50
CA LEU A 1309 0.56 34.32 -21.97
C LEU A 1309 0.19 33.10 -21.14
N GLU A 1310 0.80 31.97 -21.47
CA GLU A 1310 0.70 30.74 -20.70
C GLU A 1310 2.10 30.37 -20.28
N THR A 1311 2.27 30.05 -18.99
CA THR A 1311 3.59 29.92 -18.41
C THR A 1311 3.75 28.57 -17.73
N ASP A 1312 4.91 28.39 -17.12
CA ASP A 1312 5.22 27.24 -16.29
C ASP A 1312 5.46 27.72 -14.87
N GLY A 1313 5.45 26.79 -13.92
CA GLY A 1313 5.53 27.15 -12.52
C GLY A 1313 4.31 27.93 -12.09
N ILE A 1314 4.14 28.05 -10.78
CA ILE A 1314 2.94 28.63 -10.21
C ILE A 1314 3.33 29.66 -9.16
N ASN A 1315 2.86 30.90 -9.35
CA ASN A 1315 2.83 31.89 -8.29
C ASN A 1315 1.64 32.80 -8.59
N LEU A 1316 0.49 32.45 -8.02
CA LEU A 1316 -0.75 33.11 -8.42
C LEU A 1316 -0.87 34.49 -7.82
N ALA A 1317 -0.75 34.60 -6.50
CA ALA A 1317 -0.96 35.89 -5.85
C ALA A 1317 -0.11 36.98 -6.49
N GLU A 1318 1.13 36.66 -6.84
CA GLU A 1318 2.02 37.67 -7.41
C GLU A 1318 1.61 38.02 -8.83
N VAL A 1319 1.55 37.04 -9.72
CA VAL A 1319 1.29 37.33 -11.12
C VAL A 1319 -0.03 38.06 -11.28
N MET A 1320 -1.04 37.66 -10.50
CA MET A 1320 -2.33 38.31 -10.58
C MET A 1320 -2.24 39.80 -10.26
N ALA A 1321 -1.24 40.22 -9.51
CA ALA A 1321 -1.08 41.62 -9.13
C ALA A 1321 -0.23 42.42 -10.09
N VAL A 1322 0.39 41.77 -11.06
CA VAL A 1322 1.30 42.48 -11.97
C VAL A 1322 0.52 43.50 -12.78
N PRO A 1323 1.01 44.73 -12.93
CA PRO A 1323 0.29 45.70 -13.76
C PRO A 1323 0.22 45.25 -15.21
N GLY A 1324 -0.83 45.68 -15.90
CA GLY A 1324 -1.02 45.33 -17.28
C GLY A 1324 -1.54 43.93 -17.54
N VAL A 1325 -1.97 43.23 -16.50
CA VAL A 1325 -2.51 41.88 -16.62
C VAL A 1325 -3.89 41.86 -16.01
N ASP A 1326 -4.86 41.36 -16.77
CA ASP A 1326 -6.21 41.23 -16.24
C ASP A 1326 -6.17 40.36 -14.99
N SER A 1327 -6.43 40.96 -13.85
CA SER A 1327 -6.40 40.23 -12.58
C SER A 1327 -7.70 39.50 -12.29
N SER A 1328 -8.70 39.64 -13.16
CA SER A 1328 -9.99 39.00 -12.95
C SER A 1328 -10.13 37.69 -13.71
N ARG A 1329 -9.22 37.38 -14.63
CA ARG A 1329 -9.32 36.19 -15.46
C ARG A 1329 -8.10 35.29 -15.37
N THR A 1330 -7.09 35.66 -14.59
CA THR A 1330 -5.94 34.78 -14.46
C THR A 1330 -6.37 33.43 -13.94
N TYR A 1331 -5.81 32.37 -14.52
CA TYR A 1331 -6.19 31.01 -14.18
C TYR A 1331 -4.96 30.14 -14.03
N SER A 1332 -5.02 29.23 -13.05
CA SER A 1332 -3.95 28.31 -12.76
C SER A 1332 -4.49 26.89 -12.79
N ASN A 1333 -3.62 25.96 -13.16
CA ASN A 1333 -4.01 24.56 -13.27
C ASN A 1333 -3.76 23.77 -11.98
N SER A 1334 -3.32 24.42 -10.92
CA SER A 1334 -3.12 23.77 -9.63
C SER A 1334 -4.17 24.31 -8.67
N PHE A 1335 -5.23 23.53 -8.48
CA PHE A 1335 -6.40 24.05 -7.78
C PHE A 1335 -6.16 24.29 -6.29
N VAL A 1336 -5.15 23.67 -5.69
CA VAL A 1336 -4.85 23.98 -4.29
C VAL A 1336 -4.48 25.46 -4.17
N GLU A 1337 -3.77 25.99 -5.16
CA GLU A 1337 -3.52 27.43 -5.16
C GLU A 1337 -4.83 28.19 -5.18
N ILE A 1338 -5.78 27.73 -5.99
CA ILE A 1338 -7.08 28.41 -6.05
C ILE A 1338 -7.72 28.42 -4.67
N LEU A 1339 -7.68 27.30 -3.98
CA LEU A 1339 -8.23 27.26 -2.63
C LEU A 1339 -7.50 28.25 -1.74
N SER A 1340 -6.18 28.32 -1.85
CA SER A 1340 -5.43 29.23 -0.99
C SER A 1340 -5.77 30.68 -1.27
N VAL A 1341 -5.98 31.04 -2.53
CA VAL A 1341 -6.07 32.44 -2.96
C VAL A 1341 -7.52 32.84 -3.23
N LEU A 1342 -8.18 32.17 -4.15
CA LEU A 1342 -9.51 32.59 -4.60
C LEU A 1342 -10.63 31.94 -3.85
N GLY A 1343 -10.42 31.53 -2.60
CA GLY A 1343 -11.50 30.98 -1.80
C GLY A 1343 -11.81 29.55 -2.18
N ILE A 1344 -13.02 29.09 -1.84
CA ILE A 1344 -13.42 27.71 -2.08
C ILE A 1344 -14.14 27.56 -3.40
N GLU A 1345 -15.13 28.41 -3.66
CA GLU A 1345 -15.97 28.23 -4.85
C GLU A 1345 -15.12 28.29 -6.12
N ALA A 1346 -14.17 29.22 -6.17
CA ALA A 1346 -13.28 29.28 -7.32
C ALA A 1346 -12.56 27.95 -7.50
N THR A 1347 -12.12 27.35 -6.40
CA THR A 1347 -11.49 26.04 -6.50
C THR A 1347 -12.46 25.02 -7.06
N ARG A 1348 -13.72 25.08 -6.64
CA ARG A 1348 -14.70 24.13 -7.13
C ARG A 1348 -14.86 24.23 -8.63
N SER A 1349 -15.05 25.44 -9.14
CA SER A 1349 -15.22 25.61 -10.58
C SER A 1349 -13.96 25.21 -11.32
N SER A 1350 -12.79 25.57 -10.80
CA SER A 1350 -11.56 25.20 -11.49
C SER A 1350 -11.38 23.69 -11.52
N LEU A 1351 -11.71 23.01 -10.44
CA LEU A 1351 -11.61 21.56 -10.41
C LEU A 1351 -12.54 20.94 -11.43
N TYR A 1352 -13.76 21.45 -11.52
CA TYR A 1352 -14.65 20.96 -12.56
C TYR A 1352 -14.03 21.15 -13.94
N LYS A 1353 -13.42 22.31 -14.16
CA LYS A 1353 -12.82 22.58 -15.46
C LYS A 1353 -11.71 21.58 -15.75
N GLU A 1354 -10.89 21.28 -14.75
CA GLU A 1354 -9.80 20.34 -14.97
C GLU A 1354 -10.34 18.95 -15.32
N ILE A 1355 -11.33 18.48 -14.56
CA ILE A 1355 -11.87 17.16 -14.84
C ILE A 1355 -12.47 17.12 -16.24
N LEU A 1356 -13.23 18.15 -16.60
CA LEU A 1356 -13.84 18.18 -17.92
C LEU A 1356 -12.79 18.19 -19.00
N ASN A 1357 -11.72 18.96 -18.81
CA ASN A 1357 -10.65 19.01 -19.78
C ASN A 1357 -10.02 17.64 -19.97
N VAL A 1358 -9.79 16.93 -18.87
CA VAL A 1358 -9.21 15.59 -18.99
C VAL A 1358 -10.14 14.68 -19.76
N ILE A 1359 -11.42 14.63 -19.37
CA ILE A 1359 -12.32 13.63 -19.93
C ILE A 1359 -12.59 13.93 -21.40
N ALA A 1360 -12.94 15.16 -21.73
CA ALA A 1360 -13.32 15.52 -23.09
C ALA A 1360 -12.14 15.45 -24.06
N PHE A 1361 -10.91 15.31 -23.57
CA PHE A 1361 -9.76 15.38 -24.45
C PHE A 1361 -9.85 14.35 -25.56
N ASP A 1362 -10.07 13.08 -25.22
CA ASP A 1362 -10.10 12.04 -26.23
C ASP A 1362 -11.28 12.19 -27.18
N GLY A 1363 -12.26 13.04 -26.83
CA GLY A 1363 -13.48 13.17 -27.60
C GLY A 1363 -14.70 12.62 -26.88
N SER A 1364 -14.51 11.88 -25.80
CA SER A 1364 -15.63 11.41 -25.01
C SER A 1364 -16.42 12.61 -24.47
N TYR A 1365 -17.60 12.32 -23.92
CA TYR A 1365 -18.44 13.34 -23.32
C TYR A 1365 -19.26 12.71 -22.21
N VAL A 1366 -19.26 13.36 -21.05
CA VAL A 1366 -19.98 12.87 -19.88
C VAL A 1366 -20.92 13.98 -19.40
N ASN A 1367 -22.16 13.60 -19.13
CA ASN A 1367 -23.14 14.56 -18.66
C ASN A 1367 -22.59 15.39 -17.52
N TYR A 1368 -22.97 16.66 -17.49
CA TYR A 1368 -22.37 17.59 -16.54
C TYR A 1368 -22.68 17.20 -15.10
N ARG A 1369 -23.90 16.74 -14.83
CA ARG A 1369 -24.31 16.53 -13.45
C ARG A 1369 -23.35 15.60 -12.73
N HIS A 1370 -22.77 14.63 -13.43
CA HIS A 1370 -21.87 13.69 -12.76
C HIS A 1370 -20.63 14.39 -12.24
N MET A 1371 -19.95 15.15 -13.11
CA MET A 1371 -18.80 15.89 -12.65
C MET A 1371 -19.19 16.88 -11.56
N ALA A 1372 -20.36 17.49 -11.67
CA ALA A 1372 -20.79 18.42 -10.63
C ALA A 1372 -20.91 17.71 -9.29
N LEU A 1373 -21.55 16.55 -9.28
CA LEU A 1373 -21.68 15.82 -8.03
C LEU A 1373 -20.32 15.44 -7.47
N LEU A 1374 -19.42 14.99 -8.33
CA LEU A 1374 -18.09 14.59 -7.84
C LEU A 1374 -17.38 15.78 -7.21
N VAL A 1375 -17.27 16.88 -7.94
CA VAL A 1375 -16.54 18.02 -7.41
C VAL A 1375 -17.20 18.54 -6.14
N ASP A 1376 -18.53 18.59 -6.09
CA ASP A 1376 -19.18 19.06 -4.88
C ASP A 1376 -18.87 18.16 -3.70
N VAL A 1377 -18.87 16.84 -3.89
CA VAL A 1377 -18.49 15.95 -2.79
C VAL A 1377 -17.07 16.24 -2.36
N MET A 1378 -16.17 16.46 -3.31
CA MET A 1378 -14.78 16.68 -2.94
C MET A 1378 -14.62 17.91 -2.07
N THR A 1379 -15.32 19.00 -2.38
CA THR A 1379 -15.18 20.26 -1.65
C THR A 1379 -16.44 20.60 -0.85
N SER A 1380 -17.10 19.60 -0.29
CA SER A 1380 -18.22 19.88 0.58
C SER A 1380 -17.78 20.50 1.90
N ARG A 1381 -16.76 19.94 2.54
CA ARG A 1381 -16.36 20.36 3.87
C ARG A 1381 -15.43 21.56 3.87
N GLY A 1382 -15.39 22.33 2.78
CA GLY A 1382 -14.65 23.56 2.74
C GLY A 1382 -13.17 23.42 2.52
N TYR A 1383 -12.66 22.19 2.40
CA TYR A 1383 -11.26 21.96 2.13
C TYR A 1383 -11.11 20.74 1.22
N LEU A 1384 -10.07 20.77 0.40
CA LEU A 1384 -9.84 19.71 -0.58
C LEU A 1384 -9.78 18.38 0.14
N MET A 1385 -10.76 17.52 -0.10
CA MET A 1385 -10.84 16.21 0.53
C MET A 1385 -10.41 15.16 -0.50
N ALA A 1386 -9.11 14.93 -0.60
CA ALA A 1386 -8.59 14.02 -1.62
C ALA A 1386 -9.28 12.67 -1.53
N ILE A 1387 -9.27 11.94 -2.64
CA ILE A 1387 -9.96 10.64 -2.71
C ILE A 1387 -8.90 9.58 -2.45
N THR A 1388 -8.69 9.29 -1.17
CA THR A 1388 -7.78 8.23 -0.74
C THR A 1388 -8.26 7.75 0.62
N ARG A 1389 -7.47 6.87 1.24
CA ARG A 1389 -7.78 6.42 2.59
C ARG A 1389 -7.73 7.58 3.57
N HIS A 1390 -6.72 8.45 3.44
CA HIS A 1390 -6.49 9.50 4.41
C HIS A 1390 -7.73 10.41 4.52
N GLY A 1391 -8.08 11.09 3.44
CA GLY A 1391 -9.17 12.04 3.50
C GLY A 1391 -10.50 11.38 3.80
N ILE A 1392 -10.81 10.29 3.11
CA ILE A 1392 -12.12 9.66 3.27
C ILE A 1392 -12.30 9.14 4.69
N ASN A 1393 -11.32 8.40 5.19
CA ASN A 1393 -11.43 7.85 6.54
C ASN A 1393 -11.35 8.93 7.61
N ARG A 1394 -10.76 10.08 7.30
CA ARG A 1394 -10.76 11.21 8.23
C ARG A 1394 -12.13 11.84 8.37
N ALA A 1395 -13.08 11.47 7.52
CA ALA A 1395 -14.44 11.94 7.65
C ALA A 1395 -15.06 11.42 8.94
N ASP A 1396 -16.29 11.85 9.21
CA ASP A 1396 -17.01 11.49 10.42
C ASP A 1396 -18.17 10.53 10.13
N THR A 1397 -18.04 9.72 9.10
CA THR A 1397 -19.07 8.74 8.77
C THR A 1397 -19.04 7.62 9.81
N GLY A 1398 -19.90 6.62 9.64
CA GLY A 1398 -19.91 5.50 10.54
C GLY A 1398 -18.57 4.77 10.54
N ALA A 1399 -18.24 4.16 11.68
CA ALA A 1399 -17.00 3.40 11.77
C ALA A 1399 -17.02 2.23 10.80
N LEU A 1400 -18.18 1.56 10.69
CA LEU A 1400 -18.27 0.41 9.78
C LEU A 1400 -18.02 0.81 8.34
N MET A 1401 -18.60 1.93 7.90
CA MET A 1401 -18.40 2.36 6.52
C MET A 1401 -16.92 2.56 6.22
N ARG A 1402 -16.21 3.25 7.11
CA ARG A 1402 -14.81 3.55 6.87
C ARG A 1402 -13.91 2.34 7.03
N CYS A 1403 -14.26 1.41 7.94
CA CYS A 1403 -13.41 0.24 8.10
C CYS A 1403 -13.38 -0.62 6.84
N SER A 1404 -14.53 -0.74 6.17
CA SER A 1404 -14.60 -1.54 4.96
C SER A 1404 -13.68 -1.02 3.86
N PHE A 1405 -13.33 0.26 3.88
CA PHE A 1405 -12.55 0.84 2.79
C PHE A 1405 -11.07 0.52 2.94
N GLU A 1406 -10.47 0.91 4.06
CA GLU A 1406 -9.03 0.77 4.24
C GLU A 1406 -8.69 0.65 5.72
N GLU A 1407 -7.51 0.09 5.99
CA GLU A 1407 -6.93 0.05 7.33
C GLU A 1407 -7.99 -0.36 8.35
N THR A 1408 -8.62 -1.50 8.08
CA THR A 1408 -9.80 -1.90 8.85
C THR A 1408 -9.50 -1.98 10.34
N VAL A 1409 -8.46 -2.74 10.71
CA VAL A 1409 -8.19 -2.94 12.13
C VAL A 1409 -7.90 -1.62 12.81
N GLU A 1410 -7.22 -0.70 12.13
CA GLU A 1410 -6.97 0.60 12.73
C GLU A 1410 -8.28 1.31 13.05
N ILE A 1411 -9.21 1.33 12.10
CA ILE A 1411 -10.48 1.99 12.33
C ILE A 1411 -11.22 1.32 13.47
N LEU A 1412 -11.22 0.00 13.50
CA LEU A 1412 -11.92 -0.71 14.57
C LEU A 1412 -11.31 -0.39 15.93
N PHE A 1413 -9.98 -0.35 16.01
CA PHE A 1413 -9.33 -0.01 17.27
C PHE A 1413 -9.71 1.40 17.70
N GLU A 1414 -9.66 2.36 16.78
CA GLU A 1414 -9.99 3.73 17.15
C GLU A 1414 -11.43 3.82 17.64
N ALA A 1415 -12.36 3.17 16.94
CA ALA A 1415 -13.76 3.21 17.34
C ALA A 1415 -13.96 2.56 18.70
N GLY A 1416 -13.32 1.41 18.94
CA GLY A 1416 -13.44 0.78 20.24
C GLY A 1416 -12.89 1.65 21.34
N ALA A 1417 -11.76 2.30 21.08
CA ALA A 1417 -11.18 3.20 22.09
C ALA A 1417 -12.12 4.35 22.39
N ALA A 1418 -12.69 4.96 21.37
CA ALA A 1418 -13.59 6.09 21.55
C ALA A 1418 -15.03 5.67 21.76
N ALA A 1419 -15.32 4.37 21.77
CA ALA A 1419 -16.68 3.88 21.93
C ALA A 1419 -17.60 4.53 20.90
N GLU A 1420 -17.11 4.62 19.67
CA GLU A 1420 -17.88 5.27 18.62
C GLU A 1420 -19.19 4.53 18.39
N LEU A 1421 -20.21 5.30 18.03
CA LEU A 1421 -21.55 4.77 17.76
C LEU A 1421 -21.85 4.95 16.29
N ASP A 1422 -22.21 3.85 15.62
CA ASP A 1422 -22.57 3.86 14.21
C ASP A 1422 -24.08 3.73 14.10
N ASP A 1423 -24.71 4.68 13.42
CA ASP A 1423 -26.16 4.77 13.39
C ASP A 1423 -26.81 3.72 12.48
N CYS A 1424 -26.02 2.99 11.69
CA CYS A 1424 -26.56 1.98 10.78
C CYS A 1424 -27.53 2.59 9.79
N ARG A 1425 -27.31 3.85 9.44
CA ARG A 1425 -28.11 4.51 8.42
C ARG A 1425 -27.36 4.65 7.10
N GLY A 1426 -26.19 4.04 6.97
CA GLY A 1426 -25.46 4.01 5.73
C GLY A 1426 -25.90 2.85 4.86
N VAL A 1427 -25.17 2.64 3.78
CA VAL A 1427 -25.41 1.53 2.86
C VAL A 1427 -24.58 0.33 3.20
N SER A 1428 -23.26 0.52 3.35
CA SER A 1428 -22.38 -0.60 3.63
C SER A 1428 -22.76 -1.27 4.95
N GLU A 1429 -23.14 -0.47 5.96
CA GLU A 1429 -23.55 -1.06 7.23
C GLU A 1429 -24.68 -2.04 7.03
N ASN A 1430 -25.84 -1.56 6.56
CA ASN A 1430 -26.98 -2.44 6.39
C ASN A 1430 -26.64 -3.61 5.48
N VAL A 1431 -25.72 -3.41 4.53
CA VAL A 1431 -25.30 -4.51 3.69
C VAL A 1431 -24.64 -5.60 4.51
N MET A 1432 -23.70 -5.22 5.39
CA MET A 1432 -23.07 -6.21 6.25
C MET A 1432 -24.09 -6.96 7.07
N LEU A 1433 -25.03 -6.25 7.67
CA LEU A 1433 -26.00 -6.85 8.56
C LEU A 1433 -27.17 -7.46 7.82
N GLY A 1434 -27.12 -7.49 6.49
CA GLY A 1434 -28.18 -8.11 5.72
C GLY A 1434 -29.54 -7.50 6.01
N GLN A 1435 -29.60 -6.17 6.05
CA GLN A 1435 -30.84 -5.45 6.26
C GLN A 1435 -31.16 -4.62 5.01
N LEU A 1436 -32.45 -4.41 4.79
CA LEU A 1436 -32.90 -3.63 3.65
C LEU A 1436 -32.33 -2.23 3.75
N ALA A 1437 -31.43 -1.88 2.85
CA ALA A 1437 -30.72 -0.62 2.95
C ALA A 1437 -31.68 0.56 2.72
N PRO A 1438 -31.37 1.72 3.27
CA PRO A 1438 -32.20 2.90 3.01
C PRO A 1438 -31.90 3.48 1.64
N MET A 1439 -32.52 2.90 0.62
CA MET A 1439 -32.19 3.26 -0.76
C MET A 1439 -33.16 2.54 -1.68
N GLY A 1440 -33.13 2.92 -2.96
CA GLY A 1440 -33.92 2.27 -3.97
C GLY A 1440 -35.29 1.90 -3.46
N THR A 1441 -35.65 0.62 -3.59
CA THR A 1441 -36.92 0.15 -3.07
C THR A 1441 -36.95 0.13 -1.55
N GLY A 1442 -35.82 0.33 -0.90
CA GLY A 1442 -35.77 0.33 0.55
C GLY A 1442 -35.71 1.71 1.16
N ALA A 1443 -36.07 2.73 0.39
CA ALA A 1443 -36.02 4.10 0.86
C ALA A 1443 -37.34 4.57 1.44
N PHE A 1444 -38.22 3.66 1.85
CA PHE A 1444 -39.50 4.02 2.45
C PHE A 1444 -40.09 2.78 3.08
N ASP A 1445 -41.35 2.89 3.52
CA ASP A 1445 -42.03 1.77 4.17
C ASP A 1445 -43.44 1.66 3.62
N VAL A 1446 -43.97 0.45 3.65
CA VAL A 1446 -45.30 0.17 3.14
C VAL A 1446 -46.19 -0.21 4.33
N MET A 1447 -47.21 0.60 4.57
CA MET A 1447 -48.17 0.38 5.64
C MET A 1447 -49.47 -0.16 5.05
N ILE A 1448 -50.00 -1.21 5.66
CA ILE A 1448 -51.31 -1.72 5.26
C ILE A 1448 -52.38 -0.83 5.86
N ASP A 1449 -53.26 -0.33 5.01
CA ASP A 1449 -54.34 0.55 5.43
C ASP A 1449 -55.59 -0.26 5.71
N GLU A 1450 -56.45 0.28 6.57
CA GLU A 1450 -57.76 -0.30 6.83
C GLU A 1450 -58.89 0.60 6.36
N LYS A 1451 -58.63 1.90 6.21
CA LYS A 1451 -59.67 2.82 5.74
C LYS A 1451 -60.13 2.43 4.35
N LEU A 1452 -59.21 2.11 3.45
CA LEU A 1452 -59.61 1.69 2.11
C LEU A 1452 -60.11 0.26 2.09
N LEU A 1453 -59.48 -0.64 2.86
CA LEU A 1453 -59.94 -2.03 2.86
C LEU A 1453 -61.32 -2.18 3.48
N THR A 1454 -61.81 -1.17 4.20
CA THR A 1454 -63.19 -1.21 4.65
C THR A 1454 -64.16 -1.22 3.48
N SER A 1455 -63.74 -0.73 2.31
CA SER A 1455 -64.61 -0.70 1.14
C SER A 1455 -64.88 -2.07 0.55
N LEU A 1456 -64.18 -3.11 1.02
CA LEU A 1456 -64.43 -4.44 0.49
C LEU A 1456 -65.88 -4.85 0.77
N PRO A 1457 -66.51 -5.60 -0.14
CA PRO A 1457 -67.86 -6.09 0.12
C PRO A 1457 -67.97 -6.82 1.45
N ALA A 1458 -69.21 -7.04 1.88
CA ALA A 1458 -69.47 -7.53 3.23
C ALA A 1458 -68.92 -8.94 3.46
N ASP A 1459 -68.90 -9.79 2.43
CA ASP A 1459 -68.43 -11.16 2.59
C ASP A 1459 -66.91 -11.26 2.54
N TYR A 1460 -66.20 -10.16 2.72
CA TYR A 1460 -64.75 -10.13 2.77
C TYR A 1460 -64.21 -10.00 4.20
N ALA A 1461 -65.09 -10.05 5.19
CA ALA A 1461 -64.67 -9.82 6.56
C ALA A 1461 -63.72 -10.93 7.03
N PRO A 1462 -62.63 -10.60 7.73
CA PRO A 1462 -61.74 -11.65 8.22
C PRO A 1462 -62.44 -12.56 9.22
N THR A 1463 -62.02 -13.82 9.24
CA THR A 1463 -62.59 -14.81 10.13
C THR A 1463 -62.21 -14.51 11.58
N ASP B 9 33.75 -20.04 -58.09
CA ASP B 9 33.03 -19.56 -56.87
C ASP B 9 31.71 -18.91 -57.25
N ASP B 10 30.64 -19.71 -57.25
CA ASP B 10 29.32 -19.22 -57.60
C ASP B 10 28.62 -18.65 -56.37
N THR B 11 27.68 -17.75 -56.62
CA THR B 11 26.96 -17.11 -55.54
C THR B 11 26.22 -18.15 -54.70
N ILE B 12 26.01 -17.82 -53.43
CA ILE B 12 25.37 -18.74 -52.49
C ILE B 12 23.88 -18.48 -52.53
N THR B 13 23.12 -19.48 -52.99
CA THR B 13 21.68 -19.34 -53.07
C THR B 13 21.04 -19.65 -51.72
N THR B 14 19.75 -19.34 -51.63
CA THR B 14 19.02 -19.57 -50.38
C THR B 14 19.05 -21.03 -49.99
N GLU B 15 18.88 -21.94 -50.95
CA GLU B 15 18.91 -23.36 -50.64
C GLU B 15 20.19 -23.72 -49.92
N ASP B 16 21.30 -23.04 -50.27
CA ASP B 16 22.53 -23.25 -49.53
C ASP B 16 22.36 -22.88 -48.07
N CYS B 17 21.71 -21.75 -47.80
CA CYS B 17 21.50 -21.34 -46.42
C CYS B 17 20.69 -22.38 -45.67
N TRP B 18 19.62 -22.88 -46.29
CA TRP B 18 18.80 -23.88 -45.60
C TRP B 18 19.57 -25.18 -45.42
N THR B 19 20.46 -25.52 -46.36
CA THR B 19 21.32 -26.67 -46.15
C THR B 19 22.19 -26.48 -44.93
N VAL B 20 22.77 -25.28 -44.79
CA VAL B 20 23.62 -25.00 -43.65
C VAL B 20 22.83 -25.16 -42.37
N ILE B 21 21.63 -24.60 -42.32
CA ILE B 21 20.84 -24.66 -41.11
C ILE B 21 20.44 -26.10 -40.79
N SER B 22 20.11 -26.86 -41.84
CA SER B 22 19.75 -28.26 -41.61
C SER B 22 20.92 -29.02 -41.00
N ALA B 23 22.12 -28.80 -41.52
CA ALA B 23 23.29 -29.43 -40.93
C ALA B 23 23.46 -29.00 -39.48
N PHE B 24 23.30 -27.70 -39.23
CA PHE B 24 23.41 -27.21 -37.86
C PHE B 24 22.48 -27.97 -36.94
N PHE B 25 21.21 -28.05 -37.30
CA PHE B 25 20.27 -28.75 -36.43
C PHE B 25 20.64 -30.21 -36.29
N GLU B 26 21.12 -30.82 -37.37
CA GLU B 26 21.59 -32.20 -37.27
C GLU B 26 22.62 -32.34 -36.17
N GLU B 27 23.62 -31.45 -36.16
CA GLU B 27 24.70 -31.59 -35.19
C GLU B 27 24.23 -31.30 -33.77
N LYS B 28 23.53 -30.18 -33.57
CA LYS B 28 23.29 -29.69 -32.22
C LYS B 28 21.92 -30.11 -31.69
N GLY B 29 20.89 -30.02 -32.51
CA GLY B 29 19.55 -30.30 -32.06
C GLY B 29 18.95 -29.13 -31.30
N LEU B 30 17.68 -29.27 -30.96
CA LEU B 30 16.91 -28.14 -30.43
C LEU B 30 17.20 -27.83 -28.97
N VAL B 31 17.51 -28.84 -28.15
CA VAL B 31 17.64 -28.63 -26.72
C VAL B 31 19.08 -28.85 -26.30
N SER B 32 20.01 -28.61 -27.21
CA SER B 32 21.40 -28.94 -26.94
C SER B 32 21.92 -28.26 -25.70
N GLN B 33 21.52 -27.00 -25.47
CA GLN B 33 22.11 -26.25 -24.37
C GLN B 33 21.81 -26.88 -23.02
N GLN B 34 20.58 -27.36 -22.82
CA GLN B 34 20.25 -28.00 -21.55
C GLN B 34 21.15 -29.20 -21.29
N LEU B 35 21.26 -30.09 -22.28
CA LEU B 35 22.08 -31.28 -22.10
C LEU B 35 23.54 -30.89 -21.88
N ASP B 36 24.04 -29.93 -22.63
CA ASP B 36 25.43 -29.52 -22.47
C ASP B 36 25.68 -29.01 -21.07
N SER B 37 24.80 -28.15 -20.57
CA SER B 37 25.01 -27.60 -19.23
C SER B 37 24.96 -28.71 -18.18
N PHE B 38 23.97 -29.60 -18.27
CA PHE B 38 23.87 -30.64 -17.27
C PHE B 38 25.06 -31.58 -17.32
N ASP B 39 25.50 -31.95 -18.52
CA ASP B 39 26.66 -32.81 -18.64
C ASP B 39 27.90 -32.14 -18.07
N GLU B 40 28.08 -30.85 -18.34
CA GLU B 40 29.20 -30.14 -17.77
C GLU B 40 29.14 -30.18 -16.26
N PHE B 41 27.97 -29.89 -15.69
CA PHE B 41 27.82 -29.90 -14.25
C PHE B 41 28.20 -31.26 -13.67
N MET B 42 27.59 -32.33 -14.20
CA MET B 42 27.86 -33.66 -13.70
C MET B 42 29.32 -34.04 -13.85
N GLU B 43 29.93 -33.71 -14.98
CA GLU B 43 31.31 -34.12 -15.23
C GLU B 43 32.28 -33.41 -14.30
N THR B 44 32.14 -32.09 -14.15
CA THR B 44 33.18 -31.32 -13.48
C THR B 44 32.69 -30.70 -12.18
N SER B 45 31.56 -29.99 -12.24
CA SER B 45 31.22 -29.09 -11.15
C SER B 45 31.24 -29.79 -9.81
N ILE B 46 30.62 -30.98 -9.72
CA ILE B 46 30.52 -31.65 -8.43
C ILE B 46 31.90 -31.82 -7.82
N GLN B 47 32.87 -32.24 -8.63
CA GLN B 47 34.21 -32.44 -8.11
C GLN B 47 34.75 -31.14 -7.50
N ASP B 48 34.60 -30.03 -8.21
CA ASP B 48 35.10 -28.77 -7.70
C ASP B 48 34.34 -28.34 -6.46
N LEU B 49 33.02 -28.51 -6.45
CA LEU B 49 32.27 -28.18 -5.24
C LEU B 49 32.79 -28.94 -4.04
N VAL B 50 33.04 -30.24 -4.22
CA VAL B 50 33.55 -31.02 -3.10
C VAL B 50 34.91 -30.50 -2.67
N TRP B 51 35.78 -30.23 -3.63
CA TRP B 51 37.14 -29.80 -3.31
C TRP B 51 37.19 -28.37 -2.80
N GLU B 52 36.09 -27.63 -2.86
CA GLU B 52 36.09 -26.27 -2.34
C GLU B 52 36.44 -26.25 -0.87
N GLU B 53 35.96 -27.22 -0.11
CA GLU B 53 36.34 -27.40 1.29
C GLU B 53 37.16 -28.67 1.39
N PRO B 54 38.45 -28.61 1.05
CA PRO B 54 39.25 -29.84 0.90
C PRO B 54 39.77 -30.43 2.19
N ARG B 55 39.25 -30.05 3.35
CA ARG B 55 39.74 -30.63 4.60
C ARG B 55 38.84 -30.24 5.75
N LEU B 56 38.65 -31.20 6.67
CA LEU B 56 38.12 -30.93 7.99
C LEU B 56 39.23 -31.23 9.00
N ILE B 57 39.45 -30.30 9.92
CA ILE B 57 40.55 -30.40 10.87
C ILE B 57 39.99 -30.25 12.27
N LEU B 58 40.35 -31.19 13.15
CA LEU B 58 40.05 -31.12 14.56
C LEU B 58 41.36 -31.10 15.35
N ASP B 59 41.28 -30.60 16.58
CA ASP B 59 42.42 -30.52 17.47
C ASP B 59 42.01 -31.04 18.84
N GLN B 60 43.00 -31.50 19.61
CA GLN B 60 42.74 -32.11 20.92
C GLN B 60 44.01 -32.07 21.74
N PRO B 61 44.36 -30.91 22.30
CA PRO B 61 45.49 -30.83 23.23
C PRO B 61 45.15 -31.43 24.58
N ALA B 62 44.84 -32.72 24.57
CA ALA B 62 44.27 -33.38 25.75
C ALA B 62 45.21 -33.25 26.95
N GLN B 63 44.64 -32.82 28.07
CA GLN B 63 45.36 -32.69 29.33
C GLN B 63 44.56 -33.32 30.45
N HIS B 64 45.26 -33.82 31.46
CA HIS B 64 44.61 -34.44 32.59
C HIS B 64 45.53 -34.46 33.80
N ASP B 69 49.39 -34.45 31.58
CA ASP B 69 49.61 -35.23 30.37
C ASP B 69 49.05 -34.51 29.14
N ASN B 70 49.85 -33.59 28.60
CA ASN B 70 49.43 -32.78 27.47
C ASN B 70 49.86 -33.45 26.16
N ILE B 71 48.87 -33.89 25.38
CA ILE B 71 49.09 -34.49 24.07
C ILE B 71 48.21 -33.77 23.07
N ASN B 72 48.80 -33.36 21.96
CA ASN B 72 48.10 -32.62 20.91
C ASN B 72 47.69 -33.60 19.82
N LYS B 73 46.40 -33.92 19.77
CA LYS B 73 45.85 -34.82 18.79
C LYS B 73 45.01 -34.03 17.79
N ARG B 74 45.33 -34.17 16.51
CA ARG B 74 44.63 -33.47 15.44
C ARG B 74 43.95 -34.50 14.56
N TYR B 75 42.62 -34.51 14.56
CA TYR B 75 41.82 -35.36 13.69
C TYR B 75 41.56 -34.63 12.38
N GLU B 76 41.71 -35.36 11.27
CA GLU B 76 41.56 -34.79 9.94
C GLU B 76 40.64 -35.66 9.11
N ILE B 77 39.91 -35.04 8.20
CA ILE B 77 39.15 -35.74 7.17
C ILE B 77 39.53 -35.12 5.83
N ARG B 78 39.98 -35.95 4.90
CA ARG B 78 40.43 -35.50 3.60
C ARG B 78 39.49 -36.05 2.54
N PHE B 79 38.91 -35.16 1.74
CA PHE B 79 37.96 -35.55 0.71
C PHE B 79 38.70 -36.01 -0.54
N GLY B 80 38.10 -36.97 -1.23
CA GLY B 80 38.71 -37.59 -2.39
C GLY B 80 37.78 -37.54 -3.59
N LYS B 81 38.10 -38.37 -4.58
CA LYS B 81 37.38 -38.38 -5.84
C LYS B 81 35.91 -38.67 -5.63
N ILE B 82 35.13 -38.44 -6.68
CA ILE B 82 33.70 -38.76 -6.71
C ILE B 82 33.48 -39.86 -7.74
N TYR B 83 32.64 -40.81 -7.41
CA TYR B 83 32.29 -41.90 -8.32
C TYR B 83 30.79 -41.90 -8.57
N LEU B 84 30.41 -42.03 -9.84
CA LEU B 84 29.03 -41.91 -10.28
C LEU B 84 28.60 -43.20 -10.96
N SER B 85 27.36 -43.60 -10.72
CA SER B 85 26.82 -44.84 -11.26
C SER B 85 25.56 -44.54 -12.05
N ARG B 86 25.21 -45.46 -12.95
CA ARG B 86 23.96 -45.32 -13.67
C ARG B 86 22.79 -45.58 -12.71
N PRO B 87 21.65 -44.95 -12.95
CA PRO B 87 20.56 -45.03 -11.98
C PRO B 87 20.11 -46.46 -11.72
N THR B 88 19.73 -46.73 -10.48
CA THR B 88 19.44 -48.08 -10.04
C THR B 88 18.30 -48.06 -9.03
N MET B 89 17.58 -49.17 -8.93
CA MET B 89 16.61 -49.39 -7.86
C MET B 89 17.18 -50.32 -6.81
N THR B 90 16.82 -50.05 -5.56
CA THR B 90 17.04 -50.95 -4.44
C THR B 90 15.65 -51.31 -3.91
N GLU B 91 15.06 -52.36 -4.47
CA GLU B 91 13.74 -52.78 -4.06
C GLU B 91 13.74 -53.16 -2.59
N ALA B 92 12.61 -52.90 -1.93
CA ALA B 92 12.48 -53.25 -0.52
C ALA B 92 12.75 -54.71 -0.26
N ASP B 93 12.56 -55.57 -1.26
CA ASP B 93 12.96 -56.96 -1.16
C ASP B 93 14.48 -57.11 -1.09
N GLY B 94 15.23 -56.04 -1.34
CA GLY B 94 16.67 -56.09 -1.36
C GLY B 94 17.27 -56.32 -2.73
N THR B 95 16.44 -56.62 -3.72
CA THR B 95 16.95 -56.79 -5.08
C THR B 95 17.29 -55.44 -5.70
N THR B 96 18.18 -55.46 -6.68
CA THR B 96 18.59 -54.26 -7.39
C THR B 96 18.66 -54.56 -8.87
N HIS B 97 18.68 -53.50 -9.67
CA HIS B 97 18.76 -53.63 -11.11
C HIS B 97 18.83 -52.26 -11.74
N ALA B 98 19.36 -52.22 -12.96
CA ALA B 98 19.47 -50.96 -13.68
C ALA B 98 18.09 -50.38 -13.91
N MET B 99 18.01 -49.05 -13.86
CA MET B 99 16.78 -48.30 -14.10
C MET B 99 16.64 -47.89 -15.55
N PHE B 100 15.41 -47.67 -15.96
CA PHE B 100 15.09 -47.01 -17.21
C PHE B 100 13.91 -46.08 -16.96
N PRO B 101 13.91 -44.90 -17.59
CA PRO B 101 12.95 -43.87 -17.17
C PRO B 101 11.52 -44.33 -17.17
N GLN B 102 11.12 -45.15 -18.15
CA GLN B 102 9.72 -45.50 -18.27
C GLN B 102 9.20 -46.13 -16.99
N GLU B 103 9.97 -47.04 -16.39
CA GLU B 103 9.54 -47.63 -15.13
C GLU B 103 9.32 -46.54 -14.09
N ALA B 104 10.20 -45.53 -14.08
CA ALA B 104 10.02 -44.44 -13.12
C ALA B 104 8.70 -43.72 -13.36
N ARG B 105 8.45 -43.30 -14.61
CA ARG B 105 7.20 -42.63 -14.91
C ARG B 105 6.02 -43.48 -14.48
N LEU B 106 6.14 -44.80 -14.61
CA LEU B 106 5.02 -45.67 -14.30
C LEU B 106 4.83 -45.83 -12.80
N ARG B 107 5.92 -45.87 -12.05
CA ARG B 107 5.88 -46.23 -10.63
C ARG B 107 6.11 -45.05 -9.70
N ASN B 108 6.03 -43.82 -10.21
CA ASN B 108 6.21 -42.64 -9.37
C ASN B 108 7.57 -42.65 -8.68
N LEU B 109 8.59 -43.01 -9.43
CA LEU B 109 9.95 -43.09 -8.91
C LEU B 109 10.68 -41.78 -9.13
N THR B 110 11.99 -41.81 -8.95
CA THR B 110 12.86 -40.67 -9.23
C THR B 110 14.09 -41.15 -9.98
N TYR B 111 14.20 -40.76 -11.24
CA TYR B 111 15.31 -41.20 -12.06
C TYR B 111 16.59 -40.53 -11.56
N SER B 112 17.31 -41.21 -10.68
CA SER B 112 18.47 -40.62 -10.02
C SER B 112 19.57 -41.65 -9.92
N SER B 113 20.79 -41.15 -9.76
CA SER B 113 21.96 -42.01 -9.65
C SER B 113 22.69 -41.74 -8.33
N PRO B 114 23.06 -42.78 -7.59
CA PRO B 114 23.79 -42.55 -6.34
C PRO B 114 25.14 -41.93 -6.60
N VAL B 115 25.62 -41.19 -5.61
CA VAL B 115 26.90 -40.51 -5.68
C VAL B 115 27.83 -41.11 -4.64
N TYR B 116 29.04 -41.46 -5.05
CA TYR B 116 30.04 -42.04 -4.18
C TYR B 116 31.23 -41.09 -4.07
N LEU B 117 31.64 -40.83 -2.83
CA LEU B 117 32.72 -39.89 -2.56
C LEU B 117 33.82 -40.62 -1.79
N ASP B 118 35.06 -40.29 -2.10
CA ASP B 118 36.20 -40.95 -1.47
C ASP B 118 36.62 -40.22 -0.22
N MET B 119 36.49 -40.89 0.93
CA MET B 119 36.88 -40.34 2.20
C MET B 119 38.33 -40.67 2.52
N GLU B 120 38.84 -40.02 3.56
CA GLU B 120 40.20 -40.27 4.03
C GLU B 120 40.31 -39.78 5.45
N LYS B 121 40.53 -40.70 6.38
CA LYS B 121 40.70 -40.38 7.80
C LYS B 121 42.18 -40.48 8.14
N SER B 122 42.83 -39.33 8.31
CA SER B 122 44.23 -39.26 8.70
C SER B 122 44.32 -38.57 10.06
N MET B 123 45.28 -39.01 10.87
CA MET B 123 45.43 -38.54 12.24
C MET B 123 46.81 -37.94 12.46
N PHE B 124 46.87 -36.88 13.25
CA PHE B 124 48.11 -36.21 13.61
C PHE B 124 48.14 -36.03 15.13
N THR B 125 49.03 -36.75 15.79
CA THR B 125 49.18 -36.70 17.23
C THR B 125 50.60 -36.24 17.57
N SER B 126 50.73 -35.31 18.51
CA SER B 126 52.03 -34.84 18.98
C SER B 126 51.92 -34.39 20.42
N ILE B 127 53.02 -34.52 21.15
CA ILE B 127 53.14 -34.02 22.52
C ILE B 127 54.19 -32.92 22.50
N ASP B 128 53.78 -31.71 22.88
CA ASP B 128 54.66 -30.55 22.78
C ASP B 128 53.97 -29.28 23.24
N GLY B 153 38.98 -44.46 5.02
CA GLY B 153 38.44 -43.68 3.92
C GLY B 153 38.19 -44.52 2.69
N ASN B 154 36.96 -44.49 2.19
CA ASN B 154 36.58 -45.32 1.06
C ASN B 154 35.40 -44.66 0.34
N LYS B 155 34.81 -45.40 -0.60
CA LYS B 155 33.59 -44.95 -1.26
C LYS B 155 32.48 -44.85 -0.23
N VAL B 156 31.79 -43.71 -0.21
CA VAL B 156 30.66 -43.50 0.69
C VAL B 156 29.49 -42.98 -0.12
N HIS B 157 28.35 -43.63 0.03
CA HIS B 157 27.12 -43.17 -0.61
C HIS B 157 26.65 -41.90 0.07
N ILE B 158 26.71 -40.78 -0.63
CA ILE B 158 26.30 -39.51 -0.07
C ILE B 158 24.91 -39.09 -0.54
N GLY B 159 24.43 -39.62 -1.65
CA GLY B 159 23.11 -39.26 -2.14
C GLY B 159 22.95 -39.66 -3.59
N LYS B 160 21.73 -39.48 -4.07
CA LYS B 160 21.36 -39.80 -5.44
C LYS B 160 20.93 -38.52 -6.14
N VAL B 161 21.64 -38.17 -7.20
CA VAL B 161 21.36 -36.96 -7.98
C VAL B 161 20.45 -37.33 -9.13
N PRO B 162 19.33 -36.63 -9.33
CA PRO B 162 18.52 -36.89 -10.53
C PRO B 162 19.33 -36.66 -11.78
N ILE B 163 19.09 -37.49 -12.79
CA ILE B 163 19.84 -37.48 -14.04
C ILE B 163 18.89 -37.07 -15.16
N MET B 164 19.24 -36.01 -15.88
CA MET B 164 18.37 -35.54 -16.94
C MET B 164 18.34 -36.52 -18.09
N LEU B 165 17.14 -36.75 -18.63
CA LEU B 165 16.99 -37.73 -19.70
C LEU B 165 17.86 -37.35 -20.90
N ARG B 166 18.42 -38.36 -21.54
CA ARG B 166 19.24 -38.24 -22.74
C ARG B 166 20.59 -37.60 -22.48
N SER B 167 20.86 -37.18 -21.26
CA SER B 167 22.18 -36.65 -20.93
C SER B 167 23.20 -37.77 -21.03
N LYS B 168 24.48 -37.44 -20.93
CA LYS B 168 25.51 -38.47 -21.04
C LYS B 168 25.35 -39.55 -19.99
N PHE B 169 24.78 -39.22 -18.83
CA PHE B 169 24.68 -40.16 -17.72
C PHE B 169 23.33 -40.87 -17.67
N CYS B 170 22.47 -40.63 -18.66
CA CYS B 170 21.18 -41.32 -18.73
C CYS B 170 21.34 -42.60 -19.53
N SER B 171 20.61 -43.63 -19.12
CA SER B 171 20.67 -44.90 -19.83
C SER B 171 20.35 -44.76 -21.31
N LEU B 172 19.43 -43.87 -21.66
CA LEU B 172 18.90 -43.80 -23.00
C LEU B 172 19.80 -43.06 -23.97
N ARG B 173 20.85 -42.40 -23.50
CA ARG B 173 21.81 -41.82 -24.42
C ARG B 173 22.33 -42.89 -25.37
N THR B 174 22.46 -44.12 -24.87
CA THR B 174 22.79 -45.29 -25.66
C THR B 174 21.49 -45.98 -26.11
N LEU B 175 21.60 -47.23 -26.53
CA LEU B 175 20.48 -48.13 -26.80
C LEU B 175 19.79 -47.89 -28.13
N ASP B 176 20.51 -47.37 -29.12
CA ASP B 176 20.03 -47.51 -30.50
C ASP B 176 18.71 -46.79 -30.70
N GLU B 177 18.10 -46.96 -31.87
CA GLU B 177 16.74 -46.53 -32.13
C GLU B 177 15.73 -47.64 -31.92
N VAL B 178 16.07 -48.88 -32.28
CA VAL B 178 15.11 -49.98 -32.14
C VAL B 178 14.77 -50.20 -30.68
N ASP B 179 15.77 -50.35 -29.83
CA ASP B 179 15.52 -50.67 -28.44
C ASP B 179 14.67 -49.61 -27.76
N LEU B 180 14.74 -48.37 -28.21
CA LEU B 180 13.86 -47.35 -27.67
C LEU B 180 12.42 -47.81 -27.70
N TYR B 181 12.00 -48.40 -28.81
CA TYR B 181 10.65 -48.96 -28.88
C TYR B 181 10.45 -50.06 -27.86
N LYS B 182 11.42 -50.96 -27.72
CA LYS B 182 11.34 -51.94 -26.64
C LYS B 182 11.28 -51.24 -25.30
N MET B 183 12.10 -50.22 -25.12
CA MET B 183 12.16 -49.48 -23.87
C MET B 183 10.96 -48.56 -23.68
N LYS B 184 10.04 -48.53 -24.63
CA LYS B 184 8.85 -47.67 -24.54
C LYS B 184 9.26 -46.20 -24.49
N GLU B 185 9.94 -45.77 -25.55
CA GLU B 185 10.38 -44.38 -25.66
C GLU B 185 10.16 -43.89 -27.08
N CYS B 186 9.57 -42.72 -27.20
CA CYS B 186 9.35 -42.13 -28.51
C CYS B 186 10.67 -41.59 -29.04
N PRO B 187 11.09 -41.98 -30.24
CA PRO B 187 12.37 -41.46 -30.75
C PRO B 187 12.37 -39.97 -30.94
N TYR B 188 11.20 -39.34 -31.02
CA TYR B 188 11.15 -37.90 -31.14
C TYR B 188 11.48 -37.18 -29.85
N ASP B 189 11.05 -37.71 -28.71
CA ASP B 189 11.27 -37.02 -27.45
C ASP B 189 12.74 -36.71 -27.26
N MET B 190 13.03 -35.45 -26.96
CA MET B 190 14.40 -34.97 -26.90
C MET B 190 14.95 -34.91 -25.48
N GLY B 191 14.21 -35.41 -24.49
CA GLY B 191 14.71 -35.38 -23.13
C GLY B 191 14.80 -33.96 -22.62
N GLY B 192 15.88 -33.68 -21.88
CA GLY B 192 16.09 -32.36 -21.36
C GLY B 192 15.32 -32.02 -20.11
N TYR B 193 14.67 -32.99 -19.49
CA TYR B 193 13.87 -32.75 -18.29
C TYR B 193 14.12 -33.86 -17.29
N PHE B 194 13.89 -33.56 -16.03
CA PHE B 194 14.06 -34.55 -14.97
C PHE B 194 12.74 -35.24 -14.67
N VAL B 195 12.82 -36.32 -13.88
CA VAL B 195 11.66 -37.10 -13.50
C VAL B 195 11.70 -37.24 -11.99
N ILE B 196 10.59 -36.94 -11.33
CA ILE B 196 10.49 -37.06 -9.88
C ILE B 196 9.11 -37.59 -9.53
N ASN B 197 9.08 -38.61 -8.68
CA ASN B 197 7.82 -39.16 -8.16
C ASN B 197 6.81 -39.38 -9.29
N GLY B 198 7.33 -39.66 -10.48
CA GLY B 198 6.49 -39.87 -11.64
C GLY B 198 6.13 -38.63 -12.41
N SER B 199 6.44 -37.45 -11.88
CA SER B 199 6.20 -36.21 -12.59
C SER B 199 7.38 -35.88 -13.49
N GLU B 200 7.14 -35.10 -14.52
CA GLU B 200 8.18 -34.66 -15.43
C GLU B 200 8.41 -33.17 -15.17
N LYS B 201 9.42 -32.87 -14.37
CA LYS B 201 9.75 -31.49 -14.03
C LYS B 201 10.90 -31.02 -14.90
N VAL B 202 10.86 -29.75 -15.27
CA VAL B 202 11.92 -29.12 -16.06
C VAL B 202 12.35 -27.85 -15.35
N LEU B 203 13.58 -27.42 -15.60
CA LEU B 203 14.11 -26.21 -15.02
C LEU B 203 13.97 -25.07 -16.02
N ILE B 204 13.46 -23.95 -15.56
CA ILE B 204 13.36 -22.77 -16.40
C ILE B 204 14.57 -21.89 -16.16
N ALA B 205 15.31 -21.58 -17.22
CA ALA B 205 16.50 -20.77 -17.08
C ALA B 205 16.15 -19.43 -16.45
N GLN B 206 16.92 -19.04 -15.44
CA GLN B 206 16.82 -17.72 -14.86
C GLN B 206 17.88 -16.82 -15.47
N GLU B 207 17.65 -15.52 -15.41
CA GLU B 207 18.60 -14.55 -15.92
C GLU B 207 18.94 -13.53 -14.84
N ARG B 208 20.21 -13.17 -14.78
CA ARG B 208 20.71 -12.26 -13.77
C ARG B 208 21.72 -11.32 -14.41
N SER B 209 21.82 -10.12 -13.85
CA SER B 209 22.80 -9.16 -14.33
C SER B 209 24.20 -9.76 -14.22
N ALA B 210 25.00 -9.54 -15.25
CA ALA B 210 26.35 -10.10 -15.26
C ALA B 210 27.13 -9.59 -14.05
N ALA B 211 28.03 -10.44 -13.58
CA ALA B 211 28.87 -10.12 -12.42
C ALA B 211 30.22 -9.60 -12.90
N ASN B 212 30.94 -8.96 -11.97
CA ASN B 212 32.26 -8.42 -12.26
C ASN B 212 32.20 -7.42 -13.41
N ILE B 213 31.31 -6.44 -13.30
CA ILE B 213 31.17 -5.38 -14.28
C ILE B 213 30.71 -4.12 -13.57
N VAL B 214 31.24 -2.97 -14.00
CA VAL B 214 30.83 -1.69 -13.45
C VAL B 214 29.62 -1.19 -14.23
N GLN B 215 28.67 -0.59 -13.53
CA GLN B 215 27.53 0.06 -14.17
C GLN B 215 27.17 1.30 -13.38
N VAL B 216 26.92 2.40 -14.08
CA VAL B 216 26.65 3.69 -13.49
C VAL B 216 25.16 3.97 -13.57
N PHE B 217 24.56 4.34 -12.44
CA PHE B 217 23.14 4.61 -12.37
C PHE B 217 22.89 5.94 -11.68
N LYS B 218 22.12 6.80 -12.33
CA LYS B 218 21.73 8.08 -11.75
C LYS B 218 20.57 7.87 -10.78
N LYS B 219 20.60 8.58 -9.67
CA LYS B 219 19.57 8.46 -8.66
C LYS B 219 18.45 9.46 -8.94
N ALA B 220 17.43 9.44 -8.10
CA ALA B 220 16.28 10.31 -8.26
C ALA B 220 16.59 11.72 -7.75
N ALA B 221 15.67 12.63 -8.01
CA ALA B 221 15.84 14.01 -7.58
C ALA B 221 15.98 14.14 -6.06
N PRO B 222 15.12 13.52 -5.24
CA PRO B 222 15.19 13.74 -3.79
C PRO B 222 16.21 12.84 -3.10
N SER B 223 17.49 13.15 -3.32
CA SER B 223 18.56 12.42 -2.65
C SER B 223 19.89 13.10 -2.92
N PRO B 224 20.77 13.20 -1.92
CA PRO B 224 22.12 13.72 -2.19
C PRO B 224 22.90 12.83 -3.14
N ILE B 225 22.45 11.60 -3.36
CA ILE B 225 23.12 10.69 -4.29
C ILE B 225 22.70 11.06 -5.71
N SER B 226 23.69 11.20 -6.59
CA SER B 226 23.45 11.59 -7.97
C SER B 226 23.87 10.51 -8.97
N HIS B 227 25.09 10.02 -8.86
CA HIS B 227 25.58 8.95 -9.73
C HIS B 227 26.22 7.88 -8.86
N VAL B 228 25.85 6.63 -9.11
CA VAL B 228 26.39 5.48 -8.39
C VAL B 228 26.96 4.51 -9.42
N ALA B 229 28.21 4.09 -9.21
CA ALA B 229 28.88 3.12 -10.06
C ALA B 229 29.08 1.87 -9.22
N GLU B 230 28.09 0.97 -9.28
CA GLU B 230 28.14 -0.26 -8.51
C GLU B 230 28.81 -1.36 -9.30
N ILE B 231 29.28 -2.39 -8.59
CA ILE B 231 29.88 -3.56 -9.20
C ILE B 231 29.74 -4.73 -8.24
N ARG B 232 29.51 -5.92 -8.76
CA ARG B 232 29.38 -7.13 -7.98
C ARG B 232 30.56 -8.04 -8.30
N SER B 233 31.19 -8.58 -7.26
CA SER B 233 32.37 -9.40 -7.41
C SER B 233 32.02 -10.87 -7.18
N ALA B 234 32.41 -11.71 -8.12
CA ALA B 234 32.17 -13.15 -8.02
C ALA B 234 33.40 -13.88 -8.55
N LEU B 235 33.72 -15.00 -7.91
CA LEU B 235 34.93 -15.74 -8.25
C LEU B 235 34.81 -16.37 -9.64
N GLU B 236 35.93 -16.42 -10.35
CA GLU B 236 35.96 -17.17 -11.60
C GLU B 236 35.68 -18.64 -11.35
N LYS B 237 36.31 -19.22 -10.34
CA LYS B 237 36.03 -20.60 -9.96
C LYS B 237 34.67 -20.66 -9.26
N GLY B 238 33.85 -21.61 -9.66
CA GLY B 238 32.52 -21.73 -9.11
C GLY B 238 31.55 -20.76 -9.74
N SER B 239 31.96 -19.51 -9.91
CA SER B 239 31.11 -18.47 -10.50
C SER B 239 29.93 -18.17 -9.59
N ARG B 240 30.22 -18.03 -8.30
CA ARG B 240 29.20 -17.77 -7.28
C ARG B 240 29.39 -16.37 -6.72
N LEU B 241 28.27 -15.72 -6.40
CA LEU B 241 28.33 -14.36 -5.87
C LEU B 241 29.14 -14.32 -4.59
N ILE B 242 30.04 -13.35 -4.51
CA ILE B 242 30.88 -13.14 -3.32
C ILE B 242 30.47 -11.89 -2.56
N SER B 243 30.55 -10.73 -3.21
CA SER B 243 30.27 -9.47 -2.54
C SER B 243 30.30 -8.35 -3.56
N THR B 244 29.79 -7.19 -3.14
CA THR B 244 29.71 -6.01 -3.99
C THR B 244 30.34 -4.83 -3.27
N MET B 245 30.32 -3.67 -3.94
CA MET B 245 30.88 -2.45 -3.39
C MET B 245 30.38 -1.28 -4.23
N GLN B 246 29.92 -0.22 -3.57
CA GLN B 246 29.26 0.89 -4.24
C GLN B 246 29.92 2.20 -3.86
N ILE B 247 29.94 3.13 -4.81
CA ILE B 247 30.40 4.49 -4.58
C ILE B 247 29.21 5.40 -4.85
N LYS B 248 28.93 6.31 -3.92
CA LYS B 248 27.78 7.18 -4.00
C LYS B 248 28.24 8.63 -4.15
N LEU B 249 28.00 9.19 -5.32
CA LEU B 249 28.41 10.56 -5.63
C LEU B 249 27.47 11.48 -4.87
N TYR B 250 27.77 11.67 -3.59
CA TYR B 250 26.87 12.38 -2.69
C TYR B 250 26.69 13.82 -3.14
N GLY B 251 25.75 14.50 -2.48
CA GLY B 251 25.56 15.92 -2.64
C GLY B 251 24.92 16.28 -3.96
N ARG B 252 24.66 17.57 -4.12
CA ARG B 252 24.09 18.14 -5.32
C ARG B 252 25.06 19.21 -5.85
N GLU B 253 24.61 19.95 -6.86
CA GLU B 253 25.45 20.98 -7.46
C GLU B 253 25.43 22.22 -6.57
N ASP B 254 26.63 22.65 -6.14
CA ASP B 254 26.76 23.75 -5.20
C ASP B 254 25.94 23.51 -3.94
N LYS B 255 25.98 22.26 -3.47
CA LYS B 255 25.34 21.89 -2.21
C LYS B 255 26.29 20.98 -1.45
N GLY B 256 26.34 21.16 -0.14
CA GLY B 256 27.28 20.41 0.67
C GLY B 256 28.73 20.70 0.30
N THR B 257 29.06 21.96 0.06
CA THR B 257 30.40 22.36 -0.36
C THR B 257 30.68 21.67 -1.70
N GLY B 258 31.70 20.81 -1.81
CA GLY B 258 31.97 20.13 -3.04
C GLY B 258 31.13 18.87 -3.20
N ARG B 259 31.45 18.11 -4.24
CA ARG B 259 30.78 16.84 -4.51
C ARG B 259 31.54 15.75 -3.77
N THR B 260 31.15 15.53 -2.52
CA THR B 260 31.79 14.51 -1.71
C THR B 260 31.48 13.12 -2.27
N ILE B 261 32.50 12.27 -2.32
CA ILE B 261 32.37 10.90 -2.80
C ILE B 261 32.76 9.97 -1.68
N LYS B 262 31.92 8.97 -1.41
CA LYS B 262 32.20 8.00 -0.37
C LYS B 262 31.91 6.60 -0.90
N ALA B 263 32.79 5.66 -0.58
CA ALA B 263 32.69 4.30 -1.07
C ALA B 263 32.22 3.36 0.04
N THR B 264 31.30 2.47 -0.30
CA THR B 264 30.77 1.50 0.64
C THR B 264 31.56 0.20 0.49
N LEU B 265 32.08 -0.30 1.60
CA LEU B 265 32.94 -1.47 1.61
C LEU B 265 32.24 -2.63 2.30
N PRO B 266 32.63 -3.86 1.97
CA PRO B 266 32.03 -5.02 2.63
C PRO B 266 32.29 -4.99 4.13
N TYR B 267 31.28 -5.43 4.89
CA TYR B 267 31.43 -5.60 6.34
C TYR B 267 31.88 -4.32 7.01
N VAL B 268 31.27 -3.20 6.63
CA VAL B 268 31.50 -1.91 7.28
C VAL B 268 30.15 -1.31 7.64
N LYS B 269 30.17 -0.46 8.67
CA LYS B 269 28.96 0.13 9.20
C LYS B 269 28.73 1.56 8.75
N GLN B 270 29.49 2.06 7.78
CA GLN B 270 29.29 3.41 7.30
C GLN B 270 30.04 3.59 5.99
N ASP B 271 29.50 4.45 5.13
CA ASP B 271 30.18 4.80 3.90
C ASP B 271 31.44 5.60 4.21
N ILE B 272 32.45 5.46 3.35
CA ILE B 272 33.80 5.94 3.68
C ILE B 272 34.32 6.87 2.59
N PRO B 273 35.02 7.93 2.93
CA PRO B 273 35.66 8.76 1.91
C PRO B 273 36.62 7.95 1.06
N ILE B 274 36.67 8.30 -0.22
CA ILE B 274 37.44 7.50 -1.17
C ILE B 274 38.93 7.57 -0.86
N VAL B 275 39.45 8.79 -0.64
CA VAL B 275 40.88 8.94 -0.42
C VAL B 275 41.33 8.19 0.82
N ILE B 276 40.44 8.04 1.80
CA ILE B 276 40.79 7.27 2.99
C ILE B 276 41.13 5.84 2.61
N VAL B 277 40.25 5.20 1.84
CA VAL B 277 40.50 3.82 1.44
C VAL B 277 41.70 3.76 0.52
N PHE B 278 41.89 4.76 -0.34
CA PHE B 278 43.07 4.78 -1.19
C PHE B 278 44.33 4.73 -0.35
N ARG B 279 44.46 5.64 0.62
CA ARG B 279 45.64 5.63 1.47
C ARG B 279 45.77 4.32 2.22
N ALA B 280 44.67 3.82 2.79
CA ALA B 280 44.72 2.55 3.49
C ALA B 280 45.20 1.43 2.58
N LEU B 281 44.93 1.55 1.29
CA LEU B 281 45.27 0.50 0.33
C LEU B 281 46.74 0.51 -0.05
N GLY B 282 47.47 1.58 0.28
CA GLY B 282 48.89 1.62 0.01
C GLY B 282 49.39 2.94 -0.52
N VAL B 283 48.55 3.65 -1.26
CA VAL B 283 48.93 4.92 -1.87
C VAL B 283 48.55 6.03 -0.91
N VAL B 284 49.48 6.35 0.00
CA VAL B 284 49.26 7.41 0.99
C VAL B 284 49.40 8.79 0.34
N PRO B 285 50.27 9.00 -0.65
CA PRO B 285 50.44 10.35 -1.18
C PRO B 285 49.42 10.65 -2.27
N ASP B 286 48.98 11.91 -2.30
CA ASP B 286 47.87 12.28 -3.18
C ASP B 286 48.30 12.36 -4.65
N GLY B 287 49.58 12.62 -4.92
CA GLY B 287 50.02 12.65 -6.30
C GLY B 287 49.80 11.33 -7.00
N GLU B 288 50.11 10.22 -6.33
CA GLU B 288 49.82 8.91 -6.90
C GLU B 288 48.33 8.70 -7.10
N ILE B 289 47.51 9.17 -6.15
CA ILE B 289 46.06 9.02 -6.28
C ILE B 289 45.56 9.72 -7.53
N LEU B 290 45.97 10.98 -7.71
CA LEU B 290 45.57 11.72 -8.90
C LEU B 290 46.19 11.16 -10.16
N GLN B 291 47.36 10.53 -10.05
CA GLN B 291 47.92 9.81 -11.18
C GLN B 291 47.00 8.69 -11.62
N HIS B 292 46.52 7.89 -10.67
CA HIS B 292 45.72 6.72 -11.01
C HIS B 292 44.31 7.08 -11.45
N ILE B 293 43.65 8.02 -10.76
CA ILE B 293 42.26 8.28 -11.07
C ILE B 293 42.10 9.09 -12.36
N CYS B 294 43.05 9.96 -12.68
CA CYS B 294 42.95 10.84 -13.84
C CYS B 294 43.96 10.43 -14.90
N TYR B 295 43.57 10.61 -16.16
CA TYR B 295 44.49 10.40 -17.27
C TYR B 295 44.29 11.45 -18.35
N ASP B 296 43.76 12.62 -17.98
CA ASP B 296 43.73 13.78 -18.86
C ASP B 296 43.96 15.00 -17.98
N GLU B 297 45.22 15.43 -17.90
CA GLU B 297 45.58 16.56 -17.04
C GLU B 297 44.86 17.84 -17.45
N ASN B 298 44.69 18.07 -18.75
CA ASN B 298 44.02 19.27 -19.23
C ASN B 298 42.54 19.29 -18.86
N ASP B 299 41.96 18.14 -18.53
CA ASP B 299 40.58 18.07 -18.08
C ASP B 299 40.54 18.56 -16.64
N TRP B 300 40.77 19.87 -16.48
CA TRP B 300 40.86 20.44 -15.15
C TRP B 300 39.60 20.27 -14.34
N GLN B 301 38.44 20.23 -15.00
CA GLN B 301 37.18 20.21 -14.27
C GLN B 301 37.08 18.98 -13.37
N MET B 302 37.43 17.80 -13.88
CA MET B 302 37.34 16.61 -13.04
C MET B 302 38.29 16.71 -11.86
N LEU B 303 39.50 17.21 -12.09
CA LEU B 303 40.47 17.36 -11.01
C LEU B 303 39.92 18.27 -9.92
N GLU B 304 39.37 19.42 -10.31
CA GLU B 304 38.92 20.37 -9.31
C GLU B 304 37.66 19.88 -8.60
N MET B 305 36.79 19.13 -9.29
CA MET B 305 35.57 18.66 -8.65
C MET B 305 35.77 17.40 -7.83
N LEU B 306 36.88 16.68 -8.04
CA LEU B 306 37.29 15.64 -7.11
C LEU B 306 38.21 16.17 -6.03
N LYS B 307 38.70 17.40 -6.18
CA LYS B 307 39.51 18.02 -5.14
C LYS B 307 38.83 18.03 -3.78
N PRO B 308 37.52 18.32 -3.66
CA PRO B 308 36.91 18.37 -2.33
C PRO B 308 37.14 17.10 -1.52
N CYS B 309 37.08 15.94 -2.16
CA CYS B 309 37.39 14.71 -1.46
C CYS B 309 38.84 14.69 -1.01
N ILE B 310 39.74 15.22 -1.83
CA ILE B 310 41.15 15.27 -1.46
C ILE B 310 41.32 16.05 -0.17
N GLU B 311 40.64 17.19 -0.07
CA GLU B 311 40.84 18.06 1.10
C GLU B 311 40.44 17.35 2.38
N GLU B 312 39.30 16.66 2.39
CA GLU B 312 38.80 16.05 3.61
C GLU B 312 39.59 14.82 4.03
N GLY B 313 40.50 14.33 3.18
CA GLY B 313 41.28 13.16 3.52
C GLY B 313 42.67 13.48 4.03
N PHE B 314 42.94 14.75 4.30
CA PHE B 314 44.23 15.18 4.81
C PHE B 314 44.41 14.86 6.29
N VAL B 315 43.35 14.46 6.98
CA VAL B 315 43.47 14.03 8.37
C VAL B 315 44.17 12.69 8.49
N ILE B 316 44.35 11.98 7.38
CA ILE B 316 45.06 10.71 7.35
C ILE B 316 46.29 10.88 6.47
N GLN B 317 47.43 10.38 6.94
CA GLN B 317 48.68 10.56 6.23
C GLN B 317 49.51 9.29 6.08
N ASP B 318 49.13 8.18 6.73
CA ASP B 318 49.90 6.95 6.62
C ASP B 318 48.95 5.77 6.52
N LYS B 319 49.51 4.63 6.13
CA LYS B 319 48.71 3.40 6.00
C LYS B 319 48.03 3.06 7.31
N GLU B 320 48.75 3.17 8.42
CA GLU B 320 48.25 2.62 9.68
C GLU B 320 47.01 3.34 10.17
N VAL B 321 47.05 4.67 10.22
CA VAL B 321 45.89 5.40 10.73
C VAL B 321 44.70 5.21 9.80
N ALA B 322 44.96 5.16 8.49
CA ALA B 322 43.87 4.90 7.55
C ALA B 322 43.22 3.55 7.83
N LEU B 323 44.03 2.50 7.97
CA LEU B 323 43.49 1.17 8.23
C LEU B 323 42.71 1.15 9.53
N ASP B 324 43.27 1.76 10.58
CA ASP B 324 42.57 1.78 11.87
C ASP B 324 41.25 2.52 11.75
N PHE B 325 41.22 3.65 11.05
CA PHE B 325 39.98 4.35 10.80
C PHE B 325 38.98 3.43 10.11
N ILE B 326 39.45 2.65 9.14
CA ILE B 326 38.57 1.74 8.42
C ILE B 326 37.98 0.71 9.38
N GLY B 327 38.86 -0.08 10.01
CA GLY B 327 38.39 -1.14 10.89
C GLY B 327 37.56 -0.63 12.05
N ARG B 328 37.73 0.63 12.43
CA ARG B 328 36.96 1.17 13.54
C ARG B 328 35.46 1.05 13.31
N ARG B 329 35.03 1.06 12.05
CA ARG B 329 33.65 0.79 11.70
C ARG B 329 33.54 -0.58 11.03
N GLY B 330 34.42 -1.51 11.42
CA GLY B 330 34.50 -2.80 10.78
C GLY B 330 33.39 -3.75 11.15
N SER B 331 32.27 -3.23 11.65
CA SER B 331 31.08 -4.04 11.95
C SER B 331 31.38 -5.16 12.93
N ALA B 332 32.48 -5.06 13.67
CA ALA B 332 32.82 -6.04 14.68
C ALA B 332 32.37 -5.51 16.05
N ALA B 333 32.66 -6.27 17.09
CA ALA B 333 32.24 -5.88 18.44
C ALA B 333 33.16 -4.80 18.99
N LEU B 334 33.03 -4.51 20.27
CA LEU B 334 33.83 -3.49 20.93
C LEU B 334 34.91 -4.17 21.77
N GLY B 335 36.17 -3.85 21.49
CA GLY B 335 37.28 -4.42 22.23
C GLY B 335 38.41 -4.91 21.36
N ILE B 336 38.24 -4.85 20.04
CA ILE B 336 39.30 -5.25 19.13
C ILE B 336 40.49 -4.32 19.27
N ARG B 337 40.28 -3.12 19.82
CA ARG B 337 41.25 -2.02 19.88
C ARG B 337 42.26 -1.96 18.73
N ARG B 338 43.11 -0.93 18.75
CA ARG B 338 43.87 -0.57 17.55
C ARG B 338 44.80 -1.69 17.12
N GLU B 339 45.44 -2.38 18.06
CA GLU B 339 46.37 -3.46 17.71
C GLU B 339 45.79 -4.37 16.63
N LYS B 340 44.68 -5.04 16.94
CA LYS B 340 44.04 -5.93 15.99
C LYS B 340 43.13 -5.21 15.00
N ARG B 341 42.87 -3.92 15.22
CA ARG B 341 42.00 -3.19 14.31
C ARG B 341 42.64 -3.04 12.94
N ILE B 342 43.93 -2.67 12.90
CA ILE B 342 44.60 -2.52 11.61
C ILE B 342 44.75 -3.87 10.93
N GLN B 343 44.99 -4.94 11.70
CA GLN B 343 45.04 -6.26 11.09
C GLN B 343 43.68 -6.64 10.51
N TYR B 344 42.61 -6.33 11.22
CA TYR B 344 41.26 -6.59 10.70
C TYR B 344 41.03 -5.84 9.41
N ALA B 345 41.45 -4.57 9.36
CA ALA B 345 41.35 -3.80 8.13
C ALA B 345 42.18 -4.42 7.01
N LYS B 346 43.39 -4.87 7.32
CA LYS B 346 44.23 -5.49 6.32
C LYS B 346 43.59 -6.75 5.76
N ASP B 347 42.91 -7.51 6.62
CA ASP B 347 42.19 -8.69 6.16
C ASP B 347 41.02 -8.30 5.26
N ILE B 348 40.21 -7.33 5.70
CA ILE B 348 39.03 -6.97 4.95
C ILE B 348 39.37 -6.28 3.64
N LEU B 349 40.60 -5.77 3.52
CA LEU B 349 41.08 -5.25 2.24
C LEU B 349 41.80 -6.30 1.41
N GLN B 350 42.37 -7.32 2.05
CA GLN B 350 42.92 -8.44 1.32
C GLN B 350 41.83 -9.39 0.83
N LYS B 351 40.72 -9.46 1.56
CA LYS B 351 39.58 -10.30 1.20
C LYS B 351 38.33 -9.44 1.15
N GLU B 352 37.29 -10.00 0.53
CA GLU B 352 35.96 -9.41 0.54
C GLU B 352 35.84 -8.19 -0.35
N LEU B 353 36.97 -7.67 -0.85
CA LEU B 353 36.96 -6.46 -1.68
C LEU B 353 37.52 -6.83 -3.05
N LEU B 354 36.70 -6.63 -4.08
CA LEU B 354 37.05 -7.03 -5.44
C LEU B 354 37.64 -8.43 -5.45
N PRO B 355 37.02 -9.38 -4.74
CA PRO B 355 37.60 -10.73 -4.65
C PRO B 355 37.85 -11.36 -6.00
N HIS B 356 37.03 -11.06 -7.01
CA HIS B 356 37.24 -11.64 -8.31
C HIS B 356 38.60 -11.30 -8.90
N ILE B 357 39.25 -10.24 -8.42
CA ILE B 357 40.61 -9.93 -8.84
C ILE B 357 41.57 -10.85 -8.10
N THR B 358 41.56 -10.79 -6.78
CA THR B 358 42.41 -11.65 -5.96
C THR B 358 41.97 -11.51 -4.51
N GLN B 359 42.50 -12.39 -3.67
CA GLN B 359 42.16 -12.42 -2.25
C GLN B 359 43.36 -12.44 -1.32
N GLU B 360 44.58 -12.47 -1.86
CA GLU B 360 45.78 -12.55 -1.04
C GLU B 360 46.56 -11.24 -1.09
N GLU B 361 47.61 -11.17 -0.29
CA GLU B 361 48.39 -9.96 -0.13
C GLU B 361 49.37 -9.79 -1.30
N GLY B 362 49.89 -8.56 -1.42
CA GLY B 362 50.85 -8.26 -2.45
C GLY B 362 50.26 -7.92 -3.80
N PHE B 363 48.98 -7.54 -3.86
CA PHE B 363 48.32 -7.24 -5.12
C PHE B 363 47.43 -6.01 -5.01
N GLU B 364 47.54 -5.27 -3.91
CA GLU B 364 46.69 -4.08 -3.76
C GLU B 364 47.03 -3.01 -4.79
N THR B 365 48.15 -3.14 -5.49
CA THR B 365 48.40 -2.25 -6.62
C THR B 365 47.31 -2.43 -7.68
N ARG B 366 46.96 -3.69 -7.98
CA ARG B 366 45.90 -3.94 -8.95
C ARG B 366 44.58 -3.39 -8.46
N LYS B 367 44.27 -3.57 -7.17
CA LYS B 367 43.03 -3.04 -6.64
C LYS B 367 43.01 -1.51 -6.73
N THR B 368 44.13 -0.87 -6.43
CA THR B 368 44.21 0.57 -6.59
C THR B 368 43.92 0.97 -8.03
N PHE B 369 44.55 0.29 -8.98
CA PHE B 369 44.36 0.65 -10.38
C PHE B 369 42.90 0.49 -10.78
N PHE B 370 42.28 -0.62 -10.35
CA PHE B 370 40.88 -0.86 -10.68
C PHE B 370 39.99 0.19 -10.06
N LEU B 371 40.22 0.54 -8.80
CA LEU B 371 39.42 1.57 -8.15
C LEU B 371 39.55 2.89 -8.90
N GLY B 372 40.78 3.23 -9.30
CA GLY B 372 40.97 4.45 -10.05
C GLY B 372 40.20 4.45 -11.35
N TYR B 373 40.28 3.35 -12.10
CA TYR B 373 39.54 3.26 -13.36
C TYR B 373 38.04 3.38 -13.11
N MET B 374 37.54 2.68 -12.09
CA MET B 374 36.12 2.66 -11.83
C MET B 374 35.61 4.04 -11.43
N VAL B 375 36.36 4.72 -10.56
CA VAL B 375 35.98 6.08 -10.16
C VAL B 375 36.05 7.02 -11.35
N ASN B 376 37.08 6.88 -12.18
CA ASN B 376 37.19 7.69 -13.38
C ASN B 376 35.95 7.54 -14.25
N ARG B 377 35.53 6.30 -14.48
CA ARG B 377 34.33 6.06 -15.27
C ARG B 377 33.10 6.67 -14.60
N LEU B 378 32.99 6.51 -13.28
CA LEU B 378 31.83 7.04 -12.58
C LEU B 378 31.73 8.55 -12.76
N LEU B 379 32.86 9.25 -12.64
CA LEU B 379 32.82 10.69 -12.82
C LEU B 379 32.59 11.06 -14.29
N LEU B 380 33.16 10.28 -15.21
CA LEU B 380 32.89 10.52 -16.62
C LEU B 380 31.40 10.53 -16.88
N CYS B 381 30.68 9.56 -16.31
CA CYS B 381 29.23 9.61 -16.39
C CYS B 381 28.67 10.79 -15.62
N ALA B 382 29.34 11.21 -14.55
CA ALA B 382 28.92 12.40 -13.83
C ALA B 382 29.16 13.67 -14.66
N LEU B 383 30.16 13.65 -15.53
CA LEU B 383 30.42 14.77 -16.42
C LEU B 383 29.55 14.76 -17.66
N GLU B 384 28.70 13.76 -17.83
CA GLU B 384 27.85 13.64 -19.01
C GLU B 384 28.66 13.41 -20.27
N ARG B 385 29.92 13.02 -20.13
CA ARG B 385 30.74 12.70 -21.29
C ARG B 385 30.41 11.34 -21.89
N LYS B 386 29.56 10.56 -21.22
CA LYS B 386 29.10 9.29 -21.76
C LYS B 386 27.75 8.98 -21.14
N ASP B 387 26.86 8.41 -21.94
CA ASP B 387 25.52 8.09 -21.46
C ASP B 387 25.60 7.14 -20.28
N GLN B 388 24.71 7.34 -19.30
CA GLN B 388 24.64 6.43 -18.18
C GLN B 388 24.35 5.02 -18.66
N ASP B 389 24.99 4.05 -18.02
CA ASP B 389 24.97 2.68 -18.50
C ASP B 389 23.55 2.15 -18.57
N ASP B 390 23.25 1.44 -19.65
CA ASP B 390 21.94 0.85 -19.81
C ASP B 390 21.87 -0.47 -19.05
N ARG B 391 20.91 -0.58 -18.13
CA ARG B 391 20.71 -1.83 -17.41
C ARG B 391 20.05 -2.88 -18.28
N ASP B 392 19.21 -2.48 -19.23
CA ASP B 392 18.52 -3.43 -20.09
C ASP B 392 19.37 -3.90 -21.26
N HIS B 393 20.59 -3.39 -21.40
CA HIS B 393 21.47 -3.84 -22.46
C HIS B 393 21.66 -5.35 -22.33
N PHE B 394 21.12 -6.12 -23.27
CA PHE B 394 21.16 -7.56 -23.13
C PHE B 394 22.58 -8.11 -23.10
N GLY B 395 23.53 -7.41 -23.72
CA GLY B 395 24.91 -7.87 -23.65
C GLY B 395 25.46 -7.97 -22.25
N LYS B 396 24.88 -7.25 -21.29
CA LYS B 396 25.27 -7.35 -19.90
C LYS B 396 24.46 -8.39 -19.14
N LYS B 397 23.46 -8.99 -19.78
CA LYS B 397 22.62 -9.99 -19.13
C LYS B 397 23.30 -11.35 -19.20
N ARG B 398 22.99 -12.19 -18.22
CA ARG B 398 23.52 -13.54 -18.18
C ARG B 398 22.40 -14.52 -17.86
N LEU B 399 22.50 -15.72 -18.42
CA LEU B 399 21.52 -16.77 -18.21
C LEU B 399 22.15 -17.92 -17.45
N ASP B 400 21.35 -18.59 -16.63
CA ASP B 400 21.82 -19.70 -15.81
C ASP B 400 20.95 -20.92 -16.13
N LEU B 401 21.55 -21.90 -16.79
CA LEU B 401 20.85 -23.13 -17.12
C LEU B 401 20.86 -24.06 -15.92
N ALA B 402 20.48 -25.32 -16.12
CA ALA B 402 20.44 -26.25 -15.00
C ALA B 402 21.79 -26.38 -14.31
N GLY B 403 22.87 -26.27 -15.07
CA GLY B 403 24.20 -26.47 -14.52
C GLY B 403 24.47 -25.60 -13.33
N PRO B 404 24.57 -24.29 -13.54
CA PRO B 404 24.90 -23.40 -12.41
C PRO B 404 23.91 -23.51 -11.26
N LEU B 405 22.63 -23.68 -11.56
CA LEU B 405 21.63 -23.74 -10.51
C LEU B 405 21.79 -24.97 -9.62
N LEU B 406 21.87 -26.15 -10.25
CA LEU B 406 22.16 -27.34 -9.48
C LEU B 406 23.46 -27.18 -8.74
N ALA B 407 24.42 -26.46 -9.31
CA ALA B 407 25.66 -26.19 -8.61
C ALA B 407 25.38 -25.48 -7.29
N ASN B 408 24.61 -24.39 -7.33
CA ASN B 408 24.34 -23.64 -6.11
C ASN B 408 23.63 -24.50 -5.08
N LEU B 409 22.57 -25.19 -5.50
CA LEU B 409 21.80 -26.00 -4.56
C LEU B 409 22.66 -27.11 -3.96
N PHE B 410 23.46 -27.77 -4.80
CA PHE B 410 24.33 -28.81 -4.30
C PHE B 410 25.36 -28.23 -3.35
N ARG B 411 25.84 -27.02 -3.60
CA ARG B 411 26.80 -26.40 -2.69
C ARG B 411 26.17 -26.19 -1.33
N ILE B 412 24.94 -25.66 -1.30
CA ILE B 412 24.28 -25.43 -0.02
C ILE B 412 24.13 -26.75 0.73
N LEU B 413 23.60 -27.76 0.04
CA LEU B 413 23.35 -29.03 0.70
C LEU B 413 24.65 -29.69 1.13
N PHE B 414 25.72 -29.50 0.36
CA PHE B 414 27.01 -30.06 0.71
C PHE B 414 27.57 -29.42 1.96
N ARG B 415 27.44 -28.10 2.09
CA ARG B 415 27.85 -27.46 3.33
C ARG B 415 27.05 -28.00 4.50
N LYS B 416 25.75 -28.18 4.31
CA LYS B 416 24.95 -28.75 5.40
C LYS B 416 25.47 -30.13 5.78
N LEU B 417 25.75 -30.96 4.79
CA LEU B 417 26.26 -32.31 5.07
C LEU B 417 27.59 -32.25 5.80
N THR B 418 28.49 -31.39 5.35
CA THR B 418 29.80 -31.29 5.97
C THR B 418 29.67 -30.85 7.41
N ARG B 419 28.79 -29.89 7.69
CA ARG B 419 28.57 -29.46 9.06
C ARG B 419 28.04 -30.61 9.90
N GLU B 420 27.11 -31.38 9.34
CA GLU B 420 26.58 -32.53 10.07
C GLU B 420 27.69 -33.53 10.40
N ILE B 421 28.55 -33.82 9.42
CA ILE B 421 29.63 -34.77 9.65
C ILE B 421 30.57 -34.25 10.72
N TYR B 422 30.90 -32.96 10.66
CA TYR B 422 31.79 -32.39 11.67
C TYR B 422 31.19 -32.49 13.06
N ARG B 423 29.90 -32.17 13.19
CA ARG B 423 29.27 -32.22 14.49
C ARG B 423 29.25 -33.64 15.03
N TYR B 424 28.94 -34.61 14.16
CA TYR B 424 28.99 -36.01 14.57
C TYR B 424 30.40 -36.41 14.96
N MET B 425 31.40 -35.96 14.21
CA MET B 425 32.78 -36.21 14.58
C MET B 425 33.05 -35.74 16.00
N GLN B 426 32.66 -34.50 16.30
CA GLN B 426 32.86 -33.96 17.63
C GLN B 426 32.18 -34.83 18.68
N ARG B 427 30.90 -35.12 18.49
CA ARG B 427 30.11 -35.81 19.51
C ARG B 427 30.39 -37.31 19.56
N CYS B 428 31.20 -37.83 18.65
CA CYS B 428 31.58 -39.23 18.67
C CYS B 428 33.05 -39.48 19.01
N ILE B 429 33.91 -38.47 18.93
CA ILE B 429 35.30 -38.67 19.34
C ILE B 429 35.54 -38.19 20.77
N GLU B 430 34.61 -37.42 21.35
CA GLU B 430 34.72 -37.14 22.77
C GLU B 430 34.61 -38.41 23.60
N THR B 431 33.68 -39.30 23.24
CA THR B 431 33.63 -40.64 23.83
C THR B 431 34.73 -41.54 23.26
N ASP B 432 35.46 -41.08 22.26
CA ASP B 432 36.60 -41.81 21.70
C ASP B 432 36.18 -43.17 21.17
N ARG B 433 35.33 -43.14 20.15
CA ARG B 433 34.96 -44.33 19.39
C ARG B 433 35.26 -44.09 17.92
N ASP B 434 35.87 -45.07 17.27
CA ASP B 434 36.20 -44.96 15.86
C ASP B 434 34.89 -44.89 15.06
N PHE B 435 34.58 -43.70 14.56
CA PHE B 435 33.35 -43.50 13.81
C PHE B 435 33.29 -44.41 12.61
N ASN B 436 32.09 -44.93 12.33
CA ASN B 436 31.89 -45.85 11.23
C ASN B 436 32.04 -45.20 9.86
N LEU B 437 32.01 -43.87 9.80
CA LEU B 437 31.94 -43.09 8.57
C LEU B 437 30.63 -43.31 7.82
N ASN B 438 29.73 -44.14 8.34
CA ASN B 438 28.50 -44.51 7.66
C ASN B 438 27.27 -44.01 8.38
N LEU B 439 27.11 -44.35 9.65
CA LEU B 439 26.08 -43.71 10.45
C LEU B 439 26.32 -42.21 10.54
N ALA B 440 27.56 -41.77 10.33
CA ALA B 440 27.86 -40.34 10.32
C ALA B 440 27.28 -39.66 9.09
N VAL B 441 27.47 -40.27 7.91
CA VAL B 441 27.01 -39.66 6.67
C VAL B 441 25.55 -40.02 6.45
N LYS B 442 24.70 -39.00 6.42
CA LYS B 442 23.27 -39.18 6.17
C LYS B 442 23.00 -38.80 4.72
N SER B 443 22.90 -39.81 3.86
CA SER B 443 22.63 -39.55 2.46
C SER B 443 21.28 -38.89 2.25
N THR B 444 20.41 -38.94 3.27
CA THR B 444 19.11 -38.31 3.15
C THR B 444 19.20 -36.80 2.99
N THR B 445 20.28 -36.18 3.46
CA THR B 445 20.40 -34.73 3.33
C THR B 445 20.33 -34.30 1.88
N ILE B 446 21.35 -34.66 1.10
CA ILE B 446 21.42 -34.20 -0.28
C ILE B 446 20.24 -34.73 -1.08
N THR B 447 19.93 -36.00 -0.92
CA THR B 447 18.86 -36.60 -1.71
C THR B 447 17.53 -35.90 -1.44
N SER B 448 17.17 -35.77 -0.16
CA SER B 448 15.91 -35.13 0.17
C SER B 448 15.88 -33.69 -0.29
N GLY B 449 16.99 -32.97 -0.10
CA GLY B 449 16.99 -31.56 -0.48
C GLY B 449 16.80 -31.39 -1.97
N LEU B 450 17.54 -32.14 -2.78
CA LEU B 450 17.40 -32.02 -4.21
C LEU B 450 16.00 -32.42 -4.65
N LYS B 451 15.48 -33.52 -4.11
CA LYS B 451 14.14 -33.95 -4.48
C LYS B 451 13.12 -32.87 -4.18
N TYR B 452 13.17 -32.31 -2.98
CA TYR B 452 12.21 -31.28 -2.62
C TYR B 452 12.35 -30.05 -3.51
N SER B 453 13.58 -29.61 -3.73
CA SER B 453 13.78 -28.41 -4.54
C SER B 453 13.23 -28.59 -5.94
N LEU B 454 13.48 -29.74 -6.56
CA LEU B 454 12.95 -29.94 -7.91
C LEU B 454 11.44 -30.14 -7.89
N ALA B 455 10.92 -30.81 -6.87
CA ALA B 455 9.50 -31.13 -6.87
C ALA B 455 8.65 -29.88 -6.65
N THR B 456 9.07 -29.00 -5.73
CA THR B 456 8.25 -27.86 -5.38
C THR B 456 8.67 -26.58 -6.07
N GLY B 457 9.93 -26.49 -6.48
CA GLY B 457 10.44 -25.28 -7.09
C GLY B 457 10.88 -24.21 -6.11
N ASN B 458 10.53 -24.35 -4.83
CA ASN B 458 10.99 -23.40 -3.83
C ASN B 458 12.49 -23.59 -3.68
N TRP B 459 13.24 -22.77 -4.41
CA TRP B 459 14.64 -23.02 -4.69
C TRP B 459 15.45 -22.72 -3.44
N GLY B 460 15.81 -23.75 -2.69
CA GLY B 460 16.56 -23.58 -1.46
C GLY B 460 16.19 -24.63 -0.45
N GLU B 461 16.70 -24.45 0.76
CA GLU B 461 16.33 -25.33 1.86
C GLU B 461 14.85 -25.25 2.14
N GLN B 462 14.26 -26.37 2.53
CA GLN B 462 12.83 -26.41 2.78
C GLN B 462 12.44 -25.51 3.95
N LYS B 463 13.23 -25.50 5.01
CA LYS B 463 12.86 -24.70 6.17
C LYS B 463 12.92 -23.21 5.89
N LYS B 464 13.50 -22.81 4.76
CA LYS B 464 13.58 -21.40 4.36
C LYS B 464 12.72 -21.14 3.13
N ALA B 465 11.52 -21.73 3.10
CA ALA B 465 10.65 -21.56 1.95
C ALA B 465 10.44 -20.08 1.64
N MET B 466 10.11 -19.29 2.65
CA MET B 466 9.95 -17.86 2.46
C MET B 466 11.27 -17.25 2.01
N SER B 467 11.19 -16.17 1.26
CA SER B 467 12.38 -15.48 0.76
C SER B 467 13.26 -16.42 -0.06
N SER B 468 12.62 -17.31 -0.80
CA SER B 468 13.30 -18.28 -1.65
C SER B 468 12.73 -18.18 -3.05
N ARG B 469 13.62 -18.14 -4.05
CA ARG B 469 13.17 -18.02 -5.43
C ARG B 469 12.23 -19.16 -5.77
N ALA B 470 10.99 -18.83 -6.14
CA ALA B 470 9.97 -19.82 -6.41
C ALA B 470 9.80 -20.04 -7.90
N GLY B 471 9.19 -21.18 -8.24
CA GLY B 471 8.85 -21.46 -9.62
C GLY B 471 10.03 -21.66 -10.53
N VAL B 472 11.20 -22.02 -9.99
CA VAL B 472 12.36 -22.26 -10.85
C VAL B 472 12.14 -23.50 -11.69
N SER B 473 11.49 -24.51 -11.13
CA SER B 473 11.22 -25.76 -11.82
C SER B 473 9.72 -25.88 -12.05
N GLN B 474 9.33 -26.30 -13.25
CA GLN B 474 7.93 -26.40 -13.61
C GLN B 474 7.64 -27.74 -14.24
N VAL B 475 6.38 -28.16 -14.13
CA VAL B 475 5.93 -29.38 -14.78
C VAL B 475 6.08 -29.23 -16.28
N LEU B 476 6.53 -30.28 -16.94
CA LEU B 476 6.70 -30.22 -18.39
C LEU B 476 5.36 -30.34 -19.09
N ASN B 477 4.92 -29.25 -19.71
CA ASN B 477 3.60 -29.19 -20.32
C ASN B 477 3.63 -29.94 -21.64
N ARG B 478 2.97 -31.09 -21.68
CA ARG B 478 2.98 -31.98 -22.83
C ARG B 478 1.67 -31.92 -23.59
N TYR B 479 1.03 -30.74 -23.63
CA TYR B 479 -0.25 -30.67 -24.30
C TYR B 479 -0.12 -30.86 -25.81
N THR B 480 0.96 -30.34 -26.41
CA THR B 480 1.25 -30.62 -27.80
C THR B 480 2.75 -30.50 -28.01
N TYR B 481 3.25 -31.27 -28.97
CA TYR B 481 4.69 -31.36 -29.16
C TYR B 481 5.32 -29.99 -29.25
N SER B 482 4.70 -29.07 -29.98
CA SER B 482 5.25 -27.73 -30.08
C SER B 482 5.35 -27.07 -28.71
N SER B 483 4.32 -27.23 -27.88
CA SER B 483 4.38 -26.65 -26.54
C SER B 483 5.54 -27.25 -25.76
N THR B 484 5.71 -28.57 -25.83
CA THR B 484 6.84 -29.19 -25.15
C THR B 484 8.14 -28.57 -25.61
N LEU B 485 8.33 -28.44 -26.93
CA LEU B 485 9.55 -27.83 -27.42
C LEU B 485 9.73 -26.43 -26.85
N SER B 486 8.71 -25.59 -26.94
CA SER B 486 8.84 -24.22 -26.46
C SER B 486 9.14 -24.21 -24.96
N HIS B 487 8.45 -25.05 -24.20
CA HIS B 487 8.63 -25.04 -22.76
C HIS B 487 10.09 -25.25 -22.38
N LEU B 488 10.83 -26.00 -23.20
CA LEU B 488 12.21 -26.31 -22.86
C LEU B 488 13.16 -25.15 -23.10
N ARG B 489 12.89 -24.29 -24.07
CA ARG B 489 13.79 -23.21 -24.42
C ARG B 489 13.30 -21.91 -23.82
N ARG B 490 12.69 -21.99 -22.65
CA ARG B 490 12.12 -20.85 -21.98
C ARG B 490 13.20 -20.12 -21.18
N THR B 491 12.93 -18.87 -20.87
CA THR B 491 13.75 -18.07 -19.98
C THR B 491 12.87 -17.46 -18.89
N ASN B 492 13.44 -16.55 -18.11
CA ASN B 492 12.67 -15.87 -17.09
C ASN B 492 13.52 -14.79 -16.47
N THR B 493 12.85 -13.81 -15.87
CA THR B 493 13.52 -12.75 -15.12
C THR B 493 12.89 -12.67 -13.74
N PRO B 494 13.63 -12.84 -12.67
CA PRO B 494 13.05 -12.78 -11.33
C PRO B 494 12.94 -11.36 -10.79
N ILE B 495 12.43 -10.45 -11.61
CA ILE B 495 12.31 -9.05 -11.21
C ILE B 495 11.15 -8.79 -10.28
N GLY B 496 10.36 -9.81 -9.95
CA GLY B 496 9.19 -9.63 -9.14
C GLY B 496 8.17 -8.74 -9.84
N ARG B 497 6.99 -8.65 -9.24
CA ARG B 497 5.90 -7.85 -9.78
C ARG B 497 5.45 -6.77 -8.80
N ASP B 498 6.28 -6.42 -7.82
CA ASP B 498 6.00 -5.34 -6.88
C ASP B 498 6.52 -4.04 -7.49
N GLY B 499 5.61 -3.20 -7.96
CA GLY B 499 5.99 -2.01 -8.70
C GLY B 499 6.01 -2.32 -10.18
N LYS B 500 5.11 -1.70 -10.95
CA LYS B 500 4.87 -2.15 -12.30
C LYS B 500 6.05 -1.84 -13.21
N LEU B 501 6.33 -0.55 -13.42
CA LEU B 501 7.42 -0.15 -14.29
C LEU B 501 7.21 -0.70 -15.70
N ALA B 502 8.08 -0.33 -16.64
CA ALA B 502 7.98 -0.85 -17.99
C ALA B 502 9.30 -1.28 -18.60
N LYS B 503 10.44 -0.76 -18.14
CA LYS B 503 11.70 -1.05 -18.81
C LYS B 503 11.97 -2.53 -18.97
N PRO B 504 11.85 -3.37 -17.93
CA PRO B 504 12.19 -4.78 -18.12
C PRO B 504 11.33 -5.47 -19.15
N ARG B 505 10.06 -5.07 -19.28
CA ARG B 505 9.15 -5.77 -20.17
C ARG B 505 9.39 -5.44 -21.63
N GLN B 506 9.72 -4.19 -21.93
CA GLN B 506 9.78 -3.75 -23.33
C GLN B 506 10.90 -4.47 -24.07
N LEU B 507 10.59 -4.89 -25.29
CA LEU B 507 11.59 -5.48 -26.16
C LEU B 507 12.70 -4.48 -26.43
N HIS B 508 13.94 -4.95 -26.39
CA HIS B 508 15.09 -4.08 -26.54
C HIS B 508 15.89 -4.45 -27.79
N ASN B 509 16.52 -3.44 -28.38
CA ASN B 509 17.26 -3.66 -29.62
C ASN B 509 18.22 -4.81 -29.50
N THR B 510 18.91 -4.93 -28.37
CA THR B 510 19.90 -5.99 -28.22
C THR B 510 19.30 -7.38 -28.32
N HIS B 511 17.99 -7.51 -28.18
CA HIS B 511 17.33 -8.81 -28.27
C HIS B 511 17.30 -9.35 -29.69
N TRP B 512 17.84 -8.62 -30.65
CA TRP B 512 17.75 -9.02 -32.06
C TRP B 512 18.43 -10.37 -32.26
N GLY B 513 17.65 -11.39 -32.57
CA GLY B 513 18.20 -12.68 -32.92
C GLY B 513 18.66 -13.52 -31.77
N LEU B 514 18.47 -13.07 -30.53
CA LEU B 514 18.78 -13.87 -29.36
C LEU B 514 17.55 -14.43 -28.67
N VAL B 515 16.46 -13.67 -28.67
CA VAL B 515 15.21 -14.12 -28.09
C VAL B 515 14.08 -13.75 -29.05
N CYS B 516 13.03 -14.53 -29.02
CA CYS B 516 11.93 -14.32 -29.95
C CYS B 516 11.34 -12.93 -29.71
N PRO B 517 11.01 -12.19 -30.77
CA PRO B 517 10.30 -10.92 -30.56
C PRO B 517 8.80 -11.08 -30.39
N ALA B 518 8.19 -12.09 -30.99
CA ALA B 518 6.74 -12.23 -30.97
C ALA B 518 6.22 -13.03 -29.79
N GLU B 519 7.00 -14.00 -29.31
CA GLU B 519 6.51 -14.93 -28.30
C GLU B 519 6.69 -14.33 -26.91
N THR B 520 5.62 -14.30 -26.14
CA THR B 520 5.68 -13.90 -24.73
C THR B 520 4.31 -14.14 -24.13
N PRO B 521 4.23 -14.42 -22.84
CA PRO B 521 2.92 -14.62 -22.22
C PRO B 521 2.08 -13.36 -22.22
N GLU B 522 0.86 -13.46 -21.71
CA GLU B 522 -0.03 -12.33 -21.52
C GLU B 522 -0.23 -12.09 -20.04
N GLY B 523 -0.74 -10.92 -19.70
CA GLY B 523 -1.02 -10.61 -18.32
C GLY B 523 0.19 -10.10 -17.58
N GLN B 524 0.20 -10.27 -16.26
CA GLN B 524 1.25 -9.68 -15.44
C GLN B 524 2.64 -10.14 -15.84
N ALA B 525 2.78 -11.32 -16.42
CA ALA B 525 4.08 -11.85 -16.82
C ALA B 525 4.50 -11.40 -18.20
N CYS B 526 3.68 -10.60 -18.87
CA CYS B 526 3.97 -10.20 -20.24
C CYS B 526 5.36 -9.59 -20.31
N GLY B 527 6.25 -10.22 -21.06
CA GLY B 527 7.58 -9.69 -21.25
C GLY B 527 8.62 -10.31 -20.36
N LEU B 528 8.28 -10.52 -19.09
CA LEU B 528 9.26 -11.06 -18.15
C LEU B 528 9.62 -12.49 -18.44
N VAL B 529 8.90 -13.16 -19.34
CA VAL B 529 9.19 -14.53 -19.75
C VAL B 529 9.52 -14.51 -21.22
N LYS B 530 10.75 -14.91 -21.56
CA LYS B 530 11.24 -14.82 -22.91
C LYS B 530 11.70 -16.20 -23.38
N ASN B 531 11.62 -16.41 -24.69
CA ASN B 531 11.91 -17.71 -25.28
C ASN B 531 13.07 -17.57 -26.26
N LEU B 532 14.01 -18.50 -26.17
CA LEU B 532 15.21 -18.41 -26.97
C LEU B 532 14.88 -18.42 -28.45
N SER B 533 15.58 -17.58 -29.20
CA SER B 533 15.45 -17.57 -30.64
C SER B 533 15.84 -18.95 -31.18
N LEU B 534 15.50 -19.19 -32.44
CA LEU B 534 15.67 -20.53 -32.99
C LEU B 534 17.14 -20.92 -33.10
N LEU B 535 18.05 -19.96 -33.14
CA LEU B 535 19.47 -20.22 -33.27
C LEU B 535 20.25 -19.80 -32.02
N SER B 536 19.62 -19.86 -30.86
CA SER B 536 20.27 -19.41 -29.65
C SER B 536 21.25 -20.47 -29.14
N GLY B 537 22.29 -20.00 -28.48
CA GLY B 537 23.24 -20.89 -27.83
C GLY B 537 23.81 -20.23 -26.61
N ILE B 538 23.95 -21.01 -25.55
CA ILE B 538 24.36 -20.50 -24.25
C ILE B 538 25.79 -20.92 -23.98
N SER B 539 26.61 -19.96 -23.57
CA SER B 539 27.99 -20.25 -23.22
C SER B 539 28.04 -21.09 -21.96
N ILE B 540 28.90 -22.11 -21.95
CA ILE B 540 29.08 -22.96 -20.78
C ILE B 540 30.31 -22.58 -19.97
N GLY B 541 31.13 -21.65 -20.45
CA GLY B 541 32.32 -21.24 -19.74
C GLY B 541 33.54 -22.01 -20.18
N SER B 542 34.64 -21.28 -20.41
CA SER B 542 35.90 -21.88 -20.81
C SER B 542 37.02 -21.32 -19.94
N PRO B 543 38.07 -22.10 -19.70
CA PRO B 543 39.19 -21.56 -18.93
C PRO B 543 39.82 -20.38 -19.63
N SER B 544 40.23 -19.39 -18.84
CA SER B 544 40.82 -18.16 -19.35
C SER B 544 42.34 -18.23 -19.43
N GLU B 545 42.96 -19.23 -18.79
CA GLU B 545 44.42 -19.27 -18.73
C GLU B 545 45.05 -19.20 -20.11
N PRO B 546 44.63 -19.98 -21.10
CA PRO B 546 45.26 -19.87 -22.42
C PRO B 546 45.17 -18.47 -22.99
N ILE B 547 44.09 -17.75 -22.70
CA ILE B 547 43.99 -16.37 -23.17
C ILE B 547 45.12 -15.54 -22.57
N ILE B 548 45.35 -15.71 -21.27
CA ILE B 548 46.43 -14.98 -20.62
C ILE B 548 47.76 -15.35 -21.26
N ASN B 549 47.99 -16.64 -21.47
CA ASN B 549 49.24 -17.07 -22.08
C ASN B 549 49.45 -16.41 -23.42
N PHE B 550 48.41 -16.40 -24.25
CA PHE B 550 48.54 -15.79 -25.57
C PHE B 550 48.83 -14.30 -25.46
N LEU B 551 48.02 -13.59 -24.68
CA LEU B 551 48.21 -12.15 -24.55
C LEU B 551 49.65 -11.82 -24.18
N GLU B 552 50.19 -12.49 -23.17
CA GLU B 552 51.56 -12.22 -22.76
C GLU B 552 52.51 -12.35 -23.94
N GLU B 553 52.30 -13.33 -24.80
CA GLU B 553 53.12 -13.44 -26.00
C GLU B 553 53.07 -12.17 -26.83
N TRP B 554 51.92 -11.50 -26.86
CA TRP B 554 51.66 -10.43 -27.82
C TRP B 554 51.79 -9.06 -27.19
N GLY B 555 52.78 -8.87 -26.32
CA GLY B 555 53.06 -7.55 -25.79
C GLY B 555 52.08 -7.06 -24.75
N MET B 556 51.41 -7.96 -24.04
CA MET B 556 50.55 -7.54 -22.95
C MET B 556 51.40 -6.90 -21.87
N GLU B 557 51.10 -5.64 -21.56
CA GLU B 557 51.91 -4.87 -20.61
C GLU B 557 51.21 -4.83 -19.27
N PRO B 558 51.76 -5.44 -18.22
CA PRO B 558 51.10 -5.38 -16.91
C PRO B 558 50.97 -3.95 -16.42
N LEU B 559 49.96 -3.75 -15.56
CA LEU B 559 49.64 -2.41 -15.09
C LEU B 559 50.81 -1.77 -14.35
N GLU B 560 51.74 -2.57 -13.84
CA GLU B 560 52.82 -2.03 -13.02
C GLU B 560 53.64 -1.01 -13.78
N ASP B 561 53.70 -1.14 -15.10
CA ASP B 561 54.48 -0.23 -15.95
C ASP B 561 53.62 0.88 -16.51
N TYR B 562 52.60 1.30 -15.76
CA TYR B 562 51.60 2.24 -16.25
C TYR B 562 51.88 3.63 -15.73
N ASP B 563 51.91 4.61 -16.63
CA ASP B 563 52.11 6.01 -16.32
C ASP B 563 51.14 6.86 -17.12
N PRO B 564 50.54 7.89 -16.50
CA PRO B 564 49.49 8.65 -17.20
C PRO B 564 49.99 9.35 -18.45
N ALA B 565 50.99 10.22 -18.31
CA ALA B 565 51.47 10.98 -19.46
C ALA B 565 52.06 10.06 -20.52
N GLN B 566 52.88 9.09 -20.10
CA GLN B 566 53.43 8.13 -21.05
C GLN B 566 52.32 7.28 -21.66
N HIS B 567 51.58 6.57 -20.82
CA HIS B 567 50.55 5.64 -21.28
C HIS B 567 49.18 6.31 -21.34
N THR B 568 49.11 7.46 -22.01
CA THR B 568 47.82 8.09 -22.28
C THR B 568 47.24 7.69 -23.62
N LYS B 569 47.96 6.90 -24.41
CA LYS B 569 47.50 6.45 -25.72
C LYS B 569 47.39 4.92 -25.81
N SER B 570 48.00 4.20 -24.88
CA SER B 570 47.91 2.75 -24.92
C SER B 570 46.48 2.31 -24.66
N THR B 571 46.24 1.02 -24.84
CA THR B 571 44.90 0.45 -24.78
C THR B 571 44.78 -0.49 -23.59
N ARG B 572 43.80 -0.25 -22.74
CA ARG B 572 43.55 -1.13 -21.61
C ARG B 572 42.92 -2.43 -22.08
N ILE B 573 43.06 -3.47 -21.27
CA ILE B 573 42.54 -4.79 -21.59
C ILE B 573 41.82 -5.34 -20.37
N PHE B 574 40.59 -5.79 -20.56
CA PHE B 574 39.81 -6.44 -19.52
C PHE B 574 39.52 -7.87 -19.94
N VAL B 575 39.61 -8.79 -18.99
CA VAL B 575 39.26 -10.18 -19.20
C VAL B 575 38.28 -10.58 -18.11
N ASN B 576 37.16 -11.17 -18.52
CA ASN B 576 36.14 -11.63 -17.57
C ASN B 576 35.78 -10.54 -16.57
N GLY B 577 35.85 -9.28 -17.00
CA GLY B 577 35.48 -8.16 -16.17
C GLY B 577 36.58 -7.63 -15.28
N VAL B 578 37.81 -8.10 -15.41
CA VAL B 578 38.92 -7.63 -14.59
C VAL B 578 40.03 -7.10 -15.50
N TRP B 579 40.51 -5.91 -15.20
CA TRP B 579 41.67 -5.37 -15.88
C TRP B 579 42.87 -6.26 -15.64
N THR B 580 43.67 -6.48 -16.68
CA THR B 580 44.85 -7.32 -16.57
C THR B 580 46.13 -6.68 -17.06
N GLY B 581 46.07 -5.61 -17.84
CA GLY B 581 47.30 -5.00 -18.31
C GLY B 581 47.01 -3.93 -19.35
N ILE B 582 48.03 -3.65 -20.16
CA ILE B 582 47.97 -2.57 -21.14
C ILE B 582 48.62 -3.04 -22.44
N HIS B 583 48.12 -2.52 -23.54
CA HIS B 583 48.74 -2.73 -24.84
C HIS B 583 48.58 -1.46 -25.66
N ARG B 584 49.65 -1.09 -26.36
CA ARG B 584 49.70 0.18 -27.08
C ARG B 584 49.36 0.07 -28.55
N ASP B 585 49.35 -1.13 -29.12
CA ASP B 585 48.94 -1.35 -30.50
C ASP B 585 47.98 -2.54 -30.55
N PRO B 586 46.73 -2.34 -30.14
CA PRO B 586 45.80 -3.47 -30.03
C PRO B 586 45.21 -3.92 -31.35
N SER B 587 45.40 -3.19 -32.43
CA SER B 587 44.81 -3.59 -33.71
C SER B 587 45.30 -4.96 -34.13
N MET B 588 46.63 -5.14 -34.14
CA MET B 588 47.17 -6.44 -34.53
C MET B 588 46.80 -7.51 -33.52
N LEU B 589 46.72 -7.12 -32.24
CA LEU B 589 46.29 -8.06 -31.21
C LEU B 589 44.91 -8.62 -31.52
N VAL B 590 43.94 -7.74 -31.76
CA VAL B 590 42.59 -8.19 -32.03
C VAL B 590 42.55 -9.00 -33.32
N SER B 591 43.28 -8.55 -34.34
CA SER B 591 43.31 -9.30 -35.59
C SER B 591 43.76 -10.73 -35.33
N THR B 592 44.89 -10.90 -34.64
CA THR B 592 45.43 -12.23 -34.42
C THR B 592 44.53 -13.05 -33.52
N MET B 593 43.93 -12.44 -32.51
CA MET B 593 43.04 -13.20 -31.63
C MET B 593 41.82 -13.71 -32.37
N ARG B 594 41.22 -12.86 -33.20
CA ARG B 594 40.09 -13.32 -34.00
C ARG B 594 40.52 -14.42 -34.95
N ASP B 595 41.70 -14.25 -35.57
CA ASP B 595 42.22 -15.31 -36.44
C ASP B 595 42.34 -16.62 -35.67
N LEU B 596 42.89 -16.56 -34.47
CA LEU B 596 43.13 -17.76 -33.69
C LEU B 596 41.82 -18.43 -33.31
N ARG B 597 40.83 -17.64 -32.87
CA ARG B 597 39.54 -18.21 -32.55
C ARG B 597 38.93 -18.88 -33.77
N ARG B 598 38.94 -18.18 -34.91
CA ARG B 598 38.36 -18.75 -36.12
C ARG B 598 39.08 -20.04 -36.52
N SER B 599 40.38 -20.11 -36.26
CA SER B 599 41.11 -21.35 -36.52
C SER B 599 40.67 -22.45 -35.57
N GLY B 600 39.98 -22.10 -34.50
CA GLY B 600 39.52 -23.06 -33.50
C GLY B 600 40.46 -23.24 -32.33
N ALA B 601 41.68 -22.71 -32.40
CA ALA B 601 42.61 -22.85 -31.28
C ALA B 601 42.06 -22.25 -30.00
N ILE B 602 41.22 -21.23 -30.09
CA ILE B 602 40.51 -20.69 -28.95
C ILE B 602 39.10 -21.23 -28.97
N SER B 603 38.51 -21.41 -27.80
CA SER B 603 37.15 -21.93 -27.75
C SER B 603 36.23 -20.99 -28.53
N PRO B 604 35.45 -21.50 -29.48
CA PRO B 604 34.66 -20.60 -30.33
C PRO B 604 33.74 -19.67 -29.56
N GLU B 605 33.14 -20.13 -28.46
CA GLU B 605 32.23 -19.29 -27.71
C GLU B 605 32.94 -18.20 -26.90
N VAL B 606 34.24 -18.00 -27.12
CA VAL B 606 34.95 -16.90 -26.47
C VAL B 606 34.70 -15.62 -27.25
N SER B 607 34.32 -14.57 -26.55
CA SER B 607 33.92 -13.30 -27.15
C SER B 607 35.11 -12.36 -27.17
N ILE B 608 35.37 -11.75 -28.31
CA ILE B 608 36.45 -10.77 -28.48
C ILE B 608 35.79 -9.45 -28.85
N ILE B 609 35.88 -8.47 -27.96
CA ILE B 609 35.20 -7.19 -28.11
C ILE B 609 36.24 -6.08 -28.05
N ARG B 610 36.20 -5.19 -29.04
CA ARG B 610 37.04 -4.00 -29.05
C ARG B 610 36.15 -2.77 -29.11
N ASP B 611 36.33 -1.87 -28.15
CA ASP B 611 35.64 -0.59 -28.11
C ASP B 611 36.67 0.49 -28.46
N ILE B 612 36.75 0.83 -29.74
CA ILE B 612 37.76 1.77 -30.21
C ILE B 612 37.57 3.12 -29.54
N ARG B 613 36.33 3.60 -29.45
CA ARG B 613 36.09 4.93 -28.91
C ARG B 613 36.68 5.08 -27.52
N GLU B 614 36.49 4.08 -26.66
CA GLU B 614 36.93 4.16 -25.28
C GLU B 614 38.34 3.62 -25.06
N ARG B 615 39.06 3.29 -26.14
CA ARG B 615 40.44 2.82 -26.02
C ARG B 615 40.51 1.57 -25.14
N GLU B 616 39.47 0.75 -25.21
CA GLU B 616 39.41 -0.49 -24.45
C GLU B 616 39.38 -1.67 -25.40
N PHE B 617 39.61 -2.85 -24.83
CA PHE B 617 39.50 -4.11 -25.57
C PHE B 617 39.21 -5.21 -24.54
N LYS B 618 37.99 -5.72 -24.57
CA LYS B 618 37.53 -6.68 -23.58
C LYS B 618 37.39 -8.06 -24.22
N ILE B 619 37.73 -9.09 -23.46
CA ILE B 619 37.52 -10.47 -23.85
C ILE B 619 36.68 -11.15 -22.77
N PHE B 620 35.74 -11.98 -23.18
CA PHE B 620 34.84 -12.66 -22.26
C PHE B 620 34.83 -14.15 -22.56
N THR B 621 35.07 -14.95 -21.53
CA THR B 621 34.87 -16.39 -21.59
C THR B 621 33.93 -16.86 -20.47
N ASP B 622 33.09 -15.97 -19.96
CA ASP B 622 32.22 -16.31 -18.87
C ASP B 622 31.24 -17.41 -19.28
N VAL B 623 30.52 -17.93 -18.29
CA VAL B 623 29.51 -18.97 -18.49
C VAL B 623 28.15 -18.32 -18.33
N GLY B 624 27.22 -18.67 -19.22
CA GLY B 624 25.87 -18.17 -19.17
C GLY B 624 25.56 -17.09 -20.17
N ARG B 625 26.55 -16.59 -20.91
CA ARG B 625 26.26 -15.63 -21.96
C ARG B 625 25.37 -16.25 -23.02
N VAL B 626 24.89 -15.41 -23.92
CA VAL B 626 24.05 -15.84 -25.04
C VAL B 626 24.73 -15.46 -26.33
N TYR B 627 24.61 -16.31 -27.35
CA TYR B 627 25.27 -16.09 -28.63
C TYR B 627 24.48 -16.75 -29.73
N ARG B 628 24.74 -16.29 -30.96
CA ARG B 628 24.13 -16.85 -32.15
C ARG B 628 25.17 -16.87 -33.27
N PRO B 629 25.01 -17.76 -34.24
CA PRO B 629 25.99 -17.85 -35.32
C PRO B 629 25.72 -16.84 -36.43
N LEU B 630 26.74 -16.64 -37.26
CA LEU B 630 26.63 -15.74 -38.40
C LEU B 630 27.67 -16.14 -39.43
N PHE B 631 27.45 -15.70 -40.66
CA PHE B 631 28.44 -15.89 -41.69
C PHE B 631 29.60 -14.93 -41.48
N ILE B 632 30.75 -15.30 -42.03
CA ILE B 632 31.97 -14.49 -41.92
C ILE B 632 32.28 -13.95 -43.30
N VAL B 633 32.16 -12.64 -43.45
CA VAL B 633 32.40 -11.96 -44.71
C VAL B 633 33.86 -11.54 -44.77
N GLU B 634 34.55 -11.93 -45.83
CA GLU B 634 35.93 -11.50 -45.98
C GLU B 634 35.99 -9.98 -46.04
N ASP B 635 36.90 -9.40 -45.28
CA ASP B 635 36.97 -7.95 -45.11
C ASP B 635 38.31 -7.34 -45.50
N ASP B 636 39.42 -8.05 -45.33
CA ASP B 636 40.73 -7.46 -45.53
C ASP B 636 40.84 -6.89 -46.94
N GLU B 637 41.33 -5.65 -47.05
CA GLU B 637 41.59 -5.03 -48.35
C GLU B 637 42.99 -5.42 -48.82
N SER B 638 43.23 -6.74 -48.82
CA SER B 638 44.50 -7.27 -49.28
C SER B 638 44.30 -8.47 -50.21
N LYS B 639 43.07 -8.75 -50.62
CA LYS B 639 42.82 -9.84 -51.55
C LYS B 639 41.49 -9.60 -52.24
N ASP B 640 41.35 -10.20 -53.43
CA ASP B 640 40.14 -10.05 -54.22
C ASP B 640 38.89 -10.48 -53.45
N ASN B 641 39.03 -11.40 -52.51
CA ASN B 641 37.89 -11.96 -51.82
C ASN B 641 37.18 -10.95 -50.93
N LYS B 642 37.78 -9.78 -50.70
CA LYS B 642 37.14 -8.76 -49.88
C LYS B 642 35.69 -8.57 -50.32
N GLY B 643 34.82 -8.31 -49.34
CA GLY B 643 33.42 -8.15 -49.65
C GLY B 643 32.77 -9.38 -50.23
N GLU B 644 33.22 -10.57 -49.83
CA GLU B 644 32.68 -11.82 -50.31
C GLU B 644 32.58 -12.80 -49.14
N LEU B 645 31.67 -13.76 -49.29
CA LEU B 645 31.44 -14.71 -48.20
C LEU B 645 32.58 -15.70 -48.11
N ARG B 646 33.05 -15.94 -46.88
CA ARG B 646 34.10 -16.92 -46.68
C ARG B 646 33.66 -18.31 -47.10
N ILE B 647 32.35 -18.59 -47.02
CA ILE B 647 31.82 -19.88 -47.43
C ILE B 647 31.73 -19.91 -48.95
N THR B 648 31.70 -21.11 -49.51
CA THR B 648 31.63 -21.32 -50.96
C THR B 648 30.85 -22.59 -51.25
N LYS B 649 30.48 -22.76 -52.52
CA LYS B 649 29.69 -23.91 -52.92
C LYS B 649 30.37 -25.21 -52.51
N GLU B 650 31.71 -25.23 -52.48
CA GLU B 650 32.42 -26.45 -52.09
C GLU B 650 32.06 -26.86 -50.67
N HIS B 651 31.96 -25.88 -49.77
CA HIS B 651 31.58 -26.20 -48.39
C HIS B 651 30.19 -26.82 -48.36
N ILE B 652 29.26 -26.28 -49.13
CA ILE B 652 27.91 -26.84 -49.17
C ILE B 652 27.96 -28.27 -49.68
N ARG B 653 28.73 -28.50 -50.74
CA ARG B 653 28.83 -29.85 -51.29
C ARG B 653 29.37 -30.80 -50.23
N LYS B 654 30.42 -30.40 -49.53
CA LYS B 654 30.98 -31.27 -48.50
C LYS B 654 29.95 -31.55 -47.42
N ILE B 655 29.25 -30.51 -46.96
CA ILE B 655 28.22 -30.71 -45.94
C ILE B 655 27.21 -31.73 -46.41
N GLN B 656 26.75 -31.60 -47.67
CA GLN B 656 25.78 -32.55 -48.18
C GLN B 656 26.35 -33.96 -48.18
N GLN B 657 27.62 -34.09 -48.57
CA GLN B 657 28.26 -35.40 -48.52
C GLN B 657 28.40 -35.89 -47.09
N GLY B 658 28.82 -35.01 -46.18
CA GLY B 658 29.06 -35.38 -44.80
C GLY B 658 30.50 -35.73 -44.49
N TYR B 659 31.34 -35.93 -45.51
CA TYR B 659 32.75 -36.23 -45.32
C TYR B 659 33.58 -35.38 -46.27
N ASP B 660 34.72 -34.91 -45.78
CA ASP B 660 35.60 -34.13 -46.62
C ASP B 660 36.29 -35.01 -47.64
N ASP B 661 36.50 -34.48 -48.84
CA ASP B 661 37.20 -35.21 -49.90
C ASP B 661 38.68 -34.87 -49.87
N ASP B 662 39.27 -35.10 -48.69
CA ASP B 662 40.69 -34.91 -48.48
C ASP B 662 41.16 -33.54 -48.97
N VAL B 675 34.39 -37.09 -40.45
CA VAL B 675 33.09 -36.53 -40.80
C VAL B 675 33.21 -35.02 -40.94
N TYR B 676 32.28 -34.42 -41.69
CA TYR B 676 32.28 -32.99 -41.96
C TYR B 676 30.91 -32.43 -41.60
N GLY B 677 30.74 -32.06 -40.33
CA GLY B 677 29.47 -31.55 -39.86
C GLY B 677 29.52 -30.07 -39.53
N TRP B 678 28.52 -29.59 -38.80
CA TRP B 678 28.46 -28.17 -38.49
C TRP B 678 29.72 -27.69 -37.79
N SER B 679 30.19 -28.45 -36.79
CA SER B 679 31.40 -28.06 -36.08
C SER B 679 32.55 -27.85 -37.06
N SER B 680 32.62 -28.65 -38.10
CA SER B 680 33.66 -28.45 -39.10
C SER B 680 33.53 -27.07 -39.72
N LEU B 681 32.30 -26.66 -40.03
CA LEU B 681 32.10 -25.32 -40.58
C LEU B 681 32.53 -24.26 -39.58
N VAL B 682 32.20 -24.46 -38.31
CA VAL B 682 32.57 -23.47 -37.30
C VAL B 682 34.08 -23.33 -37.23
N THR B 683 34.78 -24.45 -37.18
CA THR B 683 36.23 -24.45 -37.06
C THR B 683 36.95 -24.11 -38.35
N SER B 684 36.41 -24.52 -39.50
CA SER B 684 37.06 -24.23 -40.77
C SER B 684 37.21 -22.76 -41.04
N GLY B 685 36.45 -21.91 -40.34
CA GLY B 685 36.57 -20.48 -40.48
C GLY B 685 35.61 -19.85 -41.45
N VAL B 686 34.33 -20.21 -41.40
CA VAL B 686 33.32 -19.55 -42.21
C VAL B 686 32.14 -19.05 -41.38
N ILE B 687 31.92 -19.60 -40.20
CA ILE B 687 30.84 -19.17 -39.33
C ILE B 687 31.40 -19.00 -37.92
N GLU B 688 31.05 -17.89 -37.28
CA GLU B 688 31.51 -17.61 -35.93
C GLU B 688 30.34 -17.21 -35.07
N TYR B 689 30.31 -17.72 -33.84
CA TYR B 689 29.33 -17.30 -32.86
C TYR B 689 29.66 -15.88 -32.43
N VAL B 690 28.62 -15.09 -32.14
CA VAL B 690 28.79 -13.74 -31.64
C VAL B 690 27.79 -13.55 -30.50
N ASP B 691 28.28 -13.11 -29.36
CA ASP B 691 27.42 -12.86 -28.21
C ASP B 691 26.70 -11.54 -28.40
N GLY B 692 25.84 -11.18 -27.46
CA GLY B 692 25.13 -9.92 -27.57
C GLY B 692 26.07 -8.72 -27.59
N GLU B 693 27.06 -8.72 -26.69
CA GLU B 693 27.93 -7.55 -26.58
C GLU B 693 28.73 -7.33 -27.86
N GLU B 694 29.32 -8.38 -28.42
CA GLU B 694 30.13 -8.21 -29.61
C GLU B 694 29.32 -7.67 -30.78
N GLU B 695 28.00 -7.86 -30.77
CA GLU B 695 27.18 -7.31 -31.84
C GLU B 695 27.31 -5.80 -31.91
N GLU B 696 27.73 -5.15 -30.83
CA GLU B 696 27.81 -3.71 -30.80
C GLU B 696 28.72 -3.17 -31.89
N THR B 697 29.71 -3.95 -32.31
CA THR B 697 30.81 -3.45 -33.13
C THR B 697 30.96 -4.26 -34.40
N ILE B 698 29.87 -4.46 -35.13
CA ILE B 698 29.93 -5.18 -36.39
C ILE B 698 28.87 -4.62 -37.35
N MET B 699 29.08 -4.90 -38.63
CA MET B 699 28.20 -4.49 -39.71
C MET B 699 27.63 -5.75 -40.34
N ILE B 700 26.33 -5.97 -40.15
CA ILE B 700 25.70 -7.24 -40.51
C ILE B 700 24.80 -7.00 -41.71
N ALA B 701 25.15 -7.58 -42.85
CA ALA B 701 24.27 -7.56 -44.00
C ALA B 701 23.09 -8.50 -43.76
N MET B 702 21.89 -8.05 -44.14
CA MET B 702 20.70 -8.86 -43.91
C MET B 702 20.72 -10.12 -44.78
N THR B 703 21.17 -10.00 -46.01
CA THR B 703 21.20 -11.14 -46.93
C THR B 703 22.41 -11.02 -47.83
N PRO B 704 22.85 -12.13 -48.43
CA PRO B 704 24.03 -12.07 -49.30
C PRO B 704 23.88 -11.08 -50.43
N GLU B 705 22.67 -10.88 -50.94
CA GLU B 705 22.48 -9.94 -52.04
C GLU B 705 22.92 -8.54 -51.65
N ASP B 706 22.80 -8.18 -50.37
CA ASP B 706 23.26 -6.88 -49.94
C ASP B 706 24.77 -6.73 -50.07
N LEU B 707 25.51 -7.84 -50.01
CA LEU B 707 26.96 -7.75 -50.17
C LEU B 707 27.33 -7.23 -51.55
N GLN B 708 26.48 -7.45 -52.54
CA GLN B 708 26.69 -6.98 -53.90
C GLN B 708 25.74 -5.83 -54.19
N THR B 709 26.29 -4.67 -54.51
CA THR B 709 25.47 -3.52 -54.87
C THR B 709 24.67 -3.82 -56.13
N ARG B 710 23.41 -3.40 -56.14
CA ARG B 710 22.53 -3.64 -57.26
C ARG B 710 22.61 -2.48 -58.25
N SER B 711 21.69 -2.45 -59.22
CA SER B 711 21.63 -1.38 -60.20
C SER B 711 21.58 -0.02 -59.53
N LEU B 719 12.17 -4.39 -62.55
CA LEU B 719 12.11 -3.80 -61.22
C LEU B 719 10.80 -3.03 -61.04
N ASN B 720 10.69 -2.28 -59.96
CA ASN B 720 9.56 -1.39 -59.72
C ASN B 720 8.25 -2.18 -59.66
N ASP B 721 8.19 -3.09 -58.69
CA ASP B 721 7.04 -3.96 -58.50
C ASP B 721 6.15 -3.43 -57.38
N THR B 722 4.84 -3.62 -57.53
CA THR B 722 3.86 -3.10 -56.59
C THR B 722 3.32 -4.16 -55.64
N ALA B 723 3.77 -5.41 -55.76
CA ALA B 723 3.32 -6.50 -54.89
C ALA B 723 4.46 -7.13 -54.09
N LYS B 724 5.59 -6.43 -53.97
CA LYS B 724 6.71 -6.91 -53.18
C LYS B 724 7.31 -5.77 -52.39
N ARG B 725 8.33 -6.11 -51.59
CA ARG B 725 8.95 -5.13 -50.71
C ARG B 725 10.01 -4.33 -51.43
N ILE B 726 10.32 -3.14 -50.88
CA ILE B 726 11.42 -2.31 -51.33
C ILE B 726 12.38 -2.13 -50.16
N LYS B 727 13.67 -2.40 -50.41
CA LYS B 727 14.67 -2.31 -49.36
C LYS B 727 14.74 -0.89 -48.80
N PRO B 728 15.37 -0.73 -47.64
CA PRO B 728 15.68 0.63 -47.18
C PRO B 728 16.68 1.32 -48.10
N GLU B 729 16.58 2.64 -48.19
CA GLU B 729 17.44 3.39 -49.10
C GLU B 729 18.92 3.11 -48.82
N MET B 730 19.34 3.27 -47.56
CA MET B 730 20.71 2.96 -47.16
C MET B 730 21.73 3.72 -48.01
N SER B 731 21.42 4.97 -48.37
CA SER B 731 22.33 5.81 -49.14
C SER B 731 23.21 6.68 -48.24
N THR B 732 22.99 6.68 -46.93
CA THR B 732 23.76 7.54 -46.03
C THR B 732 25.20 7.08 -45.87
N SER B 733 25.54 5.90 -46.37
CA SER B 733 26.92 5.41 -46.39
C SER B 733 27.32 5.18 -47.83
N SER B 734 28.11 6.10 -48.38
CA SER B 734 28.57 5.96 -49.76
C SER B 734 29.24 4.61 -49.97
N HIS B 735 29.97 4.13 -48.96
CA HIS B 735 30.61 2.83 -49.00
C HIS B 735 30.24 2.04 -47.76
N HIS B 736 30.35 0.72 -47.84
CA HIS B 736 30.00 -0.17 -46.75
C HIS B 736 31.09 -1.19 -46.55
N THR B 737 31.37 -1.52 -45.30
CA THR B 737 32.37 -2.53 -44.94
C THR B 737 31.65 -3.62 -44.17
N PHE B 738 31.08 -4.56 -44.90
CA PHE B 738 30.32 -5.64 -44.27
C PHE B 738 31.24 -6.70 -43.73
N THR B 739 30.97 -7.14 -42.50
CA THR B 739 31.76 -8.15 -41.84
C THR B 739 31.01 -9.46 -41.61
N HIS B 740 29.68 -9.43 -41.57
CA HIS B 740 28.91 -10.64 -41.38
C HIS B 740 27.59 -10.51 -42.13
N CYS B 741 27.00 -11.65 -42.45
CA CYS B 741 25.73 -11.70 -43.17
C CYS B 741 24.79 -12.63 -42.43
N GLU B 742 23.62 -12.13 -42.04
CA GLU B 742 22.62 -12.97 -41.40
C GLU B 742 22.45 -14.27 -42.18
N ILE B 743 22.51 -15.39 -41.46
CA ILE B 743 22.35 -16.68 -42.11
C ILE B 743 20.98 -16.75 -42.78
N HIS B 744 19.95 -16.34 -42.06
CA HIS B 744 18.64 -16.15 -42.62
C HIS B 744 17.78 -15.36 -41.66
N PRO B 745 17.14 -14.27 -42.10
CA PRO B 745 16.39 -13.44 -41.15
C PRO B 745 15.31 -14.19 -40.42
N SER B 746 14.67 -15.16 -41.06
CA SER B 746 13.57 -15.88 -40.43
C SER B 746 14.02 -16.65 -39.19
N MET B 747 15.29 -16.63 -38.84
CA MET B 747 15.78 -17.32 -37.66
C MET B 747 15.63 -16.50 -36.39
N ILE B 748 15.22 -15.24 -36.49
CA ILE B 748 15.05 -14.43 -35.30
C ILE B 748 13.77 -14.78 -34.54
N LEU B 749 12.93 -15.63 -35.10
CA LEU B 749 11.70 -16.02 -34.44
C LEU B 749 11.93 -17.21 -33.53
N GLY B 750 11.14 -17.28 -32.47
CA GLY B 750 11.20 -18.37 -31.53
C GLY B 750 10.71 -19.67 -32.15
N VAL B 751 10.43 -20.63 -31.28
CA VAL B 751 9.88 -21.89 -31.74
C VAL B 751 8.44 -21.70 -32.24
N ALA B 752 7.56 -21.28 -31.34
CA ALA B 752 6.16 -21.13 -31.71
C ALA B 752 6.00 -20.21 -32.90
N ALA B 753 6.67 -19.06 -32.88
CA ALA B 753 6.51 -18.09 -33.95
C ALA B 753 6.86 -18.68 -35.31
N SER B 754 7.79 -19.63 -35.37
CA SER B 754 8.15 -20.21 -36.65
C SER B 754 6.97 -20.92 -37.31
N ILE B 755 6.01 -21.39 -36.53
CA ILE B 755 4.87 -22.08 -37.10
C ILE B 755 4.08 -21.16 -38.02
N ILE B 756 3.96 -19.90 -37.67
CA ILE B 756 3.04 -19.01 -38.40
C ILE B 756 3.48 -18.93 -39.86
N PRO B 757 2.55 -18.90 -40.80
CA PRO B 757 2.94 -18.67 -42.20
C PRO B 757 2.91 -17.20 -42.54
N PHE B 758 3.88 -16.74 -43.33
CA PHE B 758 3.99 -15.33 -43.69
C PHE B 758 3.87 -14.43 -42.46
N PRO B 759 4.58 -14.75 -41.38
CA PRO B 759 4.45 -13.93 -40.16
C PRO B 759 4.81 -12.48 -40.36
N ASP B 760 5.39 -12.13 -41.50
CA ASP B 760 5.75 -10.75 -41.78
C ASP B 760 4.62 -9.96 -42.43
N HIS B 761 3.46 -10.58 -42.61
CA HIS B 761 2.30 -9.91 -43.18
C HIS B 761 1.20 -9.67 -42.14
N ASN B 762 1.55 -9.60 -40.87
CA ASN B 762 0.56 -9.55 -39.80
C ASN B 762 0.89 -8.43 -38.82
N GLN B 763 -0.15 -7.89 -38.22
CA GLN B 763 0.04 -6.97 -37.11
C GLN B 763 0.63 -7.74 -35.93
N SER B 764 1.69 -7.19 -35.36
CA SER B 764 2.47 -7.96 -34.39
C SER B 764 1.63 -8.56 -33.27
N PRO B 765 0.69 -7.85 -32.66
CA PRO B 765 -0.07 -8.47 -31.58
C PRO B 765 -0.74 -9.75 -32.00
N ARG B 766 -1.17 -9.85 -33.26
CA ARG B 766 -1.75 -11.10 -33.72
C ARG B 766 -0.71 -12.20 -33.73
N ASN B 767 0.52 -11.90 -34.14
CA ASN B 767 1.57 -12.89 -34.06
C ASN B 767 1.75 -13.34 -32.63
N THR B 768 1.78 -12.40 -31.68
CA THR B 768 1.97 -12.78 -30.29
C THR B 768 0.82 -13.66 -29.80
N TYR B 769 -0.40 -13.30 -30.16
CA TYR B 769 -1.55 -14.11 -29.74
C TYR B 769 -1.44 -15.52 -30.29
N GLN B 770 -1.13 -15.65 -31.58
CA GLN B 770 -1.02 -16.98 -32.16
C GLN B 770 0.11 -17.76 -31.50
N SER B 771 1.21 -17.09 -31.20
CA SER B 771 2.29 -17.78 -30.50
C SER B 771 1.80 -18.33 -29.17
N ALA B 772 1.15 -17.50 -28.37
CA ALA B 772 0.68 -17.97 -27.07
C ALA B 772 -0.50 -18.93 -27.23
N MET B 773 -1.04 -19.05 -28.43
CA MET B 773 -2.19 -19.93 -28.67
C MET B 773 -1.77 -21.30 -29.17
N GLY B 774 -0.79 -21.37 -30.05
CA GLY B 774 -0.40 -22.66 -30.61
C GLY B 774 0.07 -23.65 -29.57
N LYS B 775 0.46 -23.19 -28.39
CA LYS B 775 0.82 -24.08 -27.31
C LYS B 775 -0.38 -24.74 -26.67
N GLN B 776 -1.57 -24.59 -27.24
CA GLN B 776 -2.76 -25.28 -26.76
C GLN B 776 -3.47 -26.06 -27.84
N ALA B 777 -3.00 -25.98 -29.08
CA ALA B 777 -3.65 -26.70 -30.16
C ALA B 777 -3.49 -28.20 -29.96
N MET B 778 -4.61 -28.91 -29.88
CA MET B 778 -4.57 -30.35 -29.67
C MET B 778 -3.82 -31.01 -30.81
N GLY B 779 -3.13 -32.10 -30.49
CA GLY B 779 -2.42 -32.82 -31.53
C GLY B 779 -1.73 -34.03 -30.95
N VAL B 780 -0.93 -34.67 -31.80
CA VAL B 780 -0.18 -35.86 -31.41
C VAL B 780 1.08 -35.42 -30.70
N PHE B 781 1.02 -35.33 -29.37
CA PHE B 781 2.16 -34.82 -28.61
C PHE B 781 3.31 -35.82 -28.55
N LEU B 782 3.02 -37.11 -28.49
CA LEU B 782 4.08 -38.10 -28.44
C LEU B 782 3.60 -39.41 -29.06
N THR B 783 4.50 -40.07 -29.78
CA THR B 783 4.12 -41.29 -30.46
C THR B 783 3.66 -42.37 -29.49
N ASN B 784 4.28 -42.46 -28.32
CA ASN B 784 4.01 -43.53 -27.37
C ASN B 784 2.91 -43.19 -26.40
N TYR B 785 1.95 -42.35 -26.81
CA TYR B 785 0.90 -41.95 -25.90
C TYR B 785 0.19 -43.15 -25.30
N ASN B 786 0.14 -44.27 -26.03
CA ASN B 786 -0.65 -45.40 -25.56
C ASN B 786 -0.12 -45.93 -24.23
N VAL B 787 1.20 -46.15 -24.13
CA VAL B 787 1.77 -46.78 -22.94
C VAL B 787 1.73 -45.87 -21.72
N ARG B 788 2.02 -44.59 -21.88
CA ARG B 788 2.13 -43.67 -20.75
C ARG B 788 0.83 -43.63 -19.96
N MET B 789 0.92 -43.07 -18.76
CA MET B 789 -0.25 -42.83 -17.91
C MET B 789 -0.15 -41.41 -17.38
N ASP B 790 -0.65 -40.45 -18.14
CA ASP B 790 -0.66 -39.05 -17.74
C ASP B 790 -2.04 -38.67 -17.24
N THR B 791 -2.09 -37.58 -16.48
CA THR B 791 -3.38 -37.14 -15.95
C THR B 791 -4.27 -36.60 -17.04
N MET B 792 -3.71 -35.85 -17.98
CA MET B 792 -4.48 -35.24 -19.05
C MET B 792 -3.72 -35.39 -20.36
N ALA B 793 -4.35 -36.03 -21.34
CA ALA B 793 -3.72 -36.21 -22.65
C ALA B 793 -4.82 -36.24 -23.69
N ASN B 794 -4.64 -35.49 -24.77
CA ASN B 794 -5.58 -35.43 -25.86
C ASN B 794 -4.87 -35.79 -27.16
N ILE B 795 -5.60 -36.41 -28.08
CA ILE B 795 -5.06 -36.75 -29.40
C ILE B 795 -6.12 -36.45 -30.44
N LEU B 796 -5.67 -36.05 -31.62
CA LEU B 796 -6.56 -35.70 -32.72
C LEU B 796 -6.61 -36.86 -33.70
N TYR B 797 -7.83 -37.27 -34.07
CA TYR B 797 -7.97 -38.46 -34.90
C TYR B 797 -7.06 -38.39 -36.12
N TYR B 798 -7.28 -37.41 -36.99
CA TYR B 798 -6.63 -37.38 -38.31
C TYR B 798 -5.86 -36.07 -38.46
N PRO B 799 -4.71 -35.96 -37.83
CA PRO B 799 -3.87 -34.79 -38.03
C PRO B 799 -3.47 -34.68 -39.49
N GLN B 800 -3.26 -33.45 -39.94
CA GLN B 800 -2.86 -33.19 -41.31
C GLN B 800 -1.80 -32.11 -41.33
N LYS B 801 -0.69 -32.38 -42.01
CA LYS B 801 0.35 -31.37 -42.08
C LYS B 801 -0.18 -30.15 -42.83
N PRO B 802 0.08 -28.95 -42.33
CA PRO B 802 -0.53 -27.76 -42.95
C PRO B 802 -0.09 -27.61 -44.39
N LEU B 803 -1.02 -27.14 -45.23
CA LEU B 803 -0.74 -26.99 -46.65
C LEU B 803 0.29 -25.89 -46.91
N ALA B 804 0.19 -24.77 -46.20
CA ALA B 804 1.09 -23.64 -46.37
C ALA B 804 2.20 -23.78 -45.34
N LYS B 805 3.23 -24.53 -45.68
CA LYS B 805 4.28 -24.81 -44.73
C LYS B 805 5.25 -23.64 -44.65
N THR B 806 6.17 -23.74 -43.71
CA THR B 806 7.29 -22.83 -43.59
C THR B 806 8.56 -23.66 -43.59
N GLN B 807 9.63 -23.08 -44.12
CA GLN B 807 10.85 -23.85 -44.25
C GLN B 807 11.41 -24.23 -42.90
N ALA B 808 10.92 -23.63 -41.82
CA ALA B 808 11.39 -23.93 -40.47
C ALA B 808 10.77 -25.19 -39.88
N MET B 809 9.55 -25.56 -40.25
CA MET B 809 8.94 -26.71 -39.60
C MET B 809 9.63 -28.02 -39.96
N GLU B 810 10.52 -28.03 -40.95
CA GLU B 810 11.31 -29.23 -41.19
C GLU B 810 12.02 -29.67 -39.92
N TYR B 811 12.66 -28.73 -39.23
CA TYR B 811 13.46 -29.06 -38.07
C TYR B 811 12.64 -29.17 -36.79
N LEU B 812 11.39 -28.74 -36.80
CA LEU B 812 10.53 -28.90 -35.64
C LEU B 812 9.65 -30.13 -35.73
N LYS B 813 9.75 -30.89 -36.81
CA LYS B 813 8.98 -32.13 -36.98
C LYS B 813 7.49 -31.87 -37.02
N PHE B 814 7.08 -30.61 -37.09
CA PHE B 814 5.65 -30.31 -37.11
C PHE B 814 4.95 -31.07 -38.23
N ARG B 815 5.58 -31.13 -39.41
CA ARG B 815 5.00 -31.86 -40.51
C ARG B 815 4.91 -33.36 -40.23
N GLU B 816 5.60 -33.86 -39.21
CA GLU B 816 5.48 -35.24 -38.80
C GLU B 816 4.58 -35.42 -37.59
N LEU B 817 4.31 -34.36 -36.85
CA LEU B 817 3.40 -34.40 -35.70
C LEU B 817 2.50 -33.17 -35.74
N PRO B 818 1.68 -33.04 -36.77
CA PRO B 818 0.86 -31.84 -36.92
C PRO B 818 -0.24 -31.81 -35.88
N ALA B 819 -0.85 -30.63 -35.75
CA ALA B 819 -1.88 -30.40 -34.74
C ALA B 819 -3.03 -29.60 -35.30
N GLY B 820 -3.45 -29.90 -36.52
CA GLY B 820 -4.60 -29.22 -37.09
C GLY B 820 -4.94 -29.79 -38.44
N GLN B 821 -6.15 -29.47 -38.88
CA GLN B 821 -6.70 -30.01 -40.12
C GLN B 821 -6.95 -28.87 -41.09
N ASN B 822 -6.57 -29.07 -42.35
CA ASN B 822 -6.84 -28.09 -43.39
C ASN B 822 -8.33 -28.11 -43.69
N ALA B 823 -9.06 -27.15 -43.17
CA ALA B 823 -10.49 -27.05 -43.37
C ALA B 823 -10.79 -26.09 -44.51
N ILE B 824 -11.78 -26.42 -45.32
CA ILE B 824 -12.22 -25.54 -46.40
C ILE B 824 -13.06 -24.43 -45.77
N VAL B 825 -12.62 -23.19 -45.92
CA VAL B 825 -13.22 -22.06 -45.23
C VAL B 825 -13.74 -21.07 -46.24
N ALA B 826 -14.94 -20.55 -45.99
CA ALA B 826 -15.53 -19.49 -46.78
C ALA B 826 -15.80 -18.29 -45.88
N ILE B 827 -15.28 -17.14 -46.27
CA ILE B 827 -15.40 -15.91 -45.49
C ILE B 827 -16.63 -15.19 -46.03
N ALA B 828 -17.74 -15.27 -45.31
CA ALA B 828 -18.96 -14.64 -45.82
C ALA B 828 -20.02 -14.61 -44.75
N CYS B 829 -20.72 -13.49 -44.67
CA CYS B 829 -21.87 -13.35 -43.77
C CYS B 829 -22.98 -14.21 -44.32
N TYR B 830 -23.19 -15.39 -43.73
CA TYR B 830 -24.21 -16.27 -44.26
C TYR B 830 -25.58 -15.98 -43.66
N SER B 831 -25.74 -16.20 -42.36
CA SER B 831 -27.04 -16.06 -41.73
C SER B 831 -26.99 -15.26 -40.45
N GLY B 832 -25.93 -14.48 -40.23
CA GLY B 832 -25.83 -13.68 -39.04
C GLY B 832 -25.59 -14.48 -37.77
N TYR B 833 -25.43 -15.79 -37.86
CA TYR B 833 -25.09 -16.60 -36.70
C TYR B 833 -23.61 -16.64 -36.42
N ASN B 834 -22.79 -16.08 -37.30
CA ASN B 834 -21.33 -16.19 -37.19
C ASN B 834 -20.68 -14.84 -36.97
N GLN B 835 -21.35 -13.93 -36.28
CA GLN B 835 -20.82 -12.58 -36.10
C GLN B 835 -19.90 -12.52 -34.89
N GLU B 836 -19.08 -11.47 -34.86
CA GLU B 836 -18.24 -11.18 -33.71
C GLU B 836 -17.41 -12.38 -33.29
N ASP B 837 -16.59 -12.85 -34.23
CA ASP B 837 -15.68 -13.96 -33.98
C ASP B 837 -16.43 -15.19 -33.47
N SER B 838 -17.49 -15.54 -34.17
CA SER B 838 -18.14 -16.83 -34.02
C SER B 838 -18.33 -17.41 -35.40
N MET B 839 -18.19 -18.73 -35.51
CA MET B 839 -18.03 -19.35 -36.81
C MET B 839 -18.97 -20.53 -36.99
N ILE B 840 -19.52 -20.65 -38.20
CA ILE B 840 -20.41 -21.73 -38.56
C ILE B 840 -19.60 -22.85 -39.20
N MET B 841 -19.74 -24.05 -38.68
CA MET B 841 -19.03 -25.21 -39.20
C MET B 841 -20.02 -26.21 -39.77
N ASN B 842 -19.67 -26.77 -40.93
CA ASN B 842 -20.49 -27.80 -41.54
C ASN B 842 -20.73 -28.93 -40.54
N GLN B 843 -21.98 -29.37 -40.44
CA GLN B 843 -22.29 -30.47 -39.54
C GLN B 843 -21.82 -31.78 -40.11
N SER B 844 -21.93 -31.97 -41.42
CA SER B 844 -21.49 -33.22 -42.02
C SER B 844 -19.99 -33.41 -41.85
N SER B 845 -19.24 -32.32 -41.83
CA SER B 845 -17.80 -32.45 -41.59
C SER B 845 -17.56 -33.07 -40.22
N ILE B 846 -18.33 -32.64 -39.21
CA ILE B 846 -18.26 -33.29 -37.91
C ILE B 846 -18.64 -34.75 -38.03
N ASP B 847 -19.77 -35.03 -38.68
CA ASP B 847 -20.25 -36.40 -38.76
C ASP B 847 -19.23 -37.31 -39.41
N ARG B 848 -18.42 -36.76 -40.32
CA ARG B 848 -17.32 -37.50 -40.91
C ARG B 848 -16.05 -37.44 -40.08
N GLY B 849 -16.10 -36.80 -38.92
CA GLY B 849 -14.97 -36.82 -38.02
C GLY B 849 -13.99 -35.69 -38.26
N LEU B 850 -14.49 -34.47 -38.37
CA LEU B 850 -13.61 -33.32 -38.50
C LEU B 850 -13.26 -32.80 -37.11
N PHE B 851 -11.97 -32.68 -36.83
CA PHE B 851 -11.48 -32.18 -35.55
C PHE B 851 -11.88 -33.06 -34.38
N ARG B 852 -12.45 -34.23 -34.64
CA ARG B 852 -12.78 -35.14 -33.56
C ARG B 852 -11.52 -35.59 -32.86
N SER B 853 -11.57 -35.73 -31.54
CA SER B 853 -10.36 -35.94 -30.76
C SER B 853 -10.61 -36.92 -29.64
N LEU B 854 -9.53 -37.55 -29.20
CA LEU B 854 -9.55 -38.48 -28.07
C LEU B 854 -9.43 -37.70 -26.77
N PHE B 855 -9.39 -38.44 -25.66
CA PHE B 855 -9.25 -37.81 -24.35
C PHE B 855 -8.87 -38.87 -23.35
N PHE B 856 -7.80 -38.63 -22.60
CA PHE B 856 -7.29 -39.60 -21.63
C PHE B 856 -7.19 -38.94 -20.27
N ARG B 857 -7.69 -39.61 -19.25
CA ARG B 857 -7.58 -39.13 -17.89
C ARG B 857 -7.08 -40.27 -17.02
N SER B 858 -6.17 -39.97 -16.10
CA SER B 858 -5.55 -40.99 -15.25
C SER B 858 -5.83 -40.69 -13.79
N TYR B 859 -6.22 -41.73 -13.07
CA TYR B 859 -6.42 -41.64 -11.62
C TYR B 859 -5.36 -42.48 -10.93
N MET B 860 -4.78 -41.92 -9.88
CA MET B 860 -3.66 -42.53 -9.18
C MET B 860 -4.02 -42.72 -7.72
N ASP B 861 -3.67 -43.88 -7.17
CA ASP B 861 -3.92 -44.15 -5.76
C ASP B 861 -2.98 -45.27 -5.33
N GLN B 862 -2.85 -45.41 -4.00
CA GLN B 862 -1.97 -46.43 -3.46
C GLN B 862 -2.35 -46.72 -2.02
N GLU B 863 -1.91 -47.87 -1.53
CA GLU B 863 -2.11 -48.23 -0.13
C GLU B 863 -1.25 -47.35 0.76
N LYS B 864 -1.82 -46.91 1.87
CA LYS B 864 -1.10 -46.08 2.83
C LYS B 864 -0.88 -46.88 4.10
N ARG B 865 0.38 -46.98 4.52
CA ARG B 865 0.75 -47.76 5.71
C ARG B 865 0.63 -46.87 6.94
N PHE B 866 -0.42 -47.08 7.71
CA PHE B 866 -0.63 -46.35 8.96
C PHE B 866 -0.01 -47.06 10.16
N GLY B 867 0.68 -48.16 9.93
CA GLY B 867 1.35 -48.87 11.00
C GLY B 867 1.92 -50.16 10.47
N ILE B 868 2.91 -50.67 11.19
CA ILE B 868 3.51 -51.94 10.79
C ILE B 868 2.45 -53.03 10.77
N SER B 869 1.60 -53.06 11.78
CA SER B 869 0.46 -53.96 11.82
C SER B 869 -0.80 -53.34 11.24
N ILE B 870 -0.79 -52.03 10.96
CA ILE B 870 -1.97 -51.33 10.48
C ILE B 870 -1.64 -50.69 9.13
N VAL B 871 -2.30 -51.15 8.08
CA VAL B 871 -2.12 -50.66 6.74
C VAL B 871 -3.49 -50.43 6.11
N GLU B 872 -3.49 -50.03 4.84
CA GLU B 872 -4.71 -49.80 4.08
C GLU B 872 -4.76 -50.73 2.89
N GLU B 873 -5.96 -51.24 2.62
CA GLU B 873 -6.13 -52.32 1.65
C GLU B 873 -7.06 -51.91 0.53
N PHE B 874 -6.80 -52.46 -0.66
CA PHE B 874 -7.66 -52.32 -1.83
C PHE B 874 -8.69 -53.44 -1.79
N GLU B 875 -9.97 -53.09 -1.81
CA GLU B 875 -11.01 -54.12 -1.84
C GLU B 875 -12.37 -53.46 -1.98
N LYS B 876 -13.37 -54.29 -2.30
CA LYS B 876 -14.74 -53.83 -2.39
C LYS B 876 -15.34 -53.81 -0.98
N PRO B 877 -15.73 -52.66 -0.45
CA PRO B 877 -16.32 -52.63 0.89
C PRO B 877 -17.76 -53.12 0.89
N THR B 878 -18.21 -53.53 2.08
CA THR B 878 -19.59 -53.91 2.31
C THR B 878 -20.24 -52.93 3.27
N ARG B 879 -21.47 -52.54 2.97
CA ARG B 879 -22.12 -51.50 3.76
C ARG B 879 -22.13 -51.85 5.25
N ALA B 880 -22.35 -53.12 5.57
CA ALA B 880 -22.36 -53.52 6.98
C ALA B 880 -20.99 -53.34 7.62
N THR B 881 -19.94 -53.72 6.91
CA THR B 881 -18.60 -53.72 7.49
C THR B 881 -17.92 -52.36 7.45
N THR B 882 -18.50 -51.38 6.77
CA THR B 882 -17.88 -50.07 6.61
C THR B 882 -18.91 -48.98 6.83
N LEU B 883 -18.42 -47.77 7.06
CA LEU B 883 -19.25 -46.61 7.33
C LEU B 883 -18.85 -45.46 6.42
N ARG B 884 -19.79 -44.55 6.22
CA ARG B 884 -19.59 -43.38 5.36
C ARG B 884 -19.17 -43.81 3.95
N LEU B 885 -20.04 -44.60 3.32
CA LEU B 885 -19.81 -44.99 1.93
C LEU B 885 -20.31 -43.89 0.99
N LYS B 886 -19.73 -43.86 -0.20
CA LYS B 886 -20.06 -42.82 -1.15
C LYS B 886 -21.46 -43.02 -1.72
N HIS B 887 -22.09 -41.92 -2.11
CA HIS B 887 -23.45 -41.96 -2.63
C HIS B 887 -23.55 -42.74 -3.93
N GLY B 888 -22.46 -42.86 -4.68
CA GLY B 888 -22.49 -43.59 -5.93
C GLY B 888 -22.74 -45.07 -5.69
N THR B 889 -22.39 -45.86 -6.70
CA THR B 889 -22.52 -47.30 -6.66
C THR B 889 -21.17 -47.95 -6.91
N TYR B 890 -20.93 -49.09 -6.25
CA TYR B 890 -19.68 -49.80 -6.35
C TYR B 890 -19.76 -51.01 -7.28
N GLU B 891 -20.92 -51.26 -7.87
CA GLU B 891 -21.15 -52.56 -8.50
C GLU B 891 -20.09 -52.87 -9.56
N LYS B 892 -19.58 -51.87 -10.26
CA LYS B 892 -18.58 -52.14 -11.27
C LYS B 892 -17.25 -52.56 -10.68
N LEU B 893 -17.05 -52.44 -9.37
CA LEU B 893 -15.82 -52.90 -8.76
C LEU B 893 -15.74 -54.42 -8.78
N ASP B 894 -14.52 -54.94 -8.89
CA ASP B 894 -14.29 -56.37 -8.86
C ASP B 894 -14.28 -56.85 -7.41
N GLU B 895 -13.94 -58.12 -7.20
CA GLU B 895 -13.73 -58.64 -5.86
C GLU B 895 -12.39 -58.21 -5.28
N ASP B 896 -11.45 -57.79 -6.12
CA ASP B 896 -10.12 -57.40 -5.68
C ASP B 896 -9.99 -55.91 -5.41
N GLY B 897 -11.08 -55.16 -5.51
CA GLY B 897 -11.06 -53.75 -5.22
C GLY B 897 -10.78 -52.83 -6.38
N LEU B 898 -10.72 -53.35 -7.60
CA LEU B 898 -10.48 -52.54 -8.78
C LEU B 898 -11.56 -52.79 -9.82
N ILE B 899 -11.54 -51.98 -10.85
CA ILE B 899 -12.48 -52.09 -11.96
C ILE B 899 -11.72 -52.52 -13.21
N ALA B 900 -12.26 -53.49 -13.93
CA ALA B 900 -11.56 -54.05 -15.07
C ALA B 900 -11.71 -53.16 -16.30
N PRO B 901 -10.72 -53.18 -17.20
CA PRO B 901 -10.82 -52.36 -18.40
C PRO B 901 -11.89 -52.87 -19.34
N GLY B 902 -12.33 -51.99 -20.23
CA GLY B 902 -13.36 -52.31 -21.18
C GLY B 902 -14.77 -52.14 -20.67
N VAL B 903 -14.95 -51.82 -19.41
CA VAL B 903 -16.27 -51.57 -18.84
C VAL B 903 -16.55 -50.08 -18.96
N ARG B 904 -17.83 -49.73 -18.92
CA ARG B 904 -18.23 -48.33 -19.00
C ARG B 904 -18.38 -47.75 -17.60
N VAL B 905 -18.08 -46.45 -17.48
CA VAL B 905 -18.17 -45.73 -16.22
C VAL B 905 -18.93 -44.44 -16.45
N SER B 906 -19.09 -43.63 -15.41
CA SER B 906 -19.77 -42.36 -15.51
C SER B 906 -19.47 -41.53 -14.27
N GLY B 907 -20.16 -40.40 -14.15
CA GLY B 907 -19.99 -39.57 -12.98
C GLY B 907 -20.52 -40.24 -11.73
N ASP B 908 -19.91 -39.91 -10.60
CA ASP B 908 -20.28 -40.48 -9.30
C ASP B 908 -20.22 -42.01 -9.34
N ASP B 909 -19.24 -42.56 -10.03
CA ASP B 909 -19.04 -44.00 -10.09
C ASP B 909 -17.73 -44.34 -9.41
N ILE B 910 -17.80 -45.17 -8.39
CA ILE B 910 -16.61 -45.49 -7.59
C ILE B 910 -15.76 -46.46 -8.39
N ILE B 911 -14.63 -45.98 -8.89
CA ILE B 911 -13.77 -46.79 -9.73
C ILE B 911 -12.73 -47.55 -8.92
N ILE B 912 -12.45 -47.13 -7.69
CA ILE B 912 -11.50 -47.81 -6.83
C ILE B 912 -12.11 -47.90 -5.44
N GLY B 913 -12.05 -49.10 -4.84
CA GLY B 913 -12.52 -49.29 -3.50
C GLY B 913 -11.39 -49.49 -2.52
N LYS B 914 -11.14 -48.50 -1.68
CA LYS B 914 -10.13 -48.59 -0.64
C LYS B 914 -10.80 -48.36 0.70
N THR B 915 -10.42 -49.17 1.68
CA THR B 915 -10.98 -49.11 3.03
C THR B 915 -9.86 -48.93 4.03
N THR B 916 -10.03 -47.97 4.92
CA THR B 916 -9.05 -47.73 5.95
C THR B 916 -9.54 -48.28 7.29
N PRO B 917 -8.71 -49.03 8.01
CA PRO B 917 -9.14 -49.53 9.32
C PRO B 917 -9.38 -48.40 10.29
N ILE B 918 -10.46 -48.53 11.05
CA ILE B 918 -10.86 -47.54 12.04
C ILE B 918 -10.06 -47.79 13.31
N PRO B 919 -9.41 -46.78 13.89
CA PRO B 919 -8.65 -46.99 15.12
C PRO B 919 -9.56 -47.23 16.30
N PRO B 920 -9.54 -48.44 16.90
CA PRO B 920 -10.40 -48.68 18.06
C PRO B 920 -9.89 -48.00 19.32
N TYR B 931 -16.96 -54.96 15.82
CA TYR B 931 -16.37 -54.90 14.49
C TYR B 931 -16.76 -53.58 13.83
N HIS B 932 -17.04 -53.61 12.52
CA HIS B 932 -17.44 -52.42 11.78
C HIS B 932 -16.38 -51.33 11.94
N THR B 933 -15.12 -51.76 11.77
CA THR B 933 -13.95 -50.92 12.03
C THR B 933 -13.25 -50.51 10.74
N LYS B 934 -14.02 -50.28 9.67
CA LYS B 934 -13.46 -49.92 8.39
C LYS B 934 -14.18 -48.69 7.84
N ARG B 935 -13.41 -47.80 7.24
CA ARG B 935 -13.92 -46.56 6.68
C ARG B 935 -13.44 -46.43 5.24
N ASP B 936 -14.27 -45.84 4.38
CA ASP B 936 -13.97 -45.79 2.96
C ASP B 936 -12.81 -44.86 2.67
N ALA B 937 -12.06 -45.18 1.62
CA ALA B 937 -11.04 -44.31 1.04
C ALA B 937 -11.09 -44.41 -0.48
N SER B 938 -12.30 -44.47 -1.04
CA SER B 938 -12.47 -44.70 -2.46
C SER B 938 -12.01 -43.50 -3.27
N THR B 939 -12.06 -43.63 -4.59
CA THR B 939 -11.61 -42.61 -5.53
C THR B 939 -12.68 -42.45 -6.60
N PRO B 940 -13.83 -41.88 -6.24
CA PRO B 940 -14.92 -41.78 -7.22
C PRO B 940 -14.53 -40.95 -8.43
N LEU B 941 -15.06 -41.33 -9.58
CA LEU B 941 -14.83 -40.57 -10.80
C LEU B 941 -15.46 -39.19 -10.69
N ARG B 942 -14.84 -38.22 -11.35
CA ARG B 942 -15.36 -36.86 -11.32
C ARG B 942 -16.79 -36.84 -11.83
N SER B 943 -17.65 -36.13 -11.09
CA SER B 943 -19.08 -36.18 -11.37
C SER B 943 -19.40 -35.70 -12.78
N THR B 944 -18.51 -34.92 -13.39
CA THR B 944 -18.79 -34.29 -14.67
C THR B 944 -18.09 -34.94 -15.84
N GLU B 945 -17.52 -36.13 -15.68
CA GLU B 945 -16.78 -36.80 -16.74
C GLU B 945 -17.35 -38.19 -16.96
N ASN B 946 -17.30 -38.64 -18.21
CA ASN B 946 -17.75 -39.98 -18.58
C ASN B 946 -16.77 -40.56 -19.58
N GLY B 947 -16.69 -41.88 -19.60
CA GLY B 947 -15.77 -42.55 -20.51
C GLY B 947 -15.77 -44.05 -20.28
N ILE B 948 -14.78 -44.69 -20.90
CA ILE B 948 -14.63 -46.13 -20.90
C ILE B 948 -13.29 -46.47 -20.28
N VAL B 949 -13.32 -47.29 -19.23
CA VAL B 949 -12.06 -47.67 -18.60
C VAL B 949 -11.19 -48.37 -19.63
N ASP B 950 -9.94 -47.93 -19.73
CA ASP B 950 -9.08 -48.35 -20.83
C ASP B 950 -7.96 -49.26 -20.41
N GLN B 951 -7.26 -48.95 -19.33
CA GLN B 951 -6.07 -49.73 -18.97
C GLN B 951 -5.77 -49.49 -17.50
N VAL B 952 -5.78 -50.56 -16.71
CA VAL B 952 -5.50 -50.49 -15.28
C VAL B 952 -4.09 -51.00 -15.05
N LEU B 953 -3.30 -50.22 -14.33
CA LEU B 953 -1.92 -50.55 -14.02
C LEU B 953 -1.79 -50.82 -12.53
N LEU B 954 -1.22 -51.97 -12.19
CA LEU B 954 -1.11 -52.40 -10.81
C LEU B 954 0.31 -52.83 -10.54
N THR B 955 0.91 -52.29 -9.48
CA THR B 955 2.28 -52.61 -9.14
C THR B 955 2.55 -52.13 -7.71
N THR B 956 3.82 -52.17 -7.32
CA THR B 956 4.24 -51.80 -5.98
C THR B 956 5.00 -50.48 -6.01
N ASN B 957 4.70 -49.62 -5.06
CA ASN B 957 5.36 -48.32 -4.97
C ASN B 957 6.77 -48.53 -4.47
N GLN B 958 7.48 -47.42 -4.20
CA GLN B 958 8.82 -47.52 -3.68
C GLN B 958 8.87 -48.33 -2.39
N GLU B 959 7.78 -48.32 -1.63
CA GLU B 959 7.76 -48.91 -0.31
C GLU B 959 7.16 -50.31 -0.30
N GLY B 960 6.87 -50.88 -1.47
CA GLY B 960 6.30 -52.20 -1.54
C GLY B 960 4.81 -52.26 -1.32
N LEU B 961 4.15 -51.14 -1.06
CA LEU B 961 2.71 -51.12 -0.96
C LEU B 961 2.09 -51.21 -2.35
N LYS B 962 0.87 -51.75 -2.41
CA LYS B 962 0.19 -51.90 -3.68
C LYS B 962 -0.06 -50.53 -4.30
N PHE B 963 0.21 -50.43 -5.60
CA PHE B 963 0.21 -49.15 -6.31
C PHE B 963 -0.62 -49.32 -7.56
N VAL B 964 -1.65 -48.48 -7.72
CA VAL B 964 -2.63 -48.65 -8.77
C VAL B 964 -2.71 -47.38 -9.61
N LYS B 965 -3.22 -47.54 -10.82
CA LYS B 965 -3.49 -46.41 -11.71
C LYS B 965 -4.58 -46.83 -12.67
N VAL B 966 -5.51 -45.91 -12.95
CA VAL B 966 -6.64 -46.16 -13.84
C VAL B 966 -6.67 -45.07 -14.88
N ARG B 967 -6.76 -45.46 -16.15
CA ARG B 967 -6.80 -44.51 -17.26
C ARG B 967 -8.10 -44.68 -18.02
N MET B 968 -9.03 -43.76 -17.82
CA MET B 968 -10.26 -43.71 -18.59
C MET B 968 -10.03 -42.92 -19.87
N ARG B 969 -10.74 -43.28 -20.93
CA ARG B 969 -10.68 -42.53 -22.17
C ARG B 969 -12.08 -42.31 -22.72
N THR B 970 -12.20 -41.29 -23.54
CA THR B 970 -13.45 -40.95 -24.22
C THR B 970 -13.12 -40.03 -25.38
N THR B 971 -14.10 -39.84 -26.26
CA THR B 971 -13.95 -39.01 -27.45
C THR B 971 -14.72 -37.73 -27.27
N LYS B 972 -14.11 -36.61 -27.66
CA LYS B 972 -14.73 -35.29 -27.55
C LYS B 972 -15.18 -34.88 -28.94
N VAL B 973 -16.50 -34.78 -29.12
CA VAL B 973 -17.07 -34.40 -30.41
C VAL B 973 -17.12 -32.88 -30.50
N PRO B 974 -16.53 -32.27 -31.53
CA PRO B 974 -16.70 -30.82 -31.68
C PRO B 974 -18.18 -30.46 -31.78
N GLN B 975 -18.55 -29.34 -31.17
CA GLN B 975 -19.94 -28.94 -31.11
C GLN B 975 -20.00 -27.44 -30.92
N ILE B 976 -21.21 -26.93 -30.73
CA ILE B 976 -21.40 -25.52 -30.39
C ILE B 976 -20.61 -25.21 -29.14
N GLY B 977 -20.09 -23.98 -29.05
CA GLY B 977 -19.43 -23.52 -27.86
C GLY B 977 -17.96 -23.84 -27.80
N ASP B 978 -17.48 -24.76 -28.62
CA ASP B 978 -16.07 -25.09 -28.61
C ASP B 978 -15.27 -23.89 -29.08
N LYS B 979 -13.95 -24.06 -29.13
CA LYS B 979 -13.04 -22.98 -29.52
C LYS B 979 -12.15 -23.47 -30.65
N PHE B 980 -11.92 -22.60 -31.63
CA PHE B 980 -11.01 -22.87 -32.74
C PHE B 980 -10.27 -21.60 -33.11
N ALA B 981 -9.13 -21.77 -33.77
CA ALA B 981 -8.34 -20.62 -34.14
C ALA B 981 -7.39 -21.01 -35.26
N SER B 982 -7.23 -20.09 -36.20
CA SER B 982 -6.31 -20.30 -37.31
C SER B 982 -4.89 -20.03 -36.81
N ARG B 983 -3.95 -19.90 -37.72
CA ARG B 983 -2.58 -19.59 -37.36
C ARG B 983 -2.31 -18.09 -37.36
N HIS B 984 -3.34 -17.28 -37.11
CA HIS B 984 -3.16 -15.83 -37.05
C HIS B 984 -3.96 -15.22 -35.90
N GLY B 985 -4.21 -15.98 -34.85
CA GLY B 985 -4.96 -15.44 -33.73
C GLY B 985 -6.35 -14.99 -34.10
N GLN B 986 -7.00 -15.66 -35.03
CA GLN B 986 -8.41 -15.41 -35.33
C GLN B 986 -9.30 -16.35 -34.52
N LYS B 987 -9.05 -16.39 -33.21
CA LYS B 987 -9.76 -17.30 -32.34
C LYS B 987 -11.26 -17.09 -32.47
N GLY B 988 -12.01 -18.14 -32.18
CA GLY B 988 -13.46 -18.06 -32.23
C GLY B 988 -14.16 -19.35 -31.90
N THR B 989 -15.38 -19.22 -31.39
CA THR B 989 -16.19 -20.37 -31.00
C THR B 989 -17.17 -20.71 -32.10
N ILE B 990 -17.69 -21.93 -32.04
CA ILE B 990 -18.68 -22.36 -33.01
C ILE B 990 -20.04 -21.79 -32.63
N GLY B 991 -20.60 -20.97 -33.51
CA GLY B 991 -21.92 -20.42 -33.28
C GLY B 991 -22.98 -21.48 -33.45
N VAL B 992 -23.14 -21.97 -34.67
CA VAL B 992 -24.08 -23.06 -34.93
C VAL B 992 -23.57 -23.85 -36.11
N THR B 993 -24.06 -25.08 -36.24
CA THR B 993 -23.59 -26.00 -37.26
C THR B 993 -24.71 -26.29 -38.24
N TYR B 994 -24.46 -26.05 -39.51
CA TYR B 994 -25.40 -26.36 -40.57
C TYR B 994 -25.04 -27.68 -41.21
N ARG B 995 -26.02 -28.30 -41.84
CA ARG B 995 -25.82 -29.61 -42.43
C ARG B 995 -25.39 -29.43 -43.89
N HIS B 996 -24.98 -30.54 -44.52
CA HIS B 996 -24.42 -30.44 -45.85
C HIS B 996 -25.34 -29.71 -46.81
N GLU B 997 -26.63 -30.03 -46.81
CA GLU B 997 -27.51 -29.45 -47.79
C GLU B 997 -27.63 -27.94 -47.63
N ASP B 998 -27.76 -27.46 -46.39
CA ASP B 998 -28.00 -26.04 -46.17
C ASP B 998 -26.74 -25.21 -46.35
N MET B 999 -25.58 -25.81 -46.22
CA MET B 999 -24.37 -25.07 -46.45
C MET B 999 -24.37 -24.58 -47.89
N PRO B 1000 -24.09 -23.31 -48.13
CA PRO B 1000 -24.01 -22.82 -49.51
C PRO B 1000 -22.94 -23.59 -50.27
N PHE B 1001 -23.22 -23.85 -51.54
CA PHE B 1001 -22.38 -24.72 -52.35
C PHE B 1001 -21.90 -23.98 -53.59
N SER B 1002 -20.61 -24.13 -53.88
CA SER B 1002 -20.09 -23.55 -55.11
C SER B 1002 -20.59 -24.36 -56.30
N ALA B 1003 -20.21 -23.92 -57.50
CA ALA B 1003 -20.68 -24.58 -58.70
C ALA B 1003 -20.26 -26.04 -58.77
N GLU B 1004 -19.14 -26.40 -58.15
CA GLU B 1004 -18.62 -27.75 -58.20
C GLU B 1004 -19.10 -28.60 -57.03
N GLY B 1005 -19.95 -28.06 -56.17
CA GLY B 1005 -20.45 -28.82 -55.04
C GLY B 1005 -19.58 -28.79 -53.81
N ILE B 1006 -18.52 -27.99 -53.79
CA ILE B 1006 -17.64 -27.90 -52.63
C ILE B 1006 -18.32 -27.03 -51.58
N VAL B 1007 -18.96 -27.67 -50.61
CA VAL B 1007 -19.58 -26.93 -49.51
C VAL B 1007 -18.50 -26.63 -48.48
N PRO B 1008 -18.33 -25.38 -48.05
CA PRO B 1008 -17.26 -25.08 -47.10
C PRO B 1008 -17.42 -25.84 -45.81
N ASP B 1009 -16.29 -26.19 -45.21
CA ASP B 1009 -16.27 -26.83 -43.92
C ASP B 1009 -16.69 -25.89 -42.81
N LEU B 1010 -16.36 -24.61 -42.94
CA LEU B 1010 -16.34 -23.70 -41.81
C LEU B 1010 -16.37 -22.27 -42.32
N ILE B 1011 -17.29 -21.47 -41.78
CA ILE B 1011 -17.53 -20.12 -42.25
C ILE B 1011 -17.19 -19.13 -41.14
N ILE B 1012 -16.47 -18.07 -41.48
CA ILE B 1012 -16.11 -17.03 -40.53
C ILE B 1012 -16.63 -15.69 -41.01
N ASN B 1013 -16.67 -14.72 -40.12
CA ASN B 1013 -17.27 -13.44 -40.47
C ASN B 1013 -16.26 -12.51 -41.13
N PRO B 1014 -16.57 -11.90 -42.25
CA PRO B 1014 -15.62 -10.97 -42.87
C PRO B 1014 -15.25 -9.83 -41.96
N HIS B 1015 -16.14 -9.42 -41.07
CA HIS B 1015 -15.88 -8.26 -40.22
C HIS B 1015 -14.58 -8.40 -39.44
N ALA B 1016 -14.17 -9.61 -39.12
CA ALA B 1016 -13.00 -9.79 -38.27
C ALA B 1016 -11.71 -9.33 -38.94
N ILE B 1017 -11.67 -9.21 -40.26
CA ILE B 1017 -10.40 -9.07 -40.96
C ILE B 1017 -9.82 -7.67 -40.90
N PRO B 1018 -10.54 -6.63 -41.33
CA PRO B 1018 -9.87 -5.33 -41.48
C PRO B 1018 -9.36 -4.75 -40.19
N SER B 1019 -10.19 -4.67 -39.15
CA SER B 1019 -9.74 -4.04 -37.92
C SER B 1019 -8.54 -4.72 -37.32
N ARG B 1020 -8.29 -5.98 -37.67
CA ARG B 1020 -7.12 -6.70 -37.20
C ARG B 1020 -6.05 -6.86 -38.26
N MET B 1021 -6.37 -6.57 -39.51
CA MET B 1021 -5.36 -6.50 -40.58
C MET B 1021 -4.59 -7.81 -40.70
N THR B 1022 -5.24 -8.92 -40.40
CA THR B 1022 -4.60 -10.23 -40.50
C THR B 1022 -4.55 -10.68 -41.97
N VAL B 1023 -3.80 -9.91 -42.77
CA VAL B 1023 -3.71 -10.20 -44.19
C VAL B 1023 -3.11 -11.59 -44.41
N ALA B 1024 -2.19 -12.00 -43.54
CA ALA B 1024 -1.58 -13.30 -43.69
C ALA B 1024 -2.63 -14.39 -43.79
N HIS B 1025 -3.75 -14.23 -43.11
CA HIS B 1025 -4.83 -15.21 -43.22
C HIS B 1025 -5.25 -15.38 -44.66
N LEU B 1026 -5.57 -14.28 -45.34
CA LEU B 1026 -6.03 -14.37 -46.70
C LEU B 1026 -4.94 -14.87 -47.63
N ILE B 1027 -3.70 -14.40 -47.43
CA ILE B 1027 -2.61 -14.87 -48.27
C ILE B 1027 -2.47 -16.37 -48.14
N GLU B 1028 -2.52 -16.89 -46.91
CA GLU B 1028 -2.39 -18.32 -46.71
C GLU B 1028 -3.54 -19.06 -47.37
N CYS B 1029 -4.76 -18.53 -47.28
CA CYS B 1029 -5.87 -19.21 -47.94
C CYS B 1029 -5.62 -19.32 -49.44
N LEU B 1030 -5.20 -18.22 -50.07
CA LEU B 1030 -4.91 -18.26 -51.49
C LEU B 1030 -3.83 -19.27 -51.81
N LEU B 1031 -2.72 -19.23 -51.09
CA LEU B 1031 -1.62 -20.12 -51.38
C LEU B 1031 -2.01 -21.58 -51.16
N SER B 1032 -2.83 -21.85 -50.14
CA SER B 1032 -3.27 -23.21 -49.90
C SER B 1032 -4.16 -23.70 -51.03
N LYS B 1033 -5.05 -22.84 -51.53
CA LYS B 1033 -5.85 -23.22 -52.68
C LYS B 1033 -4.96 -23.57 -53.86
N VAL B 1034 -3.97 -22.73 -54.11
CA VAL B 1034 -3.04 -23.00 -55.21
C VAL B 1034 -2.35 -24.33 -55.00
N GLY B 1035 -1.88 -24.58 -53.78
CA GLY B 1035 -1.16 -25.82 -53.51
C GLY B 1035 -2.03 -27.04 -53.72
N SER B 1036 -3.26 -27.00 -53.21
CA SER B 1036 -4.14 -28.15 -53.37
C SER B 1036 -4.43 -28.41 -54.85
N ILE B 1037 -4.69 -27.35 -55.62
CA ILE B 1037 -4.97 -27.57 -57.02
C ILE B 1037 -3.75 -28.11 -57.75
N ARG B 1038 -2.60 -27.46 -57.59
CA ARG B 1038 -1.39 -27.89 -58.27
C ARG B 1038 -0.79 -29.15 -57.67
N GLY B 1039 -1.20 -29.53 -56.47
CA GLY B 1039 -0.72 -30.76 -55.87
C GLY B 1039 0.64 -30.66 -55.21
N TYR B 1040 0.79 -29.75 -54.26
CA TYR B 1040 1.99 -29.71 -53.43
C TYR B 1040 1.82 -28.61 -52.40
N GLU B 1041 2.62 -28.69 -51.34
CA GLU B 1041 2.55 -27.71 -50.26
C GLU B 1041 3.30 -26.45 -50.64
N GLY B 1042 2.71 -25.29 -50.35
CA GLY B 1042 3.38 -24.04 -50.61
C GLY B 1042 4.40 -23.70 -49.55
N ASP B 1043 5.28 -22.77 -49.88
CA ASP B 1043 6.32 -22.32 -48.96
C ASP B 1043 5.98 -20.91 -48.50
N ALA B 1044 5.82 -20.73 -47.20
CA ALA B 1044 5.47 -19.45 -46.60
C ALA B 1044 6.57 -18.92 -45.69
N THR B 1045 7.81 -19.18 -46.03
CA THR B 1045 8.91 -18.64 -45.24
C THR B 1045 8.88 -17.12 -45.32
N PRO B 1046 8.84 -16.41 -44.19
CA PRO B 1046 8.82 -14.95 -44.26
C PRO B 1046 10.11 -14.42 -44.86
N PHE B 1047 10.04 -13.18 -45.35
CA PHE B 1047 11.19 -12.52 -45.96
C PHE B 1047 11.70 -13.34 -47.15
N THR B 1048 10.85 -13.43 -48.17
CA THR B 1048 11.16 -14.16 -49.38
C THR B 1048 10.62 -13.37 -50.57
N ASP B 1049 10.69 -13.97 -51.74
CA ASP B 1049 10.30 -13.29 -52.97
C ASP B 1049 8.88 -13.61 -53.41
N LEU B 1050 8.19 -14.50 -52.71
CA LEU B 1050 6.87 -14.93 -53.16
C LEU B 1050 5.87 -13.78 -53.00
N THR B 1051 5.56 -13.12 -54.09
CA THR B 1051 4.61 -12.02 -54.10
C THR B 1051 3.20 -12.55 -54.34
N VAL B 1052 2.23 -11.77 -53.90
CA VAL B 1052 0.84 -12.15 -54.12
C VAL B 1052 0.56 -12.29 -55.60
N ASP B 1053 1.14 -11.43 -56.42
CA ASP B 1053 0.82 -11.43 -57.84
C ASP B 1053 1.22 -12.74 -58.49
N ALA B 1054 2.37 -13.31 -58.10
CA ALA B 1054 2.75 -14.60 -58.64
C ALA B 1054 1.71 -15.66 -58.30
N VAL B 1055 1.21 -15.63 -57.07
CA VAL B 1055 0.17 -16.59 -56.68
C VAL B 1055 -1.07 -16.40 -57.53
N SER B 1056 -1.47 -15.14 -57.75
CA SER B 1056 -2.65 -14.90 -58.58
C SER B 1056 -2.44 -15.44 -59.99
N ASN B 1057 -1.26 -15.21 -60.55
CA ASN B 1057 -0.98 -15.70 -61.89
C ASN B 1057 -1.09 -17.22 -61.94
N LEU B 1058 -0.47 -17.90 -60.99
CA LEU B 1058 -0.55 -19.35 -60.96
C LEU B 1058 -2.00 -19.81 -60.85
N LEU B 1059 -2.75 -19.21 -59.94
CA LEU B 1059 -4.13 -19.66 -59.72
C LEU B 1059 -4.96 -19.48 -60.97
N ARG B 1060 -4.83 -18.32 -61.64
CA ARG B 1060 -5.57 -18.11 -62.88
C ARG B 1060 -5.16 -19.12 -63.93
N ASP B 1061 -3.86 -19.36 -64.07
CA ASP B 1061 -3.41 -20.35 -65.04
C ASP B 1061 -4.08 -21.69 -64.78
N ASN B 1062 -4.21 -22.07 -63.51
CA ASN B 1062 -4.84 -23.35 -63.19
C ASN B 1062 -6.34 -23.33 -63.44
N GLY B 1063 -6.92 -22.17 -63.72
CA GLY B 1063 -8.31 -22.12 -64.10
C GLY B 1063 -9.25 -21.69 -62.99
N TYR B 1064 -8.89 -20.65 -62.25
CA TYR B 1064 -9.73 -20.11 -61.20
C TYR B 1064 -9.59 -18.59 -61.16
N GLN B 1065 -10.53 -17.95 -60.47
CA GLN B 1065 -10.52 -16.51 -60.36
C GLN B 1065 -9.21 -16.05 -59.75
N SER B 1066 -8.60 -15.03 -60.35
CA SER B 1066 -7.22 -14.70 -60.05
C SER B 1066 -7.01 -14.36 -58.57
N ARG B 1067 -8.06 -13.97 -57.86
CA ARG B 1067 -7.96 -13.61 -56.45
C ARG B 1067 -8.70 -14.58 -55.55
N GLY B 1068 -9.02 -15.78 -56.04
CA GLY B 1068 -9.59 -16.79 -55.21
C GLY B 1068 -11.07 -16.66 -54.94
N PHE B 1069 -11.72 -15.64 -55.48
CA PHE B 1069 -13.16 -15.53 -55.32
C PHE B 1069 -13.85 -16.72 -55.98
N GLU B 1070 -15.15 -16.85 -55.72
CA GLU B 1070 -15.93 -17.89 -56.36
C GLU B 1070 -17.37 -17.45 -56.46
N VAL B 1071 -18.08 -18.03 -57.42
CA VAL B 1071 -19.51 -17.79 -57.59
C VAL B 1071 -20.23 -18.85 -56.77
N MET B 1072 -20.96 -18.42 -55.75
CA MET B 1072 -21.40 -19.30 -54.69
C MET B 1072 -22.92 -19.23 -54.57
N TYR B 1073 -23.55 -20.39 -54.38
CA TYR B 1073 -25.00 -20.50 -54.42
C TYR B 1073 -25.57 -20.71 -53.03
N ASN B 1074 -26.57 -19.91 -52.69
CA ASN B 1074 -27.30 -20.13 -51.46
C ASN B 1074 -27.91 -21.52 -51.46
N GLY B 1075 -27.82 -22.19 -50.31
CA GLY B 1075 -28.32 -23.55 -50.20
C GLY B 1075 -29.78 -23.67 -49.86
N HIS B 1076 -30.38 -22.61 -49.36
CA HIS B 1076 -31.80 -22.68 -49.00
C HIS B 1076 -32.69 -22.63 -50.24
N THR B 1077 -32.24 -21.95 -51.29
CA THR B 1077 -33.03 -21.79 -52.51
C THR B 1077 -32.20 -21.94 -53.77
N GLY B 1078 -31.03 -22.56 -53.68
CA GLY B 1078 -30.23 -22.79 -54.87
C GLY B 1078 -29.99 -21.57 -55.74
N LYS B 1079 -30.26 -20.38 -55.24
CA LYS B 1079 -30.03 -19.17 -56.03
C LYS B 1079 -28.60 -18.70 -55.89
N LYS B 1080 -28.13 -18.00 -56.91
CA LYS B 1080 -26.82 -17.38 -56.82
C LYS B 1080 -26.84 -16.30 -55.75
N LEU B 1081 -25.65 -15.89 -55.33
CA LEU B 1081 -25.52 -14.75 -54.43
C LEU B 1081 -25.03 -13.54 -55.20
N MET B 1082 -25.65 -12.38 -54.95
CA MET B 1082 -25.36 -11.21 -55.75
C MET B 1082 -23.88 -10.88 -55.76
N ALA B 1083 -23.17 -11.21 -54.69
CA ALA B 1083 -21.73 -10.99 -54.61
C ALA B 1083 -21.02 -12.33 -54.63
N GLN B 1084 -19.71 -12.29 -54.80
CA GLN B 1084 -18.93 -13.51 -54.76
C GLN B 1084 -18.37 -13.72 -53.35
N VAL B 1085 -17.69 -14.84 -53.16
CA VAL B 1085 -17.20 -15.24 -51.85
C VAL B 1085 -15.75 -15.69 -51.97
N PHE B 1086 -14.91 -15.17 -51.10
CA PHE B 1086 -13.59 -15.76 -50.90
C PHE B 1086 -13.76 -17.18 -50.40
N PHE B 1087 -12.91 -18.09 -50.86
CA PHE B 1087 -13.17 -19.49 -50.60
C PHE B 1087 -11.86 -20.26 -50.77
N GLY B 1088 -11.57 -21.14 -49.82
CA GLY B 1088 -10.39 -21.96 -49.91
C GLY B 1088 -10.06 -22.70 -48.62
N PRO B 1089 -9.07 -23.58 -48.69
CA PRO B 1089 -8.63 -24.28 -47.49
C PRO B 1089 -7.77 -23.39 -46.61
N THR B 1090 -7.76 -23.70 -45.32
CA THR B 1090 -6.95 -22.98 -44.36
C THR B 1090 -6.70 -23.88 -43.17
N TYR B 1091 -5.53 -23.73 -42.55
CA TYR B 1091 -5.13 -24.61 -41.46
C TYR B 1091 -5.75 -24.13 -40.16
N TYR B 1092 -6.70 -24.90 -39.64
CA TYR B 1092 -7.36 -24.57 -38.39
C TYR B 1092 -7.07 -25.63 -37.34
N GLN B 1093 -6.87 -25.19 -36.11
CA GLN B 1093 -6.47 -26.06 -35.02
C GLN B 1093 -7.44 -25.89 -33.86
N ARG B 1094 -7.88 -27.01 -33.30
CA ARG B 1094 -8.78 -26.97 -32.16
C ARG B 1094 -8.01 -26.60 -30.90
N LEU B 1095 -8.72 -26.05 -29.92
CA LEU B 1095 -8.12 -25.59 -28.69
C LEU B 1095 -8.76 -26.27 -27.48
N ARG B 1096 -8.00 -26.28 -26.39
CA ARG B 1096 -8.32 -27.09 -25.22
C ARG B 1096 -9.58 -26.66 -24.49
N HIS B 1097 -10.11 -25.48 -24.77
CA HIS B 1097 -11.17 -24.90 -23.94
C HIS B 1097 -12.53 -25.36 -24.46
N MET B 1098 -12.77 -26.66 -24.32
CA MET B 1098 -14.08 -27.20 -24.68
C MET B 1098 -15.13 -26.67 -23.71
N VAL B 1099 -16.35 -26.52 -24.23
CA VAL B 1099 -17.42 -25.94 -23.42
C VAL B 1099 -17.73 -26.81 -22.21
N ASP B 1100 -17.80 -28.13 -22.39
CA ASP B 1100 -18.21 -29.00 -21.29
C ASP B 1100 -17.25 -28.92 -20.11
N ASP B 1101 -16.03 -28.45 -20.33
CA ASP B 1101 -15.09 -28.26 -19.25
C ASP B 1101 -15.31 -26.96 -18.49
N LYS B 1102 -16.21 -26.10 -18.97
CA LYS B 1102 -16.49 -24.84 -18.29
C LYS B 1102 -17.92 -24.72 -17.78
N ILE B 1103 -18.89 -25.38 -18.42
CA ILE B 1103 -20.26 -25.25 -17.97
C ILE B 1103 -20.35 -25.66 -16.51
N HIS B 1104 -21.23 -25.00 -15.76
CA HIS B 1104 -21.34 -25.25 -14.33
C HIS B 1104 -22.56 -24.53 -13.77
N ALA B 1105 -23.23 -25.16 -12.82
CA ALA B 1105 -24.36 -24.56 -12.14
C ALA B 1105 -24.43 -25.08 -10.72
N ARG B 1106 -24.98 -24.28 -9.82
CA ARG B 1106 -25.10 -24.65 -8.42
C ARG B 1106 -26.42 -24.16 -7.87
N ALA B 1107 -27.28 -25.09 -7.47
CA ALA B 1107 -28.51 -24.76 -6.78
C ALA B 1107 -28.35 -24.81 -5.28
N ARG B 1108 -27.54 -25.75 -4.78
CA ARG B 1108 -27.21 -25.87 -3.38
C ARG B 1108 -26.20 -27.00 -3.23
N GLY B 1109 -25.41 -26.95 -2.16
CA GLY B 1109 -24.44 -27.98 -1.93
C GLY B 1109 -23.43 -27.63 -0.86
N PRO B 1110 -22.23 -28.19 -0.97
CA PRO B 1110 -21.26 -28.06 0.13
C PRO B 1110 -20.94 -26.62 0.44
N VAL B 1111 -20.68 -26.37 1.73
CA VAL B 1111 -20.37 -25.04 2.23
C VAL B 1111 -19.09 -25.11 3.05
N GLN B 1112 -18.28 -24.07 2.97
CA GLN B 1112 -17.06 -24.01 3.77
C GLN B 1112 -17.39 -24.17 5.24
N VAL B 1113 -16.60 -24.99 5.93
CA VAL B 1113 -16.86 -25.23 7.34
C VAL B 1113 -16.68 -23.95 8.14
N LEU B 1114 -15.62 -23.19 7.85
CA LEU B 1114 -15.31 -22.01 8.65
C LEU B 1114 -16.42 -20.98 8.57
N THR B 1115 -16.89 -20.68 7.37
CA THR B 1115 -17.80 -19.57 7.14
C THR B 1115 -19.22 -20.00 6.78
N ARG B 1116 -19.46 -21.29 6.61
CA ARG B 1116 -20.78 -21.78 6.21
C ARG B 1116 -21.25 -21.11 4.94
N GLN B 1117 -20.33 -20.92 3.99
CA GLN B 1117 -20.58 -20.36 2.68
C GLN B 1117 -20.25 -21.38 1.60
N PRO B 1118 -20.80 -21.24 0.40
CA PRO B 1118 -20.53 -22.22 -0.65
C PRO B 1118 -19.03 -22.29 -0.95
N VAL B 1119 -18.57 -23.52 -1.21
CA VAL B 1119 -17.15 -23.77 -1.46
C VAL B 1119 -16.76 -23.17 -2.79
N GLU B 1120 -15.46 -23.12 -3.06
CA GLU B 1120 -14.93 -22.56 -4.30
C GLU B 1120 -14.52 -23.68 -5.23
N GLY B 1121 -14.73 -23.47 -6.53
CA GLY B 1121 -14.24 -24.42 -7.53
C GLY B 1121 -15.37 -25.13 -8.24
N ARG B 1122 -15.23 -25.21 -9.57
CA ARG B 1122 -16.22 -25.96 -10.35
C ARG B 1122 -16.23 -27.42 -9.98
N SER B 1123 -15.06 -28.01 -9.77
CA SER B 1123 -14.98 -29.44 -9.51
C SER B 1123 -15.67 -29.85 -8.22
N ARG B 1124 -15.96 -28.90 -7.34
CA ARG B 1124 -16.62 -29.17 -6.08
C ARG B 1124 -17.98 -28.49 -5.99
N ASP B 1125 -18.62 -28.27 -7.13
CA ASP B 1125 -19.89 -27.55 -7.17
C ASP B 1125 -19.76 -26.19 -6.51
N GLY B 1126 -18.69 -25.48 -6.86
CA GLY B 1126 -18.46 -24.17 -6.29
C GLY B 1126 -19.63 -23.23 -6.52
N GLY B 1127 -19.50 -22.03 -5.96
CA GLY B 1127 -20.50 -20.99 -6.10
C GLY B 1127 -19.89 -19.75 -6.72
N LEU B 1128 -20.67 -19.07 -7.54
CA LEU B 1128 -20.18 -17.86 -8.18
C LEU B 1128 -19.98 -16.76 -7.16
N ARG B 1129 -18.90 -15.99 -7.33
CA ARG B 1129 -18.58 -14.94 -6.37
C ARG B 1129 -19.26 -13.65 -6.77
N PHE B 1130 -20.18 -13.18 -5.94
CA PHE B 1130 -20.89 -11.93 -6.19
C PHE B 1130 -19.99 -10.79 -5.75
N GLY B 1131 -18.99 -10.49 -6.57
CA GLY B 1131 -17.94 -9.57 -6.22
C GLY B 1131 -18.47 -8.20 -5.82
N GLU B 1132 -17.54 -7.38 -5.31
CA GLU B 1132 -17.90 -6.04 -4.87
C GLU B 1132 -18.54 -5.25 -6.01
N MET B 1133 -17.87 -5.19 -7.15
CA MET B 1133 -18.37 -4.39 -8.25
C MET B 1133 -19.79 -4.77 -8.61
N GLU B 1134 -20.12 -6.05 -8.50
CA GLU B 1134 -21.51 -6.47 -8.72
C GLU B 1134 -22.42 -5.88 -7.66
N ARG B 1135 -21.95 -5.83 -6.42
CA ARG B 1135 -22.74 -5.19 -5.38
C ARG B 1135 -23.03 -3.75 -5.75
N ASP B 1136 -22.01 -3.04 -6.23
CA ASP B 1136 -22.18 -1.65 -6.60
C ASP B 1136 -23.14 -1.50 -7.77
N CYS B 1137 -23.02 -2.37 -8.76
CA CYS B 1137 -23.96 -2.33 -9.88
C CYS B 1137 -25.39 -2.54 -9.40
N MET B 1138 -25.60 -3.53 -8.53
CA MET B 1138 -26.94 -3.75 -7.99
C MET B 1138 -27.46 -2.53 -7.26
N ILE B 1139 -26.62 -1.89 -6.45
CA ILE B 1139 -27.03 -0.64 -5.84
C ILE B 1139 -27.45 0.36 -6.91
N ALA B 1140 -26.69 0.46 -7.98
CA ALA B 1140 -26.98 1.47 -8.99
C ALA B 1140 -28.42 1.39 -9.43
N HIS B 1141 -28.90 0.20 -9.79
CA HIS B 1141 -30.30 0.06 -10.13
C HIS B 1141 -31.21 0.24 -8.93
N GLY B 1142 -30.66 0.25 -7.72
CA GLY B 1142 -31.47 0.44 -6.54
C GLY B 1142 -32.31 -0.75 -6.16
N ALA B 1143 -31.96 -1.95 -6.63
CA ALA B 1143 -32.72 -3.15 -6.28
C ALA B 1143 -32.30 -3.59 -4.90
N ALA B 1144 -32.84 -2.91 -3.88
CA ALA B 1144 -32.46 -3.22 -2.51
C ALA B 1144 -32.79 -4.65 -2.15
N GLY B 1145 -34.07 -5.03 -2.15
CA GLY B 1145 -34.46 -6.32 -1.63
C GLY B 1145 -33.72 -7.47 -2.30
N PHE B 1146 -33.51 -7.36 -3.61
CA PHE B 1146 -32.73 -8.39 -4.29
C PHE B 1146 -31.33 -8.49 -3.70
N LEU B 1147 -30.67 -7.35 -3.47
CA LEU B 1147 -29.35 -7.40 -2.88
C LEU B 1147 -29.40 -7.99 -1.48
N LYS B 1148 -30.42 -7.64 -0.70
CA LYS B 1148 -30.52 -8.17 0.65
C LYS B 1148 -30.60 -9.68 0.62
N GLU B 1149 -31.55 -10.23 -0.14
CA GLU B 1149 -31.72 -11.67 -0.12
C GLU B 1149 -30.54 -12.38 -0.76
N ARG B 1150 -29.97 -11.80 -1.81
CA ARG B 1150 -28.88 -12.45 -2.52
C ARG B 1150 -27.66 -12.61 -1.65
N LEU B 1151 -27.57 -11.86 -0.55
CA LEU B 1151 -26.45 -11.96 0.38
C LEU B 1151 -26.84 -12.61 1.70
N MET B 1152 -28.12 -12.95 1.89
CA MET B 1152 -28.55 -13.69 3.06
C MET B 1152 -29.11 -15.06 2.68
N GLU B 1153 -30.13 -15.10 1.84
CA GLU B 1153 -30.87 -16.32 1.59
C GLU B 1153 -30.14 -17.26 0.65
N ALA B 1154 -29.64 -16.73 -0.46
CA ALA B 1154 -28.87 -17.54 -1.39
C ALA B 1154 -27.45 -17.73 -0.93
N SER B 1155 -27.16 -17.38 0.31
CA SER B 1155 -25.83 -17.50 0.87
C SER B 1155 -25.98 -17.76 2.37
N ASP B 1156 -24.91 -17.51 3.11
CA ASP B 1156 -24.84 -17.92 4.51
C ASP B 1156 -25.78 -17.13 5.40
N ALA B 1157 -27.06 -17.50 5.41
CA ALA B 1157 -27.99 -16.94 6.37
C ALA B 1157 -27.72 -17.51 7.75
N PHE B 1158 -28.33 -16.91 8.76
CA PHE B 1158 -28.14 -17.38 10.12
C PHE B 1158 -29.08 -16.64 11.04
N ARG B 1159 -29.34 -17.23 12.21
CA ARG B 1159 -30.14 -16.61 13.26
C ARG B 1159 -29.36 -16.61 14.55
N VAL B 1160 -29.58 -15.61 15.38
CA VAL B 1160 -28.91 -15.48 16.66
C VAL B 1160 -29.87 -14.87 17.67
N HIS B 1161 -29.40 -14.76 18.90
CA HIS B 1161 -30.15 -14.14 19.98
C HIS B 1161 -29.25 -13.14 20.70
N VAL B 1162 -29.84 -12.07 21.21
CA VAL B 1162 -29.07 -11.04 21.90
C VAL B 1162 -29.82 -10.60 23.15
N CYS B 1163 -29.06 -10.09 24.11
CA CYS B 1163 -29.62 -9.52 25.33
C CYS B 1163 -29.86 -8.03 25.13
N GLY B 1164 -31.09 -7.60 25.39
CA GLY B 1164 -31.44 -6.22 25.16
C GLY B 1164 -30.87 -5.25 26.17
N ILE B 1165 -30.09 -5.73 27.14
CA ILE B 1165 -29.53 -4.85 28.14
C ILE B 1165 -28.08 -4.57 27.80
N CYS B 1166 -27.25 -5.61 27.78
CA CYS B 1166 -25.85 -5.41 27.41
C CYS B 1166 -25.68 -5.29 25.91
N GLY B 1167 -26.65 -5.76 25.14
CA GLY B 1167 -26.52 -5.73 23.70
C GLY B 1167 -25.48 -6.68 23.14
N LEU B 1168 -25.13 -7.72 23.88
CA LEU B 1168 -24.15 -8.69 23.43
C LEU B 1168 -24.86 -9.88 22.78
N MET B 1169 -24.10 -10.91 22.44
CA MET B 1169 -24.61 -12.12 21.84
C MET B 1169 -24.30 -13.32 22.72
N SER B 1170 -24.46 -13.15 24.03
CA SER B 1170 -24.12 -14.18 25.00
C SER B 1170 -25.35 -14.90 25.54
N VAL B 1171 -26.52 -14.64 24.98
CA VAL B 1171 -27.74 -15.26 25.47
C VAL B 1171 -27.58 -16.77 25.40
N ILE B 1172 -28.00 -17.46 26.47
CA ILE B 1172 -27.98 -18.91 26.51
C ILE B 1172 -29.39 -19.38 26.16
N ALA B 1173 -29.57 -19.79 24.91
CA ALA B 1173 -30.88 -20.19 24.40
C ALA B 1173 -30.96 -21.70 24.27
N ASN B 1174 -32.02 -22.27 24.83
CA ASN B 1174 -32.33 -23.69 24.68
C ASN B 1174 -33.74 -23.80 24.13
N LEU B 1175 -33.85 -23.98 22.82
CA LEU B 1175 -35.15 -23.88 22.16
C LEU B 1175 -36.12 -24.94 22.67
N LYS B 1176 -35.70 -26.21 22.70
CA LYS B 1176 -36.62 -27.23 23.19
C LYS B 1176 -36.98 -26.98 24.64
N LYS B 1177 -36.14 -26.28 25.40
CA LYS B 1177 -36.47 -25.85 26.74
C LYS B 1177 -37.08 -24.46 26.76
N ASN B 1178 -37.18 -23.80 25.61
CA ASN B 1178 -37.78 -22.48 25.49
C ASN B 1178 -37.37 -21.57 26.65
N GLN B 1179 -36.08 -21.59 26.96
CA GLN B 1179 -35.54 -20.81 28.06
C GLN B 1179 -34.33 -20.02 27.58
N PHE B 1180 -34.16 -18.82 28.11
CA PHE B 1180 -33.10 -17.92 27.69
C PHE B 1180 -32.56 -17.16 28.90
N GLU B 1181 -31.29 -16.76 28.81
CA GLU B 1181 -30.67 -16.03 29.91
C GLU B 1181 -29.37 -15.39 29.44
N CYS B 1182 -29.18 -14.13 29.80
CA CYS B 1182 -27.88 -13.47 29.72
C CYS B 1182 -27.31 -13.46 31.12
N ARG B 1183 -26.30 -14.30 31.38
CA ARG B 1183 -25.84 -14.48 32.74
C ARG B 1183 -25.27 -13.18 33.30
N SER B 1184 -24.51 -12.44 32.50
CA SER B 1184 -23.94 -11.19 32.98
C SER B 1184 -25.02 -10.24 33.45
N CYS B 1185 -26.07 -10.06 32.65
CA CYS B 1185 -27.20 -9.21 33.02
C CYS B 1185 -28.22 -9.93 33.88
N LYS B 1186 -28.10 -11.25 34.04
CA LYS B 1186 -29.07 -12.01 34.81
C LYS B 1186 -30.48 -11.81 34.26
N ASN B 1187 -30.56 -11.49 32.97
CA ASN B 1187 -31.81 -11.14 32.33
C ASN B 1187 -32.41 -12.37 31.69
N LYS B 1188 -33.75 -12.45 31.71
CA LYS B 1188 -34.45 -13.57 31.10
C LYS B 1188 -35.69 -13.15 30.33
N THR B 1189 -35.91 -11.85 30.13
CA THR B 1189 -37.09 -11.38 29.43
C THR B 1189 -36.77 -10.45 28.28
N ASN B 1190 -35.75 -9.60 28.42
CA ASN B 1190 -35.37 -8.66 27.38
C ASN B 1190 -34.39 -9.34 26.41
N ILE B 1191 -34.97 -10.11 25.50
CA ILE B 1191 -34.21 -10.92 24.56
C ILE B 1191 -34.76 -10.69 23.16
N TYR B 1192 -33.86 -10.51 22.20
CA TYR B 1192 -34.22 -10.37 20.80
C TYR B 1192 -33.39 -11.34 19.97
N GLN B 1193 -33.93 -11.71 18.82
CA GLN B 1193 -33.23 -12.55 17.86
C GLN B 1193 -33.09 -11.77 16.56
N LEU B 1194 -32.04 -12.11 15.80
CA LEU B 1194 -31.75 -11.43 14.56
C LEU B 1194 -31.46 -12.45 13.46
N HIS B 1195 -31.56 -11.99 12.22
CA HIS B 1195 -31.12 -12.75 11.06
C HIS B 1195 -29.97 -11.98 10.44
N ILE B 1196 -28.77 -12.55 10.52
CA ILE B 1196 -27.58 -11.87 9.99
C ILE B 1196 -26.71 -12.87 9.24
N PRO B 1197 -25.86 -12.42 8.33
CA PRO B 1197 -24.96 -13.36 7.67
C PRO B 1197 -24.06 -14.05 8.68
N TYR B 1198 -23.89 -15.36 8.49
CA TYR B 1198 -23.05 -16.11 9.40
C TYR B 1198 -21.67 -15.51 9.51
N ALA B 1199 -21.13 -15.00 8.40
CA ALA B 1199 -19.83 -14.35 8.45
C ALA B 1199 -19.85 -13.15 9.37
N ALA B 1200 -20.98 -12.45 9.47
CA ALA B 1200 -21.07 -11.34 10.39
C ALA B 1200 -20.96 -11.82 11.84
N LYS B 1201 -21.71 -12.86 12.19
CA LYS B 1201 -21.57 -13.46 13.50
C LYS B 1201 -20.12 -13.82 13.77
N LEU B 1202 -19.48 -14.45 12.79
CA LEU B 1202 -18.08 -14.84 12.96
C LEU B 1202 -17.21 -13.62 13.24
N LEU B 1203 -17.38 -12.55 12.47
CA LEU B 1203 -16.56 -11.37 12.67
C LEU B 1203 -16.75 -10.83 14.07
N PHE B 1204 -18.01 -10.74 14.53
CA PHE B 1204 -18.25 -10.29 15.88
C PHE B 1204 -17.55 -11.20 16.88
N GLN B 1205 -17.52 -12.50 16.58
CA GLN B 1205 -16.90 -13.41 17.53
C GLN B 1205 -15.39 -13.16 17.64
N GLU B 1206 -14.72 -12.91 16.53
CA GLU B 1206 -13.31 -12.49 16.67
C GLU B 1206 -13.23 -11.19 17.47
N LEU B 1207 -14.12 -10.24 17.17
CA LEU B 1207 -13.98 -8.93 17.81
C LEU B 1207 -14.12 -9.04 19.32
N MET B 1208 -15.08 -9.83 19.80
CA MET B 1208 -15.08 -10.10 21.24
C MET B 1208 -13.82 -10.83 21.66
N ALA B 1209 -13.41 -11.86 20.93
CA ALA B 1209 -12.12 -12.48 21.19
C ALA B 1209 -10.97 -11.50 21.02
N MET B 1210 -11.23 -10.33 20.45
CA MET B 1210 -10.23 -9.30 20.24
C MET B 1210 -10.28 -8.23 21.32
N ASN B 1211 -11.05 -8.48 22.39
CA ASN B 1211 -11.24 -7.53 23.49
C ASN B 1211 -11.95 -6.26 23.03
N ILE B 1212 -12.87 -6.39 22.08
CA ILE B 1212 -13.71 -5.28 21.64
C ILE B 1212 -15.14 -5.76 21.60
N ALA B 1213 -16.05 -4.95 22.15
CA ALA B 1213 -17.44 -5.38 22.36
C ALA B 1213 -18.38 -4.58 21.47
N PRO B 1214 -18.71 -5.05 20.29
CA PRO B 1214 -19.75 -4.40 19.48
C PRO B 1214 -21.12 -4.82 19.97
N ARG B 1215 -21.84 -3.87 20.56
CA ARG B 1215 -23.16 -4.14 21.11
C ARG B 1215 -24.20 -3.76 20.08
N LEU B 1216 -25.19 -4.64 19.90
CA LEU B 1216 -26.23 -4.45 18.91
C LEU B 1216 -27.55 -4.18 19.61
N TYR B 1217 -28.17 -3.05 19.29
CA TYR B 1217 -29.44 -2.67 19.88
C TYR B 1217 -30.46 -2.43 18.77
N THR B 1218 -31.67 -2.96 18.97
CA THR B 1218 -32.74 -2.81 17.99
C THR B 1218 -33.45 -1.48 18.12
N GLU B 1219 -32.87 -0.50 18.80
CA GLU B 1219 -33.50 0.80 18.99
C GLU B 1219 -32.44 1.88 18.90
N ARG B 1220 -32.90 3.09 18.61
CA ARG B 1220 -32.02 4.25 18.49
C ARG B 1220 -32.16 5.12 19.73
N SER B 1221 -31.02 5.55 20.26
CA SER B 1221 -30.99 6.40 21.45
C SER B 1221 -30.55 7.82 21.15
N GLY B 1222 -29.70 8.02 20.15
CA GLY B 1222 -29.24 9.35 19.78
C GLY B 1222 -28.11 9.83 20.65
N GLU C 4 -44.32 -31.05 -69.36
CA GLU C 4 -43.51 -29.85 -69.68
C GLU C 4 -42.03 -30.03 -69.30
N PRO C 5 -41.76 -30.53 -68.10
CA PRO C 5 -40.35 -30.69 -67.70
C PRO C 5 -39.61 -31.60 -68.68
N LYS C 6 -38.36 -31.24 -68.93
CA LYS C 6 -37.52 -31.97 -69.87
C LYS C 6 -36.21 -32.33 -69.19
N VAL C 7 -35.62 -33.43 -69.64
CA VAL C 7 -34.31 -33.88 -69.18
C VAL C 7 -33.46 -34.17 -70.40
N ASN C 8 -32.15 -34.01 -70.27
CA ASN C 8 -31.22 -34.38 -71.32
C ASN C 8 -29.90 -34.80 -70.65
N ILE C 9 -29.75 -36.11 -70.44
CA ILE C 9 -28.51 -36.63 -69.88
C ILE C 9 -27.38 -36.36 -70.85
N ILE C 10 -26.25 -35.89 -70.33
CA ILE C 10 -25.12 -35.53 -71.17
C ILE C 10 -24.10 -36.65 -71.14
N ASN C 11 -23.57 -36.94 -69.96
CA ASN C 11 -22.64 -38.05 -69.76
C ASN C 11 -23.08 -38.86 -68.56
N ALA C 12 -23.18 -40.17 -68.73
CA ALA C 12 -23.69 -41.04 -67.69
C ALA C 12 -22.64 -42.06 -67.30
N GLN C 13 -22.85 -42.68 -66.15
CA GLN C 13 -21.94 -43.69 -65.62
C GLN C 13 -22.59 -44.29 -64.38
N ASP C 14 -22.05 -45.41 -63.90
CA ASP C 14 -22.68 -46.10 -62.79
C ASP C 14 -22.71 -45.23 -61.54
N ASP C 15 -21.58 -44.60 -61.22
CA ASP C 15 -21.48 -43.84 -59.98
C ASP C 15 -21.97 -42.41 -60.13
N GLU C 16 -21.89 -41.83 -61.32
CA GLU C 16 -22.17 -40.42 -61.51
C GLU C 16 -23.09 -40.22 -62.70
N VAL C 17 -23.60 -39.00 -62.83
CA VAL C 17 -24.42 -38.57 -63.95
C VAL C 17 -24.19 -37.09 -64.13
N GLU C 18 -24.03 -36.65 -65.38
CA GLU C 18 -23.97 -35.24 -65.72
C GLU C 18 -25.10 -34.95 -66.71
N LEU C 19 -26.17 -34.34 -66.22
CA LEU C 19 -27.39 -34.20 -66.98
C LEU C 19 -27.77 -32.73 -67.10
N MET C 20 -28.71 -32.46 -67.99
CA MET C 20 -29.28 -31.13 -68.17
C MET C 20 -30.77 -31.23 -67.86
N LEU C 21 -31.24 -30.38 -66.97
CA LEU C 21 -32.64 -30.33 -66.58
C LEU C 21 -33.13 -28.91 -66.78
N SER C 22 -34.19 -28.75 -67.58
CA SER C 22 -34.71 -27.43 -67.91
C SER C 22 -36.22 -27.39 -67.75
N ASP C 23 -36.78 -26.20 -67.94
CA ASP C 23 -38.23 -25.99 -67.93
C ASP C 23 -38.86 -26.38 -66.60
N VAL C 24 -38.18 -26.09 -65.50
CA VAL C 24 -38.73 -26.32 -64.17
C VAL C 24 -38.28 -25.21 -63.24
N ASN C 25 -39.10 -24.96 -62.23
CA ASN C 25 -38.79 -23.93 -61.25
C ASN C 25 -37.44 -24.20 -60.61
N LEU C 26 -36.64 -23.15 -60.47
CA LEU C 26 -35.38 -23.28 -59.75
C LEU C 26 -35.60 -23.93 -58.40
N SER C 27 -36.67 -23.54 -57.72
CA SER C 27 -37.00 -24.18 -56.45
C SER C 27 -37.06 -25.69 -56.63
N LEU C 28 -37.63 -26.16 -57.73
CA LEU C 28 -37.77 -27.60 -57.91
C LEU C 28 -36.41 -28.27 -57.98
N ALA C 29 -35.52 -27.76 -58.82
CA ALA C 29 -34.21 -28.39 -58.96
C ALA C 29 -33.44 -28.34 -57.64
N ASN C 30 -33.49 -27.20 -56.96
CA ASN C 30 -32.75 -27.08 -55.71
C ASN C 30 -33.30 -28.03 -54.65
N SER C 31 -34.63 -28.15 -54.56
CA SER C 31 -35.22 -29.08 -53.62
C SER C 31 -34.85 -30.51 -53.98
N LEU C 32 -34.78 -30.82 -55.26
CA LEU C 32 -34.33 -32.14 -55.66
C LEU C 32 -32.92 -32.39 -55.18
N ARG C 33 -32.03 -31.41 -55.37
CA ARG C 33 -30.67 -31.58 -54.90
C ARG C 33 -30.63 -31.83 -53.40
N ARG C 34 -31.36 -31.02 -52.64
CA ARG C 34 -31.35 -31.19 -51.20
C ARG C 34 -31.88 -32.56 -50.81
N THR C 35 -32.99 -32.99 -51.41
CA THR C 35 -33.56 -34.28 -51.05
C THR C 35 -32.62 -35.42 -51.38
N MET C 36 -31.95 -35.35 -52.53
CA MET C 36 -30.96 -36.36 -52.85
C MET C 36 -29.86 -36.39 -51.81
N LEU C 37 -29.36 -35.22 -51.42
CA LEU C 37 -28.26 -35.19 -50.45
C LEU C 37 -28.69 -35.67 -49.08
N ALA C 38 -29.97 -35.50 -48.73
CA ALA C 38 -30.41 -35.66 -47.35
C ALA C 38 -31.32 -36.87 -47.15
N GLU C 39 -32.40 -36.99 -47.91
CA GLU C 39 -33.49 -37.89 -47.56
C GLU C 39 -33.59 -39.08 -48.49
N VAL C 40 -32.48 -39.70 -48.86
CA VAL C 40 -32.49 -40.91 -49.67
C VAL C 40 -32.02 -42.06 -48.77
N PRO C 41 -32.93 -42.83 -48.18
CA PRO C 41 -32.51 -43.83 -47.19
C PRO C 41 -31.53 -44.81 -47.80
N THR C 42 -30.56 -45.22 -46.99
CA THR C 42 -29.61 -46.24 -47.38
C THR C 42 -29.27 -47.06 -46.14
N LEU C 43 -28.27 -47.92 -46.27
CA LEU C 43 -27.90 -48.86 -45.21
C LEU C 43 -26.45 -48.63 -44.82
N ALA C 44 -26.19 -48.58 -43.52
CA ALA C 44 -24.84 -48.40 -43.02
C ALA C 44 -24.77 -48.96 -41.61
N ILE C 45 -23.54 -49.16 -41.14
CA ILE C 45 -23.33 -49.78 -39.84
C ILE C 45 -23.86 -48.88 -38.75
N ASP C 46 -24.51 -49.47 -37.74
CA ASP C 46 -25.10 -48.69 -36.66
C ASP C 46 -24.93 -49.32 -35.28
N LEU C 47 -24.20 -50.41 -35.15
CA LEU C 47 -23.86 -50.98 -33.84
C LEU C 47 -22.68 -51.91 -34.04
N VAL C 48 -21.60 -51.65 -33.33
CA VAL C 48 -20.40 -52.46 -33.39
C VAL C 48 -20.13 -53.02 -32.00
N GLU C 49 -20.01 -54.33 -31.92
CA GLU C 49 -19.67 -55.00 -30.66
C GLU C 49 -18.29 -55.61 -30.83
N ILE C 50 -17.32 -55.06 -30.12
CA ILE C 50 -15.95 -55.57 -30.18
C ILE C 50 -15.87 -56.71 -29.18
N LYS C 51 -15.89 -57.93 -29.68
CA LYS C 51 -15.74 -59.08 -28.80
C LYS C 51 -14.32 -59.18 -28.27
N MET C 52 -13.34 -58.69 -29.02
CA MET C 52 -12.00 -58.56 -28.50
C MET C 52 -11.17 -57.72 -29.47
N ASN C 53 -10.37 -56.81 -28.92
CA ASN C 53 -9.48 -55.98 -29.71
C ASN C 53 -8.11 -55.95 -29.05
N THR C 54 -7.07 -55.88 -29.88
CA THR C 54 -5.71 -55.68 -29.40
C THR C 54 -4.95 -54.71 -30.30
N SER C 55 -5.60 -54.06 -31.24
CA SER C 55 -4.93 -53.13 -32.13
C SER C 55 -4.47 -51.90 -31.36
N VAL C 56 -3.82 -51.00 -32.08
CA VAL C 56 -3.28 -49.79 -31.47
C VAL C 56 -4.27 -48.65 -31.65
N LEU C 57 -5.52 -49.00 -31.96
CA LEU C 57 -6.55 -48.01 -32.27
C LEU C 57 -7.70 -48.12 -31.29
N ALA C 58 -8.11 -46.97 -30.76
CA ALA C 58 -9.20 -46.96 -29.79
C ALA C 58 -10.46 -47.55 -30.38
N ASP C 59 -11.17 -48.30 -29.54
CA ASP C 59 -12.38 -48.99 -30.00
C ASP C 59 -13.32 -48.03 -30.70
N GLU C 60 -13.56 -46.86 -30.11
CA GLU C 60 -14.41 -45.88 -30.76
C GLU C 60 -13.87 -45.51 -32.14
N PHE C 61 -12.54 -45.46 -32.27
CA PHE C 61 -11.98 -45.14 -33.57
C PHE C 61 -12.42 -46.14 -34.62
N ILE C 62 -12.29 -47.43 -34.32
CA ILE C 62 -12.65 -48.45 -35.28
C ILE C 62 -14.15 -48.44 -35.53
N SER C 63 -14.93 -48.23 -34.48
CA SER C 63 -16.38 -48.16 -34.66
C SER C 63 -16.74 -47.04 -35.62
N HIS C 64 -16.14 -45.87 -35.44
CA HIS C 64 -16.40 -44.76 -36.34
C HIS C 64 -15.98 -45.11 -37.76
N ARG C 65 -14.77 -45.64 -37.94
CA ARG C 65 -14.32 -45.97 -39.29
C ARG C 65 -15.29 -46.93 -39.96
N LEU C 66 -15.75 -47.94 -39.22
CA LEU C 66 -16.72 -48.87 -39.79
C LEU C 66 -18.00 -48.14 -40.19
N GLY C 67 -18.45 -47.22 -39.35
CA GLY C 67 -19.70 -46.54 -39.64
C GLY C 67 -19.71 -45.90 -41.01
N LEU C 68 -18.55 -45.49 -41.51
CA LEU C 68 -18.48 -44.69 -42.73
C LEU C 68 -18.35 -45.52 -43.99
N ILE C 69 -18.16 -46.82 -43.90
CA ILE C 69 -17.88 -47.61 -45.09
C ILE C 69 -19.16 -47.78 -45.90
N PRO C 70 -19.13 -47.59 -47.21
CA PRO C 70 -20.36 -47.68 -48.00
C PRO C 70 -20.78 -49.11 -48.23
N LEU C 71 -22.09 -49.34 -48.13
CA LEU C 71 -22.68 -50.65 -48.32
C LEU C 71 -23.60 -50.64 -49.52
N VAL C 72 -23.67 -51.78 -50.22
CA VAL C 72 -24.63 -51.93 -51.30
C VAL C 72 -26.02 -51.95 -50.71
N SER C 73 -26.77 -50.86 -50.90
CA SER C 73 -28.08 -50.69 -50.29
C SER C 73 -29.16 -50.65 -51.37
N GLU C 74 -29.00 -51.48 -52.39
CA GLU C 74 -29.89 -51.39 -53.56
C GLU C 74 -31.34 -51.59 -53.18
N ASP C 75 -31.64 -52.61 -52.38
CA ASP C 75 -33.01 -52.97 -52.06
C ASP C 75 -33.45 -52.48 -50.69
N VAL C 76 -32.63 -51.65 -50.04
CA VAL C 76 -32.99 -51.10 -48.75
C VAL C 76 -34.41 -50.56 -48.72
N GLU C 77 -34.92 -50.11 -49.86
CA GLU C 77 -36.29 -49.61 -49.91
C GLU C 77 -37.25 -50.59 -49.27
N GLU C 78 -36.95 -51.88 -49.39
CA GLU C 78 -37.84 -52.93 -48.93
C GLU C 78 -37.62 -53.30 -47.48
N MET C 79 -36.65 -52.72 -46.80
CA MET C 79 -36.39 -53.03 -45.40
C MET C 79 -37.13 -52.03 -44.52
N LYS C 80 -37.84 -52.54 -43.53
CA LYS C 80 -38.58 -51.68 -42.61
C LYS C 80 -37.62 -50.98 -41.67
N TYR C 81 -38.07 -49.84 -41.13
CA TYR C 81 -37.26 -49.12 -40.15
C TYR C 81 -37.21 -49.90 -38.85
N SER C 82 -36.00 -50.13 -38.35
CA SER C 82 -35.86 -50.88 -37.11
C SER C 82 -36.61 -50.21 -35.98
N ARG C 83 -36.69 -48.88 -35.99
CA ARG C 83 -37.41 -48.18 -34.92
C ARG C 83 -38.84 -48.68 -34.81
N ASP C 84 -39.53 -48.81 -35.94
CA ASP C 84 -40.94 -49.18 -35.95
C ASP C 84 -41.19 -50.66 -36.16
N CYS C 85 -40.16 -51.45 -36.46
CA CYS C 85 -40.36 -52.88 -36.64
C CYS C 85 -40.85 -53.49 -35.33
N THR C 86 -41.88 -54.34 -35.44
CA THR C 86 -42.54 -54.86 -34.24
C THR C 86 -41.63 -55.80 -33.46
N CYS C 87 -40.75 -56.52 -34.13
CA CYS C 87 -40.00 -57.59 -33.47
C CYS C 87 -39.25 -57.05 -32.26
N GLU C 88 -39.36 -57.76 -31.14
CA GLU C 88 -38.49 -57.51 -30.02
C GLU C 88 -37.05 -57.71 -30.47
N ASP C 89 -36.16 -56.83 -30.02
CA ASP C 89 -34.82 -56.84 -30.56
C ASP C 89 -34.92 -56.61 -32.07
N TYR C 90 -33.94 -57.08 -32.83
CA TYR C 90 -33.92 -56.89 -34.27
C TYR C 90 -34.16 -58.22 -34.96
N CYS C 91 -35.19 -58.26 -35.80
CA CYS C 91 -35.42 -59.41 -36.66
C CYS C 91 -34.43 -59.35 -37.81
N ASP C 92 -34.54 -60.31 -38.72
CA ASP C 92 -33.69 -60.30 -39.91
C ASP C 92 -34.27 -59.42 -41.01
N GLU C 93 -35.45 -58.85 -40.78
CA GLU C 93 -36.12 -58.03 -41.76
C GLU C 93 -36.07 -56.54 -41.42
N CYS C 94 -35.50 -56.18 -40.28
CA CYS C 94 -35.27 -54.79 -39.92
C CYS C 94 -33.82 -54.50 -39.64
N SER C 95 -32.90 -55.32 -40.16
CA SER C 95 -31.48 -55.15 -39.87
C SER C 95 -30.71 -56.19 -40.65
N VAL C 96 -29.42 -55.93 -40.81
CA VAL C 96 -28.48 -56.87 -41.41
C VAL C 96 -27.29 -56.96 -40.48
N VAL C 97 -26.74 -58.16 -40.31
CA VAL C 97 -25.64 -58.39 -39.40
C VAL C 97 -24.40 -58.73 -40.22
N LEU C 98 -23.32 -57.98 -40.00
CA LEU C 98 -22.03 -58.24 -40.62
C LEU C 98 -21.04 -58.57 -39.53
N GLU C 99 -20.13 -59.48 -39.81
CA GLU C 99 -19.13 -59.91 -38.84
C GLU C 99 -17.76 -59.86 -39.48
N LEU C 100 -16.76 -59.45 -38.71
CA LEU C 100 -15.38 -59.40 -39.15
C LEU C 100 -14.48 -59.86 -38.02
N SER C 101 -13.50 -60.69 -38.35
CA SER C 101 -12.49 -61.09 -37.38
C SER C 101 -11.25 -61.49 -38.17
N ALA C 102 -10.26 -60.60 -38.20
CA ALA C 102 -9.00 -60.85 -38.87
C ALA C 102 -7.89 -60.78 -37.84
N ARG C 103 -6.90 -61.65 -37.98
CA ARG C 103 -5.82 -61.74 -37.02
C ARG C 103 -4.50 -61.89 -37.77
N HIS C 104 -3.51 -61.10 -37.36
CA HIS C 104 -2.16 -61.24 -37.87
C HIS C 104 -1.44 -62.29 -37.03
N GLU C 105 -0.63 -63.11 -37.69
CA GLU C 105 0.15 -64.12 -37.01
C GLU C 105 1.56 -64.14 -37.57
N GLY C 106 2.48 -64.63 -36.77
CA GLY C 106 3.89 -64.53 -37.09
C GLY C 106 4.51 -63.31 -36.45
N GLU C 107 5.76 -63.45 -36.03
CA GLU C 107 6.41 -62.40 -35.26
C GLU C 107 6.65 -61.13 -36.08
N GLU C 108 6.63 -61.23 -37.40
CA GLU C 108 6.96 -60.11 -38.27
C GLU C 108 5.77 -59.82 -39.18
N GLY C 109 5.98 -58.88 -40.10
CA GLY C 109 4.95 -58.51 -41.04
C GLY C 109 3.88 -57.65 -40.40
N THR C 110 2.98 -57.15 -41.24
CA THR C 110 1.88 -56.34 -40.77
C THR C 110 0.66 -56.60 -41.65
N THR C 111 -0.36 -57.20 -41.06
CA THR C 111 -1.62 -57.44 -41.75
C THR C 111 -2.31 -56.10 -41.97
N ASP C 112 -3.19 -56.05 -42.96
CA ASP C 112 -3.95 -54.85 -43.26
C ASP C 112 -5.42 -55.23 -43.39
N VAL C 113 -6.18 -55.07 -42.31
CA VAL C 113 -7.59 -55.40 -42.32
C VAL C 113 -8.29 -54.46 -43.29
N TYR C 114 -8.87 -55.03 -44.34
CA TYR C 114 -9.54 -54.25 -45.37
C TYR C 114 -11.05 -54.39 -45.23
N SER C 115 -11.76 -53.44 -45.84
CA SER C 115 -13.22 -53.50 -45.83
C SER C 115 -13.73 -54.82 -46.39
N SER C 116 -13.04 -55.39 -47.38
CA SER C 116 -13.47 -56.64 -47.96
C SER C 116 -13.70 -57.72 -46.91
N SER C 117 -12.87 -57.75 -45.87
CA SER C 117 -12.94 -58.83 -44.91
C SER C 117 -14.31 -58.93 -44.23
N LEU C 118 -15.07 -57.84 -44.21
CA LEU C 118 -16.42 -57.93 -43.68
C LEU C 118 -17.21 -58.97 -44.47
N ILE C 119 -17.99 -59.77 -43.75
CA ILE C 119 -18.73 -60.88 -44.34
C ILE C 119 -20.14 -60.86 -43.80
N LYS C 120 -21.11 -60.78 -44.70
CA LYS C 120 -22.51 -60.84 -44.31
C LYS C 120 -22.76 -62.17 -43.62
N VAL C 121 -23.50 -62.15 -42.52
CA VAL C 121 -23.86 -63.36 -41.81
C VAL C 121 -25.34 -63.66 -41.94
N SER C 122 -26.18 -62.67 -41.67
CA SER C 122 -27.62 -62.78 -41.83
C SER C 122 -28.11 -61.64 -42.72
N GLY C 123 -29.41 -61.48 -42.80
CA GLY C 123 -30.01 -60.44 -43.60
C GLY C 123 -31.25 -60.93 -44.30
N PRO C 124 -32.22 -60.04 -44.53
CA PRO C 124 -33.49 -60.49 -45.09
C PRO C 124 -33.33 -60.92 -46.53
N GLY C 125 -32.68 -62.06 -46.73
CA GLY C 125 -32.42 -62.52 -48.09
C GLY C 125 -33.71 -62.79 -48.84
N ASN C 126 -33.61 -62.86 -50.15
CA ASN C 126 -32.35 -62.74 -50.88
C ASN C 126 -32.12 -61.30 -51.31
N LEU C 127 -32.63 -60.36 -50.52
CA LEU C 127 -32.53 -58.96 -50.87
C LEU C 127 -31.06 -58.58 -51.08
N ASN C 128 -30.80 -57.89 -52.19
CA ASN C 128 -29.45 -57.51 -52.58
C ASN C 128 -29.02 -56.28 -51.78
N VAL C 129 -28.70 -56.54 -50.51
CA VAL C 129 -28.28 -55.49 -49.59
C VAL C 129 -27.17 -56.03 -48.69
N GLY C 130 -26.39 -55.11 -48.14
CA GLY C 130 -25.45 -55.45 -47.09
C GLY C 130 -24.01 -55.60 -47.51
N GLU C 131 -23.76 -56.23 -48.65
CA GLU C 131 -22.39 -56.47 -49.06
C GLU C 131 -21.64 -55.15 -49.20
N PRO C 132 -20.47 -55.01 -48.58
CA PRO C 132 -19.70 -53.78 -48.78
C PRO C 132 -19.37 -53.59 -50.24
N VAL C 133 -19.44 -52.34 -50.68
CA VAL C 133 -19.26 -52.02 -52.08
C VAL C 133 -17.80 -52.18 -52.44
N ARG C 134 -17.52 -52.63 -53.66
CA ARG C 134 -16.17 -52.79 -54.18
C ARG C 134 -16.07 -52.13 -55.54
N ARG C 135 -15.02 -51.35 -55.75
CA ARG C 135 -14.79 -50.76 -57.05
C ARG C 135 -14.81 -51.82 -58.14
N ASP C 136 -14.09 -52.91 -57.92
CA ASP C 136 -13.78 -53.86 -58.98
C ASP C 136 -13.83 -55.26 -58.40
N ASP C 137 -13.34 -56.23 -59.17
CA ASP C 137 -13.24 -57.60 -58.69
C ASP C 137 -12.17 -57.75 -57.61
N TYR C 138 -10.98 -57.22 -57.86
CA TYR C 138 -9.86 -57.39 -56.95
C TYR C 138 -9.75 -56.30 -55.90
N ASP C 139 -10.56 -55.25 -55.99
CA ASP C 139 -10.40 -54.11 -55.10
C ASP C 139 -10.59 -54.55 -53.66
N GLN C 140 -9.51 -54.54 -52.87
CA GLN C 140 -9.60 -54.92 -51.47
C GLN C 140 -10.56 -54.02 -50.72
N GLY C 141 -10.63 -52.75 -51.13
CA GLY C 141 -11.56 -51.81 -50.52
C GLY C 141 -10.87 -50.86 -49.57
N ILE C 142 -11.60 -50.43 -48.54
CA ILE C 142 -11.08 -49.44 -47.62
C ILE C 142 -10.08 -50.08 -46.69
N LEU C 143 -9.21 -49.26 -46.11
CA LEU C 143 -8.27 -49.75 -45.11
C LEU C 143 -8.82 -49.47 -43.71
N LEU C 144 -9.04 -50.53 -42.95
CA LEU C 144 -9.63 -50.43 -41.62
C LEU C 144 -8.61 -50.30 -40.51
N CYS C 145 -7.48 -50.99 -40.63
CA CYS C 145 -6.50 -50.99 -39.56
C CYS C 145 -5.29 -51.79 -40.03
N LYS C 146 -4.23 -51.73 -39.23
CA LYS C 146 -3.04 -52.52 -39.43
C LYS C 146 -2.75 -53.29 -38.16
N LEU C 147 -2.35 -54.55 -38.30
CA LEU C 147 -2.08 -55.41 -37.17
C LEU C 147 -0.66 -55.96 -37.26
N ARG C 148 -0.03 -56.09 -36.11
CA ARG C 148 1.32 -56.61 -35.96
C ARG C 148 1.24 -57.97 -35.29
N ASN C 149 2.39 -58.51 -34.91
CA ASN C 149 2.43 -59.75 -34.16
C ASN C 149 1.39 -59.78 -33.04
N HIS C 150 0.84 -60.96 -32.81
CA HIS C 150 0.05 -61.26 -31.63
C HIS C 150 -1.06 -60.24 -31.40
N GLN C 151 -1.60 -59.69 -32.48
CA GLN C 151 -2.69 -58.72 -32.41
C GLN C 151 -3.90 -59.29 -33.12
N GLU C 152 -5.05 -59.22 -32.46
CA GLU C 152 -6.27 -59.84 -32.96
C GLU C 152 -7.43 -58.87 -32.83
N LEU C 153 -8.41 -59.03 -33.71
CA LEU C 153 -9.58 -58.16 -33.76
C LEU C 153 -10.80 -59.02 -34.02
N ASN C 154 -11.85 -58.81 -33.22
CA ASN C 154 -13.10 -59.57 -33.37
C ASN C 154 -14.27 -58.64 -33.12
N ILE C 155 -15.01 -58.32 -34.18
CA ILE C 155 -16.14 -57.41 -34.10
C ILE C 155 -17.34 -58.06 -34.76
N ARG C 156 -18.52 -57.61 -34.33
CA ARG C 156 -19.78 -58.16 -34.84
C ARG C 156 -20.70 -56.97 -35.11
N CYS C 157 -20.63 -56.44 -36.32
CA CYS C 157 -21.28 -55.19 -36.66
C CYS C 157 -22.78 -55.39 -36.86
N ILE C 158 -23.49 -54.27 -36.97
CA ILE C 158 -24.91 -54.26 -37.31
C ILE C 158 -25.15 -53.07 -38.23
N ALA C 159 -26.08 -53.23 -39.16
CA ALA C 159 -26.45 -52.17 -40.08
C ALA C 159 -27.95 -51.91 -39.97
N LYS C 160 -28.39 -50.73 -40.37
CA LYS C 160 -29.79 -50.36 -40.37
C LYS C 160 -30.04 -49.32 -41.45
N LYS C 161 -31.32 -49.15 -41.78
CA LYS C 161 -31.74 -48.20 -42.80
C LYS C 161 -31.97 -46.84 -42.15
N GLY C 162 -31.19 -45.84 -42.54
CA GLY C 162 -31.33 -44.52 -41.99
C GLY C 162 -31.09 -43.47 -43.05
N ILE C 163 -31.57 -42.27 -42.77
CA ILE C 163 -31.48 -41.16 -43.70
C ILE C 163 -30.31 -40.29 -43.31
N ALA C 164 -29.69 -39.66 -44.31
CA ALA C 164 -28.52 -38.83 -44.06
C ALA C 164 -28.81 -37.71 -43.05
N LYS C 165 -30.07 -37.29 -42.92
CA LYS C 165 -30.40 -36.29 -41.92
C LYS C 165 -29.86 -36.69 -40.55
N GLU C 166 -30.12 -37.94 -40.15
CA GLU C 166 -29.69 -38.37 -38.82
C GLU C 166 -28.18 -38.33 -38.68
N HIS C 167 -27.47 -38.78 -39.70
CA HIS C 167 -26.02 -38.80 -39.64
C HIS C 167 -25.46 -38.82 -41.05
N ALA C 168 -24.29 -38.23 -41.23
CA ALA C 168 -23.73 -38.12 -42.57
C ALA C 168 -23.33 -39.47 -43.15
N LYS C 169 -23.30 -40.53 -42.34
CA LYS C 169 -22.90 -41.82 -42.86
C LYS C 169 -23.93 -42.41 -43.80
N TRP C 170 -25.19 -42.00 -43.68
CA TRP C 170 -26.23 -42.50 -44.56
C TRP C 170 -26.34 -41.71 -45.85
N SER C 171 -25.49 -40.72 -46.06
CA SER C 171 -25.56 -39.94 -47.29
C SER C 171 -25.10 -40.78 -48.48
N PRO C 172 -25.93 -40.99 -49.48
CA PRO C 172 -25.47 -41.71 -50.67
C PRO C 172 -24.79 -40.82 -51.69
N CYS C 173 -25.14 -39.53 -51.74
CA CYS C 173 -24.55 -38.61 -52.70
C CYS C 173 -23.26 -38.03 -52.13
N SER C 174 -22.23 -37.97 -52.97
CA SER C 174 -20.98 -37.38 -52.54
C SER C 174 -21.02 -35.86 -52.69
N ALA C 175 -21.21 -35.38 -53.90
CA ALA C 175 -21.19 -33.94 -54.17
C ALA C 175 -22.03 -33.68 -55.41
N ILE C 176 -23.00 -32.77 -55.30
CA ILE C 176 -23.93 -32.50 -56.39
C ILE C 176 -23.60 -31.13 -56.96
N ALA C 177 -22.98 -31.10 -58.13
CA ALA C 177 -22.77 -29.84 -58.82
C ALA C 177 -24.12 -29.23 -59.17
N PHE C 178 -24.10 -27.96 -59.57
CA PHE C 178 -25.33 -27.23 -59.84
C PHE C 178 -24.99 -25.88 -60.46
N GLU C 179 -25.72 -25.45 -61.49
CA GLU C 179 -25.49 -24.13 -62.03
C GLU C 179 -26.45 -23.84 -63.16
N TYR C 180 -26.61 -22.56 -63.47
CA TYR C 180 -27.49 -22.09 -64.52
C TYR C 180 -27.01 -20.74 -65.01
N ASP C 181 -27.51 -20.35 -66.17
CA ASP C 181 -27.15 -19.06 -66.77
C ASP C 181 -25.65 -18.85 -66.64
N PRO C 182 -24.84 -19.66 -67.31
CA PRO C 182 -23.39 -19.45 -67.25
C PRO C 182 -22.97 -18.08 -67.73
N HIS C 183 -23.79 -17.42 -68.54
CA HIS C 183 -23.47 -16.08 -69.02
C HIS C 183 -24.06 -14.99 -68.15
N ASN C 184 -24.77 -15.35 -67.08
CA ASN C 184 -25.29 -14.37 -66.13
C ASN C 184 -26.32 -13.46 -66.79
N LYS C 185 -26.92 -13.93 -67.88
CA LYS C 185 -27.89 -13.11 -68.59
C LYS C 185 -29.02 -12.65 -67.68
N LEU C 186 -29.41 -13.47 -66.71
CA LEU C 186 -30.38 -13.05 -65.72
C LEU C 186 -29.82 -12.01 -64.76
N LYS C 187 -28.51 -11.79 -64.76
CA LYS C 187 -27.88 -10.83 -63.87
C LYS C 187 -28.29 -11.08 -62.42
N HIS C 188 -28.21 -12.33 -61.99
CA HIS C 188 -28.38 -12.64 -60.58
C HIS C 188 -27.13 -12.33 -59.76
N THR C 189 -26.01 -12.06 -60.42
CA THR C 189 -24.79 -11.74 -59.71
C THR C 189 -24.11 -10.56 -60.38
N ASP C 190 -23.40 -9.79 -59.58
CA ASP C 190 -22.50 -8.75 -60.06
C ASP C 190 -21.08 -9.21 -59.80
N PHE C 191 -20.22 -9.06 -60.79
CA PHE C 191 -18.91 -9.67 -60.76
C PHE C 191 -17.89 -8.69 -60.20
N TRP C 192 -17.34 -9.01 -59.05
CA TRP C 192 -16.23 -8.25 -58.51
C TRP C 192 -15.09 -8.25 -59.51
N PHE C 193 -14.49 -7.08 -59.73
CA PHE C 193 -13.45 -6.97 -60.73
C PHE C 193 -12.55 -5.78 -60.42
N GLU C 194 -11.32 -5.87 -60.92
CA GLU C 194 -10.35 -4.78 -60.84
C GLU C 194 -10.29 -3.96 -62.11
N VAL C 195 -10.46 -4.59 -63.27
CA VAL C 195 -10.35 -3.92 -64.55
C VAL C 195 -11.62 -4.13 -65.36
N ASP C 196 -12.03 -5.39 -65.52
CA ASP C 196 -13.26 -5.71 -66.21
C ASP C 196 -13.79 -7.04 -65.70
N ALA C 197 -15.07 -7.28 -65.93
CA ALA C 197 -15.69 -8.53 -65.51
C ALA C 197 -15.30 -9.71 -66.38
N LYS C 198 -14.99 -9.48 -67.66
CA LYS C 198 -14.77 -10.60 -68.56
C LYS C 198 -13.35 -11.13 -68.49
N LYS C 199 -12.37 -10.24 -68.58
CA LYS C 199 -10.99 -10.66 -68.75
C LYS C 199 -10.33 -11.08 -67.45
N GLU C 200 -11.04 -11.03 -66.34
CA GLU C 200 -10.54 -11.54 -65.07
C GLU C 200 -11.24 -12.81 -64.63
N TRP C 201 -12.45 -13.07 -65.11
CA TRP C 201 -13.28 -14.14 -64.60
C TRP C 201 -13.23 -15.33 -65.55
N PRO C 202 -12.78 -16.50 -65.11
CA PRO C 202 -12.87 -17.69 -65.96
C PRO C 202 -14.33 -18.02 -66.26
N ASP C 203 -14.55 -18.55 -67.46
CA ASP C 203 -15.90 -18.89 -67.87
C ASP C 203 -16.26 -20.30 -67.44
N SER C 204 -17.54 -20.52 -67.18
CA SER C 204 -17.99 -21.83 -66.77
C SER C 204 -17.78 -22.84 -67.89
N LYS C 205 -17.64 -24.11 -67.50
CA LYS C 205 -17.39 -25.16 -68.48
C LYS C 205 -18.58 -25.40 -69.39
N TYR C 206 -19.75 -24.83 -69.08
CA TYR C 206 -20.91 -24.91 -69.94
C TYR C 206 -21.08 -23.67 -70.82
N ALA C 207 -20.07 -22.81 -70.87
CA ALA C 207 -20.20 -21.58 -71.66
C ALA C 207 -20.55 -21.88 -73.11
N THR C 208 -20.09 -23.02 -73.63
CA THR C 208 -20.39 -23.35 -75.01
C THR C 208 -21.86 -23.69 -75.21
N TRP C 209 -22.50 -24.29 -74.21
CA TRP C 209 -23.85 -24.80 -74.39
C TRP C 209 -24.90 -23.71 -74.53
N GLU C 210 -24.55 -22.45 -74.32
CA GLU C 210 -25.51 -21.36 -74.45
C GLU C 210 -24.87 -20.19 -75.20
N GLU C 211 -25.66 -19.56 -76.05
CA GLU C 211 -25.16 -18.45 -76.85
C GLU C 211 -24.80 -17.27 -75.95
N PRO C 212 -23.68 -16.59 -76.23
CA PRO C 212 -23.35 -15.42 -75.43
C PRO C 212 -24.31 -14.29 -75.70
N PRO C 213 -24.56 -13.42 -74.73
CA PRO C 213 -25.45 -12.28 -74.97
C PRO C 213 -24.84 -11.35 -76.00
N LYS C 214 -25.70 -10.82 -76.87
CA LYS C 214 -25.22 -9.96 -77.94
C LYS C 214 -24.76 -8.62 -77.36
N PRO C 215 -23.80 -7.96 -77.99
CA PRO C 215 -23.33 -6.67 -77.45
C PRO C 215 -24.43 -5.65 -77.31
N GLY C 216 -25.21 -5.42 -78.37
CA GLY C 216 -26.26 -4.42 -78.34
C GLY C 216 -27.53 -4.87 -77.66
N GLU C 217 -27.61 -6.12 -77.23
CA GLU C 217 -28.82 -6.63 -76.63
C GLU C 217 -29.17 -5.82 -75.38
N VAL C 218 -30.46 -5.66 -75.15
CA VAL C 218 -30.95 -4.96 -73.98
C VAL C 218 -31.29 -5.99 -72.90
N PHE C 219 -31.20 -5.56 -71.65
CA PHE C 219 -31.57 -6.43 -70.55
C PHE C 219 -33.02 -6.86 -70.66
N ASP C 220 -33.27 -8.14 -70.40
CA ASP C 220 -34.62 -8.68 -70.33
C ASP C 220 -34.96 -8.92 -68.87
N TYR C 221 -36.10 -8.42 -68.44
CA TYR C 221 -36.51 -8.50 -67.04
C TYR C 221 -37.55 -9.58 -66.78
N LYS C 222 -38.28 -10.03 -67.80
CA LYS C 222 -39.23 -11.12 -67.60
C LYS C 222 -38.59 -12.49 -67.77
N ALA C 223 -37.32 -12.56 -68.15
CA ALA C 223 -36.64 -13.84 -68.27
C ALA C 223 -36.44 -14.45 -66.88
N LYS C 224 -36.55 -15.77 -66.80
CA LYS C 224 -36.37 -16.50 -65.57
C LYS C 224 -35.41 -17.65 -65.82
N PRO C 225 -34.72 -18.13 -64.78
CA PRO C 225 -33.84 -19.30 -64.99
C PRO C 225 -34.64 -20.47 -65.52
N ASN C 226 -34.06 -21.16 -66.50
CA ASN C 226 -34.81 -22.19 -67.20
C ASN C 226 -33.99 -23.45 -67.42
N ARG C 227 -32.66 -23.35 -67.38
CA ARG C 227 -31.78 -24.48 -67.61
C ARG C 227 -30.79 -24.62 -66.45
N PHE C 228 -30.76 -25.80 -65.85
CA PHE C 228 -29.83 -26.15 -64.78
C PHE C 228 -28.93 -27.27 -65.26
N TYR C 229 -27.65 -27.19 -64.92
CA TYR C 229 -26.67 -28.15 -65.41
C TYR C 229 -26.08 -28.87 -64.21
N MET C 230 -26.81 -29.84 -63.66
CA MET C 230 -26.44 -30.45 -62.40
C MET C 230 -25.83 -31.82 -62.64
N THR C 231 -24.70 -32.06 -61.99
CA THR C 231 -24.03 -33.36 -61.99
C THR C 231 -24.33 -34.05 -60.67
N VAL C 232 -24.29 -35.37 -60.67
CA VAL C 232 -24.54 -36.16 -59.47
C VAL C 232 -23.44 -37.21 -59.37
N GLU C 233 -23.01 -37.50 -58.15
CA GLU C 233 -22.10 -38.59 -57.87
C GLU C 233 -22.59 -39.37 -56.67
N THR C 234 -22.23 -40.64 -56.60
CA THR C 234 -22.56 -41.50 -55.47
C THR C 234 -21.32 -42.19 -54.95
N THR C 235 -21.43 -42.67 -53.72
CA THR C 235 -20.36 -43.43 -53.09
C THR C 235 -20.17 -44.81 -53.70
N GLY C 236 -21.09 -45.23 -54.56
CA GLY C 236 -21.17 -46.60 -55.00
C GLY C 236 -22.22 -47.42 -54.26
N SER C 237 -22.71 -46.92 -53.13
CA SER C 237 -23.73 -47.63 -52.39
C SER C 237 -25.05 -47.68 -53.15
N LEU C 238 -25.20 -46.84 -54.16
CA LEU C 238 -26.40 -46.84 -54.99
C LEU C 238 -26.08 -46.29 -56.36
N LYS C 239 -26.76 -46.81 -57.37
CA LYS C 239 -26.55 -46.34 -58.73
C LYS C 239 -27.15 -44.94 -58.89
N ALA C 240 -26.41 -44.08 -59.61
CA ALA C 240 -26.83 -42.69 -59.73
C ALA C 240 -28.27 -42.59 -60.19
N ASN C 241 -28.65 -43.34 -61.22
CA ASN C 241 -30.03 -43.30 -61.70
C ASN C 241 -31.00 -43.74 -60.62
N GLN C 242 -30.65 -44.79 -59.87
CA GLN C 242 -31.49 -45.21 -58.76
C GLN C 242 -31.63 -44.11 -57.74
N VAL C 243 -30.55 -43.39 -57.46
CA VAL C 243 -30.62 -42.27 -56.51
C VAL C 243 -31.58 -41.21 -57.03
N PHE C 244 -31.47 -40.88 -58.31
CA PHE C 244 -32.36 -39.88 -58.89
C PHE C 244 -33.81 -40.29 -58.70
N SER C 245 -34.15 -41.51 -59.12
CA SER C 245 -35.52 -41.97 -59.03
C SER C 245 -35.97 -42.02 -57.57
N ARG C 246 -35.08 -42.40 -56.68
CA ARG C 246 -35.45 -42.56 -55.29
C ARG C 246 -35.70 -41.22 -54.61
N GLY C 247 -34.86 -40.23 -54.89
CA GLY C 247 -35.13 -38.90 -54.38
C GLY C 247 -36.46 -38.38 -54.90
N ILE C 248 -36.73 -38.59 -56.18
CA ILE C 248 -38.01 -38.15 -56.73
C ILE C 248 -39.15 -38.83 -55.99
N LYS C 249 -39.03 -40.14 -55.78
CA LYS C 249 -40.08 -40.88 -55.10
C LYS C 249 -40.27 -40.37 -53.67
N THR C 250 -39.17 -40.08 -52.98
CA THR C 250 -39.27 -39.61 -51.61
C THR C 250 -39.99 -38.26 -51.55
N LEU C 251 -39.59 -37.34 -52.42
CA LEU C 251 -40.27 -36.05 -52.47
C LEU C 251 -41.74 -36.25 -52.75
N GLN C 252 -42.06 -37.11 -53.72
CA GLN C 252 -43.45 -37.33 -54.10
C GLN C 252 -44.26 -37.86 -52.92
N GLU C 253 -43.71 -38.85 -52.23
CA GLU C 253 -44.48 -39.45 -51.14
C GLU C 253 -44.58 -38.52 -49.95
N LYS C 254 -43.58 -37.67 -49.73
CA LYS C 254 -43.69 -36.68 -48.66
C LYS C 254 -44.79 -35.69 -48.97
N LEU C 255 -44.86 -35.22 -50.22
CA LEU C 255 -45.95 -34.34 -50.61
C LEU C 255 -47.29 -35.04 -50.47
N ALA C 256 -47.34 -36.32 -50.83
CA ALA C 256 -48.57 -37.08 -50.67
C ALA C 256 -48.99 -37.13 -49.21
N ASN C 257 -48.02 -37.33 -48.31
CA ASN C 257 -48.33 -37.32 -46.89
C ASN C 257 -48.88 -35.98 -46.47
N VAL C 258 -48.28 -34.89 -46.96
CA VAL C 258 -48.79 -33.56 -46.62
C VAL C 258 -50.23 -33.41 -47.09
N LEU C 259 -50.51 -33.84 -48.32
CA LEU C 259 -51.86 -33.72 -48.86
C LEU C 259 -52.84 -34.55 -48.04
N PHE C 260 -52.44 -35.76 -47.67
CA PHE C 260 -53.30 -36.59 -46.85
C PHE C 260 -53.61 -35.91 -45.53
N GLU C 261 -52.60 -35.33 -44.90
CA GLU C 261 -52.84 -34.62 -43.64
C GLU C 261 -53.81 -33.47 -43.85
N LEU C 262 -53.61 -32.70 -44.91
CA LEU C 262 -54.49 -31.57 -45.16
C LEU C 262 -55.93 -32.02 -45.30
N GLU C 263 -56.17 -33.01 -46.16
CA GLU C 263 -57.55 -33.47 -46.36
C GLU C 263 -58.11 -34.10 -45.09
N ASN C 264 -57.27 -34.75 -44.30
CA ASN C 264 -57.73 -35.43 -43.09
C ASN C 264 -57.95 -34.47 -41.93
N SER C 265 -57.46 -33.24 -42.02
CA SER C 265 -57.67 -32.29 -40.93
C SER C 265 -59.15 -32.16 -40.60
N ARG C 266 -60.01 -32.26 -41.61
CA ARG C 266 -61.45 -32.12 -41.39
C ARG C 266 -62.01 -33.35 -40.68
N VAL D 3 -43.26 -10.38 25.47
CA VAL D 3 -44.30 -10.19 24.44
C VAL D 3 -45.06 -8.89 24.70
N SER D 4 -45.50 -8.70 25.93
CA SER D 4 -46.17 -7.47 26.32
C SER D 4 -45.17 -6.33 26.35
N THR D 5 -45.54 -5.20 25.72
CA THR D 5 -44.63 -4.09 25.54
C THR D 5 -44.63 -3.18 26.77
N SER D 6 -43.85 -2.11 26.68
CA SER D 6 -43.78 -1.06 27.68
C SER D 6 -43.86 0.30 26.98
N THR D 7 -43.76 1.37 27.78
CA THR D 7 -43.82 2.73 27.28
C THR D 7 -42.51 3.49 27.46
N VAL D 8 -41.53 2.93 28.17
CA VAL D 8 -40.25 3.58 28.40
C VAL D 8 -39.20 2.89 27.53
N GLY D 9 -38.38 3.70 26.85
CA GLY D 9 -37.38 3.20 25.94
C GLY D 9 -35.97 3.28 26.50
N ALA D 10 -35.01 2.98 25.64
CA ALA D 10 -33.59 3.03 26.00
C ALA D 10 -33.31 2.13 27.19
N ARG D 11 -32.88 2.72 28.31
CA ARG D 11 -32.52 1.97 29.51
C ARG D 11 -31.45 0.92 29.19
N ARG D 12 -30.35 1.38 28.60
CA ARG D 12 -29.22 0.52 28.30
C ARG D 12 -28.40 0.30 29.58
N ARG D 13 -27.28 -0.40 29.48
CA ARG D 13 -26.49 -0.72 30.66
C ARG D 13 -25.88 0.55 31.24
N ARG D 14 -25.76 0.58 32.56
CA ARG D 14 -25.21 1.72 33.29
C ARG D 14 -24.05 1.26 34.16
N ALA D 15 -23.00 2.09 34.22
CA ALA D 15 -21.82 1.74 35.01
C ALA D 15 -22.10 1.87 36.50
N LYS D 16 -22.74 2.95 36.93
CA LYS D 16 -23.07 3.18 38.33
C LYS D 16 -24.47 2.65 38.60
N GLN D 17 -24.57 1.66 39.49
CA GLN D 17 -25.83 1.02 39.78
C GLN D 17 -26.55 1.75 40.93
N GLN D 18 -27.75 1.26 41.24
CA GLN D 18 -28.56 1.78 42.34
C GLN D 18 -29.14 0.63 43.14
N VAL D 19 -29.43 0.89 44.41
CA VAL D 19 -30.16 -0.07 45.22
C VAL D 19 -31.66 0.02 44.99
N ASP D 20 -32.12 1.08 44.34
CA ASP D 20 -33.55 1.34 44.17
C ASP D 20 -34.12 0.54 43.00
N ASP D 21 -34.13 -0.78 43.13
CA ASP D 21 -34.73 -1.66 42.13
C ASP D 21 -35.84 -2.55 42.68
N GLU D 22 -35.55 -3.29 43.75
CA GLU D 22 -36.52 -4.26 44.25
C GLU D 22 -37.73 -3.53 44.81
N GLU D 23 -38.91 -3.94 44.37
CA GLU D 23 -40.11 -3.16 44.64
C GLU D 23 -40.34 -3.05 46.14
N ASN D 24 -40.62 -1.83 46.60
CA ASN D 24 -40.84 -1.57 48.02
C ASN D 24 -41.85 -0.45 48.14
N ALA D 25 -42.89 -0.66 48.95
CA ALA D 25 -43.87 0.38 49.21
C ALA D 25 -43.39 1.33 50.31
N THR D 26 -42.64 0.82 51.29
CA THR D 26 -42.23 1.65 52.42
C THR D 26 -41.23 2.71 51.99
N LEU D 27 -40.21 2.31 51.23
CA LEU D 27 -39.14 3.22 50.82
C LEU D 27 -39.36 3.82 49.44
N LEU D 28 -40.45 3.47 48.77
CA LEU D 28 -40.80 4.05 47.47
C LEU D 28 -39.71 3.80 46.43
N ARG D 29 -39.43 2.53 46.19
CA ARG D 29 -38.58 2.09 45.08
C ARG D 29 -39.46 1.22 44.19
N LEU D 30 -40.17 1.86 43.27
CA LEU D 30 -41.20 1.21 42.47
C LEU D 30 -40.66 0.70 41.14
N GLY D 31 -39.35 0.82 40.91
CA GLY D 31 -38.75 0.35 39.69
C GLY D 31 -38.87 1.38 38.57
N PRO D 32 -38.13 1.16 37.48
CA PRO D 32 -38.20 2.11 36.36
C PRO D 32 -39.54 2.11 35.64
N GLU D 33 -40.37 1.09 35.84
CA GLU D 33 -41.65 0.99 35.15
C GLU D 33 -42.77 1.77 35.81
N PHE D 34 -42.51 2.37 36.98
CA PHE D 34 -43.49 3.21 37.68
C PHE D 34 -42.81 4.47 38.19
N ALA D 35 -42.06 5.13 37.32
CA ALA D 35 -41.26 6.28 37.70
C ALA D 35 -42.16 7.42 38.17
N LEU D 36 -41.52 8.51 38.62
CA LEU D 36 -42.25 9.64 39.16
C LEU D 36 -43.19 10.24 38.13
N LYS D 37 -42.67 10.58 36.95
CA LYS D 37 -43.44 11.24 35.90
C LYS D 37 -43.18 10.52 34.59
N GLN D 38 -44.17 9.76 34.12
CA GLN D 38 -44.01 8.90 32.96
C GLN D 38 -44.56 9.56 31.70
N TYR D 39 -44.33 8.90 30.57
CA TYR D 39 -44.82 9.33 29.28
C TYR D 39 -45.63 8.20 28.64
N ASP D 40 -46.77 8.55 28.04
CA ASP D 40 -47.69 7.57 27.51
C ASP D 40 -47.30 7.21 26.08
N HIS D 41 -48.17 6.43 25.40
CA HIS D 41 -47.87 6.01 24.04
C HIS D 41 -47.60 7.20 23.13
N ASP D 42 -48.49 8.19 23.15
CA ASP D 42 -48.36 9.36 22.30
C ASP D 42 -47.46 10.43 22.91
N GLY D 43 -46.93 10.20 24.11
CA GLY D 43 -46.02 11.14 24.74
C GLY D 43 -46.68 12.21 25.59
N ASN D 44 -47.99 12.21 25.70
CA ASN D 44 -48.66 13.17 26.57
C ASN D 44 -48.29 12.89 28.02
N GLU D 45 -47.86 13.93 28.73
CA GLU D 45 -47.37 13.79 30.09
C GLU D 45 -48.49 13.23 30.97
N HIS D 46 -48.29 12.02 31.48
CA HIS D 46 -49.29 11.33 32.29
C HIS D 46 -48.68 10.97 33.63
N ASP D 47 -49.42 11.24 34.71
CA ASP D 47 -48.97 10.90 36.04
C ASP D 47 -49.27 9.44 36.37
N LEU D 48 -48.50 8.89 37.31
CA LEU D 48 -48.73 7.53 37.75
C LEU D 48 -50.10 7.42 38.40
N ILE D 49 -50.79 6.31 38.13
CA ILE D 49 -52.16 6.09 38.60
C ILE D 49 -52.21 4.81 39.41
N ALA D 50 -52.72 4.90 40.64
CA ALA D 50 -52.96 3.75 41.50
C ALA D 50 -54.37 3.86 42.06
N LEU D 51 -55.13 2.77 42.00
CA LEU D 51 -56.54 2.77 42.34
C LEU D 51 -56.82 1.79 43.47
N SER D 52 -57.65 2.24 44.42
CA SER D 52 -58.02 1.40 45.55
C SER D 52 -58.80 0.18 45.09
N LEU D 53 -59.05 -0.74 46.01
CA LEU D 53 -59.76 -1.97 45.67
C LEU D 53 -61.17 -1.68 45.20
N SER D 54 -61.87 -0.77 45.86
CA SER D 54 -63.28 -0.52 45.54
C SER D 54 -63.42 0.11 44.16
N GLU D 55 -62.63 1.15 43.87
CA GLU D 55 -62.73 1.82 42.57
C GLU D 55 -62.20 0.93 41.45
N SER D 56 -61.19 0.12 41.74
CA SER D 56 -60.75 -0.88 40.77
C SER D 56 -61.87 -1.86 40.46
N ARG D 57 -62.59 -2.31 41.50
CA ARG D 57 -63.73 -3.18 41.27
C ARG D 57 -64.80 -2.50 40.43
N LEU D 58 -65.09 -1.24 40.73
CA LEU D 58 -66.08 -0.50 39.95
C LEU D 58 -65.69 -0.46 38.48
N LEU D 59 -64.45 -0.06 38.20
CA LEU D 59 -64.01 0.05 36.81
C LEU D 59 -64.02 -1.30 36.12
N ILE D 60 -63.52 -2.34 36.79
CA ILE D 60 -63.50 -3.66 36.20
C ILE D 60 -64.91 -4.12 35.87
N ARG D 61 -65.84 -3.95 36.81
CA ARG D 61 -67.20 -4.39 36.62
C ARG D 61 -67.86 -3.65 35.45
N GLU D 62 -67.72 -2.32 35.44
CA GLU D 62 -68.36 -1.55 34.38
C GLU D 62 -67.79 -1.91 33.02
N ALA D 63 -66.47 -2.04 32.92
CA ALA D 63 -65.86 -2.40 31.65
C ALA D 63 -66.28 -3.79 31.20
N LEU D 64 -66.31 -4.75 32.14
CA LEU D 64 -66.69 -6.11 31.76
C LEU D 64 -68.13 -6.18 31.30
N LYS D 65 -69.03 -5.46 31.98
CA LYS D 65 -70.43 -5.48 31.54
C LYS D 65 -70.62 -4.75 30.22
N ALA D 66 -69.87 -3.66 29.99
CA ALA D 66 -69.94 -2.99 28.70
C ALA D 66 -69.46 -3.93 27.60
N ARG D 67 -68.37 -4.66 27.84
CA ARG D 67 -67.88 -5.61 26.85
C ARG D 67 -68.89 -6.72 26.62
N SER D 68 -69.54 -7.20 27.68
CA SER D 68 -70.56 -8.24 27.52
C SER D 68 -71.72 -7.73 26.68
N ARG D 69 -72.17 -6.50 26.93
CA ARG D 69 -73.23 -5.92 26.12
C ARG D 69 -72.81 -5.78 24.66
N ALA D 70 -71.58 -5.31 24.42
CA ALA D 70 -71.10 -5.16 23.05
C ALA D 70 -71.05 -6.51 22.34
N ARG D 71 -70.58 -7.54 23.04
CA ARG D 71 -70.58 -8.89 22.47
C ARG D 71 -71.99 -9.34 22.15
N ASN D 72 -72.94 -9.08 23.06
CA ASN D 72 -74.29 -9.59 22.95
C ASN D 72 -75.20 -8.71 22.11
N GLY D 73 -74.75 -7.52 21.72
CA GLY D 73 -75.50 -6.69 20.79
C GLY D 73 -76.83 -6.19 21.30
N GLY D 74 -76.83 -5.32 22.30
CA GLY D 74 -78.03 -4.67 22.78
C GLY D 74 -78.65 -5.28 24.01
N VAL D 75 -78.21 -6.46 24.44
CA VAL D 75 -78.77 -7.13 25.61
C VAL D 75 -77.68 -7.43 26.62
N ILE D 84 -73.61 -9.48 35.29
CA ILE D 84 -73.62 -8.46 36.32
C ILE D 84 -72.92 -9.00 37.57
N ASP D 85 -73.11 -10.28 37.85
CA ASP D 85 -72.40 -10.93 38.93
C ASP D 85 -71.00 -11.34 38.48
N ASP D 86 -70.11 -11.52 39.46
CA ASP D 86 -68.69 -11.74 39.16
C ASP D 86 -68.50 -12.95 38.25
N ASP D 87 -69.16 -14.07 38.56
CA ASP D 87 -69.03 -15.26 37.72
C ASP D 87 -69.56 -14.99 36.32
N GLU D 88 -70.80 -14.49 36.22
CA GLU D 88 -71.33 -14.09 34.92
C GLU D 88 -70.57 -12.91 34.34
N LEU D 89 -69.88 -12.13 35.18
CA LEU D 89 -68.94 -11.13 34.69
C LEU D 89 -67.56 -11.73 34.45
N ALA D 90 -67.31 -12.93 34.95
CA ALA D 90 -66.06 -13.64 34.68
C ALA D 90 -66.18 -14.57 33.47
N LYS D 91 -67.39 -15.01 33.12
CA LYS D 91 -67.58 -15.87 31.96
C LYS D 91 -67.45 -15.12 30.63
N VAL D 92 -67.49 -13.78 30.67
CA VAL D 92 -67.27 -13.02 29.45
C VAL D 92 -65.88 -13.30 28.90
N THR D 93 -64.90 -13.45 29.79
CA THR D 93 -63.54 -13.77 29.37
C THR D 93 -63.49 -15.17 28.76
N SER D 94 -62.57 -15.35 27.81
CA SER D 94 -62.40 -16.61 27.11
C SER D 94 -61.08 -17.24 27.52
N GLY D 95 -61.10 -18.56 27.69
CA GLY D 95 -59.92 -19.29 28.13
C GLY D 95 -60.07 -19.82 29.53
N ALA D 96 -59.70 -21.09 29.74
CA ALA D 96 -59.87 -21.70 31.06
C ALA D 96 -59.06 -20.96 32.11
N VAL D 97 -57.79 -20.70 31.82
CA VAL D 97 -56.95 -19.98 32.77
C VAL D 97 -57.41 -18.55 32.93
N ALA D 98 -57.76 -17.89 31.82
CA ALA D 98 -58.29 -16.53 31.89
C ALA D 98 -59.58 -16.50 32.69
N ASN D 99 -60.48 -17.46 32.45
CA ASN D 99 -61.72 -17.51 33.22
C ASN D 99 -61.43 -17.69 34.70
N GLY D 100 -60.53 -18.60 35.05
CA GLY D 100 -60.23 -18.83 36.45
C GLY D 100 -59.68 -17.59 37.12
N VAL D 101 -58.70 -16.93 36.47
CA VAL D 101 -58.07 -15.77 37.08
C VAL D 101 -59.07 -14.63 37.20
N VAL D 102 -59.91 -14.41 36.18
CA VAL D 102 -60.86 -13.31 36.24
C VAL D 102 -61.92 -13.57 37.31
N LYS D 103 -62.38 -14.81 37.44
CA LYS D 103 -63.34 -15.11 38.49
C LYS D 103 -62.70 -14.91 39.87
N LYS D 104 -61.47 -15.36 40.05
CA LYS D 104 -60.82 -15.25 41.35
C LYS D 104 -60.58 -13.79 41.72
N THR D 105 -60.11 -12.98 40.76
CA THR D 105 -59.86 -11.58 41.06
C THR D 105 -61.16 -10.82 41.28
N LEU D 106 -62.22 -11.17 40.56
CA LEU D 106 -63.52 -10.56 40.80
C LEU D 106 -64.04 -10.91 42.19
N ASP D 107 -63.86 -12.16 42.61
CA ASP D 107 -64.26 -12.55 43.96
C ASP D 107 -63.44 -11.82 45.00
N TYR D 108 -62.14 -11.64 44.75
CA TYR D 108 -61.31 -10.83 45.64
C TYR D 108 -61.82 -9.41 45.75
N LEU D 109 -62.16 -8.80 44.61
CA LEU D 109 -62.71 -7.46 44.61
C LEU D 109 -63.99 -7.40 45.43
N ASN D 110 -64.87 -8.38 45.23
CA ASN D 110 -66.13 -8.41 45.97
C ASN D 110 -65.90 -8.56 47.46
N THR D 111 -64.97 -9.44 47.85
CA THR D 111 -64.80 -9.82 49.25
C THR D 111 -63.84 -8.90 50.00
N PHE D 112 -63.21 -7.94 49.33
CA PHE D 112 -62.37 -6.98 50.04
C PHE D 112 -62.58 -5.54 49.61
N ALA D 113 -63.40 -5.26 48.60
CA ALA D 113 -63.68 -3.88 48.24
C ALA D 113 -64.37 -3.18 49.41
N ARG D 114 -63.70 -2.18 49.99
CA ARG D 114 -64.28 -1.47 51.13
C ARG D 114 -65.47 -0.61 50.74
N PHE D 115 -65.63 -0.32 49.45
CA PHE D 115 -66.79 0.41 48.95
C PHE D 115 -67.39 -0.38 47.80
N LYS D 116 -68.70 -0.51 47.78
CA LYS D 116 -69.38 -1.39 46.84
C LYS D 116 -70.18 -0.62 45.80
N ASP D 117 -71.09 0.25 46.23
CA ASP D 117 -71.99 0.92 45.30
C ASP D 117 -71.34 2.15 44.69
N GLU D 118 -72.00 2.69 43.66
CA GLU D 118 -71.47 3.85 42.97
C GLU D 118 -71.42 5.08 43.86
N GLU D 119 -72.45 5.31 44.67
CA GLU D 119 -72.53 6.53 45.45
C GLU D 119 -71.50 6.56 46.57
N THR D 120 -71.31 5.45 47.28
CA THR D 120 -70.32 5.41 48.35
C THR D 120 -68.91 5.60 47.79
N CYS D 121 -68.61 4.93 46.68
CA CYS D 121 -67.32 5.11 46.03
C CYS D 121 -67.14 6.54 45.58
N THR D 122 -68.19 7.15 45.03
CA THR D 122 -68.12 8.53 44.61
C THR D 122 -67.81 9.45 45.79
N ALA D 123 -68.48 9.22 46.92
CA ALA D 123 -68.25 10.05 48.09
C ALA D 123 -66.81 9.91 48.58
N VAL D 124 -66.31 8.69 48.68
CA VAL D 124 -64.94 8.50 49.18
C VAL D 124 -63.93 9.09 48.20
N ASP D 125 -64.16 8.91 46.90
CA ASP D 125 -63.25 9.48 45.90
C ASP D 125 -63.23 11.00 45.99
N GLN D 126 -64.40 11.63 46.12
CA GLN D 126 -64.43 13.08 46.25
C GLN D 126 -63.72 13.52 47.52
N LEU D 127 -63.92 12.79 48.62
CA LEU D 127 -63.18 13.09 49.84
C LEU D 127 -61.68 13.08 49.57
N LEU D 128 -61.18 12.00 48.98
CA LEU D 128 -59.76 11.91 48.66
C LEU D 128 -59.39 12.88 47.55
N HIS D 129 -60.26 13.03 46.55
CA HIS D 129 -60.07 14.00 45.48
C HIS D 129 -61.41 14.60 45.07
N LEU D 137 -47.23 16.22 47.35
CA LEU D 137 -47.89 14.97 47.70
C LEU D 137 -47.62 13.91 46.63
N HIS D 138 -47.37 12.68 47.07
CA HIS D 138 -47.08 11.58 46.17
C HIS D 138 -48.31 10.69 46.01
N PRO D 139 -48.66 10.29 44.79
CA PRO D 139 -49.92 9.54 44.61
C PRO D 139 -49.96 8.22 45.36
N PHE D 140 -48.82 7.55 45.56
CA PHE D 140 -48.84 6.24 46.19
C PHE D 140 -49.38 6.28 47.60
N GLU D 141 -48.89 7.21 48.42
CA GLU D 141 -49.34 7.25 49.81
C GLU D 141 -50.83 7.55 49.89
N ILE D 142 -51.31 8.48 49.08
CA ILE D 142 -52.73 8.85 49.12
C ILE D 142 -53.59 7.69 48.64
N ALA D 143 -53.21 7.03 47.56
CA ALA D 143 -54.00 5.91 47.06
C ALA D 143 -54.01 4.77 48.05
N GLN D 144 -52.86 4.45 48.65
CA GLN D 144 -52.80 3.38 49.64
C GLN D 144 -53.63 3.74 50.88
N LEU D 145 -53.60 5.01 51.27
CA LEU D 145 -54.45 5.45 52.38
C LEU D 145 -55.92 5.28 52.04
N SER D 146 -56.31 5.61 50.81
CA SER D 146 -57.70 5.40 50.40
C SER D 146 -58.05 3.92 50.45
N SER D 147 -57.16 3.07 49.96
CA SER D 147 -57.42 1.63 49.98
C SER D 147 -57.34 1.06 51.39
N LEU D 148 -56.42 1.57 52.21
CA LEU D 148 -56.21 1.06 53.56
C LEU D 148 -57.09 1.84 54.53
N GLY D 149 -58.00 1.13 55.21
CA GLY D 149 -58.84 1.72 56.23
C GLY D 149 -58.39 1.24 57.60
N CYS D 150 -58.34 2.17 58.55
CA CYS D 150 -57.95 1.87 59.91
C CYS D 150 -58.90 2.61 60.85
N GLU D 151 -59.04 2.08 62.07
CA GLU D 151 -60.00 2.61 63.03
C GLU D 151 -59.56 3.96 63.60
N ASP D 152 -58.28 4.11 63.93
CA ASP D 152 -57.77 5.34 64.52
C ASP D 152 -56.47 5.71 63.84
N VAL D 153 -56.00 6.94 64.11
CA VAL D 153 -54.75 7.39 63.53
C VAL D 153 -53.60 6.50 63.97
N ASP D 154 -53.62 6.04 65.22
CA ASP D 154 -52.55 5.19 65.72
C ASP D 154 -52.39 3.95 64.85
N GLU D 155 -53.49 3.25 64.56
CA GLU D 155 -53.41 2.05 63.74
C GLU D 155 -53.05 2.38 62.30
N ALA D 156 -53.56 3.50 61.77
CA ALA D 156 -53.23 3.89 60.41
C ALA D 156 -51.74 4.09 60.25
N ILE D 157 -51.10 4.75 61.23
CA ILE D 157 -49.66 4.92 61.21
C ILE D 157 -48.92 3.61 61.47
N THR D 158 -49.41 2.78 62.40
CA THR D 158 -48.71 1.54 62.73
C THR D 158 -48.67 0.59 61.54
N LEU D 159 -49.79 0.46 60.83
CA LEU D 159 -49.85 -0.43 59.68
C LEU D 159 -49.24 0.20 58.42
N ILE D 160 -49.20 1.51 58.34
CA ILE D 160 -48.62 2.23 57.21
C ILE D 160 -47.39 2.97 57.69
N PRO D 161 -46.18 2.43 57.49
CA PRO D 161 -44.97 3.11 57.94
C PRO D 161 -44.49 4.23 57.03
N SER D 162 -45.25 4.60 56.01
CA SER D 162 -44.84 5.65 55.09
C SER D 162 -45.41 7.02 55.45
N LEU D 163 -46.21 7.11 56.52
CA LEU D 163 -46.83 8.38 56.89
C LEU D 163 -46.78 8.62 58.40
N ALA D 164 -45.84 7.97 59.09
CA ALA D 164 -45.71 8.19 60.53
C ALA D 164 -45.30 9.62 60.85
N ALA D 165 -44.36 10.17 60.08
CA ALA D 165 -43.87 11.53 60.31
C ALA D 165 -43.88 12.27 58.98
N LYS D 166 -44.86 13.16 58.79
CA LYS D 166 -44.95 13.96 57.58
C LYS D 166 -45.26 15.43 57.87
N LYS D 167 -45.42 15.83 59.12
CA LYS D 167 -45.67 17.22 59.49
C LYS D 167 -47.00 17.74 58.95
N GLU D 168 -47.90 16.83 58.56
CA GLU D 168 -49.25 17.19 58.14
C GLU D 168 -50.08 15.92 58.30
N VAL D 169 -50.92 15.86 59.34
CA VAL D 169 -51.51 14.60 59.77
C VAL D 169 -52.85 14.39 59.11
N ASN D 170 -53.85 15.16 59.52
CA ASN D 170 -55.22 15.09 59.00
C ASN D 170 -55.66 13.64 58.77
N LEU D 171 -55.14 12.68 59.55
CA LEU D 171 -55.63 11.31 59.43
C LEU D 171 -56.93 11.11 60.19
N GLN D 172 -57.07 11.76 61.35
CA GLN D 172 -58.20 11.45 62.22
C GLN D 172 -59.53 11.72 61.51
N ARG D 173 -59.66 12.88 60.88
CA ARG D 173 -60.92 13.24 60.25
C ARG D 173 -61.20 12.37 59.04
N ILE D 174 -60.18 12.07 58.24
CA ILE D 174 -60.37 11.23 57.06
C ILE D 174 -60.76 9.82 57.48
N LEU D 175 -60.13 9.31 58.53
CA LEU D 175 -60.48 8.00 59.05
C LEU D 175 -61.91 7.98 59.57
N ASP D 176 -62.32 9.04 60.27
CA ASP D 176 -63.70 9.12 60.74
C ASP D 176 -64.68 9.15 59.58
N GLU D 177 -64.33 9.87 58.51
CA GLU D 177 -65.18 9.90 57.32
C GLU D 177 -65.31 8.50 56.71
N LEU D 178 -64.17 7.83 56.49
CA LEU D 178 -64.21 6.48 55.95
C LEU D 178 -65.03 5.55 56.83
N ASN D 179 -64.93 5.73 58.15
CA ASN D 179 -65.72 4.91 59.06
C ASN D 179 -67.22 5.21 58.91
N ARG D 180 -67.58 6.49 58.80
CA ARG D 180 -69.01 6.81 58.73
C ARG D 180 -69.61 6.32 57.42
N LEU D 181 -68.80 6.28 56.35
CA LEU D 181 -69.27 5.70 55.10
C LEU D 181 -69.21 4.17 55.11
N GLU D 182 -68.68 3.56 56.15
CA GLU D 182 -68.65 2.10 56.22
C GLU D 182 -70.06 1.54 56.21
N ASP D 183 -70.35 0.68 55.23
CA ASP D 183 -71.69 0.11 55.14
C ASP D 183 -71.91 -0.89 56.27
N PRO D 184 -73.14 -1.05 56.74
CA PRO D 184 -73.41 -2.02 57.80
C PRO D 184 -73.13 -3.45 57.33
N TYR D 185 -72.61 -4.25 58.25
CA TYR D 185 -72.28 -5.64 57.95
C TYR D 185 -72.79 -6.55 59.05
N GLU E 2 9.95 55.01 -11.34
CA GLU E 2 10.94 54.09 -10.69
C GLU E 2 10.24 53.23 -9.65
N ASP E 3 11.04 52.56 -8.81
CA ASP E 3 10.46 51.73 -7.76
C ASP E 3 9.48 52.52 -6.90
N ASN E 4 9.75 53.81 -6.69
CA ASN E 4 8.82 54.65 -5.96
C ASN E 4 7.46 54.67 -6.66
N ASN E 5 7.46 54.82 -7.98
CA ASN E 5 6.20 54.89 -8.71
C ASN E 5 5.37 53.64 -8.49
N ARG E 6 5.97 52.47 -8.70
CA ARG E 6 5.24 51.22 -8.52
C ARG E 6 4.82 51.01 -7.07
N ILE E 7 5.66 51.43 -6.11
CA ILE E 7 5.30 51.29 -4.71
C ILE E 7 4.05 52.08 -4.41
N ILE E 8 4.01 53.32 -4.88
CA ILE E 8 2.83 54.15 -4.66
C ILE E 8 1.62 53.55 -5.35
N SER E 9 1.81 53.06 -6.57
CA SER E 9 0.71 52.44 -7.28
C SER E 9 0.13 51.26 -6.50
N ARG E 10 1.01 50.39 -6.00
CA ARG E 10 0.56 49.24 -5.23
C ARG E 10 -0.17 49.68 -3.97
N LEU E 11 0.37 50.69 -3.28
CA LEU E 11 -0.28 51.14 -2.07
C LEU E 11 -1.67 51.69 -2.37
N TRP E 12 -1.79 52.47 -3.44
CA TRP E 12 -3.11 53.00 -3.79
C TRP E 12 -4.07 51.88 -4.16
N ARG E 13 -3.58 50.89 -4.90
CA ARG E 13 -4.45 49.76 -5.25
C ARG E 13 -4.94 49.06 -4.00
N SER E 14 -4.04 48.87 -3.03
CA SER E 14 -4.43 48.26 -1.77
C SER E 14 -5.47 49.11 -1.06
N PHE E 15 -5.30 50.43 -1.09
CA PHE E 15 -6.25 51.32 -0.44
C PHE E 15 -7.63 51.19 -1.08
N ARG E 16 -7.68 51.17 -2.41
CA ARG E 16 -8.96 51.00 -3.08
C ARG E 16 -9.57 49.65 -2.75
N THR E 17 -8.74 48.60 -2.73
CA THR E 17 -9.23 47.29 -2.36
C THR E 17 -9.90 47.31 -1.01
N VAL E 18 -9.22 47.86 -0.01
CA VAL E 18 -9.77 47.86 1.34
C VAL E 18 -11.02 48.73 1.40
N LYS E 19 -11.04 49.84 0.66
CA LYS E 19 -12.23 50.68 0.68
C LYS E 19 -13.43 49.93 0.13
N GLU E 20 -13.26 49.23 -0.99
CA GLU E 20 -14.36 48.46 -1.54
C GLU E 20 -14.75 47.34 -0.61
N MET E 21 -13.76 46.73 0.05
CA MET E 21 -14.04 45.70 1.05
C MET E 21 -14.96 46.24 2.13
N ALA E 22 -14.58 47.37 2.72
CA ALA E 22 -15.42 47.97 3.75
C ALA E 22 -16.80 48.29 3.21
N ALA E 23 -16.87 48.88 2.02
CA ALA E 23 -18.17 49.21 1.45
C ALA E 23 -19.04 47.98 1.36
N ASP E 24 -18.54 46.91 0.75
CA ASP E 24 -19.34 45.72 0.57
C ASP E 24 -19.74 45.12 1.90
N ARG E 25 -18.88 45.24 2.91
CA ARG E 25 -19.21 44.68 4.21
C ARG E 25 -20.45 45.31 4.82
N GLY E 26 -20.89 46.47 4.32
CA GLY E 26 -22.10 47.09 4.79
C GLY E 26 -21.92 48.54 5.21
N TYR E 27 -20.67 48.96 5.34
CA TYR E 27 -20.38 50.32 5.76
C TYR E 27 -20.48 51.28 4.58
N PHE E 28 -20.77 52.54 4.88
CA PHE E 28 -20.87 53.59 3.88
C PHE E 28 -19.51 54.21 3.64
N ILE E 29 -19.24 54.57 2.38
CA ILE E 29 -18.10 55.39 2.01
C ILE E 29 -18.56 56.33 0.91
N SER E 30 -18.12 57.58 0.98
CA SER E 30 -18.55 58.57 0.00
C SER E 30 -18.14 58.14 -1.40
N GLN E 31 -19.01 58.47 -2.36
CA GLN E 31 -18.73 58.11 -3.75
C GLN E 31 -17.38 58.66 -4.20
N GLU E 32 -17.08 59.91 -3.86
CA GLU E 32 -15.80 60.50 -4.22
C GLU E 32 -14.63 59.68 -3.70
N GLU E 33 -14.85 58.90 -2.65
CA GLU E 33 -13.73 58.17 -2.05
C GLU E 33 -13.29 57.00 -2.94
N MET E 34 -14.23 56.12 -3.29
CA MET E 34 -13.84 54.91 -4.02
C MET E 34 -13.17 55.25 -5.34
N ASP E 35 -13.75 56.19 -6.08
CA ASP E 35 -13.20 56.60 -7.37
C ASP E 35 -11.99 57.49 -7.22
N GLN E 36 -11.51 57.70 -6.00
CA GLN E 36 -10.32 58.51 -5.78
C GLN E 36 -9.20 58.05 -6.71
N SER E 37 -8.79 58.94 -7.61
CA SER E 37 -7.79 58.59 -8.61
C SER E 37 -6.40 58.51 -7.98
N LEU E 38 -5.46 58.01 -8.77
CA LEU E 38 -4.11 57.78 -8.26
C LEU E 38 -3.44 59.07 -7.82
N GLU E 39 -3.53 60.12 -8.64
CA GLU E 39 -2.72 61.31 -8.39
C GLU E 39 -3.26 62.15 -7.25
N GLU E 40 -4.58 62.26 -7.15
CA GLU E 40 -5.14 62.95 -5.99
C GLU E 40 -4.77 62.23 -4.70
N PHE E 41 -4.81 60.90 -4.71
CA PHE E 41 -4.34 60.14 -3.57
C PHE E 41 -2.87 60.42 -3.30
N ARG E 42 -2.05 60.47 -4.34
CA ARG E 42 -0.65 60.82 -4.17
C ARG E 42 -0.51 62.14 -3.43
N SER E 43 -1.18 63.17 -3.92
CA SER E 43 -1.09 64.46 -3.27
C SER E 43 -1.55 64.38 -1.82
N LYS E 44 -2.61 63.61 -1.57
CA LYS E 44 -3.14 63.54 -0.22
C LYS E 44 -2.18 62.85 0.74
N ILE E 45 -1.47 61.83 0.28
CA ILE E 45 -0.68 60.99 1.17
C ILE E 45 0.82 61.15 0.90
N CYS E 46 1.22 60.97 -0.35
CA CYS E 46 2.64 61.07 -0.68
C CYS E 46 3.20 62.41 -0.22
N ASP E 47 4.31 62.36 0.48
CA ASP E 47 4.94 63.56 1.01
C ASP E 47 5.74 64.24 -0.11
N SER E 48 6.54 65.25 0.25
CA SER E 48 7.40 65.88 -0.73
C SER E 48 8.33 64.88 -1.38
N MET E 49 8.96 64.03 -0.57
CA MET E 49 9.81 62.97 -1.10
C MET E 49 9.01 61.76 -1.57
N GLY E 50 7.68 61.85 -1.61
CA GLY E 50 6.86 60.80 -2.16
C GLY E 50 6.74 59.56 -1.29
N ASN E 51 7.39 59.54 -0.14
CA ASN E 51 7.31 58.36 0.70
C ASN E 51 5.89 58.21 1.24
N PRO E 52 5.42 56.97 1.44
CA PRO E 52 4.05 56.77 1.92
C PRO E 52 3.85 57.32 3.32
N GLN E 53 2.62 57.73 3.60
CA GLN E 53 2.22 58.20 4.92
C GLN E 53 1.07 57.31 5.38
N ARG E 54 1.42 56.19 5.99
CA ARG E 54 0.40 55.21 6.38
C ARG E 54 -0.53 55.77 7.44
N LYS E 55 0.02 56.55 8.38
CA LYS E 55 -0.83 57.16 9.40
C LYS E 55 -1.85 58.09 8.78
N LEU E 56 -1.49 58.76 7.69
CA LEU E 56 -2.34 59.77 7.08
C LEU E 56 -3.54 59.21 6.37
N MET E 57 -3.62 57.89 6.20
CA MET E 57 -4.67 57.27 5.40
C MET E 57 -5.58 56.38 6.22
N SER E 58 -5.20 56.02 7.44
CA SER E 58 -6.12 55.34 8.33
C SER E 58 -7.34 56.20 8.56
N PHE E 59 -8.52 55.61 8.44
CA PHE E 59 -9.76 56.37 8.53
C PHE E 59 -10.82 55.50 9.19
N LEU E 60 -11.99 56.08 9.38
CA LEU E 60 -13.08 55.45 10.10
C LEU E 60 -14.32 55.40 9.22
N ALA E 61 -15.15 54.39 9.44
CA ALA E 61 -16.38 54.21 8.70
C ALA E 61 -17.48 53.76 9.65
N ASN E 62 -18.72 53.92 9.19
CA ASN E 62 -19.88 53.57 9.99
C ASN E 62 -20.92 52.88 9.11
N PRO E 63 -21.75 52.03 9.71
CA PRO E 63 -22.68 51.25 8.91
C PRO E 63 -23.69 52.12 8.20
N THR E 64 -24.15 51.65 7.06
CA THR E 64 -25.25 52.29 6.37
C THR E 64 -26.57 51.90 7.03
N PRO E 65 -27.58 52.75 6.94
CA PRO E 65 -28.86 52.42 7.60
C PRO E 65 -29.45 51.11 7.12
N GLU E 66 -29.31 50.81 5.83
CA GLU E 66 -29.86 49.56 5.30
C GLU E 66 -29.17 48.37 5.94
N ALA E 67 -27.84 48.35 5.89
CA ALA E 67 -27.11 47.29 6.57
C ALA E 67 -27.39 47.33 8.06
N LEU E 68 -27.42 48.53 8.65
CA LEU E 68 -27.60 48.65 10.09
C LEU E 68 -28.88 47.96 10.55
N GLU E 69 -29.98 48.18 9.83
CA GLU E 69 -31.22 47.48 10.18
C GLU E 69 -31.16 46.03 9.76
N LYS E 70 -30.40 45.70 8.72
CA LYS E 70 -30.27 44.30 8.31
C LYS E 70 -29.43 43.52 9.32
N TYR E 71 -28.32 44.10 9.76
CA TYR E 71 -27.39 43.43 10.66
C TYR E 71 -27.19 44.31 11.87
N SER E 72 -27.95 44.03 12.95
CA SER E 72 -27.88 44.88 14.13
C SER E 72 -26.50 44.88 14.76
N ASP E 73 -25.66 43.90 14.46
CA ASP E 73 -24.32 43.81 15.03
C ASP E 73 -23.30 44.64 14.28
N LEU E 74 -23.68 45.29 13.18
CA LEU E 74 -22.74 46.10 12.41
C LEU E 74 -22.44 47.36 13.21
N GLY E 75 -21.36 47.31 13.98
CA GLY E 75 -20.90 48.46 14.74
C GLY E 75 -19.83 49.22 14.00
N THR E 76 -19.37 50.31 14.62
CA THR E 76 -18.37 51.15 14.00
C THR E 76 -17.17 50.32 13.58
N LEU E 77 -16.49 50.80 12.54
CA LEU E 77 -15.33 50.13 11.99
C LEU E 77 -14.18 51.10 11.84
N TRP E 78 -12.98 50.64 12.19
CA TRP E 78 -11.77 51.44 12.08
C TRP E 78 -10.71 50.66 11.33
N VAL E 79 -10.13 51.30 10.32
CA VAL E 79 -9.02 50.74 9.57
C VAL E 79 -7.77 51.53 9.91
N GLU E 80 -6.63 50.84 9.90
CA GLU E 80 -5.36 51.48 10.24
C GLU E 80 -4.21 50.72 9.61
N PHE E 81 -3.26 51.46 9.05
CA PHE E 81 -2.10 50.88 8.40
C PHE E 81 -0.90 50.96 9.33
N CYS E 82 -0.27 49.83 9.58
CA CYS E 82 0.90 49.78 10.45
C CYS E 82 2.09 50.43 9.76
N ASP E 83 2.74 51.34 10.48
CA ASP E 83 3.95 51.97 9.94
C ASP E 83 5.14 51.02 10.02
N GLU E 84 5.18 50.19 11.06
CA GLU E 84 6.30 49.30 11.29
C GLU E 84 6.28 48.15 10.29
N PRO E 85 7.41 47.81 9.66
CA PRO E 85 7.42 46.66 8.76
C PRO E 85 7.02 45.37 9.45
N SER E 86 7.34 45.22 10.72
CA SER E 86 6.96 44.07 11.52
C SER E 86 6.13 44.52 12.71
N VAL E 87 5.21 43.67 13.15
CA VAL E 87 4.26 44.01 14.20
C VAL E 87 4.60 43.20 15.44
N GLY E 88 4.76 43.88 16.57
CA GLY E 88 5.14 43.25 17.81
C GLY E 88 4.11 43.45 18.92
N ILE E 89 4.50 42.99 20.12
CA ILE E 89 3.61 43.07 21.28
C ILE E 89 3.25 44.53 21.56
N LYS E 90 4.24 45.42 21.55
CA LYS E 90 3.98 46.83 21.82
C LYS E 90 3.02 47.40 20.78
N THR E 91 3.22 47.04 19.52
CA THR E 91 2.41 47.61 18.45
C THR E 91 0.94 47.24 18.65
N MET E 92 0.66 45.94 18.79
CA MET E 92 -0.72 45.54 19.04
C MET E 92 -1.23 46.09 20.36
N ARG E 93 -0.36 46.26 21.36
CA ARG E 93 -0.85 46.75 22.64
C ARG E 93 -1.37 48.17 22.51
N ASN E 94 -0.58 49.04 21.87
CA ASN E 94 -1.04 50.40 21.67
C ASN E 94 -2.25 50.44 20.76
N PHE E 95 -2.27 49.61 19.72
CA PHE E 95 -3.43 49.59 18.83
C PHE E 95 -4.69 49.17 19.58
N CYS E 96 -4.59 48.12 20.40
CA CYS E 96 -5.73 47.66 21.18
C CYS E 96 -6.18 48.71 22.16
N LEU E 97 -5.24 49.41 22.79
CA LEU E 97 -5.62 50.48 23.70
C LEU E 97 -6.39 51.56 22.97
N ARG E 98 -5.92 51.95 21.78
CA ARG E 98 -6.63 52.97 21.01
C ARG E 98 -8.02 52.48 20.62
N ILE E 99 -8.13 51.24 20.17
CA ILE E 99 -9.44 50.69 19.80
C ILE E 99 -10.37 50.71 21.01
N GLN E 100 -9.88 50.22 22.15
CA GLN E 100 -10.73 50.11 23.32
C GLN E 100 -11.20 51.49 23.80
N GLU E 101 -10.27 52.43 23.94
CA GLU E 101 -10.65 53.76 24.37
C GLU E 101 -11.56 54.43 23.34
N LYS E 102 -11.42 54.08 22.06
CA LYS E 102 -12.28 54.62 21.03
C LYS E 102 -13.64 53.91 20.97
N ASN E 103 -13.76 52.73 21.58
CA ASN E 103 -14.99 51.95 21.54
C ASN E 103 -15.42 51.67 20.10
N PHE E 104 -14.52 51.01 19.38
CA PHE E 104 -14.75 50.59 18.00
C PHE E 104 -15.18 49.14 17.99
N SER E 105 -16.35 48.87 17.42
CA SER E 105 -16.85 47.50 17.38
C SER E 105 -15.92 46.59 16.58
N THR E 106 -15.37 47.10 15.48
CA THR E 106 -14.50 46.32 14.61
C THR E 106 -13.27 47.13 14.25
N GLY E 107 -12.15 46.43 14.09
CA GLY E 107 -10.91 47.06 13.70
C GLY E 107 -10.14 46.24 12.70
N ILE E 108 -9.50 46.90 11.75
CA ILE E 108 -8.72 46.24 10.70
C ILE E 108 -7.30 46.75 10.76
N PHE E 109 -6.35 45.83 10.80
CA PHE E 109 -4.94 46.16 10.87
C PHE E 109 -4.24 45.67 9.61
N ILE E 110 -3.44 46.54 9.01
CA ILE E 110 -2.72 46.24 7.78
C ILE E 110 -1.24 46.49 8.03
N TYR E 111 -0.42 45.49 7.72
CA TYR E 111 1.02 45.56 7.92
C TYR E 111 1.71 45.42 6.58
N GLN E 112 3.04 45.29 6.61
CA GLN E 112 3.86 45.31 5.41
C GLN E 112 4.57 43.99 5.16
N ASN E 113 5.25 43.44 6.16
CA ASN E 113 6.06 42.24 5.96
C ASN E 113 5.52 41.03 6.72
N ASN E 114 5.36 41.13 8.03
CA ASN E 114 4.92 39.99 8.82
C ASN E 114 4.74 40.41 10.25
N ILE E 115 4.05 39.57 11.02
CA ILE E 115 3.75 39.80 12.42
C ILE E 115 4.38 38.69 13.25
N THR E 116 4.96 39.06 14.38
CA THR E 116 5.53 38.04 15.26
C THR E 116 4.41 37.23 15.90
N PRO E 117 4.54 35.90 15.96
CA PRO E 117 3.44 35.09 16.51
C PRO E 117 3.07 35.46 17.93
N SER E 118 4.04 35.89 18.74
CA SER E 118 3.74 36.21 20.14
C SER E 118 2.70 37.31 20.21
N ALA E 119 2.84 38.34 19.38
CA ALA E 119 1.83 39.39 19.32
C ALA E 119 0.50 38.84 18.82
N ASN E 120 0.54 38.00 17.78
CA ASN E 120 -0.68 37.41 17.26
C ASN E 120 -1.44 36.64 18.32
N LYS E 121 -0.74 36.16 19.35
CA LYS E 121 -1.41 35.35 20.36
C LYS E 121 -2.48 36.14 21.10
N MET E 122 -2.20 37.41 21.41
CA MET E 122 -3.12 38.21 22.20
C MET E 122 -4.24 38.82 21.37
N ILE E 123 -4.25 38.58 20.05
CA ILE E 123 -5.28 39.17 19.20
C ILE E 123 -6.68 38.82 19.70
N PRO E 124 -7.01 37.56 19.99
CA PRO E 124 -8.37 37.23 20.42
C PRO E 124 -8.72 37.67 21.83
N THR E 125 -7.82 38.36 22.52
CA THR E 125 -8.05 38.80 23.89
C THR E 125 -8.34 40.29 23.92
N VAL E 126 -9.07 40.78 22.91
CA VAL E 126 -9.45 42.19 22.84
C VAL E 126 -10.98 42.24 22.83
N SER E 127 -11.60 41.26 23.48
CA SER E 127 -13.06 41.20 23.52
C SER E 127 -13.60 42.40 24.29
N PRO E 128 -14.83 42.84 23.98
CA PRO E 128 -15.73 42.24 22.99
C PRO E 128 -15.46 42.74 21.59
N ALA E 129 -14.46 43.61 21.45
CA ALA E 129 -14.07 44.10 20.14
C ALA E 129 -13.47 42.97 19.32
N ILE E 130 -13.54 43.12 18.00
CA ILE E 130 -13.01 42.14 17.06
C ILE E 130 -11.96 42.82 16.20
N ILE E 131 -10.82 42.14 16.04
CA ILE E 131 -9.66 42.69 15.33
C ILE E 131 -9.29 41.70 14.23
N GLU E 132 -9.03 42.22 13.04
CA GLU E 132 -8.59 41.41 11.92
C GLU E 132 -7.35 42.03 11.30
N THR E 133 -6.51 41.20 10.70
CA THR E 133 -5.26 41.64 10.10
C THR E 133 -5.17 41.17 8.66
N PHE E 134 -4.53 41.97 7.83
CA PHE E 134 -4.30 41.63 6.43
C PHE E 134 -2.90 42.08 6.05
N GLN E 135 -2.31 41.41 5.08
CA GLN E 135 -1.05 41.84 4.50
C GLN E 135 -1.34 42.68 3.28
N GLU E 136 -0.53 43.74 3.09
CA GLU E 136 -0.77 44.63 1.97
C GLU E 136 -0.78 43.88 0.66
N SER E 137 0.18 42.97 0.46
CA SER E 137 0.21 42.20 -0.77
C SER E 137 -1.11 41.48 -1.00
N ASP E 138 -1.71 40.94 0.05
CA ASP E 138 -2.96 40.21 -0.10
C ASP E 138 -4.08 41.07 -0.65
N LEU E 139 -4.03 42.38 -0.41
CA LEU E 139 -5.10 43.27 -0.81
C LEU E 139 -4.77 44.02 -2.10
N VAL E 140 -3.68 43.66 -2.77
CA VAL E 140 -3.33 44.34 -4.00
C VAL E 140 -4.44 44.16 -5.03
N VAL E 141 -5.06 42.99 -5.07
CA VAL E 141 -6.12 42.69 -6.02
C VAL E 141 -7.32 42.18 -5.24
N ASN E 142 -8.47 42.81 -5.46
CA ASN E 142 -9.72 42.33 -4.87
C ASN E 142 -10.07 41.00 -5.52
N ILE E 143 -10.15 39.95 -4.72
CA ILE E 143 -10.49 38.64 -5.27
C ILE E 143 -11.91 38.65 -5.81
N THR E 144 -12.85 39.25 -5.09
CA THR E 144 -14.25 39.16 -5.47
C THR E 144 -14.53 39.67 -6.88
N HIS E 145 -13.57 40.32 -7.52
CA HIS E 145 -13.75 40.76 -8.90
C HIS E 145 -13.33 39.71 -9.91
N HIS E 146 -12.70 38.62 -9.49
CA HIS E 146 -12.32 37.58 -10.43
C HIS E 146 -13.55 36.82 -10.91
N GLU E 147 -13.46 36.30 -12.12
CA GLU E 147 -14.60 35.61 -12.71
C GLU E 147 -15.03 34.43 -11.85
N LEU E 148 -14.09 33.54 -11.52
CA LEU E 148 -14.46 32.27 -10.92
C LEU E 148 -15.19 32.45 -9.60
N VAL E 149 -14.90 33.54 -8.88
CA VAL E 149 -15.52 33.74 -7.58
C VAL E 149 -16.92 34.32 -7.77
N PRO E 150 -17.97 33.62 -7.39
CA PRO E 150 -19.31 34.20 -7.45
C PRO E 150 -19.48 35.21 -6.32
N LYS E 151 -20.70 35.75 -6.22
CA LYS E 151 -21.00 36.78 -5.23
C LYS E 151 -21.49 36.12 -3.96
N HIS E 152 -20.82 36.41 -2.85
CA HIS E 152 -21.24 35.92 -1.54
C HIS E 152 -22.04 37.00 -0.83
N ILE E 153 -23.12 36.60 -0.18
CA ILE E 153 -23.97 37.51 0.56
C ILE E 153 -24.21 36.93 1.94
N ARG E 154 -23.79 37.66 2.97
CA ARG E 154 -24.05 37.21 4.32
C ARG E 154 -25.54 37.29 4.62
N LEU E 155 -25.99 36.53 5.61
CA LEU E 155 -27.41 36.45 5.92
C LEU E 155 -27.67 36.94 7.34
N SER E 156 -28.86 37.51 7.54
CA SER E 156 -29.32 37.84 8.86
C SER E 156 -29.67 36.58 9.64
N ASP E 157 -29.78 36.71 10.95
CA ASP E 157 -30.16 35.57 11.78
C ASP E 157 -31.53 35.04 11.40
N GLY E 158 -32.48 35.94 11.15
CA GLY E 158 -33.80 35.49 10.74
C GLY E 158 -33.75 34.69 9.46
N GLU E 159 -32.96 35.14 8.49
CA GLU E 159 -32.82 34.39 7.24
C GLU E 159 -32.27 33.00 7.52
N LYS E 160 -31.24 32.91 8.36
CA LYS E 160 -30.64 31.62 8.64
C LYS E 160 -31.63 30.68 9.33
N SER E 161 -32.38 31.20 10.30
CA SER E 161 -33.38 30.37 10.97
C SER E 161 -34.43 29.91 9.97
N GLN E 162 -34.88 30.81 9.10
CA GLN E 162 -35.86 30.44 8.10
C GLN E 162 -35.31 29.35 7.19
N LEU E 163 -34.04 29.47 6.82
CA LEU E 163 -33.43 28.46 5.94
C LEU E 163 -33.40 27.10 6.61
N LEU E 164 -32.88 27.04 7.84
CA LEU E 164 -32.85 25.77 8.56
C LEU E 164 -34.25 25.19 8.69
N GLN E 165 -35.24 26.04 8.95
CA GLN E 165 -36.62 25.57 8.98
C GLN E 165 -37.01 24.99 7.62
N ARG E 166 -36.60 25.66 6.55
CA ARG E 166 -36.98 25.24 5.21
C ARG E 166 -36.46 23.86 4.89
N TYR E 167 -35.19 23.61 5.19
CA TYR E 167 -34.59 22.31 4.92
C TYR E 167 -34.62 21.40 6.13
N LYS E 168 -35.17 21.84 7.26
CA LYS E 168 -35.27 21.01 8.45
C LYS E 168 -33.91 20.43 8.82
N LEU E 169 -32.90 21.29 8.75
CA LEU E 169 -31.51 20.89 8.94
C LEU E 169 -31.07 21.10 10.37
N LYS E 170 -29.88 20.59 10.67
CA LYS E 170 -29.11 21.03 11.82
C LYS E 170 -28.03 21.99 11.36
N GLU E 171 -27.47 22.72 12.30
CA GLU E 171 -26.49 23.74 11.96
C GLU E 171 -25.29 23.13 11.25
N SER E 172 -24.86 21.95 11.69
CA SER E 172 -23.66 21.33 11.14
C SER E 172 -23.88 20.68 9.79
N GLN E 173 -25.10 20.28 9.45
CA GLN E 173 -25.33 19.54 8.22
C GLN E 173 -25.06 20.35 6.97
N LEU E 174 -24.97 21.67 7.07
CA LEU E 174 -24.75 22.50 5.90
C LEU E 174 -23.32 22.36 5.42
N PRO E 175 -23.07 22.65 4.14
CA PRO E 175 -21.68 22.70 3.68
C PRO E 175 -20.90 23.76 4.45
N ARG E 176 -19.63 23.47 4.69
CA ARG E 176 -18.80 24.32 5.54
C ARG E 176 -17.74 25.05 4.73
N ILE E 177 -17.44 26.27 5.16
CA ILE E 177 -16.37 27.08 4.59
C ILE E 177 -15.41 27.46 5.71
N GLN E 178 -14.11 27.30 5.44
CA GLN E 178 -13.11 27.59 6.45
C GLN E 178 -13.13 29.08 6.82
N ARG E 179 -12.90 29.35 8.10
CA ARG E 179 -12.94 30.72 8.59
C ARG E 179 -11.86 31.59 7.96
N GLU E 180 -10.74 31.00 7.53
CA GLU E 180 -9.68 31.77 6.88
C GLU E 180 -9.75 31.67 5.37
N ASP E 181 -10.87 31.23 4.83
CA ASP E 181 -11.04 31.25 3.39
C ASP E 181 -10.95 32.68 2.89
N PRO E 182 -10.06 32.97 1.93
CA PRO E 182 -9.86 34.37 1.52
C PRO E 182 -11.14 35.17 1.44
N VAL E 183 -12.17 34.63 0.79
CA VAL E 183 -13.44 35.36 0.72
C VAL E 183 -14.01 35.55 2.12
N ALA E 184 -13.91 34.55 2.98
CA ALA E 184 -14.47 34.67 4.32
C ALA E 184 -13.84 35.83 5.08
N ARG E 185 -12.51 35.94 5.03
CA ARG E 185 -11.88 37.08 5.65
C ARG E 185 -12.30 38.38 4.97
N TYR E 186 -12.37 38.38 3.65
CA TYR E 186 -12.84 39.57 2.94
C TYR E 186 -14.18 40.03 3.48
N LEU E 187 -15.07 39.11 3.79
CA LEU E 187 -16.38 39.45 4.32
C LEU E 187 -16.38 39.57 5.83
N GLY E 188 -15.27 39.30 6.49
CA GLY E 188 -15.24 39.37 7.94
C GLY E 188 -16.22 38.38 8.55
N LEU E 189 -16.20 37.15 8.07
CA LEU E 189 -17.08 36.13 8.61
C LEU E 189 -16.66 35.75 10.02
N LYS E 190 -17.53 35.01 10.70
CA LYS E 190 -17.24 34.52 12.05
C LYS E 190 -17.94 33.18 12.20
N ARG E 191 -17.92 32.65 13.41
CA ARG E 191 -18.53 31.35 13.66
C ARG E 191 -20.04 31.44 13.49
N GLY E 192 -20.65 30.37 13.00
CA GLY E 192 -22.09 30.27 12.97
C GLY E 192 -22.78 31.13 11.95
N GLN E 193 -22.03 31.90 11.15
CA GLN E 193 -22.64 32.72 10.12
C GLN E 193 -22.79 31.91 8.83
N VAL E 194 -23.80 32.26 8.05
CA VAL E 194 -24.12 31.55 6.81
C VAL E 194 -24.13 32.55 5.67
N VAL E 195 -23.43 32.20 4.59
CA VAL E 195 -23.41 33.03 3.40
C VAL E 195 -24.33 32.41 2.36
N LYS E 196 -24.63 33.18 1.33
CA LYS E 196 -25.43 32.70 0.20
C LYS E 196 -24.65 32.97 -1.08
N ILE E 197 -24.56 31.95 -1.93
CA ILE E 197 -23.86 32.05 -3.20
C ILE E 197 -24.85 31.74 -4.31
N ILE E 198 -24.97 32.66 -5.26
CA ILE E 198 -25.73 32.43 -6.48
C ILE E 198 -24.72 32.18 -7.58
N ARG E 199 -24.70 30.95 -8.08
CA ARG E 199 -23.66 30.49 -8.99
C ARG E 199 -24.20 30.31 -10.40
N ARG E 200 -23.41 30.74 -11.38
CA ARG E 200 -23.76 30.46 -12.76
C ARG E 200 -23.85 28.97 -12.99
N SER E 201 -24.94 28.54 -13.61
CA SER E 201 -25.17 27.12 -13.85
C SER E 201 -25.42 26.90 -15.34
N GLU E 202 -24.91 25.79 -15.84
CA GLU E 202 -25.04 25.46 -17.25
C GLU E 202 -26.21 24.54 -17.54
N THR E 203 -26.91 24.06 -16.51
CA THR E 203 -28.13 23.27 -16.70
C THR E 203 -29.38 23.98 -16.23
N SER E 204 -29.26 25.02 -15.41
CA SER E 204 -30.42 25.78 -14.96
C SER E 204 -30.20 27.27 -15.20
N GLY E 205 -28.95 27.69 -15.17
CA GLY E 205 -28.60 29.08 -15.40
C GLY E 205 -28.20 29.80 -14.13
N ARG E 206 -28.92 29.57 -13.04
CA ARG E 206 -28.65 30.26 -11.79
C ARG E 206 -28.92 29.31 -10.65
N TYR E 207 -27.89 28.98 -9.88
CA TYR E 207 -28.01 28.08 -8.75
C TYR E 207 -27.64 28.82 -7.47
N ALA E 208 -28.50 28.70 -6.46
CA ALA E 208 -28.38 29.44 -5.21
C ALA E 208 -27.90 28.48 -4.14
N SER E 209 -26.65 28.62 -3.72
CA SER E 209 -26.03 27.70 -2.76
C SER E 209 -25.63 28.45 -1.49
N TYR E 210 -25.88 27.82 -0.35
CA TYR E 210 -25.53 28.37 0.95
C TYR E 210 -24.34 27.63 1.53
N ARG E 211 -23.55 28.33 2.32
CA ARG E 211 -22.42 27.75 3.01
C ARG E 211 -22.33 28.35 4.40
N ILE E 212 -22.09 27.49 5.39
CA ILE E 212 -21.91 27.92 6.77
C ILE E 212 -20.42 28.01 7.04
N CYS E 213 -20.03 28.97 7.87
CA CYS E 213 -18.63 29.15 8.20
C CYS E 213 -18.28 28.44 9.50
N LEU E 214 -17.01 28.55 9.88
CA LEU E 214 -16.52 27.97 11.13
C LEU E 214 -15.55 28.93 11.79
N GLU F 71 -46.68 14.14 15.48
CA GLU F 71 -45.29 14.66 15.61
C GLU F 71 -44.46 14.36 14.36
N LEU F 72 -44.21 13.08 14.12
CA LEU F 72 -43.46 12.69 12.93
C LEU F 72 -44.35 12.76 11.69
N ALA F 73 -45.61 12.39 11.82
CA ALA F 73 -46.53 12.41 10.70
C ALA F 73 -46.79 13.84 10.25
N ILE F 74 -47.10 14.00 8.95
CA ILE F 74 -47.45 15.29 8.36
C ILE F 74 -48.91 15.24 7.95
N LEU F 75 -49.65 16.29 8.29
CA LEU F 75 -51.08 16.30 8.02
C LEU F 75 -51.35 16.33 6.52
N LYS F 76 -52.52 15.81 6.14
CA LYS F 76 -52.82 15.60 4.73
C LYS F 76 -52.80 16.91 3.93
N GLU F 77 -53.03 18.04 4.57
CA GLU F 77 -53.22 19.28 3.84
C GLU F 77 -51.89 19.86 3.33
N GLU F 78 -50.80 19.64 4.06
CA GLU F 78 -49.51 20.25 3.73
C GLU F 78 -48.54 19.25 3.13
N ARG F 79 -49.03 18.09 2.69
CA ARG F 79 -48.14 17.11 2.06
C ARG F 79 -47.49 17.74 0.84
N THR F 80 -46.15 17.78 0.84
CA THR F 80 -45.40 18.54 -0.13
C THR F 80 -44.66 17.70 -1.16
N THR F 81 -44.38 16.43 -0.87
CA THR F 81 -43.60 15.62 -1.78
C THR F 81 -44.28 15.54 -3.15
N THR F 82 -43.54 15.04 -4.12
CA THR F 82 -44.10 14.91 -5.46
C THR F 82 -45.31 13.97 -5.43
N PRO F 83 -46.41 14.33 -6.09
CA PRO F 83 -47.59 13.45 -6.06
C PRO F 83 -47.45 12.22 -6.91
N TYR F 84 -46.58 12.23 -7.91
CA TYR F 84 -46.43 11.10 -8.80
C TYR F 84 -45.90 9.89 -8.04
N LEU F 85 -45.79 8.78 -8.76
CA LEU F 85 -45.30 7.53 -8.20
C LEU F 85 -43.94 7.22 -8.79
N THR F 86 -42.91 7.21 -7.95
CA THR F 86 -41.57 6.94 -8.42
C THR F 86 -41.43 5.48 -8.82
N LYS F 87 -40.48 5.22 -9.72
CA LYS F 87 -40.30 3.86 -10.21
C LYS F 87 -40.06 2.90 -9.06
N TYR F 88 -39.26 3.32 -8.07
CA TYR F 88 -38.95 2.42 -6.97
C TYR F 88 -40.19 2.08 -6.17
N GLU F 89 -41.03 3.07 -5.89
CA GLU F 89 -42.31 2.79 -5.27
C GLU F 89 -43.11 1.81 -6.13
N ARG F 90 -43.09 2.01 -7.45
CA ARG F 90 -43.82 1.13 -8.34
C ARG F 90 -43.37 -0.31 -8.15
N ALA F 91 -42.06 -0.54 -8.18
CA ALA F 91 -41.55 -1.90 -8.06
C ALA F 91 -41.87 -2.50 -6.70
N ARG F 92 -41.67 -1.73 -5.64
CA ARG F 92 -41.95 -2.26 -4.31
C ARG F 92 -43.42 -2.64 -4.19
N ILE F 93 -44.30 -1.78 -4.65
CA ILE F 93 -45.73 -2.05 -4.54
C ILE F 93 -46.08 -3.29 -5.34
N LEU F 94 -45.58 -3.39 -6.57
CA LEU F 94 -45.88 -4.56 -7.39
C LEU F 94 -45.41 -5.83 -6.70
N GLY F 95 -44.17 -5.82 -6.20
CA GLY F 95 -43.66 -7.01 -5.55
C GLY F 95 -44.50 -7.39 -4.34
N THR F 96 -44.81 -6.42 -3.49
CA THR F 96 -45.59 -6.72 -2.30
C THR F 96 -46.95 -7.29 -2.66
N ARG F 97 -47.66 -6.62 -3.56
CA ARG F 97 -48.99 -7.09 -3.94
C ARG F 97 -48.92 -8.49 -4.51
N ALA F 98 -48.00 -8.72 -5.44
CA ALA F 98 -47.91 -10.04 -6.06
C ALA F 98 -47.62 -11.10 -5.01
N LEU F 99 -46.70 -10.81 -4.08
CA LEU F 99 -46.42 -11.76 -3.02
C LEU F 99 -47.69 -12.06 -2.24
N GLN F 100 -48.43 -11.02 -1.85
CA GLN F 100 -49.64 -11.24 -1.06
C GLN F 100 -50.63 -12.11 -1.83
N ILE F 101 -50.92 -11.72 -3.07
CA ILE F 101 -51.91 -12.46 -3.86
C ILE F 101 -51.46 -13.89 -4.04
N SER F 102 -50.19 -14.10 -4.34
CA SER F 102 -49.67 -15.42 -4.65
C SER F 102 -49.65 -16.34 -3.45
N MET F 103 -50.08 -15.90 -2.27
CA MET F 103 -50.07 -16.73 -1.07
C MET F 103 -51.41 -16.63 -0.36
N ASN F 104 -52.49 -16.72 -1.14
CA ASN F 104 -53.85 -16.78 -0.62
C ASN F 104 -54.23 -15.48 0.10
N ALA F 105 -54.38 -14.44 -0.71
CA ALA F 105 -54.91 -13.17 -0.25
C ALA F 105 -56.11 -12.78 -1.11
N PRO F 106 -56.99 -11.91 -0.61
CA PRO F 106 -58.12 -11.46 -1.41
C PRO F 106 -57.67 -10.70 -2.65
N VAL F 107 -58.47 -10.77 -3.69
CA VAL F 107 -58.23 -10.04 -4.94
C VAL F 107 -59.30 -8.97 -5.07
N LEU F 108 -58.86 -7.71 -5.14
CA LEU F 108 -59.82 -6.60 -5.12
C LEU F 108 -60.45 -6.35 -6.47
N VAL F 109 -59.96 -6.97 -7.53
CA VAL F 109 -60.48 -6.73 -8.87
C VAL F 109 -60.71 -8.07 -9.57
N ASP F 110 -61.57 -8.04 -10.57
CA ASP F 110 -61.89 -9.24 -11.32
C ASP F 110 -60.70 -9.68 -12.16
N ILE F 111 -60.65 -10.98 -12.45
CA ILE F 111 -59.61 -11.58 -13.25
C ILE F 111 -60.27 -12.41 -14.35
N GLU F 112 -59.76 -12.31 -15.57
CA GLU F 112 -60.37 -12.97 -16.71
C GLU F 112 -59.67 -14.27 -17.07
N GLY F 113 -58.37 -14.22 -17.36
CA GLY F 113 -57.64 -15.40 -17.74
C GLY F 113 -56.21 -15.43 -17.25
N GLU F 114 -55.80 -14.39 -16.53
CA GLU F 114 -54.41 -14.24 -16.16
C GLU F 114 -54.12 -14.97 -14.85
N THR F 115 -53.15 -15.88 -14.90
CA THR F 115 -52.81 -16.73 -13.77
C THR F 115 -51.64 -16.20 -12.95
N ASP F 116 -50.73 -15.46 -13.55
CA ASP F 116 -49.56 -15.00 -12.82
C ASP F 116 -49.96 -13.98 -11.76
N PRO F 117 -49.49 -14.12 -10.52
CA PRO F 117 -49.78 -13.08 -9.52
C PRO F 117 -49.28 -11.71 -9.92
N LEU F 118 -48.11 -11.62 -10.56
CA LEU F 118 -47.53 -10.32 -10.86
C LEU F 118 -48.32 -9.60 -11.95
N GLN F 119 -48.80 -10.34 -12.94
CA GLN F 119 -49.70 -9.73 -13.91
C GLN F 119 -50.95 -9.22 -13.22
N ILE F 120 -51.49 -10.00 -12.29
CA ILE F 120 -52.63 -9.55 -11.51
C ILE F 120 -52.28 -8.26 -10.78
N ALA F 121 -51.05 -8.17 -10.28
CA ALA F 121 -50.65 -6.99 -9.53
C ALA F 121 -50.66 -5.76 -10.42
N MET F 122 -50.05 -5.83 -11.60
CA MET F 122 -50.07 -4.67 -12.48
C MET F 122 -51.49 -4.34 -12.91
N LYS F 123 -52.31 -5.35 -13.18
CA LYS F 123 -53.69 -5.07 -13.55
C LYS F 123 -54.41 -4.33 -12.43
N GLU F 124 -54.20 -4.75 -11.20
CA GLU F 124 -54.81 -4.06 -10.06
C GLU F 124 -54.31 -2.63 -9.98
N LEU F 125 -53.01 -2.42 -10.13
CA LEU F 125 -52.46 -1.06 -10.05
C LEU F 125 -53.06 -0.17 -11.12
N SER F 126 -53.16 -0.67 -12.34
CA SER F 126 -53.65 0.16 -13.43
C SER F 126 -55.04 0.71 -13.14
N GLN F 127 -55.81 0.01 -12.30
CA GLN F 127 -57.13 0.46 -11.91
C GLN F 127 -57.11 1.33 -10.66
N ARG F 128 -55.96 1.46 -10.00
CA ARG F 128 -55.87 2.24 -8.77
C ARG F 128 -56.73 1.63 -7.68
N LYS F 129 -56.48 0.35 -7.39
CA LYS F 129 -57.30 -0.42 -6.47
C LYS F 129 -56.43 -1.20 -5.51
N ILE F 130 -55.38 -0.58 -4.99
CA ILE F 130 -54.37 -1.25 -4.16
C ILE F 130 -54.48 -0.68 -2.75
N PRO F 131 -54.62 -1.53 -1.73
CA PRO F 131 -54.80 -1.04 -0.35
C PRO F 131 -53.49 -0.83 0.39
N LEU F 132 -52.55 -0.13 -0.24
CA LEU F 132 -51.23 0.09 0.34
C LEU F 132 -50.96 1.57 0.50
N VAL F 133 -50.38 1.94 1.63
CA VAL F 133 -50.05 3.31 1.95
C VAL F 133 -48.53 3.40 2.02
N ILE F 134 -47.95 4.22 1.16
CA ILE F 134 -46.51 4.43 1.13
C ILE F 134 -46.16 5.43 2.20
N ARG F 135 -45.18 5.09 3.03
CA ARG F 135 -44.70 5.96 4.10
C ARG F 135 -43.34 6.50 3.67
N ARG F 136 -43.29 7.78 3.34
CA ARG F 136 -42.08 8.41 2.86
C ARG F 136 -41.35 9.07 4.02
N TYR F 137 -40.10 8.69 4.24
CA TYR F 137 -39.29 9.22 5.34
C TYR F 137 -38.49 10.39 4.80
N LEU F 138 -38.69 11.57 5.39
CA LEU F 138 -37.86 12.71 5.06
C LEU F 138 -36.50 12.56 5.72
N PRO F 139 -35.49 13.29 5.23
CA PRO F 139 -34.13 13.10 5.77
C PRO F 139 -34.04 13.33 7.26
N ASP F 140 -34.78 14.30 7.79
CA ASP F 140 -34.70 14.60 9.21
C ASP F 140 -35.15 13.41 10.05
N GLY F 141 -36.21 12.74 9.62
CA GLY F 141 -36.80 11.68 10.39
C GLY F 141 -38.31 11.77 10.34
N SER F 142 -38.81 12.99 10.17
CA SER F 142 -40.24 13.17 9.95
C SER F 142 -40.66 12.41 8.70
N TYR F 143 -41.93 12.06 8.64
CA TYR F 143 -42.44 11.27 7.53
C TYR F 143 -43.86 11.71 7.19
N GLU F 144 -44.24 11.48 5.94
CA GLU F 144 -45.60 11.66 5.48
C GLU F 144 -46.05 10.38 4.80
N ASP F 145 -47.36 10.18 4.74
CA ASP F 145 -47.93 8.95 4.21
C ASP F 145 -48.88 9.27 3.05
N TRP F 146 -48.79 8.47 2.01
CA TRP F 146 -49.66 8.59 0.85
C TRP F 146 -50.36 7.27 0.60
N GLY F 147 -51.66 7.34 0.30
CA GLY F 147 -52.38 6.16 -0.13
C GLY F 147 -52.16 5.88 -1.59
N CYS F 148 -51.98 4.60 -1.91
CA CYS F 148 -51.75 4.22 -3.29
C CYS F 148 -52.89 4.64 -4.21
N ASP F 149 -54.07 4.85 -3.66
CA ASP F 149 -55.22 5.30 -4.42
C ASP F 149 -55.10 6.73 -4.91
N GLU F 150 -54.25 7.54 -4.29
CA GLU F 150 -54.17 8.96 -4.60
C GLU F 150 -52.90 9.38 -5.30
N LEU F 151 -52.06 8.44 -5.74
CA LEU F 151 -50.81 8.79 -6.38
C LEU F 151 -50.93 8.67 -7.88
N ILE F 152 -50.53 9.73 -8.59
CA ILE F 152 -50.64 9.75 -10.04
C ILE F 152 -49.60 8.80 -10.63
N VAL F 153 -50.06 7.73 -11.25
CA VAL F 153 -49.20 6.73 -11.88
C VAL F 153 -49.10 7.05 -13.37
N ASP F 154 -47.88 7.12 -13.86
CA ASP F 154 -47.65 7.40 -15.28
C ASP F 154 -48.20 6.25 -16.12
N MET G 1 -53.11 -3.18 46.10
CA MET G 1 -53.18 -1.93 45.29
C MET G 1 -52.88 -2.20 43.82
N PHE G 2 -53.72 -1.64 42.95
CA PHE G 2 -53.67 -1.89 41.53
C PHE G 2 -53.09 -0.68 40.81
N PHE G 3 -52.61 -0.92 39.58
CA PHE G 3 -52.08 0.13 38.74
C PHE G 3 -52.86 0.21 37.44
N LEU G 4 -53.14 1.44 37.01
CA LEU G 4 -53.71 1.70 35.69
C LEU G 4 -52.58 2.22 34.80
N LYS G 5 -52.38 1.56 33.66
CA LYS G 5 -51.23 1.84 32.82
C LYS G 5 -51.62 1.71 31.35
N ASP G 6 -50.80 2.31 30.50
CA ASP G 6 -50.94 2.20 29.06
C ASP G 6 -50.03 1.08 28.57
N LEU G 7 -50.62 0.08 27.92
CA LEU G 7 -49.90 -1.09 27.46
C LEU G 7 -50.12 -1.28 25.96
N SER G 8 -49.12 -1.88 25.30
CA SER G 8 -49.20 -2.14 23.87
C SER G 8 -48.65 -3.52 23.57
N LEU G 9 -49.08 -4.08 22.45
CA LEU G 9 -48.65 -5.41 22.02
C LEU G 9 -48.31 -5.38 20.54
N ILE G 10 -47.47 -6.32 20.13
CA ILE G 10 -47.05 -6.45 18.75
C ILE G 10 -47.82 -7.61 18.11
N LEU G 11 -48.43 -7.34 16.97
CA LEU G 11 -49.24 -8.33 16.26
C LEU G 11 -48.70 -8.53 14.85
N THR G 12 -48.72 -9.78 14.40
CA THR G 12 -48.26 -10.14 13.06
C THR G 12 -49.38 -10.90 12.37
N LEU G 13 -50.13 -10.21 11.52
CA LEU G 13 -51.31 -10.79 10.87
C LEU G 13 -50.89 -11.47 9.58
N HIS G 14 -51.31 -12.72 9.40
CA HIS G 14 -51.18 -13.37 8.12
C HIS G 14 -52.07 -12.68 7.09
N PRO G 15 -51.60 -12.53 5.86
CA PRO G 15 -52.41 -11.83 4.84
C PRO G 15 -53.70 -12.55 4.49
N SER G 16 -53.84 -13.84 4.83
CA SER G 16 -55.10 -14.52 4.61
C SER G 16 -56.24 -13.89 5.40
N TYR G 17 -55.92 -13.07 6.40
CA TYR G 17 -56.91 -12.39 7.23
C TYR G 17 -57.06 -10.93 6.82
N PHE G 18 -56.96 -10.64 5.52
CA PHE G 18 -57.05 -9.27 5.02
C PHE G 18 -58.50 -9.00 4.63
N GLY G 19 -59.21 -8.25 5.47
CA GLY G 19 -60.57 -7.85 5.16
C GLY G 19 -61.00 -6.65 5.97
N PRO G 20 -62.21 -6.15 5.68
CA PRO G 20 -62.66 -4.91 6.34
C PRO G 20 -62.45 -4.88 7.84
N GLN G 21 -62.99 -5.85 8.58
CA GLN G 21 -63.02 -5.79 10.03
C GLN G 21 -61.79 -6.46 10.64
N MET G 22 -60.67 -6.47 9.93
CA MET G 22 -59.45 -6.99 10.51
C MET G 22 -59.14 -6.31 11.83
N ASN G 23 -59.52 -5.04 11.96
CA ASN G 23 -59.29 -4.33 13.22
C ASN G 23 -59.96 -5.05 14.38
N GLN G 24 -61.23 -5.42 14.20
CA GLN G 24 -61.95 -6.11 15.27
C GLN G 24 -61.41 -7.52 15.46
N TYR G 25 -60.96 -8.17 14.40
CA TYR G 25 -60.35 -9.49 14.55
C TYR G 25 -59.10 -9.40 15.43
N LEU G 26 -58.25 -8.40 15.17
CA LEU G 26 -57.09 -8.20 16.02
C LEU G 26 -57.50 -7.83 17.44
N ARG G 27 -58.55 -7.03 17.57
CA ARG G 27 -59.01 -6.64 18.90
C ARG G 27 -59.42 -7.86 19.72
N GLU G 28 -60.19 -8.76 19.11
CA GLU G 28 -60.65 -9.92 19.85
C GLU G 28 -59.54 -10.93 20.06
N LYS G 29 -58.61 -11.06 19.11
CA LYS G 29 -57.45 -11.91 19.33
C LYS G 29 -56.61 -11.39 20.50
N LEU G 30 -56.41 -10.07 20.55
CA LEU G 30 -55.71 -9.46 21.68
C LEU G 30 -56.44 -9.74 22.98
N LEU G 31 -57.77 -9.57 22.98
CA LEU G 31 -58.53 -9.85 24.20
C LEU G 31 -58.33 -11.28 24.65
N THR G 32 -58.42 -12.23 23.72
CA THR G 32 -58.28 -13.64 24.07
C THR G 32 -56.89 -13.93 24.60
N ASP G 33 -55.86 -13.38 23.97
CA ASP G 33 -54.49 -13.82 24.23
C ASP G 33 -53.79 -12.97 25.29
N VAL G 34 -54.42 -11.89 25.74
CA VAL G 34 -53.75 -10.99 26.69
C VAL G 34 -53.99 -11.46 28.13
N GLU G 35 -55.23 -11.84 28.45
CA GLU G 35 -55.58 -12.12 29.83
C GLU G 35 -54.90 -13.39 30.33
N GLY G 36 -54.69 -13.47 31.64
CA GLY G 36 -54.13 -14.64 32.26
C GLY G 36 -52.63 -14.81 32.08
N THR G 37 -51.94 -13.80 31.58
CA THR G 37 -50.50 -13.86 31.34
C THR G 37 -49.78 -12.98 32.36
N CYS G 38 -48.80 -13.55 33.05
CA CYS G 38 -48.11 -12.89 34.14
C CYS G 38 -46.64 -12.73 33.79
N THR G 39 -46.08 -11.55 34.10
CA THR G 39 -44.69 -11.25 33.87
C THR G 39 -44.11 -10.60 35.11
N GLY G 40 -42.79 -10.71 35.25
CA GLY G 40 -42.12 -10.12 36.40
C GLY G 40 -42.09 -8.60 36.41
N GLN G 41 -42.30 -7.96 35.26
CA GLN G 41 -42.26 -6.51 35.19
C GLN G 41 -43.61 -5.86 35.47
N PHE G 42 -44.70 -6.51 35.10
CA PHE G 42 -46.04 -5.98 35.32
C PHE G 42 -46.88 -6.87 36.24
N GLY G 43 -46.99 -8.17 35.94
CA GLY G 43 -47.64 -9.10 36.82
C GLY G 43 -48.91 -9.67 36.21
N TYR G 44 -49.87 -9.95 37.08
CA TYR G 44 -51.09 -10.67 36.72
C TYR G 44 -51.93 -9.83 35.78
N ILE G 45 -51.94 -10.19 34.49
CA ILE G 45 -52.77 -9.51 33.52
C ILE G 45 -54.18 -10.08 33.62
N VAL G 46 -55.10 -9.30 34.18
CA VAL G 46 -56.43 -9.77 34.55
C VAL G 46 -57.52 -9.12 33.72
N THR G 47 -57.40 -7.82 33.44
CA THR G 47 -58.49 -7.06 32.82
C THR G 47 -57.95 -6.14 31.75
N VAL G 48 -58.86 -5.68 30.90
CA VAL G 48 -58.54 -4.76 29.81
C VAL G 48 -59.54 -3.62 29.84
N LEU G 49 -59.07 -2.41 29.58
CA LEU G 49 -59.92 -1.23 29.49
C LEU G 49 -60.17 -0.90 28.03
N ASP G 50 -61.35 -0.36 27.74
CA ASP G 50 -61.73 0.02 26.38
C ASP G 50 -61.54 -1.15 25.42
N GLY G 51 -62.34 -2.18 25.65
CA GLY G 51 -62.30 -3.38 24.83
C GLY G 51 -62.97 -3.25 23.48
N MET G 52 -63.44 -2.06 23.12
CA MET G 52 -64.12 -1.85 21.85
C MET G 52 -63.59 -0.67 21.05
N ASN G 53 -62.80 0.22 21.65
CA ASN G 53 -62.20 1.35 20.95
C ASN G 53 -60.69 1.31 21.02
N ILE G 54 -60.10 0.14 20.76
CA ILE G 54 -58.65 0.03 20.72
C ILE G 54 -58.13 0.69 19.46
N ASP G 55 -57.14 1.55 19.60
CA ASP G 55 -56.55 2.29 18.49
C ASP G 55 -55.33 1.51 18.00
N VAL G 56 -55.52 0.78 16.89
CA VAL G 56 -54.44 -0.06 16.35
C VAL G 56 -53.50 0.71 15.43
N GLY G 57 -53.83 1.95 15.08
CA GLY G 57 -52.97 2.67 14.17
C GLY G 57 -52.97 2.03 12.79
N LYS G 58 -51.82 2.15 12.13
CA LYS G 58 -51.64 1.62 10.78
C LYS G 58 -50.61 0.50 10.83
N GLY G 59 -50.92 -0.62 10.19
CA GLY G 59 -50.03 -1.76 10.20
C GLY G 59 -48.88 -1.61 9.21
N ARG G 60 -47.74 -2.19 9.57
CA ARG G 60 -46.54 -2.16 8.76
C ARG G 60 -46.33 -3.51 8.09
N ILE G 61 -46.08 -3.48 6.80
CA ILE G 61 -45.85 -4.70 6.03
C ILE G 61 -44.42 -5.15 6.24
N ILE G 62 -44.25 -6.41 6.66
CA ILE G 62 -42.93 -6.99 6.84
C ILE G 62 -42.39 -7.40 5.47
N PRO G 63 -41.22 -6.90 5.05
CA PRO G 63 -40.65 -7.39 3.79
C PRO G 63 -40.05 -8.77 3.96
N GLY G 64 -40.10 -9.55 2.89
CA GLY G 64 -39.60 -10.90 2.91
C GLY G 64 -40.54 -11.92 3.50
N SER G 65 -41.63 -11.48 4.11
CA SER G 65 -42.65 -12.40 4.62
C SER G 65 -44.03 -11.98 4.14
N GLY G 66 -44.23 -10.67 3.97
CA GLY G 66 -45.50 -10.15 3.50
C GLY G 66 -46.57 -10.04 4.57
N SER G 67 -46.27 -10.37 5.82
CA SER G 67 -47.25 -10.29 6.88
C SER G 67 -47.39 -8.85 7.38
N ALA G 68 -48.52 -8.59 8.03
CA ALA G 68 -48.83 -7.25 8.54
C ALA G 68 -48.46 -7.20 10.02
N GLU G 69 -47.52 -6.33 10.35
CA GLU G 69 -47.04 -6.16 11.71
C GLU G 69 -47.77 -4.98 12.34
N PHE G 70 -48.43 -5.23 13.47
CA PHE G 70 -49.29 -4.23 14.10
C PHE G 70 -48.80 -3.92 15.51
N GLU G 71 -48.65 -2.63 15.77
CA GLU G 71 -48.34 -2.12 17.11
C GLU G 71 -49.68 -1.75 17.75
N VAL G 72 -50.26 -2.69 18.49
CA VAL G 72 -51.56 -2.51 19.12
C VAL G 72 -51.31 -1.92 20.50
N LYS G 73 -51.55 -0.63 20.64
CA LYS G 73 -51.43 0.06 21.91
C LYS G 73 -52.80 0.20 22.55
N TYR G 74 -52.84 0.15 23.87
CA TYR G 74 -54.09 0.14 24.59
C TYR G 74 -53.82 0.51 26.05
N ARG G 75 -54.87 0.47 26.87
CA ARG G 75 -54.78 0.74 28.30
C ARG G 75 -55.42 -0.42 29.05
N ALA G 76 -54.70 -0.92 30.07
CA ALA G 76 -55.19 -2.04 30.86
C ALA G 76 -54.78 -1.83 32.31
N VAL G 77 -55.52 -2.50 33.20
CA VAL G 77 -55.27 -2.45 34.64
C VAL G 77 -54.92 -3.85 35.09
N VAL G 78 -53.81 -3.97 35.82
CA VAL G 78 -53.30 -5.26 36.28
C VAL G 78 -52.74 -5.07 37.69
N TRP G 79 -52.45 -6.19 38.35
CA TRP G 79 -52.08 -6.20 39.76
C TRP G 79 -50.77 -6.94 39.95
N LYS G 80 -50.03 -6.53 40.98
CA LYS G 80 -48.77 -7.14 41.34
C LYS G 80 -48.36 -6.68 42.74
N PRO G 81 -47.93 -7.59 43.62
CA PRO G 81 -47.58 -7.20 44.98
C PRO G 81 -46.20 -6.55 45.03
N PHE G 82 -45.89 -5.94 46.18
CA PHE G 82 -44.57 -5.39 46.43
C PHE G 82 -44.27 -5.58 47.91
N LYS G 83 -43.00 -5.84 48.23
CA LYS G 83 -42.64 -6.08 49.62
C LYS G 83 -42.77 -4.79 50.42
N GLY G 84 -43.17 -4.93 51.68
CA GLY G 84 -43.45 -3.76 52.49
C GLY G 84 -44.84 -3.20 52.33
N GLU G 85 -45.73 -3.92 51.64
CA GLU G 85 -47.12 -3.52 51.47
C GLU G 85 -48.00 -4.45 52.30
N VAL G 86 -48.99 -3.87 52.98
CA VAL G 86 -49.84 -4.61 53.90
C VAL G 86 -51.26 -4.61 53.35
N VAL G 87 -51.80 -5.81 53.12
CA VAL G 87 -53.18 -5.99 52.71
C VAL G 87 -53.69 -7.30 53.30
N ASP G 88 -54.97 -7.32 53.65
CA ASP G 88 -55.57 -8.50 54.24
C ASP G 88 -55.57 -9.66 53.24
N ALA G 89 -55.76 -10.86 53.77
CA ALA G 89 -55.68 -12.08 52.97
C ALA G 89 -56.83 -13.00 53.33
N ILE G 90 -57.03 -14.02 52.50
CA ILE G 90 -58.05 -15.04 52.73
C ILE G 90 -57.37 -16.40 52.65
N VAL G 91 -57.52 -17.20 53.70
CA VAL G 91 -56.94 -18.53 53.72
C VAL G 91 -57.77 -19.44 52.82
N SER G 92 -57.11 -20.43 52.23
CA SER G 92 -57.77 -21.35 51.31
C SER G 92 -57.69 -22.80 51.75
N ASN G 93 -56.54 -23.25 52.26
CA ASN G 93 -56.37 -24.61 52.72
C ASN G 93 -55.40 -24.60 53.89
N VAL G 94 -55.12 -25.78 54.45
CA VAL G 94 -54.23 -25.92 55.60
C VAL G 94 -53.21 -27.00 55.28
N SER G 95 -51.95 -26.73 55.63
CA SER G 95 -50.87 -27.69 55.50
C SER G 95 -49.96 -27.60 56.70
N PRO G 96 -49.23 -28.68 57.02
CA PRO G 96 -48.32 -28.63 58.18
C PRO G 96 -47.26 -27.54 58.09
N ILE G 97 -46.69 -27.30 56.90
CA ILE G 97 -45.62 -26.31 56.74
C ILE G 97 -46.16 -24.91 56.53
N GLY G 98 -47.46 -24.69 56.69
CA GLY G 98 -48.04 -23.39 56.48
C GLY G 98 -49.35 -23.45 55.72
N PHE G 99 -50.39 -22.84 56.29
CA PHE G 99 -51.69 -22.85 55.65
C PHE G 99 -51.65 -22.03 54.36
N PHE G 100 -52.11 -22.63 53.27
CA PHE G 100 -52.21 -21.92 52.00
C PHE G 100 -53.25 -20.82 52.12
N ALA G 101 -52.90 -19.62 51.66
CA ALA G 101 -53.81 -18.48 51.68
C ALA G 101 -53.89 -17.88 50.29
N ASP G 102 -55.09 -17.89 49.71
CA ASP G 102 -55.30 -17.41 48.34
C ASP G 102 -55.67 -15.94 48.41
N VAL G 103 -54.69 -15.08 48.16
CA VAL G 103 -54.91 -13.64 48.09
C VAL G 103 -55.30 -13.36 46.65
N GLY G 104 -56.59 -13.55 46.35
CA GLY G 104 -57.09 -13.38 45.02
C GLY G 104 -56.47 -14.36 44.05
N PRO G 105 -55.91 -13.87 42.94
CA PRO G 105 -55.34 -14.81 41.96
C PRO G 105 -54.20 -15.64 42.50
N LEU G 106 -53.44 -15.11 43.45
CA LEU G 106 -52.24 -15.79 43.96
C LEU G 106 -52.55 -16.55 45.25
N ASN G 107 -51.59 -17.39 45.64
CA ASN G 107 -51.68 -18.18 46.86
C ASN G 107 -50.50 -17.85 47.76
N VAL G 108 -50.74 -17.82 49.07
CA VAL G 108 -49.77 -17.37 50.06
C VAL G 108 -49.34 -18.56 50.91
N PHE G 109 -48.04 -18.71 51.06
CA PHE G 109 -47.44 -19.71 51.93
C PHE G 109 -46.94 -19.03 53.20
N VAL G 110 -46.99 -19.75 54.32
CA VAL G 110 -46.53 -19.24 55.61
C VAL G 110 -45.47 -20.21 56.15
N SER G 111 -44.33 -19.67 56.55
CA SER G 111 -43.28 -20.49 57.14
C SER G 111 -43.72 -21.04 58.48
N THR G 112 -43.18 -22.20 58.83
CA THR G 112 -43.46 -22.79 60.14
C THR G 112 -42.89 -21.95 61.27
N ARG G 113 -41.93 -21.08 61.00
CA ARG G 113 -41.29 -20.26 62.02
C ARG G 113 -41.82 -18.82 62.05
N LEU G 114 -42.78 -18.48 61.20
CA LEU G 114 -43.37 -17.14 61.17
C LEU G 114 -44.86 -17.21 61.47
N ILE G 115 -45.22 -17.99 62.49
CA ILE G 115 -46.61 -18.18 62.89
C ILE G 115 -46.70 -17.99 64.40
N PRO G 116 -47.83 -17.49 64.92
CA PRO G 116 -47.93 -17.31 66.37
C PRO G 116 -47.81 -18.63 67.12
N ASP G 117 -47.18 -18.57 68.30
CA ASP G 117 -46.93 -19.77 69.07
C ASP G 117 -48.21 -20.31 69.69
N ASN G 118 -49.04 -19.43 70.26
CA ASN G 118 -50.27 -19.87 70.91
C ASN G 118 -51.22 -20.56 69.94
N LEU G 119 -51.05 -20.33 68.64
CA LEU G 119 -51.86 -20.96 67.61
C LEU G 119 -51.21 -22.28 67.20
N VAL G 120 -51.98 -23.37 67.23
CA VAL G 120 -51.47 -24.70 66.93
C VAL G 120 -52.41 -25.38 65.94
N TYR G 121 -51.89 -26.38 65.24
CA TYR G 121 -52.66 -27.13 64.26
C TYR G 121 -53.48 -28.22 64.94
N ASN G 122 -54.79 -28.20 64.71
CA ASN G 122 -55.73 -29.13 65.35
C ASN G 122 -56.65 -29.71 64.29
N PRO G 123 -56.25 -30.80 63.63
CA PRO G 123 -57.16 -31.43 62.66
C PRO G 123 -58.43 -31.97 63.29
N SER G 124 -58.44 -32.18 64.61
CA SER G 124 -59.64 -32.69 65.27
C SER G 124 -60.81 -31.73 65.14
N ASN G 125 -60.56 -30.43 65.29
CA ASN G 125 -61.62 -29.45 65.12
C ASN G 125 -62.24 -29.59 63.74
N SER G 126 -63.56 -29.62 63.69
CA SER G 126 -64.29 -29.87 62.46
C SER G 126 -65.16 -28.66 62.10
N PRO G 127 -64.94 -28.01 60.96
CA PRO G 127 -63.90 -28.32 59.96
C PRO G 127 -62.51 -27.97 60.48
N PRO G 128 -61.47 -28.58 59.92
CA PRO G 128 -60.11 -28.29 60.41
C PRO G 128 -59.82 -26.80 60.34
N ALA G 129 -59.17 -26.30 61.38
CA ALA G 129 -58.86 -24.87 61.49
C ALA G 129 -57.86 -24.70 62.62
N TYR G 130 -57.35 -23.48 62.77
CA TYR G 130 -56.45 -23.12 63.85
C TYR G 130 -57.19 -22.25 64.86
N MET G 131 -56.87 -22.44 66.13
CA MET G 131 -57.54 -21.76 67.23
C MET G 131 -56.54 -20.91 67.99
N SER G 132 -57.06 -19.91 68.71
CA SER G 132 -56.24 -19.05 69.55
C SER G 132 -57.17 -18.31 70.50
N ASN G 133 -56.62 -17.33 71.22
CA ASN G 133 -57.42 -16.43 72.04
C ASN G 133 -58.14 -15.46 71.10
N ASP G 134 -59.48 -15.47 71.17
CA ASP G 134 -60.36 -14.57 70.41
C ASP G 134 -59.91 -14.39 68.97
N GLU G 135 -59.26 -15.41 68.40
CA GLU G 135 -58.83 -15.39 67.01
C GLU G 135 -59.12 -16.75 66.39
N LEU G 136 -59.80 -16.74 65.24
CA LEU G 136 -60.24 -17.96 64.59
C LEU G 136 -60.02 -17.80 63.09
N ILE G 137 -59.28 -18.74 62.49
CA ILE G 137 -58.86 -18.66 61.10
C ILE G 137 -59.53 -19.78 60.32
N THR G 138 -60.20 -19.42 59.23
CA THR G 138 -60.89 -20.39 58.39
C THR G 138 -60.99 -19.82 56.98
N LYS G 139 -61.31 -20.71 56.03
CA LYS G 139 -61.48 -20.28 54.65
C LYS G 139 -62.50 -19.16 54.56
N GLY G 140 -62.12 -18.07 53.90
CA GLY G 140 -62.98 -16.92 53.76
C GLY G 140 -62.98 -15.96 54.92
N SER G 141 -62.09 -16.15 55.90
CA SER G 141 -62.00 -15.25 57.05
C SER G 141 -60.90 -14.23 56.82
N LYS G 142 -61.23 -12.95 57.04
CA LYS G 142 -60.28 -11.88 56.84
C LYS G 142 -59.07 -12.04 57.74
N VAL G 143 -57.88 -12.19 57.16
CA VAL G 143 -56.64 -12.37 57.90
C VAL G 143 -55.61 -11.38 57.37
N ARG G 144 -54.95 -10.68 58.30
CA ARG G 144 -53.90 -9.74 57.97
C ARG G 144 -52.55 -10.45 57.99
N LEU G 145 -51.79 -10.30 56.91
CA LEU G 145 -50.44 -10.82 56.83
C LEU G 145 -49.61 -9.86 56.01
N LYS G 146 -48.30 -9.93 56.22
CA LYS G 146 -47.35 -9.08 55.51
C LYS G 146 -46.52 -9.94 54.58
N VAL G 147 -46.39 -9.51 53.33
CA VAL G 147 -45.60 -10.21 52.32
C VAL G 147 -44.36 -9.37 52.05
N VAL G 148 -43.19 -9.93 52.33
CA VAL G 148 -41.92 -9.26 52.12
C VAL G 148 -41.00 -10.02 51.18
N GLY G 149 -41.43 -11.15 50.64
CA GLY G 149 -40.63 -11.90 49.70
C GLY G 149 -41.33 -12.05 48.36
N THR G 150 -40.80 -11.41 47.32
CA THR G 150 -41.41 -11.39 46.00
C THR G 150 -40.44 -12.00 45.00
N ARG G 151 -40.49 -13.31 44.84
CA ARG G 151 -39.68 -14.02 43.86
C ARG G 151 -40.60 -14.47 42.72
N THR G 152 -40.69 -13.64 41.68
CA THR G 152 -41.53 -13.92 40.53
C THR G 152 -40.91 -15.06 39.72
N ASP G 153 -41.74 -16.06 39.38
CA ASP G 153 -41.29 -17.21 38.61
C ASP G 153 -41.66 -17.08 37.14
N VAL G 154 -41.68 -15.86 36.62
CA VAL G 154 -41.94 -15.56 35.22
C VAL G 154 -43.39 -15.87 34.83
N ASN G 155 -43.92 -17.00 35.28
CA ASN G 155 -45.27 -17.41 34.95
C ASN G 155 -46.27 -17.16 36.08
N GLU G 156 -45.85 -17.37 37.33
CA GLU G 156 -46.70 -17.13 38.49
C GLU G 156 -45.79 -16.79 39.66
N ILE G 157 -45.98 -15.60 40.23
CA ILE G 157 -45.10 -15.16 41.31
C ILE G 157 -45.33 -16.01 42.54
N TYR G 158 -44.30 -16.10 43.39
CA TYR G 158 -44.36 -16.83 44.65
C TYR G 158 -44.37 -15.82 45.79
N ALA G 159 -45.41 -15.88 46.62
CA ALA G 159 -45.58 -14.96 47.73
C ALA G 159 -45.60 -15.74 49.04
N ILE G 160 -45.04 -15.13 50.08
CA ILE G 160 -44.99 -15.72 51.41
C ILE G 160 -45.60 -14.71 52.39
N GLY G 161 -46.53 -15.17 53.20
CA GLY G 161 -47.18 -14.33 54.20
C GLY G 161 -46.70 -14.69 55.59
N SER G 162 -46.55 -13.66 56.43
CA SER G 162 -46.09 -13.83 57.80
C SER G 162 -47.09 -13.16 58.73
N ILE G 163 -47.39 -13.85 59.84
CA ILE G 163 -48.34 -13.35 60.83
C ILE G 163 -47.67 -13.27 62.19
N LYS G 164 -46.35 -13.07 62.19
CA LYS G 164 -45.56 -13.09 63.41
C LYS G 164 -45.23 -11.69 63.92
N GLU G 165 -45.73 -10.65 63.28
CA GLU G 165 -45.46 -9.27 63.67
C GLU G 165 -46.69 -8.66 64.32
N ASP G 166 -46.55 -7.40 64.74
CA ASP G 166 -47.63 -6.74 65.47
C ASP G 166 -48.75 -6.32 64.52
N PHE G 167 -49.97 -6.28 65.05
CA PHE G 167 -51.17 -5.98 64.27
C PHE G 167 -51.28 -6.91 63.06
N LEU G 168 -50.91 -8.17 63.27
CA LEU G 168 -51.00 -9.19 62.22
C LEU G 168 -51.77 -10.39 62.75
N GLY G 169 -52.43 -11.08 61.84
CA GLY G 169 -53.33 -12.17 62.21
C GLY G 169 -54.68 -11.99 61.56
N ALA G 170 -55.74 -12.08 62.37
CA ALA G 170 -57.10 -11.84 61.90
C ALA G 170 -57.70 -10.65 62.65
N ILE G 171 -58.23 -9.70 61.89
CA ILE G 171 -58.85 -8.52 62.48
C ILE G 171 -60.10 -8.92 63.25
N SER H 3 -58.53 11.89 -64.75
CA SER H 3 -58.08 12.14 -63.35
C SER H 3 -56.64 12.63 -63.31
N ALA H 4 -56.04 12.86 -64.49
CA ALA H 4 -54.66 13.27 -64.58
C ALA H 4 -54.52 14.68 -64.02
N LEU H 5 -53.81 14.81 -62.90
CA LEU H 5 -53.63 16.11 -62.28
C LEU H 5 -52.62 16.96 -63.00
N PHE H 6 -51.94 16.43 -64.01
CA PHE H 6 -50.92 17.20 -64.71
C PHE H 6 -50.43 16.38 -65.89
N ASP H 7 -49.83 17.06 -66.86
CA ASP H 7 -49.17 16.39 -67.97
C ASP H 7 -48.34 17.41 -68.72
N ASP H 8 -47.31 16.92 -69.42
CA ASP H 8 -46.48 17.75 -70.26
C ASP H 8 -45.57 16.82 -71.06
N ILE H 9 -44.75 17.41 -71.93
CA ILE H 9 -43.74 16.69 -72.67
C ILE H 9 -42.40 17.34 -72.39
N PHE H 10 -41.41 16.54 -72.00
CA PHE H 10 -40.12 17.05 -71.58
C PHE H 10 -39.03 16.56 -72.52
N THR H 11 -37.99 17.37 -72.65
CA THR H 11 -36.81 17.02 -73.42
C THR H 11 -35.68 16.73 -72.43
N VAL H 12 -35.05 15.56 -72.59
CA VAL H 12 -34.00 15.17 -71.66
C VAL H 12 -32.76 15.99 -71.95
N GLN H 13 -32.48 16.96 -71.09
CA GLN H 13 -31.27 17.76 -71.23
C GLN H 13 -30.04 16.88 -71.06
N THR H 14 -29.92 16.21 -69.91
CA THR H 14 -28.80 15.32 -69.65
C THR H 14 -29.26 14.21 -68.72
N VAL H 15 -28.53 13.10 -68.77
CA VAL H 15 -28.76 11.95 -67.92
C VAL H 15 -27.45 11.60 -67.24
N ASP H 16 -27.48 11.48 -65.92
CA ASP H 16 -26.28 11.21 -65.13
C ASP H 16 -26.41 9.85 -64.46
N ASN H 17 -25.43 8.98 -64.70
CA ASN H 17 -25.40 7.70 -64.00
C ASN H 17 -24.90 7.83 -62.58
N GLY H 18 -23.95 8.73 -62.34
CA GLY H 18 -23.38 8.81 -61.01
C GLY H 18 -22.69 7.49 -60.67
N ARG H 19 -22.52 7.28 -59.37
CA ARG H 19 -21.91 6.05 -58.90
C ARG H 19 -22.78 4.84 -59.17
N TYR H 20 -24.10 4.98 -59.16
CA TYR H 20 -25.00 3.86 -59.37
C TYR H 20 -24.85 3.30 -60.78
N ASN H 21 -25.47 2.15 -60.99
CA ASN H 21 -25.54 1.54 -62.32
C ASN H 21 -26.96 1.37 -62.81
N LYS H 22 -27.85 0.82 -61.99
CA LYS H 22 -29.24 0.63 -62.39
C LYS H 22 -30.04 1.93 -62.37
N VAL H 23 -29.54 2.97 -61.70
CA VAL H 23 -30.29 4.21 -61.52
C VAL H 23 -29.51 5.35 -62.13
N SER H 24 -30.21 6.24 -62.82
CA SER H 24 -29.62 7.44 -63.39
C SER H 24 -30.54 8.62 -63.13
N ARG H 25 -29.94 9.80 -62.96
CA ARG H 25 -30.67 11.03 -62.68
C ARG H 25 -30.75 11.84 -63.97
N ILE H 26 -31.96 12.25 -64.34
CA ILE H 26 -32.24 12.88 -65.61
C ILE H 26 -32.66 14.32 -65.38
N ILE H 27 -32.11 15.22 -66.17
CA ILE H 27 -32.44 16.64 -66.11
C ILE H 27 -33.41 16.92 -67.26
N GLY H 28 -34.66 17.19 -66.92
CA GLY H 28 -35.70 17.36 -67.91
C GLY H 28 -36.29 18.76 -67.87
N ILE H 29 -36.61 19.28 -69.06
CA ILE H 29 -37.27 20.57 -69.21
C ILE H 29 -38.44 20.38 -70.16
N SER H 30 -39.54 21.09 -69.89
CA SER H 30 -40.69 21.00 -70.75
C SER H 30 -40.42 21.71 -72.08
N THR H 31 -41.25 21.39 -73.07
CA THR H 31 -41.18 22.03 -74.38
C THR H 31 -42.35 22.98 -74.60
N THR H 32 -43.55 22.55 -74.21
CA THR H 32 -44.72 23.41 -74.36
C THR H 32 -44.55 24.71 -73.59
N ASN H 33 -44.04 24.63 -72.36
CA ASN H 33 -43.74 25.82 -71.58
C ASN H 33 -42.36 25.66 -70.96
N SER H 34 -41.49 26.64 -71.19
CA SER H 34 -40.17 26.61 -70.58
C SER H 34 -40.29 26.96 -69.11
N ALA H 35 -39.15 27.11 -68.43
CA ALA H 35 -39.09 27.41 -67.00
C ALA H 35 -39.70 26.31 -66.15
N ILE H 36 -40.03 25.17 -66.73
CA ILE H 36 -40.47 24.00 -65.99
C ILE H 36 -39.39 22.95 -66.15
N LYS H 37 -38.70 22.64 -65.05
CA LYS H 37 -37.60 21.69 -65.06
C LYS H 37 -37.94 20.52 -64.16
N LEU H 38 -37.69 19.31 -64.65
CA LEU H 38 -37.95 18.08 -63.92
C LEU H 38 -36.62 17.38 -63.68
N THR H 39 -36.33 17.07 -62.42
CA THR H 39 -35.17 16.28 -62.04
C THR H 39 -35.69 14.98 -61.45
N LEU H 40 -35.42 13.87 -62.12
CA LEU H 40 -36.02 12.60 -61.78
C LEU H 40 -34.97 11.50 -61.71
N ASP H 41 -35.25 10.50 -60.89
CA ASP H 41 -34.43 9.32 -60.75
C ASP H 41 -35.13 8.16 -61.44
N ILE H 42 -34.42 7.47 -62.33
CA ILE H 42 -35.02 6.40 -63.12
C ILE H 42 -34.12 5.18 -63.10
N ASN H 43 -34.75 4.03 -63.36
CA ASN H 43 -34.02 2.77 -63.45
C ASN H 43 -33.48 2.60 -64.85
N ASN H 44 -32.15 2.67 -64.99
CA ASN H 44 -31.53 2.53 -66.31
C ASN H 44 -32.03 1.27 -67.02
N GLU H 45 -31.75 0.10 -66.46
CA GLU H 45 -32.03 -1.14 -67.16
C GLU H 45 -33.52 -1.35 -67.35
N MET H 46 -34.32 -1.08 -66.31
CA MET H 46 -35.75 -1.32 -66.43
C MET H 46 -36.37 -0.43 -67.50
N PHE H 47 -35.77 0.72 -67.77
CA PHE H 47 -36.28 1.65 -68.78
C PHE H 47 -35.17 2.60 -69.19
N PRO H 48 -34.28 2.16 -70.06
CA PRO H 48 -33.17 3.02 -70.46
C PRO H 48 -33.66 4.25 -71.18
N VAL H 49 -32.95 5.36 -71.01
CA VAL H 49 -33.24 6.59 -71.71
C VAL H 49 -31.92 7.19 -72.19
N SER H 50 -32.02 8.09 -73.16
CA SER H 50 -30.87 8.75 -73.73
C SER H 50 -31.08 10.25 -73.69
N GLN H 51 -30.00 10.98 -73.97
CA GLN H 51 -30.06 12.43 -73.92
C GLN H 51 -30.96 12.98 -75.01
N ASP H 52 -31.62 14.09 -74.72
CA ASP H 52 -32.45 14.79 -75.70
C ASP H 52 -33.58 13.91 -76.22
N ASP H 53 -34.05 12.97 -75.41
CA ASP H 53 -35.23 12.20 -75.75
C ASP H 53 -36.48 12.94 -75.32
N SER H 54 -37.63 12.41 -75.70
CA SER H 54 -38.91 13.00 -75.37
C SER H 54 -39.68 12.05 -74.46
N LEU H 55 -40.16 12.59 -73.34
CA LEU H 55 -40.89 11.80 -72.36
C LEU H 55 -42.23 12.44 -72.09
N THR H 56 -43.29 11.64 -72.18
CA THR H 56 -44.63 12.09 -71.88
C THR H 56 -44.90 11.86 -70.40
N VAL H 57 -44.67 12.89 -69.60
CA VAL H 57 -44.80 12.81 -68.14
C VAL H 57 -46.23 13.09 -67.76
N THR H 58 -46.80 12.25 -66.91
CA THR H 58 -48.18 12.39 -66.47
C THR H 58 -48.29 12.01 -65.01
N LEU H 59 -48.92 12.87 -64.22
CA LEU H 59 -49.02 12.69 -62.78
C LEU H 59 -50.49 12.55 -62.40
N ALA H 60 -50.80 11.52 -61.62
CA ALA H 60 -52.16 11.27 -61.19
C ALA H 60 -52.16 10.80 -59.75
N ASN H 61 -53.18 11.20 -59.02
CA ASN H 61 -53.37 10.76 -57.64
C ASN H 61 -54.03 9.41 -57.54
N SER H 62 -54.47 8.84 -58.66
CA SER H 62 -55.06 7.51 -58.67
C SER H 62 -55.03 6.98 -60.09
N LEU H 63 -55.26 5.68 -60.22
CA LEU H 63 -55.25 5.01 -61.52
C LEU H 63 -56.59 4.40 -61.87
N SER H 64 -57.52 4.32 -60.93
CA SER H 64 -58.83 3.78 -61.22
C SER H 64 -59.48 4.56 -62.37
N LEU H 65 -60.50 3.94 -62.96
CA LEU H 65 -61.22 4.56 -64.07
C LEU H 65 -62.72 4.54 -63.81
N LYS H 76 -57.00 -1.98 -49.00
CA LYS H 76 -55.90 -1.05 -49.14
C LYS H 76 -54.60 -1.78 -49.48
N SER H 77 -54.50 -3.03 -49.03
CA SER H 77 -53.31 -3.81 -49.30
C SER H 77 -53.11 -4.02 -50.79
N TRP H 78 -51.86 -4.08 -51.21
CA TRP H 78 -51.56 -4.32 -52.60
C TRP H 78 -52.05 -5.70 -53.02
N ARG H 79 -51.96 -5.95 -54.32
CA ARG H 79 -52.33 -7.23 -54.89
C ARG H 79 -51.67 -7.31 -56.26
N PRO H 80 -51.31 -8.49 -56.75
CA PRO H 80 -50.83 -8.58 -58.12
C PRO H 80 -51.87 -8.06 -59.09
N PRO H 81 -51.45 -7.38 -60.16
CA PRO H 81 -52.44 -6.79 -61.07
C PRO H 81 -53.09 -7.87 -61.93
N LYS H 82 -54.38 -8.08 -61.70
CA LYS H 82 -55.12 -9.00 -62.55
C LYS H 82 -55.22 -8.44 -63.97
N PRO H 83 -54.95 -9.25 -65.00
CA PRO H 83 -55.12 -8.75 -66.37
C PRO H 83 -56.53 -8.34 -66.69
N THR H 84 -57.52 -8.85 -65.96
CA THR H 84 -58.91 -8.54 -66.25
C THR H 84 -59.18 -7.04 -66.06
N ASP H 85 -58.82 -6.50 -64.91
CA ASP H 85 -59.08 -5.10 -64.63
C ASP H 85 -58.20 -4.20 -65.51
N LYS H 86 -58.68 -2.99 -65.75
CA LYS H 86 -57.96 -2.00 -66.53
C LYS H 86 -57.65 -0.78 -65.67
N SER H 87 -56.55 -0.11 -65.97
CA SER H 87 -56.12 1.04 -65.20
C SER H 87 -55.48 2.06 -66.13
N LEU H 88 -55.40 3.30 -65.66
CA LEU H 88 -54.85 4.37 -66.47
C LEU H 88 -53.43 4.06 -66.93
N ALA H 89 -52.69 3.25 -66.18
CA ALA H 89 -51.31 2.97 -66.49
C ALA H 89 -51.11 2.22 -67.79
N ASP H 90 -52.18 1.58 -68.31
CA ASP H 90 -52.01 0.67 -69.44
C ASP H 90 -51.38 1.34 -70.65
N ASP H 91 -51.23 2.66 -70.66
CA ASP H 91 -50.70 3.37 -71.80
C ASP H 91 -49.37 4.06 -71.53
N TYR H 92 -48.52 3.47 -70.70
CA TYR H 92 -47.23 4.06 -70.40
C TYR H 92 -46.19 2.97 -70.19
N ASP H 93 -44.93 3.33 -70.45
CA ASP H 93 -43.83 2.38 -70.41
C ASP H 93 -43.04 2.41 -69.10
N TYR H 94 -43.45 3.24 -68.14
CA TYR H 94 -42.69 3.37 -66.91
C TYR H 94 -43.59 4.01 -65.86
N VAL H 95 -43.88 3.28 -64.79
CA VAL H 95 -44.80 3.73 -63.75
C VAL H 95 -44.08 3.66 -62.42
N MET H 96 -44.29 4.67 -61.57
CA MET H 96 -43.73 4.68 -60.23
C MET H 96 -44.72 5.34 -59.28
N PHE H 97 -44.81 4.81 -58.07
CA PHE H 97 -45.68 5.33 -57.04
C PHE H 97 -44.85 6.15 -56.07
N GLY H 98 -45.25 7.41 -55.85
CA GLY H 98 -44.43 8.33 -55.10
C GLY H 98 -45.16 8.87 -53.89
N THR H 99 -44.42 9.64 -53.10
CA THR H 99 -44.96 10.34 -51.96
C THR H 99 -44.38 11.74 -51.91
N VAL H 100 -45.19 12.71 -51.52
CA VAL H 100 -44.78 14.10 -51.43
C VAL H 100 -44.29 14.33 -50.01
N TYR H 101 -43.09 14.88 -49.87
CA TYR H 101 -42.53 15.18 -48.57
C TYR H 101 -42.16 16.65 -48.40
N LYS H 102 -42.32 17.46 -49.44
CA LYS H 102 -42.16 18.90 -49.27
C LYS H 102 -42.78 19.59 -50.46
N PHE H 103 -43.77 20.45 -50.20
CA PHE H 103 -44.47 21.22 -51.22
C PHE H 103 -44.05 22.67 -51.02
N GLU H 104 -42.94 23.05 -51.63
CA GLU H 104 -42.37 24.36 -51.37
C GLU H 104 -43.18 25.43 -52.08
N GLU H 105 -43.99 26.17 -51.32
CA GLU H 105 -44.67 27.36 -51.83
C GLU H 105 -43.70 28.52 -51.69
N GLY H 106 -42.76 28.56 -52.64
CA GLY H 106 -41.64 29.47 -52.55
C GLY H 106 -41.97 30.88 -52.97
N ASP H 107 -41.11 31.46 -53.79
CA ASP H 107 -41.21 32.86 -54.16
C ASP H 107 -42.31 33.03 -55.20
N GLU H 108 -42.35 34.20 -55.84
CA GLU H 108 -43.52 34.57 -56.64
C GLU H 108 -43.91 33.48 -57.63
N ASP H 109 -42.93 32.88 -58.31
CA ASP H 109 -43.25 31.93 -59.36
C ASP H 109 -42.42 30.64 -59.26
N LYS H 110 -41.53 30.53 -58.28
CA LYS H 110 -40.73 29.33 -58.09
C LYS H 110 -41.43 28.47 -57.05
N ILE H 111 -42.16 27.46 -57.50
CA ILE H 111 -42.85 26.52 -56.63
C ILE H 111 -42.26 25.14 -56.91
N LYS H 112 -41.67 24.53 -55.90
CA LYS H 112 -41.00 23.25 -56.03
C LYS H 112 -41.80 22.20 -55.28
N VAL H 113 -42.07 21.08 -55.95
CA VAL H 113 -42.69 19.91 -55.35
C VAL H 113 -41.64 18.82 -55.27
N TYR H 114 -41.47 18.24 -54.09
CA TYR H 114 -40.51 17.18 -53.87
C TYR H 114 -41.26 15.88 -53.62
N VAL H 115 -40.96 14.86 -54.42
CA VAL H 115 -41.59 13.56 -54.30
C VAL H 115 -40.52 12.50 -54.21
N SER H 116 -40.65 11.62 -53.23
CA SER H 116 -39.74 10.48 -53.05
C SER H 116 -40.48 9.22 -53.43
N PHE H 117 -39.90 8.44 -54.33
CA PHE H 117 -40.49 7.18 -54.77
C PHE H 117 -39.86 6.02 -54.01
N GLY H 118 -40.09 6.02 -52.70
CA GLY H 118 -39.50 5.00 -51.86
C GLY H 118 -38.00 4.94 -52.00
N GLY H 119 -37.34 6.09 -52.05
CA GLY H 119 -35.90 6.18 -52.26
C GLY H 119 -35.53 6.93 -53.52
N LEU H 120 -36.35 6.82 -54.56
CA LEU H 120 -36.10 7.54 -55.81
C LEU H 120 -36.80 8.89 -55.76
N LEU H 121 -36.01 9.95 -55.88
CA LEU H 121 -36.48 11.30 -55.63
C LEU H 121 -36.87 12.00 -56.93
N MET H 122 -37.63 13.09 -56.78
CA MET H 122 -38.02 13.88 -57.94
C MET H 122 -38.31 15.30 -57.49
N CYS H 123 -37.76 16.27 -58.22
CA CYS H 123 -37.99 17.69 -57.98
C CYS H 123 -38.61 18.29 -59.24
N LEU H 124 -39.68 19.06 -59.05
CA LEU H 124 -40.42 19.66 -60.15
C LEU H 124 -40.48 21.17 -59.95
N GLU H 125 -40.17 21.92 -60.99
CA GLU H 125 -40.09 23.37 -60.93
C GLU H 125 -41.01 23.98 -61.98
N GLY H 126 -41.46 25.19 -61.72
CA GLY H 126 -42.28 25.90 -62.68
C GLY H 126 -43.21 26.88 -61.98
N GLY H 127 -44.20 27.33 -62.75
CA GLY H 127 -45.14 28.30 -62.24
C GLY H 127 -46.22 27.67 -61.38
N TYR H 128 -46.82 28.51 -60.53
CA TYR H 128 -47.82 28.02 -59.60
C TYR H 128 -49.03 27.44 -60.32
N LYS H 129 -49.38 27.98 -61.49
CA LYS H 129 -50.61 27.57 -62.16
C LYS H 129 -50.61 26.07 -62.43
N SER H 130 -49.54 25.58 -63.06
CA SER H 130 -49.48 24.16 -63.37
C SER H 130 -49.49 23.29 -62.13
N LEU H 131 -48.73 23.67 -61.11
CA LEU H 131 -48.46 22.83 -59.95
C LEU H 131 -49.53 22.95 -58.88
N ALA H 132 -50.47 23.89 -59.04
CA ALA H 132 -51.35 24.22 -57.92
C ALA H 132 -52.11 23.01 -57.43
N SER H 133 -52.50 22.12 -58.35
CA SER H 133 -53.32 20.98 -57.97
C SER H 133 -52.53 19.84 -57.35
N LEU H 134 -51.21 19.94 -57.30
CA LEU H 134 -50.38 18.83 -56.85
C LEU H 134 -50.25 18.73 -55.34
N LYS H 135 -50.86 19.63 -54.57
CA LYS H 135 -50.66 19.61 -53.12
C LYS H 135 -51.42 18.39 -52.58
N GLN H 136 -50.86 17.22 -52.87
CA GLN H 136 -51.46 15.95 -52.50
C GLN H 136 -50.46 15.14 -51.68
N ASP H 137 -50.91 14.01 -51.13
CA ASP H 137 -50.03 13.16 -50.32
C ASP H 137 -49.25 12.16 -51.15
N ASN H 138 -49.93 11.40 -52.02
CA ASN H 138 -49.32 10.36 -52.81
C ASN H 138 -49.57 10.64 -54.29
N LEU H 139 -48.52 10.54 -55.10
CA LEU H 139 -48.59 10.87 -56.52
C LEU H 139 -48.06 9.71 -57.32
N TYR H 140 -48.87 9.20 -58.24
CA TYR H 140 -48.37 8.31 -59.28
C TYR H 140 -47.69 9.15 -60.34
N ILE H 141 -46.69 8.56 -61.00
CA ILE H 141 -46.04 9.19 -62.13
C ILE H 141 -46.00 8.19 -63.27
N LEU H 142 -46.39 8.62 -64.47
CA LEU H 142 -46.47 7.76 -65.63
C LEU H 142 -45.65 8.38 -66.74
N ILE H 143 -44.97 7.53 -67.50
CA ILE H 143 -44.07 7.98 -68.56
C ILE H 143 -44.30 7.12 -69.78
N ARG H 144 -44.52 7.77 -70.92
CA ARG H 144 -44.65 7.07 -72.18
C ARG H 144 -43.27 6.95 -72.81
N ARG H 145 -43.22 6.42 -74.04
CA ARG H 145 -41.94 6.18 -74.70
C ARG H 145 -41.14 5.15 -73.91
N SER I 3 44.48 21.59 -14.17
CA SER I 3 45.79 20.89 -14.05
C SER I 3 46.43 21.17 -12.68
N PHE I 4 45.62 21.10 -11.63
CA PHE I 4 46.13 21.32 -10.28
C PHE I 4 47.26 20.33 -9.99
N ARG I 5 48.38 20.84 -9.48
CA ARG I 5 49.60 20.06 -9.37
C ARG I 5 50.09 20.06 -7.93
N PHE I 6 50.99 19.12 -7.63
CA PHE I 6 51.49 18.87 -6.29
C PHE I 6 52.89 19.44 -6.12
N CYS I 7 53.50 19.22 -4.97
CA CYS I 7 54.91 19.51 -4.78
C CYS I 7 55.76 18.43 -5.46
N LEU I 8 57.02 18.78 -5.73
CA LEU I 8 57.92 17.85 -6.39
C LEU I 8 58.54 16.84 -5.44
N GLU I 9 58.44 17.05 -4.13
CA GLU I 9 58.89 16.07 -3.15
C GLU I 9 57.84 15.72 -2.09
N CYS I 10 57.05 16.68 -1.62
CA CYS I 10 56.05 16.43 -0.59
C CYS I 10 54.87 15.63 -1.10
N ASN I 11 54.51 15.79 -2.36
CA ASN I 11 53.42 15.06 -2.99
C ASN I 11 52.10 15.28 -2.26
N ASN I 12 51.88 16.48 -1.76
CA ASN I 12 50.59 16.94 -1.24
C ASN I 12 50.13 18.15 -2.04
N MET I 13 48.83 18.37 -2.04
CA MET I 13 48.27 19.45 -2.84
C MET I 13 48.77 20.80 -2.35
N LEU I 14 48.84 21.75 -3.28
CA LEU I 14 49.38 23.07 -3.00
C LEU I 14 48.24 24.07 -2.92
N TYR I 15 48.26 24.93 -1.90
CA TYR I 15 47.17 25.85 -1.62
C TYR I 15 47.60 27.28 -1.87
N PRO I 16 46.80 28.10 -2.56
CA PRO I 16 47.21 29.48 -2.80
C PRO I 16 47.18 30.34 -1.54
N LYS I 17 48.36 30.73 -1.06
CA LYS I 17 48.48 31.57 0.12
C LYS I 17 49.02 32.92 -0.29
N GLU I 18 48.48 33.98 0.32
CA GLU I 18 48.85 35.35 0.00
C GLU I 18 50.11 35.72 0.76
N ASP I 19 51.02 36.44 0.09
CA ASP I 19 52.24 36.94 0.72
C ASP I 19 51.98 38.40 1.12
N LYS I 20 51.18 38.57 2.16
CA LYS I 20 50.80 39.92 2.57
C LYS I 20 52.01 40.74 2.98
N GLU I 21 53.01 40.10 3.59
CA GLU I 21 54.24 40.81 3.93
C GLU I 21 54.90 41.38 2.68
N ASN I 22 54.93 40.61 1.60
CA ASN I 22 55.49 41.05 0.33
C ASN I 22 54.43 41.37 -0.71
N GLN I 23 53.15 41.27 -0.36
CA GLN I 23 52.06 41.55 -1.28
C GLN I 23 52.21 40.76 -2.58
N ARG I 24 52.14 39.44 -2.45
CA ARG I 24 52.23 38.54 -3.58
C ARG I 24 51.35 37.33 -3.33
N LEU I 25 51.23 36.48 -4.34
CA LEU I 25 50.53 35.20 -4.20
C LEU I 25 51.53 34.06 -4.31
N LEU I 26 51.32 33.04 -3.48
CA LEU I 26 52.17 31.86 -3.50
C LEU I 26 51.32 30.64 -3.16
N TYR I 27 51.83 29.48 -3.55
CA TYR I 27 51.16 28.21 -3.33
C TYR I 27 51.84 27.50 -2.17
N SER I 28 51.04 27.10 -1.17
CA SER I 28 51.55 26.54 0.07
C SER I 28 51.07 25.11 0.23
N CYS I 29 51.89 24.29 0.91
CA CYS I 29 51.56 22.92 1.25
C CYS I 29 51.48 22.77 2.76
N ARG I 30 50.63 21.84 3.20
CA ARG I 30 50.36 21.66 4.62
C ARG I 30 51.23 20.59 5.26
N ASN I 31 51.60 19.54 4.52
CA ASN I 31 52.40 18.47 5.07
C ASN I 31 53.90 18.72 4.94
N CYS I 32 54.31 19.87 4.43
CA CYS I 32 55.72 20.21 4.32
C CYS I 32 55.89 21.72 4.48
N ASP I 33 57.15 22.14 4.51
CA ASP I 33 57.50 23.55 4.52
C ASP I 33 57.96 24.04 3.15
N TYR I 34 57.80 23.21 2.11
CA TYR I 34 58.21 23.58 0.77
C TYR I 34 57.18 24.54 0.18
N THR I 35 57.51 25.83 0.16
CA THR I 35 56.62 26.89 -0.28
C THR I 35 57.23 27.59 -1.49
N GLU I 36 56.47 27.70 -2.57
CA GLU I 36 56.94 28.29 -3.82
C GLU I 36 56.06 29.46 -4.22
N LEU I 37 56.66 30.41 -4.95
CA LEU I 37 55.92 31.55 -5.44
C LEU I 37 54.97 31.14 -6.57
N ALA I 38 53.84 31.83 -6.64
CA ALA I 38 52.82 31.54 -7.63
C ALA I 38 52.91 32.56 -8.77
N GLU I 39 52.92 32.05 -10.01
CA GLU I 39 53.03 32.91 -11.18
C GLU I 39 51.68 33.47 -11.64
N ASP I 40 50.56 32.99 -11.07
CA ASP I 40 49.25 33.38 -11.55
C ASP I 40 48.36 33.78 -10.37
N PRO I 41 47.77 34.97 -10.39
CA PRO I 41 46.82 35.33 -9.32
C PRO I 41 45.55 34.50 -9.35
N LYS I 42 45.31 33.73 -10.40
CA LYS I 42 44.12 32.89 -10.49
C LYS I 42 44.07 31.93 -9.31
N VAL I 43 42.90 31.86 -8.67
CA VAL I 43 42.67 30.99 -7.53
C VAL I 43 41.58 29.97 -7.84
N TYR I 44 40.54 30.39 -8.55
CA TYR I 44 39.48 29.48 -8.99
C TYR I 44 38.96 29.95 -10.34
N ARG I 45 38.60 28.97 -11.17
CA ARG I 45 38.02 29.23 -12.49
C ARG I 45 36.78 28.35 -12.63
N HIS I 46 35.63 28.87 -12.22
CA HIS I 46 34.36 28.15 -12.33
C HIS I 46 33.58 28.76 -13.48
N GLU I 47 33.28 27.95 -14.48
CA GLU I 47 32.62 28.41 -15.69
C GLU I 47 31.24 27.77 -15.80
N LEU I 48 30.28 28.52 -16.33
CA LEU I 48 28.91 28.05 -16.45
C LEU I 48 28.63 27.46 -17.83
N ILE I 49 29.06 28.15 -18.88
CA ILE I 49 28.89 27.65 -20.25
C ILE I 49 29.97 26.62 -20.48
N THR I 50 29.59 25.33 -20.45
CA THR I 50 30.56 24.24 -20.59
C THR I 50 30.79 23.96 -22.07
N ASN I 51 31.94 24.36 -22.58
CA ASN I 51 32.33 24.09 -23.96
C ASN I 51 33.78 23.65 -24.02
N ILE I 52 34.19 22.77 -23.11
CA ILE I 52 35.57 22.30 -23.02
C ILE I 52 35.57 20.79 -23.28
N GLY I 53 36.37 20.36 -24.24
CA GLY I 53 36.50 18.96 -24.57
C GLY I 53 35.53 18.46 -25.62
N GLU I 54 34.64 19.31 -26.13
CA GLU I 54 33.69 18.87 -27.15
C GLU I 54 34.40 18.22 -28.33
N THR I 55 35.58 18.71 -28.67
CA THR I 55 36.41 18.09 -29.70
C THR I 55 37.40 17.08 -29.12
N ALA I 56 37.27 16.74 -27.84
CA ALA I 56 38.19 15.80 -27.20
C ALA I 56 37.81 14.35 -27.42
N GLY I 57 36.71 14.08 -28.10
CA GLY I 57 36.33 12.72 -28.42
C GLY I 57 37.02 12.21 -29.68
N ILE I 58 38.34 12.39 -29.76
CA ILE I 58 39.12 12.03 -30.93
C ILE I 58 40.03 10.85 -30.56
N VAL I 59 39.98 9.80 -31.39
CA VAL I 59 40.83 8.63 -31.20
C VAL I 59 41.57 8.37 -32.51
N ASP I 60 42.74 7.74 -32.39
CA ASP I 60 43.60 7.55 -33.55
C ASP I 60 43.06 6.45 -34.46
N ASP I 61 42.56 5.36 -33.89
CA ASP I 61 42.06 4.22 -34.67
C ASP I 61 40.71 4.50 -35.32
N ILE I 62 40.21 5.72 -35.31
CA ILE I 62 38.86 5.99 -35.81
C ILE I 62 38.72 5.57 -37.27
N GLY I 63 39.82 5.47 -38.01
CA GLY I 63 39.76 5.02 -39.38
C GLY I 63 39.68 3.52 -39.57
N GLN I 64 39.73 2.76 -38.48
CA GLN I 64 39.73 1.30 -38.55
C GLN I 64 38.36 0.69 -38.34
N ASP I 65 37.48 1.34 -37.59
CA ASP I 65 36.18 0.77 -37.26
C ASP I 65 35.31 0.68 -38.52
N PRO I 66 34.74 -0.49 -38.83
CA PRO I 66 33.83 -0.57 -39.98
C PRO I 66 32.43 -0.02 -39.70
N THR I 67 32.01 0.03 -38.43
CA THR I 67 30.68 0.51 -38.12
C THR I 67 30.44 1.92 -38.63
N LEU I 68 31.49 2.72 -38.72
CA LEU I 68 31.36 4.09 -39.21
C LEU I 68 31.07 4.06 -40.72
N PRO I 69 30.31 5.03 -41.22
CA PRO I 69 30.11 5.13 -42.66
C PRO I 69 31.27 5.87 -43.31
N ARG I 70 31.36 5.74 -44.64
CA ARG I 70 32.35 6.45 -45.42
C ARG I 70 31.68 7.51 -46.27
N SER I 71 32.18 8.73 -46.19
CA SER I 71 31.60 9.87 -46.88
C SER I 71 32.36 10.16 -48.17
N ASP I 72 31.77 11.03 -48.99
CA ASP I 72 32.35 11.43 -50.26
C ASP I 72 33.05 12.77 -50.19
N LYS I 73 33.12 13.37 -49.00
CA LYS I 73 33.65 14.72 -48.87
C LYS I 73 35.16 14.74 -49.12
N GLU I 74 35.69 15.94 -49.33
CA GLU I 74 37.11 16.16 -49.54
C GLU I 74 37.77 16.46 -48.21
N CYS I 75 38.71 15.61 -47.81
CA CYS I 75 39.47 15.86 -46.60
C CYS I 75 40.39 17.06 -46.83
N PRO I 76 40.26 18.13 -46.05
CA PRO I 76 41.12 19.31 -46.30
C PRO I 76 42.61 19.01 -46.16
N GLU I 77 43.00 18.05 -45.33
CA GLU I 77 44.41 17.70 -45.13
C GLU I 77 44.88 16.62 -46.09
N CYS I 78 44.11 15.54 -46.25
CA CYS I 78 44.51 14.42 -47.09
C CYS I 78 43.76 14.35 -48.41
N HIS I 79 42.69 15.13 -48.59
CA HIS I 79 41.96 15.19 -49.86
C HIS I 79 41.61 13.79 -50.37
N SER I 80 41.23 12.92 -49.44
CA SER I 80 40.88 11.55 -49.76
C SER I 80 39.37 11.37 -49.76
N ARG I 81 38.88 10.60 -50.74
CA ARG I 81 37.45 10.31 -50.85
C ARG I 81 37.07 9.06 -50.06
N ASP I 82 37.83 8.75 -49.02
CA ASP I 82 37.51 7.64 -48.11
C ASP I 82 37.72 8.15 -46.68
N CYS I 83 36.64 8.67 -46.10
CA CYS I 83 36.70 9.22 -44.75
C CYS I 83 35.37 8.96 -44.06
N VAL I 84 35.42 8.96 -42.73
CA VAL I 84 34.25 8.68 -41.91
C VAL I 84 33.86 9.97 -41.19
N PHE I 85 32.76 9.92 -40.44
CA PHE I 85 32.30 11.11 -39.73
C PHE I 85 31.33 10.71 -38.63
N PHE I 86 31.37 11.46 -37.51
CA PHE I 86 30.55 11.16 -36.35
C PHE I 86 30.07 12.46 -35.74
N GLN I 87 29.08 12.34 -34.85
CA GLN I 87 28.45 13.48 -34.19
C GLN I 87 29.06 13.67 -32.81
N SER I 88 28.73 14.79 -32.16
CA SER I 88 29.29 15.10 -30.86
C SER I 88 29.01 13.98 -29.86
N GLN I 89 30.04 13.61 -29.11
CA GLN I 89 29.96 12.54 -28.12
C GLN I 89 29.38 13.00 -26.79
N GLN I 90 29.32 14.30 -26.53
CA GLN I 90 28.82 14.77 -25.25
C GLN I 90 27.32 14.46 -25.13
N ARG I 91 26.90 14.14 -23.90
CA ARG I 91 25.53 13.73 -23.64
C ARG I 91 24.63 14.90 -23.24
N ARG I 92 25.14 16.12 -23.33
CA ARG I 92 24.35 17.28 -22.93
C ARG I 92 23.03 17.30 -23.69
N LYS I 93 21.94 17.61 -22.99
CA LYS I 93 20.64 17.71 -23.64
C LYS I 93 20.66 18.72 -24.77
N ASP I 94 21.44 19.80 -24.63
CA ASP I 94 21.58 20.81 -25.66
C ASP I 94 22.72 20.52 -26.63
N THR I 95 23.07 19.24 -26.79
CA THR I 95 24.11 18.87 -27.73
C THR I 95 23.71 19.27 -29.14
N ASN I 96 24.67 19.75 -29.92
CA ASN I 96 24.40 20.18 -31.27
C ASN I 96 24.51 19.01 -32.25
N MET I 97 23.88 19.18 -33.41
CA MET I 97 23.92 18.20 -34.49
C MET I 97 25.06 18.47 -35.47
N THR I 98 26.08 19.23 -35.05
CA THR I 98 27.24 19.51 -35.88
C THR I 98 28.12 18.26 -35.88
N LEU I 99 28.09 17.53 -36.99
CA LEU I 99 28.87 16.30 -37.10
C LEU I 99 30.33 16.64 -37.41
N PHE I 100 31.23 16.28 -36.50
CA PHE I 100 32.66 16.49 -36.67
C PHE I 100 33.17 15.47 -37.69
N TYR I 101 33.12 15.82 -38.97
CA TYR I 101 33.66 14.95 -39.98
C TYR I 101 35.13 14.68 -39.66
N VAL I 102 35.49 13.40 -39.56
CA VAL I 102 36.83 13.00 -39.16
C VAL I 102 37.49 12.27 -40.32
N CYS I 103 38.65 12.75 -40.73
CA CYS I 103 39.37 12.15 -41.85
C CYS I 103 40.10 10.90 -41.35
N LEU I 104 40.95 10.34 -42.20
CA LEU I 104 41.69 9.12 -41.87
C LEU I 104 43.17 9.35 -41.67
N ASN I 105 43.75 10.37 -42.31
CA ASN I 105 45.16 10.69 -42.15
C ASN I 105 45.40 11.86 -41.19
N CYS I 106 44.44 12.77 -41.05
CA CYS I 106 44.55 13.88 -40.12
C CYS I 106 43.60 13.79 -38.94
N LYS I 107 42.47 13.09 -39.09
CA LYS I 107 41.51 12.90 -38.01
C LYS I 107 41.04 14.25 -37.45
N LYS I 108 41.01 15.27 -38.30
CA LYS I 108 40.78 16.63 -37.85
C LYS I 108 39.29 16.95 -37.88
N THR I 109 38.81 17.56 -36.79
CA THR I 109 37.40 17.89 -36.62
C THR I 109 37.10 19.18 -37.38
N PHE I 110 36.35 19.07 -38.48
CA PHE I 110 36.01 20.21 -39.32
C PHE I 110 34.51 20.19 -39.60
N ARG I 111 34.02 21.34 -40.06
CA ARG I 111 32.63 21.51 -40.44
C ARG I 111 32.55 22.23 -41.78
N ASP I 112 31.62 21.80 -42.62
CA ASP I 112 31.38 22.45 -43.90
C ASP I 112 30.53 23.71 -43.77
N GLU I 113 30.03 23.99 -42.57
CA GLU I 113 29.20 25.15 -42.31
C GLU I 113 30.03 26.43 -42.31
N MET J 1 -3.64 -40.03 -38.54
CA MET J 1 -3.15 -41.25 -37.87
C MET J 1 -3.30 -42.42 -38.83
N ILE J 2 -4.49 -42.58 -39.40
CA ILE J 2 -4.71 -43.48 -40.51
C ILE J 2 -5.51 -42.71 -41.56
N ILE J 3 -5.40 -43.15 -42.81
CA ILE J 3 -6.05 -42.39 -43.88
C ILE J 3 -7.55 -42.32 -43.59
N PRO J 4 -8.19 -41.17 -43.76
CA PRO J 4 -9.62 -41.08 -43.45
C PRO J 4 -10.45 -41.87 -44.46
N VAL J 5 -11.68 -42.16 -44.06
CA VAL J 5 -12.57 -42.94 -44.91
C VAL J 5 -13.14 -42.07 -46.02
N ARG J 6 -13.69 -40.91 -45.66
CA ARG J 6 -14.40 -40.05 -46.59
C ARG J 6 -13.86 -38.64 -46.50
N CYS J 7 -14.05 -37.86 -47.56
CA CYS J 7 -13.63 -36.47 -47.54
C CYS J 7 -14.62 -35.63 -46.75
N PHE J 8 -14.22 -35.25 -45.53
CA PHE J 8 -15.06 -34.43 -44.67
C PHE J 8 -15.86 -33.42 -45.47
N SER J 9 -15.20 -32.70 -46.37
CA SER J 9 -15.87 -31.63 -47.10
C SER J 9 -17.06 -32.17 -47.88
N CYS J 10 -16.81 -33.00 -48.89
CA CYS J 10 -17.88 -33.49 -49.75
C CYS J 10 -18.42 -34.83 -49.27
N GLY J 11 -17.56 -35.85 -49.24
CA GLY J 11 -17.99 -37.17 -48.84
C GLY J 11 -17.46 -38.28 -49.74
N LYS J 12 -16.80 -37.91 -50.82
CA LYS J 12 -16.27 -38.92 -51.74
C LYS J 12 -15.30 -39.83 -51.00
N VAL J 13 -15.47 -41.13 -51.20
CA VAL J 13 -14.60 -42.10 -50.53
C VAL J 13 -13.17 -41.90 -51.03
N VAL J 14 -12.22 -41.89 -50.10
CA VAL J 14 -10.81 -41.76 -50.43
C VAL J 14 -9.95 -42.80 -49.73
N GLY J 15 -10.45 -43.41 -48.66
CA GLY J 15 -9.61 -44.27 -47.84
C GLY J 15 -8.87 -45.34 -48.61
N ASP J 16 -9.56 -46.04 -49.51
CA ASP J 16 -8.93 -47.13 -50.24
C ASP J 16 -7.84 -46.67 -51.19
N LYS J 17 -7.79 -45.38 -51.50
CA LYS J 17 -6.87 -44.88 -52.52
C LYS J 17 -5.47 -44.63 -51.99
N TRP J 18 -5.26 -44.78 -50.68
CA TRP J 18 -3.95 -44.49 -50.13
C TRP J 18 -2.88 -45.39 -50.71
N ASP J 19 -3.13 -46.70 -50.74
CA ASP J 19 -2.12 -47.63 -51.24
C ASP J 19 -1.75 -47.30 -52.67
N ALA J 20 -2.75 -47.09 -53.52
CA ALA J 20 -2.46 -46.75 -54.91
C ALA J 20 -1.68 -45.46 -55.01
N TYR J 21 -2.03 -44.48 -54.17
CA TYR J 21 -1.31 -43.22 -54.20
C TYR J 21 0.16 -43.44 -53.88
N LEU J 22 0.46 -44.18 -52.82
CA LEU J 22 1.85 -44.49 -52.51
C LEU J 22 2.51 -45.17 -53.69
N ARG J 23 1.89 -46.24 -54.19
CA ARG J 23 2.47 -46.99 -55.30
C ARG J 23 2.85 -46.08 -56.44
N LEU J 24 1.94 -45.20 -56.83
CA LEU J 24 2.24 -44.26 -57.90
C LEU J 24 3.41 -43.36 -57.50
N LEU J 25 3.50 -43.02 -56.22
CA LEU J 25 4.59 -42.17 -55.78
C LEU J 25 5.95 -42.86 -55.94
N GLU J 26 6.06 -44.12 -55.55
CA GLU J 26 7.37 -44.76 -55.56
C GLU J 26 8.00 -44.70 -56.95
N GLU J 27 7.19 -44.83 -58.00
CA GLU J 27 7.72 -44.87 -59.35
C GLU J 27 7.98 -43.49 -59.93
N GLY J 28 8.10 -42.46 -59.09
CA GLY J 28 8.62 -41.18 -59.51
C GLY J 28 7.61 -40.19 -60.02
N LYS J 29 6.36 -40.57 -60.19
CA LYS J 29 5.36 -39.63 -60.67
C LYS J 29 5.12 -38.55 -59.62
N GLN J 30 5.05 -37.30 -60.09
CA GLN J 30 4.83 -36.19 -59.20
C GLN J 30 3.44 -36.29 -58.57
N GLU J 31 3.29 -35.64 -57.41
CA GLU J 31 2.05 -35.76 -56.65
C GLU J 31 0.84 -35.37 -57.48
N GLY J 32 0.93 -34.26 -58.21
CA GLY J 32 -0.20 -33.84 -59.02
C GLY J 32 -0.63 -34.91 -60.00
N ASP J 33 0.34 -35.54 -60.66
CA ASP J 33 0.00 -36.61 -61.58
C ASP J 33 -0.68 -37.76 -60.86
N ALA J 34 -0.14 -38.15 -59.70
CA ALA J 34 -0.73 -39.26 -58.96
C ALA J 34 -2.17 -38.96 -58.61
N LEU J 35 -2.44 -37.75 -58.11
CA LEU J 35 -3.80 -37.39 -57.76
C LEU J 35 -4.69 -37.41 -59.00
N ASP J 36 -4.19 -36.93 -60.13
CA ASP J 36 -4.99 -36.95 -61.34
C ASP J 36 -5.37 -38.38 -61.72
N GLU J 37 -4.37 -39.26 -61.78
CA GLU J 37 -4.65 -40.64 -62.18
C GLU J 37 -5.64 -41.33 -61.27
N LEU J 38 -5.72 -40.92 -60.01
CA LEU J 38 -6.73 -41.45 -59.11
C LEU J 38 -8.10 -40.83 -59.34
N LYS J 39 -8.19 -39.85 -60.23
CA LYS J 39 -9.45 -39.16 -60.50
C LYS J 39 -9.94 -38.42 -59.25
N LEU J 40 -9.09 -37.55 -58.72
CA LEU J 40 -9.43 -36.67 -57.61
C LEU J 40 -9.33 -35.24 -58.14
N LYS J 41 -10.45 -34.71 -58.60
CA LYS J 41 -10.48 -33.39 -59.22
C LYS J 41 -10.83 -32.29 -58.22
N ARG J 42 -11.92 -32.45 -57.47
CA ARG J 42 -12.28 -31.46 -56.47
C ARG J 42 -11.21 -31.41 -55.40
N TYR J 43 -10.58 -30.25 -55.22
CA TYR J 43 -9.47 -30.17 -54.28
C TYR J 43 -9.92 -30.46 -52.86
N CYS J 44 -11.22 -30.37 -52.58
CA CYS J 44 -11.71 -30.73 -51.26
C CYS J 44 -11.25 -32.13 -50.88
N CYS J 45 -11.16 -33.02 -51.86
CA CYS J 45 -10.57 -34.33 -51.61
C CYS J 45 -9.05 -34.27 -51.70
N ARG J 46 -8.52 -33.61 -52.73
CA ARG J 46 -7.09 -33.65 -52.98
C ARG J 46 -6.30 -33.25 -51.73
N ARG J 47 -6.83 -32.32 -50.95
CA ARG J 47 -6.10 -31.85 -49.78
C ARG J 47 -5.74 -33.00 -48.84
N MET J 48 -6.53 -34.06 -48.83
CA MET J 48 -6.36 -35.14 -47.88
C MET J 48 -5.24 -36.08 -48.32
N VAL J 49 -5.37 -36.66 -49.50
CA VAL J 49 -4.31 -37.52 -50.01
C VAL J 49 -3.01 -36.74 -50.06
N LEU J 50 -3.07 -35.46 -50.42
CA LEU J 50 -1.85 -34.67 -50.49
C LEU J 50 -1.27 -34.42 -49.10
N THR J 51 -2.12 -34.18 -48.11
CA THR J 51 -1.64 -33.72 -46.82
C THR J 51 -2.13 -34.58 -45.67
N HIS J 52 -2.05 -35.90 -45.82
CA HIS J 52 -2.21 -36.81 -44.71
C HIS J 52 -0.83 -37.20 -44.18
N VAL J 53 -0.69 -37.22 -42.86
CA VAL J 53 0.50 -37.72 -42.22
C VAL J 53 0.15 -39.07 -41.61
N ASP J 54 0.92 -40.10 -41.96
CA ASP J 54 0.62 -41.45 -41.53
C ASP J 54 1.41 -41.74 -40.26
N LEU J 55 0.69 -42.07 -39.18
CA LEU J 55 1.30 -42.29 -37.88
C LEU J 55 1.12 -43.69 -37.35
N ILE J 56 0.15 -44.45 -37.86
CA ILE J 56 -0.10 -45.76 -37.27
C ILE J 56 1.14 -46.64 -37.38
N GLU J 57 1.86 -46.56 -38.50
CA GLU J 57 3.08 -47.34 -38.62
C GLU J 57 4.08 -46.98 -37.53
N LYS J 58 4.10 -45.72 -37.11
CA LYS J 58 4.94 -45.34 -35.98
C LYS J 58 4.47 -46.02 -34.70
N PHE J 59 3.15 -46.10 -34.50
CA PHE J 59 2.64 -46.76 -33.31
C PHE J 59 3.01 -48.23 -33.30
N LEU J 60 2.91 -48.90 -34.44
CA LEU J 60 3.19 -50.33 -34.48
C LEU J 60 4.58 -50.63 -33.97
N ARG J 61 5.54 -49.73 -34.19
CA ARG J 61 6.92 -50.03 -33.85
C ARG J 61 7.11 -50.35 -32.38
N TYR J 62 6.09 -50.12 -31.55
CA TYR J 62 6.17 -50.50 -30.15
C TYR J 62 5.70 -51.94 -29.98
N ASN J 63 6.51 -52.72 -29.27
CA ASN J 63 6.18 -54.11 -29.02
C ASN J 63 4.83 -54.17 -28.29
N PRO J 64 3.84 -54.87 -28.82
CA PRO J 64 2.52 -54.85 -28.18
C PRO J 64 2.56 -55.39 -26.76
N LEU J 65 1.64 -54.90 -25.93
CA LEU J 65 1.53 -55.38 -24.57
C LEU J 65 1.41 -56.90 -24.53
N GLU J 66 0.58 -57.47 -25.42
CA GLU J 66 0.30 -58.89 -25.37
C GLU J 66 1.16 -59.66 -26.38
N MET K 1 -23.71 -33.07 -24.25
CA MET K 1 -24.43 -33.14 -22.95
C MET K 1 -25.86 -32.65 -23.12
N ASN K 2 -26.01 -31.42 -23.61
CA ASN K 2 -27.32 -30.87 -23.92
C ASN K 2 -27.62 -30.95 -25.42
N ALA K 3 -26.95 -31.84 -26.12
CA ALA K 3 -27.13 -31.95 -27.56
C ALA K 3 -28.50 -32.57 -27.86
N PRO K 4 -29.22 -32.08 -28.87
CA PRO K 4 -30.48 -32.72 -29.24
C PRO K 4 -30.21 -33.96 -30.10
N ASP K 5 -31.11 -34.93 -29.96
CA ASP K 5 -30.96 -36.17 -30.72
C ASP K 5 -31.10 -35.91 -32.21
N ARG K 6 -30.36 -36.68 -33.01
CA ARG K 6 -30.46 -36.53 -34.46
C ARG K 6 -31.74 -37.16 -35.00
N PHE K 7 -32.29 -38.15 -34.31
CA PHE K 7 -33.51 -38.81 -34.78
C PHE K 7 -34.77 -38.02 -34.48
N GLU K 8 -34.67 -36.97 -33.68
CA GLU K 8 -35.81 -36.11 -33.40
C GLU K 8 -36.11 -35.13 -34.52
N LEU K 9 -35.20 -35.00 -35.49
CA LEU K 9 -35.38 -33.98 -36.52
C LEU K 9 -36.51 -34.33 -37.48
N PHE K 10 -36.72 -35.61 -37.75
CA PHE K 10 -37.69 -36.04 -38.75
C PHE K 10 -38.77 -36.97 -38.22
N ILE K 11 -38.52 -37.72 -37.16
CA ILE K 11 -39.53 -38.63 -36.62
C ILE K 11 -40.48 -37.83 -35.74
N LEU K 12 -41.63 -37.47 -36.30
CA LEU K 12 -42.59 -36.62 -35.59
C LEU K 12 -43.11 -37.36 -34.37
N PRO K 13 -43.07 -36.77 -33.17
CA PRO K 13 -43.72 -37.41 -32.02
C PRO K 13 -45.22 -37.42 -32.18
N ASP K 14 -45.84 -38.43 -31.54
CA ASP K 14 -47.26 -38.67 -31.75
C ASP K 14 -48.12 -37.51 -31.26
N ASP K 15 -47.78 -36.92 -30.12
CA ASP K 15 -48.70 -35.96 -29.48
C ASP K 15 -48.95 -34.73 -30.36
N VAL K 16 -48.04 -34.42 -31.27
CA VAL K 16 -48.15 -33.20 -32.06
C VAL K 16 -48.45 -33.55 -33.51
N PRO K 17 -49.44 -32.93 -34.14
CA PRO K 17 -49.76 -33.26 -35.53
C PRO K 17 -48.67 -32.82 -36.48
N LYS K 18 -48.57 -33.54 -37.58
CA LYS K 18 -47.59 -33.16 -38.60
C LYS K 18 -47.83 -31.74 -39.08
N LEU K 19 -49.09 -31.38 -39.27
CA LEU K 19 -49.44 -30.08 -39.80
C LEU K 19 -50.55 -29.48 -38.96
N LYS K 20 -50.42 -28.20 -38.63
CA LYS K 20 -51.41 -27.49 -37.84
C LYS K 20 -51.79 -26.22 -38.57
N ILE K 21 -53.10 -25.96 -38.67
CA ILE K 21 -53.62 -24.84 -39.44
C ILE K 21 -54.31 -23.88 -38.48
N THR K 22 -54.19 -22.58 -38.77
CA THR K 22 -54.84 -21.55 -37.97
C THR K 22 -55.35 -20.47 -38.90
N PRO K 23 -56.40 -19.74 -38.52
CA PRO K 23 -56.83 -18.61 -39.33
C PRO K 23 -56.11 -17.34 -38.95
N ASP K 24 -55.97 -16.44 -39.92
CA ASP K 24 -55.37 -15.12 -39.70
C ASP K 24 -56.48 -14.09 -39.71
N SER K 25 -56.87 -13.63 -38.53
CA SER K 25 -58.01 -12.73 -38.40
C SER K 25 -57.76 -11.37 -39.02
N ARG K 26 -56.52 -10.86 -38.95
CA ARG K 26 -56.26 -9.48 -39.35
C ARG K 26 -56.75 -9.20 -40.76
N VAL K 27 -56.77 -10.21 -41.62
CA VAL K 27 -57.29 -10.05 -42.98
C VAL K 27 -58.11 -11.28 -43.34
N PRO K 28 -59.03 -11.13 -44.30
CA PRO K 28 -59.92 -12.24 -44.64
C PRO K 28 -59.23 -13.27 -45.52
N ASN K 29 -59.76 -14.50 -45.47
CA ASN K 29 -59.31 -15.56 -46.37
C ASN K 29 -57.81 -15.81 -46.23
N CYS K 30 -57.30 -15.70 -45.02
CA CYS K 30 -55.88 -15.90 -44.74
C CYS K 30 -55.72 -16.91 -43.61
N ILE K 31 -54.77 -17.83 -43.77
CA ILE K 31 -54.50 -18.84 -42.76
C ILE K 31 -53.00 -18.94 -42.54
N ILE K 32 -52.63 -19.49 -41.39
CA ILE K 32 -51.25 -19.70 -41.01
C ILE K 32 -51.07 -21.18 -40.74
N ILE K 33 -50.11 -21.79 -41.43
CA ILE K 33 -49.86 -23.22 -41.34
C ILE K 33 -48.61 -23.45 -40.51
N LYS K 34 -48.73 -24.26 -39.47
CA LYS K 34 -47.60 -24.63 -38.63
C LYS K 34 -47.19 -26.04 -39.01
N PHE K 35 -46.08 -26.16 -39.73
CA PHE K 35 -45.57 -27.46 -40.12
C PHE K 35 -44.72 -28.04 -39.01
N GLU K 36 -44.24 -29.27 -39.23
CA GLU K 36 -43.40 -29.94 -38.26
C GLU K 36 -42.39 -30.82 -38.98
N ARG K 37 -41.21 -30.95 -38.40
CA ARG K 37 -40.20 -31.87 -38.90
C ARG K 37 -39.97 -31.65 -40.39
N GLU K 38 -39.89 -30.38 -40.79
CA GLU K 38 -39.64 -30.02 -42.18
C GLU K 38 -38.77 -28.77 -42.21
N ASP K 39 -38.24 -28.48 -43.39
CA ASP K 39 -37.30 -27.39 -43.56
C ASP K 39 -37.50 -26.82 -44.96
N HIS K 40 -36.52 -26.04 -45.42
CA HIS K 40 -36.63 -25.41 -46.73
C HIS K 40 -36.91 -26.42 -47.83
N THR K 41 -36.42 -27.65 -47.70
CA THR K 41 -36.52 -28.61 -48.78
C THR K 41 -37.94 -28.69 -49.30
N LEU K 42 -38.92 -28.64 -48.40
CA LEU K 42 -40.32 -28.69 -48.79
C LEU K 42 -40.96 -27.30 -48.85
N ALA K 43 -40.65 -26.44 -47.90
CA ALA K 43 -41.30 -25.14 -47.84
C ALA K 43 -41.01 -24.34 -49.11
N ASN K 44 -39.75 -24.27 -49.51
CA ASN K 44 -39.42 -23.50 -50.70
C ASN K 44 -40.12 -24.06 -51.92
N LEU K 45 -40.13 -25.37 -52.06
CA LEU K 45 -40.79 -25.98 -53.20
C LEU K 45 -42.25 -25.61 -53.25
N LEU K 46 -42.95 -25.74 -52.12
CA LEU K 46 -44.37 -25.39 -52.11
C LEU K 46 -44.58 -23.93 -52.42
N ARG K 47 -43.76 -23.06 -51.84
CA ARG K 47 -43.93 -21.62 -52.03
C ARG K 47 -43.76 -21.25 -53.50
N GLU K 48 -42.73 -21.77 -54.15
CA GLU K 48 -42.51 -21.42 -55.54
C GLU K 48 -43.73 -21.77 -56.38
N GLU K 49 -44.32 -22.93 -56.15
CA GLU K 49 -45.51 -23.32 -56.89
C GLU K 49 -46.67 -22.40 -56.57
N LEU K 50 -46.96 -22.20 -55.29
CA LEU K 50 -48.16 -21.45 -54.93
C LEU K 50 -48.09 -20.03 -55.43
N ALA K 51 -46.89 -19.45 -55.47
CA ALA K 51 -46.75 -18.08 -55.96
C ALA K 51 -47.16 -17.96 -57.43
N LEU K 52 -47.02 -19.02 -58.20
CA LEU K 52 -47.31 -18.93 -59.64
C LEU K 52 -48.81 -18.87 -59.92
N TYR K 53 -49.64 -19.40 -59.02
CA TYR K 53 -51.06 -19.40 -59.28
C TYR K 53 -51.60 -17.97 -59.29
N PRO K 54 -52.63 -17.70 -60.09
CA PRO K 54 -53.14 -16.33 -60.20
C PRO K 54 -54.02 -15.94 -59.02
N ASP K 55 -54.73 -16.92 -58.45
CA ASP K 55 -55.74 -16.65 -57.44
C ASP K 55 -55.16 -16.58 -56.03
N VAL K 56 -53.84 -16.62 -55.89
CA VAL K 56 -53.18 -16.58 -54.59
C VAL K 56 -52.62 -15.17 -54.41
N THR K 57 -53.06 -14.50 -53.36
CA THR K 57 -52.61 -13.14 -53.08
C THR K 57 -51.30 -13.10 -52.32
N PHE K 58 -51.19 -13.78 -51.19
CA PHE K 58 -49.98 -13.72 -50.38
C PHE K 58 -49.62 -15.12 -49.92
N VAL K 59 -48.39 -15.53 -50.22
CA VAL K 59 -47.81 -16.79 -49.78
C VAL K 59 -46.46 -16.50 -49.17
N ALA K 60 -46.25 -16.95 -47.93
CA ALA K 60 -45.01 -16.68 -47.25
C ALA K 60 -44.78 -17.72 -46.17
N TYR K 61 -43.53 -17.81 -45.73
CA TYR K 61 -43.13 -18.76 -44.71
C TYR K 61 -41.82 -18.30 -44.12
N LYS K 62 -41.37 -18.98 -43.07
CA LYS K 62 -40.11 -18.65 -42.45
C LYS K 62 -39.71 -19.75 -41.50
N VAL K 63 -38.45 -20.17 -41.58
CA VAL K 63 -37.87 -21.13 -40.66
C VAL K 63 -37.48 -20.36 -39.41
N GLU K 64 -38.31 -20.48 -38.36
CA GLU K 64 -38.19 -19.57 -37.23
C GLU K 64 -36.81 -19.66 -36.59
N HIS K 65 -36.32 -20.87 -36.35
CA HIS K 65 -35.04 -21.02 -35.69
C HIS K 65 -34.41 -22.34 -36.13
N PRO K 66 -33.21 -22.31 -36.71
CA PRO K 66 -32.66 -23.55 -37.28
C PRO K 66 -32.53 -24.68 -36.28
N LEU K 67 -32.28 -24.37 -35.01
CA LEU K 67 -32.17 -25.42 -34.01
C LEU K 67 -33.48 -26.16 -33.80
N PHE K 68 -34.59 -25.62 -34.29
CA PHE K 68 -35.87 -26.31 -34.29
C PHE K 68 -36.28 -26.59 -35.73
N ALA K 69 -36.55 -27.86 -36.03
CA ALA K 69 -36.83 -28.29 -37.40
C ALA K 69 -38.33 -28.21 -37.65
N ASN K 70 -38.79 -27.01 -37.97
CA ASN K 70 -40.16 -26.80 -38.40
C ASN K 70 -40.26 -25.40 -38.96
N PHE K 71 -41.33 -25.15 -39.70
CA PHE K 71 -41.53 -23.86 -40.32
C PHE K 71 -43.01 -23.55 -40.40
N VAL K 72 -43.31 -22.27 -40.54
CA VAL K 72 -44.67 -21.78 -40.58
C VAL K 72 -44.89 -21.08 -41.91
N MET K 73 -46.05 -21.30 -42.51
CA MET K 73 -46.36 -20.78 -43.83
C MET K 73 -47.63 -19.96 -43.77
N ARG K 74 -47.56 -18.71 -44.23
CA ARG K 74 -48.69 -17.81 -44.28
C ARG K 74 -49.20 -17.75 -45.71
N LEU K 75 -50.48 -18.01 -45.90
CA LEU K 75 -51.07 -18.06 -47.22
C LEU K 75 -52.42 -17.37 -47.20
N GLN K 76 -52.65 -16.51 -48.19
CA GLN K 76 -53.94 -15.83 -48.32
C GLN K 76 -54.24 -15.71 -49.80
N THR K 77 -55.28 -16.41 -50.24
CA THR K 77 -55.80 -16.30 -51.59
C THR K 77 -57.01 -15.38 -51.59
N GLU K 78 -57.28 -14.80 -52.76
CA GLU K 78 -58.44 -13.93 -52.88
C GLU K 78 -59.71 -14.69 -52.53
N GLU K 79 -60.81 -13.95 -52.40
CA GLU K 79 -62.03 -14.53 -51.88
C GLU K 79 -62.52 -15.69 -52.74
N GLY K 80 -62.11 -15.76 -54.00
CA GLY K 80 -62.64 -16.78 -54.88
C GLY K 80 -62.41 -18.19 -54.35
N THR K 81 -61.23 -18.45 -53.80
CA THR K 81 -60.85 -19.79 -53.38
C THR K 81 -60.36 -19.76 -51.94
N ARG K 82 -60.76 -20.76 -51.18
CA ARG K 82 -60.21 -20.95 -49.85
C ARG K 82 -58.76 -21.41 -49.94
N PRO K 83 -57.88 -20.91 -49.07
CA PRO K 83 -56.45 -21.21 -49.24
C PRO K 83 -56.15 -22.70 -49.26
N LYS K 84 -56.86 -23.50 -48.47
CA LYS K 84 -56.55 -24.92 -48.38
C LYS K 84 -56.72 -25.59 -49.74
N GLN K 85 -57.75 -25.19 -50.49
CA GLN K 85 -57.93 -25.74 -51.83
C GLN K 85 -56.74 -25.41 -52.71
N ALA K 86 -56.26 -24.18 -52.65
CA ALA K 86 -55.08 -23.82 -53.44
C ALA K 86 -53.89 -24.66 -53.01
N LEU K 87 -53.73 -24.88 -51.71
CA LEU K 87 -52.60 -25.66 -51.23
C LEU K 87 -52.63 -27.07 -51.79
N GLU K 88 -53.77 -27.75 -51.68
CA GLU K 88 -53.85 -29.10 -52.20
C GLU K 88 -53.70 -29.12 -53.71
N ARG K 89 -54.20 -28.09 -54.40
CA ARG K 89 -53.98 -28.00 -55.84
C ARG K 89 -52.49 -27.94 -56.15
N ALA K 90 -51.75 -27.12 -55.42
CA ALA K 90 -50.31 -27.03 -55.63
C ALA K 90 -49.65 -28.37 -55.38
N CYS K 91 -50.04 -29.05 -54.30
CA CYS K 91 -49.45 -30.36 -54.01
C CYS K 91 -49.68 -31.33 -55.17
N ALA K 92 -50.92 -31.40 -55.64
CA ALA K 92 -51.22 -32.32 -56.73
C ALA K 92 -50.44 -31.95 -57.99
N SER K 93 -50.37 -30.66 -58.30
CA SER K 93 -49.64 -30.26 -59.50
C SER K 93 -48.18 -30.64 -59.40
N ILE K 94 -47.58 -30.46 -58.23
CA ILE K 94 -46.17 -30.80 -58.07
C ILE K 94 -45.98 -32.30 -58.19
N ILE K 95 -46.88 -33.08 -57.60
CA ILE K 95 -46.76 -34.53 -57.71
C ILE K 95 -46.80 -34.94 -59.19
N ASN K 96 -47.74 -34.36 -59.93
CA ASN K 96 -47.83 -34.69 -61.35
C ASN K 96 -46.56 -34.30 -62.08
N LYS K 97 -46.03 -33.11 -61.79
CA LYS K 97 -44.80 -32.69 -62.43
C LYS K 97 -43.68 -33.67 -62.16
N LEU K 98 -43.55 -34.11 -60.91
CA LEU K 98 -42.49 -35.03 -60.56
C LEU K 98 -42.65 -36.37 -61.27
N LYS K 99 -43.89 -36.86 -61.35
CA LYS K 99 -44.11 -38.11 -62.06
C LYS K 99 -43.71 -37.99 -63.52
N THR K 100 -44.08 -36.87 -64.15
CA THR K 100 -43.70 -36.66 -65.54
C THR K 100 -42.18 -36.63 -65.68
N LEU K 101 -41.51 -35.93 -64.76
CA LEU K 101 -40.06 -35.85 -64.83
C LEU K 101 -39.44 -37.24 -64.69
N ASP K 102 -39.97 -38.04 -63.77
CA ASP K 102 -39.44 -39.39 -63.59
C ASP K 102 -39.60 -40.21 -64.85
N HIS K 103 -40.77 -40.13 -65.48
CA HIS K 103 -40.99 -40.86 -66.72
C HIS K 103 -39.97 -40.45 -67.77
N LYS K 104 -39.81 -39.14 -67.95
CA LYS K 104 -38.90 -38.64 -68.98
C LYS K 104 -37.48 -39.08 -68.70
N PHE K 105 -37.04 -39.00 -67.45
CA PHE K 105 -35.68 -39.38 -67.12
C PHE K 105 -35.47 -40.87 -67.32
N ASN K 106 -36.45 -41.69 -66.95
CA ASN K 106 -36.33 -43.12 -67.19
C ASN K 106 -36.15 -43.40 -68.67
N GLU K 107 -36.98 -42.78 -69.51
CA GLU K 107 -36.82 -42.94 -70.95
C GLU K 107 -35.41 -42.55 -71.38
N GLU K 108 -34.96 -41.37 -70.95
CA GLU K 108 -33.68 -40.88 -71.39
C GLU K 108 -32.57 -41.83 -70.99
N TRP K 109 -32.60 -42.32 -69.75
CA TRP K 109 -31.56 -43.24 -69.30
C TRP K 109 -31.61 -44.55 -70.10
N ASN K 110 -32.81 -45.06 -70.35
CA ASN K 110 -32.93 -46.30 -71.10
C ASN K 110 -32.30 -46.18 -72.47
N ILE K 111 -32.66 -45.13 -73.22
CA ILE K 111 -32.02 -44.95 -74.52
C ILE K 111 -30.53 -44.69 -74.36
N LYS K 112 -30.14 -43.97 -73.32
CA LYS K 112 -28.72 -43.70 -73.11
C LYS K 112 -27.96 -44.99 -72.86
N ASN K 113 -28.57 -45.93 -72.17
CA ASN K 113 -27.92 -47.21 -71.89
C ASN K 113 -28.88 -48.37 -72.17
N GLY L 28 -8.68 -65.69 -9.30
CA GLY L 28 -9.84 -65.71 -10.24
C GLY L 28 -9.87 -64.50 -11.16
N VAL L 29 -9.04 -63.51 -10.86
CA VAL L 29 -8.95 -62.29 -11.65
C VAL L 29 -7.76 -62.41 -12.58
N LYS L 30 -7.99 -62.19 -13.86
CA LYS L 30 -6.94 -62.35 -14.86
C LYS L 30 -6.03 -61.13 -14.86
N TYR L 31 -4.80 -61.32 -15.35
CA TYR L 31 -3.78 -60.29 -15.33
C TYR L 31 -2.88 -60.45 -16.54
N THR L 32 -1.87 -59.59 -16.65
CA THR L 32 -0.95 -59.61 -17.77
C THR L 32 0.31 -58.86 -17.39
N CYS L 33 1.44 -59.30 -17.93
CA CYS L 33 2.71 -58.64 -17.68
C CYS L 33 3.04 -57.66 -18.82
N GLY L 34 4.01 -56.79 -18.55
CA GLY L 34 4.37 -55.76 -19.51
C GLY L 34 5.55 -56.11 -20.40
N ALA L 35 6.29 -57.16 -20.07
CA ALA L 35 7.44 -57.60 -20.85
C ALA L 35 7.24 -59.00 -21.43
N CYS L 36 6.97 -59.99 -20.58
CA CYS L 36 6.70 -61.34 -21.06
C CYS L 36 5.32 -61.47 -21.66
N ALA L 37 4.33 -60.77 -21.10
CA ALA L 37 2.98 -60.76 -21.64
C ALA L 37 2.34 -62.15 -21.53
N HIS L 38 2.54 -62.79 -20.39
CA HIS L 38 1.97 -64.10 -20.11
C HIS L 38 0.96 -63.97 -18.98
N ASN L 39 -0.26 -64.43 -19.22
CA ASN L 39 -1.35 -64.22 -18.30
C ASN L 39 -1.19 -65.07 -17.04
N PHE L 40 -1.81 -64.62 -15.96
CA PHE L 40 -1.91 -65.39 -14.73
C PHE L 40 -2.94 -64.70 -13.85
N SER L 41 -3.04 -65.14 -12.60
CA SER L 41 -4.01 -64.58 -11.67
C SER L 41 -3.42 -64.59 -10.27
N LEU L 42 -4.02 -63.80 -9.39
CA LEU L 42 -3.59 -63.69 -8.01
C LEU L 42 -4.80 -63.83 -7.09
N ASN L 43 -4.55 -64.23 -5.85
CA ASN L 43 -5.59 -64.33 -4.83
C ASN L 43 -5.50 -63.20 -3.81
N LYS L 44 -4.97 -62.05 -4.21
CA LYS L 44 -4.85 -60.87 -3.36
C LYS L 44 -3.85 -61.06 -2.22
N SER L 45 -3.21 -62.22 -2.13
CA SER L 45 -2.23 -62.49 -1.11
C SER L 45 -0.82 -62.65 -1.65
N ASP L 46 -0.67 -63.15 -2.87
CA ASP L 46 0.65 -63.28 -3.45
C ASP L 46 1.27 -61.90 -3.66
N PRO L 47 2.58 -61.75 -3.43
CA PRO L 47 3.21 -60.46 -3.70
C PRO L 47 3.04 -60.07 -5.16
N VAL L 48 2.95 -58.77 -5.41
CA VAL L 48 2.61 -58.27 -6.74
C VAL L 48 3.86 -58.33 -7.61
N ARG L 49 4.04 -59.47 -8.28
CA ARG L 49 5.14 -59.67 -9.22
C ARG L 49 4.67 -60.62 -10.30
N CYS L 50 5.40 -60.62 -11.41
CA CYS L 50 5.09 -61.56 -12.48
C CYS L 50 5.54 -62.97 -12.09
N LYS L 51 4.64 -63.93 -12.29
CA LYS L 51 4.91 -65.30 -11.87
C LYS L 51 6.04 -65.95 -12.67
N GLU L 52 6.16 -65.62 -13.96
CA GLU L 52 7.11 -66.31 -14.84
C GLU L 52 8.44 -65.57 -14.99
N CYS L 53 8.43 -64.26 -15.22
CA CYS L 53 9.66 -63.50 -15.37
C CYS L 53 9.93 -62.57 -14.20
N GLY L 54 9.13 -62.64 -13.14
CA GLY L 54 9.40 -61.86 -11.95
C GLY L 54 9.27 -60.36 -12.12
N HIS L 55 8.70 -59.90 -13.24
CA HIS L 55 8.53 -58.47 -13.45
C HIS L 55 7.52 -57.92 -12.45
N ARG L 56 7.58 -56.60 -12.26
CA ARG L 56 6.87 -55.94 -11.18
C ARG L 56 5.74 -55.05 -11.67
N VAL L 57 5.30 -55.23 -12.91
CA VAL L 57 4.23 -54.43 -13.50
C VAL L 57 3.21 -55.39 -14.11
N ILE L 58 1.94 -55.15 -13.85
CA ILE L 58 0.88 -56.00 -14.40
C ILE L 58 -0.35 -55.15 -14.67
N TYR L 59 -1.16 -55.58 -15.64
CA TYR L 59 -2.40 -54.92 -15.99
C TYR L 59 -3.54 -55.92 -15.92
N LYS L 60 -4.70 -55.45 -15.47
CA LYS L 60 -5.89 -56.28 -15.53
C LYS L 60 -6.30 -56.50 -16.98
N ALA L 61 -6.69 -57.73 -17.29
CA ALA L 61 -7.06 -58.07 -18.64
C ALA L 61 -8.47 -57.56 -18.95
N ARG L 62 -8.81 -57.57 -20.23
CA ARG L 62 -10.09 -57.08 -20.67
C ARG L 62 -11.23 -57.91 -20.09
N THR L 63 -12.31 -57.24 -19.71
CA THR L 63 -13.45 -57.94 -19.14
C THR L 63 -14.16 -58.75 -20.21
N LYS L 64 -14.98 -59.70 -19.75
CA LYS L 64 -15.73 -60.58 -20.64
C LYS L 64 -17.06 -59.97 -21.09
N ARG L 65 -17.59 -58.99 -20.37
CA ARG L 65 -18.83 -58.36 -20.79
C ARG L 65 -18.70 -57.84 -22.21
N MET L 66 -19.85 -57.55 -22.82
CA MET L 66 -19.86 -57.06 -24.19
C MET L 66 -19.74 -55.54 -24.22
N ILE L 67 -19.21 -55.03 -25.33
CA ILE L 67 -19.05 -53.60 -25.56
C ILE L 67 -19.87 -53.23 -26.78
N GLN L 68 -20.49 -52.06 -26.75
CA GLN L 68 -21.25 -51.54 -27.87
C GLN L 68 -20.78 -50.14 -28.22
N PHE L 69 -20.99 -49.76 -29.48
CA PHE L 69 -20.71 -48.42 -29.95
C PHE L 69 -21.71 -48.09 -31.06
N ASP L 70 -22.16 -46.84 -31.07
CA ASP L 70 -23.02 -46.41 -32.17
C ASP L 70 -22.26 -46.31 -33.48
N ALA L 71 -20.94 -46.43 -33.46
CA ALA L 71 -20.13 -46.34 -34.67
C ALA L 71 -20.25 -44.97 -35.32
N ARG L 72 -20.91 -44.04 -34.66
CA ARG L 72 -21.07 -42.68 -35.17
C ARG L 72 -19.84 -41.87 -34.83
N ILE M 18 28.32 22.60 19.43
CA ILE M 18 27.12 22.45 20.29
C ILE M 18 27.28 21.25 21.20
N LYS M 19 26.71 21.33 22.40
CA LYS M 19 26.81 20.24 23.37
C LYS M 19 25.91 19.08 22.97
N GLN M 20 26.46 17.87 22.98
CA GLN M 20 25.74 16.68 22.57
C GLN M 20 25.87 15.62 23.65
N LYS M 21 24.73 15.21 24.21
CA LYS M 21 24.66 14.14 25.20
C LYS M 21 24.41 12.82 24.47
N LEU M 22 25.12 11.77 24.87
CA LEU M 22 25.00 10.47 24.23
C LEU M 22 25.20 9.38 25.26
N GLU M 23 24.10 8.75 25.68
CA GLU M 23 24.17 7.58 26.57
C GLU M 23 24.37 6.35 25.70
N THR M 24 25.56 6.26 25.10
CA THR M 24 25.92 5.14 24.27
C THR M 24 26.34 3.96 25.13
N GLN M 25 26.26 2.77 24.54
CA GLN M 25 26.43 1.52 25.26
C GLN M 25 27.87 1.04 25.34
N PHE M 26 28.83 1.95 25.23
CA PHE M 26 30.23 1.56 25.34
C PHE M 26 30.52 1.04 26.75
N THR M 27 31.42 0.07 26.83
CA THR M 27 31.79 -0.55 28.10
C THR M 27 32.95 0.20 28.72
N CYS M 28 32.83 0.53 30.00
CA CYS M 28 33.92 1.16 30.72
C CYS M 28 34.94 0.12 31.18
N LEU M 29 36.16 0.59 31.49
CA LEU M 29 37.23 -0.32 31.84
C LEU M 29 37.47 -0.36 33.34
N PHE M 30 37.38 0.80 34.00
CA PHE M 30 37.64 0.85 35.44
C PHE M 30 36.44 0.36 36.24
N CYS M 31 35.26 0.94 36.00
CA CYS M 31 34.05 0.45 36.67
C CYS M 31 33.47 -0.78 36.00
N ASN M 32 33.88 -1.08 34.77
CA ASN M 32 33.45 -2.29 34.08
C ASN M 32 31.93 -2.42 34.07
N HIS M 33 31.25 -1.31 33.82
CA HIS M 33 29.80 -1.26 33.71
C HIS M 33 29.42 -0.87 32.29
N ASP M 34 28.59 -1.69 31.65
CA ASP M 34 28.15 -1.40 30.30
C ASP M 34 27.15 -0.24 30.31
N ASN M 35 27.15 0.51 29.20
CA ASN M 35 26.28 1.68 29.05
C ASN M 35 26.48 2.70 30.17
N SER M 36 27.61 2.62 30.85
CA SER M 36 28.02 3.64 31.81
C SER M 36 28.92 4.69 31.19
N VAL M 37 29.13 4.63 29.87
CA VAL M 37 30.06 5.50 29.17
C VAL M 37 29.26 6.42 28.25
N VAL M 38 29.43 7.72 28.43
CA VAL M 38 28.79 8.74 27.60
C VAL M 38 29.87 9.38 26.75
N CYS M 39 29.70 9.33 25.43
CA CYS M 39 30.63 9.93 24.48
C CYS M 39 30.04 11.26 24.02
N THR M 40 30.22 12.28 24.84
CA THR M 40 29.79 13.62 24.45
C THR M 40 30.63 14.12 23.28
N LEU M 41 29.98 14.89 22.40
CA LEU M 41 30.63 15.43 21.21
C LEU M 41 30.70 16.94 21.31
N ASP M 42 31.90 17.48 21.15
CA ASP M 42 32.17 18.90 21.34
C ASP M 42 33.08 19.36 20.20
N LYS M 43 32.46 19.85 19.12
CA LYS M 43 33.17 20.13 17.88
C LYS M 43 33.76 21.55 17.81
N LYS M 44 33.47 22.40 18.78
CA LYS M 44 33.84 23.81 18.63
C LYS M 44 35.35 23.98 18.52
N ASN M 45 36.12 23.36 19.42
CA ASN M 45 37.57 23.47 19.42
C ASN M 45 38.25 22.12 19.33
N SER M 46 37.67 21.18 18.58
CA SER M 46 38.23 19.84 18.43
C SER M 46 38.57 19.24 19.79
N ILE M 47 37.55 19.07 20.62
CA ILE M 47 37.72 18.54 21.97
C ILE M 47 36.74 17.39 22.14
N GLY M 48 37.24 16.26 22.65
CA GLY M 48 36.41 15.09 22.86
C GLY M 48 36.45 14.58 24.28
N LEU M 49 35.29 14.50 24.92
CA LEU M 49 35.17 14.03 26.30
C LEU M 49 34.38 12.73 26.33
N LEU M 50 34.82 11.82 27.19
CA LEU M 50 34.07 10.62 27.53
C LEU M 50 33.63 10.73 28.98
N GLU M 51 32.32 10.74 29.21
CA GLU M 51 31.76 10.90 30.54
C GLU M 51 31.21 9.57 31.02
N CYS M 52 31.66 9.12 32.19
CA CYS M 52 31.18 7.89 32.79
C CYS M 52 30.22 8.21 33.92
N LYS M 53 29.33 7.26 34.21
CA LYS M 53 28.27 7.48 35.17
C LYS M 53 28.52 6.84 36.53
N LYS M 54 29.25 5.74 36.58
CA LYS M 54 29.48 5.02 37.84
C LYS M 54 30.76 5.45 38.53
N CYS M 55 31.91 5.29 37.86
CA CYS M 55 33.17 5.79 38.38
C CYS M 55 33.43 7.23 37.99
N ASN M 56 32.66 7.78 37.06
CA ASN M 56 32.72 9.20 36.71
C ASN M 56 34.10 9.63 36.28
N LEU M 57 34.80 8.79 35.51
CA LEU M 57 36.09 9.18 34.98
C LEU M 57 35.90 10.02 33.71
N SER M 58 36.93 10.79 33.37
CA SER M 58 36.92 11.66 32.22
C SER M 58 38.09 11.33 31.31
N PHE M 59 37.80 11.19 30.01
CA PHE M 59 38.83 11.01 29.00
C PHE M 59 38.79 12.17 28.02
N GLN M 60 39.96 12.72 27.72
CA GLN M 60 40.09 13.85 26.81
C GLN M 60 40.78 13.38 25.54
N ALA M 61 40.36 13.93 24.41
CA ALA M 61 41.01 13.64 23.14
C ALA M 61 40.54 14.61 22.07
N PRO M 62 41.44 15.22 21.30
CA PRO M 62 40.99 16.05 20.18
C PRO M 62 40.19 15.23 19.18
N ILE M 63 39.18 15.86 18.60
CA ILE M 63 38.31 15.21 17.63
C ILE M 63 38.31 16.02 16.34
N ASN M 64 38.64 15.33 15.24
CA ASN M 64 38.67 15.93 13.92
C ASN M 64 37.26 15.99 13.35
N SER M 65 37.17 16.42 12.09
CA SER M 65 35.87 16.52 11.44
C SER M 65 35.16 15.16 11.41
N LEU M 66 35.90 14.10 11.12
CA LEU M 66 35.32 12.78 10.93
C LEU M 66 35.24 11.98 12.21
N SER M 67 35.62 12.55 13.35
CA SER M 67 35.64 11.80 14.59
C SER M 67 34.25 11.30 14.97
N GLN M 68 34.20 10.15 15.63
CA GLN M 68 32.96 9.49 16.01
C GLN M 68 33.13 8.93 17.41
N PRO M 69 32.02 8.78 18.17
CA PRO M 69 32.10 8.14 19.49
C PRO M 69 32.99 6.90 19.52
N ILE M 70 32.94 6.09 18.46
CA ILE M 70 33.79 4.91 18.40
C ILE M 70 35.25 5.31 18.30
N ASP M 71 35.54 6.42 17.60
CA ASP M 71 36.92 6.89 17.53
C ASP M 71 37.44 7.26 18.91
N ILE M 72 36.63 8.01 19.68
CA ILE M 72 37.01 8.34 21.05
C ILE M 72 37.17 7.07 21.87
N TYR M 73 36.30 6.08 21.64
CA TYR M 73 36.38 4.84 22.41
C TYR M 73 37.69 4.13 22.14
N SER M 74 38.10 4.04 20.88
CA SER M 74 39.37 3.40 20.54
C SER M 74 40.54 4.18 21.13
N ASP M 75 40.49 5.52 21.04
CA ASP M 75 41.56 6.31 21.62
C ASP M 75 41.67 6.04 23.12
N TRP M 76 40.53 6.01 23.81
CA TRP M 76 40.53 5.74 25.24
C TRP M 76 41.05 4.36 25.54
N ILE M 77 40.67 3.37 24.74
CA ILE M 77 41.13 2.00 24.96
C ILE M 77 42.65 1.94 24.82
N ASP M 78 43.21 2.58 23.79
CA ASP M 78 44.65 2.62 23.65
C ASP M 78 45.29 3.31 24.84
N ALA M 79 44.69 4.42 25.30
CA ALA M 79 45.25 5.14 26.44
C ALA M 79 45.28 4.27 27.69
N CYS M 80 44.21 3.51 27.94
CA CYS M 80 44.13 2.71 29.15
C CYS M 80 45.24 1.67 29.20
N GLU M 81 45.84 1.36 28.06
CA GLU M 81 46.88 0.34 28.00
C GLU M 81 47.79 0.56 26.80
N GLU Q 3 26.69 -41.25 33.15
CA GLU Q 3 27.23 -40.55 34.34
C GLU Q 3 26.35 -40.77 35.57
N ARG Q 4 26.96 -41.15 36.67
CA ARG Q 4 26.26 -41.37 37.93
C ARG Q 4 26.99 -40.62 39.05
N ALA Q 5 26.22 -39.98 39.92
CA ALA Q 5 26.75 -39.06 40.91
C ALA Q 5 27.00 -39.76 42.24
N CYS Q 6 28.24 -39.70 42.70
CA CYS Q 6 28.57 -40.22 44.02
C CYS Q 6 27.73 -39.52 45.08
N MET Q 7 27.18 -40.29 46.02
CA MET Q 7 26.27 -39.73 47.01
C MET Q 7 27.02 -38.98 48.09
N LEU Q 8 28.27 -39.34 48.35
CA LEU Q 8 29.03 -38.71 49.43
C LEU Q 8 29.61 -37.36 49.00
N CYS Q 9 30.48 -37.38 47.97
CA CYS Q 9 31.14 -36.18 47.49
C CYS Q 9 30.36 -35.47 46.37
N GLY Q 10 29.44 -36.16 45.72
CA GLY Q 10 28.67 -35.56 44.65
C GLY Q 10 29.32 -35.62 43.28
N ILE Q 11 30.46 -36.28 43.14
CA ILE Q 11 31.12 -36.35 41.84
C ILE Q 11 30.35 -37.31 40.95
N VAL Q 12 30.10 -36.89 39.71
CA VAL Q 12 29.36 -37.68 38.74
C VAL Q 12 30.30 -38.05 37.61
N LEU Q 13 30.44 -39.34 37.35
CA LEU Q 13 31.27 -39.84 36.26
C LEU Q 13 30.57 -41.04 35.64
N PRO Q 14 30.79 -41.30 34.36
CA PRO Q 14 30.25 -42.54 33.77
C PRO Q 14 30.80 -43.76 34.47
N GLY Q 15 30.01 -44.83 34.48
CA GLY Q 15 30.34 -46.02 35.24
C GLY Q 15 31.65 -46.66 34.84
N ARG Q 16 32.12 -46.40 33.62
CA ARG Q 16 33.40 -46.97 33.18
C ARG Q 16 34.54 -46.54 34.09
N VAL Q 17 34.63 -45.24 34.39
CA VAL Q 17 35.69 -44.77 35.28
C VAL Q 17 35.49 -45.33 36.67
N PHE Q 18 34.24 -45.41 37.14
CA PHE Q 18 33.98 -45.96 38.48
C PHE Q 18 34.46 -47.39 38.59
N MET Q 19 34.21 -48.22 37.57
CA MET Q 19 34.63 -49.61 37.61
C MET Q 19 36.12 -49.78 37.32
N GLN Q 20 36.76 -48.80 36.67
CA GLN Q 20 38.18 -48.88 36.40
C GLN Q 20 39.05 -48.13 37.40
N ASN Q 21 38.72 -46.87 37.70
CA ASN Q 21 39.54 -46.06 38.61
C ASN Q 21 38.83 -45.65 39.89
N GLY Q 22 37.55 -45.95 40.05
CA GLY Q 22 36.86 -45.67 41.28
C GLY Q 22 36.57 -44.19 41.47
N CYS Q 23 35.91 -43.88 42.58
CA CYS Q 23 35.56 -42.50 42.88
C CYS Q 23 36.85 -41.68 43.02
N PRO Q 24 36.97 -40.55 42.33
CA PRO Q 24 38.17 -39.72 42.50
C PRO Q 24 38.34 -39.21 43.91
N ASN Q 25 37.27 -39.16 44.72
CA ASN Q 25 37.32 -38.58 46.05
C ASN Q 25 36.80 -39.48 47.16
N CYS Q 26 36.13 -40.60 46.84
CA CYS Q 26 35.56 -41.47 47.86
C CYS Q 26 35.95 -42.93 47.68
N ASP Q 27 36.91 -43.23 46.79
CA ASP Q 27 37.37 -44.61 46.66
C ASP Q 27 37.92 -45.13 47.98
N SER Q 28 38.43 -44.24 48.84
CA SER Q 28 39.03 -44.66 50.09
C SER Q 28 38.00 -45.08 51.12
N VAL Q 29 36.75 -44.65 50.95
CA VAL Q 29 35.72 -44.91 51.95
C VAL Q 29 34.56 -45.69 51.33
N LEU Q 30 34.35 -45.54 50.03
CA LEU Q 30 33.27 -46.21 49.34
C LEU Q 30 33.71 -47.46 48.59
N ASN Q 31 34.94 -47.47 48.08
CA ASN Q 31 35.46 -48.64 47.36
C ASN Q 31 34.59 -48.95 46.14
N LEU Q 32 34.28 -47.93 45.36
CA LEU Q 32 33.44 -48.13 44.19
C LEU Q 32 34.11 -49.01 43.16
N ARG Q 33 35.41 -48.84 42.94
CA ARG Q 33 36.11 -49.59 41.91
C ARG Q 33 36.09 -51.08 42.19
N ASP Q 34 36.36 -51.49 43.43
CA ASP Q 34 36.50 -52.89 43.80
C ASP Q 34 35.27 -53.40 44.57
N SER Q 35 34.08 -52.94 44.18
CA SER Q 35 32.84 -53.41 44.77
C SER Q 35 31.90 -53.86 43.66
N ASP Q 36 30.94 -54.70 44.01
CA ASP Q 36 29.97 -55.18 43.04
C ASP Q 36 29.19 -53.99 42.47
N GLN Q 37 28.67 -54.19 41.25
CA GLN Q 37 27.99 -53.11 40.57
C GLN Q 37 26.80 -52.58 41.38
N ALA Q 38 26.23 -53.39 42.26
CA ALA Q 38 25.16 -52.91 43.13
C ALA Q 38 25.66 -51.81 44.05
N THR Q 39 26.85 -51.98 44.64
CA THR Q 39 27.41 -50.94 45.50
C THR Q 39 27.68 -49.66 44.73
N VAL Q 40 28.25 -49.78 43.52
CA VAL Q 40 28.50 -48.59 42.71
C VAL Q 40 27.21 -47.89 42.37
N ASN Q 41 26.18 -48.65 41.96
CA ASN Q 41 24.91 -48.04 41.60
C ASN Q 41 24.29 -47.34 42.81
N GLU Q 42 24.27 -48.00 43.96
CA GLU Q 42 23.64 -47.40 45.14
C GLU Q 42 24.40 -46.16 45.60
N CYS Q 43 25.73 -46.21 45.59
CA CYS Q 43 26.52 -45.05 46.00
C CYS Q 43 26.53 -43.97 44.93
N THR Q 44 26.53 -44.36 43.66
CA THR Q 44 26.53 -43.43 42.53
C THR Q 44 25.15 -43.49 41.89
N SER Q 45 24.24 -42.65 42.37
CA SER Q 45 22.88 -42.64 41.84
C SER Q 45 22.82 -41.93 40.50
N SER Q 46 21.97 -42.43 39.61
CA SER Q 46 21.85 -41.86 38.27
C SER Q 46 21.20 -40.49 38.32
N SER Q 47 20.11 -40.34 39.09
CA SER Q 47 19.39 -39.08 39.14
C SER Q 47 20.24 -38.01 39.79
N PHE Q 48 20.11 -36.78 39.29
CA PHE Q 48 20.95 -35.68 39.75
C PHE Q 48 20.33 -34.36 39.34
N GLU Q 49 20.85 -33.28 39.93
CA GLU Q 49 20.46 -31.93 39.55
C GLU Q 49 21.57 -30.99 39.99
N GLY Q 50 21.65 -29.83 39.33
CA GLY Q 50 22.66 -28.85 39.65
C GLY Q 50 24.05 -29.29 39.26
N LEU Q 51 24.28 -29.44 37.95
CA LEU Q 51 25.61 -29.81 37.45
C LEU Q 51 26.56 -28.63 37.61
N VAL Q 52 27.55 -28.78 38.48
CA VAL Q 52 28.47 -27.71 38.81
C VAL Q 52 29.85 -28.10 38.32
N ALA Q 53 30.43 -27.27 37.46
CA ALA Q 53 31.80 -27.44 36.99
C ALA Q 53 32.72 -26.62 37.88
N VAL Q 54 33.79 -27.25 38.36
CA VAL Q 54 34.70 -26.63 39.32
C VAL Q 54 36.13 -26.80 38.81
N GLY Q 55 36.90 -25.71 38.86
CA GLY Q 55 38.31 -25.75 38.53
C GLY Q 55 39.17 -25.36 39.71
N ASP Q 56 38.58 -24.61 40.64
CA ASP Q 56 39.22 -24.23 41.89
C ASP Q 56 38.41 -24.80 43.05
N ASN Q 57 39.11 -25.33 44.04
CA ASN Q 57 38.47 -25.86 45.24
C ASN Q 57 38.95 -25.21 46.53
N GLU Q 58 40.14 -24.58 46.52
CA GLU Q 58 40.63 -23.92 47.72
C GLU Q 58 39.73 -22.77 48.14
N HIS Q 59 39.44 -21.86 47.21
CA HIS Q 59 38.58 -20.71 47.46
C HIS Q 59 37.21 -20.88 46.83
N SER Q 60 36.75 -22.13 46.72
CA SER Q 60 35.50 -22.43 46.04
C SER Q 60 34.34 -22.28 47.02
N TRP Q 61 33.75 -21.08 47.04
CA TRP Q 61 32.59 -20.83 47.89
C TRP Q 61 31.43 -21.76 47.53
N VAL Q 62 31.19 -21.95 46.23
CA VAL Q 62 30.13 -22.85 45.80
C VAL Q 62 30.41 -24.26 46.27
N ALA Q 63 31.62 -24.75 46.01
CA ALA Q 63 32.01 -26.06 46.52
C ALA Q 63 32.12 -26.05 48.03
N LYS Q 64 32.44 -24.91 48.62
CA LYS Q 64 32.49 -24.80 50.07
C LYS Q 64 31.13 -25.08 50.68
N TRP Q 65 30.05 -24.65 50.01
CA TRP Q 65 28.71 -25.06 50.45
C TRP Q 65 28.54 -26.57 50.34
N LEU Q 66 29.01 -27.16 49.25
CA LEU Q 66 28.89 -28.59 49.01
C LEU Q 66 29.96 -29.40 49.73
N ARG Q 67 30.63 -28.81 50.73
CA ARG Q 67 31.65 -29.50 51.53
C ARG Q 67 32.63 -30.29 50.66
N VAL Q 68 32.87 -29.80 49.44
CA VAL Q 68 33.76 -30.49 48.52
C VAL Q 68 34.98 -29.61 48.22
N ASP Q 69 35.34 -28.75 49.17
CA ASP Q 69 36.56 -27.97 49.03
C ASP Q 69 37.78 -28.89 49.04
N ARG Q 70 37.81 -29.85 49.95
CA ARG Q 70 38.92 -30.81 49.99
C ARG Q 70 38.88 -31.80 48.84
N PHE Q 71 37.72 -32.01 48.25
CA PHE Q 71 37.57 -32.94 47.14
C PHE Q 71 37.95 -32.24 45.83
N GLN Q 72 38.46 -33.03 44.89
CA GLN Q 72 38.98 -32.47 43.65
C GLN Q 72 37.85 -31.81 42.86
N PRO Q 73 38.11 -30.67 42.22
CA PRO Q 73 37.07 -30.04 41.40
C PRO Q 73 36.58 -30.98 40.30
N GLY Q 74 35.28 -30.90 40.04
CA GLY Q 74 34.69 -31.73 38.99
C GLY Q 74 33.19 -31.49 38.87
N LEU Q 75 32.55 -32.32 38.07
CA LEU Q 75 31.11 -32.22 37.86
C LEU Q 75 30.40 -32.67 39.13
N TYR Q 76 29.86 -31.71 39.88
CA TYR Q 76 29.23 -31.99 41.16
C TYR Q 76 27.73 -31.74 41.05
N ALA Q 77 26.95 -32.75 41.44
CA ALA Q 77 25.50 -32.70 41.41
C ALA Q 77 25.00 -32.17 42.75
N VAL Q 78 24.40 -30.98 42.73
CA VAL Q 78 23.96 -30.35 43.98
C VAL Q 78 22.93 -31.22 44.68
N ARG Q 79 22.07 -31.88 43.92
CA ARG Q 79 21.03 -32.74 44.46
C ARG Q 79 21.20 -34.15 43.91
N VAL Q 80 21.01 -35.14 44.79
CA VAL Q 80 21.01 -36.55 44.41
C VAL Q 80 19.76 -37.19 44.97
N ASP Q 81 18.95 -37.78 44.09
CA ASP Q 81 17.73 -38.43 44.51
C ASP Q 81 18.03 -39.84 45.02
N GLY Q 82 17.05 -40.42 45.71
CA GLY Q 82 17.20 -41.72 46.29
C GLY Q 82 17.97 -41.68 47.60
N ARG Q 83 17.79 -42.74 48.38
CA ARG Q 83 18.44 -42.86 49.68
C ARG Q 83 19.29 -44.11 49.71
N LEU Q 84 20.47 -43.99 50.31
CA LEU Q 84 21.44 -45.06 50.32
C LEU Q 84 20.89 -46.27 51.08
N PRO Q 85 21.26 -47.48 50.69
CA PRO Q 85 20.88 -48.66 51.48
C PRO Q 85 21.41 -48.55 52.90
N SER Q 86 20.81 -49.35 53.78
CA SER Q 86 21.16 -49.30 55.19
C SER Q 86 22.63 -49.63 55.41
N ASP Q 87 23.14 -50.63 54.70
CA ASP Q 87 24.51 -51.07 54.93
C ASP Q 87 25.51 -49.97 54.60
N ILE Q 88 25.32 -49.27 53.47
CA ILE Q 88 26.27 -48.24 53.08
C ILE Q 88 26.25 -47.09 54.07
N VAL Q 89 25.06 -46.66 54.49
CA VAL Q 89 24.96 -45.56 55.44
C VAL Q 89 25.61 -45.96 56.77
N ALA Q 90 25.33 -47.18 57.23
CA ALA Q 90 25.91 -47.63 58.49
C ALA Q 90 27.44 -47.69 58.40
N ALA Q 91 27.96 -48.19 57.28
CA ALA Q 91 29.41 -48.25 57.10
C ALA Q 91 30.01 -46.84 57.07
N LEU Q 92 29.36 -45.92 56.37
CA LEU Q 92 29.86 -44.55 56.32
C LEU Q 92 29.89 -43.92 57.71
N GLU Q 93 28.84 -44.15 58.50
CA GLU Q 93 28.83 -43.63 59.86
C GLU Q 93 29.93 -44.27 60.70
N GLN Q 94 30.12 -45.58 60.54
CA GLN Q 94 31.13 -46.29 61.31
C GLN Q 94 32.55 -45.83 60.94
N TYR Q 95 32.75 -45.42 59.68
CA TYR Q 95 34.08 -45.06 59.21
C TYR Q 95 34.51 -43.67 59.64
N GLY Q 96 33.71 -42.97 60.44
CA GLY Q 96 34.01 -41.61 60.82
C GLY Q 96 33.62 -40.58 59.79
N VAL Q 97 32.97 -40.99 58.71
CA VAL Q 97 32.52 -40.07 57.67
C VAL Q 97 31.03 -39.79 57.88
N TYR Q 98 30.69 -38.51 57.92
CA TYR Q 98 29.30 -38.08 58.14
C TYR Q 98 28.59 -38.02 56.79
N TYR Q 99 27.62 -38.93 56.60
CA TYR Q 99 26.82 -38.96 55.38
C TYR Q 99 25.57 -38.11 55.58
N ARG Q 100 25.46 -37.03 54.80
CA ARG Q 100 24.27 -36.19 54.80
C ARG Q 100 23.69 -36.23 53.40
N PRO Q 101 22.47 -36.71 53.23
CA PRO Q 101 21.86 -36.67 51.89
C PRO Q 101 21.82 -35.26 51.35
N ARG Q 102 22.05 -35.11 50.05
CA ARG Q 102 22.06 -33.82 49.40
C ARG Q 102 20.72 -33.48 48.75
N ASP Q 103 19.67 -34.25 49.02
CA ASP Q 103 18.34 -33.88 48.55
C ASP Q 103 17.68 -32.86 49.48
N GLY Q 104 17.88 -32.98 50.78
CA GLY Q 104 17.29 -32.05 51.74
C GLY Q 104 15.79 -32.20 51.85
N PRO R 216 24.77 -27.16 59.85
CA PRO R 216 24.57 -25.70 59.89
C PRO R 216 25.11 -25.01 58.65
N GLN R 217 24.42 -25.16 57.53
CA GLN R 217 24.84 -24.51 56.29
C GLN R 217 24.66 -23.01 56.33
N ARG R 218 23.85 -22.49 57.25
CA ARG R 218 23.61 -21.04 57.30
C ARG R 218 24.88 -20.26 57.57
N LEU R 219 25.89 -20.88 58.16
CA LEU R 219 27.17 -20.20 58.40
C LEU R 219 27.87 -19.83 57.10
N LEU R 220 27.47 -20.41 55.97
CA LEU R 220 28.12 -20.20 54.69
C LEU R 220 27.39 -19.16 53.84
N ILE R 221 26.77 -18.18 54.48
CA ILE R 221 25.99 -17.17 53.76
C ILE R 221 26.92 -16.39 52.84
N PRO R 222 26.46 -15.99 51.64
CA PRO R 222 27.34 -15.24 50.74
C PRO R 222 27.46 -13.79 51.18
N THR R 223 28.34 -13.07 50.49
CA THR R 223 28.59 -11.67 50.77
C THR R 223 29.46 -11.09 49.66
N VAL R 224 29.87 -9.83 49.82
CA VAL R 224 30.67 -9.17 48.79
C VAL R 224 32.01 -9.88 48.62
N ASP R 225 32.49 -10.56 49.66
CA ASP R 225 33.76 -11.25 49.59
C ASP R 225 33.74 -12.33 48.51
N ASP R 226 32.65 -13.05 48.38
CA ASP R 226 32.57 -14.14 47.42
C ASP R 226 32.61 -13.59 46.00
N PRO R 227 33.37 -14.21 45.09
CA PRO R 227 33.42 -13.72 43.71
C PRO R 227 32.04 -13.72 43.07
N GLY R 228 31.80 -12.71 42.23
CA GLY R 228 30.52 -12.55 41.58
C GLY R 228 30.28 -13.62 40.52
N ILE R 229 29.08 -13.57 39.96
CA ILE R 229 28.64 -14.54 38.97
C ILE R 229 27.96 -13.80 37.83
N TRP R 230 28.21 -14.26 36.60
CA TRP R 230 27.62 -13.70 35.40
C TRP R 230 26.90 -14.79 34.63
N GLY R 231 25.69 -14.47 34.16
CA GLY R 231 24.91 -15.40 33.37
C GLY R 231 24.87 -15.04 31.90
N VAL R 232 25.66 -15.74 31.09
CA VAL R 232 25.76 -15.46 29.66
C VAL R 232 24.94 -16.49 28.91
N LYS R 233 24.07 -16.02 28.02
CA LYS R 233 23.18 -16.90 27.27
C LYS R 233 24.00 -17.87 26.43
N VAL R 234 23.53 -19.11 26.34
CA VAL R 234 24.19 -20.17 25.59
C VAL R 234 23.15 -20.91 24.76
N ARG R 235 23.63 -21.72 23.84
CA ARG R 235 22.76 -22.41 22.89
C ARG R 235 21.80 -23.33 23.63
N LEU R 236 20.56 -23.39 23.14
CA LEU R 236 19.54 -24.19 23.80
C LEU R 236 19.90 -25.67 23.75
N GLY R 237 19.82 -26.32 24.91
CA GLY R 237 20.06 -27.74 25.01
C GLY R 237 21.52 -28.13 25.13
N LYS R 238 22.46 -27.24 24.78
CA LYS R 238 23.88 -27.55 24.85
C LYS R 238 24.53 -26.89 26.06
N GLU R 239 23.77 -26.68 27.14
CA GLU R 239 24.29 -25.99 28.30
C GLU R 239 25.24 -26.89 29.10
N LYS R 240 24.89 -28.16 29.27
CA LYS R 240 25.79 -29.08 29.94
C LYS R 240 27.06 -29.28 29.12
N ASP R 241 26.93 -29.27 27.79
CA ASP R 241 28.09 -29.33 26.92
C ASP R 241 28.99 -28.12 27.15
N VAL R 242 28.39 -26.94 27.31
CA VAL R 242 29.17 -25.73 27.60
C VAL R 242 29.84 -25.84 28.96
N VAL R 243 29.14 -26.42 29.93
CA VAL R 243 29.73 -26.62 31.25
C VAL R 243 30.95 -27.53 31.15
N ARG R 244 30.82 -28.62 30.38
CA ARG R 244 31.94 -29.52 30.19
C ARG R 244 33.10 -28.83 29.49
N GLN R 245 32.81 -28.00 28.48
CA GLN R 245 33.85 -27.26 27.80
C GLN R 245 34.59 -26.33 28.76
N ILE R 246 33.83 -25.62 29.60
CA ILE R 246 34.44 -24.75 30.59
C ILE R 246 35.38 -25.55 31.47
N LEU R 247 34.88 -26.67 32.02
CA LEU R 247 35.67 -27.46 32.95
C LEU R 247 36.95 -27.97 32.29
N LYS R 248 36.83 -28.50 31.07
CA LYS R 248 37.98 -29.15 30.44
C LYS R 248 39.01 -28.13 29.97
N LYS R 249 38.56 -27.00 29.44
CA LYS R 249 39.51 -25.94 29.06
C LYS R 249 40.19 -25.37 30.30
N LYS R 250 39.44 -25.25 31.41
CA LYS R 250 40.05 -24.82 32.66
C LYS R 250 41.13 -25.79 33.10
N LEU R 251 40.87 -27.09 32.98
CA LEU R 251 41.88 -28.08 33.32
C LEU R 251 43.10 -27.98 32.41
N ALA R 252 42.88 -27.81 31.10
CA ALA R 252 43.99 -27.87 30.15
C ALA R 252 44.86 -26.63 30.19
N ARG R 253 44.30 -25.47 30.50
CA ARG R 253 45.06 -24.22 30.56
C ARG R 253 45.71 -24.00 31.92
N GLU R 254 45.45 -24.86 32.89
CA GLU R 254 45.99 -24.66 34.23
C GLU R 254 47.51 -24.77 34.21
N GLY R 255 48.17 -23.84 34.89
CA GLY R 255 49.61 -23.76 34.92
C GLY R 255 50.24 -22.99 33.78
N THR R 256 49.48 -22.71 32.72
CA THR R 256 49.98 -21.94 31.60
C THR R 256 49.97 -20.44 31.95
N LYS R 257 50.55 -19.65 31.04
CA LYS R 257 50.59 -18.20 31.22
C LYS R 257 49.26 -17.53 30.91
N ASN R 258 48.29 -18.26 30.38
CA ASN R 258 46.95 -17.73 30.11
C ASN R 258 45.93 -18.71 30.68
N PRO R 259 45.83 -18.80 31.99
CA PRO R 259 44.83 -19.68 32.60
C PRO R 259 43.45 -19.03 32.65
N LEU R 260 42.45 -19.86 32.93
CA LEU R 260 41.07 -19.39 33.07
C LEU R 260 40.83 -19.03 34.53
N GLU R 261 40.60 -17.75 34.80
CA GLU R 261 40.42 -17.24 36.16
C GLU R 261 38.95 -17.37 36.55
N ILE R 262 38.57 -18.60 36.89
CA ILE R 262 37.23 -18.90 37.40
C ILE R 262 37.37 -19.79 38.63
N TYR R 263 36.31 -19.81 39.43
CA TYR R 263 36.28 -20.57 40.68
C TYR R 263 35.29 -21.72 40.63
N SER R 264 34.07 -21.48 40.15
CA SER R 264 33.05 -22.51 40.11
C SER R 264 31.92 -22.05 39.19
N ALA R 265 31.45 -22.97 38.35
CA ALA R 265 30.39 -22.68 37.40
C ALA R 265 29.32 -23.76 37.49
N PHE R 266 28.10 -23.39 37.17
CA PHE R 266 26.97 -24.31 37.33
C PHE R 266 25.89 -23.98 36.31
N GLN R 267 25.04 -24.97 36.04
CA GLN R 267 23.80 -24.79 35.32
C GLN R 267 22.70 -25.55 36.05
N ARG R 268 21.53 -24.95 36.16
CA ARG R 268 20.40 -25.56 36.83
C ARG R 268 19.31 -25.85 35.80
N ASP R 269 18.58 -26.94 36.04
CA ASP R 269 17.57 -27.37 35.07
C ASP R 269 16.53 -26.28 34.83
N SER R 270 16.08 -25.63 35.91
CA SER R 270 15.14 -24.54 35.75
C SER R 270 15.72 -23.40 34.93
N PHE R 271 16.99 -23.07 35.17
CA PHE R 271 17.67 -21.99 34.44
C PHE R 271 18.32 -22.52 33.16
N LYS R 272 17.47 -23.10 32.30
CA LYS R 272 17.93 -23.59 31.01
C LYS R 272 18.39 -22.43 30.14
N GLY R 273 19.48 -22.68 29.40
CA GLY R 273 20.06 -21.66 28.56
C GLY R 273 20.88 -20.62 29.28
N HIS R 274 21.11 -20.78 30.57
CA HIS R 274 21.82 -19.81 31.39
C HIS R 274 23.06 -20.46 31.97
N VAL R 275 24.22 -19.84 31.76
CA VAL R 275 25.51 -20.38 32.20
C VAL R 275 26.09 -19.44 33.24
N TYR R 276 26.32 -19.96 34.44
CA TYR R 276 26.80 -19.18 35.57
C TYR R 276 28.21 -19.64 35.95
N ILE R 277 29.13 -18.68 36.06
CA ILE R 277 30.51 -18.95 36.43
C ILE R 277 30.90 -17.99 37.55
N GLU R 278 31.64 -18.50 38.53
CA GLU R 278 32.11 -17.69 39.65
C GLU R 278 33.48 -17.12 39.30
N ALA R 279 33.58 -15.79 39.28
CA ALA R 279 34.84 -15.10 38.99
C ALA R 279 34.72 -13.67 39.50
N ARG R 280 35.71 -12.84 39.16
CA ARG R 280 35.76 -11.47 39.62
C ARG R 280 35.79 -10.43 38.50
N LYS R 281 36.16 -10.81 37.28
CA LYS R 281 36.25 -9.89 36.17
C LYS R 281 35.60 -10.50 34.93
N ALA R 282 34.87 -9.65 34.20
CA ALA R 282 34.14 -10.14 33.04
C ALA R 282 35.07 -10.70 31.97
N GLU R 283 36.35 -10.32 32.00
CA GLU R 283 37.31 -10.88 31.06
C GLU R 283 37.46 -12.37 31.25
N ALA R 284 37.47 -12.85 32.49
CA ALA R 284 37.55 -14.28 32.75
C ALA R 284 36.35 -15.01 32.15
N ILE R 285 35.15 -14.44 32.32
CA ILE R 285 33.95 -15.05 31.75
C ILE R 285 34.04 -15.09 30.23
N ASN R 286 34.47 -13.99 29.63
CA ASN R 286 34.60 -13.93 28.18
C ASN R 286 35.60 -14.99 27.70
N ASP R 287 36.72 -15.13 28.40
CA ASP R 287 37.68 -16.17 28.06
C ASP R 287 37.05 -17.55 28.16
N ALA R 288 36.29 -17.80 29.21
CA ALA R 288 35.67 -19.11 29.38
C ALA R 288 34.72 -19.42 28.23
N LEU R 289 33.88 -18.45 27.85
CA LEU R 289 32.94 -18.68 26.75
C LEU R 289 33.57 -18.54 25.38
N LYS R 290 34.64 -17.75 25.26
CA LYS R 290 35.31 -17.61 23.98
C LYS R 290 35.74 -18.98 23.45
N GLY R 291 35.55 -19.18 22.15
CA GLY R 291 35.95 -20.41 21.53
C GLY R 291 34.96 -21.55 21.66
N ASN R 292 33.71 -21.26 22.04
CA ASN R 292 32.67 -22.26 22.14
C ASN R 292 31.60 -21.98 21.10
N VAL R 293 31.30 -22.97 20.26
CA VAL R 293 30.17 -22.89 19.35
C VAL R 293 28.88 -23.30 20.01
N ASN R 294 28.94 -23.91 21.20
CA ASN R 294 27.75 -24.32 21.94
C ASN R 294 27.13 -23.19 22.74
N VAL R 295 27.47 -21.93 22.42
CA VAL R 295 27.01 -20.76 23.15
C VAL R 295 26.52 -19.73 22.14
N PHE R 296 25.47 -19.00 22.49
CA PHE R 296 25.10 -17.84 21.71
C PHE R 296 26.23 -16.82 21.76
N SER R 297 26.71 -16.41 20.59
CA SER R 297 27.89 -15.55 20.54
C SER R 297 27.72 -14.27 21.32
N ASN R 298 26.48 -13.81 21.50
CA ASN R 298 26.24 -12.55 22.19
C ASN R 298 26.69 -12.63 23.64
N ASN R 299 27.20 -11.51 24.15
CA ASN R 299 27.59 -11.40 25.56
C ASN R 299 26.43 -10.88 26.40
N SER R 300 25.30 -11.57 26.27
CA SER R 300 24.07 -11.19 26.97
C SER R 300 24.19 -11.61 28.43
N LYS R 301 25.13 -10.95 29.13
CA LYS R 301 25.46 -11.26 30.50
C LYS R 301 24.73 -10.32 31.44
N PHE R 302 24.62 -10.74 32.70
CA PHE R 302 24.00 -9.91 33.72
C PHE R 302 24.53 -10.35 35.08
N LEU R 303 24.36 -9.48 36.07
CA LEU R 303 24.87 -9.74 37.41
C LEU R 303 23.78 -10.37 38.28
N VAL R 304 24.21 -10.88 39.44
CA VAL R 304 23.33 -11.56 40.37
C VAL R 304 23.47 -10.87 41.73
N GLY R 305 22.35 -10.55 42.35
CA GLY R 305 22.37 -9.87 43.62
C GLY R 305 22.93 -10.74 44.73
N ILE R 306 23.31 -10.08 45.82
CA ILE R 306 23.90 -10.79 46.95
C ILE R 306 22.93 -11.84 47.48
N VAL R 307 21.68 -11.42 47.74
CA VAL R 307 20.66 -12.38 48.16
C VAL R 307 20.34 -13.35 47.04
N GLU R 308 20.43 -12.92 45.78
CA GLU R 308 20.12 -13.76 44.65
C GLU R 308 21.17 -14.82 44.38
N TYR R 309 22.39 -14.65 44.90
CA TYR R 309 23.44 -15.63 44.63
C TYR R 309 23.06 -17.01 45.14
N LYS R 310 22.55 -17.08 46.37
CA LYS R 310 22.13 -18.37 46.91
C LYS R 310 20.94 -18.95 46.14
N ASP R 311 20.10 -18.10 45.57
CA ASP R 311 18.96 -18.60 44.82
C ASP R 311 19.42 -19.48 43.65
N LEU R 312 20.43 -19.04 42.91
CA LEU R 312 20.91 -19.80 41.77
C LEU R 312 21.46 -21.16 42.19
N LEU R 313 21.96 -21.29 43.41
CA LEU R 313 22.51 -22.54 43.90
C LEU R 313 21.56 -23.28 44.83
N ARG R 314 20.30 -22.87 44.90
CA ARG R 314 19.31 -23.60 45.66
C ARG R 314 18.74 -24.73 44.79
N PRO R 315 18.94 -25.99 45.14
CA PRO R 315 18.39 -27.06 44.29
C PRO R 315 16.89 -26.98 44.12
N VAL R 316 16.15 -26.92 45.23
CA VAL R 316 14.71 -26.73 45.20
C VAL R 316 14.32 -25.61 46.15
N LYS R 322 7.72 -36.98 49.07
CA LYS R 322 6.38 -36.74 48.55
C LYS R 322 5.86 -37.95 47.78
N LEU R 323 6.68 -39.01 47.73
CA LEU R 323 6.30 -40.29 47.12
C LEU R 323 6.00 -41.27 48.25
N THR R 324 4.74 -41.65 48.39
CA THR R 324 4.30 -42.49 49.49
C THR R 324 3.44 -43.63 48.98
N ARG R 325 3.65 -44.83 49.53
CA ARG R 325 2.82 -45.97 49.20
C ARG R 325 1.41 -45.76 49.71
N GLY R 326 0.43 -46.28 48.97
CA GLY R 326 -0.96 -46.16 49.32
C GLY R 326 -1.67 -44.98 48.70
N SER R 327 -0.93 -43.97 48.24
CA SER R 327 -1.51 -42.84 47.52
C SER R 327 -1.58 -43.17 46.03
N TYR R 328 -2.56 -42.57 45.37
CA TYR R 328 -2.85 -42.88 43.98
C TYR R 328 -1.94 -42.06 43.06
N VAL R 329 -1.31 -42.73 42.10
CA VAL R 329 -0.45 -42.09 41.11
C VAL R 329 -0.87 -42.58 39.73
N ARG R 330 -0.38 -41.90 38.71
CA ARG R 330 -0.71 -42.23 37.33
C ARG R 330 0.52 -42.74 36.59
N VAL R 331 0.27 -43.36 35.43
CA VAL R 331 1.30 -43.88 34.55
C VAL R 331 1.38 -42.99 33.33
N LYS R 332 2.60 -42.84 32.80
CA LYS R 332 2.84 -42.01 31.63
C LYS R 332 3.69 -42.69 30.56
N ASN R 333 3.96 -43.98 30.70
CA ASN R 333 4.83 -44.70 29.78
C ASN R 333 4.22 -46.06 29.48
N GLY R 334 4.66 -46.66 28.37
CA GLY R 334 4.23 -48.00 28.02
C GLY R 334 2.83 -48.02 27.43
N LYS R 335 2.19 -49.18 27.55
CA LYS R 335 0.90 -49.42 26.94
C LYS R 335 -0.26 -49.18 27.90
N PHE R 336 0.01 -49.02 29.20
CA PHE R 336 -1.01 -48.71 30.20
C PHE R 336 -0.99 -47.24 30.60
N LYS R 337 -0.27 -46.39 29.86
CA LYS R 337 -0.15 -44.99 30.21
C LYS R 337 -1.51 -44.31 30.22
N GLY R 338 -1.69 -43.40 31.18
CA GLY R 338 -2.96 -42.74 31.36
C GLY R 338 -3.94 -43.46 32.27
N ASP R 339 -3.45 -44.36 33.12
CA ASP R 339 -4.29 -45.11 34.06
C ASP R 339 -3.82 -44.86 35.49
N LEU R 340 -4.75 -44.43 36.34
CA LEU R 340 -4.43 -44.22 37.75
C LEU R 340 -4.10 -45.54 38.41
N ALA R 341 -3.17 -45.51 39.36
CA ALA R 341 -2.72 -46.72 40.03
C ALA R 341 -2.32 -46.39 41.45
N GLN R 342 -2.23 -47.43 42.28
CA GLN R 342 -1.81 -47.31 43.67
C GLN R 342 -0.48 -48.03 43.84
N VAL R 343 0.47 -47.37 44.49
CA VAL R 343 1.77 -47.96 44.73
C VAL R 343 1.62 -49.14 45.69
N ASP R 344 2.28 -50.24 45.38
CA ASP R 344 2.29 -51.42 46.24
C ASP R 344 3.54 -51.52 47.10
N GLU R 345 4.70 -51.17 46.56
CA GLU R 345 5.95 -51.28 47.30
C GLU R 345 7.05 -50.58 46.51
N VAL R 346 7.81 -49.72 47.18
CA VAL R 346 8.95 -49.06 46.58
C VAL R 346 10.20 -49.88 46.88
N LEU R 347 11.00 -50.16 45.85
CA LEU R 347 12.16 -51.00 46.04
C LEU R 347 13.05 -50.46 47.14
N GLU R 348 13.84 -51.36 47.72
CA GLU R 348 14.73 -50.96 48.81
C GLU R 348 15.73 -49.92 48.33
N ASN R 349 16.28 -50.11 47.14
CA ASN R 349 17.18 -49.11 46.57
C ASN R 349 16.43 -47.82 46.25
N GLY R 350 15.22 -47.93 45.69
CA GLY R 350 14.47 -46.77 45.28
C GLY R 350 14.54 -46.45 43.80
N LEU R 351 14.59 -47.47 42.94
CA LEU R 351 14.68 -47.28 41.50
C LEU R 351 13.43 -47.75 40.76
N GLU R 352 12.74 -48.77 41.27
CA GLU R 352 11.51 -49.28 40.68
C GLU R 352 10.42 -49.25 41.74
N ALA R 353 9.25 -48.74 41.38
CA ALA R 353 8.13 -48.62 42.29
C ALA R 353 6.97 -49.48 41.81
N ARG R 354 6.55 -50.43 42.65
CA ARG R 354 5.44 -51.30 42.30
C ARG R 354 4.13 -50.51 42.31
N LEU R 355 3.20 -50.93 41.46
CA LEU R 355 1.93 -50.23 41.30
C LEU R 355 0.77 -51.23 41.30
N LYS R 356 -0.43 -50.69 41.48
CA LYS R 356 -1.68 -51.46 41.46
C LYS R 356 -2.51 -50.92 40.30
N LEU R 357 -2.31 -51.48 39.11
CA LEU R 357 -2.96 -51.02 37.90
C LEU R 357 -4.22 -51.83 37.62
N VAL R 358 -4.99 -51.36 36.63
CA VAL R 358 -6.17 -52.08 36.16
C VAL R 358 -5.78 -52.82 34.88
N PRO R 359 -5.86 -54.16 34.84
CA PRO R 359 -5.45 -54.88 33.63
C PRO R 359 -6.28 -54.47 32.42
N ARG R 360 -5.62 -54.48 31.27
CA ARG R 360 -6.27 -54.26 29.97
C ARG R 360 -6.06 -55.54 29.16
N LEU R 361 -6.97 -56.49 29.31
CA LEU R 361 -6.83 -57.82 28.76
C LEU R 361 -7.91 -58.10 27.72
N ASP R 362 -7.49 -58.57 26.55
CA ASP R 362 -8.40 -59.03 25.50
C ASP R 362 -8.67 -60.52 25.59
N TYR R 363 -8.06 -61.22 26.55
CA TYR R 363 -8.28 -62.65 26.74
C TYR R 363 -7.92 -63.44 25.48
N GLY R 364 -6.82 -63.05 24.84
CA GLY R 364 -6.28 -63.82 23.72
C GLY R 364 -7.02 -63.67 22.41
N LYS R 365 -7.75 -62.57 22.22
CA LYS R 365 -8.45 -62.37 20.95
C LYS R 365 -7.52 -61.98 19.83
N ASP R 366 -6.48 -61.18 20.12
CA ASP R 366 -5.56 -60.67 19.11
C ASP R 366 -4.11 -60.93 19.48
N LEU R 367 -3.81 -62.10 20.02
CA LEU R 367 -2.44 -62.52 20.31
C LEU R 367 -1.89 -63.25 19.09
N SER R 368 -0.90 -62.65 18.44
CA SER R 368 -0.30 -63.23 17.25
C SER R 368 0.92 -62.43 16.81
N TYR R 386 2.06 -54.59 22.88
CA TYR R 386 1.20 -53.78 22.03
C TYR R 386 1.72 -52.34 21.94
N THR R 387 0.86 -51.42 21.53
CA THR R 387 1.22 -50.02 21.36
C THR R 387 0.26 -49.15 22.15
N SER R 388 0.66 -47.90 22.37
CA SER R 388 -0.11 -46.95 23.15
C SER R 388 -1.18 -46.23 22.33
N LYS R 389 -1.60 -46.81 21.21
CA LYS R 389 -2.66 -46.25 20.39
C LYS R 389 -3.74 -47.25 20.00
N PHE R 390 -3.60 -48.52 20.37
CA PHE R 390 -4.58 -49.56 20.04
C PHE R 390 -5.10 -50.26 21.28
N ARG R 391 -4.88 -49.68 22.47
CA ARG R 391 -5.30 -50.35 23.70
C ARG R 391 -6.82 -50.31 23.83
N PRO R 392 -7.50 -51.47 23.90
CA PRO R 392 -8.95 -51.45 24.09
C PRO R 392 -9.36 -51.05 25.51
N ALA R 393 -10.64 -51.14 25.82
CA ALA R 393 -11.14 -50.72 27.12
C ALA R 393 -10.47 -51.53 28.23
N GLN R 394 -10.64 -51.07 29.46
CA GLN R 394 -10.00 -51.65 30.63
C GLN R 394 -11.01 -52.38 31.50
N ARG R 395 -10.54 -53.40 32.21
CA ARG R 395 -11.41 -54.22 33.04
C ARG R 395 -10.56 -54.93 34.09
N LEU R 396 -11.18 -55.25 35.22
CA LEU R 396 -10.50 -55.99 36.27
C LEU R 396 -10.33 -57.45 35.86
N PHE R 397 -9.16 -58.00 36.16
CA PHE R 397 -8.88 -59.38 35.80
C PHE R 397 -9.87 -60.32 36.48
N SER R 398 -10.41 -61.25 35.70
CA SER R 398 -11.39 -62.22 36.18
C SER R 398 -10.87 -63.62 35.93
N GLU R 399 -10.69 -64.38 37.01
CA GLU R 399 -10.19 -65.74 36.88
C GLU R 399 -11.15 -66.59 36.05
N ALA R 400 -12.45 -66.44 36.29
CA ALA R 400 -13.43 -67.25 35.56
C ALA R 400 -13.37 -66.98 34.07
N GLU R 401 -13.45 -65.69 33.69
CA GLU R 401 -13.39 -65.35 32.26
C GLU R 401 -12.05 -65.74 31.66
N ALA R 402 -10.97 -65.54 32.41
CA ALA R 402 -9.64 -65.87 31.90
C ALA R 402 -9.53 -67.36 31.63
N ARG R 403 -10.11 -68.20 32.49
CA ARG R 403 -10.07 -69.63 32.26
C ARG R 403 -11.02 -70.03 31.13
N VAL R 404 -12.15 -69.35 31.01
CA VAL R 404 -13.13 -69.72 29.99
C VAL R 404 -12.57 -69.42 28.60
N HIS R 405 -12.04 -68.21 28.39
CA HIS R 405 -11.67 -67.81 27.04
C HIS R 405 -10.26 -68.26 26.68
N GLU R 406 -9.32 -68.18 27.63
CA GLU R 406 -7.97 -68.67 27.40
C GLU R 406 -7.58 -69.71 28.45
N ILE R 409 -1.21 -70.36 32.44
CA ILE R 409 -2.16 -70.10 33.53
C ILE R 409 -1.76 -70.90 34.76
N ARG R 410 -1.70 -70.23 35.90
CA ARG R 410 -1.15 -70.83 37.11
C ARG R 410 -1.70 -70.08 38.31
N ARG R 411 -2.02 -70.80 39.39
CA ARG R 411 -2.47 -70.20 40.62
C ARG R 411 -1.44 -70.48 41.72
N ASP R 412 -0.93 -69.42 42.34
CA ASP R 412 0.02 -69.53 43.44
C ASP R 412 -0.58 -69.23 44.80
N ARG R 413 -1.65 -68.44 44.84
CA ARG R 413 -2.34 -68.11 46.08
C ARG R 413 -3.84 -67.92 45.80
N ASP R 414 -4.60 -67.70 46.86
CA ASP R 414 -6.04 -67.46 46.74
C ASP R 414 -6.27 -66.02 46.32
N GLY R 415 -6.74 -65.82 45.09
CA GLY R 415 -6.95 -64.50 44.54
C GLY R 415 -5.78 -63.92 43.79
N PHE R 416 -4.62 -64.57 43.84
CA PHE R 416 -3.43 -64.13 43.11
C PHE R 416 -3.23 -65.07 41.93
N VAL R 417 -3.03 -64.50 40.75
CA VAL R 417 -2.82 -65.27 39.52
C VAL R 417 -1.66 -64.64 38.76
N THR R 418 -0.72 -65.47 38.32
CA THR R 418 0.43 -65.03 37.53
C THR R 418 0.14 -65.32 36.08
N TYR R 419 0.09 -64.27 35.26
CA TYR R 419 -0.28 -64.38 33.85
C TYR R 419 0.75 -63.63 33.01
N GLY R 420 1.58 -64.37 32.28
CA GLY R 420 2.56 -63.76 31.41
C GLY R 420 3.55 -62.86 32.12
N GLY R 421 3.96 -63.25 33.33
CA GLY R 421 4.87 -62.43 34.10
C GLY R 421 4.21 -61.26 34.81
N GLU R 422 2.90 -61.08 34.65
CA GLU R 422 2.16 -60.01 35.29
C GLU R 422 1.41 -60.56 36.50
N GLU R 423 1.25 -59.70 37.51
CA GLU R 423 0.63 -60.08 38.77
C GLU R 423 -0.77 -59.47 38.85
N TYR R 424 -1.76 -60.32 39.13
CA TYR R 424 -3.16 -59.92 39.23
C TYR R 424 -3.65 -60.27 40.63
N TYR R 425 -3.88 -59.26 41.45
CA TYR R 425 -4.32 -59.46 42.83
C TYR R 425 -5.64 -58.73 43.01
N GLU R 426 -6.70 -59.49 43.33
CA GLU R 426 -8.04 -58.94 43.51
C GLU R 426 -8.50 -58.16 42.28
N GLY R 427 -8.16 -58.67 41.10
CA GLY R 427 -8.57 -58.03 39.86
C GLY R 427 -7.77 -56.81 39.47
N PHE R 428 -6.73 -56.47 40.22
CA PHE R 428 -5.89 -55.31 39.94
C PHE R 428 -4.49 -55.74 39.56
N LEU R 429 -3.95 -55.09 38.54
CA LEU R 429 -2.64 -55.43 37.99
C LEU R 429 -1.52 -54.93 38.90
N TYR R 430 -0.66 -55.84 39.33
CA TYR R 430 0.59 -55.49 40.01
C TYR R 430 1.75 -55.72 39.06
N LYS R 431 2.65 -54.75 38.99
CA LYS R 431 3.86 -54.89 38.17
C LYS R 431 4.93 -53.96 38.69
N THR R 432 6.19 -54.31 38.42
CA THR R 432 7.32 -53.44 38.70
C THR R 432 7.31 -52.29 37.70
N PHE R 433 7.45 -51.06 38.19
CA PHE R 433 7.41 -49.87 37.37
C PHE R 433 8.58 -48.96 37.71
N ARG R 434 9.20 -48.38 36.69
CA ARG R 434 10.28 -47.42 36.90
C ARG R 434 9.71 -46.11 37.43
N LEU R 435 10.46 -45.49 38.36
CA LEU R 435 9.99 -44.25 38.97
C LEU R 435 9.94 -43.12 37.96
N GLN R 436 10.71 -43.22 36.87
CA GLN R 436 10.65 -42.20 35.82
C GLN R 436 9.37 -42.28 35.01
N ASN R 437 8.68 -43.42 35.02
CA ASN R 437 7.47 -43.60 34.24
C ASN R 437 6.22 -43.06 34.93
N LEU R 438 6.33 -42.56 36.16
CA LEU R 438 5.16 -42.22 36.95
C LEU R 438 5.33 -40.85 37.58
N ILE R 439 4.19 -40.24 37.92
CA ILE R 439 4.15 -38.97 38.62
C ILE R 439 3.18 -39.09 39.79
N VAL R 440 3.61 -38.63 40.95
CA VAL R 440 2.80 -38.68 42.16
C VAL R 440 2.07 -37.37 42.44
N ASN R 441 2.48 -36.28 41.81
CA ASN R 441 1.86 -34.97 42.00
C ASN R 441 1.21 -34.51 40.70
N SER R 442 0.38 -33.46 40.82
CA SER R 442 -0.34 -32.90 39.69
C SER R 442 -1.29 -33.92 39.06
N ILE R 443 -2.25 -34.37 39.87
CA ILE R 443 -3.28 -35.30 39.43
C ILE R 443 -4.64 -34.70 39.78
N ASN R 444 -5.52 -34.57 38.78
CA ASN R 444 -6.91 -34.24 38.99
C ASN R 444 -7.76 -35.45 38.67
N PRO R 445 -8.48 -36.03 39.63
CA PRO R 445 -9.22 -37.27 39.35
C PRO R 445 -10.22 -37.07 38.22
N THR R 446 -10.43 -38.14 37.45
CA THR R 446 -11.34 -38.13 36.32
C THR R 446 -12.69 -38.71 36.70
N LEU R 447 -13.66 -38.57 35.79
CA LEU R 447 -15.02 -39.03 36.06
C LEU R 447 -15.08 -40.54 36.24
N ASN R 448 -14.36 -41.29 35.39
CA ASN R 448 -14.33 -42.74 35.53
C ASN R 448 -13.76 -43.14 36.88
N GLU R 449 -12.71 -42.46 37.32
CA GLU R 449 -12.11 -42.76 38.62
C GLU R 449 -13.11 -42.53 39.74
N LEU R 450 -13.85 -41.43 39.68
CA LEU R 450 -14.88 -41.18 40.68
C LEU R 450 -15.93 -42.29 40.66
N SER R 451 -16.37 -42.69 39.46
CA SER R 451 -17.40 -43.72 39.37
C SER R 451 -16.91 -45.03 39.98
N LEU R 452 -15.66 -45.39 39.73
CA LEU R 452 -15.10 -46.64 40.24
C LEU R 452 -14.39 -46.43 41.57
N PHE R 453 -13.38 -45.58 41.59
CA PHE R 453 -12.63 -45.30 42.81
C PHE R 453 -13.40 -44.34 43.71
N ASP R 752 -37.54 -52.91 -4.92
CA ASP R 752 -36.96 -53.40 -6.16
C ASP R 752 -35.51 -53.82 -5.96
N PRO R 753 -35.26 -55.13 -5.87
CA PRO R 753 -33.87 -55.60 -5.76
C PRO R 753 -33.24 -55.88 -7.12
N THR R 754 -33.89 -55.44 -8.19
CA THR R 754 -33.48 -55.76 -9.55
C THR R 754 -32.70 -54.63 -10.20
N LEU R 755 -31.96 -53.85 -9.42
CA LEU R 755 -31.17 -52.75 -9.93
C LEU R 755 -29.78 -53.22 -10.32
N ASN R 756 -29.06 -52.36 -11.04
CA ASN R 756 -27.66 -52.60 -11.39
C ASN R 756 -27.50 -53.92 -12.14
N LYS R 757 -28.38 -54.17 -13.10
CA LYS R 757 -28.29 -55.32 -13.98
C LYS R 757 -28.50 -54.88 -15.41
N THR R 758 -27.66 -55.36 -16.31
CA THR R 758 -27.71 -54.92 -17.69
C THR R 758 -29.08 -55.22 -18.28
N VAL R 759 -29.62 -54.26 -19.03
CA VAL R 759 -30.97 -54.34 -19.57
C VAL R 759 -30.97 -53.75 -20.97
N LYS R 760 -31.71 -54.39 -21.88
CA LYS R 760 -31.86 -53.89 -23.24
C LYS R 760 -33.26 -53.32 -23.44
N ILE R 761 -33.44 -52.66 -24.58
CA ILE R 761 -34.70 -52.00 -24.92
C ILE R 761 -35.23 -52.63 -26.21
N ARG R 762 -36.56 -52.78 -26.28
CA ARG R 762 -37.19 -53.50 -27.38
C ARG R 762 -38.04 -52.61 -28.27
N GLN R 763 -38.65 -51.56 -27.73
CA GLN R 763 -39.47 -50.66 -28.53
C GLN R 763 -39.11 -49.22 -28.18
N GLY R 764 -39.17 -48.36 -29.20
CA GLY R 764 -38.83 -46.97 -29.07
C GLY R 764 -37.77 -46.54 -30.07
N GLY R 765 -37.22 -45.36 -29.82
CA GLY R 765 -36.16 -44.83 -30.66
C GLY R 765 -34.79 -45.40 -30.40
N TYR R 766 -34.62 -46.09 -29.28
CA TYR R 766 -33.33 -46.69 -28.92
C TYR R 766 -33.46 -48.20 -28.93
N LYS R 767 -34.22 -48.74 -29.89
CA LYS R 767 -34.48 -50.16 -29.95
C LYS R 767 -33.18 -50.93 -30.20
N GLY R 768 -32.96 -51.98 -29.44
CA GLY R 768 -31.81 -52.84 -29.64
C GLY R 768 -30.50 -52.29 -29.11
N LYS R 769 -30.53 -51.52 -28.03
CA LYS R 769 -29.33 -50.95 -27.43
C LYS R 769 -29.14 -51.51 -26.03
N ILE R 770 -27.88 -51.72 -25.64
CA ILE R 770 -27.56 -52.26 -24.32
C ILE R 770 -27.60 -51.13 -23.29
N GLY R 771 -27.64 -51.49 -22.02
CA GLY R 771 -27.65 -50.49 -20.97
C GLY R 771 -27.73 -51.16 -19.63
N ILE R 772 -27.62 -50.35 -18.57
CA ILE R 772 -27.68 -50.82 -17.20
C ILE R 772 -28.59 -49.89 -16.40
N VAL R 773 -29.49 -50.47 -15.63
CA VAL R 773 -30.39 -49.69 -14.80
C VAL R 773 -29.57 -48.84 -13.84
N LYS R 774 -29.98 -47.60 -13.63
CA LYS R 774 -29.36 -46.70 -12.67
C LYS R 774 -30.33 -46.33 -11.54
N GLU R 775 -31.51 -45.82 -11.88
CA GLU R 775 -32.54 -45.51 -10.89
C GLU R 775 -33.82 -46.22 -11.28
N ALA R 776 -34.52 -46.77 -10.28
CA ALA R 776 -35.72 -47.57 -10.47
C ALA R 776 -36.79 -47.14 -9.50
N ASN R 777 -37.03 -45.82 -9.40
CA ASN R 777 -38.02 -45.32 -8.45
C ASN R 777 -39.34 -46.06 -8.61
N GLY R 778 -39.84 -46.14 -9.84
CA GLY R 778 -41.02 -46.94 -10.11
C GLY R 778 -41.67 -46.59 -11.43
N ASP R 779 -42.02 -47.61 -12.21
CA ASP R 779 -42.79 -47.41 -13.44
C ASP R 779 -41.99 -46.65 -14.50
N ARG R 780 -40.75 -46.27 -14.21
CA ARG R 780 -39.98 -45.47 -15.15
C ARG R 780 -38.50 -45.67 -14.82
N PHE R 781 -37.82 -46.46 -15.64
CA PHE R 781 -36.42 -46.80 -15.41
C PHE R 781 -35.52 -45.86 -16.19
N ARG R 782 -34.50 -45.34 -15.53
CA ARG R 782 -33.48 -44.49 -16.16
C ARG R 782 -32.23 -45.34 -16.36
N VAL R 783 -32.00 -45.77 -17.59
CA VAL R 783 -30.89 -46.65 -17.94
C VAL R 783 -29.93 -45.88 -18.81
N GLU R 784 -28.67 -45.83 -18.40
CA GLU R 784 -27.65 -45.12 -19.18
C GLU R 784 -27.31 -45.92 -20.42
N LEU R 785 -27.06 -45.22 -21.53
CA LEU R 785 -26.71 -45.84 -22.79
C LEU R 785 -25.20 -45.98 -22.89
N HIS R 786 -24.74 -47.16 -23.32
CA HIS R 786 -23.31 -47.42 -23.40
C HIS R 786 -22.66 -46.74 -24.60
N ASN R 787 -23.40 -46.49 -25.68
CA ASN R 787 -22.78 -45.99 -26.89
C ASN R 787 -22.42 -44.52 -26.75
N PRO R 788 -23.38 -43.62 -26.49
CA PRO R 788 -23.01 -42.24 -26.14
C PRO R 788 -22.82 -42.06 -24.64
N ASN R 789 -22.46 -40.85 -24.23
CA ASN R 789 -22.34 -40.51 -22.81
C ASN R 789 -23.59 -39.80 -22.33
N LYS R 790 -24.70 -40.54 -22.31
CA LYS R 790 -25.99 -39.98 -21.93
C LYS R 790 -26.81 -41.02 -21.18
N THR R 791 -27.83 -40.52 -20.48
CA THR R 791 -28.81 -41.36 -19.80
C THR R 791 -30.20 -41.02 -20.34
N ILE R 792 -31.08 -42.01 -20.37
CA ILE R 792 -32.43 -41.81 -20.88
C ILE R 792 -33.44 -42.52 -19.97
N PRO R 793 -34.65 -42.00 -19.80
CA PRO R 793 -35.69 -42.76 -19.12
C PRO R 793 -36.50 -43.64 -20.07
N ILE R 794 -37.15 -44.64 -19.49
CA ILE R 794 -38.00 -45.54 -20.26
C ILE R 794 -38.87 -46.33 -19.28
N PRO R 795 -40.17 -46.46 -19.53
CA PRO R 795 -41.02 -47.20 -18.58
C PRO R 795 -40.58 -48.65 -18.45
N CYS R 796 -41.15 -49.32 -17.44
CA CYS R 796 -40.75 -50.68 -17.10
C CYS R 796 -41.20 -51.70 -18.13
N SER R 797 -42.07 -51.32 -19.05
CA SER R 797 -42.63 -52.27 -20.00
C SER R 797 -41.77 -52.45 -21.26
N PHE R 798 -40.79 -51.59 -21.49
CA PHE R 798 -40.04 -51.57 -22.73
C PHE R 798 -38.59 -51.97 -22.50
N LEU R 799 -38.38 -52.97 -21.65
CA LEU R 799 -37.04 -53.36 -21.23
C LEU R 799 -36.86 -54.86 -21.36
N LEU R 800 -35.72 -55.25 -21.93
CA LEU R 800 -35.31 -56.65 -22.00
C LEU R 800 -34.16 -56.88 -21.03
N ILE R 801 -34.35 -57.78 -20.08
CA ILE R 801 -33.45 -57.97 -18.96
C ILE R 801 -32.54 -59.15 -19.25
N GLU R 802 -31.23 -58.95 -19.08
CA GLU R 802 -30.29 -60.06 -19.15
C GLU R 802 -30.53 -61.03 -18.01
N SER R 803 -30.42 -62.32 -18.31
CA SER R 803 -30.69 -63.36 -17.32
C SER R 803 -29.80 -64.56 -17.64
N THR R 804 -30.11 -65.69 -17.01
CA THR R 804 -29.30 -66.89 -17.21
C THR R 804 -29.33 -67.35 -18.66
N HIS R 805 -30.51 -67.34 -19.28
CA HIS R 805 -30.66 -67.75 -20.67
C HIS R 805 -31.07 -66.54 -21.50
N GLY R 806 -30.26 -66.26 -22.53
CA GLY R 806 -30.60 -65.20 -23.46
C GLY R 806 -31.04 -63.92 -22.76
N TRP R 807 -31.95 -63.24 -23.43
CA TRP R 807 -32.53 -61.99 -22.94
C TRP R 807 -33.99 -62.25 -22.61
N VAL R 808 -34.41 -61.84 -21.42
CA VAL R 808 -35.75 -62.14 -20.93
C VAL R 808 -36.55 -60.84 -20.85
N PRO R 809 -37.81 -60.83 -21.32
CA PRO R 809 -38.66 -59.65 -21.10
C PRO R 809 -38.92 -59.41 -19.62
N TYR R 810 -39.72 -58.40 -19.31
CA TYR R 810 -39.93 -57.99 -17.92
C TYR R 810 -40.81 -59.04 -17.23
N GLU R 811 -40.17 -60.16 -16.87
CA GLU R 811 -40.83 -61.19 -16.09
C GLU R 811 -39.95 -61.78 -15.00
N ASP R 812 -38.86 -61.12 -14.63
CA ASP R 812 -37.99 -61.61 -13.56
C ASP R 812 -38.78 -61.91 -12.30
N PRO S 42 96.98 21.58 51.23
CA PRO S 42 97.47 21.25 52.57
C PRO S 42 98.34 22.35 53.17
N HIS S 43 98.04 23.61 52.87
CA HIS S 43 98.78 24.73 53.45
C HIS S 43 97.80 25.84 53.79
N ARG S 44 98.33 26.92 54.36
CA ARG S 44 97.54 28.00 54.93
C ARG S 44 97.77 29.29 54.15
N TYR S 45 96.71 30.07 53.99
CA TYR S 45 96.79 31.42 53.47
C TYR S 45 96.36 32.42 54.56
N ARG S 46 96.35 33.70 54.21
CA ARG S 46 95.95 34.72 55.15
C ARG S 46 94.45 34.60 55.44
N PRO S 47 94.02 34.95 56.66
CA PRO S 47 92.58 35.02 56.94
C PRO S 47 91.87 35.93 55.92
N GLY S 48 90.72 35.46 55.43
CA GLY S 48 89.93 36.24 54.51
C GLY S 48 89.54 35.47 53.27
N THR S 49 90.46 34.63 52.77
CA THR S 49 90.14 33.78 51.63
C THR S 49 89.03 32.79 51.98
N VAL S 50 89.11 32.19 53.17
CA VAL S 50 88.09 31.25 53.59
C VAL S 50 86.76 31.96 53.79
N ALA S 51 86.77 33.21 54.25
CA ALA S 51 85.54 33.96 54.42
C ALA S 51 84.79 34.11 53.10
N LEU S 52 85.48 34.63 52.08
CA LEU S 52 84.84 34.80 50.77
C LEU S 52 84.51 33.46 50.13
N ARG S 53 85.34 32.44 50.35
CA ARG S 53 85.02 31.12 49.81
C ARG S 53 83.74 30.57 50.43
N GLU S 54 83.56 30.74 51.74
CA GLU S 54 82.32 30.36 52.40
C GLU S 54 81.14 31.16 51.86
N ILE S 55 81.33 32.47 51.66
CA ILE S 55 80.25 33.30 51.14
C ILE S 55 79.81 32.79 49.78
N ARG S 56 80.78 32.53 48.90
CA ARG S 56 80.45 31.99 47.58
C ARG S 56 79.77 30.63 47.68
N ARG S 57 80.28 29.76 48.55
CA ARG S 57 79.73 28.42 48.68
C ARG S 57 78.27 28.45 49.14
N TYR S 58 77.95 29.33 50.08
CA TYR S 58 76.59 29.37 50.63
C TYR S 58 75.64 30.23 49.79
N GLN S 59 76.17 31.13 48.97
CA GLN S 59 75.33 31.79 47.98
C GLN S 59 75.06 30.89 46.79
N LYS S 60 75.97 29.96 46.48
CA LYS S 60 75.68 28.93 45.49
C LYS S 60 74.68 27.91 46.01
N SER S 61 74.79 27.54 47.28
CA SER S 61 73.90 26.56 47.86
C SER S 61 72.51 27.16 48.08
N THR S 62 71.54 26.29 48.30
CA THR S 62 70.14 26.68 48.43
C THR S 62 69.51 26.12 49.71
N GLU S 63 70.01 24.99 50.21
CA GLU S 63 69.38 24.32 51.34
C GLU S 63 69.69 25.03 52.65
N LEU S 64 69.22 24.45 53.76
CA LEU S 64 69.28 25.12 55.05
C LEU S 64 70.72 25.17 55.58
N LEU S 65 70.95 26.10 56.51
CA LEU S 65 72.22 26.16 57.25
C LEU S 65 72.05 25.68 58.69
N ILE S 66 71.12 26.27 59.43
CA ILE S 66 70.83 25.78 60.77
C ILE S 66 70.15 24.42 60.66
N ARG S 67 70.64 23.46 61.44
CA ARG S 67 70.22 22.07 61.32
C ARG S 67 68.81 21.89 61.89
N LYS S 68 68.32 20.65 61.79
CA LYS S 68 66.92 20.37 62.09
C LYS S 68 66.68 20.22 63.60
N LEU S 69 67.34 19.24 64.22
CA LEU S 69 67.01 18.84 65.58
C LEU S 69 67.19 19.98 66.58
N PRO S 70 68.28 20.75 66.50
CA PRO S 70 68.41 21.88 67.45
C PRO S 70 67.29 22.89 67.33
N PHE S 71 66.96 23.31 66.11
CA PHE S 71 65.84 24.23 65.92
C PHE S 71 64.54 23.62 66.41
N GLN S 72 64.33 22.34 66.15
CA GLN S 72 63.08 21.69 66.56
C GLN S 72 62.96 21.68 68.08
N ARG S 73 64.04 21.34 68.79
CA ARG S 73 63.97 21.34 70.25
C ARG S 73 63.83 22.74 70.82
N LEU S 74 64.49 23.74 70.22
CA LEU S 74 64.29 25.10 70.69
C LEU S 74 62.84 25.54 70.49
N VAL S 75 62.25 25.21 69.34
CA VAL S 75 60.86 25.54 69.08
C VAL S 75 59.95 24.85 70.09
N ARG S 76 60.22 23.58 70.38
CA ARG S 76 59.44 22.86 71.38
C ARG S 76 59.53 23.54 72.75
N GLU S 77 60.75 23.90 73.17
CA GLU S 77 60.92 24.57 74.45
C GLU S 77 60.12 25.87 74.50
N ILE S 78 60.23 26.69 73.46
CA ILE S 78 59.54 27.97 73.47
C ILE S 78 58.03 27.77 73.43
N ALA S 79 57.55 26.76 72.71
CA ALA S 79 56.11 26.58 72.53
C ALA S 79 55.46 25.98 73.77
N GLN S 80 56.16 25.09 74.47
CA GLN S 80 55.53 24.36 75.56
C GLN S 80 55.07 25.29 76.68
N ASP S 81 55.72 26.45 76.86
CA ASP S 81 55.36 27.36 77.94
C ASP S 81 53.98 27.99 77.74
N PHE S 82 53.60 28.31 76.51
CA PHE S 82 52.31 28.93 76.25
C PHE S 82 51.16 27.93 76.19
N LYS S 83 51.47 26.63 76.17
CA LYS S 83 50.45 25.59 76.21
C LYS S 83 51.17 24.25 76.33
N THR S 84 50.52 23.30 77.00
CA THR S 84 51.13 22.00 77.26
C THR S 84 50.46 20.91 76.43
N ASP S 85 51.22 19.83 76.21
CA ASP S 85 50.75 18.65 75.48
C ASP S 85 50.32 19.04 74.06
N LEU S 86 51.27 19.62 73.34
CA LEU S 86 51.05 20.03 71.96
C LEU S 86 51.40 18.90 71.00
N ARG S 87 51.11 19.12 69.72
CA ARG S 87 51.57 18.26 68.64
C ARG S 87 51.86 19.14 67.43
N PHE S 88 52.82 18.73 66.60
CA PHE S 88 53.34 19.56 65.54
C PHE S 88 53.34 18.78 64.22
N GLN S 89 53.26 19.53 63.11
CA GLN S 89 53.59 18.99 61.81
C GLN S 89 55.04 19.34 61.47
N SER S 90 55.75 18.37 60.90
CA SER S 90 57.12 18.62 60.49
C SER S 90 57.21 19.80 59.52
N ALA S 91 56.19 19.95 58.66
CA ALA S 91 56.17 21.09 57.75
C ALA S 91 56.06 22.40 58.50
N ALA S 92 55.38 22.41 59.65
CA ALA S 92 55.30 23.63 60.45
C ALA S 92 56.68 24.04 60.94
N ILE S 93 57.47 23.09 61.43
CA ILE S 93 58.83 23.40 61.87
C ILE S 93 59.69 23.82 60.68
N GLY S 94 59.49 23.19 59.53
CA GLY S 94 60.22 23.61 58.34
C GLY S 94 59.91 25.05 57.96
N ALA S 95 58.64 25.43 58.00
CA ALA S 95 58.25 26.81 57.71
C ALA S 95 58.83 27.78 58.74
N LEU S 96 58.81 27.38 60.02
CA LEU S 96 59.40 28.23 61.05
C LEU S 96 60.90 28.42 60.80
N GLN S 97 61.60 27.35 60.44
CA GLN S 97 63.02 27.45 60.12
C GLN S 97 63.25 28.35 58.91
N GLU S 98 62.41 28.23 57.89
CA GLU S 98 62.54 29.08 56.72
C GLU S 98 62.36 30.55 57.08
N ALA S 99 61.33 30.85 57.87
CA ALA S 99 61.09 32.23 58.28
C ALA S 99 62.24 32.76 59.13
N SER S 100 62.74 31.94 60.05
CA SER S 100 63.86 32.36 60.89
C SER S 100 65.10 32.65 60.05
N GLU S 101 65.40 31.78 59.08
CA GLU S 101 66.55 32.00 58.23
C GLU S 101 66.39 33.27 57.40
N ALA S 102 65.20 33.51 56.85
CA ALA S 102 64.98 34.72 56.07
C ALA S 102 65.15 35.97 56.94
N TYR S 103 64.57 35.94 58.15
CA TYR S 103 64.69 37.08 59.06
C TYR S 103 66.14 37.34 59.45
N LEU S 104 66.88 36.28 59.77
CA LEU S 104 68.29 36.44 60.11
C LEU S 104 69.08 36.95 58.92
N VAL S 105 68.77 36.48 57.71
CA VAL S 105 69.46 36.95 56.53
C VAL S 105 69.22 38.45 56.33
N GLY S 106 67.98 38.88 56.47
CA GLY S 106 67.70 40.31 56.35
C GLY S 106 68.42 41.13 57.39
N LEU S 107 68.38 40.69 58.65
CA LEU S 107 69.05 41.44 59.71
C LEU S 107 70.56 41.49 59.49
N PHE S 108 71.16 40.38 59.06
CA PHE S 108 72.59 40.35 58.80
C PHE S 108 72.97 41.24 57.62
N GLU S 109 72.14 41.27 56.57
CA GLU S 109 72.42 42.15 55.45
C GLU S 109 72.36 43.61 55.88
N ASP S 110 71.36 43.97 56.68
CA ASP S 110 71.30 45.33 57.20
C ASP S 110 72.51 45.64 58.09
N THR S 111 72.92 44.68 58.92
CA THR S 111 74.08 44.89 59.78
C THR S 111 75.34 45.11 58.96
N ASN S 112 75.53 44.33 57.90
CA ASN S 112 76.68 44.52 57.02
C ASN S 112 76.64 45.88 56.33
N LEU S 113 75.45 46.30 55.87
CA LEU S 113 75.34 47.62 55.28
C LEU S 113 75.74 48.70 56.27
N CYS S 114 75.26 48.60 57.51
CA CYS S 114 75.63 49.57 58.53
C CYS S 114 77.12 49.55 58.80
N ALA S 115 77.71 48.36 58.91
CA ALA S 115 79.13 48.24 59.22
C ALA S 115 79.98 48.83 58.11
N ILE S 116 79.67 48.50 56.86
CA ILE S 116 80.42 49.05 55.73
C ILE S 116 80.25 50.55 55.67
N HIS S 117 79.06 51.05 55.99
CA HIS S 117 78.87 52.49 56.06
C HIS S 117 79.81 53.12 57.08
N ALA S 118 79.95 52.49 58.25
CA ALA S 118 80.80 53.00 59.31
C ALA S 118 82.28 52.79 59.03
N LYS S 119 82.64 52.33 57.83
CA LYS S 119 84.03 52.08 57.46
C LYS S 119 84.66 50.98 58.33
N ARG S 120 83.83 50.05 58.80
CA ARG S 120 84.26 48.96 59.66
C ARG S 120 83.75 47.63 59.14
N VAL S 121 84.60 46.61 59.21
CA VAL S 121 84.22 45.26 58.84
C VAL S 121 83.89 44.40 60.05
N THR S 122 84.56 44.61 61.18
CA THR S 122 84.25 43.89 62.41
C THR S 122 82.92 44.39 62.95
N ILE S 123 81.84 43.66 62.69
CA ILE S 123 80.55 44.06 63.21
C ILE S 123 80.56 44.02 64.73
N MET S 124 79.80 44.92 65.33
CA MET S 124 79.64 45.00 66.78
C MET S 124 78.14 45.00 67.07
N PRO S 125 77.72 44.40 68.18
CA PRO S 125 76.28 44.38 68.48
C PRO S 125 75.61 45.74 68.42
N LYS S 126 76.37 46.84 68.46
CA LYS S 126 75.75 48.15 68.22
C LYS S 126 75.37 48.33 66.76
N ASP S 127 76.06 47.65 65.84
CA ASP S 127 75.60 47.63 64.46
C ASP S 127 74.21 47.00 64.35
N ILE S 128 73.99 45.88 65.02
CA ILE S 128 72.67 45.27 65.05
C ILE S 128 71.69 46.16 65.78
N GLN S 129 72.13 46.85 66.83
CA GLN S 129 71.26 47.79 67.51
C GLN S 129 70.75 48.85 66.54
N LEU S 130 71.65 49.44 65.75
CA LEU S 130 71.23 50.42 64.76
C LEU S 130 70.31 49.79 63.72
N ALA S 131 70.66 48.59 63.24
CA ALA S 131 69.86 47.96 62.20
C ALA S 131 68.43 47.73 62.66
N ARG S 132 68.26 47.23 63.89
CA ARG S 132 66.94 46.97 64.43
C ARG S 132 66.22 48.24 64.88
N ARG S 133 66.96 49.28 65.27
CA ARG S 133 66.31 50.54 65.63
C ARG S 133 65.74 51.22 64.39
N ILE S 134 66.48 51.19 63.29
CA ILE S 134 65.97 51.79 62.06
C ILE S 134 64.74 51.02 61.56
N ARG S 135 64.78 49.69 61.59
CA ARG S 135 63.60 48.92 61.20
C ARG S 135 62.41 49.15 62.11
N GLY S 136 62.66 49.57 63.36
CA GLY S 136 61.57 49.74 64.30
C GLY S 136 60.93 48.45 64.77
N GLU S 137 61.55 47.31 64.47
CA GLU S 137 61.00 46.01 64.83
C GLU S 137 61.79 45.46 66.02
N ARG S 138 61.15 45.40 67.18
CA ARG S 138 61.82 45.02 68.41
C ARG S 138 61.32 43.66 68.90
N ARG T 27 66.38 21.93 77.25
CA ARG T 27 67.26 22.83 78.05
C ARG T 27 68.51 23.21 77.26
N ASP T 28 68.88 24.48 77.32
CA ASP T 28 70.05 25.00 76.62
C ASP T 28 69.93 24.80 75.10
N ASN T 29 68.69 24.80 74.60
CA ASN T 29 68.47 24.74 73.16
C ASN T 29 68.74 26.06 72.47
N ILE T 30 68.78 27.17 73.22
CA ILE T 30 69.22 28.43 72.63
C ILE T 30 70.66 28.30 72.17
N GLN T 31 71.50 27.63 72.95
CA GLN T 31 72.86 27.29 72.55
C GLN T 31 72.88 26.19 71.50
N GLY T 32 71.78 25.45 71.33
CA GLY T 32 71.68 24.51 70.23
C GLY T 32 71.86 25.17 68.88
N ILE T 33 71.58 26.47 68.80
CA ILE T 33 71.98 27.26 67.65
C ILE T 33 73.48 27.49 67.77
N THR T 34 74.26 26.63 67.13
CA THR T 34 75.69 26.57 67.36
C THR T 34 76.39 27.81 66.79
N LYS T 35 77.55 28.12 67.36
CA LYS T 35 78.37 29.19 66.82
C LYS T 35 78.67 28.98 65.33
N PRO T 36 79.08 27.81 64.87
CA PRO T 36 79.26 27.62 63.42
C PRO T 36 77.99 27.84 62.61
N ALA T 37 76.81 27.57 63.16
CA ALA T 37 75.58 27.83 62.41
C ALA T 37 75.39 29.34 62.19
N ILE T 38 75.59 30.14 63.24
CA ILE T 38 75.50 31.58 63.09
C ILE T 38 76.59 32.09 62.16
N ARG T 39 77.78 31.47 62.22
CA ARG T 39 78.82 31.81 61.25
C ARG T 39 78.34 31.55 59.83
N ARG T 40 77.73 30.39 59.59
CA ARG T 40 77.28 30.05 58.25
C ARG T 40 76.23 31.03 57.76
N LEU T 41 75.26 31.37 58.61
CA LEU T 41 74.24 32.34 58.23
C LEU T 41 74.83 33.73 58.01
N ALA T 42 75.81 34.13 58.82
CA ALA T 42 76.47 35.42 58.60
C ALA T 42 77.19 35.43 57.25
N ARG T 43 77.86 34.33 56.90
CA ARG T 43 78.50 34.26 55.60
C ARG T 43 77.48 34.35 54.48
N ARG T 44 76.36 33.62 54.61
CA ARG T 44 75.35 33.65 53.55
C ARG T 44 74.73 35.03 53.43
N GLY T 45 74.65 35.77 54.53
CA GLY T 45 74.12 37.12 54.50
C GLY T 45 75.08 38.14 53.90
N GLY T 46 76.36 37.81 53.82
CA GLY T 46 77.35 38.72 53.27
C GLY T 46 78.36 39.19 54.29
N VAL T 47 78.44 38.50 55.43
CA VAL T 47 79.36 38.89 56.48
C VAL T 47 80.73 38.30 56.21
N LYS T 48 81.77 39.11 56.40
CA LYS T 48 83.15 38.66 56.28
C LYS T 48 83.85 38.58 57.63
N ARG T 49 83.70 39.58 58.48
CA ARG T 49 84.32 39.63 59.80
C ARG T 49 83.21 39.53 60.84
N ILE T 50 83.33 38.55 61.74
CA ILE T 50 82.30 38.27 62.74
C ILE T 50 82.93 38.44 64.11
N SER T 51 82.37 39.33 64.91
CA SER T 51 82.86 39.57 66.27
C SER T 51 82.24 38.54 67.21
N GLY T 52 82.83 38.37 68.38
CA GLY T 52 82.43 37.33 69.30
C GLY T 52 81.20 37.66 70.12
N LEU T 53 80.81 38.93 70.15
CA LEU T 53 79.65 39.38 70.91
C LEU T 53 78.37 39.40 70.09
N ILE T 54 78.43 38.91 68.85
CA ILE T 54 77.26 38.95 67.97
C ILE T 54 76.37 37.73 68.16
N TYR T 55 76.96 36.59 68.55
CA TYR T 55 76.22 35.33 68.54
C TYR T 55 75.02 35.39 69.49
N GLU T 56 75.25 35.85 70.72
CA GLU T 56 74.16 35.90 71.70
C GLU T 56 73.08 36.90 71.30
N GLU T 57 73.47 38.05 70.73
CA GLU T 57 72.47 39.02 70.27
C GLU T 57 71.62 38.41 69.16
N THR T 58 72.25 37.72 68.22
CA THR T 58 71.50 37.05 67.15
C THR T 58 70.56 36.00 67.73
N ARG T 59 71.04 35.22 68.70
CA ARG T 59 70.19 34.21 69.32
C ARG T 59 69.00 34.86 70.01
N GLY T 60 69.21 36.00 70.67
CA GLY T 60 68.10 36.69 71.31
C GLY T 60 67.08 37.20 70.30
N VAL T 61 67.55 37.76 69.19
CA VAL T 61 66.62 38.22 68.16
C VAL T 61 65.81 37.07 67.61
N LEU T 62 66.47 35.94 67.32
CA LEU T 62 65.77 34.76 66.85
C LEU T 62 64.76 34.28 67.89
N LYS T 63 65.13 34.32 69.17
CA LYS T 63 64.22 33.92 70.23
C LYS T 63 62.98 34.81 70.26
N VAL T 64 63.16 36.12 70.11
CA VAL T 64 62.02 37.03 70.12
C VAL T 64 61.08 36.74 68.96
N PHE T 65 61.66 36.58 67.76
CA PHE T 65 60.82 36.29 66.59
C PHE T 65 60.06 34.97 66.78
N LEU T 66 60.76 33.94 67.25
CA LEU T 66 60.12 32.66 67.49
C LEU T 66 59.03 32.78 68.55
N GLU T 67 59.26 33.58 69.59
CA GLU T 67 58.25 33.76 70.62
C GLU T 67 56.96 34.32 70.04
N ASN T 68 57.08 35.43 69.29
CA ASN T 68 55.86 36.02 68.72
C ASN T 68 55.19 35.09 67.72
N VAL T 69 55.99 34.44 66.86
CA VAL T 69 55.41 33.57 65.84
C VAL T 69 54.68 32.40 66.50
N ILE T 70 55.30 31.79 67.53
CA ILE T 70 54.67 30.68 68.23
C ILE T 70 53.46 31.12 69.03
N ARG T 71 53.45 32.34 69.58
CA ARG T 71 52.23 32.82 70.23
C ARG T 71 51.09 32.89 69.23
N ASP T 72 51.35 33.44 68.04
CA ASP T 72 50.31 33.48 67.01
C ASP T 72 49.86 32.08 66.61
N ALA T 73 50.82 31.17 66.45
CA ALA T 73 50.49 29.80 66.05
C ALA T 73 49.63 29.11 67.10
N VAL T 74 49.98 29.29 68.39
CA VAL T 74 49.20 28.68 69.46
C VAL T 74 47.80 29.28 69.52
N THR T 75 47.68 30.59 69.34
CA THR T 75 46.35 31.19 69.33
C THR T 75 45.49 30.60 68.21
N TYR T 76 46.07 30.50 67.00
CA TYR T 76 45.32 29.93 65.90
C TYR T 76 44.95 28.47 66.16
N THR T 77 45.89 27.69 66.71
CA THR T 77 45.62 26.28 66.97
C THR T 77 44.53 26.11 68.02
N GLU T 78 44.56 26.92 69.09
CA GLU T 78 43.51 26.84 70.09
C GLU T 78 42.16 27.22 69.51
N HIS T 79 42.11 28.29 68.72
CA HIS T 79 40.83 28.67 68.14
C HIS T 79 40.33 27.65 67.12
N ALA T 80 41.20 26.75 66.64
CA ALA T 80 40.77 25.66 65.79
C ALA T 80 40.17 24.51 66.60
N LYS T 81 40.22 24.57 67.92
CA LYS T 81 39.73 23.48 68.78
C LYS T 81 40.44 22.17 68.44
N ARG T 82 41.72 22.28 68.09
CA ARG T 82 42.55 21.12 67.78
C ARG T 82 43.87 21.25 68.52
N LYS T 83 44.33 20.14 69.11
CA LYS T 83 45.55 20.11 69.89
C LYS T 83 46.79 19.89 69.02
N THR T 84 46.66 20.08 67.71
CA THR T 84 47.78 19.91 66.78
C THR T 84 47.97 21.21 66.00
N VAL T 85 49.23 21.59 65.82
CA VAL T 85 49.58 22.80 65.10
C VAL T 85 49.93 22.42 63.67
N THR T 86 49.30 23.11 62.71
CA THR T 86 49.50 22.84 61.29
C THR T 86 50.34 23.94 60.65
N ALA T 87 51.03 23.58 59.57
CA ALA T 87 51.80 24.57 58.82
C ALA T 87 50.89 25.64 58.22
N MET T 88 49.61 25.31 58.00
CA MET T 88 48.66 26.30 57.51
C MET T 88 48.52 27.45 58.52
N ASP T 89 48.43 27.12 59.81
CA ASP T 89 48.32 28.15 60.83
C ASP T 89 49.60 28.99 60.89
N VAL T 90 50.75 28.37 60.67
CA VAL T 90 52.01 29.12 60.62
C VAL T 90 52.01 30.09 59.45
N VAL T 91 51.54 29.63 58.29
CA VAL T 91 51.47 30.50 57.12
C VAL T 91 50.53 31.67 57.40
N TYR T 92 49.38 31.39 58.02
CA TYR T 92 48.43 32.46 58.33
C TYR T 92 49.02 33.44 59.34
N ALA T 93 49.76 32.94 60.33
CA ALA T 93 50.38 33.82 61.31
C ALA T 93 51.42 34.71 60.66
N LEU T 94 52.22 34.15 59.75
CA LEU T 94 53.19 34.95 59.02
C LEU T 94 52.50 35.99 58.14
N LYS T 95 51.40 35.61 57.50
CA LYS T 95 50.58 36.58 56.77
C LYS T 95 50.16 37.72 57.68
N ARG T 96 49.64 37.39 58.86
CA ARG T 96 49.24 38.42 59.81
C ARG T 96 50.40 39.30 60.24
N GLN T 97 51.59 38.72 60.38
CA GLN T 97 52.76 39.51 60.76
C GLN T 97 53.15 40.48 59.66
N GLY T 98 53.01 40.07 58.40
CA GLY T 98 53.48 40.87 57.28
C GLY T 98 54.63 40.20 56.57
N ARG T 99 54.86 38.92 56.88
CA ARG T 99 55.97 38.13 56.35
C ARG T 99 55.43 36.85 55.72
N THR T 100 54.41 37.00 54.87
CA THR T 100 53.72 35.85 54.29
C THR T 100 54.72 34.91 53.62
N LEU T 101 54.53 33.61 53.82
CA LEU T 101 55.42 32.58 53.28
C LEU T 101 54.65 31.76 52.26
N TYR T 102 55.20 31.69 51.04
CA TYR T 102 54.59 30.91 49.97
C TYR T 102 55.09 29.47 50.05
N GLY T 103 54.82 28.69 49.01
CA GLY T 103 55.39 27.36 48.84
C GLY T 103 54.72 26.25 49.64
N PHE T 104 54.69 26.38 50.96
CA PHE T 104 54.11 25.37 51.83
C PHE T 104 52.59 25.45 51.89
N GLY T 105 51.96 26.12 50.92
CA GLY T 105 50.52 26.25 50.89
C GLY T 105 50.03 27.57 51.43
N GLY T 106 48.92 28.06 50.89
CA GLY T 106 48.37 29.33 51.32
C GLY T 106 49.17 30.51 50.82
N THR U 20 17.31 50.75 75.03
CA THR U 20 18.27 50.18 74.04
C THR U 20 19.13 49.09 74.66
N ARG U 21 19.67 48.21 73.83
CA ARG U 21 20.52 47.13 74.33
C ARG U 21 21.83 47.64 74.91
N SER U 22 22.18 48.90 74.67
CA SER U 22 23.44 49.43 75.21
C SER U 22 23.47 49.31 76.73
N SER U 23 22.42 49.80 77.39
CA SER U 23 22.34 49.66 78.85
C SER U 23 22.17 48.21 79.28
N ARG U 24 21.62 47.35 78.43
CA ARG U 24 21.58 45.92 78.73
C ARG U 24 22.96 45.30 78.78
N ALA U 25 23.92 45.87 78.04
CA ALA U 25 25.32 45.52 78.17
C ALA U 25 26.07 46.41 79.15
N GLY U 26 25.42 47.45 79.67
CA GLY U 26 26.07 48.36 80.60
C GLY U 26 27.24 49.08 79.99
N LEU U 27 27.07 49.57 78.75
CA LEU U 27 28.18 50.19 78.02
C LEU U 27 27.71 51.45 77.31
N GLN U 28 28.63 52.39 77.09
CA GLN U 28 28.33 53.62 76.37
C GLN U 28 28.34 53.45 74.86
N PHE U 29 28.89 52.36 74.35
CA PHE U 29 28.92 52.18 72.91
C PHE U 29 27.71 51.38 72.43
N PRO U 30 27.06 51.81 71.37
CA PRO U 30 25.82 51.16 70.93
C PRO U 30 26.08 49.76 70.40
N VAL U 31 25.04 48.93 70.50
CA VAL U 31 25.10 47.54 70.03
C VAL U 31 24.50 47.48 68.63
N GLY U 32 23.35 48.13 68.45
CA GLY U 32 22.65 48.04 67.18
C GLY U 32 23.45 48.63 66.03
N ARG U 33 24.11 49.77 66.26
CA ARG U 33 24.90 50.40 65.21
C ARG U 33 26.10 49.53 64.82
N VAL U 34 26.78 48.96 65.81
CA VAL U 34 27.90 48.07 65.52
C VAL U 34 27.42 46.83 64.78
N HIS U 35 26.26 46.30 65.18
CA HIS U 35 25.69 45.15 64.47
C HIS U 35 25.37 45.50 63.03
N ARG U 36 24.82 46.70 62.79
CA ARG U 36 24.54 47.12 61.42
C ARG U 36 25.83 47.23 60.61
N LEU U 37 26.89 47.79 61.21
CA LEU U 37 28.16 47.86 60.50
C LEU U 37 28.70 46.47 60.19
N LEU U 38 28.54 45.52 61.12
CA LEU U 38 29.01 44.16 60.86
C LEU U 38 28.25 43.49 59.73
N ARG U 39 27.12 44.05 59.30
CA ARG U 39 26.37 43.54 58.16
C ARG U 39 26.59 44.33 56.89
N LYS U 40 26.81 45.64 56.99
CA LYS U 40 27.13 46.45 55.82
C LYS U 40 28.61 46.38 55.44
N GLY U 41 29.45 45.78 56.27
CA GLY U 41 30.84 45.59 55.92
C GLY U 41 31.04 44.34 55.10
N ASN U 42 29.99 43.52 55.00
CA ASN U 42 30.06 42.24 54.30
C ASN U 42 31.23 41.41 54.85
N TYR U 43 31.49 41.54 56.15
CA TYR U 43 32.55 40.79 56.78
C TYR U 43 32.26 39.29 56.83
N SER U 44 30.99 38.92 56.97
CA SER U 44 30.58 37.52 56.98
C SER U 44 29.09 37.47 56.66
N GLU U 45 28.59 36.27 56.37
CA GLU U 45 27.19 36.11 55.99
C GLU U 45 26.25 36.40 57.14
N ARG U 46 26.49 35.76 58.30
CA ARG U 46 25.68 35.95 59.48
C ARG U 46 26.54 36.44 60.64
N VAL U 47 25.90 37.10 61.59
CA VAL U 47 26.56 37.74 62.72
C VAL U 47 26.05 37.10 64.00
N GLY U 48 26.97 36.77 64.90
CA GLY U 48 26.62 36.26 66.20
C GLY U 48 25.93 37.33 67.04
N ALA U 49 25.12 36.85 67.99
CA ALA U 49 24.30 37.76 68.79
C ALA U 49 25.17 38.70 69.62
N GLY U 50 26.01 38.14 70.49
CA GLY U 50 26.77 38.92 71.44
C GLY U 50 28.09 39.48 70.93
N ALA U 51 28.48 39.15 69.70
CA ALA U 51 29.73 39.69 69.17
C ALA U 51 29.79 41.21 69.21
N PRO U 52 28.78 41.96 68.76
CA PRO U 52 28.85 43.42 68.87
C PRO U 52 28.99 43.90 70.31
N VAL U 53 28.40 43.20 71.28
CA VAL U 53 28.57 43.61 72.68
C VAL U 53 30.03 43.44 73.11
N TYR U 54 30.65 42.32 72.74
CA TYR U 54 32.05 42.11 73.03
C TYR U 54 32.91 43.20 72.40
N LEU U 55 32.62 43.52 71.14
CA LEU U 55 33.38 44.57 70.46
C LEU U 55 33.19 45.92 71.14
N ALA U 56 31.96 46.23 71.57
CA ALA U 56 31.69 47.50 72.24
C ALA U 56 32.45 47.58 73.56
N ALA U 57 32.47 46.48 74.33
CA ALA U 57 33.21 46.50 75.59
C ALA U 57 34.70 46.67 75.35
N VAL U 58 35.24 45.97 74.36
CA VAL U 58 36.67 46.08 74.08
C VAL U 58 37.01 47.51 73.65
N LEU U 59 36.19 48.08 72.77
CA LEU U 59 36.42 49.45 72.32
C LEU U 59 36.32 50.43 73.48
N GLU U 60 35.34 50.23 74.36
CA GLU U 60 35.20 51.11 75.52
C GLU U 60 36.43 51.03 76.42
N TYR U 61 36.95 49.83 76.66
CA TYR U 61 38.17 49.72 77.45
C TYR U 61 39.33 50.44 76.77
N LEU U 62 39.50 50.24 75.47
CA LEU U 62 40.60 50.87 74.75
C LEU U 62 40.52 52.39 74.87
N THR U 63 39.35 52.95 74.54
CA THR U 63 39.20 54.41 74.62
C THR U 63 39.30 54.91 76.06
N ALA U 64 38.86 54.12 77.05
CA ALA U 64 39.00 54.54 78.43
C ALA U 64 40.47 54.67 78.82
N GLU U 65 41.29 53.68 78.44
CA GLU U 65 42.72 53.78 78.70
C GLU U 65 43.33 54.97 77.98
N ILE U 66 42.98 55.16 76.70
CA ILE U 66 43.56 56.24 75.92
C ILE U 66 43.20 57.58 76.55
N LEU U 67 41.94 57.74 76.97
CA LEU U 67 41.50 58.99 77.56
C LEU U 67 42.04 59.19 78.97
N GLU U 68 42.27 58.11 79.72
CA GLU U 68 42.94 58.25 81.01
C GLU U 68 44.34 58.82 80.83
N LEU U 69 45.11 58.24 79.89
CA LEU U 69 46.45 58.75 79.66
C LEU U 69 46.42 60.14 79.02
N ALA U 70 45.37 60.44 78.25
CA ALA U 70 45.22 61.80 77.73
C ALA U 70 44.95 62.80 78.86
N GLY U 71 44.16 62.40 79.85
CA GLY U 71 43.96 63.24 81.02
C GLY U 71 45.25 63.43 81.79
N ASN U 72 46.07 62.37 81.88
CA ASN U 72 47.38 62.52 82.50
C ASN U 72 48.25 63.53 81.73
N ALA U 73 48.26 63.43 80.40
CA ALA U 73 49.03 64.37 79.60
C ALA U 73 48.51 65.80 79.76
N ALA U 74 47.19 65.97 79.85
CA ALA U 74 46.63 67.30 80.09
C ALA U 74 47.02 67.83 81.46
N ARG U 75 46.99 66.97 82.48
CA ARG U 75 47.45 67.37 83.80
C ARG U 75 48.92 67.78 83.78
N ASP U 76 49.71 67.14 82.91
CA ASP U 76 51.12 67.49 82.80
C ASP U 76 51.29 68.97 82.42
N ASN U 77 50.50 69.44 81.46
CA ASN U 77 50.54 70.82 81.01
C ASN U 77 49.46 71.69 81.67
N LYS U 78 48.67 71.11 82.58
CA LYS U 78 47.67 71.87 83.34
C LYS U 78 46.68 72.56 82.40
N LYS U 79 46.08 71.76 81.51
CA LYS U 79 45.03 72.23 80.62
C LYS U 79 43.77 71.40 80.85
N THR U 80 42.64 72.09 81.05
CA THR U 80 41.39 71.42 81.30
C THR U 80 40.79 70.78 80.06
N ARG U 81 41.02 71.37 78.88
CA ARG U 81 40.59 70.80 77.61
C ARG U 81 41.77 70.12 76.95
N ILE U 82 41.62 68.83 76.67
CA ILE U 82 42.72 68.02 76.13
C ILE U 82 42.98 68.46 74.70
N ILE U 83 44.26 68.72 74.40
CA ILE U 83 44.67 69.05 73.04
C ILE U 83 45.26 67.80 72.40
N PRO U 84 45.28 67.69 71.07
CA PRO U 84 45.86 66.49 70.45
C PRO U 84 47.33 66.27 70.77
N ARG U 85 48.07 67.32 71.12
CA ARG U 85 49.46 67.11 71.54
C ARG U 85 49.52 66.23 72.79
N HIS U 86 48.61 66.47 73.72
CA HIS U 86 48.51 65.62 74.90
C HIS U 86 48.17 64.19 74.52
N LEU U 87 47.29 64.02 73.53
CA LEU U 87 46.98 62.69 73.03
C LEU U 87 48.24 62.02 72.50
N GLN U 88 49.03 62.74 71.71
CA GLN U 88 50.26 62.18 71.17
C GLN U 88 51.21 61.75 72.29
N LEU U 89 51.41 62.61 73.28
CA LEU U 89 52.32 62.28 74.37
C LEU U 89 51.82 61.07 75.13
N ALA U 90 50.52 61.02 75.43
CA ALA U 90 49.96 59.89 76.17
C ALA U 90 50.10 58.59 75.40
N ILE U 91 49.84 58.61 74.09
CA ILE U 91 49.97 57.40 73.29
C ILE U 91 51.41 56.94 73.24
N ARG U 92 52.35 57.87 73.02
CA ARG U 92 53.74 57.50 72.81
C ARG U 92 54.44 57.07 74.10
N ASN U 93 54.08 57.65 75.25
CA ASN U 93 54.76 57.31 76.49
C ASN U 93 54.50 55.86 76.89
N ASP U 94 53.27 55.39 76.75
CA ASP U 94 52.95 54.01 77.12
C ASP U 94 53.47 53.05 76.06
N GLU U 95 54.22 52.03 76.52
CA GLU U 95 54.91 51.15 75.59
C GLU U 95 53.93 50.36 74.73
N GLU U 96 52.88 49.81 75.35
CA GLU U 96 51.93 48.98 74.60
C GLU U 96 51.08 49.81 73.66
N LEU U 97 50.70 51.03 74.05
CA LEU U 97 49.91 51.89 73.18
C LEU U 97 50.73 52.51 72.07
N ASN U 98 52.07 52.54 72.21
CA ASN U 98 52.94 52.96 71.12
C ASN U 98 53.31 51.80 70.21
N LYS U 99 53.37 50.58 70.73
CA LYS U 99 53.55 49.41 69.86
C LYS U 99 52.37 49.27 68.91
N LEU U 100 51.16 49.52 69.41
CA LEU U 100 49.98 49.56 68.53
C LEU U 100 50.05 50.76 67.60
N LEU U 101 50.08 51.97 68.16
CA LEU U 101 50.10 53.20 67.37
C LEU U 101 51.53 53.68 67.12
N GLY U 102 52.36 52.81 66.55
CA GLY U 102 53.71 53.16 66.17
C GLY U 102 53.85 53.40 64.69
N ARG U 103 52.95 52.79 63.90
CA ARG U 103 52.92 52.99 62.46
C ARG U 103 51.86 53.99 62.02
N VAL U 104 51.18 54.64 62.95
CA VAL U 104 50.09 55.56 62.64
C VAL U 104 50.48 56.93 63.20
N THR U 105 50.88 57.85 62.32
CA THR U 105 51.13 59.21 62.73
C THR U 105 49.80 59.95 62.91
N ILE U 106 49.82 60.95 63.79
CA ILE U 106 48.61 61.63 64.25
C ILE U 106 48.67 63.08 63.82
N ALA U 107 47.57 63.57 63.24
CA ALA U 107 47.50 64.98 62.86
C ALA U 107 47.64 65.87 64.09
N GLN U 108 48.49 66.89 63.97
CA GLN U 108 48.77 67.81 65.06
C GLN U 108 49.31 67.09 66.30
N GLY U 109 50.04 66.00 66.08
CA GLY U 109 50.58 65.21 67.16
C GLY U 109 51.98 65.63 67.58
N GLY U 110 52.88 65.75 66.61
CA GLY U 110 54.27 66.04 66.91
C GLY U 110 55.03 64.83 67.39
N VAL U 111 56.09 65.09 68.14
CA VAL U 111 56.95 64.05 68.68
C VAL U 111 57.24 64.36 70.15
N LEU U 112 57.89 63.41 70.82
CA LEU U 112 58.30 63.60 72.19
C LEU U 112 59.48 64.57 72.26
N PRO U 113 59.72 65.19 73.43
CA PRO U 113 60.96 65.96 73.59
C PRO U 113 62.17 65.06 73.73
N ASN U 114 63.01 64.97 72.70
CA ASN U 114 64.12 64.03 72.67
C ASN U 114 65.41 64.78 72.34
N ILE U 115 66.40 64.65 73.22
CA ILE U 115 67.73 65.22 73.02
C ILE U 115 68.75 64.12 73.26
N GLN U 116 69.67 63.94 72.32
CA GLN U 116 70.65 62.86 72.40
C GLN U 116 71.84 63.28 73.25
N ALA U 117 72.28 62.39 74.13
CA ALA U 117 73.31 62.74 75.11
C ALA U 117 74.62 63.10 74.44
N VAL U 118 75.06 62.33 73.44
CA VAL U 118 76.33 62.62 72.78
C VAL U 118 76.33 63.96 72.05
N LEU U 119 75.16 64.59 71.91
CA LEU U 119 75.06 65.90 71.30
C LEU U 119 75.05 67.02 72.33
N LEU U 120 74.98 66.70 73.63
CA LEU U 120 75.00 67.73 74.65
C LEU U 120 76.42 68.30 74.81
N PRO U 121 76.56 69.58 75.12
CA PRO U 121 77.89 70.16 75.29
C PRO U 121 78.51 69.76 76.63
N LYS U 122 79.78 70.10 76.77
CA LYS U 122 80.51 69.81 78.00
C LYS U 122 80.35 70.96 78.99
N ARG V 35 22.28 67.17 51.67
CA ARG V 35 22.22 67.33 53.14
C ARG V 35 22.32 65.98 53.83
N SER V 36 23.32 65.18 53.45
CA SER V 36 23.51 63.86 54.02
C SER V 36 23.75 63.96 55.52
N ARG V 37 23.11 63.05 56.26
CA ARG V 37 23.23 63.01 57.72
C ARG V 37 24.42 62.12 58.08
N LYS V 38 25.60 62.72 58.21
CA LYS V 38 26.77 61.95 58.58
C LYS V 38 26.73 61.61 60.07
N GLU V 39 27.48 60.57 60.44
CA GLU V 39 27.44 60.01 61.78
C GLU V 39 28.79 60.17 62.46
N SER V 40 28.78 60.05 63.78
CA SER V 40 30.00 60.14 64.58
C SER V 40 29.79 59.35 65.86
N TYR V 41 30.79 59.39 66.75
CA TYR V 41 30.73 58.75 68.06
C TYR V 41 31.00 59.75 69.18
N SER V 42 30.81 61.04 68.89
CA SER V 42 31.24 62.08 69.83
C SER V 42 30.51 61.95 71.15
N ILE V 43 29.19 61.72 71.13
CA ILE V 43 28.45 61.67 72.38
C ILE V 43 28.89 60.48 73.24
N TYR V 44 29.07 59.30 72.63
CA TYR V 44 29.45 58.12 73.38
C TYR V 44 30.78 58.30 74.09
N VAL V 45 31.81 58.70 73.35
CA VAL V 45 33.14 58.82 73.93
C VAL V 45 33.24 60.08 74.80
N TYR V 46 32.40 61.08 74.56
CA TYR V 46 32.37 62.22 75.48
C TYR V 46 31.83 61.80 76.84
N LYS V 47 30.77 60.99 76.84
CA LYS V 47 30.30 60.41 78.10
C LYS V 47 31.37 59.53 78.73
N VAL V 48 32.10 58.77 77.90
CA VAL V 48 33.18 57.93 78.43
C VAL V 48 34.25 58.79 79.08
N LEU V 49 34.64 59.89 78.43
CA LEU V 49 35.65 60.76 79.00
C LEU V 49 35.18 61.38 80.31
N LYS V 50 33.93 61.85 80.35
CA LYS V 50 33.37 62.30 81.61
C LYS V 50 33.43 61.22 82.68
N GLN V 51 33.22 59.96 82.29
CA GLN V 51 33.34 58.86 83.24
C GLN V 51 34.77 58.74 83.76
N VAL V 52 35.75 58.85 82.87
CA VAL V 52 37.16 58.69 83.26
C VAL V 52 37.84 60.00 83.61
N HIS V 53 37.22 61.14 83.29
CA HIS V 53 37.78 62.45 83.66
C HIS V 53 36.65 63.47 83.65
N PRO V 54 35.94 63.62 84.77
CA PRO V 54 34.89 64.65 84.82
C PRO V 54 35.42 66.06 84.62
N ASP V 55 36.37 66.49 85.44
CA ASP V 55 36.95 67.83 85.30
C ASP V 55 38.04 67.82 84.23
N THR V 56 37.60 67.59 82.99
CA THR V 56 38.50 67.66 81.85
C THR V 56 37.65 67.84 80.60
N GLY V 57 37.86 68.97 79.91
CA GLY V 57 37.22 69.22 78.65
C GLY V 57 37.92 68.46 77.54
N ILE V 58 37.51 68.76 76.31
CA ILE V 58 38.06 68.08 75.15
C ILE V 58 37.71 68.89 73.90
N SER V 59 38.63 68.87 72.93
CA SER V 59 38.48 69.69 71.73
C SER V 59 37.97 68.85 70.56
N SER V 60 37.32 69.52 69.62
CA SER V 60 36.71 68.82 68.49
C SER V 60 37.74 68.00 67.71
N LYS V 61 38.97 68.52 67.57
CA LYS V 61 40.01 67.76 66.89
C LYS V 61 40.34 66.49 67.65
N ALA V 62 40.23 66.53 68.98
CA ALA V 62 40.34 65.31 69.77
C ALA V 62 39.23 64.33 69.43
N MET V 63 38.00 64.82 69.25
CA MET V 63 36.91 63.94 68.82
C MET V 63 37.22 63.32 67.46
N GLY V 64 37.72 64.11 66.52
CA GLY V 64 38.03 63.56 65.20
C GLY V 64 39.13 62.50 65.24
N ILE V 65 40.22 62.80 65.96
CA ILE V 65 41.32 61.84 66.06
C ILE V 65 40.85 60.57 66.76
N MET V 66 40.06 60.73 67.81
CA MET V 66 39.50 59.59 68.51
C MET V 66 38.62 58.75 67.61
N ASN V 67 37.75 59.39 66.82
CA ASN V 67 36.88 58.62 65.93
C ASN V 67 37.68 57.90 64.86
N SER V 68 38.72 58.54 64.33
CA SER V 68 39.57 57.86 63.35
C SER V 68 40.26 56.66 63.98
N PHE V 69 40.77 56.80 65.21
CA PHE V 69 41.42 55.68 65.87
C PHE V 69 40.44 54.54 66.11
N VAL V 70 39.23 54.87 66.59
CA VAL V 70 38.24 53.84 66.85
C VAL V 70 37.86 53.13 65.56
N ASN V 71 37.70 53.88 64.47
CA ASN V 71 37.38 53.26 63.20
C ASN V 71 38.51 52.37 62.71
N ASP V 72 39.76 52.78 62.92
CA ASP V 72 40.89 51.94 62.54
C ASP V 72 40.89 50.63 63.31
N ILE V 73 40.65 50.71 64.62
CA ILE V 73 40.59 49.48 65.42
C ILE V 73 39.43 48.61 64.98
N PHE V 74 38.30 49.23 64.65
CA PHE V 74 37.14 48.48 64.16
C PHE V 74 37.47 47.76 62.86
N GLU V 75 38.17 48.46 61.95
CA GLU V 75 38.61 47.83 60.70
C GLU V 75 39.52 46.64 60.96
N ARG V 76 40.49 46.81 61.86
CA ARG V 76 41.42 45.72 62.15
C ARG V 76 40.68 44.52 62.75
N ILE V 77 39.76 44.77 63.68
CA ILE V 77 39.02 43.66 64.29
C ILE V 77 38.13 42.99 63.27
N ALA V 78 37.49 43.76 62.38
CA ALA V 78 36.65 43.17 61.35
C ALA V 78 37.49 42.29 60.42
N GLY V 79 38.67 42.76 60.02
CA GLY V 79 39.53 41.94 59.20
C GLY V 79 39.98 40.67 59.89
N GLU V 80 40.33 40.78 61.18
CA GLU V 80 40.73 39.59 61.93
C GLU V 80 39.60 38.58 61.99
N ALA V 81 38.37 39.05 62.26
CA ALA V 81 37.23 38.15 62.29
C ALA V 81 36.99 37.52 60.92
N SER V 82 37.18 38.30 59.86
CA SER V 82 37.01 37.77 58.50
C SER V 82 38.00 36.64 58.23
N ARG V 83 39.27 36.86 58.57
CA ARG V 83 40.27 35.80 58.34
C ARG V 83 40.01 34.60 59.23
N LEU V 84 39.56 34.81 60.47
CA LEU V 84 39.21 33.68 61.34
C LEU V 84 38.06 32.88 60.74
N ALA V 85 37.06 33.57 60.18
CA ALA V 85 35.96 32.87 59.52
C ALA V 85 36.46 32.09 58.31
N HIS V 86 37.34 32.68 57.51
CA HIS V 86 37.86 32.00 56.32
C HIS V 86 38.65 30.75 56.70
N TYR V 87 39.55 30.87 57.68
CA TYR V 87 40.45 29.77 58.01
C TYR V 87 39.79 28.70 58.87
N ASN V 88 38.56 28.92 59.34
CA ASN V 88 37.81 27.92 60.08
C ASN V 88 36.70 27.29 59.25
N LYS V 89 36.57 27.69 57.98
CA LYS V 89 35.59 27.09 57.07
C LYS V 89 34.17 27.21 57.64
N ARG V 90 33.93 28.31 58.36
CA ARG V 90 32.63 28.62 58.92
C ARG V 90 32.40 30.13 58.81
N SER V 91 31.13 30.52 58.79
CA SER V 91 30.76 31.92 58.64
C SER V 91 30.10 32.49 59.89
N THR V 92 29.76 31.66 60.87
CA THR V 92 29.08 32.11 62.09
C THR V 92 30.13 32.73 63.00
N ILE V 93 30.12 34.06 63.09
CA ILE V 93 31.05 34.79 63.93
C ILE V 93 30.48 34.81 65.34
N THR V 94 30.99 33.92 66.20
CA THR V 94 30.63 33.92 67.60
C THR V 94 31.51 34.91 68.36
N SER V 95 31.30 35.00 69.67
CA SER V 95 32.18 35.81 70.52
C SER V 95 33.58 35.24 70.60
N ARG V 96 33.76 33.94 70.27
CA ARG V 96 35.08 33.33 70.33
C ARG V 96 35.99 33.89 69.24
N GLU V 97 35.46 34.08 68.03
CA GLU V 97 36.23 34.72 66.97
C GLU V 97 36.67 36.12 67.40
N ILE V 98 35.74 36.88 67.99
CA ILE V 98 36.08 38.23 68.42
C ILE V 98 37.15 38.20 69.50
N GLN V 99 37.03 37.28 70.46
CA GLN V 99 38.02 37.20 71.54
C GLN V 99 39.39 36.83 71.02
N THR V 100 39.46 35.84 70.12
CA THR V 100 40.77 35.48 69.56
C THR V 100 41.36 36.62 68.74
N ALA V 101 40.53 37.34 67.98
CA ALA V 101 41.02 38.50 67.25
C ALA V 101 41.55 39.57 68.20
N VAL V 102 40.85 39.79 69.32
CA VAL V 102 41.31 40.77 70.29
C VAL V 102 42.65 40.36 70.87
N ARG V 103 42.79 39.09 71.25
CA ARG V 103 44.06 38.63 71.82
C ARG V 103 45.18 38.67 70.79
N LEU V 104 44.85 38.52 69.51
CA LEU V 104 45.87 38.59 68.47
C LEU V 104 46.33 40.02 68.23
N LEU V 105 45.38 40.93 68.03
CA LEU V 105 45.71 42.28 67.62
C LEU V 105 46.33 43.10 68.76
N LEU V 106 45.71 43.04 69.97
CA LEU V 106 46.16 43.94 71.02
C LEU V 106 47.33 43.36 71.81
N PRO V 107 48.15 44.21 72.43
CA PRO V 107 49.32 43.70 73.16
C PRO V 107 48.92 42.74 74.27
N GLY V 108 49.90 41.96 74.71
CA GLY V 108 49.67 40.87 75.65
C GLY V 108 48.79 41.22 76.82
N GLU V 109 49.26 42.09 77.71
CA GLU V 109 48.49 42.41 78.90
C GLU V 109 47.33 43.35 78.61
N LEU V 110 47.50 44.29 77.68
CA LEU V 110 46.37 45.11 77.27
C LEU V 110 45.29 44.24 76.62
N ALA V 111 45.71 43.27 75.82
CA ALA V 111 44.75 42.32 75.25
C ALA V 111 44.11 41.46 76.34
N LYS V 112 44.86 41.12 77.38
CA LYS V 112 44.29 40.35 78.48
C LYS V 112 43.20 41.16 79.20
N HIS V 113 43.47 42.45 79.43
CA HIS V 113 42.43 43.31 79.99
C HIS V 113 41.24 43.44 79.05
N ALA V 114 41.51 43.53 77.74
CA ALA V 114 40.41 43.57 76.77
C ALA V 114 39.58 42.29 76.84
N VAL V 115 40.24 41.15 76.99
CA VAL V 115 39.53 39.88 77.13
C VAL V 115 38.68 39.90 78.40
N SER V 116 39.25 40.40 79.51
CA SER V 116 38.49 40.47 80.75
C SER V 116 37.23 41.32 80.56
N GLU V 117 37.39 42.52 79.99
CA GLU V 117 36.25 43.40 79.82
C GLU V 117 35.21 42.79 78.87
N GLY V 118 35.66 42.22 77.75
CA GLY V 118 34.72 41.66 76.80
C GLY V 118 33.99 40.44 77.34
N THR V 119 34.71 39.56 78.04
CA THR V 119 34.07 38.41 78.66
C THR V 119 33.06 38.86 79.72
N LYS V 120 33.43 39.85 80.53
CA LYS V 120 32.47 40.37 81.51
C LYS V 120 31.24 40.92 80.83
N ALA V 121 31.42 41.69 79.76
CA ALA V 121 30.28 42.27 79.06
C ALA V 121 29.38 41.19 78.47
N VAL V 122 29.98 40.19 77.80
CA VAL V 122 29.18 39.14 77.18
C VAL V 122 28.45 38.35 78.26
N THR V 123 29.13 38.01 79.35
CA THR V 123 28.49 37.24 80.41
C THR V 123 27.33 38.01 81.02
N LYS V 124 27.53 39.31 81.30
CA LYS V 124 26.48 40.09 81.95
C LYS V 124 25.32 40.34 80.99
N TYR V 125 25.58 40.49 79.69
CA TYR V 125 24.49 40.72 78.75
C TYR V 125 23.72 39.44 78.45
N THR V 126 24.40 38.29 78.41
CA THR V 126 23.72 37.02 78.14
C THR V 126 23.00 36.47 79.35
N SER V 127 23.56 36.63 80.55
CA SER V 127 22.89 36.18 81.76
C SER V 127 21.58 36.93 81.96
N ALA V 128 21.60 38.23 81.71
CA ALA V 128 20.38 39.04 81.72
C ALA V 128 19.82 39.12 80.30
N LYS V 129 18.81 39.95 80.10
CA LYS V 129 18.20 40.11 78.78
C LYS V 129 18.34 41.55 78.29
N HIS W 43 76.11 89.37 72.17
CA HIS W 43 77.35 88.99 71.45
C HIS W 43 77.21 87.59 70.82
N ARG W 44 78.33 86.95 70.52
CA ARG W 44 78.35 85.67 69.84
C ARG W 44 78.38 84.53 70.85
N TYR W 45 77.53 83.53 70.63
CA TYR W 45 77.53 82.31 71.44
C TYR W 45 78.41 81.26 70.77
N ARG W 46 78.68 80.17 71.48
CA ARG W 46 79.46 79.07 70.93
C ARG W 46 78.58 78.19 70.05
N PRO W 47 79.18 77.43 69.13
CA PRO W 47 78.39 76.46 68.36
C PRO W 47 77.75 75.42 69.28
N GLY W 48 76.53 75.02 68.92
CA GLY W 48 75.78 74.03 69.67
C GLY W 48 74.83 74.62 70.68
N THR W 49 75.01 75.89 71.05
CA THR W 49 74.09 76.53 71.98
C THR W 49 72.79 76.89 71.28
N VAL W 50 72.87 77.70 70.22
CA VAL W 50 71.68 78.10 69.48
C VAL W 50 71.04 76.90 68.80
N ALA W 51 71.86 76.01 68.24
CA ALA W 51 71.32 74.84 67.55
C ALA W 51 70.51 73.98 68.51
N LEU W 52 71.08 73.63 69.66
CA LEU W 52 70.35 72.83 70.64
C LEU W 52 69.16 73.59 71.21
N ARG W 53 69.30 74.91 71.39
CA ARG W 53 68.18 75.70 71.90
C ARG W 53 67.00 75.65 70.95
N GLU W 54 67.24 75.76 69.65
CA GLU W 54 66.16 75.67 68.67
C GLU W 54 65.63 74.25 68.52
N ILE W 55 66.49 73.24 68.68
CA ILE W 55 66.00 71.86 68.74
C ILE W 55 64.99 71.74 69.87
N ARG W 56 65.33 72.26 71.04
CA ARG W 56 64.40 72.23 72.18
C ARG W 56 63.14 73.01 71.87
N ARG W 57 63.27 74.19 71.26
CA ARG W 57 62.15 75.10 71.07
C ARG W 57 61.17 74.63 70.00
N TYR W 58 61.63 73.86 69.02
CA TYR W 58 60.76 73.40 67.93
C TYR W 58 60.21 72.01 68.16
N GLN W 59 60.53 71.37 69.29
CA GLN W 59 59.98 70.07 69.65
C GLN W 59 58.73 70.20 70.53
N LYS W 60 58.33 71.43 70.85
CA LYS W 60 57.13 71.70 71.63
C LYS W 60 55.96 72.17 70.78
N SER W 61 56.22 72.79 69.64
CA SER W 61 55.18 73.29 68.76
C SER W 61 54.93 72.28 67.64
N THR W 62 53.71 71.78 67.55
CA THR W 62 53.30 70.87 66.49
C THR W 62 52.86 71.60 65.23
N GLU W 63 52.79 72.93 65.27
CA GLU W 63 52.34 73.68 64.11
C GLU W 63 53.24 73.40 62.91
N LEU W 64 52.60 73.26 61.75
CA LEU W 64 53.33 72.92 60.53
C LEU W 64 54.38 73.98 60.23
N LEU W 65 55.53 73.52 59.75
CA LEU W 65 56.67 74.39 59.48
C LEU W 65 56.80 74.77 58.02
N ILE W 66 56.92 73.81 57.11
CA ILE W 66 56.91 74.11 55.68
C ILE W 66 55.58 74.78 55.38
N ARG W 67 55.64 75.99 54.84
CA ARG W 67 54.46 76.85 54.82
C ARG W 67 53.56 76.51 53.63
N LYS W 68 52.49 77.30 53.49
CA LYS W 68 51.30 76.85 52.80
C LYS W 68 51.42 77.02 51.28
N LEU W 69 51.55 78.25 50.82
CA LEU W 69 51.44 78.57 49.40
C LEU W 69 52.50 77.85 48.58
N PRO W 70 53.78 77.86 48.99
CA PRO W 70 54.79 77.18 48.18
C PRO W 70 54.55 75.69 48.08
N PHE W 71 54.15 75.04 49.18
CA PHE W 71 53.88 73.61 49.13
C PHE W 71 52.66 73.31 48.26
N GLN W 72 51.62 74.14 48.33
CA GLN W 72 50.47 73.92 47.48
C GLN W 72 50.82 74.10 46.00
N ARG W 73 51.65 75.09 45.68
CA ARG W 73 52.11 75.25 44.31
C ARG W 73 52.92 74.04 43.86
N LEU W 74 53.78 73.53 44.73
CA LEU W 74 54.54 72.32 44.40
C LEU W 74 53.62 71.13 44.16
N VAL W 75 52.59 70.97 44.99
CA VAL W 75 51.67 69.85 44.82
C VAL W 75 50.89 69.99 43.52
N ARG W 76 50.52 71.23 43.17
CA ARG W 76 49.88 71.45 41.87
C ARG W 76 50.83 71.12 40.72
N GLU W 77 52.11 71.46 40.87
CA GLU W 77 53.09 71.10 39.85
C GLU W 77 53.16 69.58 39.67
N ILE W 78 53.34 68.85 40.77
CA ILE W 78 53.42 67.40 40.68
C ILE W 78 52.09 66.82 40.23
N ALA W 79 50.99 67.34 40.78
CA ALA W 79 49.66 66.85 40.43
C ALA W 79 49.24 67.27 39.01
N GLN W 80 50.01 68.13 38.37
CA GLN W 80 49.65 68.58 37.02
C GLN W 80 49.82 67.45 36.00
N ASP W 81 50.65 66.45 36.31
CA ASP W 81 50.98 65.39 35.38
C ASP W 81 50.10 64.16 35.53
N PHE W 82 48.98 64.26 36.23
CA PHE W 82 48.08 63.12 36.41
C PHE W 82 46.72 63.33 35.77
N LYS W 83 46.20 64.55 35.77
CA LYS W 83 45.01 64.86 35.00
C LYS W 83 44.87 66.37 34.91
N THR W 84 44.23 66.83 33.84
CA THR W 84 44.20 68.26 33.54
C THR W 84 43.24 69.00 34.48
N ASP W 85 43.76 70.05 35.12
CA ASP W 85 42.95 70.98 35.91
C ASP W 85 42.09 70.24 36.94
N LEU W 86 42.77 69.57 37.86
CA LEU W 86 42.11 68.95 39.00
C LEU W 86 41.97 69.96 40.13
N ARG W 87 40.74 70.37 40.41
CA ARG W 87 40.50 71.29 41.51
C ARG W 87 40.76 70.58 42.83
N PHE W 88 41.31 71.33 43.79
CA PHE W 88 41.86 70.74 44.99
C PHE W 88 41.11 71.23 46.23
N GLN W 89 40.87 70.31 47.15
CA GLN W 89 40.41 70.67 48.48
C GLN W 89 41.61 71.00 49.36
N SER W 90 41.38 71.89 50.33
CA SER W 90 42.43 72.24 51.28
C SER W 90 42.71 71.11 52.27
N ALA W 91 41.73 70.25 52.53
CA ALA W 91 41.93 69.15 53.46
C ALA W 91 43.00 68.18 52.96
N ALA W 92 42.95 67.82 51.67
CA ALA W 92 43.97 66.94 51.11
C ALA W 92 45.34 67.59 51.14
N ILE W 93 45.39 68.89 50.86
CA ILE W 93 46.67 69.61 50.90
C ILE W 93 47.26 69.55 52.30
N GLY W 94 46.44 69.83 53.32
CA GLY W 94 46.92 69.76 54.68
C GLY W 94 47.35 68.35 55.08
N ALA W 95 46.58 67.35 54.64
CA ALA W 95 46.94 65.96 54.94
C ALA W 95 48.28 65.61 54.33
N LEU W 96 48.50 65.99 53.07
CA LEU W 96 49.79 65.70 52.43
C LEU W 96 50.92 66.43 53.13
N GLN W 97 50.72 67.70 53.51
CA GLN W 97 51.77 68.42 54.20
C GLN W 97 52.12 67.75 55.53
N GLU W 98 51.10 67.36 56.30
CA GLU W 98 51.35 66.68 57.57
C GLU W 98 52.08 65.36 57.36
N ALA W 99 51.64 64.57 56.38
CA ALA W 99 52.30 63.29 56.13
C ALA W 99 53.74 63.48 55.71
N SER W 100 54.00 64.44 54.83
CA SER W 100 55.37 64.70 54.39
C SER W 100 56.23 65.16 55.56
N GLU W 101 55.69 66.05 56.41
CA GLU W 101 56.48 66.51 57.55
C GLU W 101 56.79 65.38 58.52
N ALA W 102 55.82 64.52 58.81
CA ALA W 102 56.08 63.39 59.70
C ALA W 102 57.11 62.45 59.09
N TYR W 103 56.98 62.15 57.80
CA TYR W 103 57.93 61.25 57.15
C TYR W 103 59.34 61.83 57.16
N LEU W 104 59.46 63.14 56.89
CA LEU W 104 60.76 63.79 56.93
C LEU W 104 61.35 63.81 58.33
N VAL W 105 60.54 64.03 59.37
CA VAL W 105 61.05 63.98 60.74
C VAL W 105 61.56 62.57 61.05
N GLY W 106 60.81 61.55 60.64
CA GLY W 106 61.26 60.19 60.87
C GLY W 106 62.54 59.86 60.12
N LEU W 107 62.62 60.29 58.85
CA LEU W 107 63.84 60.08 58.07
C LEU W 107 65.02 60.80 58.72
N PHE W 108 64.79 61.99 59.25
CA PHE W 108 65.87 62.74 59.88
C PHE W 108 66.30 62.09 61.19
N GLU W 109 65.36 61.53 61.95
CA GLU W 109 65.73 60.74 63.12
C GLU W 109 66.60 59.56 62.73
N ASP W 110 66.20 58.82 61.70
CA ASP W 110 66.97 57.66 61.27
C ASP W 110 68.34 58.05 60.75
N THR W 111 68.42 59.13 59.96
CA THR W 111 69.71 59.60 59.46
C THR W 111 70.60 60.08 60.59
N ASN W 112 70.02 60.77 61.58
CA ASN W 112 70.80 61.20 62.74
C ASN W 112 71.37 60.00 63.47
N LEU W 113 70.56 58.96 63.67
CA LEU W 113 71.07 57.75 64.33
C LEU W 113 72.18 57.10 63.50
N CYS W 114 72.00 57.05 62.17
CA CYS W 114 73.03 56.46 61.31
C CYS W 114 74.33 57.24 61.42
N ALA W 115 74.25 58.57 61.35
CA ALA W 115 75.46 59.39 61.42
C ALA W 115 76.14 59.27 62.79
N ILE W 116 75.36 59.26 63.86
CA ILE W 116 75.94 59.14 65.20
C ILE W 116 76.61 57.79 65.38
N HIS W 117 75.96 56.72 64.90
CA HIS W 117 76.56 55.39 65.03
C HIS W 117 77.86 55.27 64.26
N ALA W 118 78.04 56.08 63.21
CA ALA W 118 79.24 56.05 62.39
C ALA W 118 80.35 56.90 62.98
N LYS W 119 80.30 57.19 64.28
CA LYS W 119 81.32 57.99 64.96
C LYS W 119 81.46 59.35 64.29
N ARG W 120 80.31 59.98 64.02
CA ARG W 120 80.25 61.32 63.45
C ARG W 120 79.14 62.11 64.12
N VAL W 121 79.23 63.44 64.00
CA VAL W 121 78.22 64.33 64.55
C VAL W 121 77.34 64.95 63.47
N THR W 122 77.87 65.16 62.26
CA THR W 122 77.14 65.81 61.18
C THR W 122 76.70 64.80 60.14
N ILE W 123 75.42 64.88 59.77
CA ILE W 123 74.87 63.92 58.81
C ILE W 123 75.41 64.20 57.41
N MET W 124 75.38 63.17 56.57
CA MET W 124 75.73 63.27 55.17
C MET W 124 74.74 62.45 54.36
N PRO W 125 74.61 62.70 53.06
CA PRO W 125 73.55 62.04 52.28
C PRO W 125 73.61 60.53 52.34
N LYS W 126 74.81 59.94 52.46
CA LYS W 126 74.92 58.49 52.56
C LYS W 126 74.20 57.94 53.79
N ASP W 127 74.08 58.73 54.86
CA ASP W 127 73.29 58.31 56.01
C ASP W 127 71.82 58.16 55.64
N ILE W 128 71.28 59.14 54.90
CA ILE W 128 69.89 59.04 54.45
C ILE W 128 69.73 57.84 53.54
N GLN W 129 70.70 57.62 52.65
CA GLN W 129 70.62 56.46 51.75
C GLN W 129 70.62 55.16 52.53
N LEU W 130 71.46 55.06 53.57
CA LEU W 130 71.49 53.86 54.38
C LEU W 130 70.16 53.64 55.10
N ALA W 131 69.58 54.71 55.65
CA ALA W 131 68.30 54.59 56.33
C ALA W 131 67.21 54.13 55.37
N ARG W 132 67.15 54.73 54.18
CA ARG W 132 66.14 54.33 53.20
C ARG W 132 66.36 52.88 52.73
N ARG W 133 67.62 52.48 52.52
CA ARG W 133 67.91 51.11 52.13
C ARG W 133 67.46 50.12 53.21
N ILE W 134 67.69 50.44 54.48
CA ILE W 134 67.22 49.59 55.56
C ILE W 134 65.70 49.52 55.55
N ARG W 135 65.04 50.65 55.36
CA ARG W 135 63.58 50.66 55.33
C ARG W 135 63.02 49.91 54.13
N GLY W 136 63.84 49.58 53.13
CA GLY W 136 63.37 48.80 52.01
C GLY W 136 62.70 49.59 50.91
N GLU W 137 62.60 50.91 51.05
CA GLU W 137 62.02 51.73 49.98
C GLU W 137 62.76 51.52 48.67
N ARG W 138 64.09 51.59 48.71
CA ARG W 138 64.90 51.30 47.54
C ARG W 138 64.96 49.78 47.34
N ALA W 139 64.54 49.32 46.17
CA ALA W 139 64.51 47.89 45.88
C ALA W 139 65.92 47.34 45.71
N ASN X 29 58.63 76.39 41.96
CA ASN X 29 58.38 74.96 41.65
C ASN X 29 58.73 74.08 42.85
N ILE X 30 59.92 73.47 42.82
CA ILE X 30 60.35 72.64 43.93
C ILE X 30 61.01 73.47 45.03
N GLN X 31 61.49 74.68 44.70
CA GLN X 31 62.21 75.51 45.63
C GLN X 31 61.29 76.28 46.58
N GLY X 32 60.02 75.88 46.69
CA GLY X 32 59.20 76.36 47.78
C GLY X 32 59.60 75.79 49.12
N ILE X 33 60.43 74.76 49.12
CA ILE X 33 60.98 74.18 50.35
C ILE X 33 62.32 74.87 50.62
N THR X 34 62.27 76.00 51.31
CA THR X 34 63.46 76.81 51.52
C THR X 34 64.43 76.11 52.48
N LYS X 35 65.69 76.54 52.42
CA LYS X 35 66.74 76.01 53.28
C LYS X 35 66.37 76.06 54.77
N PRO X 36 65.94 77.19 55.32
CA PRO X 36 65.57 77.20 56.75
C PRO X 36 64.45 76.25 57.10
N ALA X 37 63.51 75.99 56.19
CA ALA X 37 62.45 75.02 56.47
C ALA X 37 63.05 73.61 56.68
N ILE X 38 63.99 73.22 55.81
CA ILE X 38 64.64 71.92 55.98
C ILE X 38 65.48 71.91 57.24
N ARG X 39 66.12 73.04 57.56
CA ARG X 39 66.88 73.12 58.81
C ARG X 39 65.96 72.92 60.02
N ARG X 40 64.77 73.52 59.98
CA ARG X 40 63.82 73.36 61.08
C ARG X 40 63.32 71.91 61.18
N LEU X 41 63.02 71.29 60.04
CA LEU X 41 62.59 69.90 60.07
C LEU X 41 63.68 68.99 60.61
N ALA X 42 64.94 69.23 60.24
CA ALA X 42 66.04 68.50 60.83
C ALA X 42 66.14 68.74 62.34
N ARG X 43 65.97 69.99 62.76
CA ARG X 43 65.97 70.30 64.19
C ARG X 43 64.93 69.47 64.93
N ARG X 44 63.69 69.45 64.41
CA ARG X 44 62.67 68.58 64.97
C ARG X 44 63.08 67.11 64.87
N GLY X 45 63.92 66.77 63.89
CA GLY X 45 64.41 65.42 63.73
C GLY X 45 65.59 65.09 64.63
N GLY X 46 66.01 66.03 65.47
CA GLY X 46 67.09 65.81 66.41
C GLY X 46 68.49 66.03 65.86
N VAL X 47 68.63 66.67 64.70
CA VAL X 47 69.92 66.89 64.07
C VAL X 47 70.50 68.18 64.62
N LYS X 48 71.76 68.12 65.09
CA LYS X 48 72.42 69.29 65.63
C LYS X 48 73.16 70.06 64.54
N ARG X 49 73.93 69.35 63.71
CA ARG X 49 74.69 69.94 62.63
C ARG X 49 74.22 69.33 61.31
N ILE X 50 74.22 70.14 60.26
CA ILE X 50 73.70 69.75 58.96
C ILE X 50 74.74 70.02 57.89
N SER X 51 74.89 69.08 56.96
CA SER X 51 75.77 69.26 55.82
C SER X 51 75.07 70.10 54.76
N GLY X 52 75.65 70.16 53.56
CA GLY X 52 75.08 70.95 52.48
C GLY X 52 74.20 70.16 51.53
N LEU X 53 74.68 69.01 51.09
CA LEU X 53 73.99 68.20 50.09
C LEU X 53 72.76 67.50 50.65
N ILE X 54 72.48 67.62 51.95
CA ILE X 54 71.29 67.00 52.51
C ILE X 54 70.03 67.56 51.86
N TYR X 55 70.06 68.84 51.48
CA TYR X 55 68.86 69.50 50.96
C TYR X 55 68.38 68.84 49.68
N GLU X 56 69.30 68.51 48.77
CA GLU X 56 68.88 67.99 47.47
C GLU X 56 68.35 66.57 47.60
N GLU X 57 68.98 65.74 48.44
CA GLU X 57 68.44 64.40 48.68
C GLU X 57 67.08 64.49 49.37
N THR X 58 66.93 65.44 50.29
CA THR X 58 65.63 65.67 50.92
C THR X 58 64.58 66.01 49.86
N ARG X 59 64.92 66.91 48.94
CA ARG X 59 63.98 67.27 47.88
C ARG X 59 63.63 66.07 47.03
N GLY X 60 64.63 65.24 46.68
CA GLY X 60 64.36 64.08 45.85
C GLY X 60 63.44 63.08 46.54
N VAL X 61 63.73 62.77 47.80
CA VAL X 61 62.87 61.84 48.55
C VAL X 61 61.46 62.39 48.68
N LEU X 62 61.34 63.68 49.00
CA LEU X 62 60.02 64.29 49.12
C LEU X 62 59.27 64.22 47.80
N LYS X 63 59.95 64.52 46.69
CA LYS X 63 59.29 64.47 45.39
C LYS X 63 58.83 63.06 45.06
N VAL X 64 59.66 62.06 45.32
CA VAL X 64 59.29 60.69 44.99
C VAL X 64 58.07 60.27 45.80
N PHE X 65 58.10 60.52 47.12
CA PHE X 65 56.98 60.11 47.97
C PHE X 65 55.70 60.86 47.60
N LEU X 66 55.81 62.16 47.35
CA LEU X 66 54.64 62.94 46.95
C LEU X 66 54.08 62.45 45.64
N GLU X 67 54.94 62.12 44.67
CA GLU X 67 54.45 61.62 43.39
C GLU X 67 53.70 60.31 43.56
N ASN X 68 54.26 59.39 44.37
CA ASN X 68 53.57 58.12 44.59
C ASN X 68 52.22 58.34 45.27
N VAL X 69 52.18 59.17 46.32
CA VAL X 69 50.94 59.40 47.05
C VAL X 69 49.91 60.07 46.15
N ILE X 70 50.34 61.06 45.37
CA ILE X 70 49.43 61.76 44.47
C ILE X 70 48.93 60.83 43.38
N ARG X 71 49.78 59.93 42.89
CA ARG X 71 49.32 58.96 41.89
C ARG X 71 48.23 58.07 42.47
N ASP X 72 48.41 57.58 43.69
CA ASP X 72 47.37 56.77 44.31
C ASP X 72 46.09 57.58 44.52
N ALA X 73 46.22 58.81 45.01
CA ALA X 73 45.04 59.64 45.27
C ALA X 73 44.29 59.95 43.97
N VAL X 74 45.02 60.28 42.90
CA VAL X 74 44.38 60.56 41.62
C VAL X 74 43.81 59.29 41.01
N THR X 75 44.38 58.11 41.30
CA THR X 75 43.75 56.88 40.86
C THR X 75 42.40 56.67 41.56
N TYR X 76 42.35 56.95 42.86
CA TYR X 76 41.05 56.94 43.55
C TYR X 76 40.11 57.97 42.95
N THR X 77 40.61 59.17 42.62
CA THR X 77 39.76 60.18 42.02
C THR X 77 39.21 59.70 40.67
N GLU X 78 40.07 59.07 39.86
CA GLU X 78 39.64 58.52 38.58
C GLU X 78 38.56 57.48 38.76
N HIS X 79 38.75 56.54 39.68
CA HIS X 79 37.69 55.59 39.97
C HIS X 79 36.44 56.26 40.52
N ALA X 80 36.60 57.45 41.13
CA ALA X 80 35.47 58.21 41.65
C ALA X 80 34.77 59.02 40.58
N LYS X 81 35.35 59.13 39.38
CA LYS X 81 34.72 59.85 38.28
C LYS X 81 34.34 61.27 38.70
N ARG X 82 35.26 61.95 39.36
CA ARG X 82 35.03 63.31 39.83
C ARG X 82 36.27 64.16 39.55
N LYS X 83 36.05 65.48 39.53
CA LYS X 83 37.08 66.44 39.14
C LYS X 83 37.84 67.04 40.31
N THR X 84 37.52 66.67 41.55
CA THR X 84 38.11 67.28 42.73
C THR X 84 38.85 66.23 43.54
N VAL X 85 40.06 66.59 44.00
CA VAL X 85 40.83 65.69 44.86
C VAL X 85 40.24 65.73 46.26
N THR X 86 39.90 64.56 46.79
CA THR X 86 39.22 64.48 48.08
C THR X 86 40.19 64.10 49.19
N ALA X 87 39.77 64.38 50.43
CA ALA X 87 40.54 63.96 51.59
C ALA X 87 40.47 62.45 51.79
N MET X 88 39.31 61.85 51.50
CA MET X 88 39.17 60.40 51.66
C MET X 88 40.12 59.64 50.73
N ASP X 89 40.30 60.13 49.50
CA ASP X 89 41.19 59.45 48.57
C ASP X 89 42.62 59.44 49.08
N VAL X 90 43.11 60.58 49.57
CA VAL X 90 44.46 60.63 50.12
C VAL X 90 44.55 59.77 51.36
N VAL X 91 43.52 59.80 52.21
CA VAL X 91 43.53 58.99 53.43
C VAL X 91 43.67 57.52 53.10
N TYR X 92 42.86 57.03 52.16
CA TYR X 92 42.90 55.63 51.79
C TYR X 92 44.15 55.27 50.98
N ALA X 93 44.74 56.24 50.27
CA ALA X 93 46.01 55.98 49.60
C ALA X 93 47.14 55.80 50.60
N LEU X 94 47.21 56.70 51.59
CA LEU X 94 48.19 56.53 52.66
C LEU X 94 47.94 55.26 53.45
N LYS X 95 46.67 54.85 53.57
CA LYS X 95 46.36 53.53 54.08
C LYS X 95 46.95 52.46 53.17
N ARG X 96 46.92 52.70 51.86
CA ARG X 96 47.51 51.76 50.91
C ARG X 96 49.02 51.70 51.04
N GLN X 97 49.64 52.77 51.54
CA GLN X 97 51.09 52.84 51.65
C GLN X 97 51.61 52.31 52.99
N GLY X 98 50.73 51.80 53.85
CA GLY X 98 51.15 51.39 55.18
C GLY X 98 51.41 52.54 56.11
N ARG X 99 50.75 53.68 55.90
CA ARG X 99 50.99 54.92 56.63
C ARG X 99 49.67 55.53 57.08
N THR X 100 48.83 54.73 57.71
CA THR X 100 47.49 55.17 58.11
C THR X 100 47.56 56.46 58.92
N LEU X 101 46.69 57.42 58.59
CA LEU X 101 46.70 58.74 59.18
C LEU X 101 45.32 59.04 59.78
N TYR X 102 45.32 59.68 60.95
CA TYR X 102 44.09 60.05 61.64
C TYR X 102 43.78 61.52 61.39
N GLY X 103 42.76 62.04 62.06
CA GLY X 103 42.49 63.47 62.08
C GLY X 103 41.53 63.97 61.04
N PHE X 104 41.19 63.16 60.03
CA PHE X 104 40.30 63.58 58.95
C PHE X 104 39.17 62.59 58.71
N GLY X 105 38.80 61.81 59.73
CA GLY X 105 37.70 60.89 59.60
C GLY X 105 37.94 59.82 58.56
N GLY X 106 38.93 58.97 58.78
CA GLY X 106 39.25 57.90 57.85
C GLY X 106 38.40 56.67 58.09
N ALA Y 18 31.81 29.13 21.05
CA ALA Y 18 32.66 28.81 22.23
C ALA Y 18 31.80 28.55 23.46
N LYS Y 19 31.84 27.32 23.96
CA LYS Y 19 30.99 26.95 25.10
C LYS Y 19 31.54 27.52 26.40
N THR Y 20 32.73 27.09 26.80
CA THR Y 20 33.30 27.55 28.05
C THR Y 20 33.70 29.01 27.95
N ARG Y 21 33.46 29.76 29.02
CA ARG Y 21 33.77 31.19 29.02
C ARG Y 21 35.26 31.46 28.82
N SER Y 22 36.13 30.52 29.21
CA SER Y 22 37.55 30.69 28.92
C SER Y 22 37.78 30.77 27.42
N SER Y 23 37.15 29.87 26.65
CA SER Y 23 37.28 29.91 25.20
C SER Y 23 36.67 31.19 24.63
N ARG Y 24 35.54 31.64 25.19
CA ARG Y 24 34.98 32.92 24.78
C ARG Y 24 35.93 34.07 25.06
N ALA Y 25 36.78 33.94 26.08
CA ALA Y 25 37.77 34.96 26.41
C ALA Y 25 39.12 34.73 25.73
N GLY Y 26 39.35 33.56 25.16
CA GLY Y 26 40.63 33.27 24.54
C GLY Y 26 41.78 33.23 25.52
N LEU Y 27 41.55 32.76 26.73
CA LEU Y 27 42.55 32.70 27.79
C LEU Y 27 42.72 31.25 28.24
N GLN Y 28 43.53 31.04 29.28
CA GLN Y 28 43.81 29.72 29.80
C GLN Y 28 43.39 29.52 31.25
N PHE Y 29 43.44 30.55 32.07
CA PHE Y 29 42.98 30.43 33.45
C PHE Y 29 41.45 30.34 33.47
N PRO Y 30 40.87 29.41 34.21
CA PRO Y 30 39.40 29.24 34.16
C PRO Y 30 38.68 30.42 34.77
N VAL Y 31 37.88 31.12 33.95
CA VAL Y 31 37.05 32.19 34.47
C VAL Y 31 35.99 31.62 35.40
N GLY Y 32 35.52 30.40 35.13
CA GLY Y 32 34.48 29.80 35.96
C GLY Y 32 34.91 29.64 37.40
N ARG Y 33 36.14 29.16 37.63
CA ARG Y 33 36.61 28.97 39.00
C ARG Y 33 36.81 30.31 39.71
N VAL Y 34 37.32 31.31 39.00
CA VAL Y 34 37.48 32.63 39.60
C VAL Y 34 36.12 33.20 40.00
N HIS Y 35 35.13 33.07 39.12
CA HIS Y 35 33.78 33.54 39.44
C HIS Y 35 33.19 32.78 40.62
N ARG Y 36 33.37 31.45 40.65
CA ARG Y 36 32.87 30.66 41.76
C ARG Y 36 33.45 31.14 43.08
N LEU Y 37 34.78 31.28 43.14
CA LEU Y 37 35.40 31.76 44.37
C LEU Y 37 34.98 33.18 44.69
N LEU Y 38 34.69 34.00 43.67
CA LEU Y 38 34.27 35.37 43.91
C LEU Y 38 32.92 35.43 44.61
N ARG Y 39 31.99 34.52 44.28
CA ARG Y 39 30.73 34.48 44.99
C ARG Y 39 30.94 34.20 46.47
N LYS Y 40 31.81 33.25 46.79
CA LYS Y 40 32.14 32.92 48.18
C LYS Y 40 33.34 33.72 48.65
N GLY Y 41 33.24 35.04 48.51
CA GLY Y 41 34.33 35.93 48.87
C GLY Y 41 33.93 37.03 49.82
N ASN Y 42 32.62 37.24 49.97
CA ASN Y 42 32.09 38.27 50.87
C ASN Y 42 32.68 39.64 50.54
N TYR Y 43 32.93 39.88 49.26
CA TYR Y 43 33.56 41.11 48.79
C TYR Y 43 32.56 42.14 48.34
N SER Y 44 31.45 41.72 47.72
CA SER Y 44 30.37 42.63 47.34
C SER Y 44 29.10 41.81 47.22
N GLU Y 45 27.95 42.48 47.20
CA GLU Y 45 26.67 41.79 47.13
C GLU Y 45 26.50 41.02 45.83
N ARG Y 46 26.90 41.62 44.71
CA ARG Y 46 26.74 41.01 43.40
C ARG Y 46 28.07 41.04 42.65
N VAL Y 47 28.23 40.09 41.73
CA VAL Y 47 29.42 39.95 40.91
C VAL Y 47 29.01 40.08 39.45
N GLY Y 48 29.71 40.94 38.72
CA GLY Y 48 29.48 41.08 37.30
C GLY Y 48 30.04 39.91 36.52
N ALA Y 49 29.67 39.87 35.24
CA ALA Y 49 30.12 38.82 34.33
C ALA Y 49 31.43 39.16 33.64
N GLY Y 50 31.94 40.38 33.80
CA GLY Y 50 33.14 40.80 33.11
C GLY Y 50 34.34 40.93 34.01
N ALA Y 51 34.11 41.23 35.28
CA ALA Y 51 35.21 41.35 36.22
C ALA Y 51 36.04 40.08 36.31
N PRO Y 52 35.45 38.88 36.40
CA PRO Y 52 36.28 37.66 36.40
C PRO Y 52 37.15 37.53 35.15
N VAL Y 53 36.66 37.92 33.98
CA VAL Y 53 37.47 37.82 32.77
C VAL Y 53 38.67 38.75 32.86
N TYR Y 54 38.44 39.98 33.30
CA TYR Y 54 39.53 40.94 33.44
C TYR Y 54 40.56 40.45 34.45
N LEU Y 55 40.11 39.93 35.59
CA LEU Y 55 41.04 39.41 36.59
C LEU Y 55 41.82 38.22 36.03
N ALA Y 56 41.15 37.34 35.30
CA ALA Y 56 41.84 36.20 34.70
C ALA Y 56 42.91 36.66 33.71
N ALA Y 57 42.59 37.65 32.87
CA ALA Y 57 43.58 38.14 31.91
C ALA Y 57 44.77 38.77 32.63
N VAL Y 58 44.51 39.57 33.66
CA VAL Y 58 45.62 40.21 34.38
C VAL Y 58 46.48 39.16 35.07
N LEU Y 59 45.85 38.18 35.72
CA LEU Y 59 46.62 37.11 36.37
C LEU Y 59 47.43 36.31 35.36
N GLU Y 60 46.84 36.04 34.19
CA GLU Y 60 47.57 35.33 33.15
C GLU Y 60 48.78 36.13 32.69
N TYR Y 61 48.62 37.45 32.51
CA TYR Y 61 49.75 38.26 32.08
C TYR Y 61 50.84 38.28 33.14
N LEU Y 62 50.47 38.44 34.42
CA LEU Y 62 51.48 38.45 35.46
C LEU Y 62 52.20 37.11 35.55
N THR Y 63 51.45 36.00 35.45
CA THR Y 63 52.05 34.68 35.51
C THR Y 63 53.01 34.46 34.33
N ALA Y 64 52.61 34.90 33.14
CA ALA Y 64 53.50 34.78 31.99
C ALA Y 64 54.75 35.63 32.18
N GLU Y 65 54.59 36.84 32.73
CA GLU Y 65 55.74 37.69 33.00
C GLU Y 65 56.72 37.01 33.95
N ILE Y 66 56.22 36.38 35.01
CA ILE Y 66 57.10 35.69 35.95
C ILE Y 66 57.73 34.46 35.30
N LEU Y 67 56.95 33.69 34.55
CA LEU Y 67 57.45 32.46 33.97
C LEU Y 67 58.46 32.70 32.87
N GLU Y 68 58.38 33.83 32.16
CA GLU Y 68 59.40 34.15 31.17
C GLU Y 68 60.78 34.27 31.84
N LEU Y 69 60.86 35.02 32.94
CA LEU Y 69 62.13 35.17 33.64
C LEU Y 69 62.53 33.88 34.33
N ALA Y 70 61.56 33.09 34.81
CA ALA Y 70 61.91 31.78 35.36
C ALA Y 70 62.56 30.90 34.31
N GLY Y 71 62.01 30.89 33.09
CA GLY Y 71 62.63 30.14 32.01
C GLY Y 71 63.99 30.69 31.63
N ASN Y 72 64.15 32.01 31.67
CA ASN Y 72 65.46 32.60 31.39
C ASN Y 72 66.49 32.15 32.42
N ALA Y 73 66.11 32.14 33.70
CA ALA Y 73 67.02 31.68 34.74
C ALA Y 73 67.35 30.21 34.56
N ALA Y 74 66.35 29.39 34.22
CA ALA Y 74 66.61 27.98 33.96
C ALA Y 74 67.56 27.79 32.79
N ARG Y 75 67.38 28.58 31.74
CA ARG Y 75 68.31 28.57 30.61
C ARG Y 75 69.71 28.95 31.02
N ASP Y 76 69.85 29.96 31.88
CA ASP Y 76 71.17 30.36 32.36
C ASP Y 76 71.90 29.20 33.02
N ASN Y 77 71.15 28.29 33.65
CA ASN Y 77 71.71 27.11 34.29
C ASN Y 77 71.74 25.91 33.37
N LYS Y 78 71.20 26.03 32.16
CA LYS Y 78 71.07 24.89 31.24
C LYS Y 78 70.42 23.70 31.93
N LYS Y 79 69.34 24.00 32.67
CA LYS Y 79 68.58 23.01 33.40
C LYS Y 79 67.14 23.03 32.93
N THR Y 80 66.54 21.84 32.78
CA THR Y 80 65.19 21.74 32.24
C THR Y 80 64.15 22.13 33.29
N ARG Y 81 64.12 21.41 34.41
CA ARG Y 81 63.08 21.60 35.42
C ARG Y 81 63.33 22.88 36.21
N ILE Y 82 62.29 23.68 36.36
CA ILE Y 82 62.38 24.92 37.13
C ILE Y 82 62.26 24.60 38.61
N ILE Y 83 63.25 25.02 39.39
CA ILE Y 83 63.26 24.80 40.83
C ILE Y 83 63.00 26.13 41.53
N PRO Y 84 62.75 26.15 42.84
CA PRO Y 84 62.56 27.44 43.53
C PRO Y 84 63.76 28.38 43.41
N ARG Y 85 64.98 27.84 43.28
CA ARG Y 85 66.15 28.71 43.10
C ARG Y 85 66.04 29.50 41.81
N HIS Y 86 65.59 28.85 40.73
CA HIS Y 86 65.40 29.57 39.47
C HIS Y 86 64.39 30.70 39.62
N LEU Y 87 63.28 30.41 40.31
CA LEU Y 87 62.27 31.43 40.52
C LEU Y 87 62.81 32.59 41.35
N GLN Y 88 63.61 32.28 42.38
CA GLN Y 88 64.19 33.35 43.20
C GLN Y 88 65.12 34.21 42.36
N LEU Y 89 65.95 33.59 41.54
CA LEU Y 89 66.85 34.36 40.68
C LEU Y 89 66.05 35.24 39.72
N ALA Y 90 64.98 34.71 39.13
CA ALA Y 90 64.16 35.50 38.22
C ALA Y 90 63.50 36.67 38.95
N ILE Y 91 62.98 36.43 40.15
CA ILE Y 91 62.27 37.49 40.89
C ILE Y 91 63.24 38.59 41.30
N ARG Y 92 64.43 38.21 41.78
CA ARG Y 92 65.41 39.20 42.21
C ARG Y 92 66.18 39.79 41.04
N ASN Y 93 65.99 39.28 39.82
CA ASN Y 93 66.51 39.96 38.65
C ASN Y 93 65.57 41.03 38.15
N ASP Y 94 64.26 40.85 38.34
CA ASP Y 94 63.29 41.80 37.86
C ASP Y 94 63.13 42.95 38.85
N GLU Y 95 63.37 44.17 38.36
CA GLU Y 95 63.27 45.36 39.19
C GLU Y 95 61.86 45.58 39.72
N GLU Y 96 60.86 45.52 38.83
CA GLU Y 96 59.49 45.81 39.26
C GLU Y 96 58.91 44.70 40.13
N LEU Y 97 59.22 43.44 39.83
CA LEU Y 97 58.72 42.36 40.67
C LEU Y 97 59.39 42.33 42.03
N ASN Y 98 60.61 42.86 42.14
CA ASN Y 98 61.21 43.03 43.45
C ASN Y 98 60.57 44.20 44.20
N LYS Y 99 60.18 45.25 43.47
CA LYS Y 99 59.37 46.32 44.06
C LYS Y 99 58.04 45.79 44.54
N LEU Y 100 57.50 44.76 43.88
CA LEU Y 100 56.22 44.18 44.25
C LEU Y 100 56.36 43.22 45.42
N LEU Y 101 57.21 42.20 45.27
CA LEU Y 101 57.36 41.13 46.25
C LEU Y 101 58.56 41.33 47.17
N GLY Y 102 58.90 42.58 47.48
CA GLY Y 102 60.00 42.82 48.39
C GLY Y 102 59.76 42.27 49.78
N ARG Y 103 58.50 42.19 50.20
CA ARG Y 103 58.13 41.70 51.52
C ARG Y 103 57.63 40.27 51.51
N VAL Y 104 57.76 39.56 50.38
CA VAL Y 104 57.29 38.19 50.26
C VAL Y 104 58.50 37.27 50.22
N THR Y 105 58.49 36.26 51.10
CA THR Y 105 59.61 35.32 51.23
C THR Y 105 59.20 34.00 50.60
N ILE Y 106 59.98 33.55 49.64
CA ILE Y 106 59.74 32.27 48.97
C ILE Y 106 60.64 31.21 49.60
N ALA Y 107 60.04 30.09 49.97
CA ALA Y 107 60.82 29.00 50.54
C ALA Y 107 61.77 28.44 49.49
N GLN Y 108 62.94 27.98 49.96
CA GLN Y 108 63.99 27.44 49.10
C GLN Y 108 64.48 28.46 48.07
N GLY Y 109 64.42 29.74 48.41
CA GLY Y 109 64.83 30.78 47.48
C GLY Y 109 66.26 31.22 47.64
N GLY Y 110 66.65 31.58 48.86
CA GLY Y 110 67.96 32.16 49.09
C GLY Y 110 67.97 33.65 48.84
N VAL Y 111 69.12 34.13 48.36
CA VAL Y 111 69.31 35.53 48.01
C VAL Y 111 70.14 35.60 46.73
N LEU Y 112 70.30 36.82 46.21
CA LEU Y 112 71.20 37.02 45.09
C LEU Y 112 72.64 36.77 45.53
N PRO Y 113 73.50 36.33 44.61
CA PRO Y 113 74.94 36.31 44.93
C PRO Y 113 75.46 37.73 45.03
N ASN Y 114 75.73 38.19 46.26
CA ASN Y 114 76.06 39.59 46.51
C ASN Y 114 77.39 39.67 47.24
N ILE Y 115 78.32 40.42 46.66
CA ILE Y 115 79.61 40.70 47.28
C ILE Y 115 79.76 42.21 47.38
N GLN Y 116 80.06 42.68 48.59
CA GLN Y 116 80.21 44.11 48.82
C GLN Y 116 81.50 44.62 48.16
N ALA Y 117 81.69 45.94 48.19
CA ALA Y 117 82.84 46.54 47.52
C ALA Y 117 84.11 46.39 48.35
N VAL Y 118 84.04 46.67 49.65
CA VAL Y 118 85.24 46.66 50.49
C VAL Y 118 85.56 45.28 51.05
N LEU Y 119 84.69 44.28 50.84
CA LEU Y 119 84.97 42.95 51.35
C LEU Y 119 86.01 42.22 50.51
N LEU Y 120 86.05 42.47 49.20
CA LEU Y 120 87.05 41.84 48.36
C LEU Y 120 88.43 42.39 48.70
N PRO Y 121 89.46 41.55 48.69
CA PRO Y 121 90.82 42.05 48.96
C PRO Y 121 91.29 42.97 47.84
N LYS Y 122 92.03 44.01 48.21
CA LYS Y 122 92.55 44.95 47.23
C LYS Y 122 93.76 44.36 46.51
N SER Z 36 41.61 15.17 49.54
CA SER Z 36 40.31 15.08 48.81
C SER Z 36 40.31 16.08 47.65
N ARG Z 37 39.17 16.73 47.43
CA ARG Z 37 39.02 17.66 46.30
C ARG Z 37 39.63 19.02 46.63
N LYS Z 38 40.94 19.03 46.90
CA LYS Z 38 41.65 20.27 47.20
C LYS Z 38 42.15 20.87 45.89
N GLU Z 39 41.33 21.73 45.27
CA GLU Z 39 41.63 22.26 43.95
C GLU Z 39 42.90 23.10 44.00
N SER Z 40 43.64 23.10 42.89
CA SER Z 40 44.82 23.94 42.74
C SER Z 40 44.85 24.53 41.34
N TYR Z 41 45.91 25.27 41.02
CA TYR Z 41 46.12 25.82 39.68
C TYR Z 41 47.27 25.11 38.99
N SER Z 42 47.37 23.79 39.20
CA SER Z 42 48.47 23.02 38.62
C SER Z 42 48.39 23.00 37.10
N ILE Z 43 47.30 22.46 36.56
CA ILE Z 43 47.20 22.29 35.11
C ILE Z 43 47.14 23.63 34.39
N TYR Z 44 46.55 24.65 35.00
CA TYR Z 44 46.47 25.95 34.34
C TYR Z 44 47.86 26.59 34.23
N VAL Z 45 48.64 26.54 35.31
CA VAL Z 45 50.03 26.98 35.24
C VAL Z 45 50.80 26.13 34.25
N TYR Z 46 50.53 24.83 34.18
CA TYR Z 46 51.22 23.98 33.23
C TYR Z 46 50.93 24.42 31.79
N LYS Z 47 49.66 24.73 31.50
CA LYS Z 47 49.31 25.20 30.16
C LYS Z 47 49.95 26.55 29.86
N VAL Z 48 49.92 27.48 30.80
CA VAL Z 48 50.56 28.78 30.57
C VAL Z 48 52.05 28.61 30.31
N LEU Z 49 52.69 27.74 31.09
CA LEU Z 49 54.10 27.45 30.89
C LEU Z 49 54.35 26.82 29.52
N LYS Z 50 53.45 25.95 29.08
CA LYS Z 50 53.64 25.28 27.80
C LYS Z 50 53.55 26.24 26.63
N GLN Z 51 52.82 27.34 26.78
CA GLN Z 51 52.65 28.32 25.71
C GLN Z 51 53.72 29.41 25.72
N VAL Z 52 54.58 29.43 26.74
CA VAL Z 52 55.64 30.42 26.83
C VAL Z 52 56.98 29.71 26.65
N HIS Z 53 57.21 28.65 27.42
CA HIS Z 53 58.38 27.78 27.29
C HIS Z 53 57.89 26.35 27.16
N PRO Z 54 57.55 25.88 25.96
CA PRO Z 54 56.87 24.58 25.83
C PRO Z 54 57.69 23.39 26.29
N ASP Z 55 59.02 23.48 26.31
CA ASP Z 55 59.90 22.36 26.61
C ASP Z 55 60.58 22.56 27.96
N THR Z 56 59.85 23.14 28.91
CA THR Z 56 60.38 23.44 30.24
C THR Z 56 59.52 22.75 31.28
N GLY Z 57 60.16 21.93 32.12
CA GLY Z 57 59.48 21.27 33.21
C GLY Z 57 59.41 22.12 34.46
N ILE Z 58 59.00 21.49 35.55
CA ILE Z 58 58.86 22.18 36.83
C ILE Z 58 58.79 21.11 37.92
N SER Z 59 59.10 21.52 39.15
CA SER Z 59 58.95 20.65 40.31
C SER Z 59 57.61 20.92 40.97
N SER Z 60 57.29 20.14 42.01
CA SER Z 60 56.03 20.31 42.71
C SER Z 60 56.07 21.52 43.63
N LYS Z 61 57.22 21.79 44.26
CA LYS Z 61 57.32 22.92 45.17
C LYS Z 61 57.25 24.25 44.42
N ALA Z 62 57.83 24.32 43.22
CA ALA Z 62 57.64 25.50 42.39
C ALA Z 62 56.18 25.70 42.04
N MET Z 63 55.47 24.60 41.77
CA MET Z 63 54.03 24.68 41.52
C MET Z 63 53.30 25.24 42.74
N GLY Z 64 53.66 24.77 43.94
CA GLY Z 64 53.04 25.32 45.14
C GLY Z 64 53.35 26.79 45.34
N ILE Z 65 54.58 27.20 45.03
CA ILE Z 65 54.94 28.61 45.11
C ILE Z 65 54.07 29.43 44.15
N MET Z 66 53.87 28.92 42.94
CA MET Z 66 53.02 29.61 41.98
C MET Z 66 51.59 29.69 42.49
N ASN Z 67 51.08 28.61 43.09
CA ASN Z 67 49.73 28.63 43.64
C ASN Z 67 49.63 29.69 44.73
N SER Z 68 50.63 29.78 45.60
CA SER Z 68 50.61 30.78 46.66
C SER Z 68 50.64 32.19 46.08
N PHE Z 69 51.50 32.43 45.10
CA PHE Z 69 51.57 33.75 44.47
C PHE Z 69 50.24 34.13 43.84
N VAL Z 70 49.65 33.21 43.07
CA VAL Z 70 48.41 33.51 42.38
C VAL Z 70 47.28 33.74 43.38
N ASN Z 71 47.20 32.91 44.42
CA ASN Z 71 46.16 33.08 45.42
C ASN Z 71 46.31 34.41 46.16
N ASP Z 72 47.53 34.79 46.53
CA ASP Z 72 47.72 36.04 47.24
C ASP Z 72 47.37 37.23 46.34
N ILE Z 73 47.75 37.17 45.07
CA ILE Z 73 47.40 38.25 44.15
C ILE Z 73 45.88 38.32 43.96
N PHE Z 74 45.22 37.17 43.84
CA PHE Z 74 43.77 37.15 43.74
C PHE Z 74 43.13 37.79 44.97
N GLU Z 75 43.62 37.43 46.16
CA GLU Z 75 43.08 38.02 47.38
C GLU Z 75 43.34 39.52 47.43
N ARG Z 76 44.54 39.97 47.04
CA ARG Z 76 44.85 41.39 47.07
C ARG Z 76 43.93 42.16 46.13
N ILE Z 77 43.75 41.67 44.90
CA ILE Z 77 42.92 42.40 43.94
C ILE Z 77 41.47 42.38 44.37
N ALA Z 78 40.99 41.25 44.88
CA ALA Z 78 39.60 41.19 45.35
C ALA Z 78 39.38 42.12 46.53
N GLY Z 79 40.32 42.16 47.48
CA GLY Z 79 40.20 43.08 48.58
C GLY Z 79 40.24 44.53 48.14
N GLU Z 80 41.11 44.85 47.18
CA GLU Z 80 41.13 46.21 46.68
C GLU Z 80 39.81 46.58 46.03
N ALA Z 81 39.23 45.66 45.25
CA ALA Z 81 37.93 45.91 44.65
C ALA Z 81 36.86 46.11 45.72
N SER Z 82 36.90 45.29 46.77
CA SER Z 82 35.90 45.42 47.83
C SER Z 82 36.03 46.77 48.55
N ARG Z 83 37.24 47.18 48.88
CA ARG Z 83 37.44 48.47 49.53
C ARG Z 83 37.01 49.62 48.61
N LEU Z 84 37.33 49.54 47.32
CA LEU Z 84 36.95 50.62 46.42
C LEU Z 84 35.43 50.67 46.25
N ALA Z 85 34.77 49.52 46.24
CA ALA Z 85 33.31 49.50 46.24
C ALA Z 85 32.76 50.13 47.50
N HIS Z 86 33.35 49.81 48.65
CA HIS Z 86 32.88 50.37 49.91
C HIS Z 86 33.07 51.88 49.97
N TYR Z 87 34.17 52.39 49.41
CA TYR Z 87 34.42 53.83 49.42
C TYR Z 87 33.36 54.61 48.65
N ASN Z 88 32.86 54.07 47.54
CA ASN Z 88 31.81 54.69 46.76
C ASN Z 88 30.43 54.18 47.13
N LYS Z 89 30.33 53.30 48.13
CA LYS Z 89 29.04 52.79 48.60
C LYS Z 89 28.28 52.10 47.47
N ARG Z 90 29.00 51.36 46.63
CA ARG Z 90 28.43 50.56 45.56
C ARG Z 90 28.55 49.09 45.97
N SER Z 91 27.44 48.36 45.88
CA SER Z 91 27.33 47.03 46.45
C SER Z 91 27.69 45.91 45.47
N THR Z 92 28.14 46.25 44.25
CA THR Z 92 28.46 45.25 43.26
C THR Z 92 29.78 45.59 42.60
N ILE Z 93 30.34 44.61 41.89
CA ILE Z 93 31.66 44.73 41.27
C ILE Z 93 31.51 44.62 39.77
N THR Z 94 32.11 45.56 39.04
CA THR Z 94 32.26 45.49 37.60
C THR Z 94 33.73 45.30 37.27
N SER Z 95 34.07 45.30 35.98
CA SER Z 95 35.46 45.14 35.57
C SER Z 95 36.29 46.39 35.83
N ARG Z 96 35.67 47.57 35.84
CA ARG Z 96 36.42 48.80 36.07
C ARG Z 96 37.04 48.84 37.47
N GLU Z 97 36.34 48.27 38.46
CA GLU Z 97 36.91 48.17 39.79
C GLU Z 97 38.19 47.34 39.79
N ILE Z 98 38.19 46.21 39.07
CA ILE Z 98 39.39 45.40 38.96
C ILE Z 98 40.48 46.16 38.22
N GLN Z 99 40.11 46.91 37.18
CA GLN Z 99 41.09 47.70 36.44
C GLN Z 99 41.79 48.71 37.36
N THR Z 100 41.01 49.49 38.10
CA THR Z 100 41.61 50.47 39.00
C THR Z 100 42.38 49.81 40.13
N ALA Z 101 41.93 48.64 40.62
CA ALA Z 101 42.68 47.94 41.64
C ALA Z 101 44.04 47.50 41.10
N VAL Z 102 44.08 46.99 39.87
CA VAL Z 102 45.35 46.63 39.26
C VAL Z 102 46.23 47.84 39.05
N ARG Z 103 45.65 48.98 38.68
CA ARG Z 103 46.43 50.22 38.59
C ARG Z 103 47.06 50.57 39.93
N LEU Z 104 46.26 50.52 41.01
CA LEU Z 104 46.76 50.90 42.32
C LEU Z 104 47.85 49.95 42.79
N LEU Z 105 47.63 48.64 42.61
CA LEU Z 105 48.57 47.65 43.14
C LEU Z 105 49.90 47.70 42.40
N LEU Z 106 49.88 47.50 41.09
CA LEU Z 106 51.12 47.36 40.33
C LEU Z 106 51.65 48.72 39.88
N PRO Z 107 52.96 48.82 39.64
CA PRO Z 107 53.55 50.11 39.24
C PRO Z 107 53.18 50.51 37.82
N GLY Z 108 53.76 51.61 37.35
CA GLY Z 108 53.39 52.21 36.08
C GLY Z 108 53.36 51.27 34.88
N GLU Z 109 54.52 50.78 34.46
CA GLU Z 109 54.58 50.00 33.22
C GLU Z 109 53.82 48.68 33.36
N LEU Z 110 54.02 47.97 34.46
CA LEU Z 110 53.34 46.70 34.64
C LEU Z 110 51.83 46.88 34.75
N ALA Z 111 51.39 47.92 35.47
CA ALA Z 111 49.97 48.20 35.56
C ALA Z 111 49.40 48.55 34.19
N LYS Z 112 50.14 49.33 33.39
CA LYS Z 112 49.66 49.69 32.06
C LYS Z 112 49.53 48.45 31.19
N HIS Z 113 50.51 47.56 31.25
CA HIS Z 113 50.45 46.35 30.43
C HIS Z 113 49.30 45.44 30.87
N ALA Z 114 49.10 45.31 32.18
CA ALA Z 114 47.96 44.56 32.68
C ALA Z 114 46.65 45.18 32.23
N VAL Z 115 46.57 46.51 32.24
CA VAL Z 115 45.38 47.20 31.76
C VAL Z 115 45.13 46.88 30.29
N SER Z 116 46.19 46.93 29.48
CA SER Z 116 46.03 46.64 28.06
C SER Z 116 45.54 45.21 27.84
N GLU Z 117 46.17 44.25 28.52
CA GLU Z 117 45.78 42.86 28.34
C GLU Z 117 44.35 42.63 28.82
N GLY Z 118 43.98 43.19 29.97
CA GLY Z 118 42.63 43.02 30.47
C GLY Z 118 41.60 43.66 29.56
N THR Z 119 41.89 44.84 29.04
CA THR Z 119 40.98 45.49 28.11
C THR Z 119 40.80 44.66 26.85
N LYS Z 120 41.91 44.14 26.30
CA LYS Z 120 41.80 43.35 25.09
C LYS Z 120 41.00 42.07 25.33
N ALA Z 121 41.28 41.37 26.44
CA ALA Z 121 40.54 40.16 26.75
C ALA Z 121 39.06 40.45 26.99
N VAL Z 122 38.75 41.52 27.72
CA VAL Z 122 37.35 41.85 28.00
C VAL Z 122 36.62 42.23 26.72
N THR Z 123 37.26 43.02 25.85
CA THR Z 123 36.62 43.38 24.59
C THR Z 123 36.39 42.15 23.73
N LYS Z 124 37.36 41.23 23.68
CA LYS Z 124 37.16 40.00 22.92
C LYS Z 124 36.00 39.18 23.49
N TYR Z 125 35.94 39.07 24.82
CA TYR Z 125 34.85 38.33 25.46
C TYR Z 125 33.51 39.02 25.26
N THR Z 126 33.51 40.33 25.03
CA THR Z 126 32.27 41.07 24.85
C THR Z 126 31.76 40.92 23.43
N SER Z 127 32.60 41.25 22.44
CA SER Z 127 32.18 41.17 21.05
C SER Z 127 31.79 39.75 20.67
N ALA Z 128 32.58 38.76 21.09
CA ALA Z 128 32.31 37.38 20.77
C ALA Z 128 31.54 36.69 21.89
ZN ZN AA . -24.01 -24.38 22.21
ZN ZN BA . 1.23 13.18 40.80
MG MG CA . -13.66 -11.52 -24.95
ZN ZN DA . -26.99 -8.92 28.84
ZN ZN EA . -37.32 -56.39 -37.03
ZN ZN FA . 41.06 13.48 -44.36
ZN ZN GA . 54.10 19.39 -0.03
ZN ZN HA . -14.08 -34.03 -51.26
ZN ZN IA . 6.07 -61.17 -17.14
ZN ZN JA . 33.29 3.68 34.46
ZN ZN KA . 32.66 -39.60 45.96
#